data_4QSL
#
_entry.id   4QSL
#
_cell.length_a   91.360
_cell.length_b   132.615
_cell.length_c   257.544
_cell.angle_alpha   86.65
_cell.angle_beta   79.84
_cell.angle_gamma   70.07
#
_symmetry.space_group_name_H-M   'P 1'
#
_entity_poly.entity_id   1
_entity_poly.type   'polypeptide(L)'
_entity_poly.pdbx_seq_one_letter_code
;MNRIKKVLVANRGEIAIRVMRACTELKIKTVAIYSQEDTGSFHRYKSDEAYLVGAGKKPIDAYLDIENIIEIAKESGADA
IHPGYGFLSENIEFARRCEQEGIIFVGPKSKHLDMFGDKIKAKEQALLADIPVIPGSNGPVAGIKEVEEFGEKNGYPLMI
KASLGGGGRGMRVVESKEHVKESFERASSEAKAAFGNDEVYVEKCVMNPKHIEVQILGDTHGNIVHLFERDCSIQRRHQK
VVEVAPCNAITSELRNRICDAAVKLMKNVDYINAGTVEFLVEGDDFYFIEVNPRVQVEHTITEMITGIDIVQSQLFIADG
YALHDQLVAIPKQEDIHIHGSAIQSRITTEDPLNNFMPDTGRVDTYRSTGGFGVRLDAGNGFQGTVVTPFYDSLLVKLCT
WGMTFEQATRKMRRNLIEFRIRGVKTNIPFLLNVVRHPDFASGNYNTSFIDTTPELFKFPHIRDRGTKTLRYIGNVTVNG
FPGIKHRDKPVYAEPRLPKIPYGSQISPGTKQILDAKGPEGVVDWVKKQEEVLLTDTTLRDAHQSLLATRVRSKDIFQIA
DAMAHLLPNMFSFEMWGGATFDVAYRFLNEDPWVRLETLRKQIPNVMFQMLLRGANAVGYKNYPDNVIREFVKQSAQSGV
DVFRVFDSLNWIKGMEVSIDAVREAGKIVEAAICYTGDIDDDTRTKYTIDYYKDMAKELVAQGTHILGIKDMAGLLKPQA
AYRLIGELKDTVDVPIHLHTHDTSGNGIYTYAAAVSAGVDIVDVASSAMSGATSQPSMTGLYYGLVNGNRQTNLDAQNSQ
IINHYWEDVRHYYKDFDNALNSPQTEVYIHEMPGGQYTNLQQQAIAVGLGDRWDEVKEMYTVVNQMFGDIVKVTPSSKVV
GDLALFMVQNELSEEDVYEKGDTIDFPDSVIEFFMGEIGQPYGGFPEKLQKLVLKGRTPLTDRPGALMEPVNFVEVKAEL
KEKMGYEPTEKDVISYILYPKVFLDYQEMINKYGDVTVLDTPTFYKGMRLGETIEVELEKGKILLIKLNSIGEPIADGTR
VIYFELNGQPREINIQDMNVQSTVIARRKIDTTNPEHVGATMTGSVIQVVVKKGDSVKKGDPLLITEAMKMETTIQAPFD
GEVSSIYVSDGDTIESGDLLIEVNRI
;
_entity_poly.pdbx_strand_id   H,F,E,G,D,A,B,C
#
# COMPACT_ATOMS: atom_id res chain seq x y z
N MET A 1 60.89 18.98 37.98
CA MET A 1 61.08 17.73 38.80
C MET A 1 62.42 17.71 39.52
N ASN A 2 62.43 17.26 40.78
CA ASN A 2 63.58 17.53 41.69
C ASN A 2 64.63 16.43 41.88
N ARG A 3 64.40 15.48 42.79
CA ARG A 3 65.42 14.49 43.11
C ARG A 3 65.23 13.11 42.44
N ILE A 4 64.07 12.86 41.80
CA ILE A 4 63.89 11.69 40.92
C ILE A 4 64.19 12.05 39.47
N LYS A 5 65.31 11.53 38.97
CA LYS A 5 65.70 11.74 37.59
C LYS A 5 65.30 10.53 36.74
N LYS A 6 65.20 9.37 37.37
CA LYS A 6 64.93 8.13 36.67
C LYS A 6 64.15 7.18 37.57
N VAL A 7 63.19 6.45 37.01
CA VAL A 7 62.32 5.57 37.81
C VAL A 7 62.13 4.18 37.20
N LEU A 8 62.12 3.18 38.07
CA LEU A 8 61.91 1.82 37.65
C LEU A 8 60.47 1.44 37.89
N VAL A 9 59.89 0.71 36.94
CA VAL A 9 58.49 0.35 37.00
C VAL A 9 58.38 -1.15 37.25
N ALA A 10 58.27 -1.49 38.53
CA ALA A 10 58.32 -2.89 39.00
C ALA A 10 57.00 -3.60 38.78
N ASN A 11 56.54 -3.55 37.53
CA ASN A 11 55.28 -4.15 37.12
C ASN A 11 55.27 -4.36 35.61
N ARG A 12 54.17 -4.94 35.15
CA ARG A 12 53.93 -5.23 33.75
C ARG A 12 52.62 -4.58 33.31
N GLY A 13 52.32 -4.71 32.02
CA GLY A 13 50.99 -4.47 31.48
C GLY A 13 50.42 -3.10 31.73
N GLU A 14 49.12 -2.98 31.50
CA GLU A 14 48.43 -1.70 31.53
C GLU A 14 49.02 -0.72 32.53
N ILE A 15 49.16 -1.18 33.77
CA ILE A 15 49.59 -0.30 34.87
C ILE A 15 51.02 0.19 34.72
N ALA A 16 51.88 -0.69 34.24
CA ALA A 16 53.26 -0.35 33.97
C ALA A 16 53.26 0.82 33.02
N ILE A 17 52.50 0.70 31.95
CA ILE A 17 52.51 1.72 30.91
C ILE A 17 52.06 3.07 31.48
N ARG A 18 50.97 3.08 32.23
CA ARG A 18 50.42 4.32 32.78
C ARG A 18 51.49 5.10 33.52
N VAL A 19 52.33 4.37 34.23
CA VAL A 19 53.40 4.98 35.02
C VAL A 19 54.44 5.62 34.10
N MET A 20 54.83 4.86 33.09
CA MET A 20 55.83 5.32 32.13
C MET A 20 55.34 6.63 31.52
N ARG A 21 54.06 6.64 31.18
CA ARG A 21 53.47 7.80 30.57
C ARG A 21 53.59 8.97 31.52
N ALA A 22 53.31 8.74 32.79
CA ALA A 22 53.42 9.79 33.79
C ALA A 22 54.83 10.35 33.85
N CYS A 23 55.82 9.45 33.90
CA CYS A 23 57.21 9.86 34.03
C CYS A 23 57.62 10.71 32.86
N THR A 24 57.41 10.17 31.68
CA THR A 24 57.80 10.87 30.48
C THR A 24 57.14 12.25 30.43
N GLU A 25 55.89 12.34 30.85
CA GLU A 25 55.21 13.63 30.94
C GLU A 25 55.98 14.57 31.89
N LEU A 26 56.70 13.99 32.86
CA LEU A 26 57.51 14.76 33.83
C LEU A 26 59.01 14.74 33.56
N LYS A 27 59.39 14.44 32.33
CA LYS A 27 60.80 14.48 31.97
C LYS A 27 61.64 13.50 32.83
N ILE A 28 61.02 12.43 33.30
CA ILE A 28 61.72 11.41 34.07
C ILE A 28 62.00 10.18 33.23
N LYS A 29 63.24 9.76 33.16
CA LYS A 29 63.60 8.53 32.44
C LYS A 29 62.94 7.31 33.10
N THR A 30 62.68 6.28 32.30
CA THR A 30 61.94 5.10 32.79
C THR A 30 62.66 3.82 32.47
N VAL A 31 62.50 2.82 33.34
CA VAL A 31 63.07 1.49 33.11
C VAL A 31 61.99 0.49 33.29
N ALA A 32 61.94 -0.48 32.39
CA ALA A 32 60.91 -1.52 32.48
C ALA A 32 61.54 -2.82 32.87
N ILE A 33 60.72 -3.76 33.33
CA ILE A 33 61.20 -5.11 33.64
C ILE A 33 60.21 -6.14 33.11
N TYR A 34 60.72 -7.19 32.50
CA TYR A 34 59.86 -8.17 31.86
C TYR A 34 60.29 -9.55 32.18
N SER A 35 59.33 -10.45 32.36
CA SER A 35 59.62 -11.87 32.57
C SER A 35 59.90 -12.52 31.26
N GLN A 36 60.37 -13.75 31.30
CA GLN A 36 60.65 -14.48 30.10
C GLN A 36 59.41 -14.60 29.22
N GLU A 37 58.25 -14.82 29.83
CA GLU A 37 57.00 -14.98 29.08
C GLU A 37 56.48 -13.66 28.54
N ASP A 38 57.12 -12.56 28.99
CA ASP A 38 56.71 -11.19 28.66
C ASP A 38 57.70 -10.45 27.79
N THR A 39 58.61 -11.17 27.15
CA THR A 39 59.53 -10.60 26.16
C THR A 39 58.73 -9.92 25.06
N GLY A 40 57.51 -10.42 24.85
CA GLY A 40 56.58 -9.87 23.88
C GLY A 40 55.73 -8.68 24.32
N SER A 41 55.46 -8.54 25.62
CA SER A 41 54.51 -7.52 26.09
C SER A 41 54.96 -6.11 25.80
N PHE A 42 54.07 -5.30 25.22
CA PHE A 42 54.51 -4.05 24.62
C PHE A 42 54.72 -2.94 25.63
N HIS A 43 54.54 -3.27 26.91
CA HIS A 43 54.94 -2.37 28.02
C HIS A 43 56.46 -2.25 28.11
N ARG A 44 57.16 -3.30 27.73
CA ARG A 44 58.62 -3.29 27.75
C ARG A 44 59.21 -2.39 26.65
N TYR A 45 58.51 -2.26 25.54
CA TYR A 45 59.00 -1.41 24.48
C TYR A 45 58.66 0.07 24.77
N LYS A 46 57.70 0.31 25.64
CA LYS A 46 57.25 1.68 25.94
C LYS A 46 58.18 2.45 26.86
N SER A 47 59.18 1.77 27.45
CA SER A 47 60.12 2.44 28.37
C SER A 47 61.33 2.98 27.64
N ASP A 48 62.17 3.72 28.37
CA ASP A 48 63.45 4.19 27.85
C ASP A 48 64.54 3.09 27.91
N GLU A 49 64.38 2.14 28.84
CA GLU A 49 65.27 0.97 28.94
C GLU A 49 64.48 -0.20 29.47
N ALA A 50 65.00 -1.41 29.28
CA ALA A 50 64.33 -2.59 29.82
C ALA A 50 65.27 -3.77 30.02
N TYR A 51 64.97 -4.54 31.06
CA TYR A 51 65.75 -5.70 31.40
C TYR A 51 64.87 -6.88 31.76
N LEU A 52 65.32 -8.09 31.43
CA LEU A 52 64.63 -9.32 31.89
C LEU A 52 64.80 -9.40 33.39
N VAL A 53 63.82 -9.96 34.09
CA VAL A 53 63.92 -10.11 35.53
C VAL A 53 63.91 -11.57 35.94
N GLY A 54 62.74 -12.21 35.90
CA GLY A 54 62.56 -13.44 36.63
C GLY A 54 63.12 -14.60 35.84
N ALA A 55 64.43 -14.75 35.90
CA ALA A 55 65.12 -15.71 35.08
C ALA A 55 64.90 -17.11 35.63
N GLY A 56 64.48 -18.02 34.76
CA GLY A 56 64.19 -19.38 35.18
C GLY A 56 63.01 -19.53 36.15
N LYS A 57 62.43 -18.41 36.58
CA LYS A 57 61.37 -18.43 37.57
C LYS A 57 60.02 -18.74 36.91
N LYS A 58 59.09 -19.31 37.69
CA LYS A 58 57.72 -19.49 37.24
C LYS A 58 57.14 -18.10 36.92
N PRO A 59 56.25 -18.00 35.91
CA PRO A 59 55.93 -16.70 35.33
C PRO A 59 55.46 -15.64 36.33
N ILE A 60 54.64 -16.05 37.29
CA ILE A 60 54.13 -15.12 38.30
C ILE A 60 55.24 -14.71 39.29
N ASP A 61 56.00 -15.72 39.71
CA ASP A 61 57.12 -15.54 40.65
C ASP A 61 58.17 -14.53 40.14
N ALA A 62 58.25 -14.40 38.83
CA ALA A 62 59.27 -13.60 38.16
C ALA A 62 59.24 -12.13 38.53
N TYR A 63 58.06 -11.57 38.70
CA TYR A 63 57.92 -10.14 39.01
C TYR A 63 57.99 -9.88 40.49
N LEU A 64 58.18 -10.95 41.27
CA LEU A 64 58.34 -10.85 42.70
C LEU A 64 59.76 -11.14 43.19
N ASP A 65 60.71 -11.36 42.27
CA ASP A 65 62.11 -11.53 42.65
C ASP A 65 62.66 -10.20 43.15
N ILE A 66 62.34 -9.93 44.41
CA ILE A 66 62.63 -8.65 45.05
C ILE A 66 64.08 -8.30 44.81
N GLU A 67 64.97 -9.16 45.29
CA GLU A 67 66.40 -8.91 45.26
C GLU A 67 66.89 -8.57 43.85
N ASN A 68 66.51 -9.41 42.89
CA ASN A 68 66.86 -9.19 41.48
C ASN A 68 66.50 -7.79 41.04
N ILE A 69 65.27 -7.41 41.31
CA ILE A 69 64.77 -6.07 40.96
C ILE A 69 65.64 -4.94 41.54
N ILE A 70 66.07 -5.08 42.79
CA ILE A 70 66.91 -4.05 43.39
C ILE A 70 68.25 -3.99 42.65
N GLU A 71 68.87 -5.16 42.39
CA GLU A 71 70.12 -5.15 41.63
C GLU A 71 69.90 -4.44 40.30
N ILE A 72 68.81 -4.80 39.62
CA ILE A 72 68.44 -4.13 38.37
C ILE A 72 68.24 -2.63 38.60
N ALA A 73 67.60 -2.29 39.70
CA ALA A 73 67.34 -0.88 40.04
C ALA A 73 68.64 -0.13 40.27
N LYS A 74 69.56 -0.77 41.01
CA LYS A 74 70.87 -0.14 41.32
C LYS A 74 71.72 -0.03 40.06
N GLU A 75 71.80 -1.11 39.27
CA GLU A 75 72.60 -1.11 38.03
C GLU A 75 72.09 -0.09 37.00
N SER A 76 70.77 0.13 37.00
CA SER A 76 70.14 1.10 36.11
C SER A 76 70.40 2.56 36.47
N GLY A 77 70.62 2.85 37.75
CA GLY A 77 70.77 4.22 38.23
C GLY A 77 69.43 4.79 38.66
N ALA A 78 68.46 3.91 38.87
CA ALA A 78 67.09 4.31 39.17
C ALA A 78 66.99 4.95 40.54
N ASP A 79 66.60 6.22 40.55
CA ASP A 79 66.41 6.98 41.80
C ASP A 79 65.25 6.45 42.62
N ALA A 80 64.27 5.82 41.97
CA ALA A 80 63.06 5.36 42.64
C ALA A 80 62.39 4.18 41.93
N ILE A 81 61.49 3.50 42.64
CA ILE A 81 60.77 2.35 42.09
C ILE A 81 59.27 2.45 42.35
N HIS A 82 58.50 2.27 41.27
CA HIS A 82 57.04 2.32 41.33
C HIS A 82 56.51 0.92 41.09
N PRO A 83 55.81 0.35 42.09
CA PRO A 83 55.44 -1.06 42.02
C PRO A 83 54.07 -1.30 41.40
N GLY A 84 53.39 -0.20 41.06
CA GLY A 84 52.11 -0.25 40.42
C GLY A 84 51.05 -0.76 41.37
N TYR A 85 50.36 -1.81 40.95
CA TYR A 85 49.39 -2.51 41.79
C TYR A 85 49.51 -4.00 41.58
N GLY A 86 49.08 -4.76 42.58
CA GLY A 86 49.34 -6.20 42.62
C GLY A 86 50.82 -6.46 42.78
N PHE A 87 51.24 -7.72 42.62
CA PHE A 87 52.67 -8.08 42.74
C PHE A 87 53.28 -7.51 44.03
N LEU A 88 54.32 -6.68 43.91
CA LEU A 88 55.02 -6.19 45.09
C LEU A 88 54.49 -4.84 45.59
N SER A 89 53.32 -4.44 45.09
CA SER A 89 52.73 -3.16 45.47
C SER A 89 52.59 -3.01 46.99
N GLU A 90 52.16 -4.10 47.64
CA GLU A 90 51.86 -4.08 49.08
C GLU A 90 52.88 -4.85 49.92
N ASN A 91 53.80 -5.57 49.28
CA ASN A 91 54.84 -6.36 49.96
C ASN A 91 55.77 -5.50 50.83
N ILE A 92 55.79 -5.78 52.14
CA ILE A 92 56.58 -5.00 53.10
C ILE A 92 58.08 -5.18 52.86
N GLU A 93 58.52 -6.43 52.80
CA GLU A 93 59.95 -6.74 52.68
C GLU A 93 60.61 -5.88 51.60
N PHE A 94 59.97 -5.82 50.43
CA PHE A 94 60.38 -4.97 49.30
C PHE A 94 60.38 -3.49 49.68
N ALA A 95 59.26 -3.03 50.24
CA ALA A 95 59.16 -1.63 50.65
C ALA A 95 60.32 -1.25 51.57
N ARG A 96 60.54 -2.05 52.62
CA ARG A 96 61.68 -1.88 53.55
C ARG A 96 63.01 -1.85 52.77
N ARG A 97 63.19 -2.87 51.95
CA ARG A 97 64.41 -3.12 51.23
C ARG A 97 64.82 -1.95 50.32
N CYS A 98 63.84 -1.24 49.77
CA CYS A 98 64.10 -0.01 49.02
C CYS A 98 64.75 1.03 49.91
N GLU A 99 64.13 1.27 51.06
CA GLU A 99 64.61 2.24 52.05
C GLU A 99 66.03 1.88 52.49
N GLN A 100 66.29 0.59 52.71
CA GLN A 100 67.65 0.08 53.02
C GLN A 100 68.70 0.53 52.01
N GLU A 101 68.39 0.36 50.74
CA GLU A 101 69.29 0.74 49.66
C GLU A 101 69.19 2.21 49.24
N GLY A 102 68.32 2.98 49.90
CA GLY A 102 68.16 4.40 49.59
C GLY A 102 67.42 4.69 48.30
N ILE A 103 66.85 3.65 47.69
CA ILE A 103 65.95 3.82 46.56
C ILE A 103 64.63 4.35 47.08
N ILE A 104 64.15 5.46 46.50
CA ILE A 104 62.82 5.98 46.85
C ILE A 104 61.78 4.98 46.39
N PHE A 105 60.78 4.76 47.23
CA PHE A 105 59.70 3.85 46.93
C PHE A 105 58.44 4.68 46.76
N VAL A 106 57.84 4.63 45.57
CA VAL A 106 56.65 5.44 45.28
C VAL A 106 55.41 4.80 45.89
N GLY A 107 55.05 5.32 47.06
CA GLY A 107 53.96 4.80 47.86
C GLY A 107 54.17 5.14 49.33
N PRO A 108 53.36 4.56 50.21
CA PRO A 108 53.49 4.92 51.62
C PRO A 108 54.76 4.33 52.25
N LYS A 109 55.07 4.77 53.47
CA LYS A 109 56.15 4.16 54.27
C LYS A 109 55.77 2.70 54.62
N SER A 110 56.77 1.83 54.77
CA SER A 110 56.51 0.41 55.05
C SER A 110 55.70 0.17 56.33
N LYS A 111 55.84 1.06 57.32
CA LYS A 111 54.99 1.06 58.52
C LYS A 111 53.50 1.08 58.16
N HIS A 112 53.15 1.87 57.15
CA HIS A 112 51.78 1.96 56.65
C HIS A 112 51.32 0.62 56.05
N LEU A 113 52.17 0.00 55.24
CA LEU A 113 51.82 -1.29 54.64
C LEU A 113 51.71 -2.37 55.72
N ASP A 114 52.53 -2.23 56.77
CA ASP A 114 52.55 -3.16 57.89
C ASP A 114 51.21 -3.16 58.61
N MET A 115 50.79 -1.98 59.01
CA MET A 115 49.57 -1.75 59.73
C MET A 115 48.34 -2.23 58.91
N PHE A 116 48.39 -2.11 57.59
CA PHE A 116 47.26 -2.55 56.74
C PHE A 116 47.51 -3.88 56.05
N GLY A 117 48.68 -4.48 56.29
CA GLY A 117 49.05 -5.78 55.73
C GLY A 117 47.94 -6.82 55.79
N ASP A 118 47.45 -7.08 57.00
CA ASP A 118 46.31 -7.97 57.19
C ASP A 118 45.03 -7.14 57.31
N LYS A 119 43.90 -7.74 56.95
CA LYS A 119 42.61 -7.05 57.02
C LYS A 119 42.26 -6.73 58.48
N ILE A 120 42.68 -7.61 59.40
CA ILE A 120 42.35 -7.46 60.82
C ILE A 120 43.06 -6.26 61.46
N LYS A 121 44.31 -6.01 61.08
CA LYS A 121 45.11 -4.98 61.76
C LYS A 121 44.69 -3.59 61.25
N ALA A 122 44.06 -3.59 60.08
CA ALA A 122 43.45 -2.39 59.52
C ALA A 122 42.11 -2.11 60.21
N LYS A 123 41.23 -3.10 60.25
CA LYS A 123 39.96 -2.95 60.94
C LYS A 123 40.23 -2.48 62.36
N GLU A 124 41.29 -3.02 62.98
CA GLU A 124 41.79 -2.57 64.27
C GLU A 124 42.15 -1.08 64.20
N GLN A 125 42.98 -0.74 63.22
CA GLN A 125 43.37 0.65 62.97
C GLN A 125 42.21 1.59 62.68
N ALA A 126 41.12 1.03 62.17
CA ALA A 126 39.94 1.81 61.88
C ALA A 126 39.27 2.28 63.16
N LEU A 127 39.14 1.42 64.17
CA LEU A 127 38.46 1.84 65.39
C LEU A 127 39.31 2.91 66.11
N LEU A 128 40.64 2.79 66.06
CA LEU A 128 41.53 3.79 66.67
C LEU A 128 41.30 5.17 66.07
N ALA A 129 41.01 5.21 64.77
CA ALA A 129 40.62 6.44 64.11
C ALA A 129 39.20 6.89 64.48
N ASP A 130 38.41 5.98 65.05
CA ASP A 130 37.07 6.26 65.51
C ASP A 130 36.15 6.53 64.31
N ILE A 131 35.93 5.46 63.55
CA ILE A 131 35.05 5.49 62.36
C ILE A 131 34.22 4.19 62.37
N PRO A 132 33.06 4.18 61.66
CA PRO A 132 32.16 3.02 61.66
C PRO A 132 32.81 1.77 61.14
N VAL A 133 32.49 0.62 61.73
CA VAL A 133 33.06 -0.68 61.32
C VAL A 133 31.98 -1.74 61.37
N ILE A 134 32.19 -2.86 60.65
CA ILE A 134 31.24 -3.98 60.66
C ILE A 134 31.41 -4.70 62.00
N PRO A 135 30.31 -5.12 62.64
CA PRO A 135 30.51 -5.95 63.82
C PRO A 135 31.03 -7.35 63.47
N GLY A 136 32.14 -7.74 64.10
CA GLY A 136 32.73 -9.05 63.88
C GLY A 136 33.56 -9.53 65.06
N SER A 137 34.17 -10.70 64.89
CA SER A 137 35.02 -11.30 65.93
C SER A 137 36.29 -10.49 66.17
N ASN A 138 36.62 -10.29 67.44
CA ASN A 138 37.82 -9.53 67.82
C ASN A 138 39.16 -10.18 67.43
N GLY A 139 39.14 -11.49 67.17
CA GLY A 139 40.24 -12.22 66.54
C GLY A 139 39.77 -12.82 65.23
N PRO A 140 40.36 -13.96 64.81
CA PRO A 140 39.76 -14.75 63.73
C PRO A 140 38.81 -15.80 64.27
N ARG A 172 33.41 -16.19 52.06
CA ARG A 172 32.21 -16.96 51.75
C ARG A 172 30.99 -16.70 52.65
N VAL A 173 29.79 -16.93 52.10
CA VAL A 173 28.54 -16.43 52.69
C VAL A 173 27.99 -17.39 53.74
N VAL A 174 27.31 -16.86 54.76
CA VAL A 174 26.75 -17.66 55.86
C VAL A 174 25.23 -17.49 55.95
N GLU A 175 24.55 -18.64 56.03
CA GLU A 175 23.11 -18.71 56.20
C GLU A 175 22.68 -19.31 57.56
N SER A 176 23.65 -19.53 58.45
CA SER A 176 23.52 -20.11 59.82
C SER A 176 23.49 -21.66 59.83
N LYS A 177 23.41 -22.30 61.01
CA LYS A 177 23.18 -23.78 61.12
C LYS A 177 24.00 -24.73 60.19
N GLU A 178 23.31 -25.52 59.37
CA GLU A 178 23.92 -26.51 58.50
C GLU A 178 24.78 -25.90 57.38
N HIS A 179 24.45 -24.66 56.99
CA HIS A 179 25.15 -23.92 55.95
C HIS A 179 26.59 -23.63 56.42
N VAL A 180 26.71 -23.37 57.72
CA VAL A 180 28.00 -23.14 58.39
C VAL A 180 29.05 -24.22 58.06
N LYS A 181 28.63 -25.48 58.14
CA LYS A 181 29.55 -26.62 57.96
C LYS A 181 30.31 -26.55 56.65
N GLU A 182 29.54 -26.56 55.56
CA GLU A 182 30.10 -26.57 54.20
C GLU A 182 31.04 -25.40 53.91
N SER A 183 30.75 -24.24 54.51
CA SER A 183 31.50 -23.02 54.18
C SER A 183 32.90 -22.94 54.81
N PHE A 184 33.02 -23.24 56.10
CA PHE A 184 34.33 -23.10 56.78
C PHE A 184 35.42 -24.03 56.21
N GLU A 185 35.13 -25.34 56.12
CA GLU A 185 36.18 -26.30 55.71
C GLU A 185 36.82 -25.88 54.38
N ARG A 186 36.00 -25.36 53.47
CA ARG A 186 36.51 -24.92 52.17
C ARG A 186 37.04 -23.45 52.21
N ALA A 187 36.43 -22.59 53.02
CA ALA A 187 36.90 -21.20 53.18
C ALA A 187 38.34 -21.12 53.73
N SER A 188 38.55 -21.71 54.90
CA SER A 188 39.88 -21.74 55.52
C SER A 188 40.90 -22.55 54.71
N SER A 189 40.44 -23.58 53.99
CA SER A 189 41.33 -24.35 53.10
C SER A 189 41.68 -23.56 51.83
N GLU A 190 40.69 -22.88 51.25
CA GLU A 190 40.94 -21.95 50.14
C GLU A 190 41.90 -20.85 50.54
N ALA A 191 41.73 -20.32 51.75
CA ALA A 191 42.62 -19.29 52.27
C ALA A 191 44.04 -19.82 52.46
N LYS A 192 44.17 -21.08 52.89
CA LYS A 192 45.49 -21.75 52.99
C LYS A 192 46.07 -22.05 51.61
N ALA A 193 45.22 -22.47 50.68
CA ALA A 193 45.62 -22.73 49.28
C ALA A 193 46.01 -21.45 48.58
N ALA A 194 45.21 -20.40 48.76
CA ALA A 194 45.44 -19.09 48.14
C ALA A 194 46.62 -18.34 48.80
N PHE A 195 46.59 -18.25 50.14
CA PHE A 195 47.62 -17.53 50.90
C PHE A 195 48.25 -18.43 51.96
N GLY A 196 49.26 -17.91 52.67
CA GLY A 196 49.94 -18.67 53.72
C GLY A 196 49.02 -19.09 54.87
N ASN A 197 48.23 -18.13 55.35
CA ASN A 197 47.39 -18.32 56.54
C ASN A 197 45.99 -18.88 56.24
N ASP A 198 45.45 -19.63 57.21
CA ASP A 198 44.06 -20.11 57.14
C ASP A 198 43.21 -19.23 58.05
N GLU A 199 43.83 -18.25 58.71
CA GLU A 199 43.13 -17.38 59.66
C GLU A 199 41.95 -16.75 58.96
N VAL A 200 40.78 -16.89 59.56
CA VAL A 200 39.54 -16.43 58.93
C VAL A 200 38.80 -15.51 59.89
N TYR A 201 38.34 -14.36 59.39
CA TYR A 201 37.60 -13.37 60.20
C TYR A 201 36.12 -13.65 59.96
N VAL A 202 35.25 -13.43 60.97
CA VAL A 202 33.79 -13.50 60.79
C VAL A 202 33.14 -12.20 61.20
N GLU A 203 32.25 -11.71 60.34
CA GLU A 203 31.49 -10.48 60.60
C GLU A 203 30.02 -10.60 60.20
N LYS A 204 29.25 -9.64 60.68
CA LYS A 204 27.81 -9.57 60.43
C LYS A 204 27.55 -9.47 58.94
N CYS A 205 26.85 -10.44 58.39
CA CYS A 205 26.48 -10.42 56.99
C CYS A 205 25.68 -9.16 56.70
N VAL A 206 25.73 -8.70 55.45
CA VAL A 206 25.05 -7.47 55.09
C VAL A 206 24.16 -7.72 53.90
N MET A 207 23.06 -6.97 53.87
CA MET A 207 22.06 -7.14 52.81
C MET A 207 22.14 -6.00 51.82
N ASN A 208 22.37 -6.36 50.56
CA ASN A 208 22.25 -5.43 49.45
C ASN A 208 22.99 -4.11 49.64
N PRO A 209 24.29 -4.18 49.96
CA PRO A 209 25.05 -2.97 50.19
C PRO A 209 25.52 -2.37 48.88
N LYS A 210 26.07 -1.16 48.99
CA LYS A 210 26.67 -0.47 47.88
C LYS A 210 28.16 -0.37 48.23
N HIS A 211 29.02 -0.83 47.33
CA HIS A 211 30.47 -0.81 47.56
C HIS A 211 31.01 0.56 47.14
N ILE A 212 31.48 1.36 48.09
CA ILE A 212 31.98 2.70 47.81
C ILE A 212 33.43 2.88 48.27
N GLU A 213 34.31 3.33 47.38
CA GLU A 213 35.71 3.63 47.74
C GLU A 213 35.98 5.14 47.69
N VAL A 214 36.96 5.61 48.46
CA VAL A 214 37.38 7.02 48.41
C VAL A 214 38.87 7.10 48.13
N GLN A 215 39.27 7.95 47.17
CA GLN A 215 40.68 8.03 46.77
C GLN A 215 41.30 9.09 47.62
N ILE A 216 42.50 8.80 48.14
CA ILE A 216 43.20 9.71 49.05
C ILE A 216 44.61 10.00 48.54
N LEU A 217 45.04 11.24 48.71
CA LEU A 217 46.41 11.67 48.41
C LEU A 217 46.96 12.42 49.62
N GLY A 218 48.12 12.01 50.11
CA GLY A 218 48.78 12.71 51.21
C GLY A 218 50.25 12.92 50.93
N ASP A 219 50.75 14.12 51.19
CA ASP A 219 52.19 14.41 50.99
C ASP A 219 53.02 14.09 52.22
N THR A 220 54.33 14.22 52.03
CA THR A 220 55.32 14.10 53.11
C THR A 220 55.22 15.21 54.18
N HIS A 221 54.42 16.24 53.89
CA HIS A 221 54.24 17.42 54.75
C HIS A 221 52.88 17.44 55.47
N GLY A 222 52.34 16.26 55.77
CA GLY A 222 51.10 16.12 56.55
C GLY A 222 49.84 16.73 55.96
N ASN A 223 49.83 17.01 54.66
CA ASN A 223 48.63 17.48 53.98
C ASN A 223 47.96 16.28 53.35
N ILE A 224 46.68 16.07 53.68
CA ILE A 224 45.92 14.97 53.13
C ILE A 224 44.66 15.51 52.52
N VAL A 225 44.29 14.91 51.39
CA VAL A 225 43.15 15.33 50.58
C VAL A 225 42.46 14.07 50.08
N HIS A 226 41.17 14.15 49.83
CA HIS A 226 40.43 13.08 49.21
C HIS A 226 39.95 13.58 47.85
N LEU A 227 39.81 12.64 46.92
CA LEU A 227 39.40 12.92 45.55
C LEU A 227 38.00 12.33 45.25
N PHE A 228 37.21 12.21 46.31
CA PHE A 228 35.85 11.72 46.22
C PHE A 228 35.75 10.22 45.97
N GLU A 229 34.51 9.75 45.98
CA GLU A 229 34.24 8.34 45.94
C GLU A 229 34.28 7.75 44.54
N ARG A 230 34.19 6.42 44.52
CA ARG A 230 33.92 5.63 43.31
C ARG A 230 32.96 4.52 43.71
N ASP A 231 32.00 4.22 42.83
CA ASP A 231 30.99 3.19 43.07
C ASP A 231 31.32 1.89 42.33
N CYS A 232 31.81 0.89 43.07
CA CYS A 232 32.16 -0.40 42.50
C CYS A 232 31.16 -1.47 42.88
N SER A 233 29.92 -1.06 43.07
CA SER A 233 28.86 -1.97 43.49
C SER A 233 28.54 -3.03 42.44
N ILE A 234 28.79 -2.74 41.16
CA ILE A 234 28.54 -3.73 40.13
C ILE A 234 29.62 -4.77 40.24
N GLN A 235 29.26 -5.98 40.64
CA GLN A 235 30.24 -7.06 40.76
C GLN A 235 29.66 -8.40 40.38
N ARG A 236 30.51 -9.31 39.90
CA ARG A 236 30.14 -10.70 39.60
C ARG A 236 30.85 -11.67 40.51
N ARG A 237 30.08 -12.37 41.35
CA ARG A 237 30.64 -13.27 42.35
C ARG A 237 31.67 -12.51 43.18
N HIS A 238 31.29 -11.27 43.56
CA HIS A 238 32.13 -10.38 44.37
C HIS A 238 33.47 -10.05 43.73
N GLN A 239 33.43 -9.86 42.41
CA GLN A 239 34.59 -9.44 41.62
C GLN A 239 34.17 -8.19 40.86
N LYS A 240 34.91 -7.09 41.02
CA LYS A 240 34.53 -5.82 40.37
C LYS A 240 34.47 -6.02 38.85
N VAL A 241 33.47 -5.41 38.21
CA VAL A 241 33.29 -5.53 36.77
C VAL A 241 33.22 -4.18 36.08
N VAL A 242 32.28 -3.36 36.54
CA VAL A 242 32.13 -2.00 36.06
C VAL A 242 32.15 -1.04 37.24
N GLU A 243 33.02 -0.04 37.12
CA GLU A 243 33.25 0.89 38.19
C GLU A 243 32.81 2.26 37.68
N VAL A 244 32.20 3.04 38.56
CA VAL A 244 31.61 4.33 38.21
C VAL A 244 31.91 5.38 39.26
N ALA A 245 32.13 6.60 38.82
CA ALA A 245 32.31 7.69 39.75
C ALA A 245 31.83 9.00 39.13
N PRO A 246 31.30 9.93 39.98
CA PRO A 246 31.06 9.68 41.40
C PRO A 246 29.79 8.84 41.55
N CYS A 247 29.48 8.42 42.77
CA CYS A 247 28.25 7.67 43.01
C CYS A 247 27.03 8.57 42.95
N ASN A 248 26.12 8.26 42.03
CA ASN A 248 24.98 9.15 41.74
C ASN A 248 23.94 9.05 42.81
N ALA A 249 23.80 7.86 43.39
CA ALA A 249 22.64 7.51 44.21
C ALA A 249 22.73 7.92 45.67
N ILE A 250 23.84 8.52 46.09
CA ILE A 250 23.93 8.99 47.49
C ILE A 250 23.80 10.52 47.58
N THR A 251 23.40 10.99 48.77
CA THR A 251 23.25 12.41 49.03
C THR A 251 24.60 13.02 49.38
N SER A 252 24.85 14.21 48.86
CA SER A 252 26.14 14.89 49.06
C SER A 252 26.52 14.91 50.53
N GLU A 253 25.56 15.25 51.39
CA GLU A 253 25.78 15.20 52.84
C GLU A 253 26.46 13.87 53.24
N LEU A 254 25.93 12.77 52.72
CA LEU A 254 26.44 11.43 53.04
C LEU A 254 27.86 11.27 52.50
N ARG A 255 28.00 11.54 51.20
CA ARG A 255 29.30 11.40 50.52
C ARG A 255 30.37 11.99 51.40
N ASN A 256 30.19 13.26 51.74
CA ASN A 256 31.17 14.00 52.53
C ASN A 256 31.48 13.33 53.86
N ARG A 257 30.45 12.80 54.50
CA ARG A 257 30.61 12.06 55.75
C ARG A 257 31.61 10.94 55.55
N ILE A 258 31.37 10.12 54.53
CA ILE A 258 32.24 8.97 54.23
C ILE A 258 33.64 9.41 53.92
N CYS A 259 33.75 10.36 53.01
CA CYS A 259 35.04 10.86 52.59
C CYS A 259 35.79 11.38 53.80
N ASP A 260 35.14 12.26 54.57
CA ASP A 260 35.74 12.83 55.78
C ASP A 260 36.16 11.72 56.75
N ALA A 261 35.38 10.64 56.79
CA ALA A 261 35.74 9.46 57.60
C ALA A 261 37.06 8.89 57.13
N ALA A 262 37.16 8.72 55.82
CA ALA A 262 38.40 8.23 55.20
C ALA A 262 39.56 9.18 55.49
N VAL A 263 39.33 10.48 55.33
CA VAL A 263 40.39 11.45 55.58
C VAL A 263 40.89 11.30 57.03
N LYS A 264 39.95 11.30 57.98
CA LYS A 264 40.25 11.24 59.43
C LYS A 264 41.16 10.07 59.73
N LEU A 265 40.82 8.92 59.14
CA LEU A 265 41.62 7.70 59.27
C LEU A 265 43.03 7.89 58.75
N MET A 266 43.17 8.28 57.49
CA MET A 266 44.49 8.45 56.87
C MET A 266 45.30 9.57 57.52
N LYS A 267 44.60 10.59 58.03
CA LYS A 267 45.27 11.64 58.81
C LYS A 267 45.80 11.05 60.12
N ASN A 268 44.96 10.26 60.79
CA ASN A 268 45.34 9.55 62.02
C ASN A 268 46.61 8.71 61.89
N VAL A 269 46.87 8.17 60.70
CA VAL A 269 48.05 7.35 60.48
C VAL A 269 49.22 8.15 59.89
N ASP A 270 49.01 9.46 59.66
CA ASP A 270 49.95 10.33 58.93
C ASP A 270 50.33 9.68 57.59
N TYR A 271 49.29 9.30 56.83
CA TYR A 271 49.47 8.54 55.58
C TYR A 271 50.11 9.36 54.48
N ILE A 272 51.06 8.73 53.78
CA ILE A 272 51.84 9.38 52.73
C ILE A 272 51.58 8.72 51.37
N ASN A 273 51.40 9.57 50.35
CA ASN A 273 51.17 9.19 48.95
C ASN A 273 49.71 8.83 48.68
N ALA A 274 49.48 7.97 47.68
CA ALA A 274 48.14 7.65 47.22
C ALA A 274 47.69 6.30 47.74
N GLY A 275 46.41 6.23 48.07
CA GLY A 275 45.81 5.02 48.60
C GLY A 275 44.31 5.17 48.62
N THR A 276 43.62 4.07 48.89
CA THR A 276 42.18 4.06 48.86
C THR A 276 41.55 3.42 50.08
N VAL A 277 40.50 4.06 50.59
CA VAL A 277 39.72 3.55 51.70
C VAL A 277 38.37 3.09 51.16
N GLU A 278 38.09 1.80 51.34
CA GLU A 278 36.86 1.23 50.84
C GLU A 278 35.81 1.35 51.94
N PHE A 279 34.54 1.50 51.57
CA PHE A 279 33.39 1.45 52.50
C PHE A 279 32.22 0.62 51.92
N LEU A 280 31.43 -0.01 52.79
CA LEU A 280 30.14 -0.57 52.40
C LEU A 280 29.07 0.37 52.90
N VAL A 281 28.02 0.54 52.10
CA VAL A 281 26.98 1.51 52.43
C VAL A 281 25.58 0.91 52.30
N GLU A 282 24.80 1.00 53.37
CA GLU A 282 23.37 0.64 53.38
C GLU A 282 22.57 1.87 53.82
N GLY A 283 21.53 2.19 53.06
CA GLY A 283 20.63 3.29 53.40
C GLY A 283 21.44 4.56 53.67
N ASP A 284 21.47 4.98 54.94
CA ASP A 284 22.26 6.16 55.35
C ASP A 284 23.36 5.80 56.35
N ASP A 285 23.60 4.50 56.54
CA ASP A 285 24.71 4.06 57.39
C ASP A 285 25.81 3.47 56.52
N PHE A 286 27.05 3.86 56.79
CA PHE A 286 28.20 3.31 56.08
C PHE A 286 29.17 2.68 57.06
N TYR A 287 30.00 1.79 56.54
CA TYR A 287 30.91 1.01 57.38
C TYR A 287 32.22 0.71 56.65
N PHE A 288 33.32 0.89 57.35
CA PHE A 288 34.65 0.53 56.83
C PHE A 288 34.72 -0.95 56.49
N ILE A 289 35.52 -1.30 55.48
CA ILE A 289 35.74 -2.73 55.12
C ILE A 289 37.21 -3.04 54.85
N GLU A 290 37.94 -2.17 54.13
CA GLU A 290 39.34 -2.46 53.78
C GLU A 290 40.08 -1.16 53.43
N VAL A 291 41.41 -1.26 53.34
CA VAL A 291 42.26 -0.14 52.93
C VAL A 291 43.35 -0.61 51.96
N ASN A 292 43.39 0.02 50.78
CA ASN A 292 44.40 -0.27 49.76
C ASN A 292 45.45 0.84 49.71
N PRO A 293 46.70 0.54 50.16
CA PRO A 293 47.79 1.54 50.14
C PRO A 293 48.55 1.57 48.80
N ARG A 294 47.79 1.82 47.74
CA ARG A 294 48.34 1.79 46.39
C ARG A 294 47.41 2.47 45.40
N VAL A 295 47.88 2.57 44.16
CA VAL A 295 47.02 2.96 43.06
C VAL A 295 46.05 1.84 42.86
N GLN A 296 44.84 2.14 42.44
CA GLN A 296 43.95 1.07 42.06
C GLN A 296 43.71 1.05 40.56
N VAL A 297 43.20 -0.07 40.08
CA VAL A 297 42.89 -0.21 38.66
C VAL A 297 41.91 0.87 38.22
N GLU A 298 40.90 1.14 39.04
CA GLU A 298 39.83 2.05 38.70
C GLU A 298 40.13 3.51 39.04
N HIS A 299 41.39 3.87 39.17
CA HIS A 299 41.76 5.26 39.53
C HIS A 299 41.49 6.25 38.42
N THR A 300 41.43 5.72 37.20
CA THR A 300 41.13 6.54 36.03
C THR A 300 39.92 7.43 36.24
N ILE A 301 38.79 6.82 36.56
CA ILE A 301 37.53 7.55 36.64
C ILE A 301 37.61 8.71 37.61
N THR A 302 38.33 8.52 38.72
CA THR A 302 38.51 9.59 39.70
C THR A 302 39.34 10.72 39.08
N GLU A 303 40.41 10.37 38.37
CA GLU A 303 41.13 11.34 37.55
C GLU A 303 40.20 12.19 36.64
N MET A 304 39.20 11.53 36.08
CA MET A 304 38.36 12.14 35.06
C MET A 304 37.37 13.13 35.63
N ILE A 305 36.87 12.85 36.83
CA ILE A 305 35.90 13.76 37.46
C ILE A 305 36.56 14.88 38.28
N THR A 306 37.69 14.59 38.92
CA THR A 306 38.41 15.60 39.65
C THR A 306 39.23 16.50 38.74
N GLY A 307 39.84 15.92 37.72
CA GLY A 307 40.74 16.66 36.85
C GLY A 307 42.19 16.47 37.26
N ILE A 308 42.40 15.67 38.31
CA ILE A 308 43.72 15.51 38.88
C ILE A 308 44.42 14.25 38.39
N ASP A 309 45.58 14.41 37.77
CA ASP A 309 46.43 13.29 37.38
C ASP A 309 47.02 12.66 38.63
N ILE A 310 46.52 11.49 39.01
CA ILE A 310 46.91 10.81 40.23
C ILE A 310 48.34 10.33 40.19
N VAL A 311 48.72 9.66 39.12
CA VAL A 311 50.03 9.05 39.04
C VAL A 311 51.13 10.12 38.92
N GLN A 312 50.90 11.18 38.15
CA GLN A 312 51.81 12.33 38.17
C GLN A 312 51.97 12.80 39.62
N SER A 313 50.85 12.95 40.32
CA SER A 313 50.90 13.32 41.73
C SER A 313 51.69 12.32 42.57
N GLN A 314 51.42 11.04 42.43
CA GLN A 314 52.22 10.03 43.12
C GLN A 314 53.71 10.29 43.01
N LEU A 315 54.17 10.62 41.81
CA LEU A 315 55.59 10.90 41.56
C LEU A 315 56.10 12.19 42.22
N PHE A 316 55.29 13.23 42.20
CA PHE A 316 55.63 14.46 42.90
C PHE A 316 55.77 14.23 44.37
N ILE A 317 54.82 13.49 44.93
CA ILE A 317 54.80 13.19 46.36
C ILE A 317 56.01 12.37 46.77
N ALA A 318 56.37 11.38 45.97
CA ALA A 318 57.57 10.61 46.27
C ALA A 318 58.82 11.45 46.19
N ASP A 319 58.79 12.48 45.34
CA ASP A 319 59.86 13.48 45.32
C ASP A 319 59.70 14.48 46.47
N GLY A 320 58.55 14.41 47.14
CA GLY A 320 58.33 15.08 48.40
C GLY A 320 57.56 16.37 48.34
N TYR A 321 57.31 16.88 47.15
CA TYR A 321 56.63 18.17 47.01
C TYR A 321 55.33 18.14 47.84
N ALA A 322 54.87 19.31 48.22
CA ALA A 322 53.59 19.44 48.89
C ALA A 322 52.46 19.37 47.90
N LEU A 323 51.31 18.90 48.35
CA LEU A 323 50.17 18.71 47.48
C LEU A 323 49.84 20.00 46.79
N HIS A 324 49.94 21.11 47.52
CA HIS A 324 49.45 22.37 47.00
C HIS A 324 50.54 23.27 46.42
N ASP A 325 51.72 22.70 46.15
CA ASP A 325 52.77 23.42 45.42
C ASP A 325 52.27 23.94 44.09
N GLN A 326 53.01 24.87 43.50
CA GLN A 326 52.66 25.42 42.20
C GLN A 326 52.72 24.32 41.14
N LEU A 327 53.83 23.59 41.11
CA LEU A 327 54.08 22.56 40.12
C LEU A 327 53.08 21.41 40.18
N VAL A 328 52.76 20.95 41.39
CA VAL A 328 51.84 19.83 41.61
C VAL A 328 50.41 20.23 41.33
N ALA A 329 50.08 21.47 41.67
CA ALA A 329 48.81 22.09 41.27
C ALA A 329 47.58 21.32 41.72
N ILE A 330 47.64 20.74 42.92
CA ILE A 330 46.43 20.21 43.55
C ILE A 330 45.80 21.30 44.39
N PRO A 331 44.51 21.57 44.16
CA PRO A 331 43.93 22.67 44.90
C PRO A 331 43.61 22.26 46.33
N LYS A 332 43.39 23.27 47.18
CA LYS A 332 42.83 23.07 48.51
C LYS A 332 41.50 22.32 48.42
N GLN A 333 41.26 21.43 49.38
CA GLN A 333 40.09 20.56 49.39
C GLN A 333 38.78 21.25 49.04
N GLU A 334 38.60 22.45 49.59
CA GLU A 334 37.39 23.24 49.35
C GLU A 334 37.26 23.52 47.85
N ASP A 335 38.41 23.73 47.21
CA ASP A 335 38.51 24.01 45.79
C ASP A 335 38.45 22.74 44.86
N ILE A 336 38.48 21.52 45.42
CA ILE A 336 38.30 20.28 44.63
C ILE A 336 36.84 19.93 44.41
N HIS A 337 36.39 19.94 43.16
CA HIS A 337 34.99 19.67 42.85
C HIS A 337 34.85 18.50 41.85
N ILE A 338 33.60 18.09 41.61
CA ILE A 338 33.30 17.05 40.65
C ILE A 338 32.81 17.65 39.34
N HIS A 339 33.49 17.31 38.24
CA HIS A 339 32.93 17.63 36.94
C HIS A 339 32.46 16.31 36.37
N GLY A 340 31.19 16.28 36.01
CA GLY A 340 30.59 15.12 35.35
C GLY A 340 30.64 13.80 36.10
N SER A 341 30.51 12.71 35.35
CA SER A 341 30.75 11.37 35.87
C SER A 341 31.38 10.47 34.82
N ALA A 342 32.06 9.45 35.28
CA ALA A 342 32.83 8.61 34.39
C ALA A 342 32.67 7.15 34.76
N ILE A 343 32.56 6.34 33.73
CA ILE A 343 32.32 4.93 33.88
C ILE A 343 33.52 4.26 33.29
N GLN A 344 34.02 3.24 33.96
CA GLN A 344 35.09 2.44 33.40
C GLN A 344 34.70 0.99 33.30
N SER A 345 35.07 0.38 32.19
CA SER A 345 34.92 -1.06 32.00
C SER A 345 36.19 -1.64 31.37
N ARG A 346 36.53 -2.86 31.78
CA ARG A 346 37.75 -3.50 31.34
C ARG A 346 37.46 -4.62 30.38
N ILE A 347 37.87 -4.42 29.15
CA ILE A 347 37.71 -5.45 28.13
C ILE A 347 38.77 -6.49 28.44
N THR A 348 38.33 -7.74 28.57
CA THR A 348 39.21 -8.88 28.81
C THR A 348 38.91 -10.01 27.85
N THR A 349 39.80 -10.98 27.81
CA THR A 349 39.60 -12.22 27.04
C THR A 349 38.75 -13.29 27.74
N GLU A 350 38.23 -13.01 28.94
CA GLU A 350 37.25 -13.89 29.55
C GLU A 350 36.05 -14.05 28.60
N ASP A 351 35.71 -15.29 28.22
CA ASP A 351 34.58 -15.57 27.30
C ASP A 351 33.35 -15.99 28.07
N PRO A 352 32.24 -15.25 27.96
CA PRO A 352 31.12 -15.60 28.86
C PRO A 352 30.36 -16.88 28.49
N LEU A 353 30.43 -17.29 27.23
CA LEU A 353 29.88 -18.59 26.83
C LEU A 353 30.65 -19.75 27.44
N ASN A 354 31.97 -19.60 27.50
CA ASN A 354 32.84 -20.59 28.12
C ASN A 354 33.06 -20.32 29.62
N ASN A 355 32.03 -19.80 30.28
CA ASN A 355 32.11 -19.46 31.69
C ASN A 355 33.38 -18.67 32.04
N PHE A 356 33.65 -17.65 31.23
CA PHE A 356 34.66 -16.62 31.52
C PHE A 356 36.06 -17.21 31.66
N MET A 357 36.30 -18.37 31.04
CA MET A 357 37.65 -18.90 30.95
C MET A 357 38.40 -17.96 30.01
N PRO A 358 39.48 -17.31 30.52
CA PRO A 358 40.29 -16.44 29.68
C PRO A 358 40.72 -17.13 28.40
N ASP A 359 40.16 -16.73 27.25
CA ASP A 359 40.59 -17.27 25.97
C ASP A 359 42.05 -16.87 25.74
N THR A 360 42.77 -17.68 24.99
CA THR A 360 44.14 -17.38 24.64
C THR A 360 44.29 -17.32 23.14
N GLY A 361 45.46 -16.88 22.70
CA GLY A 361 45.72 -16.82 21.28
C GLY A 361 46.20 -15.47 20.78
N ARG A 362 46.24 -15.38 19.46
CA ARG A 362 46.71 -14.23 18.78
C ARG A 362 45.53 -13.37 18.40
N VAL A 363 45.73 -12.07 18.58
CA VAL A 363 44.76 -11.07 18.20
C VAL A 363 45.05 -10.65 16.76
N ASP A 364 44.30 -11.14 15.79
CA ASP A 364 44.60 -10.85 14.38
C ASP A 364 44.14 -9.44 14.01
N THR A 365 43.07 -8.98 14.68
CA THR A 365 42.54 -7.63 14.42
C THR A 365 42.14 -6.94 15.72
N TYR A 366 42.71 -5.77 15.97
CA TYR A 366 42.37 -4.98 17.15
C TYR A 366 42.16 -3.57 16.68
N ARG A 367 40.90 -3.12 16.68
CA ARG A 367 40.58 -1.77 16.29
C ARG A 367 39.90 -1.06 17.42
N SER A 368 40.60 -0.10 18.02
CA SER A 368 40.08 0.62 19.17
C SER A 368 39.20 1.75 18.72
N THR A 369 38.62 2.40 19.71
CA THR A 369 37.67 3.47 19.51
C THR A 369 38.28 4.77 20.06
N GLY A 370 37.59 5.87 19.90
CA GLY A 370 37.98 7.13 20.51
C GLY A 370 36.86 8.14 20.48
N GLY A 371 37.18 9.42 20.64
CA GLY A 371 36.21 10.51 20.45
C GLY A 371 36.07 11.28 21.74
N PHE A 372 35.05 12.14 21.80
CA PHE A 372 34.90 12.97 22.97
C PHE A 372 34.53 12.09 24.15
N GLY A 373 35.18 12.35 25.27
CA GLY A 373 34.82 11.70 26.53
C GLY A 373 35.22 10.25 26.60
N VAL A 374 36.20 9.86 25.78
CA VAL A 374 36.70 8.52 25.77
C VAL A 374 38.17 8.49 26.06
N ARG A 375 38.52 7.63 26.99
CA ARG A 375 39.90 7.40 27.35
C ARG A 375 40.16 5.93 27.22
N LEU A 376 41.35 5.58 26.76
CA LEU A 376 41.74 4.18 26.75
C LEU A 376 43.07 4.07 27.43
N ASP A 377 43.18 3.08 28.29
CA ASP A 377 44.45 2.72 28.89
C ASP A 377 44.75 1.32 28.41
N ALA A 378 45.74 1.25 27.53
CA ALA A 378 46.06 0.02 26.83
C ALA A 378 46.84 -0.90 27.75
N GLY A 379 46.54 -2.20 27.66
CA GLY A 379 47.25 -3.24 28.39
C GLY A 379 48.02 -4.07 27.38
N ASN A 380 47.63 -5.34 27.21
CA ASN A 380 48.20 -6.22 26.16
C ASN A 380 47.30 -6.20 24.93
N GLY A 381 47.22 -5.03 24.32
CA GLY A 381 46.19 -4.75 23.29
C GLY A 381 46.73 -4.01 22.07
N PHE A 382 47.46 -4.74 21.24
CA PHE A 382 47.83 -4.25 19.90
C PHE A 382 47.68 -5.41 18.89
N GLN A 383 47.72 -5.10 17.60
CA GLN A 383 47.31 -6.07 16.56
C GLN A 383 48.08 -7.38 16.64
N GLY A 384 49.39 -7.29 16.65
CA GLY A 384 50.21 -8.50 16.70
C GLY A 384 50.04 -9.40 17.92
N THR A 385 49.79 -8.81 19.09
CA THR A 385 50.01 -9.53 20.35
C THR A 385 49.31 -10.88 20.45
N VAL A 386 49.95 -11.77 21.19
CA VAL A 386 49.37 -13.05 21.60
C VAL A 386 49.07 -12.99 23.06
N VAL A 387 47.89 -13.41 23.48
CA VAL A 387 47.62 -13.49 24.91
C VAL A 387 48.06 -14.83 25.47
N THR A 388 48.89 -14.77 26.52
CA THR A 388 49.35 -15.96 27.23
C THR A 388 48.29 -16.17 28.29
N PRO A 389 48.18 -17.40 28.81
CA PRO A 389 47.31 -17.62 29.95
C PRO A 389 47.97 -17.35 31.32
N PHE A 390 49.28 -17.09 31.35
CA PHE A 390 50.04 -17.03 32.59
C PHE A 390 49.62 -15.88 33.52
N TYR A 391 49.44 -14.71 32.93
CA TYR A 391 49.04 -13.48 33.62
C TYR A 391 47.55 -13.25 33.37
N ASP A 392 47.00 -12.17 33.94
CA ASP A 392 45.55 -11.89 33.83
C ASP A 392 45.10 -11.55 32.39
N SER A 393 43.79 -11.54 32.20
CA SER A 393 43.17 -11.54 30.86
C SER A 393 43.03 -10.17 30.19
N LEU A 394 43.39 -9.09 30.88
CA LEU A 394 43.04 -7.73 30.45
C LEU A 394 43.75 -7.17 29.20
N LEU A 395 42.96 -6.80 28.21
CA LEU A 395 43.46 -6.24 26.98
C LEU A 395 43.52 -4.72 27.03
N VAL A 396 42.38 -4.09 27.34
CA VAL A 396 42.28 -2.63 27.38
C VAL A 396 41.22 -2.11 28.33
N LYS A 397 41.53 -1.02 29.03
CA LYS A 397 40.62 -0.43 30.00
C LYS A 397 39.90 0.73 29.31
N LEU A 398 38.58 0.64 29.19
CA LEU A 398 37.81 1.62 28.46
C LEU A 398 36.97 2.45 29.41
N CYS A 399 37.30 3.72 29.51
CA CYS A 399 36.52 4.64 30.33
C CYS A 399 35.87 5.72 29.46
N THR A 400 34.66 6.13 29.83
CA THR A 400 34.00 7.21 29.16
C THR A 400 33.44 8.19 30.14
N TRP A 401 33.33 9.45 29.72
CA TRP A 401 32.92 10.51 30.62
C TRP A 401 31.79 11.28 30.05
N GLY A 402 30.97 11.86 30.93
CA GLY A 402 29.88 12.77 30.52
C GLY A 402 29.56 13.76 31.63
N MET A 403 28.92 14.87 31.26
CA MET A 403 28.40 15.80 32.25
C MET A 403 27.37 15.14 33.17
N THR A 404 26.55 14.26 32.61
CA THR A 404 25.59 13.45 33.36
C THR A 404 25.92 12.00 33.14
N PHE A 405 25.79 11.19 34.18
CA PHE A 405 26.06 9.75 34.06
C PHE A 405 25.26 9.12 32.91
N GLU A 406 24.07 9.63 32.67
CA GLU A 406 23.27 9.15 31.55
C GLU A 406 24.01 9.44 30.23
N GLN A 407 24.73 10.57 30.17
CA GLN A 407 25.51 10.93 28.99
C GLN A 407 26.70 9.99 28.81
N ALA A 408 27.35 9.67 29.92
CA ALA A 408 28.51 8.79 29.90
C ALA A 408 28.13 7.36 29.51
N THR A 409 27.01 6.86 30.03
CA THR A 409 26.51 5.53 29.66
C THR A 409 26.27 5.41 28.18
N ARG A 410 25.75 6.46 27.56
CA ARG A 410 25.60 6.48 26.10
C ARG A 410 26.94 6.26 25.39
N LYS A 411 27.96 7.00 25.82
CA LYS A 411 29.25 6.96 25.16
C LYS A 411 29.88 5.60 25.35
N MET A 412 29.70 5.05 26.53
CA MET A 412 30.18 3.71 26.81
C MET A 412 29.52 2.74 25.86
N ARG A 413 28.20 2.82 25.76
CA ARG A 413 27.52 1.93 24.87
C ARG A 413 28.22 1.96 23.50
N ARG A 414 28.21 3.14 22.85
CA ARG A 414 28.76 3.31 21.48
C ARG A 414 30.14 2.76 21.32
N ASN A 415 31.00 3.10 22.25
CA ASN A 415 32.35 2.59 22.26
C ASN A 415 32.46 1.07 22.30
N LEU A 416 31.67 0.42 23.15
CA LEU A 416 31.78 -1.03 23.32
C LEU A 416 31.41 -1.72 22.02
N ILE A 417 30.38 -1.21 21.37
CA ILE A 417 29.96 -1.72 20.07
C ILE A 417 31.07 -1.48 19.04
N GLU A 418 31.64 -0.28 19.05
CA GLU A 418 32.59 0.15 18.04
C GLU A 418 33.83 -0.71 18.03
N PHE A 419 34.18 -1.27 19.18
CA PHE A 419 35.38 -2.09 19.28
C PHE A 419 35.33 -3.26 18.34
N ARG A 420 36.41 -3.48 17.61
CA ARG A 420 36.57 -4.67 16.79
C ARG A 420 37.82 -5.38 17.20
N ILE A 421 37.65 -6.49 17.92
CA ILE A 421 38.74 -7.35 18.31
C ILE A 421 38.49 -8.74 17.79
N ARG A 422 39.41 -9.29 17.02
CA ARG A 422 39.23 -10.66 16.51
C ARG A 422 40.50 -11.50 16.65
N GLY A 423 40.28 -12.77 16.95
CA GLY A 423 41.34 -13.71 17.26
C GLY A 423 41.09 -14.34 18.61
N VAL A 424 40.38 -13.63 19.47
CA VAL A 424 40.07 -14.15 20.79
C VAL A 424 38.69 -13.73 21.25
N LYS A 425 38.10 -14.55 22.12
CA LYS A 425 36.82 -14.21 22.72
C LYS A 425 37.04 -13.08 23.73
N THR A 426 36.00 -12.30 23.98
CA THR A 426 36.11 -11.22 24.97
C THR A 426 34.85 -11.13 25.79
N ASN A 427 34.88 -10.25 26.78
CA ASN A 427 33.74 -10.09 27.68
C ASN A 427 32.84 -8.97 27.26
N ILE A 428 33.08 -8.41 26.06
CA ILE A 428 32.34 -7.25 25.62
C ILE A 428 30.85 -7.50 25.65
N PRO A 429 30.39 -8.59 24.99
CA PRO A 429 28.95 -8.85 24.96
C PRO A 429 28.32 -8.93 26.34
N PHE A 430 29.10 -9.37 27.32
CA PHE A 430 28.63 -9.34 28.70
C PHE A 430 28.49 -7.91 29.17
N LEU A 431 29.56 -7.12 29.03
CA LEU A 431 29.53 -5.71 29.47
C LEU A 431 28.42 -4.93 28.78
N LEU A 432 28.20 -5.20 27.51
CA LEU A 432 27.11 -4.56 26.84
C LEU A 432 25.80 -4.82 27.56
N ASN A 433 25.52 -6.06 27.91
CA ASN A 433 24.25 -6.42 28.52
C ASN A 433 24.05 -5.71 29.86
N VAL A 434 25.13 -5.62 30.63
CA VAL A 434 25.06 -4.91 31.92
C VAL A 434 24.90 -3.39 31.69
N VAL A 435 25.58 -2.84 30.70
CA VAL A 435 25.45 -1.42 30.42
C VAL A 435 24.11 -1.07 29.79
N ARG A 436 23.58 -1.96 28.95
CA ARG A 436 22.23 -1.78 28.39
C ARG A 436 21.12 -1.90 29.45
N HIS A 437 21.35 -2.70 30.50
CA HIS A 437 20.28 -3.01 31.44
C HIS A 437 19.76 -1.74 32.07
N PRO A 438 18.43 -1.59 32.12
CA PRO A 438 17.83 -0.36 32.66
C PRO A 438 18.09 -0.06 34.14
N ASP A 439 18.08 -1.09 34.99
CA ASP A 439 18.58 -0.97 36.38
C ASP A 439 20.00 -0.42 36.52
N PHE A 440 20.86 -0.60 35.52
CA PHE A 440 22.18 0.01 35.56
C PHE A 440 22.08 1.50 35.29
N ALA A 441 21.34 1.85 34.24
CA ALA A 441 21.16 3.25 33.87
C ALA A 441 20.49 4.05 34.98
N SER A 442 19.66 3.40 35.79
CA SER A 442 18.98 4.06 36.91
C SER A 442 20.01 4.59 37.90
N GLY A 443 21.06 3.82 38.10
CA GLY A 443 22.12 4.20 39.04
C GLY A 443 21.88 3.68 40.45
N ASN A 444 20.73 3.05 40.66
CA ASN A 444 20.48 2.31 41.88
C ASN A 444 20.70 0.84 41.64
N TYR A 445 21.85 0.36 42.11
CA TYR A 445 22.18 -1.05 42.09
C TYR A 445 23.01 -1.36 43.34
N ASN A 446 23.20 -2.64 43.60
CA ASN A 446 23.94 -3.11 44.77
C ASN A 446 24.77 -4.30 44.39
N THR A 447 25.65 -4.70 45.29
CA THR A 447 26.52 -5.85 45.07
C THR A 447 25.77 -7.04 44.51
N SER A 448 24.54 -7.21 45.00
CA SER A 448 23.67 -8.28 44.55
C SER A 448 22.98 -7.98 43.21
N PHE A 449 23.38 -6.94 42.47
CA PHE A 449 22.69 -6.61 41.21
C PHE A 449 22.96 -7.64 40.10
N ILE A 450 24.21 -8.05 39.98
CA ILE A 450 24.51 -9.20 39.14
C ILE A 450 24.11 -10.40 39.95
N ASP A 451 24.02 -11.56 39.30
CA ASP A 451 23.64 -12.81 39.98
C ASP A 451 22.12 -12.80 40.13
N THR A 452 21.59 -11.76 40.78
CA THR A 452 20.13 -11.59 40.90
C THR A 452 19.48 -11.47 39.53
N THR A 453 20.21 -10.90 38.58
CA THR A 453 19.70 -10.73 37.22
C THR A 453 20.39 -11.71 36.29
N PRO A 454 19.68 -12.76 35.85
CA PRO A 454 20.30 -13.73 34.95
C PRO A 454 20.33 -13.27 33.49
N GLU A 455 19.43 -12.37 33.09
CA GLU A 455 19.28 -12.04 31.67
C GLU A 455 20.63 -11.68 31.08
N LEU A 456 21.42 -10.96 31.86
CA LEU A 456 22.71 -10.44 31.41
C LEU A 456 23.58 -11.55 30.84
N PHE A 457 23.38 -12.76 31.33
CA PHE A 457 24.14 -13.91 30.85
C PHE A 457 23.59 -14.54 29.56
N LYS A 458 22.41 -14.10 29.11
CA LYS A 458 21.85 -14.49 27.84
C LYS A 458 22.36 -13.58 26.73
N PHE A 459 23.03 -14.13 25.74
CA PHE A 459 23.62 -13.32 24.68
C PHE A 459 23.02 -13.85 23.39
N PRO A 460 21.93 -13.21 22.91
CA PRO A 460 21.12 -13.75 21.84
C PRO A 460 21.75 -13.75 20.43
N HIS A 461 21.75 -14.92 19.78
CA HIS A 461 22.13 -15.03 18.36
C HIS A 461 21.10 -14.17 17.64
N ILE A 462 21.52 -13.45 16.60
CA ILE A 462 20.57 -12.56 15.90
C ILE A 462 19.99 -13.25 14.70
N ARG A 463 18.69 -13.47 14.75
CA ARG A 463 17.91 -13.80 13.59
C ARG A 463 17.56 -12.47 12.92
N ASP A 464 17.87 -12.33 11.64
CA ASP A 464 17.61 -11.08 10.94
C ASP A 464 17.41 -11.41 9.45
N ARG A 465 16.34 -10.96 8.76
CA ARG A 465 16.22 -11.11 7.29
C ARG A 465 17.40 -10.28 6.78
N GLY A 466 18.42 -10.84 6.15
CA GLY A 466 19.54 -9.93 5.79
C GLY A 466 20.74 -10.79 6.08
N THR A 467 20.92 -11.13 7.36
CA THR A 467 22.03 -11.99 7.77
C THR A 467 21.84 -13.39 7.18
N LYS A 468 20.63 -13.91 7.32
CA LYS A 468 20.26 -15.23 6.84
C LYS A 468 20.45 -15.33 5.33
N THR A 469 20.19 -14.22 4.62
CA THR A 469 20.38 -14.15 3.19
C THR A 469 21.86 -14.34 2.90
N LEU A 470 22.70 -13.71 3.71
CA LEU A 470 24.14 -13.77 3.49
C LEU A 470 24.61 -15.17 3.82
N ARG A 471 23.96 -15.80 4.81
CA ARG A 471 24.30 -17.17 5.15
C ARG A 471 24.12 -18.07 3.92
N TYR A 472 22.95 -17.97 3.29
CA TYR A 472 22.68 -18.73 2.08
C TYR A 472 23.74 -18.42 1.06
N ILE A 473 23.83 -17.15 0.65
CA ILE A 473 24.75 -16.75 -0.42
C ILE A 473 26.19 -17.26 -0.14
N GLY A 474 26.64 -17.09 1.10
CA GLY A 474 27.99 -17.50 1.47
C GLY A 474 28.16 -19.00 1.38
N ASN A 475 27.16 -19.72 1.87
CA ASN A 475 27.17 -21.16 1.80
C ASN A 475 27.35 -21.72 0.38
N VAL A 476 26.44 -21.37 -0.51
CA VAL A 476 26.49 -21.89 -1.87
C VAL A 476 27.76 -21.45 -2.57
N THR A 477 28.34 -20.35 -2.10
CA THR A 477 29.52 -19.80 -2.74
C THR A 477 30.72 -20.68 -2.49
N VAL A 478 30.73 -21.34 -1.33
CA VAL A 478 31.85 -22.17 -0.93
C VAL A 478 31.63 -23.65 -1.11
N ASN A 479 30.46 -24.12 -0.71
CA ASN A 479 30.13 -25.53 -0.83
C ASN A 479 29.46 -25.90 -2.15
N GLY A 480 28.85 -24.93 -2.80
CA GLY A 480 28.15 -25.16 -4.04
C GLY A 480 26.68 -25.48 -3.79
N PHE A 481 25.90 -25.43 -4.87
CA PHE A 481 24.53 -25.86 -4.83
C PHE A 481 24.43 -27.38 -4.93
N PRO A 482 23.54 -28.00 -4.14
CA PRO A 482 23.42 -29.45 -4.14
C PRO A 482 22.88 -30.01 -5.44
N GLY A 483 23.55 -31.04 -5.95
CA GLY A 483 23.06 -31.77 -7.11
C GLY A 483 23.71 -31.36 -8.42
N ILE A 484 24.56 -30.33 -8.41
CA ILE A 484 25.17 -29.84 -9.65
C ILE A 484 26.64 -29.54 -9.48
N LYS A 485 27.42 -29.72 -10.54
CA LYS A 485 28.86 -29.48 -10.44
C LYS A 485 29.06 -28.05 -9.99
N HIS A 486 29.86 -27.88 -8.92
CA HIS A 486 30.25 -26.57 -8.44
C HIS A 486 31.06 -25.88 -9.53
N ARG A 487 30.53 -24.77 -10.03
CA ARG A 487 31.17 -24.06 -11.10
C ARG A 487 31.04 -22.57 -10.82
N ASP A 488 31.87 -21.78 -11.48
CA ASP A 488 31.84 -20.32 -11.32
C ASP A 488 30.51 -19.76 -11.82
N LYS A 489 30.06 -18.69 -11.20
CA LYS A 489 28.87 -18.00 -11.61
C LYS A 489 29.22 -17.29 -12.89
N PRO A 490 28.51 -17.60 -13.98
CA PRO A 490 28.80 -16.94 -15.26
C PRO A 490 28.41 -15.48 -15.28
N VAL A 491 28.58 -14.84 -16.44
CA VAL A 491 28.03 -13.52 -16.65
C VAL A 491 26.87 -13.71 -17.59
N TYR A 492 25.73 -14.10 -17.04
CA TYR A 492 24.53 -14.25 -17.83
C TYR A 492 24.11 -12.91 -18.42
N ALA A 493 23.63 -12.95 -19.66
CA ALA A 493 23.08 -11.77 -20.31
C ALA A 493 21.82 -11.34 -19.58
N GLU A 494 21.55 -10.05 -19.56
CA GLU A 494 20.36 -9.57 -18.91
C GLU A 494 19.16 -9.94 -19.74
N PRO A 495 18.13 -10.55 -19.12
CA PRO A 495 17.04 -10.98 -19.95
C PRO A 495 16.29 -9.81 -20.56
N ARG A 496 15.90 -9.96 -21.82
CA ARG A 496 15.10 -8.98 -22.52
C ARG A 496 13.67 -9.02 -22.01
N LEU A 497 13.28 -7.97 -21.29
CA LEU A 497 11.91 -7.80 -20.80
C LEU A 497 11.07 -6.97 -21.78
N PRO A 498 9.82 -7.35 -21.99
CA PRO A 498 8.96 -6.52 -22.83
C PRO A 498 8.63 -5.21 -22.15
N LYS A 499 8.65 -4.12 -22.92
CA LYS A 499 8.17 -2.84 -22.43
C LYS A 499 6.65 -2.84 -22.61
N ILE A 500 5.94 -2.33 -21.60
CA ILE A 500 4.51 -2.07 -21.70
C ILE A 500 4.28 -0.56 -21.51
N PRO A 501 3.41 0.06 -22.33
CA PRO A 501 3.09 1.44 -22.03
C PRO A 501 2.38 1.56 -20.67
N TYR A 502 2.70 2.61 -19.92
CA TYR A 502 2.13 2.82 -18.58
C TYR A 502 0.61 2.87 -18.60
N GLY A 503 0.01 2.11 -17.69
CA GLY A 503 -1.44 2.16 -17.46
C GLY A 503 -2.28 1.44 -18.51
N SER A 504 -1.63 0.78 -19.48
CA SER A 504 -2.37 0.23 -20.61
C SER A 504 -3.31 -0.94 -20.25
N GLN A 505 -4.24 -1.22 -21.15
CA GLN A 505 -4.70 -2.59 -21.49
C GLN A 505 -5.15 -3.52 -20.37
N ILE A 506 -4.69 -4.77 -20.41
CA ILE A 506 -5.36 -5.94 -19.80
C ILE A 506 -6.74 -6.08 -20.32
N SER A 507 -6.75 -6.24 -21.64
CA SER A 507 -7.96 -6.58 -22.37
C SER A 507 -8.54 -7.81 -21.73
N PRO A 508 -9.89 -7.88 -21.64
CA PRO A 508 -10.42 -8.93 -20.83
C PRO A 508 -10.15 -10.27 -21.45
N GLY A 509 -10.01 -11.25 -20.56
CA GLY A 509 -9.65 -12.59 -20.95
C GLY A 509 -10.84 -13.52 -20.86
N THR A 510 -10.52 -14.77 -21.04
CA THR A 510 -11.39 -15.89 -20.83
C THR A 510 -11.90 -16.00 -19.39
N LYS A 511 -11.10 -15.56 -18.42
CA LYS A 511 -11.49 -15.65 -17.01
C LYS A 511 -12.83 -14.97 -16.78
N GLN A 512 -12.95 -13.76 -17.31
CA GLN A 512 -14.21 -13.02 -17.26
C GLN A 512 -15.44 -13.90 -17.59
N ILE A 513 -15.32 -14.69 -18.64
CA ILE A 513 -16.39 -15.59 -19.06
C ILE A 513 -16.70 -16.69 -18.02
N LEU A 514 -15.68 -17.17 -17.29
CA LEU A 514 -15.94 -18.09 -16.18
C LEU A 514 -16.55 -17.32 -15.02
N ASP A 515 -15.98 -16.17 -14.70
CA ASP A 515 -16.52 -15.29 -13.65
C ASP A 515 -17.99 -14.96 -13.89
N ALA A 516 -18.29 -14.53 -15.10
CA ALA A 516 -19.65 -14.15 -15.49
C ALA A 516 -20.62 -15.33 -15.55
N LYS A 517 -20.30 -16.34 -16.37
CA LYS A 517 -21.29 -17.34 -16.80
C LYS A 517 -20.92 -18.77 -16.42
N GLY A 518 -20.05 -18.94 -15.44
CA GLY A 518 -19.69 -20.27 -14.94
C GLY A 518 -19.04 -21.18 -15.98
N PRO A 519 -18.82 -22.45 -15.61
CA PRO A 519 -18.20 -23.42 -16.51
C PRO A 519 -18.97 -23.62 -17.82
N GLU A 520 -20.27 -23.88 -17.72
CA GLU A 520 -21.13 -24.11 -18.91
C GLU A 520 -21.02 -22.98 -19.92
N GLY A 521 -21.09 -21.75 -19.43
CA GLY A 521 -21.06 -20.57 -20.28
C GLY A 521 -19.77 -20.43 -21.08
N VAL A 522 -18.69 -20.96 -20.50
CA VAL A 522 -17.39 -21.03 -21.16
C VAL A 522 -17.41 -22.09 -22.25
N VAL A 523 -17.68 -23.34 -21.85
CA VAL A 523 -17.87 -24.46 -22.79
C VAL A 523 -18.72 -24.06 -24.02
N ASP A 524 -19.72 -23.22 -23.80
CA ASP A 524 -20.52 -22.68 -24.90
C ASP A 524 -19.67 -21.84 -25.82
N TRP A 525 -19.05 -20.80 -25.26
CA TRP A 525 -18.16 -19.91 -26.02
C TRP A 525 -17.05 -20.69 -26.75
N VAL A 526 -16.58 -21.75 -26.12
CA VAL A 526 -15.61 -22.66 -26.73
C VAL A 526 -16.21 -23.22 -28.00
N LYS A 527 -17.30 -23.98 -27.86
CA LYS A 527 -18.00 -24.60 -29.00
C LYS A 527 -18.28 -23.63 -30.15
N LYS A 528 -18.65 -22.40 -29.79
CA LYS A 528 -18.94 -21.32 -30.72
C LYS A 528 -17.75 -20.86 -31.55
N GLN A 529 -16.54 -21.03 -31.02
CA GLN A 529 -15.34 -20.58 -31.71
C GLN A 529 -14.97 -21.51 -32.87
N GLU A 530 -14.91 -20.93 -34.06
CA GLU A 530 -14.52 -21.65 -35.28
C GLU A 530 -13.04 -22.02 -35.23
N GLU A 531 -12.23 -21.08 -34.76
CA GLU A 531 -10.78 -21.27 -34.65
C GLU A 531 -10.35 -22.40 -33.72
N VAL A 532 -9.06 -22.70 -33.77
CA VAL A 532 -8.42 -23.54 -32.79
C VAL A 532 -7.91 -22.69 -31.60
N LEU A 533 -8.19 -23.20 -30.40
CA LEU A 533 -7.87 -22.53 -29.13
C LEU A 533 -6.58 -23.11 -28.52
N LEU A 534 -5.75 -22.24 -27.95
CA LEU A 534 -4.43 -22.63 -27.43
C LEU A 534 -4.33 -22.49 -25.93
N THR A 535 -3.64 -23.44 -25.33
CA THR A 535 -3.30 -23.41 -23.91
C THR A 535 -1.79 -23.30 -23.79
N ASP A 536 -1.29 -22.32 -23.03
CA ASP A 536 0.18 -22.14 -22.90
C ASP A 536 0.71 -22.89 -21.70
N THR A 537 1.55 -23.89 -21.97
CA THR A 537 2.19 -24.70 -20.95
C THR A 537 3.62 -24.22 -20.64
N THR A 538 3.99 -23.03 -21.08
CA THR A 538 5.31 -22.50 -20.85
C THR A 538 5.66 -22.50 -19.34
N LEU A 539 4.68 -22.33 -18.45
CA LEU A 539 4.99 -22.32 -17.00
C LEU A 539 4.90 -23.67 -16.30
N ARG A 540 4.75 -24.74 -17.08
CA ARG A 540 4.68 -26.11 -16.58
C ARG A 540 4.84 -27.10 -17.73
N ASP A 541 5.25 -28.31 -17.41
CA ASP A 541 5.49 -29.35 -18.45
C ASP A 541 6.64 -28.91 -19.30
N ALA A 542 6.49 -27.77 -19.98
CA ALA A 542 7.56 -27.27 -20.83
C ALA A 542 8.85 -27.27 -20.07
N HIS A 543 8.83 -26.68 -18.87
CA HIS A 543 10.02 -26.66 -18.03
C HIS A 543 10.09 -27.90 -17.15
N GLN A 544 8.95 -28.54 -16.90
CA GLN A 544 8.98 -29.81 -16.20
C GLN A 544 9.68 -30.87 -17.06
N SER A 545 9.42 -30.87 -18.37
CA SER A 545 10.04 -31.83 -19.28
C SER A 545 11.50 -31.47 -19.51
N LEU A 546 11.74 -30.22 -19.90
CA LEU A 546 13.09 -29.80 -20.27
C LEU A 546 14.07 -29.63 -19.10
N LEU A 547 13.62 -28.95 -18.04
CA LEU A 547 14.51 -28.46 -16.97
C LEU A 547 14.22 -28.99 -15.56
N ALA A 548 13.63 -30.17 -15.48
CA ALA A 548 13.37 -30.84 -14.19
C ALA A 548 12.52 -30.03 -13.28
N THR A 549 11.59 -29.29 -13.88
CA THR A 549 10.63 -28.51 -13.11
C THR A 549 11.31 -27.46 -12.21
N ARG A 550 12.54 -27.09 -12.57
CA ARG A 550 13.36 -26.25 -11.71
C ARG A 550 13.16 -24.75 -11.88
N VAL A 551 12.34 -24.33 -12.85
CA VAL A 551 12.13 -22.92 -13.05
C VAL A 551 11.49 -22.35 -11.81
N ARG A 552 12.05 -21.22 -11.37
CA ARG A 552 11.70 -20.61 -10.10
C ARG A 552 10.64 -19.53 -10.25
N SER A 553 9.89 -19.31 -9.18
CA SER A 553 8.84 -18.32 -9.17
C SER A 553 9.36 -16.96 -9.55
N LYS A 554 10.47 -16.56 -8.94
CA LYS A 554 11.08 -15.27 -9.28
C LYS A 554 11.09 -14.97 -10.80
N ASP A 555 11.54 -15.95 -11.59
CA ASP A 555 11.65 -15.78 -13.04
C ASP A 555 10.29 -15.82 -13.74
N ILE A 556 9.36 -16.59 -13.19
CA ILE A 556 8.02 -16.65 -13.71
C ILE A 556 7.27 -15.32 -13.53
N PHE A 557 7.21 -14.83 -12.29
CA PHE A 557 6.51 -13.56 -12.00
C PHE A 557 6.94 -12.43 -12.92
N GLN A 558 8.24 -12.33 -13.20
CA GLN A 558 8.77 -11.25 -14.01
C GLN A 558 8.05 -11.03 -15.34
N ILE A 559 7.66 -12.13 -15.99
CA ILE A 559 7.03 -12.08 -17.31
C ILE A 559 5.49 -12.09 -17.26
N ALA A 560 4.93 -12.58 -16.16
CA ALA A 560 3.46 -12.76 -16.05
C ALA A 560 2.63 -11.53 -16.50
N ASP A 561 3.13 -10.32 -16.21
CA ASP A 561 2.45 -9.08 -16.63
C ASP A 561 2.27 -9.05 -18.14
N ALA A 562 3.37 -9.21 -18.85
CA ALA A 562 3.33 -9.26 -20.31
C ALA A 562 2.44 -10.40 -20.85
N MET A 563 2.37 -11.52 -20.15
CA MET A 563 1.55 -12.62 -20.61
C MET A 563 0.08 -12.21 -20.65
N ALA A 564 -0.35 -11.44 -19.65
CA ALA A 564 -1.72 -10.94 -19.57
C ALA A 564 -1.99 -9.94 -20.70
N HIS A 565 -1.04 -9.04 -20.93
CA HIS A 565 -1.16 -8.06 -22.01
C HIS A 565 -1.10 -8.67 -23.41
N LEU A 566 -0.16 -9.61 -23.60
CA LEU A 566 0.24 -10.04 -24.95
C LEU A 566 -0.25 -11.42 -25.42
N LEU A 567 -0.84 -12.19 -24.50
CA LEU A 567 -1.40 -13.50 -24.83
C LEU A 567 -2.81 -13.64 -24.29
N PRO A 568 -3.60 -12.55 -24.31
CA PRO A 568 -4.93 -12.60 -23.67
C PRO A 568 -5.87 -13.64 -24.29
N ASN A 569 -5.75 -13.83 -25.60
CA ASN A 569 -6.67 -14.69 -26.33
C ASN A 569 -6.40 -16.16 -26.12
N MET A 570 -5.42 -16.50 -25.29
CA MET A 570 -5.18 -17.91 -24.94
C MET A 570 -6.41 -18.42 -24.22
N PHE A 571 -6.74 -19.68 -24.47
CA PHE A 571 -7.84 -20.35 -23.78
C PHE A 571 -7.53 -20.48 -22.33
N SER A 572 -6.26 -20.80 -22.04
CA SER A 572 -5.83 -21.01 -20.64
C SER A 572 -4.30 -20.90 -20.54
N PHE A 573 -3.79 -20.63 -19.32
CA PHE A 573 -2.37 -20.82 -18.98
C PHE A 573 -2.24 -22.00 -18.02
N GLU A 574 -1.50 -23.05 -18.42
CA GLU A 574 -1.18 -24.13 -17.50
C GLU A 574 0.00 -23.66 -16.69
N MET A 575 -0.21 -23.45 -15.40
CA MET A 575 0.81 -22.86 -14.54
C MET A 575 1.01 -23.57 -13.21
N TRP A 576 0.20 -24.57 -12.94
CA TRP A 576 0.29 -25.26 -11.66
C TRP A 576 0.20 -26.77 -11.87
N GLY A 577 0.47 -27.52 -10.80
CA GLY A 577 0.20 -28.94 -10.78
C GLY A 577 1.35 -29.81 -11.27
N GLY A 578 1.08 -31.09 -11.41
CA GLY A 578 2.08 -32.07 -11.78
C GLY A 578 3.15 -32.05 -10.71
N ALA A 579 4.40 -31.93 -11.13
CA ALA A 579 5.52 -32.03 -10.20
C ALA A 579 5.88 -30.71 -9.54
N THR A 580 5.42 -29.60 -10.11
CA THR A 580 5.78 -28.27 -9.59
C THR A 580 5.56 -28.13 -8.11
N PHE A 581 4.49 -28.73 -7.62
CA PHE A 581 4.12 -28.58 -6.22
C PHE A 581 5.23 -29.08 -5.31
N ASP A 582 5.58 -30.35 -5.45
CA ASP A 582 6.54 -30.94 -4.52
C ASP A 582 7.94 -30.39 -4.75
N VAL A 583 8.26 -30.02 -5.99
CA VAL A 583 9.60 -29.54 -6.33
C VAL A 583 9.85 -28.15 -5.76
N ALA A 584 8.81 -27.32 -5.73
CA ALA A 584 8.94 -25.99 -5.16
C ALA A 584 9.39 -26.05 -3.72
N TYR A 585 8.67 -26.83 -2.91
CA TYR A 585 9.07 -27.08 -1.53
C TYR A 585 10.40 -27.87 -1.46
N ARG A 586 10.56 -28.91 -2.26
CA ARG A 586 11.69 -29.82 -2.11
C ARG A 586 13.02 -29.21 -2.55
N PHE A 587 13.06 -28.61 -3.73
CA PHE A 587 14.32 -28.22 -4.36
C PHE A 587 14.52 -26.71 -4.48
N LEU A 588 13.44 -25.96 -4.38
CA LEU A 588 13.48 -24.52 -4.60
C LEU A 588 13.33 -23.70 -3.33
N ASN A 589 12.72 -24.32 -2.31
CA ASN A 589 12.36 -23.66 -1.06
C ASN A 589 11.47 -22.45 -1.32
N GLU A 590 10.49 -22.67 -2.21
CA GLU A 590 9.46 -21.70 -2.52
C GLU A 590 8.12 -22.30 -2.15
N ASP A 591 7.16 -21.44 -1.86
CA ASP A 591 5.79 -21.86 -1.59
C ASP A 591 4.97 -21.89 -2.90
N PRO A 592 4.48 -23.08 -3.29
CA PRO A 592 3.72 -23.14 -4.52
C PRO A 592 2.46 -22.30 -4.40
N TRP A 593 1.87 -22.28 -3.22
CA TRP A 593 0.64 -21.54 -3.03
C TRP A 593 0.83 -20.07 -3.35
N VAL A 594 2.00 -19.54 -3.01
CA VAL A 594 2.33 -18.16 -3.32
C VAL A 594 2.36 -17.97 -4.83
N ARG A 595 3.16 -18.78 -5.49
CA ARG A 595 3.28 -18.74 -6.94
C ARG A 595 1.90 -18.57 -7.58
N LEU A 596 0.99 -19.47 -7.20
CA LEU A 596 -0.38 -19.45 -7.68
C LEU A 596 -1.03 -18.06 -7.52
N GLU A 597 -1.03 -17.59 -6.27
CA GLU A 597 -1.81 -16.43 -5.90
C GLU A 597 -1.22 -15.15 -6.44
N THR A 598 0.10 -15.07 -6.44
CA THR A 598 0.80 -13.92 -6.99
C THR A 598 0.50 -13.75 -8.47
N LEU A 599 0.52 -14.87 -9.19
CA LEU A 599 0.19 -14.87 -10.60
C LEU A 599 -1.25 -14.45 -10.79
N ARG A 600 -2.13 -15.07 -10.01
CA ARG A 600 -3.55 -14.84 -10.13
C ARG A 600 -3.86 -13.36 -10.24
N LYS A 601 -3.16 -12.56 -9.42
CA LYS A 601 -3.29 -11.09 -9.43
C LYS A 601 -2.68 -10.45 -10.69
N GLN A 602 -1.49 -10.92 -11.05
CA GLN A 602 -0.79 -10.41 -12.25
C GLN A 602 -1.54 -10.67 -13.56
N ILE A 603 -2.28 -11.77 -13.59
CA ILE A 603 -2.98 -12.20 -14.79
C ILE A 603 -4.42 -12.49 -14.39
N PRO A 604 -5.27 -11.46 -14.48
CA PRO A 604 -6.67 -11.61 -14.08
C PRO A 604 -7.49 -12.13 -15.23
N ASN A 605 -7.03 -11.81 -16.45
CA ASN A 605 -7.83 -11.98 -17.64
C ASN A 605 -7.91 -13.42 -18.12
N VAL A 606 -6.81 -14.16 -18.12
CA VAL A 606 -6.78 -15.50 -18.66
C VAL A 606 -6.97 -16.55 -17.58
N MET A 607 -7.62 -17.65 -17.92
CA MET A 607 -7.95 -18.68 -16.96
C MET A 607 -6.70 -19.46 -16.64
N PHE A 608 -6.69 -20.06 -15.45
CA PHE A 608 -5.57 -20.85 -14.96
C PHE A 608 -5.94 -22.31 -14.97
N GLN A 609 -4.99 -23.13 -15.38
CA GLN A 609 -5.21 -24.56 -15.50
C GLN A 609 -4.13 -25.31 -14.78
N MET A 610 -4.48 -26.44 -14.19
CA MET A 610 -3.49 -27.31 -13.57
C MET A 610 -3.73 -28.76 -13.94
N LEU A 611 -2.81 -29.62 -13.53
CA LEU A 611 -2.88 -31.04 -13.82
C LEU A 611 -2.90 -31.83 -12.52
N LEU A 612 -3.91 -32.68 -12.36
CA LEU A 612 -4.19 -33.38 -11.10
C LEU A 612 -4.29 -34.88 -11.30
N ARG A 613 -3.39 -35.64 -10.68
CA ARG A 613 -3.51 -37.11 -10.66
C ARG A 613 -4.68 -37.42 -9.74
N GLY A 614 -5.84 -37.68 -10.32
CA GLY A 614 -7.08 -37.81 -9.56
C GLY A 614 -6.91 -38.52 -8.23
N ALA A 615 -6.46 -39.78 -8.31
CA ALA A 615 -6.33 -40.63 -7.13
C ALA A 615 -5.65 -39.89 -5.97
N ASN A 616 -4.40 -39.50 -6.17
CA ASN A 616 -3.60 -38.91 -5.08
C ASN A 616 -3.24 -37.44 -5.28
N ALA A 617 -4.08 -36.72 -6.01
CA ALA A 617 -3.87 -35.30 -6.29
C ALA A 617 -2.47 -35.00 -6.85
N VAL A 618 -1.65 -34.26 -6.11
CA VAL A 618 -0.27 -34.04 -6.49
C VAL A 618 0.67 -34.82 -5.56
N GLY A 619 0.10 -35.69 -4.74
CA GLY A 619 0.88 -36.44 -3.77
C GLY A 619 1.68 -37.61 -4.32
N TYR A 620 2.58 -38.12 -3.49
CA TYR A 620 3.42 -39.28 -3.81
C TYR A 620 2.75 -40.61 -3.48
N LYS A 621 1.89 -40.59 -2.46
CA LYS A 621 1.28 -41.79 -1.88
C LYS A 621 -0.23 -41.58 -2.02
N ASN A 622 -1.03 -42.59 -1.71
CA ASN A 622 -2.49 -42.40 -1.64
C ASN A 622 -2.95 -41.79 -0.32
N TYR A 623 -4.07 -41.08 -0.40
CA TYR A 623 -4.62 -40.35 0.72
C TYR A 623 -6.11 -40.59 0.86
N PRO A 624 -6.67 -40.34 2.06
CA PRO A 624 -8.12 -40.38 2.22
C PRO A 624 -8.85 -39.27 1.46
N ASP A 625 -10.14 -39.46 1.22
CA ASP A 625 -10.89 -38.62 0.28
C ASP A 625 -11.06 -37.17 0.71
N ASN A 626 -11.08 -36.93 2.02
CA ASN A 626 -11.32 -35.58 2.54
C ASN A 626 -10.18 -34.60 2.18
N VAL A 627 -8.93 -35.06 2.26
CA VAL A 627 -7.76 -34.24 1.90
C VAL A 627 -7.82 -33.81 0.42
N ILE A 628 -8.26 -34.74 -0.42
CA ILE A 628 -8.33 -34.51 -1.85
C ILE A 628 -9.35 -33.40 -2.08
N ARG A 629 -10.57 -33.62 -1.59
CA ARG A 629 -11.62 -32.60 -1.66
C ARG A 629 -11.17 -31.27 -1.07
N GLU A 630 -10.46 -31.34 0.06
CA GLU A 630 -9.95 -30.14 0.70
C GLU A 630 -9.00 -29.46 -0.27
N PHE A 631 -8.01 -30.22 -0.75
CA PHE A 631 -6.98 -29.67 -1.65
C PHE A 631 -7.65 -28.89 -2.80
N VAL A 632 -8.56 -29.55 -3.50
CA VAL A 632 -9.20 -28.97 -4.68
C VAL A 632 -9.98 -27.71 -4.30
N LYS A 633 -10.62 -27.74 -3.14
CA LYS A 633 -11.38 -26.59 -2.66
C LYS A 633 -10.45 -25.37 -2.57
N GLN A 634 -9.34 -25.56 -1.85
CA GLN A 634 -8.35 -24.52 -1.69
C GLN A 634 -7.88 -24.00 -3.04
N SER A 635 -7.44 -24.92 -3.90
CA SER A 635 -6.88 -24.60 -5.21
C SER A 635 -7.81 -23.71 -6.04
N ALA A 636 -9.09 -24.10 -6.05
CA ALA A 636 -10.12 -23.32 -6.73
C ALA A 636 -10.23 -21.91 -6.12
N GLN A 637 -10.20 -21.84 -4.79
CA GLN A 637 -10.24 -20.57 -4.06
C GLN A 637 -9.06 -19.68 -4.47
N SER A 638 -7.87 -20.29 -4.52
CA SER A 638 -6.62 -19.58 -4.74
C SER A 638 -6.47 -19.06 -6.16
N GLY A 639 -7.09 -19.73 -7.11
CA GLY A 639 -7.11 -19.24 -8.49
C GLY A 639 -7.19 -20.24 -9.64
N VAL A 640 -7.20 -21.54 -9.34
CA VAL A 640 -7.23 -22.59 -10.37
C VAL A 640 -8.64 -22.77 -10.97
N ASP A 641 -8.74 -22.68 -12.30
CA ASP A 641 -10.02 -22.61 -13.00
C ASP A 641 -10.36 -23.88 -13.78
N VAL A 642 -9.34 -24.54 -14.32
CA VAL A 642 -9.54 -25.72 -15.14
C VAL A 642 -8.65 -26.77 -14.59
N PHE A 643 -9.20 -27.97 -14.43
CA PHE A 643 -8.46 -29.06 -13.81
C PHE A 643 -8.41 -30.23 -14.76
N ARG A 644 -7.29 -30.40 -15.43
CA ARG A 644 -7.03 -31.61 -16.21
C ARG A 644 -6.76 -32.70 -15.20
N VAL A 645 -7.56 -33.76 -15.20
CA VAL A 645 -7.39 -34.86 -14.23
C VAL A 645 -7.32 -36.18 -14.95
N PHE A 646 -6.39 -37.02 -14.53
CA PHE A 646 -6.15 -38.30 -15.17
C PHE A 646 -5.79 -39.31 -14.08
N ASP A 647 -6.03 -40.59 -14.34
CA ASP A 647 -5.44 -41.63 -13.52
C ASP A 647 -4.39 -42.33 -14.37
N SER A 648 -3.32 -42.78 -13.72
CA SER A 648 -2.17 -43.36 -14.42
C SER A 648 -2.49 -44.64 -15.17
N LEU A 649 -3.55 -45.33 -14.77
CA LEU A 649 -3.94 -46.57 -15.43
C LEU A 649 -5.16 -46.42 -16.34
N ASN A 650 -5.68 -45.19 -16.43
CA ASN A 650 -6.90 -44.88 -17.17
C ASN A 650 -8.11 -45.60 -16.60
N TRP A 651 -8.13 -45.68 -15.28
CA TRP A 651 -9.20 -46.32 -14.53
C TRP A 651 -10.03 -45.21 -13.94
N ILE A 652 -11.27 -45.10 -14.40
CA ILE A 652 -12.09 -43.94 -14.07
C ILE A 652 -12.52 -43.96 -12.60
N LYS A 653 -12.41 -45.13 -11.96
CA LYS A 653 -12.76 -45.27 -10.54
C LYS A 653 -11.88 -44.40 -9.63
N GLY A 654 -10.56 -44.40 -9.88
CA GLY A 654 -9.61 -43.58 -9.11
C GLY A 654 -9.84 -42.08 -9.23
N MET A 655 -10.32 -41.64 -10.39
CA MET A 655 -10.58 -40.23 -10.64
C MET A 655 -11.83 -39.68 -9.94
N GLU A 656 -12.78 -40.55 -9.61
CA GLU A 656 -14.12 -40.13 -9.17
C GLU A 656 -14.11 -39.06 -8.06
N VAL A 657 -13.31 -39.30 -7.02
CA VAL A 657 -13.24 -38.41 -5.85
C VAL A 657 -13.01 -36.94 -6.22
N SER A 658 -11.97 -36.74 -7.03
CA SER A 658 -11.45 -35.41 -7.32
C SER A 658 -12.33 -34.63 -8.31
N ILE A 659 -12.92 -35.35 -9.26
CA ILE A 659 -13.75 -34.74 -10.29
C ILE A 659 -14.95 -34.05 -9.67
N ASP A 660 -15.57 -34.74 -8.70
CA ASP A 660 -16.75 -34.23 -8.02
C ASP A 660 -16.42 -32.94 -7.28
N ALA A 661 -15.22 -32.92 -6.68
CA ALA A 661 -14.74 -31.74 -5.98
C ALA A 661 -14.70 -30.49 -6.85
N VAL A 662 -14.36 -30.69 -8.11
CA VAL A 662 -14.24 -29.59 -9.07
C VAL A 662 -15.63 -29.09 -9.50
N ARG A 663 -16.56 -30.02 -9.69
CA ARG A 663 -17.96 -29.68 -9.95
C ARG A 663 -18.49 -28.95 -8.71
N GLU A 664 -18.16 -29.47 -7.53
CA GLU A 664 -18.53 -28.87 -6.23
C GLU A 664 -17.81 -27.56 -5.97
N ALA A 665 -16.61 -27.41 -6.53
CA ALA A 665 -15.91 -26.10 -6.58
C ALA A 665 -16.58 -25.14 -7.55
N GLY A 666 -17.37 -25.68 -8.47
CA GLY A 666 -18.08 -24.89 -9.48
C GLY A 666 -17.16 -24.45 -10.59
N LYS A 667 -16.13 -25.26 -10.82
CA LYS A 667 -15.05 -24.96 -11.76
C LYS A 667 -14.96 -26.06 -12.81
N ILE A 668 -14.16 -25.82 -13.85
CA ILE A 668 -14.15 -26.67 -15.06
C ILE A 668 -13.42 -27.99 -14.85
N VAL A 669 -14.04 -29.07 -15.29
CA VAL A 669 -13.42 -30.36 -15.27
C VAL A 669 -13.00 -30.73 -16.68
N GLU A 670 -11.73 -31.09 -16.83
CA GLU A 670 -11.22 -31.67 -18.05
C GLU A 670 -10.70 -33.08 -17.73
N ALA A 671 -11.63 -34.01 -17.60
CA ALA A 671 -11.27 -35.42 -17.51
C ALA A 671 -10.51 -35.77 -18.77
N ALA A 672 -9.36 -36.40 -18.60
CA ALA A 672 -8.51 -36.66 -19.71
C ALA A 672 -8.04 -38.09 -19.82
N ILE A 673 -7.99 -38.55 -21.07
CA ILE A 673 -7.61 -39.90 -21.36
C ILE A 673 -6.17 -39.92 -21.77
N CYS A 674 -5.39 -40.69 -21.05
CA CYS A 674 -4.02 -40.89 -21.35
C CYS A 674 -3.90 -41.87 -22.52
N TYR A 675 -3.15 -41.50 -23.55
CA TYR A 675 -3.00 -42.30 -24.77
C TYR A 675 -1.78 -43.26 -24.72
N THR A 676 -1.97 -44.51 -25.10
CA THR A 676 -0.87 -45.47 -25.20
C THR A 676 -1.02 -46.25 -26.53
N GLY A 677 -0.13 -47.22 -26.77
CA GLY A 677 -0.16 -48.09 -27.98
C GLY A 677 -0.37 -47.41 -29.32
N ASP A 678 -0.93 -48.14 -30.29
CA ASP A 678 -1.23 -47.61 -31.63
C ASP A 678 -2.63 -48.05 -32.15
N ILE A 679 -3.51 -47.08 -32.35
CA ILE A 679 -4.81 -47.36 -32.95
C ILE A 679 -4.71 -47.81 -34.42
N ASP A 680 -3.86 -47.16 -35.20
CA ASP A 680 -3.74 -47.44 -36.65
C ASP A 680 -3.08 -48.79 -36.95
N ASP A 681 -2.21 -49.27 -36.07
CA ASP A 681 -1.69 -50.62 -36.16
C ASP A 681 -2.66 -51.57 -35.46
N ASP A 682 -3.16 -52.55 -36.21
CA ASP A 682 -4.21 -53.47 -35.72
C ASP A 682 -3.65 -54.77 -35.11
N THR A 683 -2.34 -54.97 -35.16
CA THR A 683 -1.67 -56.08 -34.46
C THR A 683 -2.14 -56.18 -33.01
N ARG A 684 -2.20 -55.03 -32.35
CA ARG A 684 -2.49 -54.98 -30.93
C ARG A 684 -3.97 -54.81 -30.69
N THR A 685 -4.51 -55.75 -29.91
CA THR A 685 -5.94 -55.84 -29.67
C THR A 685 -6.41 -54.85 -28.60
N LYS A 686 -5.59 -54.66 -27.57
CA LYS A 686 -6.00 -54.01 -26.30
C LYS A 686 -6.49 -52.54 -26.30
N TYR A 687 -5.77 -51.64 -26.96
CA TYR A 687 -6.15 -50.20 -26.96
C TYR A 687 -6.64 -49.76 -28.32
N THR A 688 -7.83 -50.27 -28.64
CA THR A 688 -8.45 -50.05 -29.94
C THR A 688 -9.12 -48.68 -29.97
N ILE A 689 -9.25 -48.12 -31.17
CA ILE A 689 -9.99 -46.89 -31.35
C ILE A 689 -11.34 -46.95 -30.66
N ASP A 690 -11.93 -48.14 -30.63
CA ASP A 690 -13.18 -48.39 -29.91
C ASP A 690 -13.02 -48.05 -28.43
N TYR A 691 -11.99 -48.65 -27.83
CA TYR A 691 -11.70 -48.52 -26.41
C TYR A 691 -11.63 -47.06 -25.92
N TYR A 692 -11.00 -46.20 -26.71
CA TYR A 692 -10.97 -44.75 -26.42
C TYR A 692 -12.32 -44.10 -26.66
N LYS A 693 -13.04 -44.55 -27.69
CA LYS A 693 -14.41 -44.10 -27.93
C LYS A 693 -15.31 -44.45 -26.73
N ASP A 694 -15.20 -45.70 -26.27
CA ASP A 694 -15.99 -46.20 -25.13
C ASP A 694 -15.69 -45.42 -23.86
N MET A 695 -14.38 -45.36 -23.52
CA MET A 695 -13.89 -44.67 -22.31
C MET A 695 -14.34 -43.20 -22.25
N ALA A 696 -14.40 -42.55 -23.40
CA ALA A 696 -14.85 -41.16 -23.51
C ALA A 696 -16.34 -41.00 -23.18
N LYS A 697 -17.14 -41.97 -23.59
CA LYS A 697 -18.56 -41.95 -23.24
C LYS A 697 -18.71 -41.95 -21.72
N GLU A 698 -18.03 -42.88 -21.05
CA GLU A 698 -18.20 -43.04 -19.60
C GLU A 698 -17.71 -41.84 -18.79
N LEU A 699 -16.78 -41.07 -19.37
CA LEU A 699 -16.26 -39.83 -18.76
C LEU A 699 -17.21 -38.65 -18.98
N VAL A 700 -17.95 -38.66 -20.08
CA VAL A 700 -19.04 -37.70 -20.28
C VAL A 700 -20.18 -38.05 -19.33
N ALA A 701 -20.42 -39.35 -19.15
CA ALA A 701 -21.40 -39.86 -18.19
C ALA A 701 -21.03 -39.49 -16.75
N GLN A 702 -19.78 -39.71 -16.38
CA GLN A 702 -19.25 -39.25 -15.08
C GLN A 702 -19.25 -37.74 -14.98
N GLY A 703 -19.38 -37.06 -16.11
CA GLY A 703 -19.54 -35.62 -16.16
C GLY A 703 -18.19 -34.94 -16.27
N THR A 704 -17.98 -34.25 -17.38
CA THR A 704 -16.77 -33.47 -17.60
C THR A 704 -17.03 -32.35 -18.59
N HIS A 705 -16.83 -31.12 -18.17
CA HIS A 705 -17.10 -29.97 -19.04
C HIS A 705 -16.36 -30.07 -20.38
N ILE A 706 -15.17 -30.69 -20.35
CA ILE A 706 -14.29 -30.85 -21.50
C ILE A 706 -13.58 -32.21 -21.44
N LEU A 707 -13.27 -32.77 -22.60
CA LEU A 707 -12.52 -33.98 -22.66
C LEU A 707 -11.17 -33.69 -23.30
N GLY A 708 -10.12 -33.86 -22.52
CA GLY A 708 -8.76 -33.73 -23.01
C GLY A 708 -8.11 -35.08 -23.25
N ILE A 709 -7.17 -35.12 -24.20
CA ILE A 709 -6.36 -36.31 -24.42
C ILE A 709 -4.89 -36.00 -24.10
N LYS A 710 -4.38 -36.66 -23.07
CA LYS A 710 -3.00 -36.47 -22.60
C LYS A 710 -2.16 -37.53 -23.26
N ASP A 711 -1.48 -37.15 -24.33
CA ASP A 711 -0.45 -37.99 -24.95
C ASP A 711 0.91 -37.73 -24.31
N MET A 712 1.19 -38.39 -23.20
CA MET A 712 2.34 -38.02 -22.38
C MET A 712 3.69 -38.40 -23.00
N ALA A 713 3.69 -39.27 -24.01
CA ALA A 713 4.97 -39.74 -24.54
C ALA A 713 5.31 -39.13 -25.88
N GLY A 714 4.29 -38.74 -26.64
CA GLY A 714 4.46 -38.26 -28.02
C GLY A 714 4.11 -39.32 -29.05
N LEU A 715 3.30 -40.29 -28.62
CA LEU A 715 2.98 -41.48 -29.39
C LEU A 715 1.91 -41.28 -30.46
N LEU A 716 1.09 -40.24 -30.30
CA LEU A 716 0.03 -39.99 -31.28
C LEU A 716 0.60 -39.50 -32.60
N LYS A 717 0.78 -40.46 -33.50
CA LYS A 717 1.27 -40.19 -34.86
C LYS A 717 0.25 -39.29 -35.53
N PRO A 718 0.67 -38.44 -36.46
CA PRO A 718 -0.28 -37.46 -37.03
C PRO A 718 -1.46 -38.08 -37.76
N GLN A 719 -1.24 -39.16 -38.50
CA GLN A 719 -2.34 -39.86 -39.17
C GLN A 719 -3.37 -40.40 -38.18
N ALA A 720 -2.91 -40.98 -37.08
CA ALA A 720 -3.80 -41.44 -36.00
C ALA A 720 -4.62 -40.29 -35.34
N ALA A 721 -4.03 -39.11 -35.25
CA ALA A 721 -4.69 -37.95 -34.69
C ALA A 721 -5.86 -37.47 -35.53
N TYR A 722 -5.68 -37.43 -36.84
CA TYR A 722 -6.77 -37.06 -37.74
C TYR A 722 -7.95 -37.97 -37.48
N ARG A 723 -7.68 -39.28 -37.40
CA ARG A 723 -8.72 -40.26 -37.18
C ARG A 723 -9.37 -40.07 -35.83
N LEU A 724 -8.56 -39.91 -34.79
CA LEU A 724 -9.09 -39.88 -33.43
C LEU A 724 -9.97 -38.69 -33.09
N ILE A 725 -9.62 -37.52 -33.58
CA ILE A 725 -10.42 -36.34 -33.32
C ILE A 725 -11.74 -36.43 -34.06
N GLY A 726 -11.68 -36.74 -35.35
CA GLY A 726 -12.88 -36.91 -36.17
C GLY A 726 -13.80 -37.98 -35.61
N GLU A 727 -13.22 -39.07 -35.09
CA GLU A 727 -14.01 -40.19 -34.57
C GLU A 727 -14.61 -39.90 -33.20
N LEU A 728 -13.93 -39.05 -32.42
CA LEU A 728 -14.43 -38.68 -31.09
C LEU A 728 -15.38 -37.50 -31.14
N LYS A 729 -15.19 -36.61 -32.09
CA LYS A 729 -16.16 -35.53 -32.28
C LYS A 729 -17.54 -36.12 -32.72
N ASP A 730 -17.49 -37.23 -33.46
CA ASP A 730 -18.68 -38.03 -33.76
C ASP A 730 -19.25 -38.70 -32.50
N THR A 731 -18.38 -39.37 -31.75
CA THR A 731 -18.82 -40.15 -30.59
C THR A 731 -19.46 -39.33 -29.46
N VAL A 732 -18.95 -38.13 -29.22
CA VAL A 732 -19.43 -37.30 -28.09
C VAL A 732 -19.45 -35.79 -28.38
N ASP A 733 -20.34 -35.08 -27.69
CA ASP A 733 -20.62 -33.68 -28.00
C ASP A 733 -19.65 -32.67 -27.43
N VAL A 734 -18.96 -33.06 -26.36
CA VAL A 734 -18.02 -32.18 -25.63
C VAL A 734 -16.92 -31.59 -26.51
N PRO A 735 -16.35 -30.44 -26.12
CA PRO A 735 -15.18 -29.93 -26.83
C PRO A 735 -13.97 -30.78 -26.48
N ILE A 736 -12.97 -30.77 -27.35
CA ILE A 736 -11.77 -31.60 -27.14
C ILE A 736 -10.47 -30.78 -27.08
N HIS A 737 -9.56 -31.24 -26.21
CA HIS A 737 -8.35 -30.55 -25.81
C HIS A 737 -7.20 -31.58 -25.87
N LEU A 738 -6.17 -31.30 -26.65
CA LEU A 738 -5.09 -32.27 -26.85
C LEU A 738 -3.70 -31.80 -26.34
N HIS A 739 -3.04 -32.70 -25.62
CA HIS A 739 -1.73 -32.47 -25.03
C HIS A 739 -0.83 -33.51 -25.67
N THR A 740 0.22 -33.06 -26.34
CA THR A 740 1.23 -33.99 -26.84
C THR A 740 2.63 -33.44 -26.61
N HIS A 741 3.60 -34.35 -26.68
CA HIS A 741 4.99 -34.01 -26.53
C HIS A 741 5.70 -34.22 -27.87
N ASP A 742 6.55 -33.26 -28.22
CA ASP A 742 7.25 -33.25 -29.51
C ASP A 742 8.51 -34.14 -29.57
N THR A 743 8.62 -35.14 -28.71
CA THR A 743 9.81 -36.03 -28.69
C THR A 743 10.08 -36.58 -30.10
N SER A 744 9.02 -37.04 -30.76
CA SER A 744 9.09 -37.67 -32.09
C SER A 744 9.53 -36.77 -33.26
N GLY A 745 9.29 -35.47 -33.14
CA GLY A 745 9.49 -34.54 -34.25
C GLY A 745 8.19 -34.27 -34.98
N ASN A 746 7.15 -35.02 -34.63
CA ASN A 746 5.84 -34.94 -35.29
C ASN A 746 4.82 -34.21 -34.44
N GLY A 747 5.30 -33.29 -33.61
CA GLY A 747 4.44 -32.61 -32.67
C GLY A 747 3.51 -31.66 -33.39
N ILE A 748 4.08 -30.74 -34.17
CA ILE A 748 3.28 -29.74 -34.88
C ILE A 748 2.39 -30.42 -35.92
N TYR A 749 2.88 -31.46 -36.56
CA TYR A 749 2.05 -32.17 -37.55
C TYR A 749 0.87 -32.88 -36.86
N THR A 750 1.11 -33.57 -35.75
CA THR A 750 0.03 -34.19 -35.02
C THR A 750 -1.06 -33.18 -34.64
N TYR A 751 -0.69 -31.93 -34.36
CA TYR A 751 -1.70 -30.87 -34.10
C TYR A 751 -2.46 -30.46 -35.37
N ALA A 752 -1.74 -30.27 -36.48
CA ALA A 752 -2.37 -29.95 -37.76
C ALA A 752 -3.43 -30.98 -38.15
N ALA A 753 -3.15 -32.26 -37.85
CA ALA A 753 -4.12 -33.35 -38.01
C ALA A 753 -5.36 -33.15 -37.17
N ALA A 754 -5.15 -32.81 -35.91
CA ALA A 754 -6.24 -32.50 -35.02
C ALA A 754 -7.04 -31.30 -35.52
N VAL A 755 -6.36 -30.22 -35.95
CA VAL A 755 -7.06 -29.00 -36.41
C VAL A 755 -7.88 -29.24 -37.68
N SER A 756 -7.32 -30.06 -38.58
CA SER A 756 -8.05 -30.52 -39.76
C SER A 756 -9.28 -31.31 -39.32
N ALA A 757 -9.10 -32.26 -38.38
CA ALA A 757 -10.23 -33.02 -37.79
C ALA A 757 -11.10 -32.23 -36.80
N GLY A 758 -10.79 -30.94 -36.61
CA GLY A 758 -11.68 -30.01 -35.92
C GLY A 758 -11.66 -29.97 -34.39
N VAL A 759 -10.51 -30.25 -33.78
CA VAL A 759 -10.39 -30.24 -32.32
C VAL A 759 -10.32 -28.80 -31.81
N ASP A 760 -10.82 -28.58 -30.59
CA ASP A 760 -11.05 -27.23 -30.07
C ASP A 760 -9.82 -26.56 -29.45
N ILE A 761 -9.09 -27.31 -28.58
CA ILE A 761 -7.96 -26.75 -27.81
C ILE A 761 -6.69 -27.63 -27.80
N VAL A 762 -5.52 -26.99 -27.94
CA VAL A 762 -4.22 -27.69 -27.92
C VAL A 762 -3.17 -26.98 -27.07
N ASP A 763 -2.21 -27.76 -26.57
CA ASP A 763 -1.15 -27.28 -25.69
C ASP A 763 0.13 -26.92 -26.41
N VAL A 764 0.57 -25.67 -26.28
CA VAL A 764 1.84 -25.23 -26.88
C VAL A 764 2.65 -24.43 -25.88
N ALA A 765 3.89 -24.11 -26.24
CA ALA A 765 4.77 -23.33 -25.37
C ALA A 765 5.58 -22.35 -26.21
N SER A 766 6.21 -21.38 -25.56
CA SER A 766 7.01 -20.40 -26.29
C SER A 766 8.13 -21.14 -27.04
N SER A 767 8.41 -20.69 -28.26
CA SER A 767 9.43 -21.32 -29.09
C SER A 767 10.60 -21.76 -28.21
N ALA A 768 11.14 -20.85 -27.43
CA ALA A 768 12.41 -21.09 -26.74
C ALA A 768 12.30 -22.18 -25.71
N MET A 769 11.07 -22.56 -25.37
CA MET A 769 10.86 -23.67 -24.45
C MET A 769 10.08 -24.81 -25.08
N SER A 770 9.99 -24.80 -26.40
CA SER A 770 9.27 -25.82 -27.16
C SER A 770 10.24 -26.84 -27.68
N GLY A 771 9.69 -27.89 -28.28
CA GLY A 771 10.49 -28.94 -28.88
C GLY A 771 10.92 -30.04 -27.94
N ALA A 772 11.62 -31.03 -28.49
CA ALA A 772 12.10 -32.14 -27.69
C ALA A 772 10.95 -32.77 -26.88
N THR A 773 11.17 -33.02 -25.60
CA THR A 773 10.15 -33.56 -24.75
C THR A 773 9.08 -32.53 -24.29
N SER A 774 9.14 -31.32 -24.85
CA SER A 774 8.19 -30.27 -24.51
C SER A 774 7.07 -30.26 -25.51
N GLN A 775 6.16 -29.32 -25.34
CA GLN A 775 5.10 -29.11 -26.31
C GLN A 775 5.65 -28.40 -27.52
N PRO A 776 4.89 -28.43 -28.63
CA PRO A 776 5.28 -27.70 -29.87
C PRO A 776 5.15 -26.19 -29.76
N SER A 777 5.86 -25.47 -30.61
CA SER A 777 5.92 -24.02 -30.47
C SER A 777 4.57 -23.42 -30.74
N MET A 778 4.12 -22.51 -29.87
CA MET A 778 2.90 -21.76 -30.12
C MET A 778 3.06 -20.95 -31.41
N THR A 779 4.17 -20.22 -31.52
CA THR A 779 4.45 -19.36 -32.65
C THR A 779 4.73 -20.23 -33.87
N GLY A 780 5.28 -21.42 -33.62
CA GLY A 780 5.45 -22.42 -34.67
C GLY A 780 4.13 -22.86 -35.29
N LEU A 781 3.16 -23.20 -34.43
CA LEU A 781 1.84 -23.66 -34.88
C LEU A 781 1.12 -22.58 -35.68
N TYR A 782 1.13 -21.36 -35.15
CA TYR A 782 0.45 -20.25 -35.83
C TYR A 782 0.93 -20.11 -37.27
N TYR A 783 2.24 -20.03 -37.43
CA TYR A 783 2.83 -19.91 -38.75
C TYR A 783 2.61 -21.16 -39.60
N GLY A 784 2.32 -22.28 -38.94
CA GLY A 784 1.96 -23.52 -39.62
C GLY A 784 0.57 -23.50 -40.21
N LEU A 785 -0.39 -22.99 -39.45
CA LEU A 785 -1.81 -22.96 -39.85
C LEU A 785 -2.24 -21.63 -40.47
N VAL A 786 -1.29 -20.74 -40.71
CA VAL A 786 -1.58 -19.34 -40.92
C VAL A 786 -2.62 -19.00 -42.00
N ASN A 787 -2.62 -19.67 -43.14
CA ASN A 787 -3.59 -19.34 -44.19
C ASN A 787 -4.48 -20.49 -44.57
N GLY A 788 -4.53 -21.50 -43.69
CA GLY A 788 -5.35 -22.69 -43.91
C GLY A 788 -6.81 -22.37 -43.68
N ASN A 789 -7.63 -23.42 -43.71
CA ASN A 789 -9.06 -23.26 -43.51
C ASN A 789 -9.34 -22.87 -42.09
N ARG A 790 -8.66 -23.55 -41.17
CA ARG A 790 -8.77 -23.26 -39.74
C ARG A 790 -7.46 -22.64 -39.23
N GLN A 791 -7.54 -21.75 -38.25
CA GLN A 791 -6.37 -21.06 -37.72
C GLN A 791 -6.42 -20.83 -36.23
N THR A 792 -5.42 -20.12 -35.71
CA THR A 792 -5.37 -19.71 -34.31
C THR A 792 -5.25 -18.22 -34.20
N ASN A 793 -5.88 -17.70 -33.16
CA ASN A 793 -5.92 -16.29 -32.89
C ASN A 793 -4.76 -15.92 -31.99
N LEU A 794 -3.66 -15.46 -32.58
CA LEU A 794 -2.53 -15.02 -31.78
C LEU A 794 -1.58 -14.08 -32.51
N ASP A 795 -1.26 -12.92 -31.90
CA ASP A 795 -0.31 -12.01 -32.53
C ASP A 795 1.05 -12.67 -32.56
N ALA A 796 1.51 -13.01 -33.76
CA ALA A 796 2.83 -13.61 -33.95
C ALA A 796 3.90 -12.81 -33.23
N GLN A 797 4.05 -11.55 -33.61
CA GLN A 797 5.09 -10.71 -33.03
C GLN A 797 5.08 -10.70 -31.50
N ASN A 798 3.89 -10.69 -30.91
CA ASN A 798 3.76 -10.70 -29.47
C ASN A 798 4.45 -11.90 -28.89
N SER A 799 4.03 -13.07 -29.36
CA SER A 799 4.53 -14.33 -28.85
C SER A 799 6.04 -14.40 -28.93
N GLN A 800 6.61 -13.75 -29.96
CA GLN A 800 8.05 -13.66 -30.16
C GLN A 800 8.71 -12.79 -29.11
N ILE A 801 8.08 -11.68 -28.77
CA ILE A 801 8.61 -10.84 -27.71
C ILE A 801 8.67 -11.60 -26.38
N ILE A 802 7.59 -12.29 -26.03
CA ILE A 802 7.59 -13.19 -24.89
C ILE A 802 8.75 -14.19 -24.99
N ASN A 803 8.92 -14.77 -26.16
CA ASN A 803 9.97 -15.75 -26.38
C ASN A 803 11.35 -15.21 -26.08
N HIS A 804 11.61 -13.99 -26.51
CA HIS A 804 12.93 -13.35 -26.32
C HIS A 804 13.36 -13.39 -24.86
N TYR A 805 12.38 -13.24 -23.97
CA TYR A 805 12.63 -13.32 -22.54
C TYR A 805 13.11 -14.72 -22.22
N TRP A 806 12.26 -15.71 -22.47
CA TRP A 806 12.57 -17.09 -22.20
C TRP A 806 13.85 -17.55 -22.87
N GLU A 807 14.05 -17.22 -24.15
CA GLU A 807 15.36 -17.44 -24.82
C GLU A 807 16.49 -17.12 -23.86
N ASP A 808 16.48 -15.90 -23.35
CA ASP A 808 17.51 -15.44 -22.47
C ASP A 808 17.52 -16.15 -21.11
N VAL A 809 16.34 -16.43 -20.56
CA VAL A 809 16.24 -16.96 -19.20
C VAL A 809 16.69 -18.40 -19.10
N ARG A 810 16.38 -19.20 -20.09
CA ARG A 810 16.77 -20.60 -20.07
C ARG A 810 18.24 -20.84 -19.71
N HIS A 811 19.12 -19.91 -20.09
CA HIS A 811 20.52 -20.09 -19.80
C HIS A 811 20.80 -20.27 -18.31
N TYR A 812 19.97 -19.65 -17.47
CA TYR A 812 20.15 -19.74 -16.03
C TYR A 812 20.14 -21.17 -15.64
N TYR A 813 19.42 -21.97 -16.40
CA TYR A 813 19.14 -23.36 -16.03
C TYR A 813 19.93 -24.38 -16.80
N LYS A 814 21.01 -23.98 -17.48
CA LYS A 814 21.83 -24.93 -18.27
C LYS A 814 22.22 -26.18 -17.46
N ASP A 815 22.50 -26.03 -16.19
CA ASP A 815 22.71 -27.19 -15.30
C ASP A 815 21.63 -28.24 -15.36
N PHE A 816 20.44 -27.84 -15.70
CA PHE A 816 19.35 -28.76 -15.67
C PHE A 816 18.83 -29.05 -17.08
N ASP A 817 19.52 -28.55 -18.08
CA ASP A 817 19.06 -28.67 -19.45
C ASP A 817 19.76 -29.86 -20.10
N ASN A 818 19.53 -31.02 -19.49
CA ASN A 818 20.15 -32.28 -19.92
C ASN A 818 19.38 -32.97 -21.04
N ALA A 819 18.34 -32.31 -21.56
CA ALA A 819 17.51 -32.88 -22.61
C ALA A 819 18.25 -33.02 -23.95
N LEU A 820 17.92 -34.09 -24.69
CA LEU A 820 18.48 -34.35 -26.02
C LEU A 820 17.75 -33.51 -27.05
N ASN A 821 18.48 -32.99 -28.01
CA ASN A 821 18.01 -31.86 -28.83
C ASN A 821 17.89 -32.15 -30.33
N SER A 822 17.57 -33.41 -30.65
CA SER A 822 17.20 -33.88 -32.01
C SER A 822 16.04 -34.86 -31.92
N PRO A 823 15.30 -35.10 -33.03
CA PRO A 823 14.12 -35.98 -32.93
C PRO A 823 14.49 -37.38 -32.53
N GLN A 824 14.07 -37.80 -31.34
CA GLN A 824 14.32 -39.15 -30.83
C GLN A 824 13.16 -40.07 -31.24
N THR A 825 13.31 -40.68 -32.42
CA THR A 825 12.25 -41.49 -33.04
C THR A 825 12.07 -42.84 -32.35
N GLU A 826 13.06 -43.24 -31.56
CA GLU A 826 13.04 -44.51 -30.84
C GLU A 826 11.85 -44.65 -29.89
N VAL A 827 11.26 -43.50 -29.54
CA VAL A 827 10.17 -43.39 -28.57
C VAL A 827 9.02 -44.36 -28.74
N TYR A 828 8.70 -44.66 -30.00
CA TYR A 828 7.53 -45.47 -30.31
C TYR A 828 7.72 -46.92 -29.83
N ILE A 829 8.95 -47.42 -29.91
CA ILE A 829 9.29 -48.76 -29.43
C ILE A 829 9.12 -48.88 -27.92
N HIS A 830 9.83 -48.05 -27.16
CA HIS A 830 9.80 -48.11 -25.69
C HIS A 830 8.64 -47.39 -25.01
N GLU A 831 7.91 -46.53 -25.72
CA GLU A 831 6.67 -45.89 -25.19
C GLU A 831 6.85 -45.20 -23.83
N MET A 832 8.10 -44.80 -23.52
CA MET A 832 8.44 -44.25 -22.21
C MET A 832 8.32 -42.73 -22.28
N PRO A 833 7.65 -42.11 -21.30
CA PRO A 833 7.57 -40.65 -21.29
C PRO A 833 8.93 -39.98 -21.19
N GLY A 834 9.05 -38.78 -21.77
CA GLY A 834 10.32 -38.06 -21.79
C GLY A 834 11.04 -37.97 -20.44
N GLY A 835 10.28 -37.61 -19.41
CA GLY A 835 10.77 -37.58 -18.04
C GLY A 835 11.41 -38.89 -17.62
N GLN A 836 10.77 -40.01 -17.98
CA GLN A 836 11.22 -41.37 -17.60
C GLN A 836 12.54 -41.79 -18.26
N TYR A 837 12.70 -41.48 -19.55
CA TYR A 837 13.95 -41.80 -20.27
C TYR A 837 15.20 -41.28 -19.52
N THR A 838 15.17 -40.00 -19.15
CA THR A 838 16.28 -39.38 -18.42
C THR A 838 16.40 -39.89 -16.96
N ASN A 839 15.26 -39.97 -16.27
CA ASN A 839 15.23 -40.50 -14.90
C ASN A 839 15.68 -41.95 -14.77
N LEU A 840 15.46 -42.77 -15.80
CA LEU A 840 15.90 -44.19 -15.79
C LEU A 840 17.34 -44.37 -16.30
N GLN A 841 17.75 -43.52 -17.26
CA GLN A 841 19.17 -43.41 -17.63
C GLN A 841 20.00 -43.20 -16.34
N GLN A 842 19.53 -42.29 -15.48
CA GLN A 842 20.20 -41.94 -14.21
C GLN A 842 20.42 -43.14 -13.30
N GLN A 843 19.38 -43.94 -13.09
CA GLN A 843 19.46 -45.11 -12.21
C GLN A 843 20.45 -46.14 -12.75
N ALA A 844 20.43 -46.35 -14.06
CA ALA A 844 21.36 -47.28 -14.71
C ALA A 844 22.81 -46.80 -14.55
N ILE A 845 23.03 -45.50 -14.71
CA ILE A 845 24.34 -44.86 -14.47
C ILE A 845 24.71 -44.98 -12.97
N ALA A 846 23.71 -44.85 -12.10
CA ALA A 846 23.89 -45.04 -10.64
C ALA A 846 24.36 -46.45 -10.27
N VAL A 847 23.66 -47.47 -10.74
CA VAL A 847 24.06 -48.86 -10.46
C VAL A 847 25.10 -49.38 -11.46
N GLY A 848 25.56 -48.52 -12.38
CA GLY A 848 26.72 -48.81 -13.22
C GLY A 848 26.38 -49.73 -14.37
N LEU A 849 25.21 -49.51 -14.97
CA LEU A 849 24.77 -50.25 -16.14
C LEU A 849 24.72 -49.31 -17.35
N GLY A 850 25.32 -48.13 -17.22
CA GLY A 850 25.39 -47.15 -18.32
C GLY A 850 25.99 -47.75 -19.59
N ASP A 851 26.90 -48.70 -19.41
CA ASP A 851 27.50 -49.46 -20.52
C ASP A 851 26.48 -50.40 -21.17
N ARG A 852 25.51 -50.83 -20.37
CA ARG A 852 24.48 -51.77 -20.79
C ARG A 852 23.12 -51.10 -21.02
N TRP A 853 23.09 -49.76 -21.00
CA TRP A 853 21.84 -48.99 -21.07
C TRP A 853 20.84 -49.53 -22.11
N ASP A 854 21.34 -49.86 -23.31
CA ASP A 854 20.52 -50.41 -24.38
C ASP A 854 19.78 -51.69 -23.98
N GLU A 855 20.37 -52.48 -23.10
CA GLU A 855 19.75 -53.71 -22.59
C GLU A 855 18.55 -53.42 -21.67
N VAL A 856 18.65 -52.33 -20.92
CA VAL A 856 17.57 -51.92 -20.01
C VAL A 856 16.34 -51.48 -20.82
N LYS A 857 16.56 -50.57 -21.78
CA LYS A 857 15.49 -50.06 -22.64
C LYS A 857 14.61 -51.15 -23.23
N GLU A 858 15.25 -52.21 -23.72
CA GLU A 858 14.52 -53.36 -24.29
C GLU A 858 13.78 -54.13 -23.18
N MET A 859 14.47 -54.41 -22.08
CA MET A 859 13.86 -55.15 -20.96
C MET A 859 12.59 -54.47 -20.45
N TYR A 860 12.64 -53.15 -20.32
CA TYR A 860 11.47 -52.31 -19.99
C TYR A 860 10.27 -52.63 -20.86
N THR A 861 10.49 -52.67 -22.18
CA THR A 861 9.42 -52.98 -23.14
C THR A 861 8.82 -54.37 -22.86
N VAL A 862 9.66 -55.31 -22.44
CA VAL A 862 9.21 -56.66 -22.05
C VAL A 862 8.34 -56.58 -20.81
N VAL A 863 8.77 -55.77 -19.84
CA VAL A 863 8.07 -55.63 -18.55
C VAL A 863 6.65 -55.09 -18.72
N ASN A 864 6.48 -54.10 -19.61
CA ASN A 864 5.16 -53.66 -19.99
C ASN A 864 4.42 -54.80 -20.66
N GLN A 865 5.13 -55.54 -21.52
CA GLN A 865 4.57 -56.72 -22.20
C GLN A 865 4.31 -57.90 -21.26
N MET A 866 4.95 -57.91 -20.10
CA MET A 866 4.66 -58.92 -19.04
C MET A 866 3.27 -58.66 -18.46
N PHE A 867 2.97 -57.40 -18.17
CA PHE A 867 1.63 -57.00 -17.68
C PHE A 867 0.68 -56.75 -18.85
N GLY A 868 0.81 -57.53 -19.92
CA GLY A 868 0.10 -57.26 -21.17
C GLY A 868 0.61 -55.98 -21.82
N ASP A 869 -0.28 -55.02 -22.01
CA ASP A 869 0.09 -53.67 -22.43
C ASP A 869 -0.60 -52.76 -21.43
N ILE A 870 0.15 -51.97 -20.68
CA ILE A 870 -0.46 -51.10 -19.66
C ILE A 870 -0.05 -49.65 -19.85
N VAL A 871 -0.90 -48.72 -19.40
CA VAL A 871 -0.63 -47.29 -19.56
C VAL A 871 0.54 -46.89 -18.69
N LYS A 872 1.69 -46.60 -19.31
CA LYS A 872 2.91 -46.20 -18.59
C LYS A 872 2.89 -44.66 -18.47
N VAL A 873 2.74 -44.22 -17.23
CA VAL A 873 2.78 -42.79 -16.87
C VAL A 873 2.90 -42.70 -15.35
N THR A 874 3.54 -41.64 -14.86
CA THR A 874 3.75 -41.48 -13.42
C THR A 874 2.43 -41.62 -12.64
N PRO A 875 2.40 -42.50 -11.61
CA PRO A 875 3.44 -43.33 -11.00
C PRO A 875 3.57 -44.76 -11.53
N SER A 876 2.74 -45.12 -12.50
CA SER A 876 2.77 -46.45 -13.07
C SER A 876 4.06 -46.70 -13.86
N SER A 877 4.52 -45.68 -14.58
CA SER A 877 5.76 -45.77 -15.34
C SER A 877 6.91 -46.21 -14.43
N LYS A 878 7.03 -45.53 -13.29
CA LYS A 878 8.09 -45.83 -12.31
C LYS A 878 8.14 -47.33 -12.03
N VAL A 879 6.97 -47.95 -11.87
CA VAL A 879 6.91 -49.37 -11.46
C VAL A 879 7.55 -50.33 -12.48
N VAL A 880 7.32 -50.06 -13.77
CA VAL A 880 7.90 -50.88 -14.84
C VAL A 880 9.43 -50.78 -14.77
N GLY A 881 9.93 -49.53 -14.79
CA GLY A 881 11.36 -49.26 -14.78
C GLY A 881 12.10 -49.84 -13.60
N ASP A 882 11.47 -49.76 -12.43
CA ASP A 882 12.03 -50.31 -11.20
C ASP A 882 12.30 -51.83 -11.31
N LEU A 883 11.37 -52.57 -11.92
CA LEU A 883 11.54 -54.01 -12.14
C LEU A 883 12.46 -54.33 -13.32
N ALA A 884 12.25 -53.64 -14.45
CA ALA A 884 13.13 -53.79 -15.61
C ALA A 884 14.58 -53.79 -15.15
N LEU A 885 14.94 -52.75 -14.40
CA LEU A 885 16.30 -52.65 -13.83
C LEU A 885 16.72 -53.85 -13.01
N PHE A 886 15.78 -54.42 -12.26
CA PHE A 886 16.04 -55.60 -11.42
C PHE A 886 16.36 -56.81 -12.28
N MET A 887 15.50 -57.09 -13.26
CA MET A 887 15.71 -58.24 -14.16
C MET A 887 17.06 -58.16 -14.89
N VAL A 888 17.32 -57.06 -15.58
CA VAL A 888 18.59 -56.83 -16.29
C VAL A 888 19.80 -56.88 -15.34
N GLN A 889 19.62 -56.40 -14.12
CA GLN A 889 20.66 -56.49 -13.08
C GLN A 889 21.02 -57.92 -12.75
N ASN A 890 20.01 -58.77 -12.60
CA ASN A 890 20.23 -60.17 -12.21
C ASN A 890 20.22 -61.17 -13.39
N GLU A 891 20.26 -60.64 -14.62
CA GLU A 891 20.32 -61.42 -15.87
C GLU A 891 19.18 -62.43 -16.01
N LEU A 892 17.98 -62.03 -15.60
CA LEU A 892 16.79 -62.89 -15.65
C LEU A 892 16.00 -62.66 -16.93
N SER A 893 15.84 -63.72 -17.73
CA SER A 893 14.92 -63.67 -18.87
C SER A 893 13.50 -63.67 -18.33
N GLU A 894 12.54 -63.32 -19.19
CA GLU A 894 11.11 -63.37 -18.84
C GLU A 894 10.69 -64.78 -18.42
N GLU A 895 11.35 -65.77 -18.98
CA GLU A 895 11.09 -67.18 -18.67
C GLU A 895 11.68 -67.54 -17.30
N ASP A 896 12.89 -67.05 -17.03
CA ASP A 896 13.57 -67.26 -15.76
C ASP A 896 12.74 -66.79 -14.58
N VAL A 897 12.00 -65.69 -14.78
CA VAL A 897 11.16 -65.04 -13.74
C VAL A 897 10.14 -65.97 -13.11
N TYR A 898 9.36 -66.64 -13.96
CA TYR A 898 8.26 -67.52 -13.52
C TYR A 898 8.84 -68.76 -12.81
N GLU A 899 9.86 -69.36 -13.45
CA GLU A 899 10.53 -70.58 -12.98
C GLU A 899 11.17 -70.42 -11.58
N LYS A 900 11.78 -69.28 -11.32
CA LYS A 900 12.41 -68.96 -10.03
C LYS A 900 11.52 -68.06 -9.15
N GLY A 901 10.26 -67.87 -9.54
CA GLY A 901 9.41 -66.79 -9.00
C GLY A 901 9.22 -66.70 -7.50
N ASP A 902 9.06 -67.85 -6.84
CA ASP A 902 8.86 -67.86 -5.38
C ASP A 902 10.07 -67.31 -4.59
N THR A 903 11.27 -67.60 -5.08
CA THR A 903 12.52 -67.21 -4.37
C THR A 903 12.78 -65.69 -4.35
N ILE A 904 12.48 -65.01 -5.46
CA ILE A 904 12.89 -63.62 -5.65
C ILE A 904 11.93 -62.68 -4.92
N ASP A 905 12.47 -61.61 -4.32
CA ASP A 905 11.67 -60.56 -3.70
C ASP A 905 11.65 -59.36 -4.63
N PHE A 906 10.47 -59.04 -5.17
CA PHE A 906 10.30 -57.85 -5.99
C PHE A 906 10.32 -56.60 -5.13
N PRO A 907 10.72 -55.45 -5.70
CA PRO A 907 10.75 -54.16 -5.00
C PRO A 907 9.38 -53.79 -4.40
N ASP A 908 9.40 -53.29 -3.17
CA ASP A 908 8.19 -52.75 -2.49
C ASP A 908 7.20 -52.11 -3.44
N SER A 909 7.67 -51.21 -4.32
CA SER A 909 6.82 -50.48 -5.26
C SER A 909 6.02 -51.36 -6.23
N VAL A 910 6.56 -52.53 -6.54
CA VAL A 910 5.96 -53.46 -7.51
C VAL A 910 4.88 -54.30 -6.83
N ILE A 911 5.11 -54.63 -5.57
CA ILE A 911 4.13 -55.37 -4.76
C ILE A 911 2.93 -54.45 -4.51
N GLU A 912 3.18 -53.17 -4.28
CA GLU A 912 2.09 -52.19 -4.11
C GLU A 912 1.26 -52.06 -5.40
N PHE A 913 1.90 -52.35 -6.54
CA PHE A 913 1.19 -52.39 -7.81
C PHE A 913 0.31 -53.64 -7.84
N PHE A 914 0.90 -54.79 -7.53
CA PHE A 914 0.15 -56.05 -7.44
C PHE A 914 -0.83 -56.07 -6.26
N MET A 915 -0.61 -55.22 -5.26
CA MET A 915 -1.57 -55.01 -4.17
C MET A 915 -2.82 -54.33 -4.73
N GLY A 916 -2.62 -53.35 -5.62
CA GLY A 916 -3.70 -52.54 -6.18
C GLY A 916 -3.72 -51.14 -5.62
N GLU A 917 -2.58 -50.70 -5.07
CA GLU A 917 -2.49 -49.41 -4.40
C GLU A 917 -2.42 -48.25 -5.40
N ILE A 918 -1.78 -48.49 -6.54
CA ILE A 918 -1.82 -47.54 -7.66
C ILE A 918 -3.20 -47.43 -8.27
N GLY A 919 -3.94 -48.54 -8.27
CA GLY A 919 -5.26 -48.59 -8.92
C GLY A 919 -5.42 -49.87 -9.71
N GLN A 920 -6.27 -49.82 -10.73
CA GLN A 920 -6.62 -51.01 -11.53
C GLN A 920 -6.19 -50.92 -13.00
N PRO A 921 -5.26 -51.79 -13.42
CA PRO A 921 -4.96 -51.92 -14.86
C PRO A 921 -6.16 -52.33 -15.71
N TYR A 922 -6.41 -51.61 -16.81
CA TYR A 922 -7.57 -51.89 -17.68
C TYR A 922 -7.73 -53.38 -18.05
N GLY A 923 -6.66 -53.99 -18.54
CA GLY A 923 -6.69 -55.42 -18.87
C GLY A 923 -6.86 -56.27 -17.62
N GLY A 924 -6.36 -55.76 -16.50
CA GLY A 924 -6.37 -56.44 -15.22
C GLY A 924 -5.16 -57.34 -15.10
N PHE A 925 -4.72 -57.58 -13.86
CA PHE A 925 -3.48 -58.30 -13.60
C PHE A 925 -3.55 -59.75 -14.11
N PRO A 926 -2.46 -60.25 -14.72
CA PRO A 926 -2.41 -61.69 -14.99
C PRO A 926 -2.09 -62.46 -13.70
N GLU A 927 -3.05 -63.24 -13.22
CA GLU A 927 -3.11 -63.71 -11.84
C GLU A 927 -2.00 -64.65 -11.48
N LYS A 928 -1.47 -65.35 -12.48
CA LYS A 928 -0.45 -66.35 -12.25
C LYS A 928 0.90 -65.68 -11.86
N LEU A 929 1.25 -64.59 -12.55
CA LEU A 929 2.46 -63.78 -12.22
C LEU A 929 2.25 -63.08 -10.89
N GLN A 930 1.16 -62.34 -10.81
CA GLN A 930 0.66 -61.72 -9.59
C GLN A 930 0.79 -62.62 -8.36
N LYS A 931 0.28 -63.85 -8.49
CA LYS A 931 0.32 -64.85 -7.42
C LYS A 931 1.72 -64.99 -6.82
N LEU A 932 2.75 -65.06 -7.66
CA LEU A 932 4.14 -65.20 -7.20
C LEU A 932 4.62 -63.93 -6.47
N VAL A 933 4.22 -62.76 -6.95
CA VAL A 933 4.68 -61.49 -6.37
C VAL A 933 4.07 -61.27 -4.99
N LEU A 934 2.84 -61.76 -4.81
CA LEU A 934 2.11 -61.58 -3.55
C LEU A 934 2.59 -62.52 -2.45
N LYS A 935 2.84 -63.78 -2.80
CA LYS A 935 3.34 -64.79 -1.86
C LYS A 935 2.38 -64.99 -0.68
N GLY A 936 1.08 -64.93 -0.96
CA GLY A 936 0.04 -65.13 0.06
C GLY A 936 -0.70 -63.87 0.49
N ARG A 937 -0.25 -62.71 0.03
CA ARG A 937 -0.95 -61.44 0.32
C ARG A 937 -2.27 -61.35 -0.48
N THR A 938 -3.16 -60.46 -0.05
CA THR A 938 -4.52 -60.39 -0.61
C THR A 938 -4.79 -59.02 -1.25
N PRO A 939 -5.11 -59.00 -2.54
CA PRO A 939 -5.31 -57.73 -3.24
C PRO A 939 -6.68 -57.10 -3.04
N LEU A 940 -6.72 -55.86 -2.55
CA LEU A 940 -7.96 -55.08 -2.49
C LEU A 940 -8.40 -54.77 -3.91
N THR A 941 -9.71 -54.81 -4.16
CA THR A 941 -10.28 -54.61 -5.50
C THR A 941 -10.88 -53.20 -5.68
N ASP A 942 -10.63 -52.29 -4.74
CA ASP A 942 -11.26 -50.96 -4.75
C ASP A 942 -10.24 -49.83 -4.50
N ARG A 943 -10.63 -48.62 -4.87
CA ARG A 943 -9.90 -47.40 -4.58
C ARG A 943 -9.30 -47.41 -3.16
N PRO A 944 -7.96 -47.36 -3.04
CA PRO A 944 -7.38 -47.41 -1.68
C PRO A 944 -7.71 -46.20 -0.82
N GLY A 945 -8.00 -45.07 -1.45
CA GLY A 945 -8.34 -43.83 -0.75
C GLY A 945 -9.55 -43.94 0.17
N ALA A 946 -10.59 -44.60 -0.33
CA ALA A 946 -11.82 -44.81 0.44
C ALA A 946 -11.60 -45.70 1.66
N LEU A 947 -10.81 -46.75 1.49
CA LEU A 947 -10.50 -47.69 2.58
C LEU A 947 -9.66 -47.04 3.69
N MET A 948 -8.75 -46.14 3.30
CA MET A 948 -7.99 -45.33 4.27
C MET A 948 -8.90 -44.48 5.17
N GLU A 949 -8.54 -44.42 6.45
CA GLU A 949 -9.32 -43.68 7.41
C GLU A 949 -9.11 -42.19 7.21
N PRO A 950 -10.18 -41.39 7.29
CA PRO A 950 -9.93 -39.96 7.07
C PRO A 950 -9.00 -39.29 8.09
N VAL A 951 -8.38 -38.19 7.66
CA VAL A 951 -7.55 -37.36 8.53
C VAL A 951 -8.44 -36.34 9.22
N ASN A 952 -8.21 -36.18 10.52
CA ASN A 952 -8.82 -35.11 11.29
C ASN A 952 -7.89 -33.91 11.19
N PHE A 953 -8.37 -32.85 10.54
CA PHE A 953 -7.53 -31.70 10.22
C PHE A 953 -7.01 -30.98 11.44
N VAL A 954 -7.81 -30.96 12.50
CA VAL A 954 -7.49 -30.19 13.70
C VAL A 954 -6.38 -30.86 14.52
N GLU A 955 -6.46 -32.18 14.63
CA GLU A 955 -5.46 -32.97 15.32
C GLU A 955 -4.05 -32.76 14.71
N VAL A 956 -4.01 -32.77 13.38
CA VAL A 956 -2.78 -32.46 12.62
C VAL A 956 -2.43 -30.99 12.70
N LYS A 957 -3.43 -30.14 12.48
CA LYS A 957 -3.24 -28.68 12.52
C LYS A 957 -2.54 -28.26 13.80
N ALA A 958 -2.89 -28.92 14.90
CA ALA A 958 -2.22 -28.71 16.19
C ALA A 958 -0.85 -29.40 16.23
N GLU A 959 -0.76 -30.60 15.67
CA GLU A 959 0.52 -31.30 15.56
C GLU A 959 1.55 -30.42 14.88
N LEU A 960 1.15 -29.85 13.73
CA LEU A 960 2.01 -28.97 12.94
C LEU A 960 2.38 -27.72 13.72
N LYS A 961 1.39 -27.06 14.30
CA LYS A 961 1.62 -25.84 15.09
C LYS A 961 2.71 -26.05 16.14
N GLU A 962 2.68 -27.21 16.79
CA GLU A 962 3.71 -27.63 17.74
C GLU A 962 5.03 -27.95 17.04
N LYS A 963 4.93 -28.59 15.87
CA LYS A 963 6.09 -28.87 15.00
C LYS A 963 6.68 -27.58 14.43
N MET A 964 5.83 -26.74 13.85
CA MET A 964 6.25 -25.46 13.35
C MET A 964 6.46 -24.50 14.52
N GLY A 965 7.08 -23.35 14.27
CA GLY A 965 7.24 -22.33 15.31
C GLY A 965 5.93 -21.75 15.82
N TYR A 966 4.91 -21.70 14.98
CA TYR A 966 3.70 -20.89 15.27
C TYR A 966 2.43 -21.54 14.68
N GLU A 967 1.35 -20.75 14.59
CA GLU A 967 0.03 -21.21 14.13
C GLU A 967 -0.04 -21.19 12.60
N PRO A 968 -0.33 -22.36 11.97
CA PRO A 968 -0.31 -22.50 10.51
C PRO A 968 -1.58 -22.03 9.83
N THR A 969 -1.49 -21.71 8.54
CA THR A 969 -2.66 -21.37 7.74
C THR A 969 -3.24 -22.66 7.18
N GLU A 970 -4.44 -22.56 6.63
CA GLU A 970 -5.15 -23.73 6.09
C GLU A 970 -4.29 -24.45 5.04
N LYS A 971 -3.68 -23.66 4.16
CA LYS A 971 -2.81 -24.16 3.10
C LYS A 971 -1.60 -24.92 3.64
N ASP A 972 -0.91 -24.31 4.61
CA ASP A 972 0.27 -24.93 5.21
C ASP A 972 -0.07 -26.35 5.65
N VAL A 973 -1.29 -26.52 6.15
CA VAL A 973 -1.75 -27.80 6.66
C VAL A 973 -1.80 -28.87 5.55
N ILE A 974 -2.54 -28.59 4.47
CA ILE A 974 -2.73 -29.62 3.41
C ILE A 974 -1.37 -30.04 2.93
N SER A 975 -0.54 -29.05 2.62
CA SER A 975 0.80 -29.29 2.16
C SER A 975 1.51 -30.27 3.10
N TYR A 976 1.43 -30.03 4.41
CA TYR A 976 2.08 -30.91 5.41
C TYR A 976 1.58 -32.33 5.28
N ILE A 977 0.26 -32.45 5.17
CA ILE A 977 -0.39 -33.76 5.03
C ILE A 977 0.12 -34.50 3.80
N LEU A 978 0.19 -33.79 2.67
CA LEU A 978 0.61 -34.37 1.39
C LEU A 978 2.09 -34.70 1.36
N TYR A 979 2.91 -33.79 1.85
CA TYR A 979 4.35 -34.00 1.88
C TYR A 979 4.93 -33.63 3.24
N PRO A 980 4.82 -34.52 4.23
CA PRO A 980 5.21 -34.17 5.58
C PRO A 980 6.71 -34.08 5.77
N LYS A 981 7.46 -35.08 5.29
CA LYS A 981 8.91 -35.06 5.45
C LYS A 981 9.46 -33.78 4.85
N VAL A 982 9.02 -33.44 3.64
CA VAL A 982 9.59 -32.30 2.93
C VAL A 982 9.12 -30.97 3.51
N PHE A 983 7.88 -30.91 3.99
CA PHE A 983 7.32 -29.65 4.48
C PHE A 983 8.05 -29.15 5.72
N LEU A 984 8.34 -30.04 6.65
CA LEU A 984 9.18 -29.67 7.77
C LEU A 984 10.57 -29.28 7.29
N ASP A 985 11.15 -30.11 6.42
CA ASP A 985 12.49 -29.84 5.87
C ASP A 985 12.51 -28.47 5.24
N TYR A 986 11.43 -28.12 4.56
CA TYR A 986 11.26 -26.81 3.96
C TYR A 986 11.21 -25.70 5.01
N GLN A 987 10.40 -25.94 6.04
CA GLN A 987 10.30 -25.03 7.19
C GLN A 987 11.68 -24.80 7.83
N GLU A 988 12.36 -25.89 8.21
CA GLU A 988 13.67 -25.84 8.84
C GLU A 988 14.61 -25.02 8.01
N MET A 989 14.51 -25.17 6.69
CA MET A 989 15.39 -24.46 5.77
C MET A 989 15.04 -22.99 5.64
N ILE A 990 13.76 -22.68 5.63
CA ILE A 990 13.35 -21.29 5.54
C ILE A 990 13.71 -20.52 6.81
N ASN A 991 13.67 -21.18 7.96
CA ASN A 991 14.07 -20.55 9.22
C ASN A 991 15.55 -20.20 9.17
N LYS A 992 16.34 -21.11 8.64
CA LYS A 992 17.79 -20.95 8.56
C LYS A 992 18.21 -19.81 7.63
N TYR A 993 17.60 -19.74 6.45
CA TYR A 993 18.02 -18.82 5.37
C TYR A 993 16.98 -17.74 4.98
N GLY A 994 15.77 -17.84 5.53
CA GLY A 994 14.74 -16.86 5.23
C GLY A 994 14.12 -17.14 3.89
N ASP A 995 13.28 -16.22 3.42
CA ASP A 995 12.59 -16.40 2.14
C ASP A 995 13.53 -16.17 0.97
N VAL A 996 14.01 -17.27 0.40
CA VAL A 996 14.96 -17.24 -0.70
C VAL A 996 14.25 -17.00 -2.04
N THR A 997 12.94 -17.29 -2.11
CA THR A 997 12.18 -17.05 -3.33
C THR A 997 12.69 -15.82 -4.06
N VAL A 998 13.07 -14.79 -3.30
CA VAL A 998 13.46 -13.47 -3.86
C VAL A 998 14.78 -13.37 -4.63
N LEU A 999 15.76 -14.25 -4.36
CA LEU A 999 17.09 -14.06 -4.99
C LEU A 999 17.05 -14.30 -6.49
N ASP A 1000 17.82 -13.52 -7.25
CA ASP A 1000 17.92 -13.77 -8.68
C ASP A 1000 18.43 -15.18 -8.85
N THR A 1001 17.95 -15.85 -9.88
CA THR A 1001 18.25 -17.27 -10.09
C THR A 1001 19.73 -17.59 -10.08
N PRO A 1002 20.54 -16.94 -10.91
CA PRO A 1002 21.98 -17.24 -10.83
C PRO A 1002 22.56 -17.23 -9.42
N THR A 1003 22.25 -16.19 -8.67
CA THR A 1003 22.72 -16.13 -7.29
C THR A 1003 22.23 -17.35 -6.50
N PHE A 1004 20.97 -17.75 -6.72
CA PHE A 1004 20.33 -18.86 -5.98
C PHE A 1004 21.06 -20.18 -6.20
N TYR A 1005 21.47 -20.42 -7.44
CA TYR A 1005 22.21 -21.64 -7.81
C TYR A 1005 23.74 -21.52 -7.75
N LYS A 1006 24.28 -20.31 -7.96
CA LYS A 1006 25.74 -20.15 -8.08
C LYS A 1006 26.38 -19.27 -6.99
N GLY A 1007 25.57 -18.69 -6.11
CA GLY A 1007 26.12 -17.83 -5.09
C GLY A 1007 26.67 -16.54 -5.68
N MET A 1008 27.84 -16.12 -5.20
CA MET A 1008 28.46 -14.88 -5.68
C MET A 1008 29.92 -15.03 -6.06
N ARG A 1009 30.31 -14.29 -7.09
CA ARG A 1009 31.71 -14.16 -7.48
C ARG A 1009 32.37 -13.16 -6.56
N LEU A 1010 33.70 -13.20 -6.45
CA LEU A 1010 34.45 -12.24 -5.63
C LEU A 1010 34.41 -10.83 -6.22
N GLY A 1011 34.10 -9.86 -5.37
CA GLY A 1011 34.03 -8.48 -5.79
C GLY A 1011 32.73 -8.15 -6.50
N GLU A 1012 31.83 -9.12 -6.53
CA GLU A 1012 30.57 -8.95 -7.23
C GLU A 1012 29.68 -8.20 -6.28
N THR A 1013 28.78 -7.41 -6.85
CA THR A 1013 27.76 -6.75 -6.08
C THR A 1013 26.42 -7.07 -6.71
N ILE A 1014 25.45 -7.35 -5.87
CA ILE A 1014 24.10 -7.69 -6.34
C ILE A 1014 23.08 -6.95 -5.49
N GLU A 1015 21.86 -6.86 -5.99
CA GLU A 1015 20.77 -6.27 -5.20
C GLU A 1015 19.68 -7.30 -5.06
N VAL A 1016 19.04 -7.37 -3.90
CA VAL A 1016 17.93 -8.28 -3.75
C VAL A 1016 16.72 -7.54 -3.18
N GLU A 1017 15.57 -7.70 -3.82
CA GLU A 1017 14.35 -7.04 -3.35
C GLU A 1017 13.52 -7.94 -2.44
N LEU A 1018 13.61 -7.69 -1.14
CA LEU A 1018 12.90 -8.51 -0.13
C LEU A 1018 11.39 -8.27 -0.13
N GLU A 1019 11.00 -7.08 -0.56
CA GLU A 1019 9.60 -6.60 -0.52
C GLU A 1019 9.56 -5.34 -1.39
N LYS A 1020 8.39 -4.82 -1.69
CA LYS A 1020 8.33 -3.59 -2.47
C LYS A 1020 9.11 -2.48 -1.76
N GLY A 1021 10.12 -1.94 -2.44
CA GLY A 1021 10.92 -0.81 -1.95
C GLY A 1021 12.04 -1.13 -0.96
N LYS A 1022 12.23 -2.41 -0.64
CA LYS A 1022 13.23 -2.84 0.34
C LYS A 1022 14.30 -3.67 -0.36
N ILE A 1023 15.39 -3.00 -0.73
CA ILE A 1023 16.48 -3.59 -1.52
C ILE A 1023 17.75 -3.73 -0.66
N LEU A 1024 18.42 -4.88 -0.70
CA LEU A 1024 19.73 -5.07 -0.05
C LEU A 1024 20.81 -4.96 -1.08
N LEU A 1025 21.69 -3.99 -0.94
CA LEU A 1025 22.88 -3.97 -1.76
C LEU A 1025 23.85 -4.89 -1.07
N ILE A 1026 24.36 -5.88 -1.82
CA ILE A 1026 25.25 -6.88 -1.25
C ILE A 1026 26.48 -7.05 -2.11
N LYS A 1027 27.64 -6.94 -1.48
CA LYS A 1027 28.92 -7.16 -2.16
C LYS A 1027 29.72 -8.17 -1.39
N LEU A 1028 30.37 -9.06 -2.12
CA LEU A 1028 31.29 -10.02 -1.53
C LEU A 1028 32.68 -9.55 -1.88
N ASN A 1029 33.47 -9.31 -0.83
CA ASN A 1029 34.80 -8.81 -0.96
C ASN A 1029 35.82 -9.89 -1.06
N SER A 1030 35.81 -10.78 -0.06
CA SER A 1030 36.74 -11.90 -0.03
C SER A 1030 36.27 -12.99 0.89
N ILE A 1031 36.93 -14.14 0.77
CA ILE A 1031 36.56 -15.32 1.55
C ILE A 1031 37.70 -15.73 2.46
N GLY A 1032 37.35 -15.95 3.74
CA GLY A 1032 38.31 -16.29 4.78
C GLY A 1032 38.94 -17.64 4.57
N GLU A 1033 40.06 -17.86 5.25
CA GLU A 1033 40.82 -19.10 5.16
C GLU A 1033 40.24 -20.07 6.19
N PRO A 1034 40.24 -21.37 5.88
CA PRO A 1034 39.62 -22.25 6.87
C PRO A 1034 40.44 -22.33 8.14
N ILE A 1035 39.77 -22.63 9.24
CA ILE A 1035 40.43 -22.87 10.53
C ILE A 1035 40.42 -24.37 10.83
N ALA A 1036 40.52 -24.73 12.10
CA ALA A 1036 40.69 -26.11 12.53
C ALA A 1036 39.53 -26.99 12.07
N ASP A 1037 38.33 -26.62 12.48
CA ASP A 1037 37.14 -27.42 12.18
C ASP A 1037 36.50 -27.09 10.81
N GLY A 1038 37.26 -26.48 9.90
CA GLY A 1038 36.80 -26.23 8.53
C GLY A 1038 36.05 -24.93 8.31
N THR A 1039 35.53 -24.33 9.40
CA THR A 1039 34.87 -23.03 9.34
C THR A 1039 35.74 -21.95 8.73
N ARG A 1040 35.12 -21.10 7.92
CA ARG A 1040 35.79 -19.90 7.41
C ARG A 1040 34.84 -18.72 7.31
N VAL A 1041 35.38 -17.54 7.57
CA VAL A 1041 34.62 -16.31 7.61
C VAL A 1041 34.51 -15.82 6.18
N ILE A 1042 33.29 -15.47 5.77
CA ILE A 1042 33.09 -14.79 4.49
C ILE A 1042 32.93 -13.30 4.74
N TYR A 1043 33.60 -12.50 3.90
CA TYR A 1043 33.59 -11.03 4.07
C TYR A 1043 32.67 -10.28 3.08
N PHE A 1044 31.60 -9.71 3.64
CA PHE A 1044 30.56 -9.04 2.86
C PHE A 1044 30.47 -7.54 3.14
N GLU A 1045 29.74 -6.84 2.28
CA GLU A 1045 29.24 -5.49 2.53
C GLU A 1045 27.73 -5.45 2.29
N LEU A 1046 26.96 -5.64 3.34
CA LEU A 1046 25.52 -5.54 3.24
C LEU A 1046 25.13 -4.10 3.48
N ASN A 1047 24.66 -3.44 2.42
CA ASN A 1047 24.29 -2.03 2.47
C ASN A 1047 25.51 -1.13 2.73
N GLY A 1048 26.61 -1.45 2.06
CA GLY A 1048 27.87 -0.72 2.27
C GLY A 1048 28.62 -1.03 3.56
N GLN A 1049 27.89 -1.50 4.56
CA GLN A 1049 28.45 -1.76 5.89
C GLN A 1049 29.09 -3.10 5.89
N PRO A 1050 30.37 -3.17 6.26
CA PRO A 1050 30.98 -4.48 6.19
C PRO A 1050 30.33 -5.41 7.19
N ARG A 1051 30.17 -6.66 6.79
CA ARG A 1051 29.67 -7.70 7.65
C ARG A 1051 30.58 -8.91 7.47
N GLU A 1052 30.49 -9.84 8.41
CA GLU A 1052 31.32 -11.02 8.37
C GLU A 1052 30.50 -12.16 8.89
N ILE A 1053 30.46 -13.25 8.13
CA ILE A 1053 29.80 -14.49 8.61
C ILE A 1053 30.57 -15.77 8.32
N ASN A 1054 30.37 -16.73 9.23
CA ASN A 1054 31.06 -18.00 9.18
C ASN A 1054 30.24 -19.03 8.45
N ILE A 1055 30.86 -19.67 7.47
CA ILE A 1055 30.30 -20.79 6.79
C ILE A 1055 31.28 -21.93 6.89
N GLN A 1056 30.77 -23.09 7.22
CA GLN A 1056 31.59 -24.27 7.35
C GLN A 1056 31.88 -24.93 6.02
N ASP A 1057 33.16 -25.00 5.66
CA ASP A 1057 33.57 -25.67 4.45
C ASP A 1057 33.37 -27.18 4.59
N MET A 1058 33.03 -27.85 3.49
CA MET A 1058 32.68 -29.27 3.52
C MET A 1058 33.80 -30.18 3.01
N ASN A 1059 34.51 -29.72 1.99
CA ASN A 1059 35.74 -30.41 1.55
C ASN A 1059 36.90 -29.96 2.50
N VAL A 1060 37.01 -30.64 3.64
CA VAL A 1060 37.92 -30.20 4.71
C VAL A 1060 39.37 -30.46 4.32
N MET B 1 93.44 -78.91 -33.06
CA MET B 1 94.36 -77.75 -33.36
C MET B 1 95.70 -77.87 -32.62
N ASN B 2 96.80 -77.53 -33.29
CA ASN B 2 98.15 -77.96 -32.81
C ASN B 2 99.00 -76.92 -32.03
N ARG B 3 99.74 -76.05 -32.72
CA ARG B 3 100.65 -75.12 -32.06
C ARG B 3 100.11 -73.70 -31.82
N ILE B 4 99.00 -73.34 -32.46
CA ILE B 4 98.28 -72.10 -32.13
C ILE B 4 97.20 -72.36 -31.09
N LYS B 5 97.43 -71.86 -29.88
CA LYS B 5 96.47 -71.94 -28.79
C LYS B 5 95.65 -70.64 -28.69
N LYS B 6 96.24 -69.53 -29.13
CA LYS B 6 95.63 -68.21 -28.97
C LYS B 6 96.09 -67.31 -30.10
N VAL B 7 95.18 -66.48 -30.61
CA VAL B 7 95.49 -65.64 -31.78
C VAL B 7 95.01 -64.20 -31.64
N LEU B 8 95.83 -63.28 -32.12
CA LEU B 8 95.51 -61.88 -32.05
C LEU B 8 94.99 -61.46 -33.40
N VAL B 9 93.97 -60.61 -33.38
CA VAL B 9 93.32 -60.18 -34.60
C VAL B 9 93.65 -58.72 -34.82
N ALA B 10 94.70 -58.48 -35.60
CA ALA B 10 95.27 -57.14 -35.84
C ALA B 10 94.46 -56.32 -36.83
N ASN B 11 93.15 -56.25 -36.55
CA ASN B 11 92.20 -55.55 -37.40
C ASN B 11 90.95 -55.23 -36.60
N ARG B 12 90.03 -54.56 -37.29
CA ARG B 12 88.77 -54.12 -36.74
C ARG B 12 87.63 -54.62 -37.61
N GLY B 13 86.40 -54.35 -37.18
CA GLY B 13 85.21 -54.46 -38.03
C GLY B 13 84.95 -55.85 -38.59
N GLU B 14 84.07 -55.89 -39.57
CA GLU B 14 83.61 -57.16 -40.18
C GLU B 14 84.66 -58.24 -40.23
N ILE B 15 85.81 -57.90 -40.78
CA ILE B 15 86.86 -58.88 -41.00
C ILE B 15 87.45 -59.43 -39.71
N ALA B 16 87.60 -58.55 -38.75
CA ALA B 16 88.07 -58.95 -37.45
C ALA B 16 87.15 -60.02 -36.93
N ILE B 17 85.84 -59.76 -37.01
CA ILE B 17 84.85 -60.66 -36.43
C ILE B 17 84.91 -62.03 -37.09
N ARG B 18 84.94 -62.06 -38.41
CA ARG B 18 85.01 -63.31 -39.15
C ARG B 18 86.14 -64.20 -38.63
N VAL B 19 87.27 -63.58 -38.31
CA VAL B 19 88.45 -64.32 -37.85
C VAL B 19 88.18 -64.91 -36.50
N MET B 20 87.59 -64.10 -35.63
CA MET B 20 87.29 -64.52 -34.27
C MET B 20 86.38 -65.75 -34.35
N ARG B 21 85.40 -65.66 -35.25
CA ARG B 21 84.45 -66.73 -35.43
C ARG B 21 85.18 -67.98 -35.84
N ALA B 22 86.12 -67.84 -36.75
CA ALA B 22 86.90 -68.98 -37.17
C ALA B 22 87.66 -69.61 -36.00
N CYS B 23 88.32 -68.78 -35.20
CA CYS B 23 89.13 -69.29 -34.10
C CYS B 23 88.26 -70.04 -33.12
N THR B 24 87.19 -69.40 -32.68
CA THR B 24 86.33 -69.99 -31.70
C THR B 24 85.78 -71.31 -32.21
N GLU B 25 85.43 -71.37 -33.49
CA GLU B 25 85.05 -72.63 -34.10
C GLU B 25 86.17 -73.68 -33.95
N LEU B 26 87.43 -73.24 -33.89
CA LEU B 26 88.59 -74.13 -33.73
C LEU B 26 89.17 -74.15 -32.30
N LYS B 27 88.38 -73.76 -31.31
CA LYS B 27 88.82 -73.85 -29.92
C LYS B 27 90.09 -73.00 -29.65
N ILE B 28 90.27 -71.95 -30.45
CA ILE B 28 91.41 -71.05 -30.30
C ILE B 28 91.01 -69.78 -29.63
N LYS B 29 91.68 -69.42 -28.54
CA LYS B 29 91.40 -68.15 -27.82
C LYS B 29 91.69 -66.96 -28.73
N THR B 30 90.97 -65.86 -28.55
CA THR B 30 91.10 -64.71 -29.45
C THR B 30 91.33 -63.42 -28.68
N VAL B 31 92.08 -62.51 -29.27
CA VAL B 31 92.40 -61.25 -28.64
C VAL B 31 92.12 -60.16 -29.65
N ALA B 32 91.40 -59.12 -29.25
CA ALA B 32 91.01 -58.04 -30.18
C ALA B 32 91.81 -56.81 -29.85
N ILE B 33 91.86 -55.87 -30.79
CA ILE B 33 92.53 -54.59 -30.56
C ILE B 33 91.69 -53.46 -31.13
N TYR B 34 91.55 -52.39 -30.38
CA TYR B 34 90.65 -51.31 -30.78
C TYR B 34 91.32 -49.99 -30.59
N SER B 35 91.06 -49.06 -31.51
CA SER B 35 91.57 -47.71 -31.38
C SER B 35 90.67 -46.94 -30.44
N GLN B 36 91.10 -45.73 -30.07
CA GLN B 36 90.33 -44.91 -29.16
C GLN B 36 88.94 -44.64 -29.74
N GLU B 37 88.88 -44.41 -31.05
CA GLU B 37 87.61 -44.12 -31.71
C GLU B 37 86.72 -45.37 -31.86
N ASP B 38 87.30 -46.54 -31.57
CA ASP B 38 86.64 -47.84 -31.74
C ASP B 38 86.34 -48.57 -30.44
N THR B 39 86.36 -47.83 -29.33
CA THR B 39 85.96 -48.36 -28.03
C THR B 39 84.54 -48.89 -28.12
N GLY B 40 83.77 -48.32 -29.04
CA GLY B 40 82.41 -48.72 -29.30
C GLY B 40 82.19 -49.88 -30.25
N SER B 41 83.12 -50.13 -31.17
CA SER B 41 82.88 -51.13 -32.22
C SER B 41 82.72 -52.53 -31.65
N PHE B 42 81.68 -53.23 -32.10
CA PHE B 42 81.28 -54.46 -31.40
C PHE B 42 82.14 -55.67 -31.76
N HIS B 43 83.15 -55.43 -32.61
CA HIS B 43 84.21 -56.43 -32.85
C HIS B 43 85.06 -56.66 -31.60
N ARG B 44 85.20 -55.62 -30.79
CA ARG B 44 86.01 -55.73 -29.58
C ARG B 44 85.30 -56.54 -28.50
N TYR B 45 83.98 -56.52 -28.50
CA TYR B 45 83.23 -57.30 -27.51
C TYR B 45 83.09 -58.76 -27.95
N LYS B 46 83.26 -59.03 -29.25
CA LYS B 46 83.16 -60.42 -29.76
C LYS B 46 84.40 -61.30 -29.49
N SER B 47 85.50 -60.75 -28.96
CA SER B 47 86.70 -61.54 -28.64
C SER B 47 86.69 -62.07 -27.23
N ASP B 48 87.66 -62.91 -26.89
CA ASP B 48 87.84 -63.41 -25.53
C ASP B 48 88.59 -62.38 -24.65
N GLU B 49 89.42 -61.53 -25.27
CA GLU B 49 90.10 -60.43 -24.59
C GLU B 49 90.27 -59.27 -25.55
N ALA B 50 90.49 -58.07 -25.01
CA ALA B 50 90.71 -56.91 -25.87
C ALA B 50 91.54 -55.83 -25.18
N TYR B 51 92.33 -55.13 -25.99
CA TYR B 51 93.16 -54.04 -25.52
C TYR B 51 93.11 -52.86 -26.48
N LEU B 52 93.17 -51.65 -25.92
CA LEU B 52 93.33 -50.45 -26.75
C LEU B 52 94.70 -50.54 -27.41
N VAL B 53 94.84 -49.98 -28.61
CA VAL B 53 96.12 -49.98 -29.29
C VAL B 53 96.62 -48.54 -29.52
N GLY B 54 96.04 -47.84 -30.47
CA GLY B 54 96.71 -46.66 -31.04
C GLY B 54 96.47 -45.47 -30.16
N ALA B 55 97.23 -45.40 -29.06
CA ALA B 55 97.01 -44.40 -28.04
C ALA B 55 97.53 -43.07 -28.54
N GLY B 56 96.68 -42.05 -28.44
CA GLY B 56 97.04 -40.70 -28.92
C GLY B 56 97.24 -40.60 -30.43
N LYS B 57 97.15 -41.72 -31.14
CA LYS B 57 97.42 -41.74 -32.57
C LYS B 57 96.20 -41.29 -33.36
N LYS B 58 96.44 -40.78 -34.56
CA LYS B 58 95.35 -40.47 -35.49
C LYS B 58 94.62 -41.80 -35.79
N PRO B 59 93.28 -41.74 -36.00
CA PRO B 59 92.47 -42.97 -35.97
C PRO B 59 92.93 -44.08 -36.92
N ILE B 60 93.34 -43.74 -38.13
CA ILE B 60 93.80 -44.79 -39.06
C ILE B 60 95.19 -45.28 -38.67
N ASP B 61 96.06 -44.35 -38.26
CA ASP B 61 97.41 -44.68 -37.81
C ASP B 61 97.44 -45.70 -36.65
N ALA B 62 96.36 -45.71 -35.87
CA ALA B 62 96.27 -46.48 -34.64
C ALA B 62 96.41 -47.98 -34.86
N TYR B 63 95.85 -48.48 -35.96
CA TYR B 63 95.86 -49.93 -36.23
C TYR B 63 97.11 -50.34 -36.97
N LEU B 64 98.00 -49.37 -37.20
CA LEU B 64 99.28 -49.62 -37.84
C LEU B 64 100.46 -49.44 -36.89
N ASP B 65 100.20 -49.18 -35.60
CA ASP B 65 101.28 -49.11 -34.62
C ASP B 65 101.84 -50.52 -34.42
N ILE B 66 102.69 -50.91 -35.38
CA ILE B 66 103.25 -52.25 -35.46
C ILE B 66 103.79 -52.64 -34.10
N GLU B 67 104.76 -51.86 -33.63
CA GLU B 67 105.48 -52.18 -32.39
C GLU B 67 104.53 -52.41 -31.21
N ASN B 68 103.61 -51.46 -31.01
CA ASN B 68 102.59 -51.58 -29.97
C ASN B 68 101.89 -52.94 -30.05
N ILE B 69 101.40 -53.26 -31.23
CA ILE B 69 100.70 -54.51 -31.45
C ILE B 69 101.53 -55.72 -31.01
N ILE B 70 102.83 -55.73 -31.32
CA ILE B 70 103.65 -56.89 -30.90
C ILE B 70 103.76 -56.93 -29.39
N GLU B 71 103.98 -55.79 -28.74
CA GLU B 71 104.01 -55.79 -27.28
C GLU B 71 102.69 -56.35 -26.75
N ILE B 72 101.57 -55.88 -27.31
CA ILE B 72 100.24 -56.41 -26.95
C ILE B 72 100.16 -57.89 -27.24
N ALA B 73 100.68 -58.30 -28.38
CA ALA B 73 100.71 -59.72 -28.76
C ALA B 73 101.50 -60.55 -27.76
N LYS B 74 102.67 -60.04 -27.38
CA LYS B 74 103.56 -60.74 -26.46
C LYS B 74 102.96 -60.79 -25.05
N GLU B 75 102.45 -59.66 -24.57
CA GLU B 75 101.82 -59.59 -23.23
C GLU B 75 100.60 -60.50 -23.13
N SER B 76 99.87 -60.63 -24.23
CA SER B 76 98.68 -61.48 -24.30
C SER B 76 98.96 -62.98 -24.26
N GLY B 77 100.13 -63.38 -24.76
CA GLY B 77 100.46 -64.80 -24.88
C GLY B 77 100.04 -65.34 -26.23
N ALA B 78 99.81 -64.43 -27.17
CA ALA B 78 99.30 -64.77 -28.49
C ALA B 78 100.32 -65.54 -29.32
N ASP B 79 99.99 -66.78 -29.64
CA ASP B 79 100.87 -67.62 -30.45
C ASP B 79 101.01 -67.08 -31.88
N ALA B 80 100.01 -66.33 -32.36
CA ALA B 80 99.96 -65.91 -33.77
C ALA B 80 99.11 -64.66 -33.96
N ILE B 81 99.28 -64.01 -35.11
CA ILE B 81 98.58 -62.76 -35.42
C ILE B 81 97.99 -62.81 -36.81
N HIS B 82 96.70 -62.48 -36.89
CA HIS B 82 95.98 -62.44 -38.15
C HIS B 82 95.66 -61.02 -38.48
N PRO B 83 96.20 -60.50 -39.58
CA PRO B 83 96.07 -59.07 -39.89
C PRO B 83 94.86 -58.69 -40.72
N GLY B 84 94.09 -59.70 -41.12
CA GLY B 84 92.85 -59.54 -41.84
C GLY B 84 93.14 -59.05 -43.24
N TYR B 85 92.54 -57.92 -43.59
CA TYR B 85 92.81 -57.25 -44.86
C TYR B 85 92.88 -55.76 -44.66
N GLY B 86 93.58 -55.08 -45.56
CA GLY B 86 93.90 -53.67 -45.37
C GLY B 86 94.84 -53.51 -44.18
N PHE B 87 95.06 -52.29 -43.73
CA PHE B 87 95.97 -52.02 -42.62
C PHE B 87 97.31 -52.75 -42.81
N LEU B 88 97.67 -53.62 -41.87
CA LEU B 88 98.99 -54.25 -41.92
C LEU B 88 98.99 -55.59 -42.63
N SER B 89 97.92 -55.86 -43.36
CA SER B 89 97.77 -57.15 -44.05
C SER B 89 98.95 -57.42 -44.97
N GLU B 90 99.39 -56.39 -45.69
CA GLU B 90 100.46 -56.52 -46.69
C GLU B 90 101.79 -55.89 -46.26
N ASN B 91 101.80 -55.18 -45.14
CA ASN B 91 103.00 -54.49 -44.65
C ASN B 91 104.12 -55.49 -44.33
N ILE B 92 105.25 -55.33 -45.02
CA ILE B 92 106.41 -56.24 -44.86
C ILE B 92 107.02 -56.14 -43.47
N GLU B 93 107.32 -54.91 -43.05
CA GLU B 93 108.01 -54.67 -41.78
C GLU B 93 107.36 -55.48 -40.66
N PHE B 94 106.03 -55.40 -40.59
CA PHE B 94 105.20 -56.14 -39.62
C PHE B 94 105.36 -57.64 -39.82
N ALA B 95 105.17 -58.08 -41.05
CA ALA B 95 105.33 -59.50 -41.36
C ALA B 95 106.67 -60.03 -40.86
N ARG B 96 107.73 -59.36 -41.24
CA ARG B 96 109.06 -59.68 -40.80
C ARG B 96 109.14 -59.70 -39.27
N ARG B 97 108.65 -58.61 -38.67
CA ARG B 97 108.76 -58.37 -37.25
C ARG B 97 108.12 -59.48 -36.42
N CYS B 98 107.07 -60.09 -36.95
CA CYS B 98 106.44 -61.24 -36.32
C CYS B 98 107.43 -62.40 -36.24
N GLU B 99 108.04 -62.70 -37.39
CA GLU B 99 109.01 -63.79 -37.51
C GLU B 99 110.18 -63.57 -36.56
N GLN B 100 110.64 -62.33 -36.48
CA GLN B 100 111.68 -61.92 -35.52
C GLN B 100 111.33 -62.31 -34.08
N GLU B 101 110.11 -62.01 -33.65
CA GLU B 101 109.66 -62.34 -32.29
C GLU B 101 109.09 -63.74 -32.14
N GLY B 102 109.08 -64.51 -33.23
CA GLY B 102 108.61 -65.88 -33.19
C GLY B 102 107.09 -66.02 -33.13
N ILE B 103 106.38 -64.90 -33.28
CA ILE B 103 104.94 -64.91 -33.42
C ILE B 103 104.61 -65.40 -34.81
N ILE B 104 103.75 -66.42 -34.90
CA ILE B 104 103.29 -66.91 -36.20
C ILE B 104 102.46 -65.83 -36.86
N PHE B 105 102.66 -65.64 -38.16
CA PHE B 105 101.93 -64.63 -38.90
C PHE B 105 101.04 -65.37 -39.87
N VAL B 106 99.73 -65.17 -39.73
CA VAL B 106 98.76 -65.89 -40.57
C VAL B 106 98.69 -65.24 -41.95
N GLY B 107 99.43 -65.84 -42.87
CA GLY B 107 99.58 -65.34 -44.23
C GLY B 107 100.91 -65.80 -44.83
N PRO B 108 101.30 -65.25 -45.98
CA PRO B 108 102.47 -65.75 -46.63
C PRO B 108 103.73 -65.29 -45.91
N LYS B 109 104.87 -65.85 -46.30
CA LYS B 109 106.17 -65.39 -45.81
C LYS B 109 106.43 -63.96 -46.32
N SER B 110 107.19 -63.17 -45.56
CA SER B 110 107.46 -61.76 -45.94
C SER B 110 108.12 -61.61 -47.32
N LYS B 111 108.94 -62.60 -47.71
CA LYS B 111 109.49 -62.64 -49.08
C LYS B 111 108.38 -62.55 -50.14
N HIS B 112 107.25 -63.21 -49.88
CA HIS B 112 106.08 -63.19 -50.78
C HIS B 112 105.47 -61.79 -50.87
N LEU B 113 105.30 -61.15 -49.72
CA LEU B 113 104.78 -59.78 -49.71
C LEU B 113 105.76 -58.80 -50.37
N ASP B 114 107.05 -59.07 -50.22
CA ASP B 114 108.10 -58.26 -50.81
C ASP B 114 107.98 -58.27 -52.33
N MET B 115 107.97 -59.47 -52.91
CA MET B 115 107.86 -59.60 -54.38
C MET B 115 106.59 -58.98 -54.94
N PHE B 116 105.50 -59.03 -54.18
CA PHE B 116 104.24 -58.47 -54.65
C PHE B 116 103.95 -57.09 -54.08
N GLY B 117 104.84 -56.59 -53.22
CA GLY B 117 104.69 -55.26 -52.60
C GLY B 117 104.26 -54.18 -53.57
N ASP B 118 105.05 -54.00 -54.63
CA ASP B 118 104.69 -53.06 -55.70
C ASP B 118 104.02 -53.82 -56.83
N LYS B 119 103.17 -53.13 -57.59
CA LYS B 119 102.48 -53.76 -58.74
C LYS B 119 103.48 -54.18 -59.81
N ILE B 120 104.56 -53.40 -59.95
CA ILE B 120 105.58 -53.67 -60.96
C ILE B 120 106.36 -54.96 -60.73
N LYS B 121 106.70 -55.24 -59.47
CA LYS B 121 107.58 -56.37 -59.14
C LYS B 121 106.78 -57.67 -59.24
N ALA B 122 105.46 -57.54 -59.14
CA ALA B 122 104.54 -58.65 -59.38
C ALA B 122 104.37 -58.92 -60.86
N LYS B 123 104.04 -57.89 -61.64
CA LYS B 123 103.95 -58.02 -63.11
C LYS B 123 105.24 -58.64 -63.63
N GLU B 124 106.36 -58.21 -63.05
CA GLU B 124 107.67 -58.81 -63.31
C GLU B 124 107.65 -60.29 -62.97
N GLN B 125 107.23 -60.59 -61.74
CA GLN B 125 107.09 -61.98 -61.25
C GLN B 125 106.12 -62.82 -62.06
N ALA B 126 105.18 -62.15 -62.72
CA ALA B 126 104.24 -62.82 -63.59
C ALA B 126 104.91 -63.38 -64.86
N LEU B 127 105.79 -62.61 -65.52
CA LEU B 127 106.47 -63.12 -66.71
C LEU B 127 107.35 -64.30 -66.37
N LEU B 128 108.03 -64.24 -65.22
CA LEU B 128 108.90 -65.34 -64.80
C LEU B 128 108.13 -66.64 -64.67
N ALA B 129 106.87 -66.54 -64.23
CA ALA B 129 105.97 -67.70 -64.21
C ALA B 129 105.48 -68.09 -65.60
N ASP B 130 105.65 -67.19 -66.57
CA ASP B 130 105.29 -67.45 -67.97
C ASP B 130 103.77 -67.54 -68.12
N ILE B 131 103.11 -66.42 -67.90
CA ILE B 131 101.65 -66.29 -68.02
C ILE B 131 101.35 -64.96 -68.73
N PRO B 132 100.14 -64.82 -69.30
CA PRO B 132 99.78 -63.61 -70.06
C PRO B 132 99.80 -62.35 -69.22
N VAL B 133 100.26 -61.24 -69.81
CA VAL B 133 100.37 -59.95 -69.11
C VAL B 133 99.95 -58.84 -70.06
N ILE B 134 99.60 -57.69 -69.51
CA ILE B 134 99.24 -56.51 -70.31
C ILE B 134 100.52 -55.91 -70.90
N PRO B 135 100.47 -55.43 -72.16
CA PRO B 135 101.67 -54.79 -72.68
C PRO B 135 101.87 -53.43 -72.01
N GLY B 136 103.05 -53.23 -71.43
CA GLY B 136 103.36 -52.01 -70.69
C GLY B 136 104.84 -51.72 -70.61
N SER B 137 105.17 -50.67 -69.88
CA SER B 137 106.57 -50.26 -69.69
C SER B 137 107.37 -51.29 -68.90
N ASN B 138 108.56 -51.62 -69.42
CA ASN B 138 109.41 -52.68 -68.82
C ASN B 138 109.99 -52.31 -67.46
N GLY B 139 109.98 -51.01 -67.15
CA GLY B 139 110.18 -50.53 -65.80
C GLY B 139 109.04 -49.59 -65.45
N PRO B 140 109.11 -48.97 -64.26
CA PRO B 140 108.21 -47.88 -63.94
C PRO B 140 108.46 -46.69 -64.86
N VAL B 141 107.41 -46.09 -65.37
CA VAL B 141 107.55 -45.02 -66.37
C VAL B 141 107.98 -43.74 -65.67
N ALA B 142 109.27 -43.68 -65.36
CA ALA B 142 109.86 -42.60 -64.57
C ALA B 142 109.82 -41.27 -65.32
N GLY B 143 110.02 -41.30 -66.64
CA GLY B 143 109.89 -40.09 -67.44
C GLY B 143 108.44 -39.66 -67.55
N ILE B 144 108.19 -38.36 -67.37
CA ILE B 144 106.90 -37.71 -67.57
C ILE B 144 106.71 -37.42 -69.07
N LYS B 145 105.75 -38.08 -69.72
CA LYS B 145 105.49 -37.87 -71.15
C LYS B 145 106.50 -38.68 -71.99
N GLU B 146 107.40 -39.44 -71.33
CA GLU B 146 108.15 -40.53 -71.97
C GLU B 146 107.12 -41.52 -72.50
N VAL B 147 105.92 -41.40 -71.95
CA VAL B 147 104.73 -42.16 -72.36
C VAL B 147 104.40 -41.95 -73.83
N GLU B 148 104.30 -40.69 -74.26
CA GLU B 148 103.85 -40.41 -75.62
C GLU B 148 104.64 -41.24 -76.62
N GLU B 149 105.95 -41.34 -76.40
CA GLU B 149 106.84 -42.21 -77.19
C GLU B 149 106.45 -43.68 -77.00
N PHE B 150 106.28 -44.09 -75.73
CA PHE B 150 105.79 -45.42 -75.41
C PHE B 150 104.33 -45.58 -75.88
N GLY B 151 103.58 -44.47 -75.84
CA GLY B 151 102.18 -44.43 -76.27
C GLY B 151 102.04 -44.46 -77.78
N GLU B 152 103.00 -43.84 -78.46
CA GLU B 152 103.00 -43.76 -79.91
C GLU B 152 103.14 -45.16 -80.48
N LYS B 153 104.05 -45.94 -79.87
CA LYS B 153 104.37 -47.30 -80.32
C LYS B 153 103.23 -48.31 -80.17
N ASN B 154 102.47 -48.25 -79.06
CA ASN B 154 101.42 -49.25 -78.74
C ASN B 154 99.94 -48.94 -79.05
N GLY B 155 99.35 -47.97 -78.36
CA GLY B 155 97.92 -47.64 -78.49
C GLY B 155 97.46 -46.20 -78.47
N TYR B 156 96.29 -45.96 -79.07
CA TYR B 156 95.60 -44.69 -78.96
C TYR B 156 95.24 -44.42 -77.50
N PRO B 157 94.56 -45.39 -76.82
CA PRO B 157 94.13 -45.21 -75.42
C PRO B 157 95.09 -45.87 -74.42
N LEU B 158 95.52 -45.18 -73.37
CA LEU B 158 96.39 -45.79 -72.34
C LEU B 158 95.96 -45.50 -70.89
N MET B 159 96.22 -46.45 -69.98
CA MET B 159 95.94 -46.28 -68.54
C MET B 159 97.27 -46.13 -67.79
N ILE B 160 97.29 -45.26 -66.80
CA ILE B 160 98.45 -45.06 -65.95
C ILE B 160 98.15 -45.56 -64.53
N LYS B 161 99.10 -46.31 -63.94
CA LYS B 161 98.91 -46.97 -62.64
C LYS B 161 100.12 -46.78 -61.75
N ALA B 162 99.90 -46.67 -60.45
CA ALA B 162 101.00 -46.60 -59.47
C ALA B 162 101.29 -47.94 -58.80
N SER B 163 102.34 -47.99 -57.98
CA SER B 163 102.48 -49.08 -57.03
C SER B 163 101.37 -49.00 -55.97
N ARG B 172 94.75 -43.69 -63.43
CA ARG B 172 93.95 -42.86 -64.33
C ARG B 172 94.08 -43.16 -65.84
N VAL B 173 93.04 -42.82 -66.62
CA VAL B 173 92.90 -43.22 -68.02
C VAL B 173 93.26 -42.14 -69.02
N VAL B 174 93.80 -42.55 -70.17
CA VAL B 174 94.21 -41.63 -71.27
C VAL B 174 93.78 -42.10 -72.68
N GLU B 175 93.34 -41.16 -73.53
CA GLU B 175 93.05 -41.42 -74.95
C GLU B 175 94.15 -40.89 -75.88
N SER B 176 95.30 -40.56 -75.29
CA SER B 176 96.56 -40.10 -75.96
C SER B 176 96.48 -38.57 -76.25
N LYS B 177 97.51 -38.05 -76.92
CA LYS B 177 97.53 -36.64 -77.32
C LYS B 177 97.69 -35.70 -76.13
N GLU B 178 96.81 -34.70 -76.03
CA GLU B 178 96.87 -33.70 -75.00
C GLU B 178 96.59 -34.21 -73.59
N HIS B 179 95.82 -35.29 -73.50
CA HIS B 179 95.31 -35.77 -72.20
C HIS B 179 96.47 -36.24 -71.35
N VAL B 180 97.52 -36.74 -72.00
CA VAL B 180 98.69 -37.28 -71.33
C VAL B 180 99.19 -36.33 -70.25
N LYS B 181 99.31 -35.04 -70.61
CA LYS B 181 99.74 -34.01 -69.66
C LYS B 181 98.84 -33.99 -68.41
N GLU B 182 97.55 -33.76 -68.62
CA GLU B 182 96.57 -33.61 -67.53
C GLU B 182 96.49 -34.82 -66.60
N SER B 183 96.68 -36.03 -67.14
CA SER B 183 96.54 -37.27 -66.36
C SER B 183 97.71 -37.55 -65.42
N PHE B 184 98.93 -37.40 -65.91
CA PHE B 184 100.12 -37.66 -65.10
C PHE B 184 100.22 -36.75 -63.85
N GLU B 185 100.16 -35.42 -64.04
CA GLU B 185 100.35 -34.49 -62.93
C GLU B 185 99.44 -34.83 -61.76
N ARG B 186 98.22 -35.27 -62.04
CA ARG B 186 97.26 -35.67 -60.99
C ARG B 186 97.42 -37.12 -60.55
N ALA B 187 97.76 -38.01 -61.48
CA ALA B 187 97.99 -39.42 -61.16
C ALA B 187 99.13 -39.61 -60.17
N SER B 188 100.30 -39.11 -60.53
CA SER B 188 101.48 -39.19 -59.65
C SER B 188 101.31 -38.39 -58.35
N SER B 189 100.54 -37.29 -58.40
CA SER B 189 100.27 -36.51 -57.18
C SER B 189 99.27 -37.24 -56.29
N GLU B 190 98.25 -37.84 -56.91
CA GLU B 190 97.30 -38.68 -56.19
C GLU B 190 98.02 -39.83 -55.53
N ALA B 191 98.95 -40.43 -56.25
CA ALA B 191 99.75 -41.54 -55.72
C ALA B 191 100.64 -41.07 -54.55
N LYS B 192 101.17 -39.85 -54.64
CA LYS B 192 101.94 -39.25 -53.54
C LYS B 192 101.06 -38.88 -52.35
N ALA B 193 99.86 -38.36 -52.66
CA ALA B 193 98.88 -38.02 -51.62
C ALA B 193 98.35 -39.28 -50.94
N ALA B 194 98.04 -40.30 -51.74
CA ALA B 194 97.51 -41.56 -51.23
C ALA B 194 98.58 -42.38 -50.54
N PHE B 195 99.72 -42.57 -51.21
CA PHE B 195 100.81 -43.39 -50.71
C PHE B 195 102.10 -42.59 -50.62
N GLY B 196 103.15 -43.20 -50.08
CA GLY B 196 104.45 -42.55 -50.00
C GLY B 196 105.04 -42.17 -51.36
N ASN B 197 104.99 -43.12 -52.29
CA ASN B 197 105.66 -42.99 -53.58
C ASN B 197 104.79 -42.37 -54.66
N ASP B 198 105.44 -41.69 -55.61
CA ASP B 198 104.77 -41.15 -56.79
C ASP B 198 105.05 -42.04 -57.97
N GLU B 199 105.84 -43.10 -57.76
CA GLU B 199 106.26 -43.98 -58.84
C GLU B 199 105.04 -44.47 -59.58
N VAL B 200 105.05 -44.29 -60.89
CA VAL B 200 103.89 -44.63 -61.70
C VAL B 200 104.31 -45.48 -62.89
N TYR B 201 103.53 -46.53 -63.17
CA TYR B 201 103.78 -47.41 -64.32
C TYR B 201 102.64 -47.28 -65.36
N VAL B 202 102.86 -47.76 -66.58
CA VAL B 202 101.84 -47.66 -67.65
C VAL B 202 101.69 -48.89 -68.52
N GLU B 203 100.43 -49.19 -68.85
CA GLU B 203 100.06 -50.31 -69.70
C GLU B 203 98.99 -49.92 -70.73
N LYS B 204 98.86 -50.76 -71.74
CA LYS B 204 97.88 -50.59 -72.81
C LYS B 204 96.50 -50.54 -72.17
N CYS B 205 95.77 -49.45 -72.38
CA CYS B 205 94.35 -49.38 -71.95
C CYS B 205 93.61 -50.53 -72.58
N VAL B 206 92.52 -50.92 -71.95
CA VAL B 206 91.74 -52.05 -72.43
C VAL B 206 90.29 -51.65 -72.58
N MET B 207 89.60 -52.31 -73.50
CA MET B 207 88.22 -51.98 -73.78
C MET B 207 87.31 -53.03 -73.19
N ASN B 208 86.40 -52.56 -72.33
CA ASN B 208 85.28 -53.36 -71.85
C ASN B 208 85.69 -54.75 -71.34
N PRO B 209 86.67 -54.81 -70.44
CA PRO B 209 87.08 -56.07 -69.91
C PRO B 209 86.16 -56.58 -68.80
N LYS B 210 86.40 -57.82 -68.40
CA LYS B 210 85.71 -58.46 -67.30
C LYS B 210 86.77 -58.70 -66.23
N HIS B 211 86.53 -58.23 -65.00
CA HIS B 211 87.49 -58.35 -63.91
C HIS B 211 87.27 -59.69 -63.23
N ILE B 212 88.24 -60.61 -63.36
CA ILE B 212 88.10 -61.97 -62.78
C ILE B 212 89.24 -62.30 -61.83
N GLU B 213 88.90 -62.74 -60.62
CA GLU B 213 89.90 -63.12 -59.62
C GLU B 213 89.83 -64.62 -59.37
N VAL B 214 90.96 -65.21 -58.94
CA VAL B 214 91.00 -66.63 -58.55
C VAL B 214 91.54 -66.79 -57.15
N GLN B 215 90.86 -67.56 -56.30
CA GLN B 215 91.26 -67.66 -54.89
C GLN B 215 92.20 -68.82 -54.83
N ILE B 216 93.30 -68.64 -54.10
CA ILE B 216 94.33 -69.68 -53.97
C ILE B 216 94.62 -70.00 -52.51
N LEU B 217 94.85 -71.28 -52.23
CA LEU B 217 95.28 -71.75 -50.91
C LEU B 217 96.50 -72.64 -51.09
N GLY B 218 97.57 -72.34 -50.36
CA GLY B 218 98.77 -73.17 -50.40
C GLY B 218 99.30 -73.46 -49.01
N ASP B 219 99.67 -74.71 -48.73
CA ASP B 219 100.22 -75.05 -47.40
C ASP B 219 101.71 -74.88 -47.35
N THR B 220 102.25 -75.06 -46.15
CA THR B 220 103.69 -75.07 -45.89
C THR B 220 104.43 -76.26 -46.55
N HIS B 221 103.66 -77.23 -47.06
CA HIS B 221 104.16 -78.47 -47.62
C HIS B 221 104.06 -78.49 -49.15
N GLY B 222 104.16 -77.33 -49.79
CA GLY B 222 104.16 -77.21 -51.26
C GLY B 222 102.93 -77.71 -52.01
N ASN B 223 101.79 -77.85 -51.33
CA ASN B 223 100.51 -78.17 -51.98
C ASN B 223 99.77 -76.87 -52.23
N ILE B 224 99.41 -76.61 -53.48
CA ILE B 224 98.66 -75.41 -53.82
C ILE B 224 97.40 -75.85 -54.56
N VAL B 225 96.31 -75.13 -54.27
CA VAL B 225 94.99 -75.42 -54.81
C VAL B 225 94.35 -74.06 -55.14
N HIS B 226 93.45 -74.05 -56.12
CA HIS B 226 92.62 -72.90 -56.40
C HIS B 226 91.16 -73.23 -56.11
N LEU B 227 90.41 -72.22 -55.70
CA LEU B 227 88.99 -72.34 -55.31
C LEU B 227 88.09 -71.66 -56.33
N PHE B 228 88.57 -71.59 -57.57
CA PHE B 228 87.83 -71.00 -58.68
C PHE B 228 87.75 -69.48 -58.65
N GLU B 229 87.17 -68.94 -59.72
CA GLU B 229 87.13 -67.51 -59.92
C GLU B 229 86.02 -66.80 -59.12
N ARG B 230 86.09 -65.47 -59.17
CA ARG B 230 85.03 -64.58 -58.76
C ARG B 230 84.96 -63.46 -59.80
N ASP B 231 83.76 -63.02 -60.13
CA ASP B 231 83.55 -61.94 -61.11
C ASP B 231 83.25 -60.61 -60.41
N CYS B 232 84.24 -59.72 -60.40
CA CYS B 232 84.09 -58.40 -59.79
C CYS B 232 84.00 -57.29 -60.84
N SER B 233 83.45 -57.64 -62.00
CA SER B 233 83.35 -56.71 -63.11
C SER B 233 82.41 -55.54 -62.81
N ILE B 234 81.45 -55.72 -61.91
CA ILE B 234 80.57 -54.61 -61.54
C ILE B 234 81.38 -53.66 -60.68
N GLN B 235 81.67 -52.47 -61.19
CA GLN B 235 82.43 -51.48 -60.42
C GLN B 235 81.98 -50.06 -60.73
N ARG B 236 82.13 -49.18 -59.73
CA ARG B 236 81.83 -47.75 -59.88
C ARG B 236 83.09 -46.93 -59.76
N ARG B 237 83.47 -46.27 -60.85
CA ARG B 237 84.70 -45.50 -60.90
C ARG B 237 85.85 -46.41 -60.50
N HIS B 238 85.82 -47.64 -61.03
CA HIS B 238 86.84 -48.66 -60.76
C HIS B 238 86.96 -49.05 -59.29
N GLN B 239 85.82 -49.12 -58.61
CA GLN B 239 85.73 -49.52 -57.21
C GLN B 239 84.71 -50.66 -57.18
N LYS B 240 85.10 -51.81 -56.65
CA LYS B 240 84.20 -52.97 -56.61
C LYS B 240 82.91 -52.63 -55.84
N VAL B 241 81.77 -53.09 -56.35
CA VAL B 241 80.48 -52.81 -55.72
C VAL B 241 79.70 -54.10 -55.43
N VAL B 242 79.47 -54.89 -56.48
CA VAL B 242 78.84 -56.19 -56.37
C VAL B 242 79.72 -57.27 -56.98
N GLU B 243 79.97 -58.30 -56.20
CA GLU B 243 80.89 -59.34 -56.57
C GLU B 243 80.09 -60.63 -56.66
N VAL B 244 80.42 -61.44 -57.66
CA VAL B 244 79.65 -62.64 -57.99
C VAL B 244 80.60 -63.79 -58.29
N ALA B 245 80.20 -64.98 -57.87
CA ALA B 245 80.94 -66.18 -58.22
C ALA B 245 80.00 -67.37 -58.33
N PRO B 246 80.31 -68.31 -59.25
CA PRO B 246 81.44 -68.21 -60.17
C PRO B 246 80.99 -67.30 -61.29
N CYS B 247 81.90 -66.98 -62.20
CA CYS B 247 81.54 -66.21 -63.38
C CYS B 247 80.73 -67.03 -64.36
N ASN B 248 79.53 -66.57 -64.62
CA ASN B 248 78.57 -67.30 -65.41
C ASN B 248 78.91 -67.26 -66.90
N ALA B 249 79.47 -66.13 -67.34
CA ALA B 249 79.59 -65.79 -68.75
C ALA B 249 80.83 -66.34 -69.45
N ILE B 250 81.70 -67.03 -68.75
CA ILE B 250 82.85 -67.64 -69.42
C ILE B 250 82.68 -69.16 -69.59
N THR B 251 83.42 -69.71 -70.56
CA THR B 251 83.40 -71.15 -70.84
C THR B 251 84.35 -71.87 -69.88
N SER B 252 83.91 -73.04 -69.40
CA SER B 252 84.69 -73.80 -68.42
C SER B 252 86.12 -73.98 -68.89
N GLU B 253 86.29 -74.33 -70.15
CA GLU B 253 87.63 -74.44 -70.73
C GLU B 253 88.48 -73.21 -70.37
N LEU B 254 87.89 -72.03 -70.53
CA LEU B 254 88.58 -70.76 -70.28
C LEU B 254 88.90 -70.66 -68.79
N ARG B 255 87.86 -70.82 -67.97
CA ARG B 255 87.99 -70.67 -66.52
C ARG B 255 89.23 -71.41 -66.09
N ASN B 256 89.28 -72.69 -66.46
CA ASN B 256 90.37 -73.56 -66.03
C ASN B 256 91.71 -73.04 -66.45
N ARG B 257 91.76 -72.50 -67.67
CA ARG B 257 92.98 -71.91 -68.20
C ARG B 257 93.48 -70.84 -67.24
N ILE B 258 92.58 -69.92 -66.91
CA ILE B 258 92.91 -68.78 -66.02
C ILE B 258 93.34 -69.28 -64.65
N CYS B 259 92.53 -70.16 -64.09
CA CYS B 259 92.81 -70.71 -62.76
C CYS B 259 94.17 -71.40 -62.77
N ASP B 260 94.37 -72.30 -63.73
CA ASP B 260 95.65 -73.00 -63.88
C ASP B 260 96.81 -72.03 -64.04
N ALA B 261 96.57 -70.92 -64.73
CA ALA B 261 97.56 -69.85 -64.86
C ALA B 261 97.94 -69.32 -63.48
N ALA B 262 96.92 -69.02 -62.69
CA ALA B 262 97.12 -68.55 -61.32
C ALA B 262 97.90 -69.57 -60.52
N VAL B 263 97.49 -70.84 -60.62
CA VAL B 263 98.14 -71.89 -59.84
C VAL B 263 99.62 -71.91 -60.17
N LYS B 264 99.92 -71.94 -61.47
CA LYS B 264 101.28 -72.01 -61.98
C LYS B 264 102.18 -70.92 -61.39
N LEU B 265 101.65 -69.70 -61.39
CA LEU B 265 102.31 -68.56 -60.78
C LEU B 265 102.60 -68.79 -59.29
N MET B 266 101.57 -69.06 -58.50
CA MET B 266 101.73 -69.22 -57.06
C MET B 266 102.58 -70.44 -56.71
N LYS B 267 102.52 -71.47 -57.56
CA LYS B 267 103.41 -72.61 -57.42
C LYS B 267 104.85 -72.15 -57.65
N ASN B 268 105.05 -71.39 -58.73
CA ASN B 268 106.37 -70.83 -59.08
C ASN B 268 107.04 -70.05 -57.93
N VAL B 269 106.24 -69.43 -57.09
CA VAL B 269 106.77 -68.65 -55.96
C VAL B 269 106.80 -69.46 -54.65
N ASP B 270 106.35 -70.71 -54.70
CA ASP B 270 106.15 -71.55 -53.51
C ASP B 270 105.28 -70.83 -52.50
N TYR B 271 104.13 -70.33 -52.97
CA TYR B 271 103.24 -69.47 -52.16
C TYR B 271 102.56 -70.23 -51.03
N ILE B 272 102.53 -69.59 -49.86
CA ILE B 272 101.99 -70.17 -48.63
C ILE B 272 100.79 -69.38 -48.12
N ASN B 273 99.77 -70.13 -47.72
CA ASN B 273 98.50 -69.63 -47.16
C ASN B 273 97.52 -69.17 -48.24
N ALA B 274 96.67 -68.22 -47.91
CA ALA B 274 95.60 -67.78 -48.80
C ALA B 274 95.96 -66.45 -49.46
N GLY B 275 95.58 -66.34 -50.72
CA GLY B 275 95.83 -65.15 -51.52
C GLY B 275 95.04 -65.20 -52.81
N THR B 276 95.03 -64.10 -53.53
CA THR B 276 94.23 -64.02 -54.74
C THR B 276 95.00 -63.45 -55.91
N VAL B 277 94.80 -64.07 -57.08
CA VAL B 277 95.37 -63.62 -58.34
C VAL B 277 94.26 -63.02 -59.19
N GLU B 278 94.40 -61.74 -59.52
CA GLU B 278 93.39 -61.04 -60.29
C GLU B 278 93.75 -61.16 -61.77
N PHE B 279 92.74 -61.21 -62.63
CA PHE B 279 92.92 -61.20 -64.10
C PHE B 279 91.92 -60.26 -64.77
N LEU B 280 92.32 -59.68 -65.90
CA LEU B 280 91.36 -59.02 -66.79
C LEU B 280 91.10 -59.92 -67.97
N VAL B 281 89.86 -59.96 -68.43
CA VAL B 281 89.46 -60.88 -69.49
C VAL B 281 88.67 -60.20 -70.59
N GLU B 282 89.14 -60.36 -71.82
CA GLU B 282 88.46 -59.89 -73.02
C GLU B 282 88.26 -61.08 -73.96
N GLY B 283 87.03 -61.26 -74.44
CA GLY B 283 86.72 -62.33 -75.37
C GLY B 283 87.22 -63.66 -74.86
N ASP B 284 88.25 -64.21 -75.50
CA ASP B 284 88.89 -65.47 -75.06
C ASP B 284 90.35 -65.27 -74.66
N ASP B 285 90.79 -64.03 -74.56
CA ASP B 285 92.14 -63.73 -74.05
C ASP B 285 92.07 -63.13 -72.66
N PHE B 286 92.90 -63.63 -71.76
CA PHE B 286 92.96 -63.11 -70.42
C PHE B 286 94.37 -62.64 -70.12
N TYR B 287 94.48 -61.74 -69.15
CA TYR B 287 95.75 -61.11 -68.81
C TYR B 287 95.87 -60.81 -67.31
N PHE B 288 97.05 -61.13 -66.75
CA PHE B 288 97.35 -60.81 -65.35
C PHE B 288 97.26 -59.30 -65.11
N ILE B 289 96.88 -58.91 -63.89
CA ILE B 289 96.89 -57.47 -63.49
C ILE B 289 97.48 -57.21 -62.11
N GLU B 290 97.13 -58.03 -61.11
CA GLU B 290 97.62 -57.81 -59.75
C GLU B 290 97.55 -59.10 -58.94
N VAL B 291 98.20 -59.09 -57.77
CA VAL B 291 98.14 -60.20 -56.82
C VAL B 291 97.96 -59.73 -55.38
N ASN B 292 96.93 -60.25 -54.72
CA ASN B 292 96.64 -59.92 -53.34
C ASN B 292 97.04 -61.08 -52.42
N PRO B 293 98.10 -60.89 -51.62
CA PRO B 293 98.55 -61.92 -50.69
C PRO B 293 97.82 -61.85 -49.34
N ARG B 294 96.49 -61.95 -49.40
CA ARG B 294 95.65 -61.86 -48.21
C ARG B 294 94.25 -62.39 -48.48
N VAL B 295 93.45 -62.43 -47.41
CA VAL B 295 92.02 -62.70 -47.55
C VAL B 295 91.47 -61.49 -48.24
N GLN B 296 90.45 -61.68 -49.05
CA GLN B 296 89.79 -60.53 -49.59
C GLN B 296 88.40 -60.37 -48.99
N VAL B 297 87.84 -59.18 -49.18
CA VAL B 297 86.51 -58.90 -48.66
C VAL B 297 85.51 -59.89 -49.25
N GLU B 298 85.64 -60.16 -50.55
CA GLU B 298 84.68 -60.96 -51.29
C GLU B 298 84.95 -62.46 -51.21
N HIS B 299 85.68 -62.91 -50.19
CA HIS B 299 86.04 -64.33 -50.10
C HIS B 299 84.84 -65.19 -49.71
N THR B 300 83.85 -64.56 -49.11
CA THR B 300 82.62 -65.24 -48.76
C THR B 300 82.05 -66.06 -49.92
N ILE B 301 81.79 -65.41 -51.06
CA ILE B 301 81.12 -66.08 -52.14
C ILE B 301 81.85 -67.34 -52.59
N THR B 302 83.17 -67.30 -52.58
CA THR B 302 83.96 -68.45 -52.96
C THR B 302 83.74 -69.55 -51.94
N GLU B 303 83.76 -69.19 -50.67
CA GLU B 303 83.36 -70.15 -49.60
C GLU B 303 82.00 -70.86 -49.89
N MET B 304 81.07 -70.10 -50.45
CA MET B 304 79.72 -70.57 -50.61
C MET B 304 79.57 -71.54 -51.75
N ILE B 305 80.34 -71.34 -52.81
CA ILE B 305 80.26 -72.22 -53.97
C ILE B 305 81.16 -73.45 -53.83
N THR B 306 82.33 -73.28 -53.21
CA THR B 306 83.24 -74.41 -53.00
C THR B 306 82.83 -75.27 -51.81
N GLY B 307 82.34 -74.65 -50.76
CA GLY B 307 82.00 -75.34 -49.54
C GLY B 307 83.12 -75.28 -48.54
N ILE B 308 84.22 -74.63 -48.94
CA ILE B 308 85.42 -74.59 -48.10
C ILE B 308 85.53 -73.34 -47.25
N ASP B 309 85.61 -73.51 -45.93
CA ASP B 309 85.82 -72.39 -45.00
C ASP B 309 87.25 -71.92 -45.18
N ILE B 310 87.42 -70.77 -45.81
CA ILE B 310 88.73 -70.22 -46.12
C ILE B 310 89.52 -69.84 -44.87
N VAL B 311 88.88 -69.11 -43.97
CA VAL B 311 89.58 -68.56 -42.85
C VAL B 311 89.97 -69.67 -41.88
N GLN B 312 89.09 -70.63 -41.66
CA GLN B 312 89.48 -71.79 -40.88
C GLN B 312 90.74 -72.36 -41.52
N SER B 313 90.72 -72.52 -42.84
CA SER B 313 91.87 -73.07 -43.55
C SER B 313 93.10 -72.20 -43.31
N GLN B 314 92.97 -70.90 -43.45
CA GLN B 314 94.09 -69.99 -43.16
C GLN B 314 94.76 -70.33 -41.84
N LEU B 315 93.96 -70.60 -40.81
CA LEU B 315 94.49 -70.90 -39.47
C LEU B 315 95.17 -72.26 -39.41
N PHE B 316 94.61 -73.26 -40.09
CA PHE B 316 95.25 -74.59 -40.18
C PHE B 316 96.59 -74.53 -40.87
N ILE B 317 96.63 -73.80 -41.97
CA ILE B 317 97.85 -73.61 -42.73
C ILE B 317 98.92 -72.89 -41.90
N ALA B 318 98.55 -71.85 -41.18
CA ALA B 318 99.50 -71.16 -40.33
C ALA B 318 99.99 -72.05 -39.21
N ASP B 319 99.16 -73.00 -38.79
CA ASP B 319 99.63 -74.06 -37.88
C ASP B 319 100.40 -75.15 -38.63
N GLY B 320 100.36 -75.10 -39.96
CA GLY B 320 101.25 -75.87 -40.80
C GLY B 320 100.68 -77.12 -41.41
N TYR B 321 99.48 -77.50 -41.00
CA TYR B 321 98.84 -78.71 -41.51
C TYR B 321 98.84 -78.65 -43.05
N ALA B 322 98.80 -79.82 -43.64
CA ALA B 322 98.68 -79.93 -45.08
C ALA B 322 97.23 -79.70 -45.50
N LEU B 323 97.06 -79.20 -46.71
CA LEU B 323 95.73 -78.89 -47.23
C LEU B 323 94.83 -80.09 -47.12
N HIS B 324 95.38 -81.27 -47.42
CA HIS B 324 94.56 -82.45 -47.57
C HIS B 324 94.58 -83.34 -46.34
N ASP B 325 95.05 -82.82 -45.20
CA ASP B 325 94.91 -83.53 -43.94
C ASP B 325 93.47 -83.89 -43.64
N GLN B 326 93.29 -84.79 -42.69
CA GLN B 326 91.95 -85.22 -42.28
C GLN B 326 91.20 -84.04 -41.67
N LEU B 327 91.84 -83.38 -40.71
CA LEU B 327 91.24 -82.28 -39.96
C LEU B 327 90.88 -81.06 -40.84
N VAL B 328 91.78 -80.69 -41.75
CA VAL B 328 91.58 -79.57 -42.65
C VAL B 328 90.54 -79.88 -43.70
N ALA B 329 90.51 -81.10 -44.17
CA ALA B 329 89.45 -81.59 -45.03
C ALA B 329 89.25 -80.78 -46.31
N ILE B 330 90.34 -80.32 -46.91
CA ILE B 330 90.27 -79.79 -48.28
C ILE B 330 90.54 -80.90 -49.28
N PRO B 331 89.65 -81.07 -50.25
CA PRO B 331 89.83 -82.22 -51.14
C PRO B 331 90.89 -81.93 -52.18
N LYS B 332 91.38 -83.00 -52.80
CA LYS B 332 92.25 -82.88 -53.97
C LYS B 332 91.54 -82.04 -55.02
N GLN B 333 92.32 -81.23 -55.72
CA GLN B 333 91.78 -80.33 -56.73
C GLN B 333 90.71 -80.92 -57.65
N GLU B 334 90.95 -82.15 -58.08
CA GLU B 334 90.03 -82.85 -58.99
C GLU B 334 88.68 -82.95 -58.32
N ASP B 335 88.71 -83.15 -57.00
CA ASP B 335 87.50 -83.28 -56.18
C ASP B 335 86.82 -81.95 -55.74
N ILE B 336 87.45 -80.80 -56.01
CA ILE B 336 86.85 -79.48 -55.73
C ILE B 336 85.94 -79.01 -56.84
N HIS B 337 84.65 -78.85 -56.54
CA HIS B 337 83.67 -78.48 -57.57
C HIS B 337 82.89 -77.23 -57.18
N ILE B 338 82.08 -76.74 -58.10
CA ILE B 338 81.20 -75.60 -57.87
C ILE B 338 79.79 -76.07 -57.56
N HIS B 339 79.26 -75.67 -56.39
CA HIS B 339 77.83 -75.82 -56.13
C HIS B 339 77.26 -74.42 -56.32
N GLY B 340 76.29 -74.27 -57.21
CA GLY B 340 75.53 -73.03 -57.35
C GLY B 340 76.34 -71.80 -57.67
N SER B 341 75.74 -70.64 -57.40
CA SER B 341 76.45 -69.35 -57.49
C SER B 341 75.99 -68.42 -56.39
N ALA B 342 76.86 -67.50 -56.04
CA ALA B 342 76.61 -66.63 -54.92
C ALA B 342 77.00 -65.21 -55.26
N ILE B 343 76.15 -64.29 -54.81
CA ILE B 343 76.31 -62.88 -55.08
C ILE B 343 76.53 -62.23 -53.75
N GLN B 344 77.49 -61.31 -53.68
CA GLN B 344 77.67 -60.53 -52.47
C GLN B 344 77.54 -59.06 -52.74
N SER B 345 76.86 -58.37 -51.83
CA SER B 345 76.78 -56.93 -51.85
C SER B 345 76.99 -56.39 -50.44
N ARG B 346 77.66 -55.25 -50.35
CA ARG B 346 78.00 -54.66 -49.06
C ARG B 346 77.16 -53.44 -48.79
N ILE B 347 76.32 -53.55 -47.77
CA ILE B 347 75.50 -52.43 -47.37
C ILE B 347 76.42 -51.47 -46.63
N THR B 348 76.44 -50.21 -47.06
CA THR B 348 77.28 -49.17 -46.46
C THR B 348 76.47 -47.90 -46.22
N THR B 349 77.05 -46.99 -45.44
CA THR B 349 76.41 -45.70 -45.16
C THR B 349 76.65 -44.68 -46.24
N GLU B 350 77.36 -45.04 -47.31
CA GLU B 350 77.49 -44.14 -48.47
C GLU B 350 76.10 -43.80 -48.97
N ASP B 351 75.78 -42.50 -49.06
CA ASP B 351 74.45 -42.05 -49.51
C ASP B 351 74.52 -41.63 -50.97
N PRO B 352 73.77 -42.30 -51.86
CA PRO B 352 73.94 -41.95 -53.27
C PRO B 352 73.38 -40.58 -53.69
N LEU B 353 72.41 -40.03 -52.94
CA LEU B 353 71.93 -38.67 -53.19
C LEU B 353 73.00 -37.62 -52.86
N ASN B 354 73.75 -37.86 -51.78
CA ASN B 354 74.86 -37.01 -51.36
C ASN B 354 76.20 -37.44 -52.00
N ASN B 355 76.14 -37.93 -53.23
CA ASN B 355 77.32 -38.43 -53.91
C ASN B 355 78.18 -39.36 -53.02
N PHE B 356 77.52 -40.31 -52.37
CA PHE B 356 78.16 -41.42 -51.69
C PHE B 356 79.09 -40.96 -50.57
N MET B 357 78.83 -39.79 -50.02
CA MET B 357 79.50 -39.34 -48.82
C MET B 357 79.00 -40.25 -47.69
N PRO B 358 79.91 -40.99 -47.04
CA PRO B 358 79.52 -41.83 -45.93
C PRO B 358 78.76 -41.07 -44.87
N ASP B 359 77.46 -41.30 -44.76
CA ASP B 359 76.65 -40.66 -43.70
C ASP B 359 77.18 -41.13 -42.35
N THR B 360 77.01 -40.30 -41.34
CA THR B 360 77.38 -40.67 -39.98
C THR B 360 76.20 -40.61 -39.04
N GLY B 361 76.41 -41.10 -37.83
CA GLY B 361 75.40 -41.04 -36.81
C GLY B 361 75.09 -42.35 -36.12
N ARG B 362 74.00 -42.31 -35.37
CA ARG B 362 73.53 -43.45 -34.63
C ARG B 362 72.45 -44.18 -35.43
N VAL B 363 72.53 -45.50 -35.38
CA VAL B 363 71.59 -46.38 -36.04
C VAL B 363 70.51 -46.69 -35.02
N ASP B 364 69.36 -46.02 -35.12
CA ASP B 364 68.30 -46.18 -34.13
C ASP B 364 67.58 -47.53 -34.34
N THR B 365 67.51 -47.97 -35.60
CA THR B 365 66.85 -49.25 -35.93
C THR B 365 67.63 -50.04 -36.98
N TYR B 366 67.99 -51.28 -36.64
CA TYR B 366 68.70 -52.16 -37.55
C TYR B 366 68.02 -53.50 -37.51
N ARG B 367 67.32 -53.85 -38.58
CA ARG B 367 66.66 -55.13 -38.68
C ARG B 367 67.15 -55.90 -39.87
N SER B 368 67.88 -56.97 -39.61
CA SER B 368 68.48 -57.76 -40.66
C SER B 368 67.52 -58.78 -41.17
N THR B 369 67.97 -59.48 -42.19
CA THR B 369 67.18 -60.46 -42.90
C THR B 369 67.81 -61.83 -42.69
N GLY B 370 67.17 -62.86 -43.20
CA GLY B 370 67.78 -64.19 -43.22
C GLY B 370 67.03 -65.12 -44.16
N GLY B 371 67.18 -66.42 -43.97
CA GLY B 371 66.38 -67.42 -44.70
C GLY B 371 67.27 -68.31 -45.51
N PHE B 372 66.70 -69.08 -46.42
CA PHE B 372 67.50 -69.98 -47.21
C PHE B 372 68.42 -69.20 -48.13
N GLY B 373 69.69 -69.60 -48.17
CA GLY B 373 70.65 -69.07 -49.12
C GLY B 373 71.11 -67.67 -48.80
N VAL B 374 70.98 -67.27 -47.54
CA VAL B 374 71.38 -65.96 -47.11
C VAL B 374 72.39 -66.07 -46.02
N ARG B 375 73.46 -65.32 -46.21
CA ARG B 375 74.52 -65.23 -45.23
C ARG B 375 74.70 -63.79 -44.93
N LEU B 376 74.97 -63.48 -43.67
CA LEU B 376 75.33 -62.13 -43.32
C LEU B 376 76.64 -62.15 -42.56
N ASP B 377 77.54 -61.26 -42.94
CA ASP B 377 78.77 -61.05 -42.21
C ASP B 377 78.65 -59.62 -41.65
N ALA B 378 78.47 -59.54 -40.33
CA ALA B 378 78.20 -58.29 -39.66
C ALA B 378 79.48 -57.51 -39.48
N GLY B 379 79.38 -56.20 -39.68
CA GLY B 379 80.50 -55.30 -39.48
C GLY B 379 80.16 -54.42 -38.29
N ASN B 380 79.98 -53.12 -38.54
CA ASN B 380 79.50 -52.20 -37.51
C ASN B 380 77.99 -52.05 -37.61
N GLY B 381 77.29 -53.15 -37.35
CA GLY B 381 75.86 -53.27 -37.64
C GLY B 381 75.04 -53.93 -36.53
N PHE B 382 74.81 -53.19 -35.44
CA PHE B 382 73.83 -53.57 -34.42
C PHE B 382 73.06 -52.32 -34.00
N GLN B 383 71.95 -52.50 -33.28
CA GLN B 383 71.00 -51.40 -33.06
C GLN B 383 71.65 -50.16 -32.43
N GLY B 384 72.35 -50.34 -31.32
CA GLY B 384 72.97 -49.22 -30.65
C GLY B 384 74.02 -48.43 -31.41
N THR B 385 74.79 -49.10 -32.26
CA THR B 385 76.03 -48.52 -32.78
C THR B 385 75.90 -47.14 -33.41
N VAL B 386 76.98 -46.37 -33.26
CA VAL B 386 77.15 -45.10 -33.95
C VAL B 386 78.22 -45.27 -35.00
N VAL B 387 77.99 -44.79 -36.21
CA VAL B 387 79.04 -44.82 -37.21
C VAL B 387 79.90 -43.56 -37.09
N THR B 388 81.22 -43.76 -36.98
CA THR B 388 82.18 -42.68 -37.03
C THR B 388 82.53 -42.51 -38.51
N PRO B 389 83.08 -41.35 -38.89
CA PRO B 389 83.53 -41.16 -40.28
C PRO B 389 84.97 -41.59 -40.48
N PHE B 390 85.67 -41.91 -39.39
CA PHE B 390 87.12 -42.13 -39.44
C PHE B 390 87.55 -43.34 -40.28
N TYR B 391 86.84 -44.44 -40.07
CA TYR B 391 87.04 -45.72 -40.77
C TYR B 391 86.00 -45.84 -41.88
N ASP B 392 86.05 -46.95 -42.60
CA ASP B 392 85.17 -47.12 -43.75
C ASP B 392 83.71 -47.28 -43.36
N SER B 393 82.85 -47.18 -44.36
CA SER B 393 81.41 -47.01 -44.17
C SER B 393 80.59 -48.29 -43.95
N LEU B 394 81.24 -49.45 -44.00
CA LEU B 394 80.52 -50.75 -44.09
C LEU B 394 79.79 -51.21 -42.82
N LEU B 395 78.48 -51.43 -42.96
CA LEU B 395 77.65 -51.94 -41.84
C LEU B 395 77.51 -53.43 -41.85
N VAL B 396 77.09 -54.00 -42.98
CA VAL B 396 76.93 -55.46 -43.10
C VAL B 396 77.12 -55.98 -44.54
N LYS B 397 77.76 -57.14 -44.64
CA LYS B 397 78.02 -57.76 -45.94
C LYS B 397 76.89 -58.78 -46.18
N LEU B 398 76.11 -58.58 -47.24
CA LEU B 398 74.98 -59.44 -47.52
C LEU B 398 75.25 -60.29 -48.75
N CYS B 399 75.37 -61.60 -48.55
CA CYS B 399 75.56 -62.52 -49.66
C CYS B 399 74.39 -63.46 -49.75
N THR B 400 74.01 -63.81 -50.97
CA THR B 400 72.95 -64.79 -51.17
C THR B 400 73.41 -65.83 -52.17
N TRP B 401 72.87 -67.04 -52.05
CA TRP B 401 73.27 -68.17 -52.88
C TRP B 401 72.09 -68.82 -53.54
N GLY B 402 72.34 -69.40 -54.70
CA GLY B 402 71.33 -70.17 -55.42
C GLY B 402 71.96 -71.22 -56.32
N MET B 403 71.19 -72.25 -56.67
CA MET B 403 71.66 -73.25 -57.61
C MET B 403 71.97 -72.61 -58.95
N THR B 404 71.16 -71.64 -59.33
CA THR B 404 71.38 -70.86 -60.55
C THR B 404 71.55 -69.41 -60.12
N PHE B 405 72.44 -68.70 -60.79
CA PHE B 405 72.63 -67.25 -60.50
C PHE B 405 71.31 -66.48 -60.56
N GLU B 406 70.41 -66.90 -61.44
CA GLU B 406 69.09 -66.28 -61.54
C GLU B 406 68.33 -66.48 -60.22
N GLN B 407 68.53 -67.63 -59.59
CA GLN B 407 67.91 -67.91 -58.30
C GLN B 407 68.50 -67.04 -57.20
N ALA B 408 69.82 -66.87 -57.22
CA ALA B 408 70.52 -66.07 -56.22
C ALA B 408 70.16 -64.59 -56.32
N THR B 409 70.10 -64.07 -57.55
CA THR B 409 69.66 -62.70 -57.77
C THR B 409 68.30 -62.42 -57.15
N ARG B 410 67.37 -63.37 -57.27
CA ARG B 410 66.06 -63.21 -56.66
C ARG B 410 66.20 -63.02 -55.16
N LYS B 411 67.03 -63.86 -54.53
CA LYS B 411 67.13 -63.86 -53.07
C LYS B 411 67.81 -62.59 -52.61
N MET B 412 68.79 -62.14 -53.39
CA MET B 412 69.39 -60.86 -53.12
C MET B 412 68.36 -59.74 -53.18
N ARG B 413 67.55 -59.72 -54.25
CA ARG B 413 66.53 -58.69 -54.36
C ARG B 413 65.74 -58.64 -53.04
N ARG B 414 65.05 -59.75 -52.70
CA ARG B 414 64.18 -59.81 -51.54
C ARG B 414 64.85 -59.33 -50.30
N ASN B 415 66.06 -59.83 -50.06
CA ASN B 415 66.82 -59.43 -48.88
C ASN B 415 67.09 -57.94 -48.78
N LEU B 416 67.46 -57.32 -49.90
CA LEU B 416 67.80 -55.91 -49.89
C LEU B 416 66.60 -55.06 -49.53
N ILE B 417 65.46 -55.44 -50.08
CA ILE B 417 64.19 -54.79 -49.71
C ILE B 417 63.84 -55.02 -48.23
N GLU B 418 64.03 -56.25 -47.77
CA GLU B 418 63.65 -56.66 -46.41
C GLU B 418 64.41 -55.91 -45.32
N PHE B 419 65.63 -55.49 -45.63
CA PHE B 419 66.45 -54.74 -44.67
C PHE B 419 65.76 -53.46 -44.19
N ARG B 420 65.74 -53.26 -42.87
CA ARG B 420 65.28 -52.02 -42.28
C ARG B 420 66.36 -51.43 -41.41
N ILE B 421 66.99 -50.38 -41.92
CA ILE B 421 68.03 -49.64 -41.20
C ILE B 421 67.61 -48.19 -41.13
N ARG B 422 67.51 -47.64 -39.92
CA ARG B 422 67.18 -46.21 -39.77
C ARG B 422 68.10 -45.49 -38.78
N GLY B 423 68.38 -44.23 -39.11
CA GLY B 423 69.34 -43.42 -38.38
C GLY B 423 70.42 -42.94 -39.29
N VAL B 424 70.67 -43.67 -40.37
CA VAL B 424 71.67 -43.25 -41.36
C VAL B 424 71.26 -43.58 -42.78
N LYS B 425 71.75 -42.82 -43.75
CA LYS B 425 71.53 -43.14 -45.15
C LYS B 425 72.40 -44.36 -45.52
N THR B 426 71.97 -45.07 -46.55
CA THR B 426 72.72 -46.25 -47.00
C THR B 426 72.74 -46.32 -48.51
N ASN B 427 73.48 -47.29 -49.01
CA ASN B 427 73.61 -47.46 -50.46
C ASN B 427 72.64 -48.48 -51.00
N ILE B 428 71.70 -48.92 -50.15
CA ILE B 428 70.78 -49.99 -50.56
C ILE B 428 70.06 -49.63 -51.86
N PRO B 429 69.40 -48.46 -51.90
CA PRO B 429 68.63 -48.12 -53.09
C PRO B 429 69.48 -48.13 -54.33
N PHE B 430 70.77 -47.85 -54.19
CA PHE B 430 71.68 -47.96 -55.31
C PHE B 430 71.81 -49.42 -55.72
N LEU B 431 72.16 -50.25 -54.76
CA LEU B 431 72.35 -51.69 -55.02
C LEU B 431 71.10 -52.31 -55.62
N LEU B 432 69.95 -51.90 -55.13
CA LEU B 432 68.72 -52.41 -55.69
C LEU B 432 68.65 -52.13 -57.16
N ASN B 433 68.97 -50.90 -57.56
CA ASN B 433 68.88 -50.51 -58.97
C ASN B 433 69.81 -51.30 -59.87
N VAL B 434 71.01 -51.56 -59.37
CA VAL B 434 71.96 -52.41 -60.10
C VAL B 434 71.52 -53.88 -60.14
N VAL B 435 71.00 -54.39 -59.03
CA VAL B 435 70.53 -55.77 -59.01
C VAL B 435 69.24 -55.95 -59.83
N ARG B 436 68.35 -54.95 -59.85
CA ARG B 436 67.14 -54.98 -60.68
C ARG B 436 67.46 -54.88 -62.17
N HIS B 437 68.55 -54.20 -62.51
CA HIS B 437 68.83 -53.92 -63.91
C HIS B 437 68.96 -55.21 -64.71
N PRO B 438 68.28 -55.28 -65.85
CA PRO B 438 68.26 -56.52 -66.65
C PRO B 438 69.62 -56.97 -67.19
N ASP B 439 70.44 -56.03 -67.66
CA ASP B 439 71.84 -56.32 -67.99
C ASP B 439 72.65 -56.98 -66.88
N PHE B 440 72.28 -56.76 -65.62
CA PHE B 440 72.95 -57.47 -64.51
C PHE B 440 72.49 -58.90 -64.44
N ALA B 441 71.18 -59.10 -64.51
CA ALA B 441 70.61 -60.45 -64.49
C ALA B 441 71.10 -61.32 -65.67
N SER B 442 71.42 -60.69 -66.81
CA SER B 442 71.95 -61.41 -67.97
C SER B 442 73.23 -62.11 -67.62
N GLY B 443 74.05 -61.43 -66.82
CA GLY B 443 75.35 -61.97 -66.44
C GLY B 443 76.46 -61.56 -67.41
N ASN B 444 76.09 -60.89 -68.50
CA ASN B 444 77.07 -60.30 -69.39
C ASN B 444 77.18 -58.78 -69.08
N TYR B 445 78.23 -58.42 -68.33
CA TYR B 445 78.55 -57.02 -68.04
C TYR B 445 80.06 -56.89 -68.02
N ASN B 446 80.53 -55.65 -68.00
CA ASN B 446 81.96 -55.36 -67.98
C ASN B 446 82.22 -54.19 -67.03
N THR B 447 83.49 -53.93 -66.76
CA THR B 447 83.91 -52.83 -65.90
C THR B 447 83.17 -51.53 -66.21
N SER B 448 82.97 -51.31 -67.51
CA SER B 448 82.24 -50.15 -67.99
C SER B 448 80.72 -50.27 -67.85
N PHE B 449 80.19 -51.26 -67.13
CA PHE B 449 78.72 -51.42 -67.04
C PHE B 449 78.05 -50.32 -66.23
N ILE B 450 78.66 -49.98 -65.10
CA ILE B 450 78.26 -48.79 -64.37
C ILE B 450 78.87 -47.63 -65.14
N ASP B 451 78.43 -46.41 -64.87
CA ASP B 451 78.93 -45.22 -65.54
C ASP B 451 78.24 -45.14 -66.90
N THR B 452 78.39 -46.20 -67.72
CA THR B 452 77.69 -46.28 -69.01
C THR B 452 76.17 -46.23 -68.83
N THR B 453 75.68 -46.74 -67.71
CA THR B 453 74.27 -46.75 -67.42
C THR B 453 73.99 -45.73 -66.34
N PRO B 454 73.37 -44.60 -66.70
CA PRO B 454 73.02 -43.60 -65.68
C PRO B 454 71.75 -43.88 -64.87
N GLU B 455 70.83 -44.67 -65.43
CA GLU B 455 69.53 -44.87 -64.79
C GLU B 455 69.71 -45.27 -63.35
N LEU B 456 70.70 -46.13 -63.11
CA LEU B 456 70.96 -46.68 -61.77
C LEU B 456 71.08 -45.60 -60.70
N PHE B 457 71.51 -44.41 -61.14
CA PHE B 457 71.65 -43.28 -60.23
C PHE B 457 70.33 -42.49 -60.00
N LYS B 458 69.29 -42.79 -60.77
CA LYS B 458 67.93 -42.23 -60.52
C LYS B 458 67.22 -43.09 -59.48
N PHE B 459 66.78 -42.50 -58.37
CA PHE B 459 66.12 -43.29 -57.31
C PHE B 459 64.65 -42.95 -57.02
N PRO B 460 63.81 -43.98 -56.77
CA PRO B 460 62.41 -43.71 -56.42
C PRO B 460 62.30 -42.87 -55.16
N HIS B 461 61.41 -41.89 -55.17
CA HIS B 461 61.12 -41.09 -53.98
C HIS B 461 60.76 -42.00 -52.78
N ILE B 462 61.24 -41.66 -51.58
CA ILE B 462 60.94 -42.47 -50.41
C ILE B 462 59.59 -42.06 -49.87
N ARG B 463 58.71 -43.04 -49.77
CA ARG B 463 57.49 -42.90 -49.03
C ARG B 463 57.89 -43.07 -47.56
N ASP B 464 57.51 -42.14 -46.70
CA ASP B 464 57.80 -42.29 -45.28
C ASP B 464 56.50 -41.81 -44.68
N ARG B 465 55.43 -42.49 -45.10
CA ARG B 465 54.07 -42.12 -44.74
C ARG B 465 53.94 -42.07 -43.22
N GLY B 466 54.58 -43.03 -42.59
CA GLY B 466 54.55 -43.22 -41.15
C GLY B 466 55.08 -42.09 -40.30
N THR B 467 56.24 -41.55 -40.69
CA THR B 467 56.88 -40.47 -39.94
C THR B 467 56.04 -39.19 -40.01
N LYS B 468 55.62 -38.87 -41.24
CA LYS B 468 54.79 -37.68 -41.50
C LYS B 468 53.46 -37.72 -40.73
N THR B 469 52.91 -38.93 -40.59
CA THR B 469 51.73 -39.15 -39.77
C THR B 469 52.01 -38.79 -38.29
N LEU B 470 53.17 -39.16 -37.80
CA LEU B 470 53.52 -38.85 -36.42
C LEU B 470 53.79 -37.38 -36.27
N ARG B 471 54.31 -36.75 -37.34
CA ARG B 471 54.51 -35.29 -37.32
C ARG B 471 53.20 -34.57 -37.09
N TYR B 472 52.20 -34.91 -37.90
CA TYR B 472 50.86 -34.37 -37.71
C TYR B 472 50.41 -34.63 -36.27
N ILE B 473 50.31 -35.90 -35.89
CA ILE B 473 49.77 -36.27 -34.57
C ILE B 473 50.47 -35.52 -33.44
N GLY B 474 51.80 -35.46 -33.53
CA GLY B 474 52.59 -34.79 -32.51
C GLY B 474 52.32 -33.30 -32.48
N ASN B 475 52.26 -32.70 -33.67
CA ASN B 475 51.94 -31.30 -33.80
C ASN B 475 50.63 -30.89 -33.11
N VAL B 476 49.50 -31.47 -33.53
CA VAL B 476 48.20 -31.09 -32.98
C VAL B 476 48.12 -31.44 -31.49
N THR B 477 48.96 -32.36 -31.05
CA THR B 477 48.96 -32.75 -29.66
C THR B 477 49.51 -31.66 -28.76
N VAL B 478 50.45 -30.88 -29.31
CA VAL B 478 51.15 -29.83 -28.52
C VAL B 478 50.70 -28.41 -28.85
N ASN B 479 50.46 -28.12 -30.12
CA ASN B 479 49.96 -26.82 -30.54
C ASN B 479 48.44 -26.71 -30.66
N GLY B 480 47.77 -27.84 -30.84
CA GLY B 480 46.31 -27.87 -31.00
C GLY B 480 45.89 -27.73 -32.45
N PHE B 481 44.63 -28.06 -32.70
CA PHE B 481 44.06 -27.91 -34.01
C PHE B 481 43.70 -26.45 -34.20
N PRO B 482 44.03 -25.89 -35.37
CA PRO B 482 43.64 -24.52 -35.66
C PRO B 482 42.14 -24.23 -35.67
N GLY B 483 41.74 -23.18 -34.97
CA GLY B 483 40.39 -22.67 -35.03
C GLY B 483 39.51 -23.11 -33.88
N ILE B 484 40.03 -23.97 -33.01
CA ILE B 484 39.22 -24.49 -31.91
C ILE B 484 40.00 -24.51 -30.62
N LYS B 485 39.33 -24.31 -29.50
CA LYS B 485 40.03 -24.28 -28.21
C LYS B 485 40.75 -25.59 -28.05
N HIS B 486 42.06 -25.50 -27.76
CA HIS B 486 42.87 -26.67 -27.47
C HIS B 486 42.28 -27.31 -26.21
N ARG B 487 41.79 -28.53 -26.36
CA ARG B 487 41.20 -29.27 -25.25
C ARG B 487 41.67 -30.69 -25.30
N ASP B 488 41.54 -31.40 -24.19
CA ASP B 488 41.96 -32.79 -24.14
C ASP B 488 41.09 -33.63 -25.07
N LYS B 489 41.68 -34.69 -25.61
CA LYS B 489 40.96 -35.64 -26.45
C LYS B 489 40.06 -36.43 -25.53
N PRO B 490 38.75 -36.39 -25.77
CA PRO B 490 37.83 -37.09 -24.86
C PRO B 490 37.94 -38.60 -25.02
N VAL B 491 37.08 -39.33 -24.32
CA VAL B 491 36.91 -40.75 -24.59
C VAL B 491 35.57 -40.93 -25.30
N TYR B 492 35.58 -40.69 -26.61
CA TYR B 492 34.37 -40.83 -27.39
C TYR B 492 33.92 -42.27 -27.37
N ALA B 493 32.61 -42.47 -27.31
CA ALA B 493 32.03 -43.81 -27.42
C ALA B 493 32.31 -44.36 -28.82
N GLU B 494 32.48 -45.68 -28.93
CA GLU B 494 32.73 -46.29 -30.24
C GLU B 494 31.44 -46.25 -31.03
N PRO B 495 31.49 -45.73 -32.27
CA PRO B 495 30.23 -45.59 -32.98
C PRO B 495 29.62 -46.95 -33.29
N ARG B 496 28.30 -47.03 -33.15
CA ARG B 496 27.57 -48.25 -33.43
C ARG B 496 27.48 -48.41 -34.92
N LEU B 497 28.20 -49.39 -35.44
CA LEU B 497 28.16 -49.77 -36.85
C LEU B 497 27.11 -50.87 -37.10
N PRO B 498 26.38 -50.77 -38.22
CA PRO B 498 25.46 -51.85 -38.55
C PRO B 498 26.21 -53.09 -38.97
N LYS B 499 25.79 -54.27 -38.49
CA LYS B 499 26.32 -55.56 -38.99
C LYS B 499 25.55 -55.91 -40.26
N ILE B 500 26.28 -56.40 -41.25
CA ILE B 500 25.67 -56.91 -42.48
C ILE B 500 26.06 -58.38 -42.62
N PRO B 501 25.15 -59.24 -43.16
CA PRO B 501 25.62 -60.58 -43.49
C PRO B 501 26.59 -60.45 -44.65
N TYR B 502 27.70 -61.17 -44.61
CA TYR B 502 28.74 -61.00 -45.61
C TYR B 502 28.25 -61.29 -47.02
N GLY B 503 28.57 -60.37 -47.95
CA GLY B 503 28.34 -60.58 -49.37
C GLY B 503 26.88 -60.41 -49.80
N SER B 504 26.02 -60.01 -48.86
CA SER B 504 24.58 -60.00 -49.10
C SER B 504 24.17 -58.97 -50.15
N GLN B 505 22.97 -59.16 -50.67
CA GLN B 505 22.09 -58.09 -51.14
C GLN B 505 22.81 -57.09 -52.08
N ILE B 506 22.76 -55.81 -51.71
CA ILE B 506 22.88 -54.73 -52.66
C ILE B 506 21.80 -54.91 -53.72
N SER B 507 20.57 -54.95 -53.20
CA SER B 507 19.37 -54.93 -54.04
C SER B 507 19.48 -53.75 -54.99
N PRO B 508 19.00 -53.91 -56.22
CA PRO B 508 19.36 -52.88 -57.18
C PRO B 508 18.68 -51.59 -56.83
N GLY B 509 19.36 -50.52 -57.18
CA GLY B 509 18.89 -49.21 -56.88
C GLY B 509 18.35 -48.52 -58.10
N THR B 510 18.04 -47.25 -57.88
CA THR B 510 17.65 -46.31 -58.90
C THR B 510 18.76 -46.07 -59.93
N LYS B 511 20.02 -46.25 -59.56
CA LYS B 511 21.14 -46.07 -60.51
C LYS B 511 20.99 -46.96 -61.74
N GLN B 512 20.69 -48.23 -61.49
CA GLN B 512 20.43 -49.18 -62.55
C GLN B 512 19.54 -48.58 -63.64
N ILE B 513 18.47 -47.92 -63.20
CA ILE B 513 17.48 -47.34 -64.12
C ILE B 513 18.10 -46.20 -64.95
N LEU B 514 19.02 -45.45 -64.39
CA LEU B 514 19.75 -44.47 -65.18
C LEU B 514 20.73 -45.18 -66.13
N ASP B 515 21.47 -46.15 -65.59
CA ASP B 515 22.40 -46.95 -66.38
C ASP B 515 21.70 -47.58 -67.59
N ALA B 516 20.56 -48.22 -67.32
CA ALA B 516 19.79 -48.91 -68.34
C ALA B 516 19.15 -47.95 -69.36
N LYS B 517 18.33 -47.03 -68.86
CA LYS B 517 17.37 -46.30 -69.70
C LYS B 517 17.55 -44.78 -69.70
N GLY B 518 18.74 -44.32 -69.33
CA GLY B 518 19.06 -42.89 -69.36
C GLY B 518 18.18 -42.03 -68.47
N PRO B 519 18.34 -40.71 -68.58
CA PRO B 519 17.55 -39.78 -67.78
C PRO B 519 16.04 -39.93 -67.96
N GLU B 520 15.57 -39.90 -69.22
CA GLU B 520 14.13 -39.99 -69.53
C GLU B 520 13.48 -41.19 -68.89
N GLY B 521 14.15 -42.34 -69.00
CA GLY B 521 13.63 -43.61 -68.47
C GLY B 521 13.43 -43.62 -66.96
N VAL B 522 14.26 -42.82 -66.28
CA VAL B 522 14.14 -42.58 -64.84
C VAL B 522 12.92 -41.69 -64.54
N VAL B 523 12.93 -40.48 -65.11
CA VAL B 523 11.78 -39.56 -65.04
C VAL B 523 10.43 -40.27 -65.26
N ASP B 524 10.41 -41.24 -66.16
CA ASP B 524 9.24 -42.08 -66.35
C ASP B 524 8.92 -42.86 -65.08
N TRP B 525 9.87 -43.67 -64.62
CA TRP B 525 9.71 -44.47 -63.40
C TRP B 525 9.30 -43.62 -62.20
N VAL B 526 9.83 -42.41 -62.15
CA VAL B 526 9.47 -41.42 -61.14
C VAL B 526 7.98 -41.16 -61.22
N LYS B 527 7.53 -40.63 -62.36
CA LYS B 527 6.11 -40.31 -62.61
C LYS B 527 5.17 -41.46 -62.24
N LYS B 528 5.60 -42.68 -62.56
CA LYS B 528 4.83 -43.92 -62.27
C LYS B 528 4.63 -44.24 -60.80
N GLN B 529 5.56 -43.79 -59.96
CA GLN B 529 5.49 -44.08 -58.52
C GLN B 529 4.43 -43.27 -57.83
N GLU B 530 3.47 -43.97 -57.21
CA GLU B 530 2.38 -43.32 -56.46
C GLU B 530 2.90 -42.67 -55.21
N GLU B 531 3.83 -43.37 -54.54
CA GLU B 531 4.43 -42.89 -53.30
C GLU B 531 5.24 -41.61 -53.45
N VAL B 532 5.62 -41.08 -52.30
CA VAL B 532 6.55 -39.98 -52.23
C VAL B 532 7.98 -40.53 -52.14
N LEU B 533 8.86 -39.93 -52.96
CA LEU B 533 10.25 -40.35 -53.10
C LEU B 533 11.16 -39.44 -52.25
N LEU B 534 12.15 -40.05 -51.59
CA LEU B 534 13.04 -39.33 -50.68
C LEU B 534 14.49 -39.26 -51.18
N THR B 535 15.11 -38.12 -50.95
CA THR B 535 16.50 -37.90 -51.22
C THR B 535 17.21 -37.69 -49.87
N ASP B 536 18.28 -38.45 -49.59
CA ASP B 536 18.99 -38.31 -48.32
C ASP B 536 20.14 -37.31 -48.41
N THR B 537 20.01 -36.21 -47.66
CA THR B 537 21.01 -35.16 -47.60
C THR B 537 21.93 -35.29 -46.37
N THR B 538 21.89 -36.44 -45.71
CA THR B 538 22.73 -36.65 -44.55
C THR B 538 24.19 -36.35 -44.85
N LEU B 539 24.66 -36.56 -46.08
CA LEU B 539 26.09 -36.38 -46.40
C LEU B 539 26.43 -35.00 -46.92
N ARG B 540 25.47 -34.09 -46.86
CA ARG B 540 25.62 -32.72 -47.31
C ARG B 540 24.45 -31.87 -46.83
N ASP B 541 24.65 -30.56 -46.74
CA ASP B 541 23.61 -29.65 -46.22
C ASP B 541 23.35 -29.96 -44.77
N ALA B 542 22.89 -31.17 -44.49
CA ALA B 542 22.65 -31.57 -43.13
C ALA B 542 23.84 -31.20 -42.27
N HIS B 543 25.02 -31.63 -42.70
CA HIS B 543 26.23 -31.35 -41.95
C HIS B 543 26.81 -30.02 -42.38
N GLN B 544 26.47 -29.58 -43.58
CA GLN B 544 26.87 -28.25 -44.01
C GLN B 544 26.18 -27.21 -43.15
N SER B 545 24.90 -27.41 -42.87
CA SER B 545 24.13 -26.49 -42.04
C SER B 545 24.58 -26.60 -40.57
N LEU B 546 24.56 -27.82 -40.03
CA LEU B 546 24.80 -28.02 -38.60
C LEU B 546 26.25 -27.86 -38.17
N LEU B 547 27.16 -28.48 -38.93
CA LEU B 547 28.56 -28.66 -38.52
C LEU B 547 29.61 -27.99 -39.42
N ALA B 548 29.23 -26.92 -40.12
CA ALA B 548 30.18 -26.16 -40.96
C ALA B 548 30.84 -27.01 -42.01
N THR B 549 30.11 -27.99 -42.52
CA THR B 549 30.57 -28.81 -43.62
C THR B 549 31.85 -29.55 -43.24
N ARG B 550 32.06 -29.74 -41.94
CA ARG B 550 33.32 -30.31 -41.45
C ARG B 550 33.37 -31.84 -41.38
N VAL B 551 32.26 -32.52 -41.68
CA VAL B 551 32.25 -33.97 -41.63
C VAL B 551 33.23 -34.51 -42.65
N ARG B 552 34.06 -35.45 -42.18
CA ARG B 552 35.21 -35.93 -42.92
C ARG B 552 34.88 -37.19 -43.68
N SER B 553 35.59 -37.39 -44.79
CA SER B 553 35.40 -38.57 -45.64
C SER B 553 35.54 -39.86 -44.86
N LYS B 554 36.57 -39.97 -44.05
CA LYS B 554 36.75 -41.13 -43.20
C LYS B 554 35.47 -41.62 -42.52
N ASP B 555 34.75 -40.70 -41.89
CA ASP B 555 33.50 -41.03 -41.19
C ASP B 555 32.35 -41.34 -42.15
N ILE B 556 32.33 -40.68 -43.30
CA ILE B 556 31.32 -40.95 -44.30
C ILE B 556 31.45 -42.37 -44.91
N PHE B 557 32.64 -42.69 -45.40
CA PHE B 557 32.90 -44.00 -46.01
C PHE B 557 32.44 -45.14 -45.10
N GLN B 558 32.71 -45.04 -43.81
CA GLN B 558 32.41 -46.11 -42.88
C GLN B 558 30.97 -46.62 -42.98
N ILE B 559 30.02 -45.71 -43.20
CA ILE B 559 28.60 -46.07 -43.20
C ILE B 559 28.08 -46.35 -44.61
N ALA B 560 28.77 -45.86 -45.64
CA ALA B 560 28.26 -45.93 -47.02
C ALA B 560 27.78 -47.32 -47.44
N ASP B 561 28.48 -48.36 -46.98
CA ASP B 561 28.08 -49.75 -47.26
C ASP B 561 26.65 -50.00 -46.81
N ALA B 562 26.39 -49.74 -45.53
CA ALA B 562 25.05 -49.90 -45.00
C ALA B 562 24.01 -49.05 -45.72
N MET B 563 24.41 -47.89 -46.21
CA MET B 563 23.46 -47.01 -46.90
C MET B 563 22.94 -47.68 -48.18
N ALA B 564 23.82 -48.38 -48.86
CA ALA B 564 23.47 -49.13 -50.06
C ALA B 564 22.55 -50.31 -49.72
N HIS B 565 22.90 -51.04 -48.66
CA HIS B 565 22.05 -52.16 -48.21
C HIS B 565 20.69 -51.72 -47.68
N LEU B 566 20.68 -50.64 -46.87
CA LEU B 566 19.52 -50.34 -45.99
C LEU B 566 18.65 -49.17 -46.40
N LEU B 567 19.11 -48.43 -47.39
CA LEU B 567 18.33 -47.31 -47.92
C LEU B 567 18.25 -47.35 -49.44
N PRO B 568 18.15 -48.56 -50.01
CA PRO B 568 18.21 -48.68 -51.47
C PRO B 568 17.08 -47.97 -52.21
N ASN B 569 15.92 -47.95 -51.58
CA ASN B 569 14.73 -47.37 -52.18
C ASN B 569 14.71 -45.82 -52.17
N MET B 570 15.80 -45.20 -51.70
CA MET B 570 15.96 -43.75 -51.81
C MET B 570 16.01 -43.38 -53.29
N PHE B 571 15.40 -42.25 -53.65
CA PHE B 571 15.51 -41.72 -55.00
C PHE B 571 16.93 -41.33 -55.33
N SER B 572 17.61 -40.72 -54.36
CA SER B 572 18.97 -40.25 -54.57
C SER B 572 19.67 -40.03 -53.22
N PHE B 573 21.01 -40.02 -53.22
CA PHE B 573 21.80 -39.53 -52.09
C PHE B 573 22.47 -38.24 -52.53
N GLU B 574 22.19 -37.15 -51.82
CA GLU B 574 22.94 -35.91 -52.02
C GLU B 574 24.21 -36.06 -51.21
N MET B 575 25.34 -36.16 -51.91
CA MET B 575 26.61 -36.40 -51.26
C MET B 575 27.77 -35.48 -51.70
N TRP B 576 27.52 -34.61 -52.67
CA TRP B 576 28.58 -33.75 -53.19
C TRP B 576 28.05 -32.34 -53.37
N GLY B 577 28.97 -31.41 -53.62
CA GLY B 577 28.59 -30.07 -54.06
C GLY B 577 28.39 -29.07 -52.94
N GLY B 578 27.88 -27.90 -53.31
CA GLY B 578 27.79 -26.80 -52.37
C GLY B 578 29.17 -26.49 -51.82
N ALA B 579 29.28 -26.44 -50.50
CA ALA B 579 30.53 -25.99 -49.87
C ALA B 579 31.52 -27.11 -49.68
N THR B 580 31.05 -28.35 -49.72
CA THR B 580 31.93 -29.51 -49.40
C THR B 580 33.22 -29.50 -50.19
N PHE B 581 33.14 -29.05 -51.45
CA PHE B 581 34.29 -29.07 -52.34
C PHE B 581 35.43 -28.26 -51.76
N ASP B 582 35.19 -26.96 -51.55
CA ASP B 582 36.25 -26.08 -51.10
C ASP B 582 36.70 -26.36 -49.66
N VAL B 583 35.77 -26.81 -48.82
CA VAL B 583 36.07 -27.10 -47.42
C VAL B 583 36.95 -28.34 -47.26
N ALA B 584 36.75 -29.33 -48.11
CA ALA B 584 37.57 -30.53 -48.05
C ALA B 584 39.03 -30.16 -48.22
N TYR B 585 39.33 -29.42 -49.28
CA TYR B 585 40.69 -28.95 -49.52
C TYR B 585 41.12 -27.94 -48.44
N ARG B 586 40.23 -27.00 -48.12
CA ARG B 586 40.60 -25.87 -47.24
C ARG B 586 40.83 -26.25 -45.78
N PHE B 587 39.90 -26.99 -45.21
CA PHE B 587 39.91 -27.24 -43.76
C PHE B 587 40.19 -28.69 -43.35
N LEU B 588 40.00 -29.63 -44.28
CA LEU B 588 40.09 -31.05 -43.99
C LEU B 588 41.35 -31.70 -44.56
N ASN B 589 41.91 -31.07 -45.59
CA ASN B 589 43.05 -31.62 -46.35
C ASN B 589 42.74 -32.97 -46.95
N GLU B 590 41.52 -33.05 -47.49
CA GLU B 590 41.03 -34.24 -48.15
C GLU B 590 40.73 -33.87 -49.58
N ASP B 591 40.78 -34.86 -50.47
CA ASP B 591 40.43 -34.67 -51.87
C ASP B 591 38.93 -34.97 -52.06
N PRO B 592 38.17 -33.96 -52.46
CA PRO B 592 36.76 -34.22 -52.70
C PRO B 592 36.55 -35.27 -53.78
N TRP B 593 37.41 -35.25 -54.80
CA TRP B 593 37.25 -36.17 -55.92
C TRP B 593 37.35 -37.61 -55.44
N VAL B 594 38.18 -37.86 -54.45
CA VAL B 594 38.28 -39.18 -53.86
C VAL B 594 36.96 -39.56 -53.20
N ARG B 595 36.49 -38.69 -52.30
CA ARG B 595 35.24 -38.91 -51.59
C ARG B 595 34.19 -39.43 -52.57
N LEU B 596 34.01 -38.69 -53.66
CA LEU B 596 33.06 -39.03 -54.72
C LEU B 596 33.23 -40.46 -55.21
N GLU B 597 34.44 -40.76 -55.66
CA GLU B 597 34.71 -42.00 -56.37
C GLU B 597 34.68 -43.20 -55.44
N THR B 598 35.20 -43.02 -54.23
CA THR B 598 35.20 -44.10 -53.23
C THR B 598 33.79 -44.51 -52.89
N LEU B 599 32.93 -43.52 -52.74
CA LEU B 599 31.53 -43.76 -52.45
C LEU B 599 30.91 -44.48 -53.62
N ARG B 600 31.15 -43.95 -54.80
CA ARG B 600 30.53 -44.46 -56.00
C ARG B 600 30.62 -45.96 -56.05
N LYS B 601 31.78 -46.50 -55.67
CA LYS B 601 32.00 -47.95 -55.59
C LYS B 601 31.23 -48.62 -54.46
N GLN B 602 31.27 -48.00 -53.28
CA GLN B 602 30.55 -48.51 -52.11
C GLN B 602 29.02 -48.57 -52.28
N ILE B 603 28.50 -47.65 -53.07
CA ILE B 603 27.07 -47.54 -53.30
C ILE B 603 26.83 -47.47 -54.80
N PRO B 604 26.64 -48.64 -55.41
CA PRO B 604 26.43 -48.69 -56.86
C PRO B 604 24.97 -48.49 -57.19
N ASN B 605 24.10 -48.87 -56.25
CA ASN B 605 22.68 -49.03 -56.50
C ASN B 605 21.94 -47.72 -56.56
N VAL B 606 22.22 -46.80 -55.65
CA VAL B 606 21.45 -45.55 -55.58
C VAL B 606 22.16 -44.43 -56.33
N MET B 607 21.38 -43.54 -56.91
CA MET B 607 21.93 -42.46 -57.70
C MET B 607 22.55 -41.40 -56.79
N PHE B 608 23.52 -40.67 -57.33
CA PHE B 608 24.23 -39.60 -56.61
C PHE B 608 23.78 -38.26 -57.13
N GLN B 609 23.60 -37.32 -56.21
CA GLN B 609 23.12 -35.99 -56.54
C GLN B 609 24.02 -34.95 -55.92
N MET B 610 24.20 -33.84 -56.61
CA MET B 610 25.00 -32.73 -56.08
C MET B 610 24.28 -31.44 -56.34
N LEU B 611 24.84 -30.36 -55.79
CA LEU B 611 24.26 -29.04 -55.92
C LEU B 611 25.28 -28.10 -56.56
N LEU B 612 24.86 -27.45 -57.64
CA LEU B 612 25.77 -26.66 -58.48
C LEU B 612 25.25 -25.25 -58.68
N ARG B 613 26.01 -24.25 -58.23
CA ARG B 613 25.68 -22.84 -58.54
C ARG B 613 26.03 -22.66 -60.00
N GLY B 614 25.02 -22.71 -60.85
CA GLY B 614 25.22 -22.71 -62.31
C GLY B 614 26.33 -21.81 -62.78
N ALA B 615 26.18 -20.51 -62.52
CA ALA B 615 27.15 -19.51 -62.95
C ALA B 615 28.60 -19.94 -62.71
N ASN B 616 28.99 -20.10 -61.45
CA ASN B 616 30.38 -20.38 -61.08
C ASN B 616 30.63 -21.77 -60.48
N ALA B 617 29.77 -22.71 -60.86
CA ALA B 617 29.88 -24.09 -60.37
C ALA B 617 29.96 -24.18 -58.84
N VAL B 618 31.09 -24.65 -58.30
CA VAL B 618 31.31 -24.65 -56.85
C VAL B 618 32.37 -23.61 -56.49
N GLY B 619 32.71 -22.76 -57.44
CA GLY B 619 33.74 -21.76 -57.23
C GLY B 619 33.31 -20.55 -56.41
N TYR B 620 34.31 -19.76 -55.98
CA TYR B 620 34.09 -18.50 -55.25
C TYR B 620 33.88 -17.29 -56.15
N LYS B 621 34.51 -17.34 -57.34
CA LYS B 621 34.56 -16.22 -58.28
C LYS B 621 33.92 -16.74 -59.56
N ASN B 622 33.70 -15.86 -60.54
CA ASN B 622 33.22 -16.29 -61.86
C ASN B 622 34.36 -16.81 -62.72
N TYR B 623 34.01 -17.74 -63.62
CA TYR B 623 34.98 -18.42 -64.47
C TYR B 623 34.50 -18.44 -65.92
N PRO B 624 35.43 -18.68 -66.87
CA PRO B 624 35.03 -18.86 -68.27
C PRO B 624 34.28 -20.17 -68.49
N ASP B 625 33.54 -20.25 -69.59
CA ASP B 625 32.56 -21.34 -69.80
C ASP B 625 33.17 -22.73 -69.96
N ASN B 626 34.39 -22.80 -70.47
CA ASN B 626 35.06 -24.09 -70.71
C ASN B 626 35.36 -24.86 -69.41
N VAL B 627 35.81 -24.16 -68.36
CA VAL B 627 36.07 -24.80 -67.06
C VAL B 627 34.80 -25.41 -66.47
N ILE B 628 33.68 -24.71 -66.64
CA ILE B 628 32.40 -25.15 -66.11
C ILE B 628 32.03 -26.45 -66.80
N ARG B 629 31.97 -26.41 -68.13
CA ARG B 629 31.70 -27.61 -68.93
C ARG B 629 32.67 -28.73 -68.59
N GLU B 630 33.94 -28.37 -68.41
CA GLU B 630 34.96 -29.35 -68.03
C GLU B 630 34.58 -29.96 -66.69
N PHE B 631 34.37 -29.11 -65.70
CA PHE B 631 34.02 -29.56 -64.35
C PHE B 631 32.90 -30.58 -64.38
N VAL B 632 31.78 -30.19 -65.00
CA VAL B 632 30.59 -31.05 -65.05
C VAL B 632 30.89 -32.38 -65.75
N LYS B 633 31.69 -32.32 -66.81
CA LYS B 633 32.07 -33.52 -67.54
C LYS B 633 32.74 -34.50 -66.56
N GLN B 634 33.77 -34.00 -65.87
CA GLN B 634 34.52 -34.80 -64.90
C GLN B 634 33.59 -35.42 -63.86
N SER B 635 32.78 -34.54 -63.26
CA SER B 635 31.85 -34.94 -62.20
C SER B 635 30.94 -36.09 -62.61
N ALA B 636 30.37 -35.96 -63.81
CA ALA B 636 29.50 -37.00 -64.37
C ALA B 636 30.28 -38.31 -64.55
N GLN B 637 31.51 -38.20 -65.06
CA GLN B 637 32.40 -39.35 -65.23
C GLN B 637 32.67 -40.03 -63.89
N SER B 638 32.95 -39.21 -62.87
CA SER B 638 33.36 -39.70 -61.56
C SER B 638 32.21 -40.39 -60.80
N GLY B 639 30.98 -39.97 -61.05
CA GLY B 639 29.83 -40.62 -60.43
C GLY B 639 28.55 -39.82 -60.17
N VAL B 640 28.56 -38.52 -60.47
CA VAL B 640 27.41 -37.65 -60.20
C VAL B 640 26.30 -37.83 -61.25
N ASP B 641 25.08 -38.10 -60.79
CA ASP B 641 23.97 -38.50 -61.67
C ASP B 641 22.87 -37.46 -61.81
N VAL B 642 22.64 -36.70 -60.75
CA VAL B 642 21.59 -35.69 -60.74
C VAL B 642 22.24 -34.41 -60.31
N PHE B 643 21.95 -33.33 -61.01
CA PHE B 643 22.57 -32.05 -60.73
C PHE B 643 21.49 -31.03 -60.46
N ARG B 644 21.26 -30.74 -59.18
CA ARG B 644 20.43 -29.62 -58.78
C ARG B 644 21.24 -28.37 -59.11
N VAL B 645 20.71 -27.50 -59.96
CA VAL B 645 21.43 -26.28 -60.33
C VAL B 645 20.53 -25.06 -60.14
N PHE B 646 21.10 -24.01 -59.59
CA PHE B 646 20.36 -22.80 -59.27
C PHE B 646 21.30 -21.62 -59.53
N ASP B 647 20.72 -20.45 -59.80
CA ASP B 647 21.47 -19.20 -59.73
C ASP B 647 20.94 -18.42 -58.53
N SER B 648 21.83 -17.68 -57.88
CA SER B 648 21.50 -17.00 -56.63
C SER B 648 20.44 -15.93 -56.78
N LEU B 649 20.25 -15.44 -57.99
CA LEU B 649 19.27 -14.39 -58.24
C LEU B 649 18.02 -14.91 -58.94
N ASN B 650 18.01 -16.20 -59.22
CA ASN B 650 16.94 -16.84 -59.99
C ASN B 650 16.87 -16.29 -61.42
N TRP B 651 18.04 -16.04 -61.98
CA TRP B 651 18.21 -15.54 -63.33
C TRP B 651 18.65 -16.71 -64.18
N ILE B 652 17.79 -17.12 -65.11
CA ILE B 652 18.00 -18.35 -65.85
C ILE B 652 19.19 -18.23 -66.82
N LYS B 653 19.57 -16.99 -67.13
CA LYS B 653 20.71 -16.76 -68.01
C LYS B 653 22.04 -17.31 -67.45
N GLY B 654 22.30 -17.07 -66.16
CA GLY B 654 23.52 -17.56 -65.51
C GLY B 654 23.63 -19.07 -65.48
N MET B 655 22.48 -19.74 -65.39
CA MET B 655 22.42 -21.19 -65.31
C MET B 655 22.70 -21.90 -66.66
N GLU B 656 22.48 -21.19 -67.78
CA GLU B 656 22.50 -21.80 -69.11
C GLU B 656 23.71 -22.69 -69.39
N VAL B 657 24.89 -22.15 -69.14
CA VAL B 657 26.16 -22.84 -69.44
C VAL B 657 26.19 -24.27 -68.90
N SER B 658 25.88 -24.37 -67.61
CA SER B 658 26.07 -25.62 -66.85
C SER B 658 25.00 -26.65 -67.15
N ILE B 659 23.77 -26.20 -67.41
CA ILE B 659 22.64 -27.10 -67.67
C ILE B 659 22.88 -27.91 -68.92
N ASP B 660 23.38 -27.24 -69.96
CA ASP B 660 23.68 -27.88 -71.24
C ASP B 660 24.74 -28.95 -71.06
N ALA B 661 25.73 -28.67 -70.22
CA ALA B 661 26.80 -29.62 -69.92
C ALA B 661 26.24 -30.94 -69.38
N VAL B 662 25.18 -30.85 -68.58
CA VAL B 662 24.58 -32.03 -67.95
C VAL B 662 23.76 -32.83 -68.97
N ARG B 663 23.05 -32.12 -69.85
CA ARG B 663 22.39 -32.76 -70.97
C ARG B 663 23.44 -33.42 -71.86
N GLU B 664 24.54 -32.68 -72.12
CA GLU B 664 25.69 -33.16 -72.91
C GLU B 664 26.48 -34.26 -72.18
N ALA B 665 26.43 -34.25 -70.85
CA ALA B 665 26.90 -35.38 -70.04
C ALA B 665 25.95 -36.59 -70.14
N GLY B 666 24.70 -36.32 -70.53
CA GLY B 666 23.69 -37.36 -70.68
C GLY B 666 23.10 -37.76 -69.34
N LYS B 667 23.13 -36.81 -68.41
CA LYS B 667 22.76 -37.04 -67.02
C LYS B 667 21.61 -36.09 -66.65
N ILE B 668 21.02 -36.31 -65.46
CA ILE B 668 19.76 -35.64 -65.07
C ILE B 668 19.97 -34.19 -64.67
N VAL B 669 19.12 -33.32 -65.20
CA VAL B 669 19.12 -31.93 -64.80
C VAL B 669 17.91 -31.67 -63.90
N GLU B 670 18.19 -31.10 -62.71
CA GLU B 670 17.16 -30.60 -61.82
C GLU B 670 17.36 -29.11 -61.67
N ALA B 671 16.93 -28.38 -62.68
CA ALA B 671 16.87 -26.91 -62.59
C ALA B 671 15.95 -26.58 -61.43
N ALA B 672 16.42 -25.72 -60.55
CA ALA B 672 15.67 -25.48 -59.34
C ALA B 672 15.45 -24.00 -59.08
N ILE B 673 14.25 -23.72 -58.59
CA ILE B 673 13.86 -22.36 -58.29
C ILE B 673 13.99 -22.10 -56.81
N CYS B 674 14.83 -21.12 -56.50
CA CYS B 674 15.05 -20.70 -55.15
C CYS B 674 13.85 -19.88 -54.70
N TYR B 675 13.27 -20.24 -53.55
CA TYR B 675 12.05 -19.60 -53.03
C TYR B 675 12.35 -18.43 -52.07
N THR B 676 11.67 -17.32 -52.24
CA THR B 676 11.82 -16.16 -51.36
C THR B 676 10.42 -15.61 -51.07
N GLY B 677 10.32 -14.52 -50.31
CA GLY B 677 9.05 -13.85 -49.96
C GLY B 677 7.88 -14.75 -49.50
N ASP B 678 6.65 -14.30 -49.72
CA ASP B 678 5.45 -15.05 -49.37
C ASP B 678 4.36 -14.96 -50.46
N ILE B 679 4.03 -16.10 -51.04
CA ILE B 679 2.94 -16.15 -52.02
C ILE B 679 1.57 -15.90 -51.39
N ASP B 680 1.32 -16.46 -50.20
CA ASP B 680 0.01 -16.37 -49.54
C ASP B 680 -0.28 -14.96 -49.00
N ASP B 681 0.75 -14.20 -48.65
CA ASP B 681 0.58 -12.80 -48.30
C ASP B 681 0.65 -11.98 -49.59
N ASP B 682 -0.42 -11.24 -49.85
CA ASP B 682 -0.60 -10.49 -51.12
C ASP B 682 -0.05 -9.06 -51.07
N THR B 683 0.35 -8.59 -49.90
CA THR B 683 1.01 -7.30 -49.75
C THR B 683 2.10 -7.11 -50.78
N ARG B 684 2.90 -8.15 -50.96
CA ARG B 684 4.08 -8.08 -51.79
C ARG B 684 3.76 -8.49 -53.22
N THR B 685 4.06 -7.58 -54.14
CA THR B 685 3.73 -7.74 -55.55
C THR B 685 4.73 -8.66 -56.29
N LYS B 686 6.01 -8.54 -55.94
CA LYS B 686 7.15 -9.07 -56.72
C LYS B 686 7.24 -10.58 -56.97
N TYR B 687 7.12 -11.41 -55.93
CA TYR B 687 7.27 -12.87 -56.07
C TYR B 687 5.94 -13.57 -55.89
N THR B 688 5.10 -13.36 -56.90
CA THR B 688 3.74 -13.87 -56.91
C THR B 688 3.73 -15.33 -57.30
N ILE B 689 2.70 -16.05 -56.86
CA ILE B 689 2.50 -17.44 -57.29
C ILE B 689 2.59 -17.56 -58.82
N ASP B 690 2.13 -16.53 -59.52
CA ASP B 690 2.27 -16.44 -60.97
C ASP B 690 3.73 -16.52 -61.39
N TYR B 691 4.54 -15.64 -60.79
CA TYR B 691 5.96 -15.53 -61.09
C TYR B 691 6.72 -16.86 -61.05
N TYR B 692 6.43 -17.67 -60.03
CA TYR B 692 7.01 -19.03 -59.94
C TYR B 692 6.43 -19.95 -60.99
N LYS B 693 5.14 -19.80 -61.28
CA LYS B 693 4.48 -20.58 -62.33
C LYS B 693 5.10 -20.25 -63.69
N ASP B 694 5.30 -18.96 -63.95
CA ASP B 694 5.93 -18.48 -65.18
C ASP B 694 7.37 -19.00 -65.33
N MET B 695 8.17 -18.75 -64.28
CA MET B 695 9.59 -19.14 -64.24
C MET B 695 9.78 -20.63 -64.48
N ALA B 696 8.86 -21.44 -63.96
CA ALA B 696 8.90 -22.90 -64.13
C ALA B 696 8.66 -23.34 -65.58
N LYS B 697 7.78 -22.61 -66.28
CA LYS B 697 7.58 -22.86 -67.70
C LYS B 697 8.91 -22.70 -68.43
N GLU B 698 9.57 -21.57 -68.22
CA GLU B 698 10.78 -21.23 -69.01
C GLU B 698 11.94 -22.19 -68.74
N LEU B 699 11.93 -22.82 -67.57
CA LEU B 699 12.95 -23.82 -67.20
C LEU B 699 12.64 -25.18 -67.78
N VAL B 700 11.35 -25.48 -68.00
CA VAL B 700 10.95 -26.66 -68.77
C VAL B 700 11.31 -26.43 -70.24
N ALA B 701 11.13 -25.19 -70.70
CA ALA B 701 11.52 -24.76 -72.05
C ALA B 701 13.04 -24.86 -72.25
N GLN B 702 13.81 -24.33 -71.29
CA GLN B 702 15.27 -24.50 -71.30
C GLN B 702 15.68 -25.95 -71.16
N GLY B 703 14.73 -26.78 -70.73
CA GLY B 703 14.93 -28.20 -70.63
C GLY B 703 15.46 -28.57 -69.26
N THR B 704 14.68 -29.36 -68.54
CA THR B 704 15.11 -29.91 -67.26
C THR B 704 14.34 -31.18 -66.97
N HIS B 705 15.05 -32.27 -66.79
CA HIS B 705 14.40 -33.55 -66.54
C HIS B 705 13.44 -33.49 -65.33
N ILE B 706 13.80 -32.67 -64.35
CA ILE B 706 13.04 -32.48 -63.09
C ILE B 706 13.08 -31.03 -62.66
N LEU B 707 12.03 -30.59 -61.99
CA LEU B 707 12.02 -29.25 -61.42
C LEU B 707 12.01 -29.34 -59.91
N GLY B 708 13.11 -28.88 -59.30
CA GLY B 708 13.21 -28.81 -57.85
C GLY B 708 12.99 -27.41 -57.31
N ILE B 709 12.47 -27.31 -56.08
CA ILE B 709 12.32 -26.03 -55.42
C ILE B 709 13.23 -26.00 -54.19
N LYS B 710 14.24 -25.12 -54.24
CA LYS B 710 15.22 -24.97 -53.15
C LYS B 710 14.75 -23.84 -52.24
N ASP B 711 14.11 -24.23 -51.13
CA ASP B 711 13.74 -23.28 -50.07
C ASP B 711 14.89 -23.18 -49.05
N MET B 712 15.85 -22.32 -49.35
CA MET B 712 17.10 -22.29 -48.61
C MET B 712 16.98 -21.78 -47.18
N ALA B 713 15.91 -21.07 -46.87
CA ALA B 713 15.79 -20.44 -45.56
C ALA B 713 14.83 -21.16 -44.62
N GLY B 714 13.85 -21.86 -45.17
CA GLY B 714 12.77 -22.48 -44.38
C GLY B 714 11.51 -21.65 -44.40
N LEU B 715 11.39 -20.82 -45.44
CA LEU B 715 10.31 -19.85 -45.59
C LEU B 715 8.98 -20.41 -46.09
N LEU B 716 9.03 -21.56 -46.77
CA LEU B 716 7.81 -22.12 -47.32
C LEU B 716 6.93 -22.64 -46.20
N LYS B 717 5.97 -21.80 -45.78
CA LYS B 717 5.00 -22.15 -44.77
C LYS B 717 4.20 -23.33 -45.30
N PRO B 718 3.70 -24.22 -44.42
CA PRO B 718 3.00 -25.42 -44.91
C PRO B 718 1.76 -25.16 -45.76
N GLN B 719 0.97 -24.15 -45.41
CA GLN B 719 -0.18 -23.81 -46.24
C GLN B 719 0.22 -23.37 -47.64
N ALA B 720 1.26 -22.55 -47.75
CA ALA B 720 1.79 -22.11 -49.07
C ALA B 720 2.31 -23.28 -49.91
N ALA B 721 2.84 -24.30 -49.26
CA ALA B 721 3.34 -25.49 -49.94
C ALA B 721 2.23 -26.30 -50.58
N TYR B 722 1.11 -26.49 -49.88
CA TYR B 722 -0.03 -27.18 -50.45
C TYR B 722 -0.43 -26.49 -51.75
N ARG B 723 -0.53 -25.17 -51.69
CA ARG B 723 -0.92 -24.39 -52.86
C ARG B 723 0.10 -24.51 -53.99
N LEU B 724 1.38 -24.37 -53.67
CA LEU B 724 2.43 -24.31 -54.70
C LEU B 724 2.65 -25.61 -55.47
N ILE B 725 2.58 -26.74 -54.80
CA ILE B 725 2.74 -28.03 -55.47
C ILE B 725 1.54 -28.30 -56.37
N GLY B 726 0.34 -28.15 -55.83
CA GLY B 726 -0.90 -28.32 -56.60
C GLY B 726 -0.98 -27.40 -57.79
N GLU B 727 -0.51 -26.16 -57.64
CA GLU B 727 -0.56 -25.16 -58.71
C GLU B 727 0.53 -25.36 -59.75
N LEU B 728 1.66 -25.94 -59.36
CA LEU B 728 2.75 -26.24 -60.30
C LEU B 728 2.57 -27.58 -61.00
N LYS B 729 1.99 -28.56 -60.32
CA LYS B 729 1.65 -29.81 -60.98
C LYS B 729 0.60 -29.58 -62.11
N ASP B 730 -0.27 -28.59 -61.91
CA ASP B 730 -1.16 -28.10 -62.98
C ASP B 730 -0.39 -27.38 -64.08
N THR B 731 0.49 -26.46 -63.70
CA THR B 731 1.22 -25.62 -64.67
C THR B 731 2.17 -26.39 -65.59
N VAL B 732 2.84 -27.42 -65.08
CA VAL B 732 3.84 -28.17 -65.87
C VAL B 732 3.84 -29.69 -65.59
N ASP B 733 4.24 -30.47 -66.59
CA ASP B 733 4.12 -31.94 -66.53
C ASP B 733 5.25 -32.63 -65.77
N VAL B 734 6.39 -31.94 -65.62
CA VAL B 734 7.59 -32.50 -64.95
C VAL B 734 7.31 -33.00 -63.52
N PRO B 735 8.12 -33.97 -63.04
CA PRO B 735 8.08 -34.29 -61.60
C PRO B 735 8.69 -33.17 -60.75
N ILE B 736 8.29 -33.10 -59.48
CA ILE B 736 8.76 -32.04 -58.59
C ILE B 736 9.47 -32.57 -57.33
N HIS B 737 10.50 -31.83 -56.94
CA HIS B 737 11.49 -32.22 -55.91
C HIS B 737 11.70 -31.00 -54.98
N LEU B 738 11.43 -31.18 -53.67
CA LEU B 738 11.44 -30.05 -52.74
C LEU B 738 12.50 -30.14 -51.64
N HIS B 739 13.23 -29.05 -51.47
CA HIS B 739 14.31 -28.91 -50.48
C HIS B 739 13.89 -27.82 -49.54
N THR B 740 13.78 -28.13 -48.25
CA THR B 740 13.50 -27.11 -47.26
C THR B 740 14.35 -27.32 -46.01
N HIS B 741 14.48 -26.26 -45.24
CA HIS B 741 15.22 -26.27 -43.98
C HIS B 741 14.23 -26.10 -42.80
N ASP B 742 14.42 -26.91 -41.76
CA ASP B 742 13.51 -26.98 -40.62
C ASP B 742 13.75 -25.87 -39.57
N THR B 743 14.37 -24.76 -39.94
CA THR B 743 14.66 -23.68 -38.99
C THR B 743 13.38 -23.28 -38.24
N SER B 744 12.29 -23.14 -38.99
CA SER B 744 10.98 -22.68 -38.49
C SER B 744 10.28 -23.61 -37.50
N GLY B 745 10.58 -24.91 -37.58
CA GLY B 745 9.82 -25.91 -36.84
C GLY B 745 8.70 -26.52 -37.66
N ASN B 746 8.46 -25.96 -38.85
CA ASN B 746 7.40 -26.41 -39.77
C ASN B 746 7.92 -27.21 -40.94
N GLY B 747 9.04 -27.90 -40.72
CA GLY B 747 9.71 -28.61 -41.81
C GLY B 747 8.91 -29.82 -42.24
N ILE B 748 8.62 -30.70 -41.30
CA ILE B 748 7.86 -31.88 -41.61
C ILE B 748 6.46 -31.53 -42.09
N TYR B 749 5.85 -30.49 -41.51
CA TYR B 749 4.49 -30.13 -41.93
C TYR B 749 4.51 -29.60 -43.36
N THR B 750 5.47 -28.74 -43.68
CA THR B 750 5.60 -28.24 -45.05
C THR B 750 5.73 -29.39 -46.05
N TYR B 751 6.37 -30.50 -45.65
CA TYR B 751 6.44 -31.69 -46.54
C TYR B 751 5.08 -32.40 -46.66
N ALA B 752 4.39 -32.58 -45.54
CA ALA B 752 3.05 -33.20 -45.55
C ALA B 752 2.09 -32.45 -46.47
N ALA B 753 2.22 -31.12 -46.50
CA ALA B 753 1.48 -30.28 -47.46
C ALA B 753 1.82 -30.63 -48.91
N ALA B 754 3.10 -30.77 -49.18
CA ALA B 754 3.56 -31.15 -50.49
C ALA B 754 3.06 -32.53 -50.86
N VAL B 755 3.14 -33.48 -49.95
CA VAL B 755 2.69 -34.87 -50.24
C VAL B 755 1.18 -34.97 -50.48
N SER B 756 0.42 -34.18 -49.74
CA SER B 756 -0.99 -34.05 -49.96
C SER B 756 -1.22 -33.48 -51.36
N ALA B 757 -0.50 -32.41 -51.70
CA ALA B 757 -0.57 -31.80 -53.05
C ALA B 757 0.16 -32.60 -54.14
N GLY B 758 0.72 -33.75 -53.77
CA GLY B 758 1.19 -34.75 -54.73
C GLY B 758 2.58 -34.59 -55.33
N VAL B 759 3.52 -34.01 -54.57
CA VAL B 759 4.87 -33.80 -55.06
C VAL B 759 5.66 -35.10 -55.02
N ASP B 760 6.61 -35.25 -55.94
CA ASP B 760 7.28 -36.54 -56.20
C ASP B 760 8.43 -36.85 -55.24
N ILE B 761 9.32 -35.88 -55.03
CA ILE B 761 10.56 -36.07 -54.25
C ILE B 761 10.85 -34.97 -53.21
N VAL B 762 11.31 -35.38 -52.02
CA VAL B 762 11.68 -34.44 -50.95
C VAL B 762 13.00 -34.80 -50.25
N ASP B 763 13.66 -33.79 -49.69
CA ASP B 763 14.97 -33.93 -49.04
C ASP B 763 14.87 -34.12 -47.53
N VAL B 764 15.40 -35.23 -47.03
CA VAL B 764 15.42 -35.51 -45.59
C VAL B 764 16.79 -36.02 -45.16
N ALA B 765 16.98 -36.14 -43.84
CA ALA B 765 18.26 -36.60 -43.30
C ALA B 765 18.01 -37.47 -42.11
N SER B 766 19.03 -38.19 -41.67
CA SER B 766 18.88 -39.10 -40.52
C SER B 766 18.49 -38.28 -39.30
N SER B 767 17.58 -38.83 -38.49
CA SER B 767 17.07 -38.12 -37.29
C SER B 767 18.20 -37.37 -36.58
N ALA B 768 19.29 -38.05 -36.30
CA ALA B 768 20.39 -37.48 -35.53
C ALA B 768 21.08 -36.28 -36.20
N MET B 769 20.86 -36.09 -37.49
CA MET B 769 21.39 -34.93 -38.21
C MET B 769 20.28 -34.10 -38.83
N SER B 770 19.05 -34.31 -38.36
CA SER B 770 17.91 -33.52 -38.82
C SER B 770 17.62 -32.38 -37.87
N GLY B 771 16.67 -31.54 -38.26
CA GLY B 771 16.19 -30.45 -37.41
C GLY B 771 16.95 -29.15 -37.59
N ALA B 772 16.49 -28.12 -36.90
CA ALA B 772 17.20 -26.85 -36.89
C ALA B 772 17.39 -26.38 -38.31
N THR B 773 18.59 -25.93 -38.65
CA THR B 773 18.88 -25.46 -39.98
C THR B 773 19.10 -26.61 -40.99
N SER B 774 18.87 -27.85 -40.54
CA SER B 774 19.01 -29.02 -41.41
C SER B 774 17.67 -29.37 -42.04
N GLN B 775 17.66 -30.45 -42.83
CA GLN B 775 16.41 -31.01 -43.37
C GLN B 775 15.65 -31.76 -42.27
N PRO B 776 14.36 -32.04 -42.50
CA PRO B 776 13.53 -32.82 -41.57
C PRO B 776 13.86 -34.30 -41.54
N SER B 777 13.53 -34.97 -40.45
CA SER B 777 13.97 -36.35 -40.26
C SER B 777 13.32 -37.25 -41.31
N MET B 778 14.12 -38.08 -41.96
CA MET B 778 13.57 -39.09 -42.87
C MET B 778 12.62 -39.99 -42.09
N THR B 779 13.10 -40.50 -40.96
CA THR B 779 12.36 -41.44 -40.14
C THR B 779 11.21 -40.70 -39.51
N GLY B 780 11.40 -39.42 -39.28
CA GLY B 780 10.33 -38.56 -38.81
C GLY B 780 9.19 -38.50 -39.81
N LEU B 781 9.52 -38.25 -41.08
CA LEU B 781 8.52 -38.12 -42.13
C LEU B 781 7.73 -39.38 -42.33
N TYR B 782 8.45 -40.50 -42.38
CA TYR B 782 7.82 -41.79 -42.56
C TYR B 782 6.73 -42.00 -41.52
N TYR B 783 7.10 -41.83 -40.26
CA TYR B 783 6.14 -42.01 -39.16
C TYR B 783 5.06 -40.94 -39.15
N GLY B 784 5.33 -39.83 -39.83
CA GLY B 784 4.34 -38.80 -40.05
C GLY B 784 3.26 -39.18 -41.06
N LEU B 785 3.69 -39.78 -42.18
CA LEU B 785 2.80 -40.15 -43.28
C LEU B 785 2.32 -41.58 -43.25
N VAL B 786 2.64 -42.29 -42.17
CA VAL B 786 2.62 -43.74 -42.15
C VAL B 786 1.31 -44.39 -42.62
N ASN B 787 0.15 -43.87 -42.25
CA ASN B 787 -1.11 -44.51 -42.64
C ASN B 787 -2.01 -43.60 -43.44
N GLY B 788 -1.44 -42.53 -43.98
CA GLY B 788 -2.19 -41.58 -44.79
C GLY B 788 -2.47 -42.16 -46.15
N ASN B 789 -3.01 -41.31 -47.02
CA ASN B 789 -3.32 -41.73 -48.37
C ASN B 789 -2.04 -42.02 -49.13
N ARG B 790 -1.08 -41.11 -49.01
CA ARG B 790 0.21 -41.23 -49.66
C ARG B 790 1.27 -41.50 -48.60
N GLN B 791 2.30 -42.24 -48.96
CA GLN B 791 3.36 -42.63 -48.01
C GLN B 791 4.74 -42.67 -48.66
N THR B 792 5.72 -43.10 -47.88
CA THR B 792 7.08 -43.29 -48.35
C THR B 792 7.52 -44.70 -48.10
N ASN B 793 8.32 -45.18 -49.03
CA ASN B 793 8.83 -46.53 -48.99
C ASN B 793 10.17 -46.53 -48.27
N LEU B 794 10.16 -46.81 -46.96
CA LEU B 794 11.41 -47.00 -46.24
C LEU B 794 11.23 -47.83 -44.98
N ASP B 795 12.10 -48.82 -44.78
CA ASP B 795 12.08 -49.61 -43.55
C ASP B 795 12.46 -48.71 -42.37
N ALA B 796 11.48 -48.46 -41.51
CA ALA B 796 11.69 -47.60 -40.35
C ALA B 796 12.92 -48.06 -39.59
N GLN B 797 12.89 -49.30 -39.15
CA GLN B 797 13.97 -49.84 -38.34
C GLN B 797 15.33 -49.65 -38.98
N ASN B 798 15.41 -49.81 -40.29
CA ASN B 798 16.67 -49.63 -41.00
C ASN B 798 17.22 -48.25 -40.77
N SER B 799 16.40 -47.25 -41.09
CA SER B 799 16.80 -45.84 -41.00
C SER B 799 17.28 -45.49 -39.62
N GLN B 800 16.70 -46.13 -38.61
CA GLN B 800 17.09 -45.99 -37.21
C GLN B 800 18.46 -46.57 -36.95
N ILE B 801 18.74 -47.73 -37.52
CA ILE B 801 20.06 -48.33 -37.36
C ILE B 801 21.13 -47.38 -37.95
N ILE B 802 20.89 -46.85 -39.14
CA ILE B 802 21.76 -45.84 -39.74
C ILE B 802 21.92 -44.66 -38.81
N ASN B 803 20.80 -44.21 -38.25
CA ASN B 803 20.83 -43.09 -37.31
C ASN B 803 21.74 -43.32 -36.11
N HIS B 804 21.70 -44.54 -35.55
CA HIS B 804 22.48 -44.87 -34.36
C HIS B 804 23.94 -44.58 -34.56
N TYR B 805 24.39 -44.78 -35.80
CA TYR B 805 25.77 -44.46 -36.17
C TYR B 805 25.99 -42.97 -36.05
N TRP B 806 25.25 -42.22 -36.86
CA TRP B 806 25.34 -40.78 -36.81
C TRP B 806 25.14 -40.18 -35.40
N GLU B 807 24.12 -40.64 -34.66
CA GLU B 807 23.97 -40.26 -33.25
C GLU B 807 25.34 -40.23 -32.61
N ASP B 808 26.02 -41.36 -32.69
CA ASP B 808 27.32 -41.52 -32.04
C ASP B 808 28.44 -40.66 -32.66
N VAL B 809 28.42 -40.51 -33.97
CA VAL B 809 29.50 -39.81 -34.69
C VAL B 809 29.48 -38.32 -34.47
N ARG B 810 28.29 -37.72 -34.44
CA ARG B 810 28.20 -36.27 -34.27
C ARG B 810 29.03 -35.74 -33.12
N HIS B 811 29.20 -36.54 -32.06
CA HIS B 811 29.96 -36.09 -30.89
C HIS B 811 31.40 -35.69 -31.25
N TYR B 812 31.97 -36.33 -32.27
CA TYR B 812 33.29 -36.00 -32.73
C TYR B 812 33.38 -34.54 -33.11
N TYR B 813 32.27 -33.99 -33.56
CA TYR B 813 32.24 -32.66 -34.11
C TYR B 813 31.62 -31.60 -33.18
N LYS B 814 31.47 -31.90 -31.89
CA LYS B 814 30.91 -30.91 -30.93
C LYS B 814 31.57 -29.51 -31.10
N ASP B 815 32.87 -29.46 -31.34
CA ASP B 815 33.56 -28.19 -31.63
C ASP B 815 32.89 -27.36 -32.71
N PHE B 816 32.17 -27.99 -33.60
CA PHE B 816 31.57 -27.31 -34.73
C PHE B 816 30.06 -27.31 -34.64
N ASP B 817 29.52 -27.80 -33.54
CA ASP B 817 28.07 -27.93 -33.40
C ASP B 817 27.49 -26.73 -32.68
N ASN B 818 27.72 -25.57 -33.27
CA ASN B 818 27.34 -24.31 -32.64
C ASN B 818 25.90 -23.93 -32.94
N ALA B 819 25.15 -24.82 -33.60
CA ALA B 819 23.77 -24.55 -34.01
C ALA B 819 22.81 -24.48 -32.82
N LEU B 820 21.83 -23.57 -32.93
CA LEU B 820 20.80 -23.39 -31.90
C LEU B 820 19.75 -24.46 -32.09
N ASN B 821 19.21 -24.96 -30.99
CA ASN B 821 18.48 -26.23 -31.00
C ASN B 821 17.01 -26.13 -30.55
N SER B 822 16.36 -24.99 -30.87
CA SER B 822 14.91 -24.75 -30.72
C SER B 822 14.35 -23.98 -31.90
N PRO B 823 13.03 -24.06 -32.13
CA PRO B 823 12.50 -23.43 -33.36
C PRO B 823 12.73 -21.92 -33.35
N GLN B 824 13.55 -21.44 -34.28
CA GLN B 824 13.79 -20.00 -34.43
C GLN B 824 12.79 -19.40 -35.46
N THR B 825 11.64 -18.96 -34.95
CA THR B 825 10.51 -18.48 -35.78
C THR B 825 10.76 -17.13 -36.44
N GLU B 826 11.74 -16.38 -35.90
CA GLU B 826 12.07 -15.04 -36.38
C GLU B 826 12.46 -15.02 -37.85
N VAL B 827 12.82 -16.20 -38.37
CA VAL B 827 13.35 -16.38 -39.76
C VAL B 827 12.54 -15.73 -40.86
N TYR B 828 11.22 -15.69 -40.68
CA TYR B 828 10.32 -15.13 -41.71
C TYR B 828 10.54 -13.62 -41.93
N ILE B 829 10.84 -12.90 -40.84
CA ILE B 829 11.13 -11.47 -40.92
C ILE B 829 12.40 -11.20 -41.71
N HIS B 830 13.52 -11.76 -41.24
CA HIS B 830 14.83 -11.49 -41.86
C HIS B 830 15.18 -12.35 -43.09
N GLU B 831 14.43 -13.44 -43.34
CA GLU B 831 14.60 -14.22 -44.57
C GLU B 831 16.03 -14.68 -44.84
N MET B 832 16.84 -14.78 -43.79
CA MET B 832 18.27 -15.08 -43.92
C MET B 832 18.50 -16.58 -43.82
N PRO B 833 19.28 -17.17 -44.75
CA PRO B 833 19.52 -18.63 -44.67
C PRO B 833 20.28 -19.00 -43.40
N GLY B 834 20.05 -20.22 -42.90
CA GLY B 834 20.67 -20.67 -41.66
C GLY B 834 22.17 -20.43 -41.59
N GLY B 835 22.87 -20.81 -42.66
CA GLY B 835 24.29 -20.54 -42.77
C GLY B 835 24.65 -19.07 -42.54
N GLN B 836 23.87 -18.18 -43.13
CA GLN B 836 24.14 -16.73 -43.07
C GLN B 836 23.96 -16.15 -41.67
N TYR B 837 22.91 -16.56 -40.96
CA TYR B 837 22.68 -16.05 -39.61
C TYR B 837 23.92 -16.20 -38.73
N THR B 838 24.51 -17.40 -38.74
CA THR B 838 25.71 -17.68 -37.94
C THR B 838 26.94 -16.97 -38.50
N ASN B 839 27.13 -17.04 -39.82
CA ASN B 839 28.26 -16.36 -40.48
C ASN B 839 28.26 -14.84 -40.33
N LEU B 840 27.08 -14.23 -40.23
CA LEU B 840 26.98 -12.78 -40.03
C LEU B 840 27.01 -12.37 -38.55
N GLN B 841 26.47 -13.23 -37.66
CA GLN B 841 26.68 -13.05 -36.23
C GLN B 841 28.20 -12.95 -35.97
N GLN B 842 28.98 -13.83 -36.61
CA GLN B 842 30.44 -13.88 -36.46
C GLN B 842 31.11 -12.54 -36.81
N GLN B 843 30.73 -11.94 -37.94
CA GLN B 843 31.34 -10.67 -38.37
C GLN B 843 31.01 -9.54 -37.40
N ALA B 844 29.76 -9.50 -36.91
CA ALA B 844 29.35 -8.50 -35.93
C ALA B 844 30.14 -8.67 -34.63
N ILE B 845 30.34 -9.91 -34.21
CA ILE B 845 31.19 -10.24 -33.04
C ILE B 845 32.64 -9.83 -33.31
N ALA B 846 33.10 -10.05 -34.55
CA ALA B 846 34.43 -9.64 -35.00
C ALA B 846 34.67 -8.13 -34.90
N VAL B 847 33.77 -7.35 -35.47
CA VAL B 847 33.91 -5.89 -35.40
C VAL B 847 33.30 -5.32 -34.10
N GLY B 848 32.80 -6.19 -33.22
CA GLY B 848 32.41 -5.79 -31.86
C GLY B 848 31.05 -5.12 -31.80
N LEU B 849 30.10 -5.65 -32.57
CA LEU B 849 28.72 -5.18 -32.59
C LEU B 849 27.81 -6.24 -32.03
N GLY B 850 28.40 -7.26 -31.41
CA GLY B 850 27.63 -8.34 -30.78
C GLY B 850 26.60 -7.81 -29.79
N ASP B 851 26.91 -6.68 -29.17
CA ASP B 851 26.01 -6.00 -28.25
C ASP B 851 24.84 -5.37 -29.01
N ARG B 852 25.10 -5.02 -30.27
CA ARG B 852 24.12 -4.37 -31.14
C ARG B 852 23.53 -5.32 -32.18
N TRP B 853 23.83 -6.62 -32.06
CA TRP B 853 23.43 -7.62 -33.06
C TRP B 853 21.99 -7.43 -33.60
N ASP B 854 21.04 -7.18 -32.70
CA ASP B 854 19.64 -6.95 -33.09
C ASP B 854 19.45 -5.83 -34.08
N GLU B 855 20.30 -4.81 -33.98
CA GLU B 855 20.26 -3.67 -34.90
C GLU B 855 20.69 -4.07 -36.32
N VAL B 856 21.63 -5.00 -36.41
CA VAL B 856 22.13 -5.49 -37.71
C VAL B 856 21.03 -6.27 -38.42
N LYS B 857 20.45 -7.24 -37.72
CA LYS B 857 19.37 -8.06 -38.28
C LYS B 857 18.28 -7.23 -38.97
N GLU B 858 17.87 -6.13 -38.33
CA GLU B 858 16.84 -5.27 -38.91
C GLU B 858 17.38 -4.53 -40.12
N MET B 859 18.58 -3.96 -39.98
CA MET B 859 19.22 -3.20 -41.09
C MET B 859 19.34 -4.06 -42.35
N TYR B 860 19.74 -5.32 -42.18
CA TYR B 860 19.76 -6.32 -43.25
C TYR B 860 18.44 -6.37 -44.02
N THR B 861 17.33 -6.47 -43.30
CA THR B 861 16.00 -6.51 -43.92
C THR B 861 15.73 -5.26 -44.75
N VAL B 862 16.25 -4.11 -44.29
CA VAL B 862 16.16 -2.86 -45.03
C VAL B 862 16.97 -2.97 -46.32
N VAL B 863 18.16 -3.54 -46.22
CA VAL B 863 19.10 -3.63 -47.35
C VAL B 863 18.51 -4.46 -48.49
N ASN B 864 17.85 -5.56 -48.15
CA ASN B 864 17.10 -6.31 -49.13
C ASN B 864 16.00 -5.44 -49.68
N GLN B 865 15.35 -4.68 -48.79
CA GLN B 865 14.26 -3.75 -49.18
C GLN B 865 14.77 -2.54 -49.97
N MET B 866 16.07 -2.23 -49.85
CA MET B 866 16.70 -1.19 -50.67
C MET B 866 16.74 -1.64 -52.13
N PHE B 867 17.16 -2.88 -52.36
CA PHE B 867 17.19 -3.46 -53.70
C PHE B 867 15.82 -4.06 -54.05
N GLY B 868 14.74 -3.42 -53.60
CA GLY B 868 13.41 -4.00 -53.70
C GLY B 868 13.28 -5.22 -52.81
N ASP B 869 12.98 -6.36 -53.41
CA ASP B 869 13.00 -7.64 -52.73
C ASP B 869 13.83 -8.52 -53.64
N ILE B 870 14.95 -9.03 -53.17
CA ILE B 870 15.81 -9.88 -54.02
C ILE B 870 16.08 -11.22 -53.36
N VAL B 871 16.36 -12.23 -54.18
CA VAL B 871 16.63 -13.58 -53.66
C VAL B 871 17.95 -13.62 -52.91
N LYS B 872 17.86 -13.76 -51.59
CA LYS B 872 19.04 -13.82 -50.74
C LYS B 872 19.48 -15.27 -50.57
N VAL B 873 20.64 -15.56 -51.12
CA VAL B 873 21.26 -16.89 -51.05
C VAL B 873 22.70 -16.74 -51.53
N THR B 874 23.59 -17.56 -51.02
CA THR B 874 25.00 -17.49 -51.39
C THR B 874 25.20 -17.50 -52.92
N PRO B 875 25.94 -16.52 -53.48
CA PRO B 875 26.72 -15.43 -52.89
C PRO B 875 25.97 -14.09 -52.77
N SER B 876 24.71 -14.05 -53.18
CA SER B 876 23.93 -12.81 -53.12
C SER B 876 23.62 -12.41 -51.68
N SER B 877 23.35 -13.42 -50.83
CA SER B 877 23.13 -13.19 -49.40
C SER B 877 24.30 -12.41 -48.80
N LYS B 878 25.52 -12.89 -49.04
CA LYS B 878 26.75 -12.23 -48.54
C LYS B 878 26.73 -10.74 -48.82
N VAL B 879 26.30 -10.34 -50.02
CA VAL B 879 26.34 -8.93 -50.43
C VAL B 879 25.45 -8.03 -49.58
N VAL B 880 24.26 -8.51 -49.23
CA VAL B 880 23.34 -7.76 -48.37
C VAL B 880 24.01 -7.53 -47.00
N GLY B 881 24.42 -8.63 -46.38
CA GLY B 881 25.04 -8.62 -45.04
C GLY B 881 26.25 -7.73 -44.94
N ASP B 882 27.08 -7.78 -45.97
CA ASP B 882 28.31 -6.97 -46.02
C ASP B 882 27.99 -5.47 -45.91
N LEU B 883 26.94 -5.03 -46.62
CA LEU B 883 26.52 -3.62 -46.57
C LEU B 883 25.75 -3.31 -45.30
N ALA B 884 24.79 -4.16 -44.96
CA ALA B 884 24.03 -3.97 -43.74
C ALA B 884 24.99 -3.63 -42.61
N LEU B 885 26.01 -4.48 -42.44
CA LEU B 885 27.04 -4.28 -41.41
C LEU B 885 27.77 -2.93 -41.55
N PHE B 886 27.93 -2.43 -42.78
CA PHE B 886 28.56 -1.14 -43.03
C PHE B 886 27.66 -0.01 -42.56
N MET B 887 26.40 -0.01 -42.99
CA MET B 887 25.45 1.03 -42.62
C MET B 887 25.32 1.16 -41.09
N VAL B 888 25.01 0.04 -40.41
CA VAL B 888 24.90 0.00 -38.94
C VAL B 888 26.21 0.42 -38.25
N GLN B 889 27.34 0.07 -38.86
CA GLN B 889 28.66 0.48 -38.35
C GLN B 889 28.80 1.99 -38.37
N ASN B 890 28.39 2.63 -39.46
CA ASN B 890 28.57 4.08 -39.63
C ASN B 890 27.31 4.89 -39.31
N GLU B 891 26.33 4.24 -38.68
CA GLU B 891 25.08 4.87 -38.21
C GLU B 891 24.32 5.60 -39.32
N LEU B 892 24.31 5.00 -40.51
CA LEU B 892 23.62 5.56 -41.67
C LEU B 892 22.22 5.01 -41.78
N SER B 893 21.22 5.89 -41.75
CA SER B 893 19.85 5.50 -42.10
C SER B 893 19.78 5.26 -43.63
N GLU B 894 18.71 4.63 -44.09
CA GLU B 894 18.45 4.43 -45.52
C GLU B 894 18.40 5.78 -46.27
N GLU B 895 17.96 6.81 -45.57
CA GLU B 895 17.83 8.16 -46.12
C GLU B 895 19.23 8.80 -46.22
N ASP B 896 20.03 8.62 -45.17
CA ASP B 896 21.41 9.12 -45.11
C ASP B 896 22.25 8.61 -46.28
N VAL B 897 22.00 7.36 -46.70
CA VAL B 897 22.75 6.65 -47.76
C VAL B 897 22.74 7.40 -49.12
N TYR B 898 21.55 7.79 -49.57
CA TYR B 898 21.39 8.47 -50.86
C TYR B 898 22.00 9.89 -50.81
N GLU B 899 21.68 10.60 -49.73
CA GLU B 899 22.10 11.99 -49.50
C GLU B 899 23.62 12.19 -49.51
N LYS B 900 24.34 11.27 -48.89
CA LYS B 900 25.81 11.34 -48.86
C LYS B 900 26.45 10.40 -49.88
N GLY B 901 25.62 9.78 -50.73
CA GLY B 901 26.01 8.56 -51.43
C GLY B 901 27.23 8.59 -52.34
N ASP B 902 27.41 9.65 -53.11
CA ASP B 902 28.54 9.75 -54.03
C ASP B 902 29.88 9.75 -53.30
N THR B 903 29.93 10.40 -52.13
CA THR B 903 31.19 10.57 -51.40
C THR B 903 31.76 9.27 -50.80
N ILE B 904 30.89 8.40 -50.31
CA ILE B 904 31.31 7.23 -49.53
C ILE B 904 31.73 6.10 -50.46
N ASP B 905 32.76 5.34 -50.06
CA ASP B 905 33.14 4.13 -50.80
C ASP B 905 32.43 2.89 -50.24
N PHE B 906 31.48 2.35 -51.01
CA PHE B 906 30.79 1.11 -50.64
C PHE B 906 31.75 -0.07 -50.80
N PRO B 907 31.53 -1.17 -50.06
CA PRO B 907 32.43 -2.34 -50.10
C PRO B 907 32.58 -2.95 -51.50
N ASP B 908 33.81 -3.28 -51.86
CA ASP B 908 34.12 -3.98 -53.13
C ASP B 908 33.02 -4.94 -53.57
N SER B 909 32.58 -5.81 -52.66
CA SER B 909 31.60 -6.86 -52.97
C SER B 909 30.24 -6.31 -53.45
N VAL B 910 29.90 -5.11 -53.02
CA VAL B 910 28.62 -4.48 -53.34
C VAL B 910 28.68 -3.82 -54.73
N ILE B 911 29.86 -3.29 -55.06
CA ILE B 911 30.10 -2.68 -56.37
C ILE B 911 30.08 -3.77 -57.43
N GLU B 912 30.64 -4.93 -57.08
CA GLU B 912 30.59 -6.09 -58.00
C GLU B 912 29.15 -6.55 -58.24
N PHE B 913 28.28 -6.30 -57.27
CA PHE B 913 26.86 -6.59 -57.43
C PHE B 913 26.26 -5.58 -58.39
N PHE B 914 26.53 -4.31 -58.13
CA PHE B 914 26.07 -3.24 -59.00
C PHE B 914 26.79 -3.23 -60.36
N MET B 915 27.96 -3.88 -60.43
CA MET B 915 28.64 -4.14 -61.71
C MET B 915 27.81 -5.13 -62.53
N GLY B 916 27.28 -6.16 -61.87
CA GLY B 916 26.55 -7.25 -62.52
C GLY B 916 27.35 -8.55 -62.55
N GLU B 917 28.35 -8.66 -61.67
CA GLU B 917 29.27 -9.80 -61.64
C GLU B 917 28.63 -11.04 -61.03
N ILE B 918 27.76 -10.83 -60.05
CA ILE B 918 26.92 -11.91 -59.53
C ILE B 918 25.87 -12.38 -60.55
N GLY B 919 25.38 -11.47 -61.37
CA GLY B 919 24.29 -11.77 -62.31
C GLY B 919 23.25 -10.67 -62.32
N GLN B 920 22.01 -11.02 -62.66
CA GLN B 920 20.92 -10.05 -62.84
C GLN B 920 19.75 -10.25 -61.88
N PRO B 921 19.48 -9.24 -61.02
CA PRO B 921 18.31 -9.30 -60.14
C PRO B 921 17.00 -9.27 -60.93
N TYR B 922 16.07 -10.17 -60.61
CA TYR B 922 14.78 -10.26 -61.33
C TYR B 922 14.08 -8.91 -61.53
N GLY B 923 13.90 -8.17 -60.45
CA GLY B 923 13.31 -6.83 -60.53
C GLY B 923 14.20 -5.86 -61.31
N GLY B 924 15.52 -6.09 -61.22
CA GLY B 924 16.52 -5.25 -61.84
C GLY B 924 16.91 -4.10 -60.92
N PHE B 925 18.14 -3.61 -61.05
CA PHE B 925 18.69 -2.61 -60.13
C PHE B 925 17.90 -1.30 -60.17
N PRO B 926 17.66 -0.68 -59.01
CA PRO B 926 17.16 0.70 -59.00
C PRO B 926 18.30 1.69 -59.29
N GLU B 927 18.20 2.34 -60.45
CA GLU B 927 19.33 2.97 -61.11
C GLU B 927 19.88 4.14 -60.33
N LYS B 928 19.04 4.78 -59.52
CA LYS B 928 19.44 5.98 -58.78
C LYS B 928 20.44 5.64 -57.68
N LEU B 929 20.19 4.53 -56.97
CA LEU B 929 21.09 4.04 -55.93
C LEU B 929 22.36 3.54 -56.58
N GLN B 930 22.15 2.61 -57.52
CA GLN B 930 23.20 2.09 -58.39
C GLN B 930 24.18 3.15 -58.88
N LYS B 931 23.62 4.23 -59.44
CA LYS B 931 24.39 5.35 -59.97
C LYS B 931 25.45 5.84 -58.98
N LEU B 932 25.05 6.01 -57.71
CA LEU B 932 25.95 6.51 -56.68
C LEU B 932 27.05 5.49 -56.36
N VAL B 933 26.70 4.20 -56.38
CA VAL B 933 27.67 3.15 -56.03
C VAL B 933 28.74 3.00 -57.12
N LEU B 934 28.34 3.24 -58.38
CA LEU B 934 29.24 3.08 -59.51
C LEU B 934 30.24 4.24 -59.62
N LYS B 935 29.75 5.47 -59.42
CA LYS B 935 30.59 6.68 -59.49
C LYS B 935 31.27 6.79 -60.86
N GLY B 936 30.54 6.43 -61.93
CA GLY B 936 31.05 6.55 -63.29
C GLY B 936 31.43 5.24 -63.96
N ARG B 937 31.41 4.14 -63.21
CA ARG B 937 31.65 2.81 -63.79
C ARG B 937 30.47 2.36 -64.66
N THR B 938 30.71 1.37 -65.52
CA THR B 938 29.72 0.95 -66.52
C THR B 938 29.31 -0.53 -66.35
N PRO B 939 28.00 -0.77 -66.15
CA PRO B 939 27.55 -2.13 -65.84
C PRO B 939 27.35 -2.98 -67.08
N LEU B 940 28.03 -4.12 -67.13
CA LEU B 940 27.77 -5.10 -68.17
C LEU B 940 26.39 -5.70 -67.96
N THR B 941 25.70 -5.99 -69.06
CA THR B 941 24.32 -6.50 -69.02
C THR B 941 24.24 -8.00 -69.29
N ASP B 942 25.39 -8.70 -69.28
CA ASP B 942 25.47 -10.12 -69.66
C ASP B 942 26.29 -10.97 -68.68
N ARG B 943 26.08 -12.29 -68.74
CA ARG B 943 26.84 -13.30 -68.00
C ARG B 943 28.34 -12.93 -68.03
N PRO B 944 28.96 -12.70 -66.87
CA PRO B 944 30.39 -12.39 -66.86
C PRO B 944 31.31 -13.52 -67.33
N GLY B 945 30.83 -14.76 -67.22
CA GLY B 945 31.58 -15.94 -67.68
C GLY B 945 31.95 -15.94 -69.16
N ALA B 946 31.00 -15.56 -70.00
CA ALA B 946 31.21 -15.46 -71.45
C ALA B 946 32.26 -14.41 -71.80
N LEU B 947 32.20 -13.26 -71.12
CA LEU B 947 33.14 -12.16 -71.41
C LEU B 947 34.56 -12.50 -70.97
N MET B 948 34.70 -13.28 -69.90
CA MET B 948 35.98 -13.85 -69.48
C MET B 948 36.64 -14.65 -70.60
N GLU B 949 37.96 -14.46 -70.76
CA GLU B 949 38.73 -15.16 -71.79
C GLU B 949 38.92 -16.63 -71.35
N PRO B 950 38.73 -17.59 -72.28
CA PRO B 950 38.85 -18.98 -71.78
C PRO B 950 40.24 -19.31 -71.27
N VAL B 951 40.29 -20.31 -70.41
CA VAL B 951 41.55 -20.83 -69.90
C VAL B 951 42.05 -21.89 -70.86
N ASN B 952 43.35 -21.83 -71.14
CA ASN B 952 44.06 -22.88 -71.86
C ASN B 952 44.54 -23.88 -70.82
N PHE B 953 43.99 -25.08 -70.87
CA PHE B 953 44.24 -26.08 -69.83
C PHE B 953 45.70 -26.51 -69.75
N VAL B 954 46.37 -26.54 -70.91
CA VAL B 954 47.74 -27.07 -71.01
C VAL B 954 48.75 -26.09 -70.42
N GLU B 955 48.57 -24.79 -70.69
CA GLU B 955 49.42 -23.76 -70.14
C GLU B 955 49.42 -23.78 -68.60
N VAL B 956 48.23 -23.93 -68.03
CA VAL B 956 48.05 -24.11 -66.59
C VAL B 956 48.57 -25.47 -66.13
N LYS B 957 48.16 -26.51 -66.84
CA LYS B 957 48.54 -27.88 -66.49
C LYS B 957 50.04 -27.97 -66.28
N ALA B 958 50.78 -27.24 -67.12
CA ALA B 958 52.22 -27.17 -67.02
C ALA B 958 52.63 -26.26 -65.88
N GLU B 959 51.91 -25.14 -65.72
CA GLU B 959 52.16 -24.21 -64.60
C GLU B 959 52.09 -24.95 -63.27
N LEU B 960 51.02 -25.72 -63.11
CA LEU B 960 50.81 -26.53 -61.92
C LEU B 960 51.91 -27.58 -61.74
N LYS B 961 52.19 -28.35 -62.79
CA LYS B 961 53.22 -29.39 -62.76
C LYS B 961 54.53 -28.84 -62.22
N GLU B 962 54.86 -27.63 -62.65
CA GLU B 962 56.03 -26.88 -62.18
C GLU B 962 55.84 -26.39 -60.74
N LYS B 963 54.62 -25.96 -60.42
CA LYS B 963 54.21 -25.60 -59.05
C LYS B 963 54.17 -26.82 -58.11
N MET B 964 53.50 -27.87 -58.54
CA MET B 964 53.41 -29.12 -57.78
C MET B 964 54.74 -29.85 -57.96
N GLY B 965 54.94 -30.88 -57.14
CA GLY B 965 56.14 -31.70 -57.24
C GLY B 965 56.27 -32.47 -58.54
N TYR B 966 55.14 -32.80 -59.17
CA TYR B 966 55.12 -33.76 -60.27
C TYR B 966 54.00 -33.46 -61.28
N GLU B 967 53.69 -34.45 -62.12
CA GLU B 967 52.68 -34.32 -63.18
C GLU B 967 51.27 -34.54 -62.60
N PRO B 968 50.36 -33.56 -62.76
CA PRO B 968 49.00 -33.62 -62.21
C PRO B 968 48.01 -34.42 -63.05
N THR B 969 46.93 -34.88 -62.42
CA THR B 969 45.82 -35.54 -63.15
C THR B 969 44.84 -34.48 -63.61
N GLU B 970 43.89 -34.88 -64.46
CA GLU B 970 42.93 -33.95 -65.05
C GLU B 970 42.16 -33.22 -63.95
N LYS B 971 41.73 -34.00 -62.95
CA LYS B 971 41.00 -33.48 -61.79
C LYS B 971 41.80 -32.44 -60.99
N ASP B 972 43.05 -32.78 -60.65
CA ASP B 972 43.94 -31.85 -59.93
C ASP B 972 43.94 -30.48 -60.58
N VAL B 973 43.89 -30.47 -61.91
CA VAL B 973 43.92 -29.24 -62.69
C VAL B 973 42.69 -28.37 -62.44
N ILE B 974 41.49 -28.94 -62.63
CA ILE B 974 40.26 -28.12 -62.51
C ILE B 974 40.25 -27.50 -61.14
N SER B 975 40.48 -28.35 -60.13
CA SER B 975 40.52 -27.91 -58.74
C SER B 975 41.45 -26.71 -58.56
N TYR B 976 42.65 -26.80 -59.12
CA TYR B 976 43.60 -25.68 -59.06
C TYR B 976 43.00 -24.41 -59.67
N ILE B 977 42.39 -24.55 -60.83
CA ILE B 977 41.77 -23.43 -61.53
C ILE B 977 40.71 -22.77 -60.66
N LEU B 978 39.86 -23.59 -60.07
CA LEU B 978 38.73 -23.10 -59.27
C LEU B 978 39.19 -22.49 -57.96
N TYR B 979 40.12 -23.17 -57.27
CA TYR B 979 40.63 -22.70 -56.00
C TYR B 979 42.16 -22.76 -55.96
N PRO B 980 42.83 -21.77 -56.58
CA PRO B 980 44.28 -21.86 -56.73
C PRO B 980 45.03 -21.66 -55.41
N LYS B 981 44.67 -20.62 -54.67
CA LYS B 981 45.36 -20.31 -53.42
C LYS B 981 45.30 -21.53 -52.52
N VAL B 982 44.11 -22.11 -52.39
CA VAL B 982 43.92 -23.23 -51.45
C VAL B 982 44.55 -24.53 -51.95
N PHE B 983 44.53 -24.74 -53.27
CA PHE B 983 44.99 -26.03 -53.81
C PHE B 983 46.48 -26.21 -53.56
N LEU B 984 47.26 -25.16 -53.79
CA LEU B 984 48.68 -25.20 -53.45
C LEU B 984 48.84 -25.39 -51.94
N ASP B 985 48.11 -24.59 -51.17
CA ASP B 985 48.16 -24.68 -49.70
C ASP B 985 47.86 -26.11 -49.25
N TYR B 986 46.91 -26.74 -49.94
CA TYR B 986 46.56 -28.13 -49.69
C TYR B 986 47.70 -29.07 -50.04
N GLN B 987 48.30 -28.85 -51.21
CA GLN B 987 49.48 -29.58 -51.65
C GLN B 987 50.63 -29.47 -50.64
N GLU B 988 51.01 -28.23 -50.29
CA GLU B 988 52.09 -27.99 -49.31
C GLU B 988 51.86 -28.71 -48.02
N MET B 989 50.61 -28.76 -47.60
CA MET B 989 50.25 -29.44 -46.37
C MET B 989 50.29 -30.95 -46.50
N ILE B 990 49.85 -31.47 -47.63
CA ILE B 990 49.84 -32.92 -47.81
C ILE B 990 51.29 -33.47 -47.97
N ASN B 991 52.20 -32.65 -48.51
CA ASN B 991 53.62 -33.01 -48.58
C ASN B 991 54.23 -33.12 -47.18
N LYS B 992 53.88 -32.17 -46.31
CA LYS B 992 54.40 -32.13 -44.93
C LYS B 992 53.92 -33.32 -44.09
N TYR B 993 52.62 -33.65 -44.18
CA TYR B 993 51.99 -34.64 -43.27
C TYR B 993 51.43 -35.89 -43.96
N GLY B 994 51.44 -35.91 -45.28
CA GLY B 994 50.94 -37.06 -46.01
C GLY B 994 49.43 -37.05 -46.03
N ASP B 995 48.85 -38.15 -46.48
CA ASP B 995 47.39 -38.27 -46.62
C ASP B 995 46.72 -38.47 -45.27
N VAL B 996 46.19 -37.38 -44.73
CA VAL B 996 45.56 -37.37 -43.40
C VAL B 996 44.14 -37.87 -43.47
N THR B 997 43.54 -37.84 -44.66
CA THR B 997 42.19 -38.38 -44.82
C THR B 997 41.95 -39.58 -43.91
N VAL B 998 42.96 -40.43 -43.77
CA VAL B 998 42.82 -41.70 -43.07
C VAL B 998 42.66 -41.67 -41.56
N LEU B 999 43.13 -40.63 -40.88
CA LEU B 999 43.12 -40.68 -39.41
C LEU B 999 41.69 -40.65 -38.85
N ASP B 1000 41.46 -41.38 -37.76
CA ASP B 1000 40.16 -41.29 -37.11
C ASP B 1000 39.95 -39.83 -36.74
N THR B 1001 38.71 -39.39 -36.85
CA THR B 1001 38.40 -37.99 -36.64
C THR B 1001 38.93 -37.44 -35.31
N PRO B 1002 38.63 -38.07 -34.17
CA PRO B 1002 39.16 -37.49 -32.91
C PRO B 1002 40.66 -37.23 -32.96
N THR B 1003 41.41 -38.20 -33.43
CA THR B 1003 42.85 -38.01 -33.56
C THR B 1003 43.19 -36.83 -34.49
N PHE B 1004 42.45 -36.69 -35.59
CA PHE B 1004 42.65 -35.59 -36.55
C PHE B 1004 42.51 -34.23 -35.90
N TYR B 1005 41.48 -34.06 -35.06
CA TYR B 1005 41.18 -32.78 -34.40
C TYR B 1005 41.83 -32.63 -33.02
N LYS B 1006 42.07 -33.73 -32.30
CA LYS B 1006 42.57 -33.66 -30.92
C LYS B 1006 43.95 -34.30 -30.68
N GLY B 1007 44.54 -34.90 -31.71
CA GLY B 1007 45.85 -35.54 -31.56
C GLY B 1007 45.74 -36.74 -30.66
N MET B 1008 46.68 -36.90 -29.73
CA MET B 1008 46.72 -38.08 -28.85
C MET B 1008 46.91 -37.73 -27.40
N ARG B 1009 46.28 -38.53 -26.55
CA ARG B 1009 46.48 -38.46 -25.10
C ARG B 1009 47.73 -39.24 -24.78
N LEU B 1010 48.32 -38.96 -23.62
CA LEU B 1010 49.53 -39.69 -23.18
C LEU B 1010 49.22 -41.12 -22.81
N GLY B 1011 50.04 -42.03 -23.33
CA GLY B 1011 49.85 -43.45 -23.08
C GLY B 1011 48.75 -44.06 -23.90
N GLU B 1012 48.21 -43.27 -24.81
CA GLU B 1012 47.14 -43.72 -25.67
C GLU B 1012 47.78 -44.51 -26.78
N THR B 1013 47.05 -45.49 -27.29
CA THR B 1013 47.47 -46.22 -28.47
C THR B 1013 46.34 -46.20 -29.47
N ILE B 1014 46.67 -45.98 -30.74
CA ILE B 1014 45.68 -45.94 -31.79
C ILE B 1014 46.18 -46.72 -32.98
N GLU B 1015 45.27 -47.06 -33.89
CA GLU B 1015 45.63 -47.72 -35.13
C GLU B 1015 45.18 -46.86 -36.27
N VAL B 1016 45.95 -46.77 -37.32
CA VAL B 1016 45.51 -46.01 -38.50
C VAL B 1016 45.68 -46.85 -39.75
N GLU B 1017 44.61 -46.92 -40.54
CA GLU B 1017 44.63 -47.70 -41.75
C GLU B 1017 45.00 -46.83 -42.95
N LEU B 1018 46.24 -46.95 -43.40
CA LEU B 1018 46.73 -46.20 -44.56
C LEU B 1018 46.11 -46.64 -45.87
N GLU B 1019 45.72 -47.91 -45.92
CA GLU B 1019 45.28 -48.56 -47.15
C GLU B 1019 44.64 -49.87 -46.71
N LYS B 1020 43.96 -50.58 -47.60
CA LYS B 1020 43.41 -51.89 -47.24
C LYS B 1020 44.54 -52.81 -46.70
N GLY B 1021 44.42 -53.25 -45.45
CA GLY B 1021 45.37 -54.19 -44.84
C GLY B 1021 46.67 -53.63 -44.29
N LYS B 1022 46.84 -52.32 -44.36
CA LYS B 1022 48.06 -51.66 -43.90
C LYS B 1022 47.77 -50.75 -42.71
N ILE B 1023 48.00 -51.28 -41.52
CA ILE B 1023 47.66 -50.59 -40.27
C ILE B 1023 48.93 -50.19 -39.49
N LEU B 1024 48.98 -48.96 -38.99
CA LEU B 1024 50.05 -48.53 -38.07
C LEU B 1024 49.57 -48.59 -36.65
N LEU B 1025 50.19 -49.40 -35.81
CA LEU B 1025 49.94 -49.31 -34.37
C LEU B 1025 50.81 -48.15 -33.89
N ILE B 1026 50.18 -47.19 -33.21
CA ILE B 1026 50.86 -45.99 -32.74
C ILE B 1026 50.53 -45.74 -31.28
N LYS B 1027 51.56 -45.59 -30.47
CA LYS B 1027 51.39 -45.20 -29.07
C LYS B 1027 52.25 -43.98 -28.76
N LEU B 1028 51.71 -43.10 -27.96
CA LEU B 1028 52.44 -41.96 -27.47
C LEU B 1028 52.75 -42.27 -26.03
N ASN B 1029 54.06 -42.29 -25.70
CA ASN B 1029 54.48 -42.54 -24.29
C ASN B 1029 54.68 -41.30 -23.47
N SER B 1030 55.46 -40.33 -23.97
CA SER B 1030 55.67 -39.07 -23.25
C SER B 1030 56.13 -37.97 -24.23
N ILE B 1031 56.10 -36.74 -23.72
CA ILE B 1031 56.44 -35.55 -24.50
C ILE B 1031 57.63 -34.87 -23.89
N GLY B 1032 58.58 -34.54 -24.76
CA GLY B 1032 59.82 -33.91 -24.37
C GLY B 1032 59.60 -32.50 -23.85
N GLU B 1033 60.59 -32.02 -23.13
CA GLU B 1033 60.58 -30.69 -22.53
C GLU B 1033 61.12 -29.71 -23.57
N PRO B 1034 60.61 -28.47 -23.59
CA PRO B 1034 61.11 -27.60 -24.65
C PRO B 1034 62.57 -27.24 -24.43
N ILE B 1035 63.26 -26.91 -25.51
CA ILE B 1035 64.63 -26.41 -25.42
C ILE B 1035 64.64 -24.89 -25.68
N ALA B 1036 65.79 -24.35 -26.08
CA ALA B 1036 65.96 -22.91 -26.26
C ALA B 1036 65.00 -22.35 -27.31
N ASP B 1037 65.06 -22.91 -28.51
CA ASP B 1037 64.21 -22.46 -29.63
C ASP B 1037 62.76 -22.98 -29.62
N GLY B 1038 62.31 -23.55 -28.50
CA GLY B 1038 60.91 -23.99 -28.34
C GLY B 1038 60.63 -25.43 -28.79
N THR B 1039 61.49 -25.98 -29.64
CA THR B 1039 61.44 -27.37 -30.07
C THR B 1039 61.40 -28.34 -28.90
N ARG B 1040 60.57 -29.38 -29.03
CA ARG B 1040 60.57 -30.49 -28.09
C ARG B 1040 60.33 -31.81 -28.81
N VAL B 1041 60.99 -32.84 -28.29
CA VAL B 1041 60.93 -34.17 -28.86
C VAL B 1041 59.68 -34.87 -28.33
N ILE B 1042 58.89 -35.47 -29.22
CA ILE B 1042 57.74 -36.28 -28.83
C ILE B 1042 58.16 -37.74 -28.92
N TYR B 1043 57.81 -38.52 -27.89
CA TYR B 1043 58.21 -39.94 -27.78
C TYR B 1043 57.10 -40.92 -28.14
N PHE B 1044 57.28 -41.57 -29.30
CA PHE B 1044 56.29 -42.49 -29.86
C PHE B 1044 56.75 -43.95 -29.89
N GLU B 1045 55.80 -44.84 -30.15
CA GLU B 1045 56.04 -46.23 -30.43
C GLU B 1045 55.27 -46.60 -31.73
N LEU B 1046 55.89 -46.41 -32.89
CA LEU B 1046 55.25 -46.74 -34.17
C LEU B 1046 55.55 -48.20 -34.46
N ASN B 1047 54.53 -49.04 -34.41
CA ASN B 1047 54.67 -50.47 -34.65
C ASN B 1047 55.53 -51.13 -33.57
N GLY B 1048 55.30 -50.75 -32.33
CA GLY B 1048 56.07 -51.31 -31.22
C GLY B 1048 57.52 -50.82 -31.11
N GLN B 1049 58.07 -50.33 -32.22
CA GLN B 1049 59.45 -49.78 -32.22
C GLN B 1049 59.46 -48.30 -31.80
N PRO B 1050 60.24 -47.97 -30.76
CA PRO B 1050 60.20 -46.58 -30.32
C PRO B 1050 60.73 -45.66 -31.43
N ARG B 1051 60.09 -44.50 -31.53
CA ARG B 1051 60.50 -43.44 -32.44
C ARG B 1051 60.49 -42.13 -31.68
N GLU B 1052 61.14 -41.12 -32.25
CA GLU B 1052 61.24 -39.81 -31.62
C GLU B 1052 61.20 -38.75 -32.71
N ILE B 1053 60.32 -37.76 -32.55
CA ILE B 1053 60.29 -36.62 -33.47
C ILE B 1053 60.14 -35.28 -32.76
N ASN B 1054 60.74 -34.26 -33.40
CA ASN B 1054 60.72 -32.86 -32.92
C ASN B 1054 59.54 -32.12 -33.49
N ILE B 1055 58.79 -31.52 -32.59
CA ILE B 1055 57.75 -30.58 -32.96
C ILE B 1055 58.08 -29.28 -32.25
N GLN B 1056 58.03 -28.17 -32.99
CA GLN B 1056 58.27 -26.87 -32.33
C GLN B 1056 57.01 -26.29 -31.66
N ASP B 1057 57.13 -26.08 -30.34
CA ASP B 1057 56.04 -25.52 -29.56
C ASP B 1057 55.85 -24.07 -29.98
N MET B 1058 54.62 -23.59 -29.92
CA MET B 1058 54.29 -22.25 -30.42
C MET B 1058 54.09 -21.24 -29.29
N ASN B 1059 53.46 -21.67 -28.20
CA ASN B 1059 53.39 -20.87 -26.99
C ASN B 1059 54.67 -21.16 -26.25
N VAL B 1060 55.49 -20.12 -26.04
CA VAL B 1060 56.94 -20.21 -25.68
C VAL B 1060 57.39 -19.17 -24.62
N MET C 1 56.39 -66.36 -62.92
CA MET C 1 55.40 -67.24 -62.23
C MET C 1 53.96 -66.95 -62.67
N ASN C 2 53.14 -67.97 -62.90
CA ASN C 2 51.89 -67.79 -63.72
C ASN C 2 50.53 -67.32 -63.14
N ARG C 3 49.82 -68.25 -62.51
CA ARG C 3 48.43 -68.00 -62.08
C ARG C 3 48.23 -67.58 -60.62
N ILE C 4 49.24 -67.75 -59.78
CA ILE C 4 49.25 -67.11 -58.45
C ILE C 4 49.93 -65.71 -58.53
N LYS C 5 49.12 -64.65 -58.38
CA LYS C 5 49.61 -63.26 -58.31
C LYS C 5 49.72 -62.81 -56.85
N LYS C 6 48.94 -63.40 -55.95
CA LYS C 6 48.90 -63.00 -54.56
C LYS C 6 48.53 -64.19 -53.67
N VAL C 7 49.12 -64.28 -52.49
CA VAL C 7 48.94 -65.43 -51.62
C VAL C 7 48.72 -65.04 -50.19
N LEU C 8 47.84 -65.79 -49.55
CA LEU C 8 47.57 -65.62 -48.14
C LEU C 8 48.34 -66.67 -47.33
N VAL C 9 48.88 -66.24 -46.21
CA VAL C 9 49.67 -67.09 -45.36
C VAL C 9 48.90 -67.37 -44.09
N ALA C 10 48.17 -68.49 -44.09
CA ALA C 10 47.24 -68.86 -43.03
C ALA C 10 47.95 -69.44 -41.80
N ASN C 11 48.93 -68.69 -41.33
CA ASN C 11 49.74 -69.09 -40.20
C ASN C 11 50.40 -67.86 -39.58
N ARG C 12 51.16 -68.11 -38.51
CA ARG C 12 51.89 -67.11 -37.80
C ARG C 12 53.37 -67.47 -37.73
N GLY C 13 54.16 -66.60 -37.11
CA GLY C 13 55.51 -66.92 -36.63
C GLY C 13 56.48 -67.38 -37.69
N GLU C 14 57.59 -67.95 -37.23
CA GLU C 14 58.67 -68.37 -38.12
C GLU C 14 58.21 -68.84 -39.50
N ILE C 15 57.27 -69.80 -39.51
CA ILE C 15 56.82 -70.48 -40.74
C ILE C 15 56.10 -69.52 -41.67
N ALA C 16 55.33 -68.62 -41.08
CA ALA C 16 54.63 -67.59 -41.84
C ALA C 16 55.65 -66.78 -42.59
N ILE C 17 56.69 -66.35 -41.89
CA ILE C 17 57.69 -65.48 -42.48
C ILE C 17 58.40 -66.17 -43.64
N ARG C 18 58.83 -67.41 -43.43
CA ARG C 18 59.52 -68.16 -44.46
C ARG C 18 58.75 -68.14 -45.78
N VAL C 19 57.42 -68.26 -45.67
CA VAL C 19 56.57 -68.31 -46.87
C VAL C 19 56.60 -66.96 -47.56
N MET C 20 56.47 -65.92 -46.75
CA MET C 20 56.41 -64.56 -47.28
C MET C 20 57.69 -64.33 -48.06
N ARG C 21 58.79 -64.76 -47.46
CA ARG C 21 60.09 -64.60 -48.09
C ARG C 21 60.10 -65.29 -49.44
N ALA C 22 59.53 -66.50 -49.49
CA ALA C 22 59.48 -67.21 -50.73
C ALA C 22 58.70 -66.44 -51.77
N CYS C 23 57.54 -65.92 -51.37
CA CYS C 23 56.65 -65.25 -52.32
C CYS C 23 57.35 -64.05 -52.89
N THR C 24 57.85 -63.22 -52.00
CA THR C 24 58.50 -62.00 -52.41
C THR C 24 59.66 -62.32 -53.37
N GLU C 25 60.40 -63.38 -53.08
CA GLU C 25 61.47 -63.81 -53.99
C GLU C 25 60.87 -64.14 -55.36
N LEU C 26 59.60 -64.54 -55.40
CA LEU C 26 58.90 -64.85 -56.67
C LEU C 26 57.91 -63.77 -57.15
N LYS C 27 58.07 -62.54 -56.67
CA LYS C 27 57.26 -61.42 -57.13
C LYS C 27 55.78 -61.62 -56.84
N ILE C 28 55.48 -62.40 -55.80
CA ILE C 28 54.09 -62.68 -55.42
C ILE C 28 53.71 -61.86 -54.23
N LYS C 29 52.64 -61.08 -54.33
CA LYS C 29 52.12 -60.31 -53.19
C LYS C 29 51.71 -61.24 -52.04
N THR C 30 51.81 -60.76 -50.82
CA THR C 30 51.58 -61.61 -49.65
C THR C 30 50.61 -60.95 -48.68
N VAL C 31 49.82 -61.77 -47.99
CA VAL C 31 48.84 -61.26 -47.05
C VAL C 31 49.00 -62.06 -45.79
N ALA C 32 49.05 -61.39 -44.64
CA ALA C 32 49.27 -62.05 -43.36
C ALA C 32 47.99 -62.04 -42.57
N ILE C 33 47.93 -62.87 -41.55
CA ILE C 33 46.77 -62.89 -40.65
C ILE C 33 47.23 -63.04 -39.21
N TYR C 34 46.65 -62.26 -38.31
CA TYR C 34 47.13 -62.25 -36.92
C TYR C 34 45.98 -62.28 -35.98
N SER C 35 46.15 -63.00 -34.88
CA SER C 35 45.14 -63.04 -33.84
C SER C 35 45.27 -61.78 -32.98
N GLN C 36 44.30 -61.57 -32.10
CA GLN C 36 44.32 -60.40 -31.21
C GLN C 36 45.59 -60.41 -30.38
N GLU C 37 46.01 -61.58 -29.92
CA GLU C 37 47.20 -61.70 -29.08
C GLU C 37 48.51 -61.54 -29.89
N ASP C 38 48.38 -61.52 -31.22
CA ASP C 38 49.50 -61.48 -32.16
C ASP C 38 49.58 -60.18 -32.97
N THR C 39 48.89 -59.15 -32.50
CA THR C 39 49.01 -57.81 -33.07
C THR C 39 50.46 -57.36 -33.04
N GLY C 40 51.21 -57.90 -32.07
CA GLY C 40 52.63 -57.62 -31.89
C GLY C 40 53.62 -58.45 -32.70
N SER C 41 53.23 -59.67 -33.10
CA SER C 41 54.18 -60.59 -33.75
C SER C 41 54.66 -60.07 -35.10
N PHE C 42 55.97 -60.12 -35.32
CA PHE C 42 56.55 -59.39 -36.42
C PHE C 42 56.37 -60.01 -37.75
N HIS C 43 55.73 -61.16 -37.75
CA HIS C 43 55.36 -61.81 -39.00
C HIS C 43 54.29 -61.01 -39.73
N ARG C 44 53.47 -60.30 -38.96
CA ARG C 44 52.41 -59.49 -39.55
C ARG C 44 52.96 -58.24 -40.23
N TYR C 45 54.09 -57.73 -39.75
CA TYR C 45 54.69 -56.56 -40.38
C TYR C 45 55.52 -56.98 -41.61
N LYS C 46 55.91 -58.24 -41.69
CA LYS C 46 56.73 -58.73 -42.80
C LYS C 46 55.94 -58.99 -44.11
N SER C 47 54.60 -58.88 -44.09
CA SER C 47 53.79 -59.07 -45.30
C SER C 47 53.54 -57.77 -46.05
N ASP C 48 52.94 -57.87 -47.24
CA ASP C 48 52.50 -56.70 -47.99
C ASP C 48 51.16 -56.14 -47.45
N GLU C 49 50.34 -57.01 -46.84
CA GLU C 49 49.09 -56.60 -46.19
C GLU C 49 48.82 -57.51 -45.01
N ALA C 50 47.96 -57.08 -44.12
CA ALA C 50 47.60 -57.92 -42.98
C ALA C 50 46.23 -57.58 -42.39
N TYR C 51 45.56 -58.61 -41.88
CA TYR C 51 44.25 -58.46 -41.26
C TYR C 51 44.14 -59.30 -39.99
N LEU C 52 43.42 -58.79 -39.00
CA LEU C 52 43.12 -59.56 -37.80
C LEU C 52 42.21 -60.69 -38.24
N VAL C 53 42.28 -61.83 -37.56
CA VAL C 53 41.42 -62.96 -37.90
C VAL C 53 40.52 -63.33 -36.72
N GLY C 54 41.08 -63.97 -35.70
CA GLY C 54 40.24 -64.69 -34.74
C GLY C 54 39.65 -63.76 -33.71
N ALA C 55 38.60 -63.06 -34.13
CA ALA C 55 38.04 -61.98 -33.32
C ALA C 55 37.25 -62.59 -32.19
N GLY C 56 37.53 -62.14 -30.96
CA GLY C 56 36.88 -62.68 -29.77
C GLY C 56 37.19 -64.13 -29.46
N LYS C 57 37.94 -64.81 -30.34
CA LYS C 57 38.21 -66.23 -30.21
C LYS C 57 39.35 -66.47 -29.23
N LYS C 58 39.36 -67.65 -28.61
CA LYS C 58 40.49 -68.09 -27.78
C LYS C 58 41.73 -68.13 -28.66
N PRO C 59 42.92 -67.81 -28.08
CA PRO C 59 44.07 -67.48 -28.95
C PRO C 59 44.44 -68.56 -29.97
N ILE C 60 44.36 -69.83 -29.59
CA ILE C 60 44.71 -70.89 -30.53
C ILE C 60 43.60 -71.06 -31.56
N ASP C 61 42.36 -71.00 -31.09
CA ASP C 61 41.17 -71.13 -31.95
C ASP C 61 41.15 -70.10 -33.10
N ALA C 62 41.82 -68.96 -32.87
CA ALA C 62 41.78 -67.82 -33.76
C ALA C 62 42.33 -68.10 -35.16
N TYR C 63 43.39 -68.91 -35.22
CA TYR C 63 44.02 -69.22 -36.52
C TYR C 63 43.35 -70.39 -37.22
N LEU C 64 42.30 -70.93 -36.58
CA LEU C 64 41.54 -72.03 -37.11
C LEU C 64 40.14 -71.62 -37.54
N ASP C 65 39.81 -70.32 -37.47
CA ASP C 65 38.53 -69.84 -37.97
C ASP C 65 38.53 -69.91 -39.49
N ILE C 66 38.27 -71.12 -39.97
CA ILE C 66 38.35 -71.46 -41.39
C ILE C 66 37.60 -70.43 -42.18
N GLU C 67 36.30 -70.34 -41.90
CA GLU C 67 35.39 -69.50 -42.68
C GLU C 67 35.90 -68.06 -42.77
N ASN C 68 36.25 -67.50 -41.61
CA ASN C 68 36.80 -66.14 -41.54
C ASN C 68 37.95 -65.98 -42.52
N ILE C 69 38.90 -66.91 -42.44
CA ILE C 69 40.07 -66.87 -43.29
C ILE C 69 39.70 -66.82 -44.78
N ILE C 70 38.70 -67.60 -45.19
CA ILE C 70 38.31 -67.56 -46.61
C ILE C 70 37.73 -66.20 -46.96
N GLU C 71 36.87 -65.66 -46.10
CA GLU C 71 36.33 -64.33 -46.33
C GLU C 71 37.49 -63.36 -46.51
N ILE C 72 38.44 -63.41 -45.59
CA ILE C 72 39.64 -62.58 -45.66
C ILE C 72 40.40 -62.86 -46.95
N ALA C 73 40.50 -64.14 -47.32
CA ALA C 73 41.18 -64.52 -48.55
C ALA C 73 40.49 -63.93 -49.77
N LYS C 74 39.15 -64.01 -49.78
CA LYS C 74 38.34 -63.53 -50.90
C LYS C 74 38.39 -62.02 -51.00
N GLU C 75 38.21 -61.33 -49.87
CA GLU C 75 38.27 -59.86 -49.82
C GLU C 75 39.64 -59.30 -50.24
N SER C 76 40.70 -60.04 -49.90
CA SER C 76 42.07 -59.67 -50.24
C SER C 76 42.40 -59.79 -51.74
N GLY C 77 41.74 -60.71 -52.43
CA GLY C 77 42.05 -60.98 -53.83
C GLY C 77 43.10 -62.08 -53.93
N ALA C 78 43.27 -62.81 -52.83
CA ALA C 78 44.29 -63.86 -52.75
C ALA C 78 44.00 -65.04 -53.68
N ASP C 79 44.87 -65.24 -54.65
CA ASP C 79 44.74 -66.36 -55.58
C ASP C 79 44.92 -67.73 -54.90
N ALA C 80 45.63 -67.77 -53.78
CA ALA C 80 45.96 -69.02 -53.10
C ALA C 80 46.23 -68.85 -51.61
N ILE C 81 46.22 -69.96 -50.87
CA ILE C 81 46.46 -69.93 -49.43
C ILE C 81 47.45 -70.98 -49.04
N HIS C 82 48.48 -70.56 -48.28
CA HIS C 82 49.52 -71.44 -47.76
C HIS C 82 49.35 -71.58 -46.25
N PRO C 83 49.08 -72.79 -45.75
CA PRO C 83 48.71 -72.97 -44.36
C PRO C 83 49.88 -73.26 -43.45
N GLY C 84 51.07 -73.36 -44.06
CA GLY C 84 52.31 -73.56 -43.32
C GLY C 84 52.35 -74.93 -42.72
N TYR C 85 52.54 -74.98 -41.41
CA TYR C 85 52.49 -76.25 -40.65
C TYR C 85 51.81 -76.04 -39.33
N GLY C 86 51.28 -77.11 -38.76
CA GLY C 86 50.36 -77.01 -37.63
C GLY C 86 49.07 -76.28 -38.03
N PHE C 87 48.23 -75.94 -37.06
CA PHE C 87 46.97 -75.24 -37.33
C PHE C 87 46.17 -75.94 -38.44
N LEU C 88 45.87 -75.24 -39.53
CA LEU C 88 45.04 -75.79 -40.58
C LEU C 88 45.82 -76.48 -41.70
N SER C 89 47.11 -76.74 -41.46
CA SER C 89 47.97 -77.39 -42.46
C SER C 89 47.41 -78.72 -42.96
N GLU C 90 46.88 -79.53 -42.04
CA GLU C 90 46.36 -80.86 -42.34
C GLU C 90 44.82 -80.98 -42.29
N ASN C 91 44.13 -79.92 -41.84
CA ASN C 91 42.65 -79.91 -41.75
C ASN C 91 41.97 -80.06 -43.12
N ILE C 92 41.18 -81.12 -43.23
CA ILE C 92 40.48 -81.49 -44.47
C ILE C 92 39.45 -80.44 -44.87
N GLU C 93 38.57 -80.11 -43.93
CA GLU C 93 37.45 -79.22 -44.19
C GLU C 93 37.92 -77.95 -44.90
N PHE C 94 38.98 -77.37 -44.38
CA PHE C 94 39.62 -76.19 -44.97
C PHE C 94 40.15 -76.50 -46.36
N ALA C 95 40.92 -77.57 -46.47
CA ALA C 95 41.48 -77.95 -47.77
C ALA C 95 40.37 -78.01 -48.82
N ARG C 96 39.30 -78.75 -48.49
CA ARG C 96 38.11 -78.87 -49.36
C ARG C 96 37.55 -77.50 -49.67
N ARG C 97 37.33 -76.75 -48.60
CA ARG C 97 36.69 -75.46 -48.67
C ARG C 97 37.39 -74.47 -49.61
N CYS C 98 38.71 -74.57 -49.70
CA CYS C 98 39.48 -73.78 -50.65
C CYS C 98 39.06 -74.11 -52.06
N GLU C 99 39.04 -75.41 -52.35
CA GLU C 99 38.68 -75.92 -53.67
C GLU C 99 37.29 -75.48 -54.05
N GLN C 100 36.37 -75.55 -53.07
CA GLN C 100 34.99 -75.08 -53.24
C GLN C 100 34.93 -73.64 -53.73
N GLU C 101 35.72 -72.76 -53.12
CA GLU C 101 35.77 -71.35 -53.50
C GLU C 101 36.75 -71.04 -54.64
N GLY C 102 37.43 -72.06 -55.15
CA GLY C 102 38.38 -71.88 -56.24
C GLY C 102 39.70 -71.24 -55.84
N ILE C 103 39.91 -71.07 -54.53
CA ILE C 103 41.18 -70.62 -54.01
C ILE C 103 42.16 -71.80 -54.12
N ILE C 104 43.31 -71.58 -54.73
CA ILE C 104 44.38 -72.60 -54.78
C ILE C 104 44.88 -72.85 -53.38
N PHE C 105 45.09 -74.11 -53.05
CA PHE C 105 45.57 -74.49 -51.74
C PHE C 105 46.96 -75.05 -51.95
N VAL C 106 47.95 -74.44 -51.31
CA VAL C 106 49.34 -74.87 -51.43
C VAL C 106 49.59 -76.08 -50.57
N GLY C 107 49.53 -77.23 -51.24
CA GLY C 107 49.68 -78.52 -50.58
C GLY C 107 48.96 -79.60 -51.38
N PRO C 108 48.79 -80.79 -50.79
CA PRO C 108 48.22 -81.87 -51.57
C PRO C 108 46.72 -81.68 -51.73
N LYS C 109 46.10 -82.50 -52.60
CA LYS C 109 44.64 -82.55 -52.71
C LYS C 109 44.04 -83.09 -51.40
N SER C 110 42.81 -82.65 -51.07
CA SER C 110 42.18 -83.05 -49.78
C SER C 110 42.03 -84.56 -49.63
N LYS C 111 41.88 -85.26 -50.76
CA LYS C 111 41.90 -86.73 -50.78
C LYS C 111 43.15 -87.30 -50.11
N HIS C 112 44.28 -86.65 -50.36
CA HIS C 112 45.56 -87.03 -49.75
C HIS C 112 45.55 -86.84 -48.22
N LEU C 113 45.04 -85.69 -47.76
CA LEU C 113 44.96 -85.41 -46.33
C LEU C 113 43.96 -86.37 -45.67
N ASP C 114 42.93 -86.76 -46.42
CA ASP C 114 41.90 -87.70 -45.96
C ASP C 114 42.53 -89.04 -45.64
N MET C 115 43.23 -89.61 -46.63
CA MET C 115 43.89 -90.93 -46.46
C MET C 115 44.90 -90.92 -45.31
N PHE C 116 45.60 -89.80 -45.11
CA PHE C 116 46.61 -89.73 -44.06
C PHE C 116 46.09 -89.06 -42.80
N GLY C 117 44.84 -88.61 -42.82
CA GLY C 117 44.22 -87.96 -41.67
C GLY C 117 44.47 -88.67 -40.34
N ASP C 118 44.09 -89.94 -40.28
CA ASP C 118 44.35 -90.76 -39.11
C ASP C 118 45.62 -91.56 -39.35
N LYS C 119 46.31 -91.92 -38.28
CA LYS C 119 47.54 -92.71 -38.38
C LYS C 119 47.24 -94.11 -38.94
N ILE C 120 46.07 -94.65 -38.60
CA ILE C 120 45.68 -95.99 -39.03
C ILE C 120 45.45 -96.08 -40.55
N LYS C 121 44.86 -95.05 -41.15
CA LYS C 121 44.48 -95.11 -42.57
C LYS C 121 45.69 -94.93 -43.45
N ALA C 122 46.73 -94.33 -42.87
CA ALA C 122 48.04 -94.20 -43.50
C ALA C 122 48.81 -95.52 -43.41
N LYS C 123 48.93 -96.08 -42.21
CA LYS C 123 49.58 -97.39 -42.04
C LYS C 123 48.91 -98.39 -42.98
N GLU C 124 47.58 -98.29 -43.10
CA GLU C 124 46.80 -99.07 -44.08
C GLU C 124 47.31 -98.78 -45.49
N GLN C 125 47.37 -97.49 -45.83
CA GLN C 125 47.86 -97.03 -47.14
C GLN C 125 49.31 -97.42 -47.39
N ALA C 126 50.06 -97.64 -46.33
CA ALA C 126 51.43 -98.09 -46.45
C ALA C 126 51.53 -99.52 -46.98
N LEU C 127 50.72 -100.44 -46.47
CA LEU C 127 50.79 -101.82 -46.91
C LEU C 127 50.35 -101.93 -48.38
N LEU C 128 49.35 -101.14 -48.78
CA LEU C 128 48.91 -101.13 -50.19
C LEU C 128 50.04 -100.75 -51.14
N ALA C 129 50.91 -99.85 -50.69
CA ALA C 129 52.12 -99.49 -51.42
C ALA C 129 53.18 -100.60 -51.36
N ASP C 130 53.03 -101.52 -50.40
CA ASP C 130 53.92 -102.67 -50.25
C ASP C 130 55.29 -102.21 -49.76
N ILE C 131 55.32 -101.72 -48.54
CA ILE C 131 56.53 -101.25 -47.88
C ILE C 131 56.51 -101.74 -46.43
N PRO C 132 57.68 -101.76 -45.75
CA PRO C 132 57.77 -102.30 -44.39
C PRO C 132 56.96 -101.51 -43.39
N VAL C 133 56.34 -102.20 -42.42
CA VAL C 133 55.49 -101.56 -41.39
C VAL C 133 55.72 -102.22 -40.04
N ILE C 134 55.37 -101.51 -38.96
CA ILE C 134 55.52 -102.06 -37.60
C ILE C 134 54.40 -103.07 -37.39
N PRO C 135 54.70 -104.21 -36.70
CA PRO C 135 53.60 -105.12 -36.41
C PRO C 135 52.69 -104.54 -35.33
N GLY C 136 51.40 -104.45 -35.65
CA GLY C 136 50.43 -103.85 -34.74
C GLY C 136 49.03 -104.37 -34.96
N SER C 137 48.07 -103.81 -34.23
CA SER C 137 46.69 -104.22 -34.32
C SER C 137 46.09 -103.89 -35.70
N ASN C 138 45.42 -104.88 -36.30
CA ASN C 138 44.87 -104.75 -37.67
C ASN C 138 43.69 -103.78 -37.77
N GLY C 139 43.10 -103.44 -36.63
CA GLY C 139 42.23 -102.28 -36.50
C GLY C 139 42.73 -101.41 -35.35
N PRO C 140 42.02 -100.31 -35.07
CA PRO C 140 42.30 -99.51 -33.88
C PRO C 140 41.99 -100.31 -32.62
N VAL C 141 42.84 -100.25 -31.62
CA VAL C 141 42.66 -101.09 -30.45
C VAL C 141 41.39 -100.78 -29.66
N ALA C 142 40.43 -101.71 -29.65
CA ALA C 142 39.17 -101.55 -28.92
C ALA C 142 39.35 -101.51 -27.39
N GLY C 143 40.24 -102.36 -26.87
CA GLY C 143 40.31 -102.61 -25.44
C GLY C 143 41.40 -103.38 -24.73
N ILE C 144 41.38 -103.25 -23.40
CA ILE C 144 42.36 -103.92 -22.48
C ILE C 144 42.51 -105.43 -22.46
N LYS C 145 41.43 -106.10 -22.84
CA LYS C 145 41.48 -107.50 -23.12
C LYS C 145 42.11 -107.74 -24.48
N GLU C 146 41.79 -106.86 -25.44
CA GLU C 146 42.22 -107.00 -26.82
C GLU C 146 43.72 -106.88 -26.86
N VAL C 147 44.22 -105.95 -26.03
CA VAL C 147 45.63 -105.84 -25.67
C VAL C 147 46.10 -107.13 -25.04
N GLU C 148 45.41 -107.62 -24.02
CA GLU C 148 45.88 -108.81 -23.31
C GLU C 148 46.15 -109.93 -24.33
N GLU C 149 45.23 -110.09 -25.30
CA GLU C 149 45.41 -111.00 -26.45
C GLU C 149 46.58 -110.55 -27.32
N PHE C 150 46.61 -109.25 -27.64
CA PHE C 150 47.73 -108.65 -28.36
C PHE C 150 49.01 -108.67 -27.51
N GLY C 151 48.84 -108.58 -26.18
CA GLY C 151 49.95 -108.57 -25.21
C GLY C 151 50.63 -109.92 -25.07
N GLU C 152 49.85 -110.99 -25.19
CA GLU C 152 50.35 -112.37 -25.15
C GLU C 152 51.15 -112.74 -26.41
N LYS C 153 50.61 -112.38 -27.57
CA LYS C 153 51.14 -112.80 -28.89
C LYS C 153 52.53 -112.24 -29.28
N ASN C 154 52.75 -110.95 -29.04
CA ASN C 154 53.99 -110.23 -29.42
C ASN C 154 54.95 -109.94 -28.22
N GLY C 155 55.86 -108.99 -28.37
CA GLY C 155 56.90 -108.82 -27.36
C GLY C 155 56.34 -108.15 -26.14
N TYR C 156 57.00 -108.36 -25.00
CA TYR C 156 56.59 -107.77 -23.74
C TYR C 156 56.65 -106.25 -23.85
N PRO C 157 57.77 -105.72 -24.43
CA PRO C 157 57.75 -104.26 -24.55
C PRO C 157 56.83 -103.85 -25.71
N LEU C 158 55.80 -103.06 -25.39
CA LEU C 158 54.87 -102.52 -26.41
C LEU C 158 54.49 -101.06 -26.15
N MET C 159 54.26 -100.32 -27.25
CA MET C 159 53.89 -98.90 -27.16
C MET C 159 52.42 -98.79 -27.55
N ILE C 160 51.67 -97.98 -26.80
CA ILE C 160 50.28 -97.69 -27.12
C ILE C 160 50.27 -96.34 -27.82
N LYS C 161 49.57 -96.28 -28.95
CA LYS C 161 49.62 -95.14 -29.84
C LYS C 161 48.21 -94.69 -30.16
N ALA C 162 47.97 -93.38 -30.07
CA ALA C 162 46.72 -92.81 -30.57
C ALA C 162 46.88 -92.40 -32.05
N SER C 163 45.77 -92.23 -32.76
CA SER C 163 45.81 -92.23 -34.21
C SER C 163 46.35 -90.92 -34.77
N ARG C 172 51.95 -93.85 -25.10
CA ARG C 172 52.81 -94.22 -23.95
C ARG C 172 53.29 -95.68 -24.02
N VAL C 173 54.33 -95.97 -23.24
CA VAL C 173 55.10 -97.24 -23.34
C VAL C 173 54.65 -98.30 -22.32
N VAL C 174 54.72 -99.57 -22.72
CA VAL C 174 54.36 -100.70 -21.87
C VAL C 174 55.41 -101.80 -21.91
N GLU C 175 55.77 -102.29 -20.73
CA GLU C 175 56.84 -103.28 -20.59
C GLU C 175 56.32 -104.63 -20.09
N SER C 176 55.00 -104.83 -20.17
CA SER C 176 54.27 -106.06 -19.73
C SER C 176 54.14 -106.10 -18.19
N LYS C 177 53.84 -107.25 -17.60
CA LYS C 177 53.78 -107.42 -16.16
C LYS C 177 52.57 -106.75 -15.55
N GLU C 178 51.45 -106.68 -16.28
CA GLU C 178 50.22 -105.99 -15.73
C GLU C 178 50.28 -104.44 -15.90
N HIS C 179 51.34 -103.93 -16.54
CA HIS C 179 51.48 -102.49 -16.77
C HIS C 179 50.41 -101.98 -17.68
N VAL C 180 49.88 -102.88 -18.50
CA VAL C 180 48.88 -102.55 -19.49
C VAL C 180 47.76 -101.70 -18.87
N LYS C 181 47.27 -102.12 -17.70
CA LYS C 181 46.20 -101.40 -17.00
C LYS C 181 46.55 -99.93 -16.76
N GLU C 182 47.64 -99.70 -16.04
CA GLU C 182 48.07 -98.35 -15.66
C GLU C 182 48.30 -97.40 -16.84
N SER C 183 48.77 -97.94 -17.95
CA SER C 183 49.14 -97.12 -19.11
C SER C 183 47.94 -96.62 -19.91
N PHE C 184 46.94 -97.47 -20.19
CA PHE C 184 45.82 -96.96 -20.98
C PHE C 184 45.04 -95.88 -20.30
N GLU C 185 44.66 -96.07 -19.04
CA GLU C 185 43.77 -95.10 -18.37
C GLU C 185 44.27 -93.66 -18.59
N ARG C 186 45.59 -93.48 -18.51
CA ARG C 186 46.19 -92.16 -18.77
C ARG C 186 46.48 -91.91 -20.27
N ALA C 187 46.85 -92.96 -21.01
CA ALA C 187 47.09 -92.84 -22.47
C ALA C 187 45.84 -92.38 -23.21
N SER C 188 44.76 -93.14 -23.10
CA SER C 188 43.49 -92.80 -23.75
C SER C 188 42.87 -91.50 -23.23
N SER C 189 43.10 -91.17 -21.96
CA SER C 189 42.65 -89.88 -21.40
C SER C 189 43.50 -88.73 -21.90
N GLU C 190 44.82 -88.93 -21.96
CA GLU C 190 45.74 -87.96 -22.58
C GLU C 190 45.36 -87.72 -24.04
N ALA C 191 45.03 -88.79 -24.75
CA ALA C 191 44.61 -88.70 -26.15
C ALA C 191 43.29 -87.95 -26.29
N LYS C 192 42.37 -88.15 -25.35
CA LYS C 192 41.10 -87.38 -25.29
C LYS C 192 41.33 -85.92 -24.90
N ALA C 193 42.25 -85.69 -23.95
CA ALA C 193 42.63 -84.34 -23.53
C ALA C 193 43.39 -83.60 -24.64
N ALA C 194 44.32 -84.29 -25.30
CA ALA C 194 45.11 -83.73 -26.39
C ALA C 194 44.31 -83.56 -27.68
N PHE C 195 43.61 -84.62 -28.10
CA PHE C 195 42.82 -84.63 -29.34
C PHE C 195 41.36 -85.03 -29.07
N GLY C 196 40.53 -84.99 -30.12
CA GLY C 196 39.12 -85.37 -29.99
C GLY C 196 38.90 -86.82 -29.57
N ASN C 197 39.64 -87.72 -30.20
CA ASN C 197 39.46 -89.18 -30.02
C ASN C 197 40.31 -89.78 -28.91
N ASP C 198 39.79 -90.85 -28.29
CA ASP C 198 40.54 -91.62 -27.30
C ASP C 198 41.09 -92.85 -27.96
N VAL C 202 48.02 -99.55 -31.22
CA VAL C 202 48.92 -100.50 -30.57
C VAL C 202 49.86 -101.18 -31.59
N GLU C 203 51.17 -101.02 -31.36
CA GLU C 203 52.22 -101.68 -32.15
C GLU C 203 53.37 -102.20 -31.28
N LYS C 204 54.17 -103.09 -31.87
CA LYS C 204 55.34 -103.67 -31.24
C LYS C 204 56.31 -102.56 -30.83
N CYS C 205 56.60 -102.46 -29.53
CA CYS C 205 57.61 -101.50 -29.09
C CYS C 205 58.89 -101.84 -29.78
N VAL C 206 59.76 -100.86 -29.86
CA VAL C 206 61.02 -101.03 -30.55
C VAL C 206 62.15 -100.61 -29.63
N MET C 207 63.33 -101.20 -29.84
CA MET C 207 64.47 -100.90 -29.01
C MET C 207 65.44 -100.01 -29.76
N ASN C 208 65.72 -98.85 -29.16
CA ASN C 208 66.81 -97.98 -29.59
C ASN C 208 66.84 -97.70 -31.08
N PRO C 209 65.71 -97.24 -31.63
CA PRO C 209 65.65 -96.98 -33.07
C PRO C 209 66.24 -95.63 -33.41
N LYS C 210 66.39 -95.39 -34.71
CA LYS C 210 66.83 -94.12 -35.23
C LYS C 210 65.64 -93.56 -36.02
N HIS C 211 65.23 -92.33 -35.71
CA HIS C 211 64.09 -91.70 -36.36
C HIS C 211 64.57 -91.04 -37.65
N ILE C 212 64.15 -91.54 -38.80
CA ILE C 212 64.59 -91.01 -40.09
C ILE C 212 63.40 -90.59 -40.97
N GLU C 213 63.43 -89.36 -41.48
CA GLU C 213 62.39 -88.86 -42.38
C GLU C 213 62.95 -88.63 -43.77
N VAL C 214 62.07 -88.67 -44.78
CA VAL C 214 62.47 -88.39 -46.16
C VAL C 214 61.58 -87.32 -46.71
N GLN C 215 62.17 -86.30 -47.33
CA GLN C 215 61.39 -85.19 -47.86
C GLN C 215 61.02 -85.53 -49.28
N ILE C 216 59.77 -85.27 -49.66
CA ILE C 216 59.27 -85.59 -50.99
C ILE C 216 58.61 -84.37 -51.64
N LEU C 217 58.82 -84.26 -52.95
CA LEU C 217 58.20 -83.23 -53.78
C LEU C 217 57.58 -83.90 -54.98
N GLY C 218 56.29 -83.64 -55.21
CA GLY C 218 55.61 -84.14 -56.40
C GLY C 218 54.79 -83.05 -57.08
N ASP C 219 54.87 -82.97 -58.41
CA ASP C 219 54.07 -81.99 -59.15
C ASP C 219 52.72 -82.53 -59.54
N THR C 220 51.93 -81.64 -60.12
CA THR C 220 50.63 -81.95 -60.70
C THR C 220 50.71 -82.88 -61.93
N HIS C 221 51.91 -83.09 -62.45
CA HIS C 221 52.17 -83.86 -63.67
C HIS C 221 52.81 -85.23 -63.37
N GLY C 222 52.48 -85.81 -62.20
CA GLY C 222 52.94 -87.15 -61.84
C GLY C 222 54.44 -87.38 -61.72
N ASN C 223 55.22 -86.31 -61.57
CA ASN C 223 56.67 -86.40 -61.30
C ASN C 223 56.87 -86.30 -59.81
N ILE C 224 57.51 -87.30 -59.23
CA ILE C 224 57.81 -87.30 -57.81
C ILE C 224 59.30 -87.52 -57.61
N VAL C 225 59.83 -86.82 -56.61
CA VAL C 225 61.24 -86.82 -56.32
C VAL C 225 61.37 -86.84 -54.81
N HIS C 226 62.46 -87.38 -54.32
CA HIS C 226 62.83 -87.28 -52.90
C HIS C 226 64.10 -86.45 -52.74
N LEU C 227 64.21 -85.77 -51.60
CA LEU C 227 65.30 -84.86 -51.30
C LEU C 227 66.14 -85.41 -50.15
N PHE C 228 66.14 -86.72 -50.04
CA PHE C 228 66.95 -87.45 -49.05
C PHE C 228 66.42 -87.30 -47.62
N GLU C 229 67.08 -88.02 -46.73
CA GLU C 229 66.60 -88.16 -45.38
C GLU C 229 66.98 -86.99 -44.49
N ARG C 230 66.43 -87.05 -43.27
CA ARG C 230 66.84 -86.23 -42.14
C ARG C 230 66.79 -87.09 -40.90
N ASP C 231 67.74 -86.90 -39.99
CA ASP C 231 67.85 -87.70 -38.78
C ASP C 231 67.35 -86.89 -37.58
N CYS C 232 66.16 -87.23 -37.12
CA CYS C 232 65.56 -86.57 -35.95
C CYS C 232 65.59 -87.46 -34.71
N SER C 233 66.60 -88.32 -34.62
CA SER C 233 66.70 -89.30 -33.55
C SER C 233 66.93 -88.62 -32.21
N ILE C 234 67.51 -87.44 -32.20
CA ILE C 234 67.70 -86.71 -30.94
C ILE C 234 66.35 -86.20 -30.49
N GLN C 235 65.81 -86.75 -29.41
CA GLN C 235 64.52 -86.30 -28.90
C GLN C 235 64.45 -86.35 -27.38
N ARG C 236 63.64 -85.47 -26.80
CA ARG C 236 63.39 -85.44 -25.35
C ARG C 236 61.94 -85.80 -25.05
N ARG C 237 61.75 -86.94 -24.36
CA ARG C 237 60.42 -87.48 -24.09
C ARG C 237 59.65 -87.58 -25.39
N HIS C 238 60.35 -88.08 -26.42
CA HIS C 238 59.79 -88.26 -27.75
C HIS C 238 59.29 -86.95 -28.40
N GLN C 239 60.05 -85.88 -28.16
CA GLN C 239 59.80 -84.57 -28.77
C GLN C 239 61.11 -84.15 -29.48
N LYS C 240 61.04 -83.87 -30.78
CA LYS C 240 62.23 -83.53 -31.57
C LYS C 240 62.95 -82.31 -30.97
N VAL C 241 64.28 -82.35 -30.92
CA VAL C 241 65.08 -81.27 -30.30
C VAL C 241 66.14 -80.73 -31.24
N VAL C 242 67.01 -81.64 -31.71
CA VAL C 242 68.03 -81.33 -32.70
C VAL C 242 67.93 -82.27 -33.89
N GLU C 243 67.83 -81.68 -35.07
CA GLU C 243 67.54 -82.41 -36.30
C GLU C 243 68.78 -82.22 -37.18
N VAL C 244 69.17 -83.29 -37.88
CA VAL C 244 70.40 -83.35 -38.65
C VAL C 244 70.17 -84.03 -39.97
N ALA C 245 70.82 -83.54 -41.00
CA ALA C 245 70.75 -84.17 -42.30
C ALA C 245 72.05 -83.94 -43.07
N PRO C 246 72.47 -84.94 -43.89
CA PRO C 246 71.82 -86.23 -43.99
C PRO C 246 72.22 -87.06 -42.79
N CYS C 247 71.62 -88.25 -42.63
CA CYS C 247 72.03 -89.18 -41.57
C CYS C 247 73.40 -89.82 -41.85
N ASN C 248 74.35 -89.58 -40.96
CA ASN C 248 75.75 -89.97 -41.22
C ASN C 248 75.93 -91.45 -41.01
N ALA C 249 75.16 -92.01 -40.07
CA ALA C 249 75.40 -93.35 -39.55
C ALA C 249 74.80 -94.49 -40.36
N ILE C 250 74.10 -94.20 -41.44
CA ILE C 250 73.60 -95.26 -42.28
C ILE C 250 74.39 -95.41 -43.59
N THR C 251 74.31 -96.60 -44.19
CA THR C 251 74.98 -96.89 -45.46
C THR C 251 74.13 -96.40 -46.62
N SER C 252 74.80 -95.82 -47.63
CA SER C 252 74.09 -95.26 -48.78
C SER C 252 73.10 -96.25 -49.37
N GLU C 253 73.54 -97.50 -49.52
CA GLU C 253 72.65 -98.55 -49.98
C GLU C 253 71.31 -98.51 -49.22
N LEU C 254 71.41 -98.38 -47.89
CA LEU C 254 70.23 -98.38 -47.01
C LEU C 254 69.40 -97.13 -47.28
N ARG C 255 70.06 -95.97 -47.20
CA ARG C 255 69.40 -94.70 -47.39
C ARG C 255 68.50 -94.82 -48.60
N ASN C 256 69.08 -95.21 -49.73
CA ASN C 256 68.34 -95.26 -51.00
C ASN C 256 67.14 -96.18 -50.93
N ARG C 257 67.31 -97.31 -50.23
CA ARG C 257 66.20 -98.23 -49.99
C ARG C 257 65.02 -97.52 -49.33
N ILE C 258 65.30 -96.84 -48.22
CA ILE C 258 64.30 -96.09 -47.47
C ILE C 258 63.64 -95.01 -48.31
N CYS C 259 64.48 -94.18 -48.94
CA CYS C 259 64.00 -93.12 -49.80
C CYS C 259 63.13 -93.66 -50.92
N ASP C 260 63.64 -94.67 -51.65
CA ASP C 260 62.88 -95.36 -52.71
C ASP C 260 61.55 -95.94 -52.20
N ALA C 261 61.57 -96.44 -50.96
CA ALA C 261 60.33 -96.88 -50.29
C ALA C 261 59.32 -95.74 -50.17
N ALA C 262 59.79 -94.60 -49.66
CA ALA C 262 58.97 -93.39 -49.56
C ALA C 262 58.46 -93.00 -50.94
N VAL C 263 59.34 -92.96 -51.94
CA VAL C 263 58.92 -92.55 -53.28
C VAL C 263 57.78 -93.44 -53.76
N LYS C 264 57.99 -94.75 -53.65
CA LYS C 264 57.03 -95.77 -54.14
C LYS C 264 55.65 -95.55 -53.55
N LEU C 265 55.62 -95.29 -52.24
CA LEU C 265 54.39 -94.94 -51.53
C LEU C 265 53.71 -93.69 -52.12
N MET C 266 54.42 -92.57 -52.15
CA MET C 266 53.85 -91.31 -52.63
C MET C 266 53.50 -91.37 -54.12
N LYS C 267 54.25 -92.16 -54.89
CA LYS C 267 53.90 -92.41 -56.29
C LYS C 267 52.59 -93.19 -56.36
N ASN C 268 52.49 -94.22 -55.52
CA ASN C 268 51.26 -95.03 -55.38
C ASN C 268 49.99 -94.22 -55.11
N VAL C 269 50.13 -93.10 -54.39
CA VAL C 269 48.98 -92.23 -54.07
C VAL C 269 48.82 -91.07 -55.06
N ASP C 270 49.71 -90.99 -56.05
CA ASP C 270 49.81 -89.83 -56.98
C ASP C 270 49.90 -88.54 -56.19
N TYR C 271 50.84 -88.50 -55.24
CA TYR C 271 50.96 -87.39 -54.27
C TYR C 271 51.45 -86.09 -54.90
N ILE C 272 50.81 -84.99 -54.52
CA ILE C 272 51.08 -83.68 -55.10
C ILE C 272 51.62 -82.72 -54.04
N ASN C 273 52.65 -81.96 -54.44
CA ASN C 273 53.32 -80.94 -53.64
C ASN C 273 54.32 -81.56 -52.67
N ALA C 274 54.56 -80.90 -51.54
CA ALA C 274 55.60 -81.29 -50.62
C ALA C 274 55.01 -82.00 -49.43
N GLY C 275 55.74 -83.00 -48.95
CA GLY C 275 55.35 -83.79 -47.80
C GLY C 275 56.48 -84.68 -47.35
N THR C 276 56.32 -85.30 -46.19
CA THR C 276 57.38 -86.09 -45.60
C THR C 276 56.91 -87.45 -45.14
N VAL C 277 57.73 -88.46 -45.41
CA VAL C 277 57.50 -89.83 -44.99
C VAL C 277 58.50 -90.13 -43.91
N GLU C 278 57.99 -90.44 -42.73
CA GLU C 278 58.85 -90.74 -41.61
C GLU C 278 59.12 -92.26 -41.63
N PHE C 279 60.31 -92.67 -41.15
CA PHE C 279 60.67 -94.11 -40.91
C PHE C 279 61.39 -94.31 -39.55
N LEU C 280 61.20 -95.47 -38.92
CA LEU C 280 62.04 -95.88 -37.78
C LEU C 280 63.04 -96.90 -38.32
N VAL C 281 64.29 -96.84 -37.83
CA VAL C 281 65.34 -97.69 -38.36
C VAL C 281 66.12 -98.36 -37.26
N GLU C 282 66.20 -99.69 -37.36
CA GLU C 282 67.04 -100.52 -36.50
C GLU C 282 67.99 -101.35 -37.34
N GLY C 283 69.28 -101.33 -36.98
CA GLY C 283 70.27 -102.10 -37.70
C GLY C 283 70.17 -101.84 -39.20
N ASP C 284 69.73 -102.85 -39.94
CA ASP C 284 69.55 -102.72 -41.39
C ASP C 284 68.08 -102.90 -41.79
N ASP C 285 67.18 -102.95 -40.82
CA ASP C 285 65.75 -103.02 -41.11
C ASP C 285 65.12 -101.69 -40.79
N PHE C 286 64.30 -101.20 -41.71
CA PHE C 286 63.54 -99.98 -41.48
C PHE C 286 62.05 -100.25 -41.58
N TYR C 287 61.27 -99.36 -40.97
CA TYR C 287 59.83 -99.52 -40.92
C TYR C 287 59.08 -98.18 -40.94
N PHE C 288 58.02 -98.12 -41.73
CA PHE C 288 57.14 -96.95 -41.80
C PHE C 288 56.55 -96.60 -40.43
N ILE C 289 56.34 -95.31 -40.19
CA ILE C 289 55.87 -94.76 -38.89
C ILE C 289 54.68 -93.87 -39.08
N GLU C 290 54.82 -92.86 -39.95
CA GLU C 290 53.77 -91.85 -40.19
C GLU C 290 54.03 -91.13 -41.50
N VAL C 291 53.08 -90.29 -41.91
CA VAL C 291 53.25 -89.41 -43.08
C VAL C 291 52.72 -88.00 -42.82
N ASN C 292 53.57 -87.00 -43.05
CA ASN C 292 53.20 -85.59 -42.92
C ASN C 292 53.01 -84.93 -44.28
N PRO C 293 51.76 -84.60 -44.65
CA PRO C 293 51.46 -83.97 -45.95
C PRO C 293 51.60 -82.44 -45.89
N ARG C 294 52.79 -81.98 -45.52
CA ARG C 294 53.06 -80.56 -45.32
C ARG C 294 54.55 -80.27 -45.28
N VAL C 295 54.88 -78.97 -45.23
CA VAL C 295 56.25 -78.52 -44.92
C VAL C 295 56.49 -78.86 -43.46
N GLN C 296 57.72 -79.23 -43.12
CA GLN C 296 58.02 -79.52 -41.72
C GLN C 296 58.95 -78.43 -41.20
N VAL C 297 59.01 -78.33 -39.89
CA VAL C 297 59.85 -77.33 -39.25
C VAL C 297 61.28 -77.51 -39.71
N GLU C 298 61.72 -78.75 -39.75
CA GLU C 298 63.12 -79.08 -40.03
C GLU C 298 63.44 -79.19 -41.53
N HIS C 299 62.64 -78.56 -42.38
CA HIS C 299 62.86 -78.63 -43.83
C HIS C 299 64.08 -77.85 -44.28
N THR C 300 64.49 -76.89 -43.45
CA THR C 300 65.68 -76.11 -43.70
C THR C 300 66.91 -76.96 -44.05
N ILE C 301 67.26 -77.88 -43.16
CA ILE C 301 68.48 -78.67 -43.34
C ILE C 301 68.49 -79.41 -44.66
N THR C 302 67.34 -79.93 -45.09
CA THR C 302 67.25 -80.60 -46.37
C THR C 302 67.53 -79.60 -47.48
N GLU C 303 66.95 -78.40 -47.37
CA GLU C 303 67.27 -77.31 -48.31
C GLU C 303 68.78 -77.09 -48.44
N MET C 304 69.47 -77.20 -47.31
CA MET C 304 70.87 -76.84 -47.24
C MET C 304 71.78 -77.87 -47.88
N ILE C 305 71.41 -79.15 -47.79
CA ILE C 305 72.22 -80.21 -48.37
C ILE C 305 71.89 -80.50 -49.83
N THR C 306 70.62 -80.36 -50.19
CA THR C 306 70.22 -80.55 -51.60
C THR C 306 70.54 -79.32 -52.44
N GLY C 307 70.34 -78.14 -51.87
CA GLY C 307 70.45 -76.90 -52.63
C GLY C 307 69.12 -76.42 -53.18
N ILE C 308 68.07 -77.15 -52.86
CA ILE C 308 66.75 -76.87 -53.40
C ILE C 308 65.85 -76.09 -52.43
N ASP C 309 65.40 -74.92 -52.87
CA ASP C 309 64.46 -74.13 -52.09
C ASP C 309 63.13 -74.86 -52.13
N ILE C 310 62.75 -75.45 -51.00
CA ILE C 310 61.51 -76.22 -50.92
C ILE C 310 60.25 -75.35 -51.08
N VAL C 311 60.20 -74.26 -50.33
CA VAL C 311 58.98 -73.45 -50.26
C VAL C 311 58.75 -72.70 -51.57
N GLN C 312 59.81 -72.16 -52.18
CA GLN C 312 59.68 -71.68 -53.54
C GLN C 312 59.06 -72.78 -54.41
N SER C 313 59.60 -74.01 -54.30
CA SER C 313 59.08 -75.12 -55.09
C SER C 313 57.60 -75.35 -54.77
N GLN C 314 57.25 -75.42 -53.48
CA GLN C 314 55.83 -75.54 -53.11
C GLN C 314 54.95 -74.61 -53.94
N LEU C 315 55.38 -73.37 -54.09
CA LEU C 315 54.59 -72.34 -54.78
C LEU C 315 54.53 -72.58 -56.27
N PHE C 316 55.64 -73.03 -56.85
CA PHE C 316 55.65 -73.37 -58.27
C PHE C 316 54.71 -74.54 -58.58
N ILE C 317 54.74 -75.54 -57.69
CA ILE C 317 53.89 -76.72 -57.83
C ILE C 317 52.42 -76.39 -57.68
N ALA C 318 52.07 -75.53 -56.72
CA ALA C 318 50.68 -75.04 -56.61
C ALA C 318 50.23 -74.22 -57.82
N ASP C 319 51.17 -73.53 -58.47
CA ASP C 319 50.89 -72.93 -59.77
C ASP C 319 50.90 -73.97 -60.88
N GLY C 320 51.38 -75.17 -60.56
CA GLY C 320 51.25 -76.34 -61.43
C GLY C 320 52.47 -76.72 -62.24
N TYR C 321 53.49 -75.87 -62.26
CA TYR C 321 54.66 -76.13 -63.08
C TYR C 321 55.17 -77.53 -62.77
N ALA C 322 55.89 -78.11 -63.73
CA ALA C 322 56.54 -79.39 -63.52
C ALA C 322 57.82 -79.20 -62.73
N LEU C 323 58.18 -80.24 -61.98
CA LEU C 323 59.36 -80.17 -61.14
C LEU C 323 60.56 -79.77 -61.96
N HIS C 324 60.66 -80.29 -63.17
CA HIS C 324 61.88 -80.15 -63.94
C HIS C 324 61.81 -79.05 -64.98
N ASP C 325 60.83 -78.15 -64.85
CA ASP C 325 60.78 -76.97 -65.69
C ASP C 325 62.05 -76.15 -65.56
N GLN C 326 62.24 -75.24 -66.50
CA GLN C 326 63.40 -74.35 -66.48
C GLN C 326 63.36 -73.47 -65.24
N LEU C 327 62.23 -72.80 -65.02
CA LEU C 327 62.07 -71.84 -63.93
C LEU C 327 62.19 -72.50 -62.55
N VAL C 328 61.60 -73.68 -62.39
CA VAL C 328 61.60 -74.39 -61.11
C VAL C 328 62.97 -74.97 -60.83
N ALA C 329 63.65 -75.42 -61.88
CA ALA C 329 65.05 -75.82 -61.80
C ALA C 329 65.33 -76.91 -60.74
N ILE C 330 64.43 -77.87 -60.60
CA ILE C 330 64.74 -79.08 -59.86
C ILE C 330 65.32 -80.11 -60.82
N PRO C 331 66.50 -80.66 -60.50
CA PRO C 331 67.08 -81.60 -61.43
C PRO C 331 66.42 -82.97 -61.36
N LYS C 332 66.63 -83.78 -62.40
CA LYS C 332 66.23 -85.18 -62.38
C LYS C 332 66.86 -85.86 -61.17
N GLN C 333 66.11 -86.78 -60.56
CA GLN C 333 66.55 -87.48 -59.36
C GLN C 333 68.02 -87.92 -59.37
N GLU C 334 68.46 -88.47 -60.51
CA GLU C 334 69.82 -88.96 -60.66
C GLU C 334 70.79 -87.82 -60.40
N ASP C 335 70.39 -86.64 -60.83
CA ASP C 335 71.18 -85.41 -60.67
C ASP C 335 71.08 -84.70 -59.29
N ILE C 336 70.18 -85.17 -58.41
CA ILE C 336 70.08 -84.66 -57.02
C ILE C 336 71.05 -85.31 -56.07
N HIS C 337 71.99 -84.55 -55.53
CA HIS C 337 73.04 -85.10 -54.65
C HIS C 337 73.06 -84.40 -53.30
N ILE C 338 73.88 -84.91 -52.40
CA ILE C 338 74.11 -84.29 -51.11
C ILE C 338 75.39 -83.44 -51.10
N HIS C 339 75.28 -82.14 -50.79
CA HIS C 339 76.47 -81.34 -50.47
C HIS C 339 76.48 -81.16 -48.95
N GLY C 340 77.56 -81.60 -48.32
CA GLY C 340 77.77 -81.43 -46.87
C GLY C 340 76.71 -82.04 -45.95
N SER C 341 76.66 -81.52 -44.72
CA SER C 341 75.59 -81.84 -43.81
C SER C 341 75.22 -80.61 -42.99
N ALA C 342 74.00 -80.61 -42.49
CA ALA C 342 73.48 -79.48 -41.77
C ALA C 342 72.74 -79.89 -40.55
N ILE C 343 72.94 -79.14 -39.49
CA ILE C 343 72.34 -79.40 -38.20
C ILE C 343 71.44 -78.23 -37.91
N GLN C 344 70.25 -78.51 -37.42
CA GLN C 344 69.36 -77.43 -36.99
C GLN C 344 68.98 -77.59 -35.54
N SER C 345 68.98 -76.47 -34.83
CA SER C 345 68.49 -76.40 -33.46
C SER C 345 67.62 -75.17 -33.28
N ARG C 346 66.57 -75.32 -32.48
CA ARG C 346 65.59 -74.26 -32.30
C ARG C 346 65.73 -73.64 -30.93
N ILE C 347 66.12 -72.38 -30.92
CA ILE C 347 66.24 -71.64 -29.68
C ILE C 347 64.82 -71.30 -29.27
N THR C 348 64.47 -71.67 -28.04
CA THR C 348 63.15 -71.39 -27.49
C THR C 348 63.29 -70.82 -26.09
N THR C 349 62.18 -70.30 -25.60
CA THR C 349 62.09 -69.75 -24.27
C THR C 349 61.85 -70.80 -23.16
N GLU C 350 61.78 -72.07 -23.52
CA GLU C 350 61.73 -73.13 -22.52
C GLU C 350 62.98 -73.01 -21.64
N ASP C 351 62.79 -72.89 -20.33
CA ASP C 351 63.90 -72.80 -19.39
C ASP C 351 64.18 -74.17 -18.76
N PRO C 352 65.38 -74.74 -18.95
CA PRO C 352 65.59 -76.07 -18.41
C PRO C 352 65.69 -76.21 -16.88
N LEU C 353 66.05 -75.13 -16.19
CA LEU C 353 66.02 -75.11 -14.72
C LEU C 353 64.59 -75.19 -14.19
N ASN C 354 63.67 -74.49 -14.86
CA ASN C 354 62.24 -74.50 -14.53
C ASN C 354 61.49 -75.62 -15.27
N ASN C 355 62.16 -76.75 -15.48
CA ASN C 355 61.58 -77.86 -16.23
C ASN C 355 60.89 -77.41 -17.53
N PHE C 356 61.59 -76.59 -18.30
CA PHE C 356 61.23 -76.25 -19.69
C PHE C 356 59.87 -75.56 -19.78
N MET C 357 59.46 -74.91 -18.70
CA MET C 357 58.30 -74.06 -18.74
C MET C 357 58.68 -72.87 -19.62
N PRO C 358 57.97 -72.68 -20.74
CA PRO C 358 58.23 -71.50 -21.58
C PRO C 358 58.19 -70.21 -20.79
N ASP C 359 59.35 -69.60 -20.56
CA ASP C 359 59.42 -68.29 -19.89
C ASP C 359 58.69 -67.26 -20.75
N THR C 360 58.15 -66.24 -20.11
CA THR C 360 57.50 -65.17 -20.84
C THR C 360 58.15 -63.84 -20.53
N GLY C 361 57.75 -62.82 -21.28
CA GLY C 361 58.27 -61.49 -21.02
C GLY C 361 58.83 -60.80 -22.24
N ARG C 362 59.50 -59.70 -21.96
CA ARG C 362 60.07 -58.86 -22.99
C ARG C 362 61.54 -59.21 -23.16
N VAL C 363 61.94 -59.22 -24.42
CA VAL C 363 63.31 -59.50 -24.80
C VAL C 363 64.00 -58.14 -24.88
N ASP C 364 64.77 -57.78 -23.86
CA ASP C 364 65.42 -56.46 -23.85
C ASP C 364 66.62 -56.42 -24.80
N THR C 365 67.31 -57.56 -24.94
CA THR C 365 68.47 -57.67 -25.83
C THR C 365 68.47 -58.95 -26.64
N TYR C 366 68.50 -58.83 -27.95
CA TYR C 366 68.54 -59.98 -28.84
C TYR C 366 69.61 -59.73 -29.86
N ARG C 367 70.72 -60.45 -29.74
CA ARG C 367 71.82 -60.29 -30.67
C ARG C 367 72.13 -61.61 -31.33
N SER C 368 71.81 -61.69 -32.62
CA SER C 368 71.96 -62.93 -33.36
C SER C 368 73.38 -63.05 -33.87
N THR C 369 73.63 -64.18 -34.48
CA THR C 369 74.92 -64.57 -34.97
C THR C 369 74.82 -64.70 -36.49
N GLY C 370 75.94 -64.96 -37.12
CA GLY C 370 75.97 -65.21 -38.58
C GLY C 370 77.31 -65.79 -38.99
N GLY C 371 77.63 -65.71 -40.28
CA GLY C 371 78.94 -66.11 -40.78
C GLY C 371 78.80 -67.22 -41.79
N PHE C 372 79.91 -67.85 -42.15
CA PHE C 372 79.85 -68.94 -43.14
C PHE C 372 79.11 -70.12 -42.56
N GLY C 373 78.20 -70.66 -43.38
CA GLY C 373 77.49 -71.87 -43.02
C GLY C 373 76.47 -71.71 -41.92
N VAL C 374 76.00 -70.49 -41.74
CA VAL C 374 74.97 -70.19 -40.74
C VAL C 374 73.76 -69.59 -41.41
N ARG C 375 72.61 -70.16 -41.07
CA ARG C 375 71.33 -69.68 -41.54
C ARG C 375 70.50 -69.44 -40.32
N LEU C 376 69.71 -68.39 -40.36
CA LEU C 376 68.75 -68.17 -39.30
C LEU C 376 67.39 -67.99 -39.91
N ASP C 377 66.40 -68.66 -39.34
CA ASP C 377 65.02 -68.41 -39.68
C ASP C 377 64.35 -67.84 -38.44
N ALA C 378 64.01 -66.56 -38.54
CA ALA C 378 63.55 -65.80 -37.39
C ALA C 378 62.10 -66.10 -37.15
N GLY C 379 61.75 -66.22 -35.88
CA GLY C 379 60.37 -66.44 -35.46
C GLY C 379 59.89 -65.20 -34.75
N ASN C 380 59.63 -65.31 -33.44
CA ASN C 380 59.32 -64.13 -32.61
C ASN C 380 60.59 -63.64 -31.93
N GLY C 381 61.54 -63.16 -32.73
CA GLY C 381 62.90 -62.87 -32.28
C GLY C 381 63.48 -61.56 -32.79
N PHE C 382 63.01 -60.45 -32.23
CA PHE C 382 63.62 -59.14 -32.45
C PHE C 382 63.65 -58.40 -31.11
N GLN C 383 64.41 -57.32 -31.03
CA GLN C 383 64.74 -56.71 -29.73
C GLN C 383 63.50 -56.35 -28.94
N GLY C 384 62.58 -55.61 -29.55
CA GLY C 384 61.39 -55.16 -28.84
C GLY C 384 60.44 -56.24 -28.34
N THR C 385 60.32 -57.34 -29.07
CA THR C 385 59.21 -58.27 -28.87
C THR C 385 59.01 -58.75 -27.44
N VAL C 386 57.74 -59.00 -27.11
CA VAL C 386 57.34 -59.66 -25.87
C VAL C 386 56.84 -61.05 -26.21
N VAL C 387 57.27 -62.07 -25.48
CA VAL C 387 56.72 -63.39 -25.71
C VAL C 387 55.46 -63.58 -24.87
N THR C 388 54.38 -63.97 -25.54
CA THR C 388 53.15 -64.35 -24.86
C THR C 388 53.28 -65.83 -24.56
N PRO C 389 52.50 -66.35 -23.61
CA PRO C 389 52.52 -67.78 -23.35
C PRO C 389 51.53 -68.56 -24.22
N PHE C 390 50.68 -67.85 -24.96
CA PHE C 390 49.54 -68.47 -25.66
C PHE C 390 49.97 -69.45 -26.76
N TYR C 391 50.94 -69.01 -27.55
CA TYR C 391 51.51 -69.77 -28.66
C TYR C 391 52.83 -70.38 -28.24
N ASP C 392 53.46 -71.12 -29.15
CA ASP C 392 54.68 -71.86 -28.81
C ASP C 392 55.89 -70.95 -28.53
N SER C 393 56.92 -71.54 -27.96
CA SER C 393 57.99 -70.81 -27.33
C SER C 393 59.10 -70.33 -28.27
N LEU C 394 59.03 -70.68 -29.55
CA LEU C 394 60.18 -70.54 -30.47
C LEU C 394 60.54 -69.12 -30.87
N LEU C 395 61.79 -68.75 -30.60
CA LEU C 395 62.34 -67.43 -30.95
C LEU C 395 63.01 -67.40 -32.29
N VAL C 396 63.98 -68.30 -32.48
CA VAL C 396 64.72 -68.39 -33.75
C VAL C 396 65.26 -69.79 -34.03
N LYS C 397 65.21 -70.17 -35.30
CA LYS C 397 65.73 -71.44 -35.73
C LYS C 397 67.16 -71.26 -36.23
N LEU C 398 68.10 -71.93 -35.61
CA LEU C 398 69.52 -71.80 -35.96
C LEU C 398 70.06 -73.04 -36.61
N CYS C 399 70.40 -72.94 -37.88
CA CYS C 399 70.95 -74.07 -38.61
C CYS C 399 72.35 -73.74 -39.08
N THR C 400 73.25 -74.72 -39.06
CA THR C 400 74.60 -74.52 -39.53
C THR C 400 74.96 -75.65 -40.45
N TRP C 401 75.85 -75.36 -41.38
CA TRP C 401 76.22 -76.33 -42.41
C TRP C 401 77.72 -76.48 -42.51
N GLY C 402 78.13 -77.67 -42.93
CA GLY C 402 79.54 -77.97 -43.13
C GLY C 402 79.72 -79.06 -44.16
N MET C 403 80.91 -79.11 -44.76
CA MET C 403 81.24 -80.20 -45.69
C MET C 403 81.20 -81.54 -44.98
N THR C 404 81.64 -81.55 -43.72
CA THR C 404 81.56 -82.71 -42.85
C THR C 404 80.72 -82.34 -41.65
N PHE C 405 79.91 -83.27 -41.18
CA PHE C 405 79.09 -83.04 -39.99
C PHE C 405 79.93 -82.53 -38.82
N GLU C 406 81.18 -83.01 -38.73
CA GLU C 406 82.09 -82.58 -37.66
C GLU C 406 82.35 -81.10 -37.80
N GLN C 407 82.41 -80.65 -39.05
CA GLN C 407 82.59 -79.22 -39.34
C GLN C 407 81.35 -78.41 -38.93
N ALA C 408 80.18 -78.93 -39.25
CA ALA C 408 78.94 -78.25 -38.93
C ALA C 408 78.75 -78.15 -37.41
N THR C 409 79.02 -79.23 -36.70
CA THR C 409 78.89 -79.24 -35.24
C THR C 409 79.72 -78.13 -34.63
N ARG C 410 80.91 -77.91 -35.17
CA ARG C 410 81.76 -76.82 -34.66
C ARG C 410 81.05 -75.48 -34.79
N LYS C 411 80.45 -75.26 -35.96
CA LYS C 411 79.83 -73.97 -36.25
C LYS C 411 78.60 -73.77 -35.39
N MET C 412 77.86 -74.84 -35.19
CA MET C 412 76.76 -74.80 -34.28
C MET C 412 77.23 -74.44 -32.89
N ARG C 413 78.26 -75.11 -32.38
CA ARG C 413 78.76 -74.77 -31.06
C ARG C 413 78.97 -73.24 -30.98
N ARG C 414 79.86 -72.71 -31.82
CA ARG C 414 80.22 -71.28 -31.79
C ARG C 414 79.03 -70.38 -31.80
N ASN C 415 78.12 -70.63 -32.74
CA ASN C 415 76.90 -69.84 -32.88
C ASN C 415 76.06 -69.82 -31.61
N LEU C 416 75.91 -70.97 -30.95
CA LEU C 416 75.06 -71.05 -29.76
C LEU C 416 75.62 -70.22 -28.64
N ILE C 417 76.94 -70.27 -28.49
CA ILE C 417 77.63 -69.45 -27.50
C ILE C 417 77.49 -67.96 -27.85
N GLU C 418 77.68 -67.65 -29.14
CA GLU C 418 77.68 -66.27 -29.62
C GLU C 418 76.34 -65.55 -29.36
N PHE C 419 75.25 -66.28 -29.36
CA PHE C 419 73.92 -65.69 -29.16
C PHE C 419 73.86 -64.94 -27.84
N ARG C 420 73.34 -63.73 -27.89
CA ARG C 420 73.05 -62.97 -26.68
C ARG C 420 71.58 -62.59 -26.69
N ILE C 421 70.81 -63.29 -25.85
CA ILE C 421 69.39 -63.01 -25.64
C ILE C 421 69.14 -62.74 -24.16
N ARG C 422 68.61 -61.56 -23.83
CA ARG C 422 68.28 -61.25 -22.43
C ARG C 422 66.90 -60.67 -22.26
N GLY C 423 66.30 -61.03 -21.13
CA GLY C 423 64.92 -60.69 -20.84
C GLY C 423 64.13 -61.95 -20.56
N VAL C 424 64.57 -63.06 -21.15
CA VAL C 424 63.87 -64.33 -20.96
C VAL C 424 64.84 -65.49 -20.90
N LYS C 425 64.44 -66.55 -20.20
CA LYS C 425 65.23 -67.75 -20.14
C LYS C 425 65.13 -68.45 -21.49
N THR C 426 66.14 -69.25 -21.83
CA THR C 426 66.11 -70.00 -23.10
C THR C 426 66.63 -71.40 -22.90
N ASN C 427 66.55 -72.19 -23.96
CA ASN C 427 67.02 -73.57 -23.89
C ASN C 427 68.43 -73.73 -24.42
N ILE C 428 69.11 -72.61 -24.66
CA ILE C 428 70.44 -72.66 -25.23
C ILE C 428 71.38 -73.55 -24.41
N PRO C 429 71.50 -73.30 -23.08
CA PRO C 429 72.42 -74.09 -22.26
C PRO C 429 72.15 -75.57 -22.33
N PHE C 430 70.89 -75.94 -22.55
CA PHE C 430 70.55 -77.33 -22.81
C PHE C 430 71.11 -77.79 -24.14
N LEU C 431 70.79 -77.07 -25.21
CA LEU C 431 71.30 -77.43 -26.54
C LEU C 431 72.83 -77.51 -26.58
N LEU C 432 73.49 -76.59 -25.90
CA LEU C 432 74.94 -76.64 -25.83
C LEU C 432 75.40 -77.97 -25.27
N ASN C 433 74.80 -78.41 -24.17
CA ASN C 433 75.21 -79.66 -23.54
C ASN C 433 75.03 -80.87 -24.46
N VAL C 434 73.93 -80.90 -25.21
CA VAL C 434 73.69 -81.98 -26.16
C VAL C 434 74.66 -81.88 -27.34
N VAL C 435 74.94 -80.68 -27.81
CA VAL C 435 75.87 -80.51 -28.92
C VAL C 435 77.31 -80.77 -28.49
N ARG C 436 77.68 -80.41 -27.27
CA ARG C 436 79.00 -80.71 -26.72
C ARG C 436 79.21 -82.18 -26.45
N HIS C 437 78.12 -82.89 -26.15
CA HIS C 437 78.26 -84.27 -25.76
C HIS C 437 78.95 -85.10 -26.85
N PRO C 438 79.96 -85.91 -26.48
CA PRO C 438 80.73 -86.65 -27.47
C PRO C 438 79.95 -87.71 -28.27
N ASP C 439 79.04 -88.42 -27.62
CA ASP C 439 78.09 -89.26 -28.33
C ASP C 439 77.27 -88.58 -29.41
N PHE C 440 77.04 -87.28 -29.28
CA PHE C 440 76.35 -86.54 -30.36
C PHE C 440 77.28 -86.34 -31.52
N ALA C 441 78.51 -85.91 -31.24
CA ALA C 441 79.51 -85.71 -32.28
C ALA C 441 79.86 -87.01 -33.04
N SER C 442 79.73 -88.16 -32.36
CA SER C 442 79.99 -89.46 -32.98
C SER C 442 79.03 -89.67 -34.14
N GLY C 443 77.78 -89.25 -33.96
CA GLY C 443 76.75 -89.42 -34.97
C GLY C 443 75.95 -90.71 -34.80
N ASN C 444 76.37 -91.53 -33.85
CA ASN C 444 75.60 -92.70 -33.47
C ASN C 444 74.83 -92.39 -32.21
N TYR C 445 73.55 -92.13 -32.39
CA TYR C 445 72.62 -91.95 -31.28
C TYR C 445 71.26 -92.52 -31.70
N ASN C 446 70.37 -92.65 -30.74
CA ASN C 446 69.02 -93.18 -30.97
C ASN C 446 68.02 -92.38 -30.15
N THR C 447 66.75 -92.61 -30.41
CA THR C 447 65.67 -91.96 -29.69
C THR C 447 65.90 -91.93 -28.19
N SER C 448 66.43 -93.04 -27.69
CA SER C 448 66.76 -93.18 -26.28
C SER C 448 68.04 -92.46 -25.89
N PHE C 449 68.63 -91.61 -26.74
CA PHE C 449 69.91 -90.96 -26.38
C PHE C 449 69.75 -89.93 -25.27
N ILE C 450 68.72 -89.11 -25.37
CA ILE C 450 68.35 -88.24 -24.26
C ILE C 450 67.64 -89.15 -23.29
N ASP C 451 67.45 -88.68 -22.06
CA ASP C 451 66.78 -89.45 -21.02
C ASP C 451 67.81 -90.44 -20.46
N THR C 452 68.39 -91.27 -21.35
CA THR C 452 69.46 -92.21 -20.94
C THR C 452 70.67 -91.47 -20.40
N THR C 453 70.91 -90.27 -20.91
CA THR C 453 72.03 -89.45 -20.46
C THR C 453 71.51 -88.30 -19.61
N PRO C 454 71.72 -88.37 -18.29
CA PRO C 454 71.27 -87.27 -17.42
C PRO C 454 72.19 -86.05 -17.36
N GLU C 455 73.47 -86.24 -17.67
CA GLU C 455 74.44 -85.17 -17.52
C GLU C 455 73.95 -83.91 -18.23
N LEU C 456 73.35 -84.09 -19.41
CA LEU C 456 72.89 -82.96 -20.24
C LEU C 456 72.01 -81.99 -19.47
N PHE C 457 71.32 -82.51 -18.46
CA PHE C 457 70.45 -81.69 -17.63
C PHE C 457 71.18 -80.96 -16.49
N LYS C 458 72.46 -81.27 -16.27
CA LYS C 458 73.29 -80.51 -15.31
C LYS C 458 73.92 -79.33 -16.01
N PHE C 459 73.70 -78.12 -15.51
CA PHE C 459 74.22 -76.93 -16.19
C PHE C 459 75.28 -76.17 -15.41
N PRO C 460 76.34 -75.68 -16.10
CA PRO C 460 77.40 -74.93 -15.42
C PRO C 460 76.83 -73.72 -14.71
N HIS C 461 77.29 -73.51 -13.45
CA HIS C 461 76.93 -72.39 -12.61
C HIS C 461 77.72 -71.15 -13.02
N ILE C 462 77.24 -70.46 -14.02
CA ILE C 462 78.02 -69.37 -14.61
C ILE C 462 77.69 -68.06 -13.90
N ARG C 463 78.75 -67.43 -13.35
CA ARG C 463 78.68 -66.03 -12.92
C ARG C 463 78.97 -65.15 -14.14
N ASP C 464 78.12 -64.16 -14.35
CA ASP C 464 78.50 -62.99 -15.11
C ASP C 464 78.96 -61.87 -14.18
N ARG C 465 80.27 -61.65 -14.14
CA ARG C 465 80.85 -60.59 -13.32
C ARG C 465 80.17 -59.27 -13.68
N GLY C 466 79.87 -59.12 -14.96
CA GLY C 466 79.27 -57.92 -15.54
C GLY C 466 77.95 -57.46 -14.98
N THR C 467 77.02 -58.40 -14.85
CA THR C 467 75.70 -58.10 -14.30
C THR C 467 75.80 -57.67 -12.85
N LYS C 468 76.55 -58.47 -12.07
CA LYS C 468 76.75 -58.23 -10.64
C LYS C 468 77.41 -56.85 -10.38
N THR C 469 78.28 -56.44 -11.30
CA THR C 469 78.89 -55.10 -11.27
C THR C 469 77.83 -54.01 -11.45
N LEU C 470 76.89 -54.24 -12.36
CA LEU C 470 75.81 -53.29 -12.57
C LEU C 470 74.86 -53.27 -11.39
N ARG C 471 74.69 -54.44 -10.74
CA ARG C 471 73.87 -54.50 -9.53
C ARG C 471 74.43 -53.57 -8.47
N TYR C 472 75.73 -53.70 -8.20
CA TYR C 472 76.42 -52.80 -7.25
C TYR C 472 76.22 -51.36 -7.66
N ILE C 473 76.68 -51.01 -8.85
CA ILE C 473 76.60 -49.62 -9.35
C ILE C 473 75.18 -49.05 -9.26
N GLY C 474 74.20 -49.84 -9.68
CA GLY C 474 72.80 -49.41 -9.64
C GLY C 474 72.33 -49.20 -8.22
N ASN C 475 72.67 -50.14 -7.35
CA ASN C 475 72.30 -50.07 -5.96
C ASN C 475 72.76 -48.77 -5.30
N VAL C 476 74.06 -48.53 -5.30
CA VAL C 476 74.60 -47.36 -4.59
C VAL C 476 74.11 -46.09 -5.27
N THR C 477 73.68 -46.20 -6.52
CA THR C 477 73.21 -45.03 -7.24
C THR C 477 71.85 -44.55 -6.74
N VAL C 478 71.05 -45.49 -6.23
CA VAL C 478 69.67 -45.19 -5.77
C VAL C 478 69.53 -45.19 -4.25
N ASN C 479 70.19 -46.12 -3.57
CA ASN C 479 70.15 -46.18 -2.11
C ASN C 479 71.29 -45.46 -1.42
N GLY C 480 72.40 -45.28 -2.13
CA GLY C 480 73.57 -44.64 -1.55
C GLY C 480 74.51 -45.64 -0.91
N PHE C 481 75.73 -45.17 -0.67
CA PHE C 481 76.71 -45.97 0.05
C PHE C 481 76.40 -45.93 1.54
N PRO C 482 76.50 -47.09 2.23
CA PRO C 482 76.21 -47.13 3.66
C PRO C 482 77.18 -46.32 4.51
N GLY C 483 76.62 -45.51 5.41
CA GLY C 483 77.41 -44.80 6.40
C GLY C 483 77.68 -43.34 6.06
N ILE C 484 77.27 -42.91 4.87
CA ILE C 484 77.59 -41.55 4.43
C ILE C 484 76.40 -40.89 3.76
N LYS C 485 76.29 -39.57 3.91
CA LYS C 485 75.17 -38.85 3.31
C LYS C 485 75.16 -39.14 1.82
N HIS C 486 74.01 -39.59 1.33
CA HIS C 486 73.80 -39.79 -0.10
C HIS C 486 73.93 -38.44 -0.79
N ARG C 487 74.92 -38.33 -1.66
CA ARG C 487 75.16 -37.09 -2.37
C ARG C 487 75.50 -37.42 -3.80
N ASP C 488 75.41 -36.43 -4.68
CA ASP C 488 75.74 -36.63 -6.09
C ASP C 488 77.22 -36.95 -6.26
N LYS C 489 77.55 -37.74 -7.27
CA LYS C 489 78.94 -38.06 -7.59
C LYS C 489 79.55 -36.81 -8.21
N PRO C 490 80.60 -36.27 -7.58
CA PRO C 490 81.17 -35.03 -8.09
C PRO C 490 81.89 -35.25 -9.41
N VAL C 491 82.53 -34.20 -9.91
CA VAL C 491 83.44 -34.33 -11.03
C VAL C 491 84.82 -34.15 -10.46
N TYR C 492 85.34 -35.24 -9.88
CA TYR C 492 86.67 -35.22 -9.32
C TYR C 492 87.68 -34.95 -10.44
N ALA C 493 88.68 -34.15 -10.12
CA ALA C 493 89.78 -33.91 -11.03
C ALA C 493 90.53 -35.21 -11.24
N GLU C 494 91.10 -35.39 -12.42
CA GLU C 494 91.87 -36.58 -12.68
C GLU C 494 93.18 -36.51 -11.91
N PRO C 495 93.50 -37.58 -11.16
CA PRO C 495 94.71 -37.46 -10.34
C PRO C 495 95.95 -37.36 -11.19
N ARG C 496 96.87 -36.51 -10.78
CA ARG C 496 98.14 -36.32 -11.48
C ARG C 496 99.05 -37.50 -11.19
N LEU C 497 99.26 -38.32 -12.22
CA LEU C 497 100.15 -39.45 -12.15
C LEU C 497 101.54 -39.06 -12.59
N PRO C 498 102.57 -39.58 -11.90
CA PRO C 498 103.90 -39.36 -12.42
C PRO C 498 104.16 -40.12 -13.72
N LYS C 499 104.80 -39.45 -14.69
CA LYS C 499 105.29 -40.12 -15.88
C LYS C 499 106.63 -40.74 -15.53
N ILE C 500 106.85 -41.98 -15.99
CA ILE C 500 108.15 -42.62 -15.88
C ILE C 500 108.67 -42.84 -17.31
N PRO C 501 109.94 -42.49 -17.56
CA PRO C 501 110.51 -42.87 -18.84
C PRO C 501 110.58 -44.40 -19.01
N TYR C 502 110.31 -44.90 -20.21
CA TYR C 502 110.30 -46.34 -20.46
C TYR C 502 111.66 -47.00 -20.14
N GLY C 503 111.61 -48.13 -19.42
CA GLY C 503 112.79 -48.94 -19.14
C GLY C 503 113.69 -48.35 -18.07
N SER C 504 113.27 -47.26 -17.44
CA SER C 504 114.10 -46.58 -16.50
C SER C 504 114.34 -47.39 -15.23
N GLN C 505 115.35 -46.94 -14.49
CA GLN C 505 115.50 -47.23 -13.08
C GLN C 505 115.41 -48.71 -12.72
N ILE C 506 114.52 -49.06 -11.78
CA ILE C 506 114.53 -50.31 -11.00
C ILE C 506 115.68 -50.24 -9.96
N SER C 507 116.10 -49.05 -9.50
CA SER C 507 117.30 -48.95 -8.66
C SER C 507 117.19 -49.79 -7.43
N PRO C 508 118.26 -50.51 -7.05
CA PRO C 508 118.00 -51.47 -6.01
C PRO C 508 117.71 -50.82 -4.69
N GLY C 509 116.87 -51.48 -3.92
CA GLY C 509 116.43 -50.98 -2.66
C GLY C 509 117.09 -51.68 -1.52
N THR C 510 116.61 -51.33 -0.34
CA THR C 510 116.94 -51.98 0.91
C THR C 510 116.53 -53.47 0.94
N LYS C 511 115.50 -53.86 0.19
CA LYS C 511 115.07 -55.28 0.13
C LYS C 511 116.23 -56.19 -0.27
N GLN C 512 116.93 -55.82 -1.33
CA GLN C 512 118.11 -56.52 -1.78
C GLN C 512 119.03 -56.91 -0.62
N ILE C 513 119.28 -55.96 0.28
CA ILE C 513 120.15 -56.18 1.42
C ILE C 513 119.56 -57.23 2.41
N LEU C 514 118.23 -57.30 2.54
CA LEU C 514 117.62 -58.37 3.32
C LEU C 514 117.71 -59.69 2.55
N ASP C 515 117.38 -59.64 1.27
CA ASP C 515 117.50 -60.81 0.38
C ASP C 515 118.91 -61.41 0.43
N ALA C 516 119.91 -60.55 0.25
CA ALA C 516 121.32 -60.96 0.25
C ALA C 516 121.83 -61.44 1.61
N LYS C 517 121.72 -60.58 2.62
CA LYS C 517 122.48 -60.76 3.86
C LYS C 517 121.61 -60.89 5.12
N GLY C 518 120.34 -61.23 4.95
CA GLY C 518 119.44 -61.46 6.07
C GLY C 518 119.24 -60.24 6.96
N PRO C 519 118.54 -60.42 8.10
CA PRO C 519 118.25 -59.32 9.03
C PRO C 519 119.49 -58.63 9.57
N GLU C 520 120.43 -59.41 10.10
CA GLU C 520 121.67 -58.87 10.66
C GLU C 520 122.44 -57.99 9.70
N GLY C 521 122.57 -58.43 8.45
CA GLY C 521 123.30 -57.69 7.42
C GLY C 521 122.68 -56.33 7.11
N VAL C 522 121.37 -56.23 7.30
CA VAL C 522 120.65 -54.97 7.17
C VAL C 522 120.97 -54.06 8.36
N VAL C 523 120.67 -54.54 9.56
CA VAL C 523 121.00 -53.84 10.83
C VAL C 523 122.42 -53.27 10.81
N ASP C 524 123.35 -54.01 10.20
CA ASP C 524 124.72 -53.51 9.99
C ASP C 524 124.71 -52.26 9.11
N TRP C 525 124.19 -52.41 7.89
CA TRP C 525 124.09 -51.30 6.93
C TRP C 525 123.38 -50.08 7.51
N VAL C 526 122.38 -50.35 8.35
CA VAL C 526 121.68 -49.32 9.11
C VAL C 526 122.69 -48.55 9.96
N LYS C 527 123.31 -49.25 10.92
CA LYS C 527 124.30 -48.67 11.84
C LYS C 527 125.36 -47.83 11.14
N LYS C 528 125.79 -48.33 9.98
CA LYS C 528 126.79 -47.65 9.14
C LYS C 528 126.39 -46.30 8.57
N GLN C 529 125.09 -46.10 8.35
CA GLN C 529 124.61 -44.86 7.74
C GLN C 529 124.63 -43.69 8.75
N GLU C 530 125.37 -42.64 8.40
CA GLU C 530 125.48 -41.42 9.22
C GLU C 530 124.14 -40.68 9.21
N GLU C 531 123.50 -40.62 8.05
CA GLU C 531 122.22 -39.94 7.88
C GLU C 531 121.08 -40.52 8.72
N VAL C 532 119.98 -39.78 8.72
CA VAL C 532 118.72 -40.28 9.26
C VAL C 532 117.91 -41.00 8.17
N LEU C 533 117.39 -42.16 8.54
CA LEU C 533 116.65 -43.04 7.64
C LEU C 533 115.13 -42.86 7.82
N LEU C 534 114.38 -42.89 6.72
CA LEU C 534 112.94 -42.65 6.75
C LEU C 534 112.09 -43.87 6.37
N THR C 535 110.98 -44.05 7.08
CA THR C 535 109.98 -45.07 6.75
C THR C 535 108.69 -44.34 6.32
N ASP C 536 108.15 -44.68 5.14
CA ASP C 536 106.95 -44.01 4.63
C ASP C 536 105.66 -44.73 5.05
N THR C 537 104.87 -44.05 5.87
CA THR C 537 103.60 -44.56 6.38
C THR C 537 102.41 -44.04 5.56
N THR C 538 102.66 -43.47 4.39
CA THR C 538 101.60 -42.98 3.54
C THR C 538 100.51 -44.04 3.24
N LEU C 539 100.88 -45.32 3.19
CA LEU C 539 99.89 -46.39 2.90
C LEU C 539 99.24 -47.01 4.14
N ARG C 540 99.50 -46.43 5.32
CA ARG C 540 98.96 -46.90 6.59
C ARG C 540 99.16 -45.86 7.67
N ASP C 541 98.34 -45.91 8.71
CA ASP C 541 98.39 -44.92 9.80
C ASP C 541 98.02 -43.56 9.25
N ALA C 542 98.79 -43.06 8.29
CA ALA C 542 98.49 -41.78 7.67
C ALA C 542 97.04 -41.73 7.27
N HIS C 543 96.60 -42.74 6.53
CA HIS C 543 95.21 -42.80 6.12
C HIS C 543 94.36 -43.49 7.18
N GLN C 544 94.98 -44.31 8.01
CA GLN C 544 94.27 -44.89 9.14
C GLN C 544 93.83 -43.80 10.11
N SER C 545 94.73 -42.84 10.37
CA SER C 545 94.44 -41.75 11.28
C SER C 545 93.46 -40.79 10.64
N LEU C 546 93.78 -40.33 9.43
CA LEU C 546 93.01 -39.27 8.78
C LEU C 546 91.66 -39.73 8.23
N LEU C 547 91.67 -40.84 7.51
CA LEU C 547 90.51 -41.26 6.68
C LEU C 547 89.84 -42.58 7.09
N ALA C 548 89.97 -42.96 8.36
CA ALA C 548 89.35 -44.18 8.87
C ALA C 548 89.80 -45.42 8.12
N THR C 549 91.06 -45.43 7.69
CA THR C 549 91.66 -46.61 7.05
C THR C 549 90.94 -46.99 5.75
N ARG C 550 90.21 -46.04 5.18
CA ARG C 550 89.31 -46.34 4.06
C ARG C 550 89.95 -46.30 2.69
N VAL C 551 91.23 -45.93 2.61
CA VAL C 551 91.90 -45.87 1.32
C VAL C 551 91.91 -47.27 0.72
N ARG C 552 91.52 -47.33 -0.54
CA ARG C 552 91.30 -48.58 -1.25
C ARG C 552 92.50 -49.02 -2.06
N SER C 553 92.63 -50.33 -2.22
CA SER C 553 93.75 -50.92 -2.93
C SER C 553 93.87 -50.32 -4.32
N LYS C 554 92.76 -50.23 -5.05
CA LYS C 554 92.80 -49.64 -6.41
C LYS C 554 93.65 -48.36 -6.47
N ASP C 555 93.43 -47.45 -5.52
CA ASP C 555 94.15 -46.16 -5.49
C ASP C 555 95.60 -46.30 -5.06
N ILE C 556 95.87 -47.26 -4.17
CA ILE C 556 97.23 -47.54 -3.74
C ILE C 556 98.11 -48.10 -4.87
N PHE C 557 97.62 -49.16 -5.51
CA PHE C 557 98.36 -49.80 -6.61
C PHE C 557 98.81 -48.79 -7.67
N GLN C 558 97.92 -47.87 -8.02
CA GLN C 558 98.20 -46.89 -9.08
C GLN C 558 99.52 -46.15 -8.92
N ILE C 559 99.91 -45.84 -7.69
CA ILE C 559 101.12 -45.06 -7.42
C ILE C 559 102.33 -45.94 -7.10
N ALA C 560 102.09 -47.18 -6.68
CA ALA C 560 103.18 -48.04 -6.18
C ALA C 560 104.42 -48.10 -7.09
N ASP C 561 104.19 -48.08 -8.41
CA ASP C 561 105.30 -48.09 -9.38
C ASP C 561 106.23 -46.91 -9.13
N ALA C 562 105.66 -45.71 -9.12
CA ALA C 562 106.44 -44.51 -8.87
C ALA C 562 107.14 -44.54 -7.49
N MET C 563 106.53 -45.18 -6.49
CA MET C 563 107.12 -45.25 -5.14
C MET C 563 108.45 -46.00 -5.20
N ALA C 564 108.49 -47.06 -6.01
CA ALA C 564 109.71 -47.85 -6.22
C ALA C 564 110.78 -47.03 -6.96
N HIS C 565 110.37 -46.33 -8.02
CA HIS C 565 111.29 -45.48 -8.78
C HIS C 565 111.80 -44.28 -7.98
N LEU C 566 110.90 -43.61 -7.26
CA LEU C 566 111.15 -42.25 -6.75
C LEU C 566 111.41 -42.11 -5.26
N LEU C 567 111.19 -43.19 -4.51
CA LEU C 567 111.47 -43.22 -3.08
C LEU C 567 112.32 -44.45 -2.70
N PRO C 568 113.26 -44.85 -3.58
CA PRO C 568 114.00 -46.12 -3.35
C PRO C 568 114.84 -46.10 -2.05
N ASN C 569 115.36 -44.92 -1.72
CA ASN C 569 116.27 -44.78 -0.59
C ASN C 569 115.55 -44.81 0.76
N MET C 570 114.24 -45.02 0.76
CA MET C 570 113.50 -45.18 2.00
C MET C 570 113.99 -46.45 2.68
N PHE C 571 114.06 -46.41 4.01
CA PHE C 571 114.39 -47.59 4.82
C PHE C 571 113.34 -48.65 4.66
N SER C 572 112.08 -48.23 4.65
CA SER C 572 110.95 -49.17 4.56
C SER C 572 109.68 -48.43 4.11
N PHE C 573 108.73 -49.19 3.57
CA PHE C 573 107.39 -48.69 3.35
C PHE C 573 106.43 -49.43 4.32
N GLU C 574 105.76 -48.69 5.22
CA GLU C 574 104.73 -49.28 6.09
C GLU C 574 103.47 -49.33 5.24
N MET C 575 103.03 -50.53 4.90
CA MET C 575 101.89 -50.70 4.00
C MET C 575 100.83 -51.72 4.46
N TRP C 576 101.07 -52.38 5.57
CA TRP C 576 100.15 -53.42 6.04
C TRP C 576 99.96 -53.30 7.54
N GLY C 577 98.97 -54.02 8.05
CA GLY C 577 98.81 -54.20 9.49
C GLY C 577 97.93 -53.17 10.15
N GLY C 578 97.90 -53.21 11.48
CA GLY C 578 96.99 -52.38 12.25
C GLY C 578 95.56 -52.68 11.86
N ALA C 579 94.80 -51.65 11.54
CA ALA C 579 93.38 -51.81 11.23
C ALA C 579 93.11 -52.17 9.76
N THR C 580 94.07 -51.94 8.86
CA THR C 580 93.84 -52.17 7.42
C THR C 580 93.28 -53.55 7.11
N PHE C 581 93.74 -54.55 7.86
CA PHE C 581 93.36 -55.93 7.61
C PHE C 581 91.85 -56.11 7.73
N ASP C 582 91.31 -55.81 8.90
CA ASP C 582 89.89 -56.05 9.14
C ASP C 582 89.00 -55.09 8.34
N VAL C 583 89.48 -53.87 8.09
CA VAL C 583 88.70 -52.86 7.36
C VAL C 583 88.57 -53.21 5.88
N ALA C 584 89.61 -53.79 5.31
CA ALA C 584 89.54 -54.18 3.92
C ALA C 584 88.39 -55.15 3.70
N TYR C 585 88.35 -56.22 4.50
CA TYR C 585 87.26 -57.18 4.44
C TYR C 585 85.93 -56.54 4.90
N ARG C 586 85.97 -55.78 5.99
CA ARG C 586 84.73 -55.26 6.60
C ARG C 586 84.03 -54.16 5.79
N PHE C 587 84.78 -53.15 5.36
CA PHE C 587 84.19 -51.95 4.77
C PHE C 587 84.47 -51.72 3.29
N LEU C 588 85.50 -52.39 2.78
CA LEU C 588 85.95 -52.20 1.42
C LEU C 588 85.61 -53.35 0.49
N ASN C 589 85.41 -54.53 1.09
CA ASN C 589 85.21 -55.77 0.35
C ASN C 589 86.37 -56.08 -0.58
N GLU C 590 87.58 -55.86 -0.04
CA GLU C 590 88.84 -56.14 -0.71
C GLU C 590 89.63 -57.15 0.12
N ASP C 591 90.50 -57.91 -0.55
CA ASP C 591 91.33 -58.90 0.12
C ASP C 591 92.65 -58.23 0.50
N PRO C 592 92.93 -58.15 1.81
CA PRO C 592 94.20 -57.56 2.21
C PRO C 592 95.40 -58.35 1.66
N TRP C 593 95.27 -59.66 1.60
CA TRP C 593 96.37 -60.51 1.14
C TRP C 593 96.77 -60.15 -0.30
N VAL C 594 95.77 -59.80 -1.11
CA VAL C 594 96.03 -59.34 -2.46
C VAL C 594 96.84 -58.07 -2.43
N ARG C 595 96.31 -57.08 -1.72
CA ARG C 595 96.98 -55.79 -1.59
C ARG C 595 98.49 -56.00 -1.36
N LEU C 596 98.80 -56.81 -0.37
CA LEU C 596 100.18 -57.16 -0.01
C LEU C 596 100.98 -57.65 -1.20
N GLU C 597 100.47 -58.71 -1.83
CA GLU C 597 101.22 -59.44 -2.86
C GLU C 597 101.35 -58.66 -4.15
N THR C 598 100.29 -57.95 -4.53
CA THR C 598 100.31 -57.11 -5.71
C THR C 598 101.38 -56.04 -5.58
N LEU C 599 101.45 -55.43 -4.40
CA LEU C 599 102.45 -54.40 -4.13
C LEU C 599 103.82 -55.00 -4.20
N ARG C 600 103.96 -56.13 -3.51
CA ARG C 600 105.24 -56.80 -3.40
C ARG C 600 105.95 -56.89 -4.76
N LYS C 601 105.18 -57.21 -5.79
CA LYS C 601 105.67 -57.23 -7.17
C LYS C 601 105.97 -55.83 -7.74
N GLN C 602 105.07 -54.87 -7.50
CA GLN C 602 105.29 -53.48 -7.95
C GLN C 602 106.51 -52.80 -7.35
N ILE C 603 106.82 -53.16 -6.10
CA ILE C 603 107.92 -52.56 -5.33
C ILE C 603 108.80 -53.68 -4.84
N PRO C 604 109.78 -54.08 -5.67
CA PRO C 604 110.68 -55.16 -5.27
C PRO C 604 111.82 -54.62 -4.42
N ASN C 605 112.17 -53.36 -4.66
CA ASN C 605 113.40 -52.78 -4.15
C ASN C 605 113.34 -52.42 -2.67
N VAL C 606 112.25 -51.82 -2.22
CA VAL C 606 112.18 -51.35 -0.83
C VAL C 606 111.49 -52.37 0.06
N MET C 607 111.91 -52.44 1.33
CA MET C 607 111.39 -53.41 2.26
C MET C 607 110.01 -52.99 2.71
N PHE C 608 109.21 -53.99 3.10
CA PHE C 608 107.83 -53.80 3.54
C PHE C 608 107.76 -53.98 5.04
N GLN C 609 106.99 -53.12 5.69
CA GLN C 609 106.85 -53.13 7.14
C GLN C 609 105.40 -53.13 7.52
N MET C 610 105.07 -53.84 8.61
CA MET C 610 103.71 -53.85 9.15
C MET C 610 103.73 -53.64 10.63
N LEU C 611 102.55 -53.51 11.20
CA LEU C 611 102.38 -53.29 12.63
C LEU C 611 101.52 -54.40 13.21
N LEU C 612 102.05 -55.07 14.22
CA LEU C 612 101.44 -56.28 14.75
C LEU C 612 101.25 -56.18 16.25
N ARG C 613 100.00 -56.25 16.71
CA ARG C 613 99.70 -56.35 18.16
C ARG C 613 100.09 -57.76 18.58
N GLY C 614 101.28 -57.90 19.18
CA GLY C 614 101.87 -59.21 19.46
C GLY C 614 100.86 -60.23 19.93
N ALA C 615 100.22 -59.94 21.05
CA ALA C 615 99.25 -60.84 21.66
C ALA C 615 98.27 -61.46 20.65
N ASN C 616 97.45 -60.61 20.02
CA ASN C 616 96.39 -61.09 19.12
C ASN C 616 96.57 -60.72 17.64
N ALA C 617 97.82 -60.55 17.24
CA ALA C 617 98.15 -60.21 15.86
C ALA C 617 97.39 -58.98 15.35
N VAL C 618 96.54 -59.15 14.34
CA VAL C 618 95.66 -58.09 13.88
C VAL C 618 94.21 -58.38 14.28
N GLY C 619 94.02 -59.38 15.13
CA GLY C 619 92.69 -59.78 15.55
C GLY C 619 92.03 -58.87 16.58
N TYR C 620 90.72 -59.08 16.76
CA TYR C 620 89.92 -58.37 17.75
C TYR C 620 89.95 -59.01 19.13
N LYS C 621 90.13 -60.33 19.16
CA LYS C 621 90.04 -61.15 20.36
C LYS C 621 91.38 -61.83 20.53
N ASN C 622 91.60 -62.52 21.64
CA ASN C 622 92.80 -63.35 21.80
C ASN C 622 92.64 -64.71 21.12
N TYR C 623 93.75 -65.26 20.66
CA TYR C 623 93.78 -66.50 19.89
C TYR C 623 94.85 -67.44 20.42
N PRO C 624 94.77 -68.74 20.08
CA PRO C 624 95.85 -69.67 20.44
C PRO C 624 97.14 -69.43 19.64
N ASP C 625 98.26 -69.93 20.15
CA ASP C 625 99.59 -69.54 19.65
C ASP C 625 99.90 -69.99 18.22
N ASN C 626 99.28 -71.10 17.80
CA ASN C 626 99.53 -71.64 16.47
C ASN C 626 99.03 -70.73 15.33
N VAL C 627 97.85 -70.13 15.49
CA VAL C 627 97.31 -69.17 14.49
C VAL C 627 98.22 -67.97 14.31
N ILE C 628 98.79 -67.50 15.41
CA ILE C 628 99.67 -66.34 15.42
C ILE C 628 100.91 -66.71 14.60
N ARG C 629 101.60 -67.78 15.01
CA ARG C 629 102.77 -68.29 14.30
C ARG C 629 102.44 -68.58 12.82
N GLU C 630 101.25 -69.12 12.56
CA GLU C 630 100.78 -69.35 11.19
C GLU C 630 100.68 -68.03 10.45
N PHE C 631 99.92 -67.09 11.03
CA PHE C 631 99.73 -65.78 10.42
C PHE C 631 101.07 -65.19 9.99
N VAL C 632 101.99 -65.08 10.94
CA VAL C 632 103.29 -64.42 10.69
C VAL C 632 104.06 -65.15 9.59
N LYS C 633 103.97 -66.49 9.59
CA LYS C 633 104.63 -67.30 8.57
C LYS C 633 104.13 -66.88 7.19
N GLN C 634 102.81 -66.88 7.02
CA GLN C 634 102.18 -66.45 5.78
C GLN C 634 102.64 -65.07 5.36
N SER C 635 102.51 -64.11 6.27
CA SER C 635 102.83 -62.70 6.04
C SER C 635 104.25 -62.52 5.51
N ALA C 636 105.20 -63.20 6.15
CA ALA C 636 106.60 -63.20 5.74
C ALA C 636 106.75 -63.77 4.32
N GLN C 637 106.05 -64.88 4.06
CA GLN C 637 105.99 -65.53 2.74
C GLN C 637 105.48 -64.55 1.68
N SER C 638 104.39 -63.86 2.00
CA SER C 638 103.68 -62.97 1.08
C SER C 638 104.44 -61.70 0.74
N GLY C 639 105.29 -61.23 1.67
CA GLY C 639 106.14 -60.08 1.40
C GLY C 639 106.56 -59.17 2.54
N VAL C 640 106.09 -59.44 3.75
CA VAL C 640 106.36 -58.57 4.91
C VAL C 640 107.76 -58.82 5.48
N ASP C 641 108.55 -57.76 5.60
CA ASP C 641 109.98 -57.85 5.93
C ASP C 641 110.35 -57.37 7.32
N VAL C 642 109.63 -56.35 7.81
CA VAL C 642 109.90 -55.77 9.12
C VAL C 642 108.60 -55.77 9.88
N PHE C 643 108.65 -56.21 11.12
CA PHE C 643 107.46 -56.33 11.91
C PHE C 643 107.62 -55.50 13.18
N ARG C 644 107.02 -54.31 13.19
CA ARG C 644 106.89 -53.51 14.42
C ARG C 644 105.85 -54.24 15.27
N VAL C 645 106.24 -54.66 16.47
CA VAL C 645 105.31 -55.40 17.33
C VAL C 645 105.29 -54.75 18.70
N PHE C 646 104.09 -54.61 19.25
CA PHE C 646 103.89 -53.97 20.53
C PHE C 646 102.79 -54.71 21.25
N ASP C 647 102.81 -54.63 22.58
CA ASP C 647 101.64 -55.01 23.36
C ASP C 647 101.07 -53.72 23.92
N SER C 648 99.74 -53.69 24.04
CA SER C 648 99.03 -52.50 24.45
C SER C 648 99.34 -52.05 25.88
N LEU C 649 99.83 -52.95 26.72
CA LEU C 649 100.17 -52.61 28.11
C LEU C 649 101.68 -52.48 28.33
N ASN C 650 102.46 -52.66 27.25
CA ASN C 650 103.93 -52.69 27.34
C ASN C 650 104.45 -53.83 28.20
N TRP C 651 103.77 -54.97 28.09
CA TRP C 651 104.11 -56.18 28.81
C TRP C 651 104.75 -57.12 27.81
N ILE C 652 106.04 -57.40 28.03
CA ILE C 652 106.83 -58.14 27.05
C ILE C 652 106.39 -59.60 26.96
N LYS C 653 105.67 -60.08 27.97
CA LYS C 653 105.17 -61.46 27.98
C LYS C 653 104.17 -61.75 26.83
N GLY C 654 103.23 -60.83 26.60
CA GLY C 654 102.24 -60.97 25.50
C GLY C 654 102.86 -60.98 24.11
N MET C 655 103.98 -60.27 23.96
CA MET C 655 104.67 -60.19 22.67
C MET C 655 105.46 -61.44 22.30
N GLU C 656 105.84 -62.24 23.31
CA GLU C 656 106.82 -63.33 23.13
C GLU C 656 106.48 -64.27 21.95
N VAL C 657 105.22 -64.72 21.87
CA VAL C 657 104.76 -65.66 20.83
C VAL C 657 105.15 -65.20 19.42
N SER C 658 104.78 -63.97 19.11
CA SER C 658 104.85 -63.44 17.76
C SER C 658 106.28 -63.09 17.34
N ILE C 659 107.07 -62.59 18.31
CA ILE C 659 108.45 -62.14 18.05
C ILE C 659 109.31 -63.32 17.59
N ASP C 660 109.12 -64.47 18.23
CA ASP C 660 109.84 -65.69 17.89
C ASP C 660 109.51 -66.13 16.45
N ALA C 661 108.24 -66.00 16.08
CA ALA C 661 107.77 -66.34 14.74
C ALA C 661 108.52 -65.57 13.67
N VAL C 662 108.86 -64.32 13.96
CA VAL C 662 109.55 -63.45 13.01
C VAL C 662 111.04 -63.82 12.90
N ARG C 663 111.65 -64.18 14.04
CA ARG C 663 113.00 -64.72 14.04
C ARG C 663 112.99 -66.04 13.27
N GLU C 664 111.98 -66.87 13.55
CA GLU C 664 111.78 -68.16 12.85
C GLU C 664 111.39 -67.98 11.39
N ALA C 665 110.73 -66.86 11.07
CA ALA C 665 110.52 -66.44 9.68
C ALA C 665 111.82 -65.98 9.02
N GLY C 666 112.80 -65.62 9.86
CA GLY C 666 114.10 -65.17 9.40
C GLY C 666 114.04 -63.73 8.93
N LYS C 667 113.12 -62.99 9.51
CA LYS C 667 112.80 -61.62 9.10
C LYS C 667 113.00 -60.68 10.30
N ILE C 668 112.96 -59.37 10.04
CA ILE C 668 113.34 -58.36 11.02
C ILE C 668 112.31 -58.16 12.12
N VAL C 669 112.77 -58.12 13.37
CA VAL C 669 111.92 -57.79 14.50
C VAL C 669 112.21 -56.36 14.96
N GLU C 670 111.16 -55.54 15.03
CA GLU C 670 111.24 -54.22 15.65
C GLU C 670 110.30 -54.22 16.85
N ALA C 671 110.75 -54.83 17.95
CA ALA C 671 110.05 -54.74 19.22
C ALA C 671 110.00 -53.28 19.58
N ALA C 672 108.80 -52.80 19.90
CA ALA C 672 108.63 -51.39 20.10
C ALA C 672 107.93 -51.05 21.41
N ILE C 673 108.44 -49.98 22.03
CA ILE C 673 107.97 -49.52 23.31
C ILE C 673 107.00 -48.39 23.08
N CYS C 674 105.79 -48.60 23.55
CA CYS C 674 104.73 -47.61 23.47
C CYS C 674 104.97 -46.57 24.57
N TYR C 675 104.99 -45.29 24.18
CA TYR C 675 105.31 -44.18 25.09
C TYR C 675 104.05 -43.58 25.73
N THR C 676 104.09 -43.36 27.05
CA THR C 676 102.98 -42.73 27.77
C THR C 676 103.57 -41.68 28.73
N GLY C 677 102.72 -41.01 29.51
CA GLY C 677 103.13 -40.01 30.53
C GLY C 677 104.15 -38.96 30.11
N ASP C 678 104.91 -38.44 31.08
CA ASP C 678 106.00 -37.48 30.80
C ASP C 678 107.28 -37.82 31.59
N ILE C 679 108.36 -38.10 30.87
CA ILE C 679 109.66 -38.35 31.49
C ILE C 679 110.23 -37.08 32.13
N ASP C 680 110.11 -35.94 31.44
CA ASP C 680 110.69 -34.68 31.93
C ASP C 680 109.94 -34.09 33.15
N ASP C 681 108.64 -34.36 33.28
CA ASP C 681 107.88 -34.01 34.48
C ASP C 681 107.90 -35.17 35.48
N ASP C 682 108.50 -34.91 36.64
CA ASP C 682 108.82 -35.95 37.61
C ASP C 682 107.69 -36.21 38.63
N THR C 683 106.66 -35.36 38.64
CA THR C 683 105.50 -35.55 39.52
C THR C 683 105.02 -37.00 39.52
N ARG C 684 104.96 -37.59 38.34
CA ARG C 684 104.47 -38.95 38.20
C ARG C 684 105.61 -39.92 38.41
N THR C 685 105.42 -40.85 39.34
CA THR C 685 106.45 -41.78 39.76
C THR C 685 106.64 -42.95 38.76
N LYS C 686 105.53 -43.45 38.22
CA LYS C 686 105.49 -44.75 37.48
C LYS C 686 106.33 -44.91 36.19
N TYR C 687 106.26 -43.97 35.25
CA TYR C 687 106.95 -44.11 33.94
C TYR C 687 108.14 -43.18 33.82
N THR C 688 109.21 -43.56 34.51
CA THR C 688 110.45 -42.80 34.56
C THR C 688 111.35 -43.07 33.34
N ILE C 689 112.20 -42.11 32.99
CA ILE C 689 113.22 -42.34 31.96
C ILE C 689 114.01 -43.64 32.21
N ASP C 690 114.23 -43.97 33.48
CA ASP C 690 114.83 -45.25 33.88
C ASP C 690 114.00 -46.42 33.35
N TYR C 691 112.70 -46.40 33.65
CA TYR C 691 111.75 -47.45 33.26
C TYR C 691 111.79 -47.83 31.78
N TYR C 692 111.88 -46.82 30.92
CA TYR C 692 112.05 -47.05 29.47
C TYR C 692 113.47 -47.56 29.13
N LYS C 693 114.49 -47.06 29.84
CA LYS C 693 115.85 -47.57 29.70
C LYS C 693 115.92 -49.05 30.10
N ASP C 694 115.31 -49.39 31.23
CA ASP C 694 115.24 -50.77 31.74
C ASP C 694 114.50 -51.70 30.76
N MET C 695 113.29 -51.30 30.38
CA MET C 695 112.44 -52.08 29.46
C MET C 695 113.11 -52.37 28.13
N ALA C 696 113.91 -51.41 27.65
CA ALA C 696 114.66 -51.56 26.39
C ALA C 696 115.74 -52.63 26.50
N LYS C 697 116.38 -52.72 27.66
CA LYS C 697 117.36 -53.78 27.93
C LYS C 697 116.68 -55.15 27.75
N GLU C 698 115.54 -55.35 28.41
CA GLU C 698 114.86 -56.65 28.43
C GLU C 698 114.35 -57.08 27.03
N LEU C 699 114.08 -56.10 26.16
CA LEU C 699 113.66 -56.35 24.77
C LEU C 699 114.84 -56.67 23.84
N VAL C 700 116.02 -56.12 24.15
CA VAL C 700 117.25 -56.52 23.49
C VAL C 700 117.61 -57.96 23.94
N ALA C 701 117.38 -58.24 25.23
CA ALA C 701 117.55 -59.59 25.81
C ALA C 701 116.59 -60.61 25.18
N GLN C 702 115.31 -60.25 25.07
CA GLN C 702 114.32 -61.07 24.34
C GLN C 702 114.67 -61.17 22.86
N GLY C 703 115.53 -60.27 22.40
CA GLY C 703 116.04 -60.30 21.03
C GLY C 703 115.16 -59.49 20.12
N THR C 704 115.74 -58.43 19.54
CA THR C 704 115.07 -57.63 18.54
C THR C 704 116.10 -56.94 17.65
N HIS C 705 116.03 -57.17 16.35
CA HIS C 705 116.99 -56.60 15.39
C HIS C 705 117.04 -55.06 15.52
N ILE C 706 115.90 -54.46 15.86
CA ILE C 706 115.75 -53.00 16.01
C ILE C 706 114.82 -52.68 17.18
N LEU C 707 115.04 -51.53 17.83
CA LEU C 707 114.12 -51.04 18.86
C LEU C 707 113.41 -49.79 18.39
N GLY C 708 112.10 -49.90 18.19
CA GLY C 708 111.28 -48.76 17.80
C GLY C 708 110.53 -48.20 18.99
N ILE C 709 110.26 -46.90 18.97
CA ILE C 709 109.42 -46.26 19.98
C ILE C 709 108.13 -45.75 19.32
N LYS C 710 107.00 -46.36 19.70
CA LYS C 710 105.71 -46.03 19.14
C LYS C 710 105.04 -45.01 20.06
N ASP C 711 105.14 -43.74 19.68
CA ASP C 711 104.42 -42.67 20.37
C ASP C 711 103.05 -42.50 19.72
N MET C 712 102.07 -43.30 20.14
CA MET C 712 100.80 -43.37 19.44
C MET C 712 99.91 -42.14 19.61
N ALA C 713 100.18 -41.29 20.59
CA ALA C 713 99.31 -40.14 20.84
C ALA C 713 99.89 -38.80 20.37
N GLY C 714 101.22 -38.70 20.31
CA GLY C 714 101.89 -37.45 20.00
C GLY C 714 102.38 -36.77 21.26
N LEU C 715 102.58 -37.58 22.31
CA LEU C 715 102.97 -37.10 23.64
C LEU C 715 104.47 -36.77 23.81
N LEU C 716 105.32 -37.32 22.96
CA LEU C 716 106.76 -37.08 23.10
C LEU C 716 107.09 -35.65 22.70
N LYS C 717 107.16 -34.79 23.72
CA LYS C 717 107.53 -33.38 23.57
C LYS C 717 108.94 -33.38 23.00
N PRO C 718 109.29 -32.37 22.17
CA PRO C 718 110.62 -32.37 21.52
C PRO C 718 111.82 -32.38 22.50
N GLN C 719 111.74 -31.64 23.60
CA GLN C 719 112.81 -31.67 24.62
C GLN C 719 113.00 -33.06 25.19
N ALA C 720 111.90 -33.76 25.52
CA ALA C 720 111.97 -35.15 26.01
C ALA C 720 112.58 -36.14 25.00
N ALA C 721 112.36 -35.88 23.71
CA ALA C 721 112.92 -36.70 22.64
C ALA C 721 114.45 -36.60 22.53
N TYR C 722 114.99 -35.39 22.65
CA TYR C 722 116.45 -35.19 22.67
C TYR C 722 117.06 -36.04 23.77
N ARG C 723 116.45 -35.97 24.97
CA ARG C 723 116.90 -36.75 26.13
C ARG C 723 116.78 -38.25 25.88
N LEU C 724 115.63 -38.71 25.39
CA LEU C 724 115.36 -40.15 25.28
C LEU C 724 116.23 -40.88 24.26
N ILE C 725 116.49 -40.27 23.11
CA ILE C 725 117.33 -40.89 22.08
C ILE C 725 118.79 -40.98 22.55
N GLY C 726 119.31 -39.85 23.05
CA GLY C 726 120.66 -39.80 23.62
C GLY C 726 120.86 -40.75 24.79
N GLU C 727 119.85 -40.90 25.65
CA GLU C 727 119.93 -41.77 26.82
C GLU C 727 119.76 -43.25 26.47
N LEU C 728 119.03 -43.55 25.40
CA LEU C 728 118.88 -44.94 24.95
C LEU C 728 119.99 -45.40 24.02
N LYS C 729 120.57 -44.49 23.22
CA LYS C 729 121.76 -44.87 22.44
C LYS C 729 122.90 -45.26 23.36
N ASP C 730 122.97 -44.59 24.52
CA ASP C 730 123.90 -44.96 25.58
C ASP C 730 123.55 -46.32 26.18
N THR C 731 122.27 -46.50 26.53
CA THR C 731 121.81 -47.71 27.23
C THR C 731 121.95 -49.00 26.42
N VAL C 732 121.72 -48.95 25.10
CA VAL C 732 121.75 -50.16 24.26
C VAL C 732 122.34 -49.91 22.87
N ASP C 733 122.91 -50.96 22.27
CA ASP C 733 123.65 -50.84 21.01
C ASP C 733 122.78 -50.85 19.74
N VAL C 734 121.56 -51.37 19.85
CA VAL C 734 120.63 -51.48 18.70
C VAL C 734 120.34 -50.15 18.00
N PRO C 735 119.97 -50.18 16.70
CA PRO C 735 119.48 -48.96 16.06
C PRO C 735 118.09 -48.61 16.57
N ILE C 736 117.72 -47.33 16.46
CA ILE C 736 116.43 -46.87 16.97
C ILE C 736 115.55 -46.22 15.89
N HIS C 737 114.25 -46.48 16.02
CA HIS C 737 113.22 -46.17 15.01
C HIS C 737 112.06 -45.50 15.76
N LEU C 738 111.69 -44.29 15.37
CA LEU C 738 110.66 -43.53 16.10
C LEU C 738 109.39 -43.21 15.29
N HIS C 739 108.24 -43.50 15.91
CA HIS C 739 106.91 -43.29 15.33
C HIS C 739 106.24 -42.27 16.22
N THR C 740 105.84 -41.14 15.65
CA THR C 740 105.05 -40.16 16.40
C THR C 740 103.92 -39.60 15.54
N HIS C 741 102.94 -39.03 16.21
CA HIS C 741 101.79 -38.41 15.57
C HIS C 741 101.82 -36.89 15.81
N ASP C 742 101.54 -36.13 14.75
CA ASP C 742 101.66 -34.68 14.76
C ASP C 742 100.44 -33.94 15.36
N THR C 743 99.65 -34.64 16.18
CA THR C 743 98.44 -34.03 16.77
C THR C 743 98.80 -32.70 17.44
N SER C 744 99.90 -32.70 18.20
CA SER C 744 100.36 -31.57 19.00
C SER C 744 100.83 -30.34 18.21
N GLY C 745 101.30 -30.56 16.98
CA GLY C 745 101.94 -29.49 16.20
C GLY C 745 103.45 -29.56 16.34
N ASN C 746 103.94 -30.42 17.24
CA ASN C 746 105.37 -30.57 17.54
C ASN C 746 105.94 -31.83 16.92
N GLY C 747 105.38 -32.26 15.81
CA GLY C 747 105.79 -33.52 15.20
C GLY C 747 107.17 -33.40 14.61
N ILE C 748 107.34 -32.44 13.70
CA ILE C 748 108.62 -32.26 13.03
C ILE C 748 109.71 -31.88 14.02
N TYR C 749 109.36 -31.07 15.02
CA TYR C 749 110.35 -30.66 16.01
C TYR C 749 110.78 -31.88 16.84
N THR C 750 109.83 -32.70 17.28
CA THR C 750 110.18 -33.91 18.03
C THR C 750 111.14 -34.81 17.23
N TYR C 751 111.02 -34.84 15.91
CA TYR C 751 111.98 -35.59 15.06
C TYR C 751 113.36 -34.91 15.00
N ALA C 752 113.40 -33.60 14.83
CA ALA C 752 114.66 -32.87 14.83
C ALA C 752 115.45 -33.11 16.13
N ALA C 753 114.74 -33.20 17.25
CA ALA C 753 115.34 -33.57 18.54
C ALA C 753 115.97 -34.95 18.49
N ALA C 754 115.24 -35.90 17.93
CA ALA C 754 115.75 -37.25 17.75
C ALA C 754 116.98 -37.27 16.82
N VAL C 755 116.93 -36.54 15.71
CA VAL C 755 118.06 -36.50 14.76
C VAL C 755 119.31 -35.85 15.34
N SER C 756 119.10 -34.81 16.13
CA SER C 756 120.18 -34.20 16.91
C SER C 756 120.77 -35.23 17.88
N ALA C 757 119.89 -35.93 18.62
CA ALA C 757 120.32 -37.02 19.52
C ALA C 757 120.72 -38.32 18.81
N GLY C 758 120.68 -38.33 17.47
CA GLY C 758 121.30 -39.38 16.67
C GLY C 758 120.51 -40.66 16.43
N VAL C 759 119.18 -40.57 16.36
CA VAL C 759 118.34 -41.75 16.10
C VAL C 759 118.41 -42.14 14.62
N ASP C 760 118.24 -43.44 14.34
CA ASP C 760 118.50 -44.00 13.01
C ASP C 760 117.34 -43.84 12.02
N ILE C 761 116.11 -44.16 12.45
CA ILE C 761 114.93 -44.21 11.56
C ILE C 761 113.67 -43.54 12.13
N VAL C 762 112.95 -42.82 11.27
CA VAL C 762 111.70 -42.15 11.67
C VAL C 762 110.58 -42.30 10.64
N ASP C 763 109.33 -42.21 11.12
CA ASP C 763 108.13 -42.39 10.29
C ASP C 763 107.55 -41.07 9.77
N VAL C 764 107.46 -40.95 8.46
CA VAL C 764 106.84 -39.77 7.83
C VAL C 764 105.87 -40.19 6.73
N ALA C 765 105.13 -39.22 6.19
CA ALA C 765 104.16 -39.47 5.12
C ALA C 765 104.18 -38.33 4.12
N SER C 766 103.58 -38.54 2.95
CA SER C 766 103.58 -37.48 1.93
C SER C 766 102.87 -36.26 2.49
N SER C 767 103.40 -35.07 2.15
CA SER C 767 102.84 -33.82 2.66
C SER C 767 101.30 -33.88 2.68
N ALA C 768 100.69 -34.25 1.55
CA ALA C 768 99.24 -34.21 1.42
C ALA C 768 98.50 -35.15 2.35
N MET C 769 99.21 -36.10 2.96
CA MET C 769 98.62 -36.99 3.95
C MET C 769 99.32 -36.90 5.31
N SER C 770 100.08 -35.82 5.50
CA SER C 770 100.76 -35.57 6.78
C SER C 770 99.96 -34.62 7.65
N GLY C 771 100.45 -34.42 8.87
CA GLY C 771 99.85 -33.46 9.79
C GLY C 771 98.76 -34.05 10.66
N ALA C 772 98.23 -33.22 11.55
CA ALA C 772 97.11 -33.63 12.38
C ALA C 772 97.46 -34.92 13.09
N THR C 773 96.54 -35.87 13.07
CA THR C 773 96.75 -37.15 13.72
C THR C 773 97.64 -38.10 12.90
N SER C 774 98.19 -37.60 11.78
CA SER C 774 99.09 -38.38 10.93
C SER C 774 100.54 -38.15 11.34
N GLN C 775 101.44 -38.80 10.62
CA GLN C 775 102.87 -38.54 10.77
C GLN C 775 103.25 -37.20 10.13
N PRO C 776 104.44 -36.69 10.47
CA PRO C 776 104.95 -35.42 9.88
C PRO C 776 105.38 -35.56 8.44
N SER C 777 105.40 -34.46 7.71
CA SER C 777 105.67 -34.54 6.27
C SER C 777 107.09 -35.04 6.02
N MET C 778 107.23 -36.02 5.13
CA MET C 778 108.55 -36.47 4.70
C MET C 778 109.30 -35.28 4.09
N THR C 779 108.64 -34.60 3.16
CA THR C 779 109.23 -33.49 2.42
C THR C 779 109.39 -32.33 3.38
N GLY C 780 108.52 -32.25 4.36
CA GLY C 780 108.65 -31.27 5.42
C GLY C 780 109.93 -31.46 6.22
N LEU C 781 110.18 -32.69 6.64
CA LEU C 781 111.37 -33.02 7.44
C LEU C 781 112.66 -32.72 6.68
N TYR C 782 112.72 -33.16 5.41
CA TYR C 782 113.90 -32.94 4.58
C TYR C 782 114.28 -31.47 4.55
N TYR C 783 113.31 -30.62 4.21
CA TYR C 783 113.54 -29.18 4.16
C TYR C 783 113.81 -28.59 5.54
N GLY C 784 113.40 -29.31 6.58
CA GLY C 784 113.72 -28.93 7.96
C GLY C 784 115.17 -29.19 8.35
N LEU C 785 115.71 -30.34 7.94
CA LEU C 785 117.09 -30.75 8.28
C LEU C 785 118.11 -30.44 7.19
N VAL C 786 117.68 -29.72 6.16
CA VAL C 786 118.40 -29.68 4.88
C VAL C 786 119.90 -29.32 4.95
N ASN C 787 120.28 -28.35 5.78
CA ASN C 787 121.69 -27.96 5.86
C ASN C 787 122.28 -28.11 7.25
N GLY C 788 121.61 -28.90 8.09
CA GLY C 788 122.10 -29.18 9.43
C GLY C 788 123.26 -30.15 9.41
N ASN C 789 123.67 -30.57 10.59
CA ASN C 789 124.78 -31.51 10.73
C ASN C 789 124.39 -32.86 10.17
N ARG C 790 123.19 -33.30 10.54
CA ARG C 790 122.64 -34.56 10.09
C ARG C 790 121.47 -34.29 9.14
N GLN C 791 121.28 -35.17 8.16
CA GLN C 791 120.23 -34.97 7.15
C GLN C 791 119.56 -36.28 6.73
N THR C 792 118.64 -36.18 5.79
CA THR C 792 117.93 -37.34 5.24
C THR C 792 117.94 -37.21 3.73
N ASN C 793 118.35 -38.28 3.06
CA ASN C 793 118.56 -38.26 1.63
C ASN C 793 117.28 -38.71 0.95
N LEU C 794 116.51 -37.73 0.48
CA LEU C 794 115.41 -37.94 -0.44
C LEU C 794 115.39 -36.80 -1.44
N ASP C 795 115.20 -37.12 -2.72
CA ASP C 795 115.00 -36.08 -3.71
C ASP C 795 113.72 -35.35 -3.37
N ALA C 796 113.88 -34.08 -2.96
CA ALA C 796 112.75 -33.22 -2.62
C ALA C 796 111.70 -33.25 -3.73
N GLN C 797 112.09 -32.84 -4.93
CA GLN C 797 111.17 -32.78 -6.05
C GLN C 797 110.40 -34.10 -6.28
N ASN C 798 111.09 -35.23 -6.13
CA ASN C 798 110.44 -36.52 -6.28
C ASN C 798 109.26 -36.65 -5.34
N SER C 799 109.53 -36.48 -4.05
CA SER C 799 108.53 -36.66 -3.01
C SER C 799 107.32 -35.78 -3.25
N GLN C 800 107.56 -34.60 -3.83
CA GLN C 800 106.51 -33.67 -4.22
C GLN C 800 105.66 -34.23 -5.37
N ILE C 801 106.30 -34.84 -6.35
CA ILE C 801 105.55 -35.44 -7.47
C ILE C 801 104.61 -36.53 -6.94
N ILE C 802 105.13 -37.40 -6.07
CA ILE C 802 104.31 -38.41 -5.37
C ILE C 802 103.16 -37.72 -4.61
N ASN C 803 103.47 -36.62 -3.92
CA ASN C 803 102.46 -35.84 -3.20
C ASN C 803 101.32 -35.35 -4.07
N HIS C 804 101.65 -34.85 -5.27
CA HIS C 804 100.67 -34.31 -6.21
C HIS C 804 99.57 -35.30 -6.50
N TYR C 805 99.93 -36.57 -6.54
CA TYR C 805 98.96 -37.65 -6.72
C TYR C 805 98.02 -37.67 -5.52
N TRP C 806 98.60 -37.92 -4.35
CA TRP C 806 97.84 -37.96 -3.11
C TRP C 806 97.01 -36.70 -2.86
N GLU C 807 97.60 -35.51 -3.03
CA GLU C 807 96.82 -34.25 -2.99
C GLU C 807 95.50 -34.45 -3.74
N ASP C 808 95.59 -34.90 -5.00
CA ASP C 808 94.40 -35.09 -5.84
C ASP C 808 93.49 -36.23 -5.36
N VAL C 809 94.08 -37.32 -4.90
CA VAL C 809 93.30 -38.52 -4.52
C VAL C 809 92.49 -38.32 -3.25
N ARG C 810 93.05 -37.63 -2.27
CA ARG C 810 92.37 -37.46 -0.97
C ARG C 810 90.94 -36.96 -1.15
N HIS C 811 90.68 -36.18 -2.21
CA HIS C 811 89.35 -35.64 -2.45
C HIS C 811 88.27 -36.75 -2.59
N TYR C 812 88.67 -37.92 -3.10
CA TYR C 812 87.77 -39.04 -3.22
C TYR C 812 87.18 -39.40 -1.86
N TYR C 813 87.96 -39.17 -0.82
CA TYR C 813 87.61 -39.61 0.53
C TYR C 813 87.09 -38.50 1.47
N LYS C 814 86.71 -37.34 0.93
CA LYS C 814 86.21 -36.22 1.75
C LYS C 814 85.14 -36.69 2.75
N ASP C 815 84.28 -37.61 2.35
CA ASP C 815 83.32 -38.23 3.28
C ASP C 815 83.93 -38.78 4.57
N PHE C 816 85.20 -39.14 4.53
CA PHE C 816 85.83 -39.77 5.66
C PHE C 816 86.90 -38.86 6.26
N ASP C 817 87.00 -37.64 5.74
CA ASP C 817 88.03 -36.73 6.18
C ASP C 817 87.50 -35.82 7.29
N ASN C 818 87.07 -36.45 8.38
CA ASN C 818 86.46 -35.76 9.50
C ASN C 818 87.47 -35.24 10.50
N ALA C 819 88.76 -35.37 10.17
CA ALA C 819 89.84 -34.95 11.08
C ALA C 819 89.88 -33.43 11.26
N LEU C 820 90.25 -33.00 12.47
CA LEU C 820 90.41 -31.58 12.80
C LEU C 820 91.75 -31.10 12.27
N ASN C 821 91.79 -29.87 11.78
CA ASN C 821 92.84 -29.39 10.89
C ASN C 821 93.68 -28.25 11.47
N SER C 822 93.77 -28.20 12.81
CA SER C 822 94.65 -27.28 13.55
C SER C 822 95.28 -27.99 14.76
N PRO C 823 96.41 -27.47 15.27
CA PRO C 823 97.07 -28.17 16.38
C PRO C 823 96.16 -28.33 17.60
N GLN C 824 95.80 -29.57 17.93
CA GLN C 824 94.99 -29.87 19.13
C GLN C 824 95.92 -30.14 20.32
N THR C 825 96.27 -29.08 21.04
CA THR C 825 97.25 -29.13 22.15
C THR C 825 96.73 -29.83 23.40
N GLU C 826 95.41 -29.97 23.49
CA GLU C 826 94.75 -30.57 24.66
C GLU C 826 95.22 -32.00 24.89
N VAL C 827 95.81 -32.60 23.85
CA VAL C 827 96.21 -34.03 23.84
C VAL C 827 96.98 -34.50 25.04
N TYR C 828 97.82 -33.62 25.58
CA TYR C 828 98.72 -33.96 26.67
C TYR C 828 97.94 -34.31 27.95
N ILE C 829 96.84 -33.58 28.18
CA ILE C 829 95.97 -33.81 29.33
C ILE C 829 95.31 -35.20 29.27
N HIS C 830 94.57 -35.44 28.20
CA HIS C 830 93.82 -36.69 28.05
C HIS C 830 94.62 -37.89 27.52
N GLU C 831 95.81 -37.65 26.95
CA GLU C 831 96.69 -38.74 26.51
C GLU C 831 96.00 -39.79 25.61
N MET C 832 94.95 -39.38 24.90
CA MET C 832 94.14 -40.29 24.08
C MET C 832 94.66 -40.28 22.63
N PRO C 833 94.85 -41.47 22.02
CA PRO C 833 95.34 -41.52 20.63
C PRO C 833 94.37 -40.89 19.65
N GLY C 834 94.87 -40.33 18.56
CA GLY C 834 94.03 -39.65 17.57
C GLY C 834 92.82 -40.45 17.13
N GLY C 835 93.04 -41.72 16.80
CA GLY C 835 91.95 -42.64 16.47
C GLY C 835 90.86 -42.67 17.52
N GLN C 836 91.27 -42.71 18.79
CA GLN C 836 90.33 -42.81 19.92
C GLN C 836 89.46 -41.56 20.12
N TYR C 837 90.06 -40.38 19.98
CA TYR C 837 89.32 -39.13 20.13
C TYR C 837 88.08 -39.11 19.24
N THR C 838 88.26 -39.43 17.96
CA THR C 838 87.15 -39.45 16.99
C THR C 838 86.19 -40.63 17.26
N ASN C 839 86.75 -41.81 17.50
CA ASN C 839 85.93 -43.01 17.81
C ASN C 839 85.10 -42.88 19.07
N LEU C 840 85.59 -42.14 20.06
CA LEU C 840 84.86 -41.94 21.32
C LEU C 840 83.90 -40.76 21.25
N GLN C 841 84.26 -39.73 20.48
CA GLN C 841 83.32 -38.66 20.14
C GLN C 841 82.06 -39.27 19.55
N GLN C 842 82.25 -40.24 18.65
CA GLN C 842 81.16 -40.95 17.98
C GLN C 842 80.19 -41.65 18.95
N GLN C 843 80.73 -42.38 19.93
CA GLN C 843 79.90 -43.07 20.92
C GLN C 843 79.11 -42.08 21.78
N ALA C 844 79.73 -40.99 22.19
CA ALA C 844 79.05 -39.94 22.96
C ALA C 844 77.92 -39.32 22.14
N ILE C 845 78.16 -39.08 20.86
CA ILE C 845 77.13 -38.61 19.92
C ILE C 845 76.02 -39.65 19.76
N ALA C 846 76.42 -40.92 19.75
CA ALA C 846 75.48 -42.05 19.70
C ALA C 846 74.54 -42.07 20.92
N VAL C 847 75.16 -41.97 22.12
CA VAL C 847 74.54 -41.86 23.46
C VAL C 847 73.74 -40.58 23.63
N GLY C 848 74.08 -39.59 22.81
CA GLY C 848 73.50 -38.26 22.92
C GLY C 848 74.11 -37.47 24.06
N LEU C 849 75.43 -37.62 24.24
CA LEU C 849 76.19 -36.86 25.23
C LEU C 849 77.10 -35.87 24.50
N GLY C 850 76.87 -35.68 23.20
CA GLY C 850 77.64 -34.72 22.40
C GLY C 850 77.63 -33.33 23.00
N ASP C 851 76.54 -32.99 23.68
CA ASP C 851 76.37 -31.73 24.39
C ASP C 851 77.26 -31.70 25.66
N ARG C 852 77.56 -32.89 26.20
CA ARG C 852 78.39 -33.06 27.42
C ARG C 852 79.80 -33.58 27.09
N TRP C 853 80.16 -33.64 25.81
CA TRP C 853 81.44 -34.23 25.37
C TRP C 853 82.64 -33.87 26.26
N ASP C 854 82.75 -32.59 26.62
CA ASP C 854 83.83 -32.11 27.50
C ASP C 854 83.89 -32.85 28.85
N GLU C 855 82.74 -33.29 29.35
CA GLU C 855 82.65 -34.03 30.60
C GLU C 855 83.23 -35.44 30.46
N VAL C 856 83.07 -36.03 29.28
CA VAL C 856 83.59 -37.38 29.02
C VAL C 856 85.11 -37.35 29.01
N LYS C 857 85.67 -36.43 28.23
CA LYS C 857 87.13 -36.27 28.11
C LYS C 857 87.85 -36.23 29.47
N GLU C 858 87.30 -35.47 30.41
CA GLU C 858 87.85 -35.40 31.76
C GLU C 858 87.68 -36.73 32.51
N MET C 859 86.47 -37.31 32.46
CA MET C 859 86.16 -38.57 33.14
C MET C 859 87.12 -39.68 32.71
N TYR C 860 87.38 -39.75 31.41
CA TYR C 860 88.40 -40.63 30.83
C TYR C 860 89.74 -40.55 31.56
N THR C 861 90.25 -39.32 31.74
CA THR C 861 91.52 -39.11 32.43
C THR C 861 91.49 -39.67 33.86
N VAL C 862 90.33 -39.58 34.51
CA VAL C 862 90.12 -40.15 35.84
C VAL C 862 90.21 -41.67 35.77
N VAL C 863 89.59 -42.24 34.74
CA VAL C 863 89.52 -43.71 34.58
C VAL C 863 90.91 -44.33 34.39
N ASN C 864 91.77 -43.66 33.63
CA ASN C 864 93.17 -44.04 33.57
C ASN C 864 93.78 -43.90 34.94
N GLN C 865 93.45 -42.80 35.62
CA GLN C 865 93.95 -42.55 36.99
C GLN C 865 93.34 -43.49 38.03
N MET C 866 92.19 -44.11 37.73
CA MET C 866 91.58 -45.13 38.59
C MET C 866 92.43 -46.40 38.57
N PHE C 867 92.89 -46.82 37.39
CA PHE C 867 93.81 -47.95 37.25
C PHE C 867 95.27 -47.47 37.36
N GLY C 868 95.53 -46.52 38.26
CA GLY C 868 96.83 -45.88 38.36
C GLY C 868 97.14 -45.04 37.14
N ASP C 869 98.23 -45.36 36.46
CA ASP C 869 98.55 -44.78 35.17
C ASP C 869 98.85 -45.97 34.27
N ILE C 870 98.06 -46.16 33.20
CA ILE C 870 98.27 -47.30 32.31
C ILE C 870 98.44 -46.86 30.86
N VAL C 871 99.15 -47.66 30.08
CA VAL C 871 99.41 -47.36 28.68
C VAL C 871 98.10 -47.46 27.89
N LYS C 872 97.57 -46.31 27.45
CA LYS C 872 96.33 -46.25 26.67
C LYS C 872 96.64 -46.38 25.18
N VAL C 873 96.21 -47.49 24.58
CA VAL C 873 96.39 -47.78 23.17
C VAL C 873 95.52 -48.98 22.83
N THR C 874 95.02 -49.05 21.60
CA THR C 874 94.16 -50.16 21.18
C THR C 874 94.78 -51.53 21.48
N PRO C 875 94.04 -52.42 22.17
CA PRO C 875 92.67 -52.38 22.65
C PRO C 875 92.48 -51.88 24.09
N SER C 876 93.57 -51.51 24.77
CA SER C 876 93.48 -51.03 26.15
C SER C 876 92.79 -49.67 26.22
N SER C 877 93.06 -48.82 25.24
CA SER C 877 92.40 -47.51 25.14
C SER C 877 90.89 -47.68 25.16
N LYS C 878 90.38 -48.55 24.30
CA LYS C 878 88.94 -48.83 24.23
C LYS C 878 88.34 -49.08 25.61
N VAL C 879 89.05 -49.83 26.46
CA VAL C 879 88.52 -50.21 27.77
C VAL C 879 88.26 -49.01 28.68
N VAL C 880 89.17 -48.04 28.66
CA VAL C 880 89.04 -46.84 29.48
C VAL C 880 87.78 -46.10 29.03
N GLY C 881 87.72 -45.80 27.73
CA GLY C 881 86.63 -45.05 27.13
C GLY C 881 85.27 -45.67 27.36
N ASP C 882 85.20 -46.99 27.26
CA ASP C 882 83.96 -47.74 27.47
C ASP C 882 83.38 -47.49 28.88
N LEU C 883 84.25 -47.45 29.89
CA LEU C 883 83.81 -47.18 31.27
C LEU C 883 83.58 -45.70 31.52
N ALA C 884 84.54 -44.87 31.09
CA ALA C 884 84.38 -43.43 31.22
C ALA C 884 82.97 -43.04 30.79
N LEU C 885 82.59 -43.48 29.59
CA LEU C 885 81.25 -43.22 29.04
C LEU C 885 80.11 -43.74 29.94
N PHE C 886 80.34 -44.85 30.64
CA PHE C 886 79.38 -45.39 31.60
C PHE C 886 79.20 -44.50 32.83
N MET C 887 80.31 -44.14 33.47
CA MET C 887 80.28 -43.27 34.66
C MET C 887 79.57 -41.94 34.37
N VAL C 888 80.04 -41.22 33.35
CA VAL C 888 79.43 -39.94 32.93
C VAL C 888 77.95 -40.09 32.53
N GLN C 889 77.60 -41.25 31.94
CA GLN C 889 76.21 -41.57 31.61
C GLN C 889 75.35 -41.65 32.87
N ASN C 890 75.85 -42.31 33.91
CA ASN C 890 75.06 -42.49 35.15
C ASN C 890 75.39 -41.48 36.26
N GLU C 891 76.11 -40.42 35.90
CA GLU C 891 76.48 -39.31 36.81
C GLU C 891 77.21 -39.77 38.07
N LEU C 892 78.10 -40.75 37.91
CA LEU C 892 78.86 -41.30 39.03
C LEU C 892 80.23 -40.64 39.12
N SER C 893 80.50 -40.00 40.25
CA SER C 893 81.87 -39.55 40.55
C SER C 893 82.71 -40.79 40.90
N GLU C 894 84.04 -40.61 40.92
CA GLU C 894 84.96 -41.67 41.36
C GLU C 894 84.65 -42.14 42.79
N GLU C 895 84.14 -41.22 43.60
CA GLU C 895 83.76 -41.50 44.99
C GLU C 895 82.46 -42.30 45.04
N ASP C 896 81.50 -41.91 44.20
CA ASP C 896 80.19 -42.59 44.09
C ASP C 896 80.34 -44.07 43.75
N VAL C 897 81.33 -44.39 42.92
CA VAL C 897 81.53 -45.77 42.41
C VAL C 897 81.28 -46.92 43.43
N TYR C 898 81.65 -46.71 44.68
CA TYR C 898 81.52 -47.74 45.66
C TYR C 898 80.33 -47.44 46.54
N PRO C 907 80.88 -53.78 32.97
CA PRO C 907 80.86 -53.87 31.51
C PRO C 907 81.86 -54.90 30.97
N ASP C 908 81.38 -55.87 30.20
CA ASP C 908 82.21 -57.03 29.78
C ASP C 908 83.68 -56.71 29.50
N SER C 909 83.92 -55.72 28.65
CA SER C 909 85.28 -55.35 28.23
C SER C 909 86.19 -54.91 29.38
N VAL C 910 85.59 -54.38 30.44
CA VAL C 910 86.34 -53.86 31.60
C VAL C 910 86.70 -54.98 32.57
N ILE C 911 85.81 -55.95 32.67
CA ILE C 911 86.03 -57.12 33.51
C ILE C 911 87.16 -57.93 32.89
N GLU C 912 87.15 -58.01 31.56
CA GLU C 912 88.20 -58.72 30.81
C GLU C 912 89.54 -58.03 31.02
N PHE C 913 89.53 -56.73 31.27
CA PHE C 913 90.75 -55.98 31.60
C PHE C 913 91.22 -56.36 32.99
N PHE C 914 90.31 -56.30 33.96
CA PHE C 914 90.61 -56.70 35.32
C PHE C 914 90.84 -58.21 35.45
N MET C 915 90.34 -58.99 34.49
CA MET C 915 90.67 -60.41 34.40
C MET C 915 92.14 -60.57 34.06
N GLY C 916 92.60 -59.78 33.10
CA GLY C 916 93.95 -59.91 32.53
C GLY C 916 93.94 -60.44 31.10
N GLU C 917 92.82 -60.31 30.40
CA GLU C 917 92.66 -60.85 29.03
C GLU C 917 93.34 -59.96 27.98
N ILE C 918 93.39 -58.66 28.22
CA ILE C 918 94.26 -57.76 27.44
C ILE C 918 95.75 -58.02 27.72
N GLY C 919 96.06 -58.44 28.94
CA GLY C 919 97.43 -58.73 29.39
C GLY C 919 97.67 -58.25 30.81
N GLN C 920 98.91 -57.84 31.09
CA GLN C 920 99.31 -57.39 32.44
C GLN C 920 99.74 -55.91 32.45
N PRO C 921 99.00 -55.06 33.19
CA PRO C 921 99.42 -53.68 33.39
C PRO C 921 100.73 -53.59 34.17
N TYR C 922 101.69 -52.79 33.68
CA TYR C 922 103.01 -52.69 34.32
C TYR C 922 102.94 -52.48 35.85
N GLY C 923 102.17 -51.50 36.30
CA GLY C 923 101.99 -51.25 37.73
C GLY C 923 101.27 -52.40 38.42
N GLY C 924 100.39 -53.05 37.68
CA GLY C 924 99.59 -54.14 38.22
C GLY C 924 98.63 -53.67 39.30
N PHE C 925 97.75 -52.76 38.89
CA PHE C 925 96.84 -52.05 39.79
C PHE C 925 95.87 -53.03 40.49
N PRO C 926 95.63 -52.85 41.80
CA PRO C 926 94.58 -53.64 42.46
C PRO C 926 93.17 -53.06 42.31
N GLU C 927 92.22 -53.87 41.83
CA GLU C 927 90.72 -53.74 42.16
C GLU C 927 89.73 -54.13 41.05
N THR C 938 88.31 -66.70 38.21
CA THR C 938 88.44 -65.26 38.49
C THR C 938 89.81 -64.63 38.09
N PRO C 939 90.97 -65.22 38.50
CA PRO C 939 92.25 -64.57 38.16
C PRO C 939 92.80 -64.96 36.78
N LEU C 940 93.02 -63.99 35.89
CA LEU C 940 93.62 -64.28 34.57
C LEU C 940 95.04 -64.78 34.75
N THR C 941 95.78 -64.13 35.65
CA THR C 941 97.06 -64.64 36.13
C THR C 941 98.20 -64.72 35.08
N ASP C 942 97.87 -65.29 33.93
CA ASP C 942 98.81 -65.56 32.85
C ASP C 942 98.25 -65.24 31.44
N ARG C 943 99.15 -65.06 30.49
CA ARG C 943 98.86 -64.77 29.08
C ARG C 943 97.74 -65.63 28.51
N PRO C 944 96.64 -65.00 28.03
CA PRO C 944 95.52 -65.79 27.50
C PRO C 944 95.87 -66.56 26.21
N GLY C 945 96.83 -66.05 25.44
CA GLY C 945 97.24 -66.67 24.18
C GLY C 945 97.70 -68.11 24.33
N ALA C 946 98.59 -68.31 25.30
CA ALA C 946 99.13 -69.64 25.62
C ALA C 946 98.05 -70.59 26.14
N LEU C 947 97.18 -70.06 27.00
CA LEU C 947 96.16 -70.87 27.67
C LEU C 947 95.16 -71.43 26.67
N MET C 948 94.90 -70.66 25.61
CA MET C 948 94.12 -71.18 24.46
C MET C 948 94.72 -72.45 23.85
N GLU C 949 93.83 -73.40 23.54
CA GLU C 949 94.11 -74.66 22.91
C GLU C 949 93.84 -74.37 21.46
N PRO C 950 94.66 -74.98 20.56
CA PRO C 950 94.42 -74.84 19.13
C PRO C 950 93.33 -75.70 18.46
N VAL C 951 92.60 -75.08 17.54
CA VAL C 951 91.64 -75.79 16.70
C VAL C 951 92.40 -76.28 15.48
N ASN C 952 92.20 -77.54 15.11
CA ASN C 952 92.93 -78.06 13.96
C ASN C 952 92.56 -77.27 12.67
N PHE C 953 93.58 -76.91 11.89
CA PHE C 953 93.39 -76.13 10.68
C PHE C 953 92.49 -76.85 9.67
N VAL C 954 92.57 -78.17 9.66
CA VAL C 954 91.87 -78.99 8.66
C VAL C 954 90.36 -79.06 8.93
N GLU C 955 89.99 -79.20 10.21
CA GLU C 955 88.58 -79.22 10.60
C GLU C 955 87.88 -77.93 10.19
N VAL C 956 88.55 -76.81 10.42
CA VAL C 956 88.07 -75.50 9.98
C VAL C 956 88.14 -75.38 8.46
N LYS C 957 89.29 -75.73 7.89
CA LYS C 957 89.52 -75.63 6.45
C LYS C 957 88.38 -76.30 5.68
N ALA C 958 87.89 -77.41 6.22
CA ALA C 958 86.74 -78.11 5.66
C ALA C 958 85.44 -77.38 6.01
N GLU C 959 85.33 -76.88 7.24
CA GLU C 959 84.18 -76.09 7.67
C GLU C 959 83.95 -74.93 6.71
N LEU C 960 85.02 -74.20 6.44
CA LEU C 960 84.98 -73.08 5.51
C LEU C 960 84.61 -73.50 4.10
N LYS C 961 85.29 -74.52 3.58
CA LYS C 961 85.03 -75.04 2.23
C LYS C 961 83.54 -75.32 2.02
N GLU C 962 82.92 -75.88 3.06
CA GLU C 962 81.48 -76.14 3.10
C GLU C 962 80.68 -74.82 3.25
N LYS C 963 81.21 -73.89 4.04
CA LYS C 963 80.63 -72.54 4.14
C LYS C 963 80.79 -71.75 2.87
N MET C 964 82.02 -71.71 2.36
CA MET C 964 82.32 -71.00 1.12
C MET C 964 81.82 -71.85 -0.02
N GLY C 965 81.77 -71.26 -1.21
CA GLY C 965 81.35 -71.98 -2.41
C GLY C 965 82.27 -73.13 -2.81
N TYR C 966 83.56 -73.02 -2.48
CA TYR C 966 84.58 -73.91 -3.02
C TYR C 966 85.74 -74.15 -2.04
N GLU C 967 86.87 -74.66 -2.55
CA GLU C 967 88.05 -75.01 -1.75
C GLU C 967 88.90 -73.75 -1.50
N PRO C 968 89.16 -73.42 -0.22
CA PRO C 968 89.86 -72.19 0.14
C PRO C 968 91.37 -72.31 0.07
N THR C 969 92.04 -71.16 -0.06
CA THR C 969 93.50 -71.13 0.00
C THR C 969 93.93 -71.00 1.47
N GLU C 970 95.22 -71.19 1.72
CA GLU C 970 95.75 -71.18 3.08
C GLU C 970 95.44 -69.85 3.76
N LYS C 971 95.60 -68.76 3.02
CA LYS C 971 95.32 -67.39 3.48
C LYS C 971 93.85 -67.19 3.85
N ASP C 972 92.94 -67.60 2.97
CA ASP C 972 91.50 -67.52 3.23
C ASP C 972 91.15 -68.12 4.59
N VAL C 973 91.83 -69.19 4.95
CA VAL C 973 91.55 -69.90 6.21
C VAL C 973 91.96 -69.05 7.45
N ILE C 974 93.20 -68.52 7.50
CA ILE C 974 93.63 -67.73 8.69
C ILE C 974 92.66 -66.59 8.89
N SER C 975 92.42 -65.86 7.80
CA SER C 975 91.48 -64.75 7.81
C SER C 975 90.15 -65.14 8.45
N TYR C 976 89.58 -66.28 8.04
CA TYR C 976 88.32 -66.77 8.60
C TYR C 976 88.45 -66.97 10.12
N ILE C 977 89.54 -67.59 10.53
CA ILE C 977 89.80 -67.84 11.94
C ILE C 977 89.82 -66.51 12.73
N LEU C 978 90.55 -65.54 12.21
CA LEU C 978 90.73 -64.24 12.88
C LEU C 978 89.45 -63.43 12.90
N TYR C 979 88.75 -63.40 11.77
CA TYR C 979 87.52 -62.61 11.64
C TYR C 979 86.43 -63.43 10.96
N PRO C 980 85.79 -64.35 11.71
CA PRO C 980 84.85 -65.28 11.09
C PRO C 980 83.56 -64.62 10.65
N LYS C 981 82.96 -63.82 11.53
CA LYS C 981 81.70 -63.15 11.20
C LYS C 981 81.88 -62.34 9.92
N VAL C 982 82.96 -61.55 9.85
CA VAL C 982 83.17 -60.66 8.71
C VAL C 982 83.57 -61.40 7.44
N PHE C 983 84.34 -62.48 7.58
CA PHE C 983 84.86 -63.17 6.42
C PHE C 983 83.75 -63.80 5.59
N LEU C 984 82.80 -64.43 6.27
CA LEU C 984 81.62 -64.94 5.58
C LEU C 984 80.84 -63.78 4.98
N ASP C 985 80.62 -62.74 5.78
CA ASP C 985 79.90 -61.55 5.32
C ASP C 985 80.55 -60.99 4.06
N TYR C 986 81.88 -61.00 4.04
CA TYR C 986 82.66 -60.57 2.88
C TYR C 986 82.42 -61.48 1.69
N GLN C 987 82.49 -62.79 1.94
CA GLN C 987 82.19 -63.80 0.92
C GLN C 987 80.78 -63.62 0.34
N GLU C 988 79.77 -63.57 1.20
CA GLU C 988 78.38 -63.39 0.77
C GLU C 988 78.23 -62.13 -0.11
N MET C 989 78.97 -61.08 0.25
CA MET C 989 78.92 -59.80 -0.49
C MET C 989 79.64 -59.88 -1.82
N ILE C 990 80.76 -60.60 -1.83
CA ILE C 990 81.51 -60.77 -3.09
C ILE C 990 80.74 -61.66 -4.10
N ASN C 991 79.99 -62.64 -3.60
CA ASN C 991 79.15 -63.47 -4.47
C ASN C 991 78.05 -62.65 -5.12
N LYS C 992 77.46 -61.75 -4.34
CA LYS C 992 76.37 -60.89 -4.83
C LYS C 992 76.82 -59.88 -5.89
N TYR C 993 77.97 -59.23 -5.68
CA TYR C 993 78.42 -58.12 -6.53
C TYR C 993 79.74 -58.37 -7.28
N GLY C 994 80.41 -59.48 -6.99
CA GLY C 994 81.67 -59.80 -7.64
C GLY C 994 82.80 -58.99 -7.04
N ASP C 995 83.97 -59.08 -7.67
CA ASP C 995 85.17 -58.40 -7.15
C ASP C 995 85.10 -56.91 -7.41
N VAL C 996 84.72 -56.17 -6.36
CA VAL C 996 84.56 -54.72 -6.45
C VAL C 996 85.89 -53.98 -6.34
N THR C 997 86.91 -54.62 -5.76
CA THR C 997 88.24 -54.03 -5.67
C THR C 997 88.55 -53.16 -6.88
N VAL C 998 88.12 -53.62 -8.05
CA VAL C 998 88.44 -52.98 -9.34
C VAL C 998 87.81 -51.61 -9.65
N LEU C 999 86.65 -51.28 -9.08
CA LEU C 999 85.96 -50.05 -9.50
C LEU C 999 86.72 -48.81 -9.06
N ASP C 1000 86.71 -47.77 -9.89
CA ASP C 1000 87.31 -46.51 -9.47
C ASP C 1000 86.61 -46.06 -8.20
N THR C 1001 87.37 -45.47 -7.29
CA THR C 1001 86.86 -45.12 -5.98
C THR C 1001 85.57 -44.30 -6.03
N PRO C 1002 85.52 -43.20 -6.78
CA PRO C 1002 84.26 -42.45 -6.80
C PRO C 1002 83.05 -43.32 -7.15
N THR C 1003 83.17 -44.15 -8.18
CA THR C 1003 82.08 -45.04 -8.55
C THR C 1003 81.73 -46.01 -7.41
N PHE C 1004 82.74 -46.52 -6.71
CA PHE C 1004 82.53 -47.40 -5.55
C PHE C 1004 81.70 -46.77 -4.45
N TYR C 1005 81.98 -45.50 -4.12
CA TYR C 1005 81.27 -44.77 -3.04
C TYR C 1005 80.05 -43.99 -3.52
N LYS C 1006 80.03 -43.55 -4.78
CA LYS C 1006 78.97 -42.66 -5.26
C LYS C 1006 78.13 -43.21 -6.40
N GLY C 1007 78.48 -44.39 -6.90
CA GLY C 1007 77.74 -44.97 -8.02
C GLY C 1007 77.96 -44.19 -9.29
N MET C 1008 76.88 -43.94 -10.04
CA MET C 1008 76.98 -43.25 -11.33
C MET C 1008 75.97 -42.12 -11.48
N ARG C 1009 76.41 -41.07 -12.17
CA ARG C 1009 75.54 -39.98 -12.58
C ARG C 1009 74.81 -40.40 -13.84
N LEU C 1010 73.69 -39.73 -14.12
CA LEU C 1010 72.92 -40.02 -15.34
C LEU C 1010 73.64 -39.59 -16.59
N GLY C 1011 73.69 -40.50 -17.57
CA GLY C 1011 74.34 -40.23 -18.84
C GLY C 1011 75.84 -40.34 -18.74
N GLU C 1012 76.32 -40.78 -17.58
CA GLU C 1012 77.74 -40.93 -17.35
C GLU C 1012 78.16 -42.24 -18.00
N THR C 1013 79.39 -42.28 -18.48
CA THR C 1013 79.98 -43.51 -18.98
C THR C 1013 81.30 -43.74 -18.29
N ILE C 1014 81.55 -44.96 -17.86
CA ILE C 1014 82.78 -45.31 -17.16
C ILE C 1014 83.32 -46.61 -17.75
N GLU C 1015 84.60 -46.88 -17.50
CA GLU C 1015 85.19 -48.16 -17.89
C GLU C 1015 85.72 -48.84 -16.64
N VAL C 1016 85.59 -50.16 -16.56
CA VAL C 1016 86.15 -50.88 -15.42
C VAL C 1016 86.97 -52.08 -15.90
N GLU C 1017 88.20 -52.21 -15.42
CA GLU C 1017 89.09 -53.30 -15.83
C GLU C 1017 88.99 -54.43 -14.84
N LEU C 1018 88.26 -55.47 -15.22
CA LEU C 1018 88.09 -56.67 -14.38
C LEU C 1018 89.35 -57.54 -14.25
N GLU C 1019 90.19 -57.49 -15.28
CA GLU C 1019 91.37 -58.36 -15.40
C GLU C 1019 92.21 -57.76 -16.52
N LYS C 1020 93.44 -58.21 -16.71
CA LYS C 1020 94.23 -57.66 -17.82
C LYS C 1020 93.47 -57.86 -19.13
N GLY C 1021 93.19 -56.75 -19.81
CA GLY C 1021 92.57 -56.78 -21.14
C GLY C 1021 91.07 -56.95 -21.20
N LYS C 1022 90.42 -57.01 -20.04
CA LYS C 1022 88.98 -57.17 -19.96
C LYS C 1022 88.31 -55.94 -19.37
N ILE C 1023 87.84 -55.04 -20.22
CA ILE C 1023 87.30 -53.76 -19.83
C ILE C 1023 85.82 -53.73 -20.12
N LEU C 1024 85.01 -53.26 -19.17
CA LEU C 1024 83.57 -53.06 -19.40
C LEU C 1024 83.32 -51.60 -19.64
N LEU C 1025 82.82 -51.25 -20.82
CA LEU C 1025 82.31 -49.92 -21.02
C LEU C 1025 80.91 -49.94 -20.44
N ILE C 1026 80.62 -49.01 -19.53
CA ILE C 1026 79.33 -48.94 -18.86
C ILE C 1026 78.77 -47.52 -18.88
N LYS C 1027 77.54 -47.40 -19.35
CA LYS C 1027 76.84 -46.13 -19.33
C LYS C 1027 75.51 -46.32 -18.63
N LEU C 1028 75.12 -45.31 -17.86
CA LEU C 1028 73.81 -45.26 -17.24
C LEU C 1028 73.01 -44.22 -17.99
N ASN C 1029 71.88 -44.66 -18.54
CA ASN C 1029 71.01 -43.82 -19.34
C ASN C 1029 69.93 -43.13 -18.52
N SER C 1030 69.17 -43.94 -17.80
CA SER C 1030 68.12 -43.44 -16.92
C SER C 1030 67.72 -44.47 -15.87
N ILE C 1031 66.94 -44.00 -14.90
CA ILE C 1031 66.50 -44.82 -13.77
C ILE C 1031 64.98 -44.94 -13.78
N GLY C 1032 64.52 -46.19 -13.66
CA GLY C 1032 63.10 -46.51 -13.70
C GLY C 1032 62.34 -45.94 -12.52
N GLU C 1033 61.02 -45.90 -12.65
CA GLU C 1033 60.14 -45.39 -11.62
C GLU C 1033 59.79 -46.54 -10.67
N PRO C 1034 59.59 -46.26 -9.38
CA PRO C 1034 59.33 -47.39 -8.50
C PRO C 1034 57.97 -48.01 -8.78
N ILE C 1035 57.83 -49.30 -8.47
CA ILE C 1035 56.55 -49.99 -8.58
C ILE C 1035 55.99 -50.22 -7.16
N ALA C 1036 55.12 -51.21 -7.02
CA ALA C 1036 54.39 -51.44 -5.78
C ALA C 1036 55.31 -51.68 -4.60
N ASP C 1037 56.15 -52.70 -4.73
CA ASP C 1037 57.05 -53.08 -3.64
C ASP C 1037 58.38 -52.29 -3.62
N GLY C 1038 58.43 -51.14 -4.29
CA GLY C 1038 59.61 -50.26 -4.23
C GLY C 1038 60.68 -50.51 -5.29
N THR C 1039 60.69 -51.71 -5.87
CA THR C 1039 61.60 -52.06 -6.96
C THR C 1039 61.51 -51.08 -8.13
N ARG C 1040 62.66 -50.76 -8.70
CA ARG C 1040 62.72 -50.01 -9.95
C ARG C 1040 63.84 -50.49 -10.86
N VAL C 1041 63.58 -50.41 -12.16
CA VAL C 1041 64.51 -50.88 -13.17
C VAL C 1041 65.51 -49.78 -13.47
N ILE C 1042 66.79 -50.11 -13.45
CA ILE C 1042 67.84 -49.18 -13.86
C ILE C 1042 68.22 -49.50 -15.30
N TYR C 1043 68.35 -48.46 -16.13
CA TYR C 1043 68.66 -48.63 -17.56
C TYR C 1043 70.12 -48.33 -17.94
N PHE C 1044 70.84 -49.41 -18.29
CA PHE C 1044 72.28 -49.36 -18.58
C PHE C 1044 72.61 -49.67 -20.04
N GLU C 1045 73.86 -49.37 -20.42
CA GLU C 1045 74.48 -49.90 -21.63
C GLU C 1045 75.82 -50.53 -21.24
N LEU C 1046 75.81 -51.84 -21.00
CA LEU C 1046 77.05 -52.57 -20.76
C LEU C 1046 77.62 -53.01 -22.09
N ASN C 1047 78.74 -52.42 -22.47
CA ASN C 1047 79.38 -52.73 -23.75
C ASN C 1047 78.52 -52.28 -24.94
N GLY C 1048 77.92 -51.09 -24.83
CA GLY C 1048 77.02 -50.58 -25.88
C GLY C 1048 75.66 -51.27 -25.97
N GLN C 1049 75.58 -52.51 -25.46
CA GLN C 1049 74.35 -53.29 -25.47
C GLN C 1049 73.47 -52.85 -24.34
N PRO C 1050 72.23 -52.43 -24.64
CA PRO C 1050 71.42 -52.03 -23.52
C PRO C 1050 71.12 -53.20 -22.59
N ARG C 1051 71.11 -52.91 -21.30
CA ARG C 1051 70.76 -53.87 -20.28
C ARG C 1051 69.80 -53.19 -19.33
N GLU C 1052 69.11 -54.00 -18.54
CA GLU C 1052 68.15 -53.50 -17.58
C GLU C 1052 68.20 -54.36 -16.33
N ILE C 1053 68.34 -53.72 -15.17
CA ILE C 1053 68.31 -54.46 -13.90
C ILE C 1053 67.49 -53.76 -12.84
N ASN C 1054 66.91 -54.59 -11.98
CA ASN C 1054 66.06 -54.15 -10.90
C ASN C 1054 66.84 -53.97 -9.62
N ILE C 1055 66.69 -52.78 -9.04
CA ILE C 1055 67.22 -52.50 -7.72
C ILE C 1055 66.06 -52.03 -6.85
N GLN C 1056 65.98 -52.58 -5.65
CA GLN C 1056 64.92 -52.22 -4.73
C GLN C 1056 65.23 -50.94 -3.99
N ASP C 1057 64.39 -49.93 -4.18
CA ASP C 1057 64.54 -48.67 -3.47
C ASP C 1057 64.23 -48.88 -2.00
N MET C 1058 64.90 -48.14 -1.13
CA MET C 1058 64.77 -48.34 0.32
C MET C 1058 63.90 -47.27 1.00
N ASN C 1059 64.04 -46.03 0.53
CA ASN C 1059 63.20 -44.92 0.94
C ASN C 1059 62.79 -44.12 -0.31
N VAL C 1060 61.49 -43.92 -0.51
CA VAL C 1060 61.03 -42.99 -1.55
C VAL C 1060 61.44 -41.59 -1.12
N MET D 1 15.49 10.77 21.82
CA MET D 1 15.56 11.46 20.48
C MET D 1 14.22 11.44 19.74
N ASN D 2 13.87 12.54 19.10
CA ASN D 2 12.47 12.74 18.65
C ASN D 2 12.13 12.45 17.19
N ARG D 3 12.34 13.40 16.28
CA ARG D 3 11.91 13.22 14.88
C ARG D 3 13.02 12.80 13.88
N ILE D 4 14.29 12.85 14.28
CA ILE D 4 15.39 12.21 13.51
C ILE D 4 15.64 10.78 13.97
N LYS D 5 15.29 9.82 13.12
CA LYS D 5 15.52 8.41 13.40
C LYS D 5 16.77 7.92 12.67
N LYS D 6 17.13 8.58 11.58
CA LYS D 6 18.26 8.17 10.76
C LYS D 6 18.87 9.38 10.08
N VAL D 7 20.19 9.41 9.97
CA VAL D 7 20.89 10.59 9.43
C VAL D 7 21.98 10.23 8.43
N LEU D 8 22.07 11.05 7.39
CA LEU D 8 23.08 10.87 6.39
C LEU D 8 24.25 11.83 6.66
N VAL D 9 25.46 11.34 6.47
CA VAL D 9 26.66 12.09 6.75
C VAL D 9 27.33 12.44 5.45
N ALA D 10 27.01 13.63 4.94
CA ALA D 10 27.42 14.09 3.61
C ALA D 10 28.87 14.59 3.58
N ASN D 11 29.74 13.74 4.08
CA ASN D 11 31.16 14.04 4.18
C ASN D 11 31.96 12.74 4.32
N ARG D 12 33.28 12.92 4.40
CA ARG D 12 34.24 11.85 4.51
C ARG D 12 35.10 12.05 5.74
N GLY D 13 35.97 11.08 6.01
CA GLY D 13 37.09 11.26 6.94
C GLY D 13 36.73 11.62 8.37
N GLU D 14 37.75 12.05 9.11
CA GLU D 14 37.61 12.36 10.54
C GLU D 14 36.25 12.89 10.92
N ILE D 15 35.82 13.93 10.23
CA ILE D 15 34.59 14.64 10.58
C ILE D 15 33.37 13.77 10.41
N ALA D 16 33.38 12.96 9.34
CA ALA D 16 32.29 12.05 9.06
C ALA D 16 32.15 11.14 10.26
N ILE D 17 33.26 10.58 10.69
CA ILE D 17 33.23 9.62 11.77
C ILE D 17 32.68 10.26 13.04
N ARG D 18 33.18 11.45 13.41
CA ARG D 18 32.74 12.12 14.62
C ARG D 18 31.22 12.23 14.68
N VAL D 19 30.61 12.49 13.53
CA VAL D 19 29.15 12.60 13.45
C VAL D 19 28.48 11.26 13.71
N MET D 20 29.00 10.23 13.06
CA MET D 20 28.48 8.89 13.22
C MET D 20 28.50 8.50 14.69
N ARG D 21 29.61 8.82 15.34
CA ARG D 21 29.75 8.53 16.74
C ARG D 21 28.67 9.24 17.52
N ALA D 22 28.42 10.50 17.18
CA ALA D 22 27.39 11.25 17.87
C ALA D 22 26.02 10.59 17.71
N CYS D 23 25.69 10.19 16.49
CA CYS D 23 24.39 9.61 16.20
C CYS D 23 24.22 8.32 17.00
N THR D 24 25.17 7.43 16.84
CA THR D 24 25.09 6.17 17.51
C THR D 24 24.91 6.39 19.01
N GLU D 25 25.64 7.35 19.57
CA GLU D 25 25.48 7.66 20.99
C GLU D 25 24.03 8.06 21.27
N LEU D 26 23.35 8.62 20.27
CA LEU D 26 21.93 9.01 20.40
C LEU D 26 20.93 8.03 19.75
N LYS D 27 21.34 6.78 19.53
CA LYS D 27 20.43 5.78 18.99
C LYS D 27 19.87 6.15 17.61
N ILE D 28 20.62 6.94 16.87
CA ILE D 28 20.24 7.35 15.54
C ILE D 28 21.02 6.55 14.51
N LYS D 29 20.32 5.88 13.61
CA LYS D 29 20.98 5.16 12.52
C LYS D 29 21.79 6.13 11.64
N THR D 30 22.85 5.63 11.02
CA THR D 30 23.73 6.48 10.21
C THR D 30 23.99 5.90 8.83
N VAL D 31 24.16 6.79 7.86
CA VAL D 31 24.39 6.38 6.48
C VAL D 31 25.60 7.14 5.98
N ALA D 32 26.55 6.45 5.36
CA ALA D 32 27.80 7.09 4.91
C ALA D 32 27.78 7.20 3.43
N ILE D 33 28.64 8.05 2.89
CA ILE D 33 28.78 8.17 1.43
C ILE D 33 30.25 8.28 1.04
N TYR D 34 30.65 7.55 0.02
CA TYR D 34 32.07 7.47 -0.33
C TYR D 34 32.22 7.64 -1.80
N SER D 35 33.28 8.31 -2.21
CA SER D 35 33.62 8.44 -3.61
C SER D 35 34.35 7.19 -4.04
N GLN D 36 34.57 7.06 -5.34
CA GLN D 36 35.24 5.90 -5.88
C GLN D 36 36.60 5.77 -5.25
N GLU D 37 37.28 6.89 -5.08
CA GLU D 37 38.65 6.89 -4.54
C GLU D 37 38.66 6.62 -3.04
N ASP D 38 37.47 6.62 -2.42
CA ASP D 38 37.29 6.44 -0.98
C ASP D 38 36.58 5.15 -0.59
N THR D 39 36.54 4.18 -1.50
CA THR D 39 36.04 2.84 -1.20
C THR D 39 36.83 2.26 -0.03
N GLY D 40 38.06 2.73 0.11
CA GLY D 40 38.96 2.30 1.17
C GLY D 40 38.86 3.03 2.49
N SER D 41 38.37 4.27 2.49
CA SER D 41 38.39 5.10 3.72
C SER D 41 37.52 4.55 4.82
N PHE D 42 38.06 4.44 6.03
CA PHE D 42 37.42 3.60 7.05
C PHE D 42 36.26 4.32 7.74
N HIS D 43 35.97 5.53 7.26
CA HIS D 43 34.71 6.22 7.64
C HIS D 43 33.49 5.53 7.08
N ARG D 44 33.64 4.90 5.92
CA ARG D 44 32.53 4.21 5.28
C ARG D 44 32.19 2.88 6.00
N TYR D 45 33.17 2.27 6.64
CA TYR D 45 32.91 1.07 7.40
C TYR D 45 32.34 1.40 8.80
N LYS D 46 32.54 2.62 9.26
CA LYS D 46 32.02 3.04 10.58
C LYS D 46 30.53 3.37 10.65
N SER D 47 29.84 3.40 9.52
CA SER D 47 28.39 3.68 9.52
C SER D 47 27.57 2.41 9.62
N ASP D 48 26.26 2.58 9.76
CA ASP D 48 25.31 1.48 9.70
C ASP D 48 25.01 1.05 8.25
N GLU D 49 25.13 1.99 7.31
CA GLU D 49 24.99 1.72 5.87
C GLU D 49 25.92 2.63 5.08
N ALA D 50 26.24 2.27 3.87
CA ALA D 50 27.03 3.14 3.01
C ALA D 50 26.80 2.93 1.51
N TYR D 51 26.91 4.02 0.76
CA TYR D 51 26.71 4.00 -0.67
C TYR D 51 27.78 4.82 -1.37
N LEU D 52 28.17 4.37 -2.55
CA LEU D 52 29.02 5.20 -3.41
C LEU D 52 28.21 6.43 -3.83
N VAL D 53 28.87 7.56 -4.04
CA VAL D 53 28.20 8.77 -4.50
C VAL D 53 28.72 9.24 -5.86
N GLY D 54 29.92 9.81 -5.92
CA GLY D 54 30.31 10.59 -7.09
C GLY D 54 30.80 9.71 -8.20
N ALA D 55 29.85 9.12 -8.91
CA ALA D 55 30.16 8.10 -9.91
C ALA D 55 30.72 8.77 -11.16
N GLY D 56 31.88 8.29 -11.63
CA GLY D 56 32.54 8.88 -12.77
C GLY D 56 33.05 10.31 -12.56
N LYS D 57 32.77 10.89 -11.39
CA LYS D 57 33.15 12.27 -11.12
C LYS D 57 34.61 12.38 -10.68
N LYS D 58 35.20 13.55 -10.91
CA LYS D 58 36.54 13.83 -10.39
C LYS D 58 36.46 13.76 -8.86
N PRO D 59 37.55 13.33 -8.20
CA PRO D 59 37.44 12.92 -6.81
C PRO D 59 36.85 13.96 -5.86
N ILE D 60 37.22 15.22 -6.02
CA ILE D 60 36.68 16.25 -5.12
C ILE D 60 35.22 16.56 -5.49
N ASP D 61 34.94 16.60 -6.79
CA ASP D 61 33.58 16.85 -7.31
C ASP D 61 32.54 15.85 -6.80
N ALA D 62 33.02 14.66 -6.46
CA ALA D 62 32.17 13.53 -6.08
C ALA D 62 31.33 13.77 -4.83
N TYR D 63 31.88 14.46 -3.83
CA TYR D 63 31.18 14.74 -2.57
C TYR D 63 30.32 15.98 -2.65
N LEU D 64 30.32 16.60 -3.84
CA LEU D 64 29.50 17.78 -4.11
C LEU D 64 28.35 17.51 -5.06
N ASP D 65 28.16 16.25 -5.49
CA ASP D 65 27.02 15.90 -6.34
C ASP D 65 25.75 15.99 -5.51
N ILE D 66 25.28 17.22 -5.36
CA ILE D 66 24.17 17.56 -4.49
C ILE D 66 23.04 16.62 -4.80
N GLU D 67 22.58 16.66 -6.04
CA GLU D 67 21.37 15.92 -6.44
C GLU D 67 21.47 14.44 -6.11
N ASN D 68 22.59 13.83 -6.50
CA ASN D 68 22.88 12.43 -6.16
C ASN D 68 22.67 12.17 -4.68
N ILE D 69 23.30 12.98 -3.84
CA ILE D 69 23.21 12.84 -2.41
C ILE D 69 21.75 12.84 -1.91
N ILE D 70 20.91 13.71 -2.46
CA ILE D 70 19.50 13.73 -2.04
C ILE D 70 18.80 12.45 -2.45
N GLU D 71 19.03 11.99 -3.68
CA GLU D 71 18.42 10.71 -4.09
C GLU D 71 18.88 9.64 -3.11
N ILE D 72 20.17 9.61 -2.82
CA ILE D 72 20.72 8.65 -1.83
C ILE D 72 20.05 8.85 -0.48
N ALA D 73 19.87 10.11 -0.10
CA ALA D 73 19.23 10.44 1.18
C ALA D 73 17.79 9.94 1.22
N LYS D 74 17.09 10.15 0.11
CA LYS D 74 15.69 9.79 -0.01
C LYS D 74 15.53 8.25 -0.05
N GLU D 75 16.34 7.59 -0.87
CA GLU D 75 16.31 6.11 -0.97
C GLU D 75 16.66 5.41 0.35
N SER D 76 17.57 6.03 1.11
CA SER D 76 18.00 5.50 2.42
C SER D 76 16.92 5.59 3.51
N GLY D 77 16.03 6.58 3.42
CA GLY D 77 15.06 6.85 4.47
C GLY D 77 15.59 7.85 5.48
N ALA D 78 16.65 8.55 5.10
CA ALA D 78 17.32 9.48 5.99
C ALA D 78 16.46 10.70 6.33
N ASP D 79 16.15 10.84 7.61
CA ASP D 79 15.36 11.98 8.10
C ASP D 79 16.12 13.31 8.00
N ALA D 80 17.45 13.25 7.99
CA ALA D 80 18.26 14.45 8.00
C ALA D 80 19.66 14.24 7.42
N ILE D 81 20.34 15.34 7.12
CA ILE D 81 21.68 15.29 6.53
C ILE D 81 22.63 16.23 7.23
N HIS D 82 23.78 15.70 7.61
CA HIS D 82 24.84 16.47 8.28
C HIS D 82 26.01 16.60 7.35
N PRO D 83 26.35 17.83 6.97
CA PRO D 83 27.34 18.04 5.91
C PRO D 83 28.76 18.21 6.42
N GLY D 84 28.89 18.18 7.74
CA GLY D 84 30.19 18.23 8.41
C GLY D 84 30.81 19.60 8.25
N TYR D 85 32.03 19.62 7.71
CA TYR D 85 32.71 20.85 7.35
C TYR D 85 33.43 20.69 6.04
N GLY D 86 33.65 21.80 5.35
CA GLY D 86 34.14 21.79 3.97
C GLY D 86 33.06 21.22 3.06
N PHE D 87 33.42 20.95 1.81
CA PHE D 87 32.46 20.40 0.84
C PHE D 87 31.15 21.20 0.86
N LEU D 88 30.04 20.55 1.14
CA LEU D 88 28.74 21.20 1.02
C LEU D 88 28.27 21.81 2.33
N SER D 89 29.18 21.94 3.29
CA SER D 89 28.84 22.49 4.62
C SER D 89 28.19 23.86 4.52
N GLU D 90 28.73 24.71 3.64
CA GLU D 90 28.27 26.09 3.48
C GLU D 90 27.49 26.35 2.19
N ASN D 91 27.44 25.39 1.28
CA ASN D 91 26.74 25.52 0.00
C ASN D 91 25.22 25.77 0.17
N ILE D 92 24.77 26.91 -0.34
CA ILE D 92 23.37 27.32 -0.18
C ILE D 92 22.42 26.41 -0.94
N GLU D 93 22.72 26.19 -2.22
CA GLU D 93 21.83 25.42 -3.10
C GLU D 93 21.41 24.11 -2.44
N PHE D 94 22.39 23.41 -1.87
CA PHE D 94 22.17 22.17 -1.10
C PHE D 94 21.31 22.43 0.12
N ALA D 95 21.69 23.42 0.92
CA ALA D 95 20.91 23.77 2.11
C ALA D 95 19.44 23.96 1.76
N ARG D 96 19.17 24.81 0.76
CA ARG D 96 17.81 25.03 0.27
C ARG D 96 17.17 23.71 -0.15
N ARG D 97 17.90 22.99 -0.98
CA ARG D 97 17.42 21.77 -1.62
C ARG D 97 16.94 20.72 -0.61
N CYS D 98 17.59 20.68 0.56
CA CYS D 98 17.15 19.81 1.64
C CYS D 98 15.76 20.20 2.10
N GLU D 99 15.60 21.49 2.35
CA GLU D 99 14.35 22.07 2.83
C GLU D 99 13.23 21.79 1.82
N GLN D 100 13.55 21.93 0.54
CA GLN D 100 12.64 21.60 -0.56
C GLN D 100 12.09 20.17 -0.47
N GLU D 101 12.97 19.21 -0.22
CA GLU D 101 12.58 17.80 -0.11
C GLU D 101 12.15 17.38 1.29
N GLY D 102 12.16 18.33 2.22
CA GLY D 102 11.73 18.05 3.59
C GLY D 102 12.74 17.26 4.41
N ILE D 103 13.94 17.10 3.88
CA ILE D 103 15.05 16.55 4.65
C ILE D 103 15.56 17.62 5.59
N ILE D 104 15.66 17.29 6.88
CA ILE D 104 16.25 18.20 7.86
C ILE D 104 17.70 18.38 7.56
N PHE D 105 18.17 19.62 7.65
CA PHE D 105 19.55 19.94 7.37
C PHE D 105 20.17 20.35 8.70
N VAL D 106 21.19 19.62 9.13
CA VAL D 106 21.84 19.90 10.42
C VAL D 106 22.80 21.07 10.28
N GLY D 107 22.30 22.24 10.67
CA GLY D 107 23.02 23.50 10.54
C GLY D 107 22.05 24.66 10.47
N PRO D 108 22.54 25.86 10.12
CA PRO D 108 21.65 27.01 10.11
C PRO D 108 20.71 26.99 8.92
N LYS D 109 19.73 27.89 8.93
CA LYS D 109 18.82 28.12 7.79
C LYS D 109 19.63 28.68 6.61
N SER D 110 19.21 28.39 5.38
CA SER D 110 19.96 28.83 4.19
C SER D 110 20.13 30.35 4.11
N LYS D 111 19.15 31.10 4.64
CA LYS D 111 19.26 32.56 4.76
C LYS D 111 20.55 32.96 5.51
N HIS D 112 20.90 32.18 6.54
CA HIS D 112 22.12 32.41 7.32
C HIS D 112 23.37 32.19 6.47
N LEU D 113 23.40 31.10 5.71
CA LEU D 113 24.55 30.83 4.85
C LEU D 113 24.65 31.88 3.75
N ASP D 114 23.50 32.38 3.31
CA ASP D 114 23.42 33.40 2.27
C ASP D 114 24.12 34.66 2.73
N MET D 115 23.70 35.16 3.90
CA MET D 115 24.30 36.39 4.45
C MET D 115 25.80 36.26 4.70
N PHE D 116 26.26 35.07 5.08
CA PHE D 116 27.67 34.87 5.36
C PHE D 116 28.42 34.22 4.20
N GLY D 117 27.70 33.91 3.11
CA GLY D 117 28.30 33.30 1.93
C GLY D 117 29.61 33.93 1.50
N ASP D 118 29.58 35.24 1.26
CA ASP D 118 30.80 35.98 0.92
C ASP D 118 31.34 36.65 2.18
N LYS D 119 32.64 36.91 2.22
CA LYS D 119 33.27 37.56 3.37
C LYS D 119 32.73 39.00 3.53
N ILE D 120 32.44 39.64 2.40
CA ILE D 120 31.97 41.03 2.39
C ILE D 120 30.57 41.20 3.01
N LYS D 121 29.66 40.26 2.77
CA LYS D 121 28.27 40.41 3.18
C LYS D 121 28.16 40.12 4.68
N ALA D 122 29.15 39.40 5.18
CA ALA D 122 29.28 39.14 6.62
C ALA D 122 29.86 40.35 7.33
N LYS D 123 30.99 40.86 6.85
CA LYS D 123 31.56 42.08 7.40
C LYS D 123 30.48 43.17 7.41
N GLU D 124 29.69 43.21 6.35
CA GLU D 124 28.52 44.09 6.27
C GLU D 124 27.58 43.79 7.43
N GLN D 125 27.21 42.52 7.55
CA GLN D 125 26.33 42.04 8.63
C GLN D 125 26.90 42.29 10.02
N ALA D 126 28.22 42.40 10.11
CA ALA D 126 28.88 42.70 11.37
C ALA D 126 28.58 44.12 11.84
N LEU D 127 28.66 45.11 10.95
CA LEU D 127 28.36 46.48 11.42
C LEU D 127 26.92 46.61 11.84
N LEU D 128 26.00 45.96 11.12
CA LEU D 128 24.57 46.02 11.47
C LEU D 128 24.35 45.54 12.91
N ALA D 129 25.12 44.55 13.33
CA ALA D 129 25.12 44.10 14.71
C ALA D 129 25.82 45.09 15.65
N ASP D 130 26.59 46.00 15.08
CA ASP D 130 27.27 47.05 15.83
C ASP D 130 28.37 46.45 16.70
N ILE D 131 29.40 45.93 16.02
CA ILE D 131 30.57 45.33 16.66
C ILE D 131 31.81 45.80 15.91
N PRO D 132 33.00 45.72 16.55
CA PRO D 132 34.25 46.19 15.92
C PRO D 132 34.59 45.47 14.63
N VAL D 133 35.13 46.19 13.65
CA VAL D 133 35.51 45.63 12.34
C VAL D 133 36.86 46.24 11.87
N ILE D 134 37.53 45.57 10.93
CA ILE D 134 38.78 46.08 10.35
C ILE D 134 38.44 47.21 9.37
N PRO D 135 39.26 48.28 9.33
CA PRO D 135 39.00 49.31 8.32
C PRO D 135 39.37 48.80 6.93
N GLY D 136 38.41 48.86 6.01
CA GLY D 136 38.60 48.36 4.66
C GLY D 136 37.70 49.04 3.65
N SER D 137 37.78 48.56 2.40
CA SER D 137 36.95 49.09 1.32
C SER D 137 35.47 48.82 1.56
N ASN D 138 34.64 49.87 1.40
CA ASN D 138 33.19 49.81 1.69
C ASN D 138 32.41 48.91 0.71
N GLY D 139 33.02 48.61 -0.42
CA GLY D 139 32.59 47.52 -1.29
C GLY D 139 33.79 46.63 -1.61
N PRO D 140 33.59 45.63 -2.47
CA PRO D 140 34.73 44.85 -2.99
C PRO D 140 35.61 45.71 -3.89
N VAL D 141 36.93 45.63 -3.72
CA VAL D 141 37.87 46.54 -4.41
C VAL D 141 38.09 46.06 -5.83
N ALA D 142 37.12 46.36 -6.67
CA ALA D 142 37.07 45.83 -8.05
C ALA D 142 38.17 46.38 -8.97
N GLY D 143 38.51 47.66 -8.80
CA GLY D 143 39.53 48.25 -9.66
C GLY D 143 40.94 47.77 -9.34
N ILE D 144 41.75 47.53 -10.38
CA ILE D 144 43.22 47.30 -10.29
C ILE D 144 43.87 48.65 -9.94
N LYS D 145 44.50 48.78 -8.76
CA LYS D 145 45.23 50.01 -8.40
C LYS D 145 44.27 51.11 -7.92
N GLU D 146 42.97 50.78 -7.86
CA GLU D 146 41.98 51.54 -7.09
C GLU D 146 42.47 51.57 -5.65
N VAL D 147 43.32 50.58 -5.35
CA VAL D 147 43.97 50.42 -4.05
C VAL D 147 44.79 51.63 -3.69
N GLU D 148 45.69 52.05 -4.59
CA GLU D 148 46.65 53.09 -4.26
C GLU D 148 45.92 54.34 -3.71
N GLU D 149 44.79 54.70 -4.35
CA GLU D 149 43.92 55.77 -3.85
C GLU D 149 43.33 55.43 -2.49
N PHE D 150 42.77 54.22 -2.39
CA PHE D 150 42.28 53.71 -1.11
C PHE D 150 43.47 53.47 -0.16
N GLY D 151 44.62 53.10 -0.71
CA GLY D 151 45.84 52.79 0.06
C GLY D 151 46.54 54.01 0.63
N GLU D 152 46.48 55.12 -0.11
CA GLU D 152 47.02 56.39 0.37
C GLU D 152 46.16 56.83 1.56
N LYS D 153 44.83 56.77 1.40
CA LYS D 153 43.86 57.04 2.47
C LYS D 153 43.89 55.98 3.59
N ASN D 154 44.05 54.70 3.23
CA ASN D 154 44.01 53.60 4.19
C ASN D 154 45.38 53.49 4.88
N PRO D 157 51.10 49.25 5.22
CA PRO D 157 50.93 47.83 4.91
C PRO D 157 49.46 47.50 4.71
N LEU D 158 49.08 46.80 3.63
CA LEU D 158 47.70 46.30 3.43
C LEU D 158 47.65 44.84 3.02
N MET D 159 46.57 44.16 3.42
CA MET D 159 46.30 42.78 2.98
C MET D 159 45.14 42.79 2.01
N ILE D 160 45.22 41.93 1.00
CA ILE D 160 44.14 41.74 0.02
C ILE D 160 43.48 40.36 0.21
N LYS D 161 42.15 40.33 0.22
CA LYS D 161 41.37 39.11 0.50
C LYS D 161 40.23 38.91 -0.50
N ALA D 162 39.91 37.67 -0.84
CA ALA D 162 38.75 37.36 -1.70
C ALA D 162 37.50 36.94 -0.90
N SER D 163 36.36 36.80 -1.58
CA SER D 163 35.21 36.09 -0.99
C SER D 163 35.57 34.58 -0.88
N LEU D 164 35.73 34.05 0.35
CA LEU D 164 35.98 32.60 0.52
C LEU D 164 34.68 31.81 0.82
N ARG D 172 46.55 37.73 0.03
CA ARG D 172 47.97 38.11 0.02
C ARG D 172 48.28 39.50 0.63
N VAL D 173 49.53 39.66 1.11
CA VAL D 173 49.97 40.84 1.87
C VAL D 173 50.76 41.87 1.05
N VAL D 174 50.58 43.15 1.41
CA VAL D 174 51.26 44.28 0.75
C VAL D 174 51.83 45.31 1.74
N GLU D 175 53.04 45.83 1.47
CA GLU D 175 53.63 46.98 2.23
C GLU D 175 53.64 48.29 1.35
N SER D 176 52.85 48.29 0.27
CA SER D 176 52.52 49.44 -0.60
C SER D 176 53.58 49.68 -1.70
N LYS D 177 53.42 50.77 -2.46
CA LYS D 177 54.35 51.13 -3.53
C LYS D 177 54.30 50.14 -4.71
N GLU D 178 55.46 49.63 -5.12
CA GLU D 178 55.56 48.71 -6.26
C GLU D 178 54.92 47.34 -6.02
N HIS D 179 54.83 46.94 -4.75
CA HIS D 179 54.38 45.59 -4.37
C HIS D 179 52.94 45.38 -4.80
N VAL D 180 52.17 46.47 -4.77
CA VAL D 180 50.74 46.46 -5.10
C VAL D 180 50.50 45.72 -6.41
N LYS D 181 51.30 46.04 -7.43
CA LYS D 181 51.20 45.40 -8.75
C LYS D 181 51.31 43.89 -8.62
N GLU D 182 52.43 43.43 -8.08
CA GLU D 182 52.79 42.00 -7.94
C GLU D 182 51.72 41.17 -7.18
N SER D 183 51.09 41.76 -6.17
CA SER D 183 50.13 41.04 -5.32
C SER D 183 48.75 40.82 -5.96
N PHE D 184 48.16 41.84 -6.56
CA PHE D 184 46.83 41.71 -7.13
C PHE D 184 46.73 40.70 -8.28
N GLU D 185 47.60 40.82 -9.29
CA GLU D 185 47.47 39.93 -10.46
C GLU D 185 47.45 38.47 -10.04
N ARG D 186 48.22 38.12 -9.00
CA ARG D 186 48.26 36.73 -8.50
C ARG D 186 47.16 36.45 -7.48
N ALA D 187 46.80 37.44 -6.66
CA ALA D 187 45.71 37.29 -5.69
C ALA D 187 44.38 36.99 -6.38
N SER D 188 43.96 37.87 -7.27
CA SER D 188 42.71 37.68 -8.00
C SER D 188 42.74 36.47 -8.95
N SER D 189 43.92 36.13 -9.47
CA SER D 189 44.08 34.93 -10.30
C SER D 189 44.03 33.66 -9.44
N GLU D 190 44.68 33.70 -8.28
CA GLU D 190 44.59 32.61 -7.30
C GLU D 190 43.16 32.38 -6.86
N ALA D 191 42.43 33.48 -6.63
CA ALA D 191 41.01 33.42 -6.27
C ALA D 191 40.16 32.85 -7.42
N LYS D 192 40.50 33.17 -8.66
CA LYS D 192 39.86 32.57 -9.85
C LYS D 192 40.24 31.09 -10.03
N ALA D 193 41.50 30.77 -9.79
CA ALA D 193 42.00 29.40 -9.87
C ALA D 193 41.40 28.54 -8.75
N ALA D 194 41.36 29.09 -7.53
CA ALA D 194 40.82 28.40 -6.37
C ALA D 194 39.29 28.31 -6.45
N PHE D 195 38.64 29.46 -6.67
CA PHE D 195 37.15 29.53 -6.69
C PHE D 195 36.67 30.09 -8.03
N GLY D 196 35.35 30.14 -8.21
CA GLY D 196 34.76 30.71 -9.42
C GLY D 196 35.09 32.18 -9.62
N ASN D 197 34.97 32.95 -8.55
CA ASN D 197 35.09 34.42 -8.60
C ASN D 197 36.51 34.93 -8.38
N ASP D 198 36.82 36.07 -9.01
CA ASP D 198 38.08 36.79 -8.80
C ASP D 198 37.83 37.98 -7.88
N GLU D 199 36.59 38.18 -7.45
CA GLU D 199 36.22 39.35 -6.65
C GLU D 199 37.12 39.40 -5.42
N VAL D 200 37.75 40.55 -5.19
CA VAL D 200 38.72 40.71 -4.13
C VAL D 200 38.42 41.96 -3.29
N TYR D 201 38.51 41.84 -1.97
CA TYR D 201 38.35 42.97 -1.02
C TYR D 201 39.67 43.32 -0.33
N VAL D 202 39.74 44.49 0.29
CA VAL D 202 40.95 44.92 1.00
C VAL D 202 40.69 45.61 2.33
N GLU D 203 41.54 45.26 3.29
CA GLU D 203 41.51 45.84 4.63
C GLU D 203 42.91 46.22 5.12
N LYS D 204 42.93 47.07 6.17
CA LYS D 204 44.15 47.50 6.81
C LYS D 204 44.91 46.27 7.31
N CYS D 205 46.14 46.10 6.84
CA CYS D 205 47.01 45.06 7.40
C CYS D 205 47.12 45.28 8.89
N VAL D 206 47.44 44.22 9.62
CA VAL D 206 47.54 44.32 11.07
C VAL D 206 48.89 43.74 11.53
N MET D 207 49.38 44.23 12.66
CA MET D 207 50.68 43.81 13.17
C MET D 207 50.51 42.86 14.34
N ASN D 208 51.07 41.67 14.18
CA ASN D 208 51.23 40.72 15.28
C ASN D 208 49.96 40.46 16.08
N PRO D 209 48.85 40.13 15.40
CA PRO D 209 47.60 39.91 16.09
C PRO D 209 47.54 38.51 16.67
N LYS D 210 46.50 38.28 17.47
CA LYS D 210 46.21 36.97 18.03
C LYS D 210 44.88 36.55 17.40
N HIS D 211 44.84 35.36 16.80
CA HIS D 211 43.63 34.85 16.12
C HIS D 211 42.75 34.16 17.14
N ILE D 212 41.57 34.73 17.44
CA ILE D 212 40.69 34.19 18.46
C ILE D 212 39.29 33.90 17.90
N GLU D 213 38.80 32.68 18.10
CA GLU D 213 37.45 32.30 17.66
C GLU D 213 36.56 32.05 18.87
N VAL D 214 35.24 32.21 18.68
CA VAL D 214 34.27 31.91 19.73
C VAL D 214 33.26 30.93 19.18
N GLN D 215 32.98 29.86 19.93
CA GLN D 215 32.05 28.84 19.47
C GLN D 215 30.67 29.25 19.95
N ILE D 216 29.67 29.14 19.08
CA ILE D 216 28.29 29.51 19.38
C ILE D 216 27.31 28.37 19.08
N LEU D 217 26.31 28.24 19.95
CA LEU D 217 25.21 27.31 19.78
C LEU D 217 23.90 28.04 19.96
N GLY D 218 23.00 27.92 18.98
CA GLY D 218 21.66 28.52 19.07
C GLY D 218 20.57 27.57 18.65
N ASP D 219 19.48 27.49 19.43
CA ASP D 219 18.37 26.58 19.09
C ASP D 219 17.37 27.27 18.21
N THR D 220 16.41 26.46 17.78
CA THR D 220 15.26 26.94 17.02
C THR D 220 14.33 27.88 17.82
N HIS D 221 14.54 27.96 19.13
CA HIS D 221 13.70 28.72 20.06
C HIS D 221 14.38 30.01 20.55
N GLY D 222 15.22 30.60 19.70
CA GLY D 222 15.88 31.88 20.00
C GLY D 222 16.80 31.96 21.21
N ASN D 223 17.26 30.81 21.71
CA ASN D 223 18.25 30.77 22.79
C ASN D 223 19.60 30.63 22.14
N ILE D 224 20.50 31.53 22.46
CA ILE D 224 21.87 31.46 21.95
C ILE D 224 22.84 31.51 23.10
N VAL D 225 23.92 30.76 22.96
CA VAL D 225 24.92 30.60 23.99
C VAL D 225 26.27 30.59 23.28
N HIS D 226 27.31 30.99 23.99
CA HIS D 226 28.68 30.83 23.52
C HIS D 226 29.44 29.87 24.43
N LEU D 227 30.42 29.18 23.87
CA LEU D 227 31.19 28.15 24.56
C LEU D 227 32.63 28.60 24.73
N PHE D 228 32.82 29.92 24.75
CA PHE D 228 34.14 30.53 24.94
C PHE D 228 35.05 30.42 23.73
N GLU D 229 36.21 31.04 23.85
CA GLU D 229 37.10 31.22 22.74
C GLU D 229 37.98 30.00 22.50
N ARG D 230 38.72 30.11 21.40
CA ARG D 230 39.84 29.23 21.08
C ARG D 230 40.91 30.08 20.45
N ASP D 231 42.16 29.77 20.75
CA ASP D 231 43.32 30.51 20.25
C ASP D 231 44.01 29.76 19.12
N CYS D 232 43.79 30.22 17.89
CA CYS D 232 44.41 29.62 16.71
C CYS D 232 45.53 30.47 16.14
N SER D 233 46.20 31.22 17.02
CA SER D 233 47.23 32.16 16.61
C SER D 233 48.44 31.45 16.03
N ILE D 234 48.67 30.20 16.42
CA ILE D 234 49.80 29.46 15.85
C ILE D 234 49.44 29.08 14.42
N GLN D 235 50.10 29.67 13.45
CA GLN D 235 49.81 29.37 12.04
C GLN D 235 51.05 29.40 11.17
N ARG D 236 51.04 28.61 10.10
CA ARG D 236 52.11 28.59 9.10
C ARG D 236 51.62 29.11 7.75
N ARG D 237 52.16 30.23 7.32
CA ARG D 237 51.74 30.88 6.08
C ARG D 237 50.22 31.10 6.17
N HIS D 238 49.76 31.56 7.33
CA HIS D 238 48.33 31.85 7.56
C HIS D 238 47.45 30.60 7.43
N GLN D 239 47.98 29.46 7.87
CA GLN D 239 47.24 28.19 7.89
C GLN D 239 47.31 27.65 9.32
N LYS D 240 46.16 27.39 9.95
CA LYS D 240 46.12 26.90 11.34
C LYS D 240 46.95 25.62 11.50
N VAL D 241 47.69 25.50 12.58
CA VAL D 241 48.54 24.33 12.82
C VAL D 241 48.27 23.72 14.17
N VAL D 242 48.39 24.53 15.21
CA VAL D 242 48.07 24.12 16.58
C VAL D 242 47.08 25.06 17.20
N GLU D 243 46.01 24.50 17.72
CA GLU D 243 44.90 25.27 18.22
C GLU D 243 44.79 24.96 19.71
N VAL D 244 44.50 26.00 20.49
CA VAL D 244 44.50 25.92 21.96
C VAL D 244 43.30 26.66 22.53
N ALA D 245 42.74 26.10 23.60
CA ALA D 245 41.64 26.76 24.28
C ALA D 245 41.66 26.39 25.77
N PRO D 246 41.26 27.34 26.64
CA PRO D 246 40.92 28.71 26.25
C PRO D 246 42.20 29.49 26.05
N CYS D 247 42.09 30.73 25.56
CA CYS D 247 43.27 31.58 25.39
C CYS D 247 43.80 32.06 26.74
N ASN D 248 45.04 31.69 27.04
CA ASN D 248 45.60 31.95 28.37
C ASN D 248 45.98 33.41 28.54
N ALA D 249 46.39 34.04 27.43
CA ALA D 249 47.07 35.34 27.48
C ALA D 249 46.14 36.54 27.52
N ILE D 250 44.83 36.35 27.48
CA ILE D 250 43.91 37.49 27.57
C ILE D 250 43.22 37.57 28.93
N THR D 251 42.76 38.77 29.27
CA THR D 251 42.07 39.00 30.54
C THR D 251 40.61 38.62 30.41
N SER D 252 40.08 38.00 31.46
CA SER D 252 38.69 37.54 31.44
C SER D 252 37.74 38.65 30.98
N GLU D 253 37.93 39.85 31.53
CA GLU D 253 37.13 41.00 31.11
C GLU D 253 37.07 41.11 29.58
N LEU D 254 38.23 40.94 28.95
CA LEU D 254 38.34 41.04 27.49
C LEU D 254 37.59 39.89 26.83
N ARG D 255 37.95 38.66 27.23
CA ARG D 255 37.34 37.49 26.61
C ARG D 255 35.83 37.68 26.56
N ASN D 256 35.22 38.02 27.70
CA ASN D 256 33.76 38.18 27.77
C ASN D 256 33.26 39.20 26.79
N ARG D 257 34.02 40.29 26.64
CA ARG D 257 33.69 41.33 25.68
C ARG D 257 33.55 40.73 24.30
N ILE D 258 34.59 40.00 23.89
CA ILE D 258 34.64 39.38 22.56
C ILE D 258 33.49 38.42 22.39
N CYS D 259 33.36 37.52 23.36
CA CYS D 259 32.31 36.50 23.32
C CYS D 259 30.95 37.16 23.21
N ASP D 260 30.70 38.11 24.10
CA ASP D 260 29.43 38.86 24.09
C ASP D 260 29.21 39.55 22.76
N ALA D 261 30.30 40.02 22.14
CA ALA D 261 30.24 40.62 20.79
C ALA D 261 29.73 39.60 19.78
N ALA D 262 30.32 38.41 19.83
CA ALA D 262 29.88 37.31 19.00
C ALA D 262 28.40 36.99 19.26
N VAL D 263 28.03 36.87 20.52
CA VAL D 263 26.65 36.51 20.86
C VAL D 263 25.71 37.52 20.23
N LYS D 264 26.00 38.81 20.45
CA LYS D 264 25.15 39.92 19.99
C LYS D 264 24.89 39.81 18.50
N LEU D 265 25.96 39.55 17.76
CA LEU D 265 25.89 39.33 16.31
C LEU D 265 24.96 38.18 15.96
N MET D 266 25.23 36.99 16.48
CA MET D 266 24.42 35.80 16.16
C MET D 266 22.98 35.92 16.65
N LYS D 267 22.80 36.64 17.75
CA LYS D 267 21.45 36.93 18.23
C LYS D 267 20.77 37.85 17.20
N ASN D 268 21.49 38.87 16.76
CA ASN D 268 21.00 39.82 15.74
C ASN D 268 20.49 39.14 14.46
N VAL D 269 21.08 38.00 14.10
CA VAL D 269 20.66 37.26 12.90
C VAL D 269 19.66 36.14 13.20
N ASP D 270 19.31 35.97 14.48
CA ASP D 270 18.49 34.83 14.98
C ASP D 270 19.11 33.52 14.54
N TYR D 271 20.41 33.37 14.81
CA TYR D 271 21.20 32.25 14.31
C TYR D 271 20.83 30.91 14.96
N ILE D 272 20.74 29.87 14.12
CA ILE D 272 20.32 28.55 14.54
C ILE D 272 21.44 27.52 14.35
N ASN D 273 21.60 26.67 15.36
CA ASN D 273 22.58 25.58 15.40
C ASN D 273 23.98 26.08 15.77
N ALA D 274 25.01 25.38 15.32
CA ALA D 274 26.36 25.65 15.73
C ALA D 274 27.10 26.38 14.66
N GLY D 275 27.95 27.30 15.10
CA GLY D 275 28.76 28.11 14.22
C GLY D 275 29.84 28.83 15.01
N THR D 276 30.76 29.46 14.30
CA THR D 276 31.86 30.13 14.95
C THR D 276 32.08 31.53 14.41
N VAL D 277 32.34 32.46 15.33
CA VAL D 277 32.70 33.85 15.01
C VAL D 277 34.17 34.05 15.31
N GLU D 278 34.92 34.39 14.28
CA GLU D 278 36.35 34.55 14.43
C GLU D 278 36.60 36.02 14.78
N PHE D 279 37.68 36.29 15.54
CA PHE D 279 38.16 37.66 15.81
C PHE D 279 39.69 37.75 15.68
N LEU D 280 40.20 38.92 15.29
CA LEU D 280 41.63 39.24 15.43
C LEU D 280 41.77 40.17 16.65
N VAL D 281 42.82 39.97 17.44
CA VAL D 281 43.00 40.72 18.69
C VAL D 281 44.39 41.29 18.82
N GLU D 282 44.45 42.60 19.04
CA GLU D 282 45.69 43.33 19.33
C GLU D 282 45.54 44.06 20.66
N GLY D 283 46.52 43.89 21.55
CA GLY D 283 46.51 44.56 22.84
C GLY D 283 45.18 44.34 23.55
N ASP D 284 44.38 45.40 23.65
CA ASP D 284 43.04 45.30 24.25
C ASP D 284 41.94 45.66 23.26
N ASP D 285 42.29 45.79 21.99
CA ASP D 285 41.29 46.03 20.93
C ASP D 285 41.12 44.77 20.10
N PHE D 286 39.87 44.38 19.86
CA PHE D 286 39.58 43.23 19.02
C PHE D 286 38.74 43.65 17.83
N TYR D 287 38.78 42.84 16.79
CA TYR D 287 38.05 43.15 15.56
C TYR D 287 37.54 41.89 14.83
N PHE D 288 36.30 41.94 14.38
CA PHE D 288 35.70 40.88 13.58
C PHE D 288 36.51 40.61 12.31
N ILE D 289 36.52 39.36 11.86
CA ILE D 289 37.20 38.99 10.59
C ILE D 289 36.34 38.07 9.71
N GLU D 290 35.71 37.06 10.30
CA GLU D 290 34.94 36.10 9.50
C GLU D 290 33.91 35.39 10.36
N VAL D 291 32.99 34.69 9.71
CA VAL D 291 32.01 33.83 10.39
C VAL D 291 31.86 32.50 9.69
N ASN D 292 32.04 31.42 10.45
CA ASN D 292 31.86 30.07 9.95
C ASN D 292 30.54 29.46 10.47
N PRO D 293 29.54 29.29 9.59
CA PRO D 293 28.25 28.69 9.98
C PRO D 293 28.27 27.16 9.95
N ARG D 294 29.19 26.58 10.70
CA ARG D 294 29.41 25.12 10.70
C ARG D 294 30.23 24.69 11.89
N VAL D 295 30.37 23.37 12.02
CA VAL D 295 31.31 22.80 12.97
C VAL D 295 32.68 23.12 12.45
N GLN D 296 33.64 23.31 13.32
CA GLN D 296 34.99 23.48 12.85
C GLN D 296 35.85 22.31 13.23
N VAL D 297 37.00 22.23 12.60
CA VAL D 297 37.93 21.13 12.87
C VAL D 297 38.34 21.14 14.34
N GLU D 298 38.61 22.33 14.86
CA GLU D 298 39.14 22.50 16.21
C GLU D 298 38.05 22.58 17.29
N HIS D 299 36.85 22.07 17.01
CA HIS D 299 35.76 22.14 17.98
C HIS D 299 36.01 21.25 19.19
N THR D 300 36.86 20.25 19.01
CA THR D 300 37.19 19.32 20.08
C THR D 300 37.60 20.05 21.36
N ILE D 301 38.61 20.91 21.27
CA ILE D 301 39.18 21.54 22.47
C ILE D 301 38.12 22.30 23.24
N THR D 302 37.19 22.94 22.55
CA THR D 302 36.11 23.63 23.22
C THR D 302 35.27 22.62 23.97
N GLU D 303 34.96 21.50 23.32
CA GLU D 303 34.26 20.38 23.99
C GLU D 303 34.93 19.99 25.29
N MET D 304 36.25 20.01 25.28
CA MET D 304 37.02 19.50 26.39
C MET D 304 37.04 20.44 27.58
N ILE D 305 37.01 21.75 27.33
CA ILE D 305 37.03 22.74 28.43
C ILE D 305 35.63 23.08 28.95
N THR D 306 34.64 23.09 28.08
CA THR D 306 33.26 23.33 28.50
C THR D 306 32.63 22.09 29.12
N GLY D 307 32.94 20.93 28.56
CA GLY D 307 32.28 19.69 28.94
C GLY D 307 31.08 19.37 28.06
N ILE D 308 30.83 20.22 27.07
CA ILE D 308 29.66 20.08 26.22
C ILE D 308 29.96 19.37 24.90
N ASP D 309 29.29 18.26 24.64
CA ASP D 309 29.38 17.57 23.36
C ASP D 309 28.66 18.42 22.32
N ILE D 310 29.43 19.06 21.45
CA ILE D 310 28.88 19.97 20.45
C ILE D 310 28.03 19.24 19.41
N VAL D 311 28.57 18.14 18.87
CA VAL D 311 27.93 17.48 17.75
C VAL D 311 26.66 16.79 18.20
N GLN D 312 26.67 16.16 19.37
CA GLN D 312 25.42 15.68 19.94
C GLN D 312 24.44 16.86 19.96
N SER D 313 24.89 18.01 20.46
CA SER D 313 24.02 19.18 20.55
C SER D 313 23.52 19.55 19.15
N GLN D 314 24.42 19.62 18.17
CA GLN D 314 24.00 19.93 16.80
C GLN D 314 22.75 19.10 16.43
N LEU D 315 22.76 17.82 16.78
CA LEU D 315 21.70 16.88 16.39
C LEU D 315 20.43 17.14 17.14
N PHE D 316 20.55 17.49 18.42
CA PHE D 316 19.38 17.84 19.21
C PHE D 316 18.72 19.10 18.68
N ILE D 317 19.54 20.09 18.33
CA ILE D 317 19.08 21.35 17.78
C ILE D 317 18.38 21.17 16.45
N ALA D 318 18.94 20.34 15.58
CA ALA D 318 18.26 20.03 14.32
C ALA D 318 16.94 19.28 14.53
N ASP D 319 16.84 18.50 15.61
CA ASP D 319 15.58 17.93 16.00
C ASP D 319 14.72 18.96 16.70
N GLY D 320 15.31 20.10 17.02
CA GLY D 320 14.57 21.30 17.45
C GLY D 320 14.54 21.57 18.94
N TYR D 321 15.01 20.61 19.73
CA TYR D 321 14.95 20.74 21.16
C TYR D 321 15.61 22.09 21.56
N ALA D 322 15.21 22.61 22.72
CA ALA D 322 15.81 23.81 23.28
C ALA D 322 17.16 23.49 23.91
N LEU D 323 18.05 24.47 23.90
CA LEU D 323 19.38 24.27 24.44
C LEU D 323 19.32 23.73 25.86
N HIS D 324 18.38 24.24 26.64
CA HIS D 324 18.38 23.98 28.07
C HIS D 324 17.39 22.90 28.47
N ASP D 325 16.91 22.13 27.51
CA ASP D 325 16.09 20.96 27.82
C ASP D 325 16.82 20.02 28.74
N GLN D 326 16.07 19.09 29.32
CA GLN D 326 16.66 18.08 30.20
C GLN D 326 17.63 17.20 29.40
N LEU D 327 17.14 16.66 28.28
CA LEU D 327 17.93 15.67 27.48
C LEU D 327 19.20 16.31 26.90
N VAL D 328 19.10 17.56 26.43
CA VAL D 328 20.22 18.27 25.81
C VAL D 328 21.24 18.72 26.86
N ALA D 329 20.74 19.11 28.02
CA ALA D 329 21.59 19.33 29.19
C ALA D 329 22.69 20.35 28.97
N ILE D 330 22.38 21.40 28.21
CA ILE D 330 23.26 22.55 28.17
C ILE D 330 22.82 23.52 29.28
N PRO D 331 23.75 23.90 30.15
CA PRO D 331 23.34 24.82 31.20
C PRO D 331 23.14 26.27 30.69
N LYS D 332 22.43 27.05 31.50
CA LYS D 332 22.31 28.48 31.31
C LYS D 332 23.71 29.11 31.27
N GLN D 333 23.89 30.10 30.40
CA GLN D 333 25.20 30.71 30.16
C GLN D 333 26.02 30.97 31.43
N GLU D 334 25.34 31.49 32.46
CA GLU D 334 25.98 31.84 33.71
C GLU D 334 26.63 30.59 34.27
N ASP D 335 25.96 29.45 34.07
CA ASP D 335 26.42 28.15 34.56
C ASP D 335 27.49 27.45 33.68
N ILE D 336 27.79 27.99 32.49
CA ILE D 336 28.86 27.46 31.64
C ILE D 336 30.23 27.99 32.02
N HIS D 337 31.13 27.11 32.44
CA HIS D 337 32.47 27.54 32.89
C HIS D 337 33.58 26.82 32.14
N ILE D 338 34.82 27.23 32.39
CA ILE D 338 35.99 26.59 31.82
C ILE D 338 36.65 25.65 32.82
N HIS D 339 36.80 24.38 32.44
CA HIS D 339 37.65 23.48 33.22
C HIS D 339 38.91 23.31 32.38
N GLY D 340 40.05 23.60 32.98
CA GLY D 340 41.35 23.34 32.37
C GLY D 340 41.60 24.03 31.06
N SER D 341 42.56 23.50 30.32
CA SER D 341 42.80 23.94 28.93
C SER D 341 43.24 22.76 28.09
N ALA D 342 42.99 22.87 26.79
CA ALA D 342 43.22 21.78 25.89
C ALA D 342 43.88 22.26 24.64
N ILE D 343 44.82 21.45 24.18
CA ILE D 343 45.60 21.75 23.00
C ILE D 343 45.26 20.70 21.99
N GLN D 344 45.07 21.09 20.74
CA GLN D 344 44.91 20.12 19.68
C GLN D 344 45.96 20.31 18.62
N SER D 345 46.49 19.20 18.14
CA SER D 345 47.35 19.17 16.97
C SER D 345 46.94 18.05 16.02
N ARG D 346 47.05 18.31 14.72
CA ARG D 346 46.62 17.38 13.70
C ARG D 346 47.80 16.70 13.00
N ILE D 347 47.94 15.41 13.22
CA ILE D 347 48.98 14.65 12.60
C ILE D 347 48.54 14.47 11.17
N THR D 348 49.41 14.85 10.24
CA THR D 348 49.16 14.73 8.80
C THR D 348 50.36 14.10 8.10
N THR D 349 50.15 13.73 6.84
CA THR D 349 51.22 13.15 6.01
C THR D 349 52.05 14.21 5.33
N GLU D 350 51.79 15.50 5.57
CA GLU D 350 52.70 16.57 5.11
C GLU D 350 54.11 16.33 5.66
N ASP D 351 55.10 16.22 4.80
CA ASP D 351 56.48 15.92 5.22
C ASP D 351 57.25 17.21 5.23
N PRO D 352 57.77 17.63 6.39
CA PRO D 352 58.44 18.93 6.40
C PRO D 352 59.81 19.01 5.66
N LEU D 353 60.51 17.88 5.51
CA LEU D 353 61.72 17.84 4.69
C LEU D 353 61.42 18.06 3.21
N ASN D 354 60.31 17.49 2.74
CA ASN D 354 59.83 17.67 1.37
C ASN D 354 58.89 18.89 1.23
N ASN D 355 59.16 19.94 2.00
CA ASN D 355 58.30 21.12 2.02
C ASN D 355 56.80 20.80 2.08
N PHE D 356 56.46 19.91 3.02
CA PHE D 356 55.08 19.65 3.42
C PHE D 356 54.22 19.12 2.28
N MET D 357 54.87 18.50 1.30
CA MET D 357 54.14 17.79 0.25
C MET D 357 53.51 16.59 0.94
N PRO D 358 52.16 16.50 0.94
CA PRO D 358 51.49 15.33 1.52
C PRO D 358 52.03 14.02 0.96
N ASP D 359 52.78 13.28 1.77
CA ASP D 359 53.29 11.97 1.33
C ASP D 359 52.10 11.06 1.09
N THR D 360 52.26 10.10 0.20
CA THR D 360 51.21 9.12 -0.06
C THR D 360 51.68 7.73 0.21
N GLY D 361 50.75 6.80 0.18
CA GLY D 361 51.09 5.40 0.33
C GLY D 361 50.29 4.67 1.39
N ARG D 362 50.76 3.46 1.69
CA ARG D 362 50.13 2.60 2.64
C ARG D 362 50.81 2.75 3.98
N VAL D 363 49.97 2.75 5.02
CA VAL D 363 50.41 2.85 6.39
C VAL D 363 50.59 1.44 6.91
N ASP D 364 51.82 0.96 6.95
CA ASP D 364 52.04 -0.44 7.35
C ASP D 364 51.87 -0.59 8.86
N THR D 365 52.22 0.45 9.62
CA THR D 365 52.14 0.41 11.08
C THR D 365 51.59 1.71 11.63
N TYR D 366 50.50 1.63 12.36
CA TYR D 366 49.89 2.80 12.99
C TYR D 366 49.61 2.45 14.44
N ARG D 367 50.39 3.01 15.37
CA ARG D 367 50.21 2.72 16.78
C ARG D 367 49.96 3.99 17.54
N SER D 368 48.72 4.12 18.00
CA SER D 368 48.28 5.35 18.63
C SER D 368 48.61 5.31 20.09
N THR D 369 48.32 6.43 20.74
CA THR D 369 48.64 6.64 22.11
C THR D 369 47.33 6.77 22.87
N GLY D 370 47.41 6.87 24.18
CA GLY D 370 46.23 7.18 25.00
C GLY D 370 46.64 7.59 26.41
N GLY D 371 45.72 7.50 27.36
CA GLY D 371 46.02 7.78 28.74
C GLY D 371 45.17 8.94 29.24
N PHE D 372 45.50 9.46 30.43
CA PHE D 372 44.71 10.54 31.01
C PHE D 372 44.87 11.78 30.16
N GLY D 373 43.77 12.43 29.90
CA GLY D 373 43.79 13.74 29.25
C GLY D 373 44.19 13.69 27.80
N VAL D 374 44.01 12.51 27.19
CA VAL D 374 44.24 12.33 25.77
C VAL D 374 42.98 11.89 25.05
N ARG D 375 42.70 12.60 23.97
CA ARG D 375 41.59 12.28 23.09
C ARG D 375 42.16 12.11 21.71
N LEU D 376 41.64 11.14 20.98
CA LEU D 376 42.00 11.02 19.58
C LEU D 376 40.74 10.99 18.76
N ASP D 377 40.74 11.77 17.68
CA ASP D 377 39.69 11.71 16.69
C ASP D 377 40.34 11.22 15.43
N ALA D 378 40.00 9.98 15.08
CA ALA D 378 40.66 9.28 14.01
C ALA D 378 40.10 9.77 12.69
N GLY D 379 40.98 9.91 11.71
CA GLY D 379 40.60 10.28 10.35
C GLY D 379 40.86 9.12 9.44
N ASN D 380 41.82 9.27 8.52
CA ASN D 380 42.26 8.16 7.70
C ASN D 380 43.46 7.47 8.35
N GLY D 381 43.24 6.89 9.53
CA GLY D 381 44.31 6.42 10.41
C GLY D 381 44.08 5.07 11.03
N PHE D 382 44.17 4.04 10.22
CA PHE D 382 44.17 2.68 10.72
C PHE D 382 45.22 1.89 9.98
N GLN D 383 45.59 0.71 10.48
CA GLN D 383 46.79 0.03 9.99
C GLN D 383 46.76 -0.16 8.48
N GLY D 384 45.68 -0.74 7.99
CA GLY D 384 45.61 -1.07 6.57
C GLY D 384 45.62 0.09 5.60
N THR D 385 45.04 1.21 6.01
CA THR D 385 44.69 2.27 5.05
C THR D 385 45.83 2.74 4.15
N VAL D 386 45.44 3.15 2.95
CA VAL D 386 46.34 3.83 2.01
C VAL D 386 45.92 5.29 1.92
N VAL D 387 46.87 6.21 1.98
CA VAL D 387 46.52 7.60 1.75
C VAL D 387 46.60 7.93 0.26
N THR D 388 45.52 8.48 -0.26
CA THR D 388 45.50 8.97 -1.64
C THR D 388 45.92 10.41 -1.56
N PRO D 389 46.34 10.99 -2.68
CA PRO D 389 46.68 12.41 -2.69
C PRO D 389 45.47 13.30 -3.00
N PHE D 390 44.35 12.69 -3.38
CA PHE D 390 43.19 13.44 -3.91
C PHE D 390 42.54 14.39 -2.89
N TYR D 391 42.37 13.88 -1.68
CA TYR D 391 41.79 14.58 -0.55
C TYR D 391 42.90 15.05 0.40
N ASP D 392 42.53 15.71 1.51
CA ASP D 392 43.53 16.26 2.44
C ASP D 392 44.34 15.20 3.20
N SER D 393 45.42 15.64 3.82
CA SER D 393 46.48 14.76 4.33
C SER D 393 46.23 14.16 5.71
N LEU D 394 45.14 14.54 6.38
CA LEU D 394 44.98 14.28 7.83
C LEU D 394 44.75 12.82 8.23
N LEU D 395 45.62 12.32 9.10
CA LEU D 395 45.51 10.97 9.63
C LEU D 395 44.72 10.90 10.93
N VAL D 396 45.16 11.67 11.92
CA VAL D 396 44.51 11.69 13.24
C VAL D 396 44.66 13.03 13.97
N LYS D 397 43.60 13.46 14.64
CA LYS D 397 43.58 14.71 15.40
C LYS D 397 43.89 14.35 16.86
N LEU D 398 45.01 14.84 17.37
CA LEU D 398 45.45 14.54 18.74
C LEU D 398 45.27 15.73 19.64
N CYS D 399 44.36 15.61 20.59
CA CYS D 399 44.14 16.65 21.57
C CYS D 399 44.50 16.14 22.99
N THR D 400 45.09 17.02 23.80
CA THR D 400 45.39 16.69 25.19
C THR D 400 44.91 17.79 26.09
N TRP D 401 44.54 17.41 27.31
CA TRP D 401 43.92 18.34 28.26
C TRP D 401 44.64 18.33 29.59
N GLY D 402 44.59 19.47 30.27
CA GLY D 402 45.19 19.61 31.58
C GLY D 402 44.49 20.70 32.36
N MET D 403 44.61 20.63 33.69
CA MET D 403 44.10 21.70 34.57
C MET D 403 44.79 23.03 34.26
N THR D 404 46.08 22.97 33.96
CA THR D 404 46.84 24.10 33.52
C THR D 404 47.36 23.80 32.13
N PHE D 405 47.38 24.82 31.27
CA PHE D 405 47.95 24.68 29.92
C PHE D 405 49.37 24.08 29.95
N GLU D 406 50.13 24.40 30.98
CA GLU D 406 51.48 23.85 31.14
C GLU D 406 51.38 22.33 31.32
N GLN D 407 50.33 21.88 31.99
CA GLN D 407 50.08 20.43 32.18
C GLN D 407 49.70 19.75 30.86
N ALA D 408 48.86 20.42 30.08
CA ALA D 408 48.41 19.90 28.78
C ALA D 408 49.57 19.81 27.80
N THR D 409 50.41 20.84 27.75
CA THR D 409 51.58 20.83 26.87
C THR D 409 52.48 19.63 27.16
N ARG D 410 52.63 19.27 28.44
CA ARG D 410 53.42 18.09 28.77
C ARG D 410 52.83 16.84 28.14
N LYS D 411 51.51 16.70 28.24
CA LYS D 411 50.84 15.47 27.77
C LYS D 411 50.90 15.41 26.28
N MET D 412 50.74 16.56 25.64
CA MET D 412 50.93 16.64 24.22
C MET D 412 52.33 16.15 23.84
N ARG D 413 53.34 16.67 24.52
CA ARG D 413 54.69 16.29 24.18
C ARG D 413 54.76 14.77 24.15
N ARG D 414 54.49 14.15 25.29
CA ARG D 414 54.62 12.70 25.46
C ARG D 414 53.92 11.94 24.38
N ASN D 415 52.67 12.31 24.14
CA ASN D 415 51.87 11.66 23.11
C ASN D 415 52.52 11.71 21.73
N LEU D 416 53.05 12.87 21.35
CA LEU D 416 53.58 13.05 20.00
C LEU D 416 54.75 12.14 19.78
N ILE D 417 55.57 12.03 20.82
CA ILE D 417 56.70 11.11 20.78
C ILE D 417 56.23 9.66 20.72
N GLU D 418 55.23 9.34 21.53
CA GLU D 418 54.73 7.97 21.67
C GLU D 418 54.17 7.40 20.37
N PHE D 419 53.63 8.26 19.52
CA PHE D 419 53.07 7.81 18.25
C PHE D 419 54.09 7.04 17.40
N ARG D 420 53.69 5.90 16.87
CA ARG D 420 54.46 5.16 15.87
C ARG D 420 53.64 4.93 14.61
N ILE D 421 53.98 5.66 13.56
CA ILE D 421 53.35 5.56 12.27
C ILE D 421 54.40 5.28 11.23
N ARG D 422 54.27 4.19 10.48
CA ARG D 422 55.22 3.90 9.41
C ARG D 422 54.57 3.51 8.12
N GLY D 423 55.22 3.91 7.04
CA GLY D 423 54.71 3.73 5.70
C GLY D 423 54.63 5.08 5.02
N VAL D 424 54.48 6.15 5.80
CA VAL D 424 54.41 7.50 5.24
C VAL D 424 55.08 8.53 6.14
N LYS D 425 55.56 9.61 5.51
CA LYS D 425 56.12 10.72 6.26
C LYS D 425 55.00 11.45 6.98
N THR D 426 55.32 12.13 8.07
CA THR D 426 54.31 12.91 8.80
C THR D 426 54.87 14.23 9.28
N ASN D 427 53.98 15.05 9.85
CA ASN D 427 54.37 16.37 10.31
C ASN D 427 54.71 16.38 11.80
N ILE D 428 54.79 15.19 12.40
CA ILE D 428 55.03 15.11 13.83
C ILE D 428 56.28 15.89 14.24
N PRO D 429 57.43 15.60 13.60
CA PRO D 429 58.67 16.24 14.03
C PRO D 429 58.58 17.76 13.97
N PHE D 430 57.76 18.26 13.06
CA PHE D 430 57.49 19.69 13.02
C PHE D 430 56.72 20.08 14.27
N LEU D 431 55.60 19.41 14.53
CA LEU D 431 54.76 19.75 15.68
C LEU D 431 55.54 19.66 16.98
N LEU D 432 56.40 18.67 17.08
CA LEU D 432 57.22 18.55 18.27
C LEU D 432 58.03 19.81 18.48
N ASN D 433 58.66 20.31 17.42
CA ASN D 433 59.50 21.50 17.53
C ASN D 433 58.72 22.74 17.98
N VAL D 434 57.52 22.89 17.46
CA VAL D 434 56.66 23.99 17.88
C VAL D 434 56.16 23.80 19.31
N VAL D 435 55.81 22.58 19.69
CA VAL D 435 55.36 22.33 21.05
C VAL D 435 56.52 22.42 22.07
N ARG D 436 57.73 22.01 21.66
CA ARG D 436 58.93 22.16 22.53
C ARG D 436 59.38 23.60 22.68
N HIS D 437 59.11 24.42 21.68
CA HIS D 437 59.61 25.80 21.69
C HIS D 437 59.11 26.57 22.92
N PRO D 438 60.03 27.25 23.63
CA PRO D 438 59.66 27.92 24.88
C PRO D 438 58.66 29.08 24.74
N ASP D 439 58.77 29.88 23.68
CA ASP D 439 57.72 30.84 23.31
C ASP D 439 56.30 30.26 23.15
N PHE D 440 56.19 28.98 22.79
CA PHE D 440 54.87 28.34 22.75
C PHE D 440 54.36 28.04 24.15
N ALA D 441 55.24 27.47 24.99
CA ALA D 441 54.89 27.18 26.38
C ALA D 441 54.53 28.44 27.20
N SER D 442 55.11 29.59 26.82
CA SER D 442 54.80 30.87 27.47
C SER D 442 53.33 31.21 27.31
N GLY D 443 52.78 30.93 26.13
CA GLY D 443 51.38 31.22 25.83
C GLY D 443 51.18 32.58 25.20
N ASN D 444 52.28 33.34 25.09
CA ASN D 444 52.27 34.58 24.34
C ASN D 444 52.90 34.35 22.99
N TYR D 445 52.05 34.21 21.98
CA TYR D 445 52.49 34.13 20.60
C TYR D 445 51.45 34.84 19.72
N ASN D 446 51.81 35.04 18.47
CA ASN D 446 50.93 35.72 17.52
C ASN D 446 51.03 35.04 16.18
N THR D 447 50.14 35.41 15.27
CA THR D 447 50.14 34.87 13.91
C THR D 447 51.53 34.79 13.30
N SER D 448 52.32 35.81 13.57
CA SER D 448 53.68 35.89 13.10
C SER D 448 54.66 35.03 13.90
N PHE D 449 54.20 34.14 14.79
CA PHE D 449 55.13 33.35 15.62
C PHE D 449 55.90 32.31 14.80
N ILE D 450 55.20 31.60 13.92
CA ILE D 450 55.86 30.75 12.94
C ILE D 450 56.35 31.72 11.87
N ASP D 451 57.25 31.27 11.00
CA ASP D 451 57.85 32.12 9.96
C ASP D 451 58.95 32.97 10.59
N THR D 452 58.59 33.76 11.61
CA THR D 452 59.56 34.56 12.36
C THR D 452 60.62 33.67 13.02
N THR D 453 60.22 32.45 13.40
CA THR D 453 61.13 31.51 14.04
C THR D 453 61.48 30.42 13.04
N PRO D 454 62.71 30.43 12.51
CA PRO D 454 63.13 29.37 11.58
C PRO D 454 63.58 28.06 12.23
N GLU D 455 64.02 28.11 13.48
CA GLU D 455 64.57 26.92 14.13
C GLU D 455 63.62 25.74 13.99
N LEU D 456 62.33 26.01 14.15
CA LEU D 456 61.29 24.96 14.10
C LEU D 456 61.41 24.09 12.85
N PHE D 457 61.92 24.66 11.77
CA PHE D 457 62.10 23.94 10.52
C PHE D 457 63.38 23.09 10.47
N LYS D 458 64.27 23.23 11.46
CA LYS D 458 65.47 22.37 11.57
C LYS D 458 65.12 21.13 12.37
N PHE D 459 65.33 19.94 11.81
CA PHE D 459 64.93 18.71 12.50
C PHE D 459 66.06 17.75 12.86
N PRO D 460 66.00 17.14 14.06
CA PRO D 460 67.04 16.19 14.47
C PRO D 460 67.09 15.01 13.51
N HIS D 461 68.29 14.59 13.13
CA HIS D 461 68.43 13.40 12.30
C HIS D 461 67.70 12.19 12.95
N ILE D 462 67.04 11.37 12.14
CA ILE D 462 66.36 10.20 12.69
C ILE D 462 67.39 9.10 12.85
N ARG D 463 67.63 8.72 14.10
CA ARG D 463 68.33 7.49 14.43
C ARG D 463 67.21 6.46 14.46
N ASP D 464 67.00 5.77 13.32
CA ASP D 464 65.78 4.92 13.08
C ASP D 464 66.25 3.47 12.92
N ARG D 465 66.98 3.11 13.95
CA ARG D 465 67.93 2.03 13.85
C ARG D 465 67.24 0.70 13.53
N GLY D 466 66.10 0.48 14.16
CA GLY D 466 65.31 -0.74 14.05
C GLY D 466 64.86 -1.16 12.65
N THR D 467 64.29 -0.23 11.91
CA THR D 467 63.79 -0.51 10.56
C THR D 467 64.94 -0.87 9.64
N LYS D 468 65.97 -0.03 9.69
CA LYS D 468 67.17 -0.21 8.89
C LYS D 468 67.82 -1.56 9.14
N THR D 469 67.77 -2.01 10.39
CA THR D 469 68.27 -3.33 10.80
C THR D 469 67.48 -4.43 10.10
N LEU D 470 66.18 -4.25 10.02
CA LEU D 470 65.34 -5.23 9.36
C LEU D 470 65.58 -5.19 7.86
N ARG D 471 65.87 -4.00 7.32
CA ARG D 471 66.16 -3.84 5.91
C ARG D 471 67.37 -4.74 5.57
N TYR D 472 68.45 -4.61 6.35
CA TYR D 472 69.64 -5.44 6.19
C TYR D 472 69.26 -6.91 6.28
N ILE D 473 68.73 -7.32 7.44
CA ILE D 473 68.39 -8.73 7.67
C ILE D 473 67.53 -9.30 6.54
N GLY D 474 66.52 -8.55 6.11
CA GLY D 474 65.61 -9.00 5.07
C GLY D 474 66.33 -9.14 3.75
N ASN D 475 67.16 -8.16 3.43
CA ASN D 475 67.95 -8.18 2.22
C ASN D 475 68.80 -9.44 2.08
N VAL D 476 69.70 -9.66 3.03
CA VAL D 476 70.63 -10.79 2.92
C VAL D 476 69.86 -12.11 2.99
N THR D 477 68.65 -12.08 3.53
CA THR D 477 67.84 -13.29 3.64
C THR D 477 67.31 -13.74 2.30
N VAL D 478 67.07 -12.80 1.39
CA VAL D 478 66.50 -13.09 0.06
C VAL D 478 67.51 -13.02 -1.08
N ASN D 479 68.42 -12.05 -1.04
CA ASN D 479 69.46 -11.92 -2.06
C ASN D 479 70.77 -12.62 -1.72
N GLY D 480 71.01 -12.82 -0.42
CA GLY D 480 72.23 -13.44 0.03
C GLY D 480 73.32 -12.41 0.30
N PHE D 481 74.34 -12.84 1.03
CA PHE D 481 75.49 -12.00 1.30
C PHE D 481 76.37 -11.98 0.05
N PRO D 482 76.89 -10.81 -0.32
CA PRO D 482 77.73 -10.73 -1.50
C PRO D 482 79.04 -11.49 -1.37
N GLY D 483 79.35 -12.27 -2.40
CA GLY D 483 80.65 -12.93 -2.50
C GLY D 483 80.64 -14.38 -2.08
N ILE D 484 79.52 -14.87 -1.58
CA ILE D 484 79.47 -16.24 -1.06
C ILE D 484 78.21 -16.94 -1.53
N LYS D 485 78.30 -18.26 -1.74
CA LYS D 485 77.13 -19.03 -2.15
C LYS D 485 76.02 -18.80 -1.14
N HIS D 486 74.86 -18.39 -1.63
CA HIS D 486 73.66 -18.24 -0.81
C HIS D 486 73.27 -19.60 -0.27
N ARG D 487 73.32 -19.72 1.05
CA ARG D 487 73.04 -21.01 1.71
C ARG D 487 72.24 -20.74 2.95
N ASP D 488 71.59 -21.79 3.46
CA ASP D 488 70.79 -21.66 4.66
C ASP D 488 71.65 -21.33 5.87
N LYS D 489 71.10 -20.57 6.78
CA LYS D 489 71.77 -20.24 8.02
C LYS D 489 71.79 -21.50 8.86
N PRO D 490 72.98 -21.98 9.23
CA PRO D 490 73.08 -23.21 10.02
C PRO D 490 72.62 -23.02 11.45
N VAL D 491 72.75 -24.07 12.25
CA VAL D 491 72.51 -23.97 13.68
C VAL D 491 73.87 -24.08 14.32
N TYR D 492 74.59 -22.96 14.34
CA TYR D 492 75.91 -22.93 14.94
C TYR D 492 75.81 -23.24 16.42
N ALA D 493 76.78 -23.97 16.94
CA ALA D 493 76.89 -24.22 18.37
C ALA D 493 77.17 -22.89 19.08
N GLU D 494 76.68 -22.74 20.31
CA GLU D 494 76.98 -21.55 21.10
C GLU D 494 78.48 -21.56 21.49
N PRO D 495 79.21 -20.46 21.21
CA PRO D 495 80.62 -20.51 21.53
C PRO D 495 80.86 -20.61 23.03
N ARG D 496 81.84 -21.42 23.41
CA ARG D 496 82.22 -21.57 24.81
C ARG D 496 82.99 -20.35 25.28
N LEU D 497 82.35 -19.56 26.14
CA LEU D 497 82.96 -18.38 26.75
C LEU D 497 83.61 -18.73 28.08
N PRO D 498 84.81 -18.16 28.37
CA PRO D 498 85.39 -18.36 29.70
C PRO D 498 84.61 -17.61 30.77
N LYS D 499 84.38 -18.25 31.92
CA LYS D 499 83.77 -17.60 33.09
C LYS D 499 84.88 -17.06 34.01
N ILE D 500 84.83 -15.76 34.35
CA ILE D 500 85.74 -15.14 35.32
C ILE D 500 84.88 -14.60 36.46
N PRO D 501 85.32 -14.81 37.73
CA PRO D 501 84.57 -14.17 38.81
C PRO D 501 84.69 -12.64 38.73
N TYR D 502 83.62 -11.90 39.00
CA TYR D 502 83.64 -10.42 38.88
C TYR D 502 84.66 -9.78 39.85
N GLY D 503 85.42 -8.82 39.33
CA GLY D 503 86.44 -8.09 40.10
C GLY D 503 87.73 -8.84 40.32
N SER D 504 87.84 -10.04 39.74
CA SER D 504 89.04 -10.84 39.87
C SER D 504 90.20 -10.19 39.13
N GLN D 505 91.38 -10.72 39.40
CA GLN D 505 92.55 -10.58 38.54
C GLN D 505 92.79 -9.10 38.11
N ILE D 506 92.77 -8.82 36.81
CA ILE D 506 93.12 -7.51 36.23
C ILE D 506 94.65 -7.29 36.44
N SER D 507 95.43 -8.37 36.57
CA SER D 507 96.86 -8.29 36.95
C SER D 507 97.61 -7.41 35.96
N PRO D 508 98.56 -6.61 36.46
CA PRO D 508 99.10 -5.61 35.55
C PRO D 508 99.90 -6.25 34.43
N GLY D 509 99.87 -5.58 33.29
CA GLY D 509 100.51 -6.07 32.10
C GLY D 509 101.77 -5.32 31.80
N THR D 510 102.31 -5.64 30.62
CA THR D 510 103.44 -4.91 30.04
C THR D 510 103.09 -3.44 29.73
N LYS D 511 101.82 -3.12 29.48
CA LYS D 511 101.41 -1.72 29.18
C LYS D 511 101.88 -0.77 30.28
N GLN D 512 101.62 -1.17 31.53
CA GLN D 512 102.08 -0.43 32.70
C GLN D 512 103.55 0.02 32.56
N ILE D 513 104.40 -0.89 32.11
CA ILE D 513 105.83 -0.60 31.94
C ILE D 513 106.08 0.44 30.83
N LEU D 514 105.25 0.47 29.79
CA LEU D 514 105.35 1.54 28.81
C LEU D 514 104.79 2.84 29.39
N ASP D 515 103.63 2.75 30.06
CA ASP D 515 103.03 3.90 30.75
C ASP D 515 104.01 4.54 31.74
N ALA D 516 104.61 3.70 32.58
CA ALA D 516 105.56 4.16 33.61
C ALA D 516 106.87 4.70 33.03
N LYS D 517 107.57 3.88 32.25
CA LYS D 517 108.99 4.11 31.93
C LYS D 517 109.29 4.24 30.44
N GLY D 518 108.27 4.54 29.64
CA GLY D 518 108.45 4.78 28.21
C GLY D 518 109.00 3.59 27.45
N PRO D 519 109.32 3.80 26.15
CA PRO D 519 109.83 2.73 25.31
C PRO D 519 111.13 2.09 25.82
N GLU D 520 112.12 2.93 26.11
CA GLU D 520 113.45 2.50 26.60
C GLU D 520 113.33 1.59 27.85
N GLY D 521 112.48 1.98 28.81
CA GLY D 521 112.27 1.20 30.05
C GLY D 521 111.71 -0.19 29.83
N VAL D 522 110.93 -0.33 28.76
CA VAL D 522 110.39 -1.61 28.31
C VAL D 522 111.53 -2.46 27.71
N VAL D 523 112.14 -1.94 26.65
CA VAL D 523 113.31 -2.57 26.00
C VAL D 523 114.34 -3.10 27.02
N ASP D 524 114.53 -2.34 28.10
CA ASP D 524 115.40 -2.76 29.21
C ASP D 524 114.90 -4.05 29.84
N TRP D 525 113.67 -4.01 30.35
CA TRP D 525 113.05 -5.19 30.97
C TRP D 525 113.02 -6.39 30.02
N VAL D 526 112.84 -6.12 28.73
CA VAL D 526 112.91 -7.13 27.69
C VAL D 526 114.28 -7.81 27.74
N LYS D 527 115.32 -7.02 27.46
CA LYS D 527 116.71 -7.48 27.42
C LYS D 527 117.11 -8.27 28.63
N LYS D 528 116.58 -7.86 29.78
CA LYS D 528 116.67 -8.64 30.99
C LYS D 528 115.94 -9.97 30.79
N GLN D 529 115.22 -10.18 29.67
CA GLN D 529 114.35 -11.34 29.53
C GLN D 529 115.16 -12.60 29.27
N GLU D 530 115.22 -13.46 30.29
CA GLU D 530 115.85 -14.77 30.18
C GLU D 530 115.01 -15.64 29.25
N GLU D 531 113.72 -15.74 29.60
CA GLU D 531 112.74 -16.49 28.81
C GLU D 531 112.53 -15.93 27.42
N VAL D 532 111.78 -16.70 26.63
CA VAL D 532 111.26 -16.24 25.35
C VAL D 532 109.89 -15.59 25.55
N LEU D 533 109.72 -14.43 24.91
CA LEU D 533 108.50 -13.62 24.99
C LEU D 533 107.60 -13.87 23.77
N LEU D 534 106.28 -13.97 24.00
CA LEU D 534 105.35 -14.39 22.94
C LEU D 534 104.21 -13.40 22.68
N THR D 535 104.07 -12.95 21.42
CA THR D 535 103.05 -11.94 21.07
C THR D 535 101.94 -12.63 20.27
N ASP D 536 100.70 -12.35 20.65
CA ASP D 536 99.55 -13.07 20.12
C ASP D 536 98.95 -12.36 18.90
N THR D 537 99.03 -13.03 17.76
CA THR D 537 98.49 -12.54 16.50
C THR D 537 97.09 -13.10 16.20
N THR D 538 96.45 -13.69 17.19
CA THR D 538 95.12 -14.27 17.01
C THR D 538 94.11 -13.26 16.43
N LEU D 539 94.27 -11.96 16.73
CA LEU D 539 93.33 -10.94 16.22
C LEU D 539 93.75 -10.29 14.90
N ARG D 540 94.80 -10.84 14.29
CA ARG D 540 95.32 -10.33 13.00
C ARG D 540 96.29 -11.34 12.40
N ASP D 541 96.47 -11.29 11.07
CA ASP D 541 97.34 -12.23 10.36
C ASP D 541 96.73 -13.62 10.46
N ALA D 542 96.61 -14.13 11.68
CA ALA D 542 96.01 -15.44 11.90
C ALA D 542 94.73 -15.54 11.12
N HIS D 543 93.85 -14.57 11.32
CA HIS D 543 92.58 -14.54 10.60
C HIS D 543 92.74 -13.83 9.25
N GLN D 544 93.74 -12.97 9.13
CA GLN D 544 94.05 -12.36 7.84
C GLN D 544 94.50 -13.43 6.85
N SER D 545 95.34 -14.35 7.32
CA SER D 545 95.83 -15.45 6.48
C SER D 545 94.72 -16.46 6.20
N LEU D 546 94.10 -16.97 7.26
CA LEU D 546 93.15 -18.05 7.15
C LEU D 546 91.81 -17.63 6.53
N LEU D 547 91.25 -16.53 7.03
CA LEU D 547 89.85 -16.18 6.79
C LEU D 547 89.64 -14.86 6.05
N ALA D 548 90.61 -14.43 5.27
CA ALA D 548 90.51 -13.21 4.46
C ALA D 548 90.23 -11.97 5.31
N THR D 549 90.78 -11.96 6.52
CA THR D 549 90.66 -10.80 7.41
C THR D 549 89.21 -10.48 7.78
N ARG D 550 88.33 -11.47 7.66
CA ARG D 550 86.89 -11.23 7.77
C ARG D 550 86.35 -11.29 9.18
N VAL D 551 87.19 -11.64 10.15
CA VAL D 551 86.71 -11.74 11.52
C VAL D 551 86.22 -10.37 11.96
N ARG D 552 85.03 -10.37 12.56
CA ARG D 552 84.30 -9.15 12.88
C ARG D 552 84.52 -8.71 14.32
N SER D 553 84.42 -7.40 14.53
CA SER D 553 84.68 -6.82 15.83
C SER D 553 83.79 -7.48 16.88
N LYS D 554 82.51 -7.63 16.56
CA LYS D 554 81.57 -8.26 17.50
C LYS D 554 82.17 -9.51 18.17
N ASP D 555 82.76 -10.40 17.37
CA ASP D 555 83.33 -11.67 17.85
C ASP D 555 84.64 -11.46 18.61
N ILE D 556 85.41 -10.46 18.20
CA ILE D 556 86.66 -10.13 18.89
C ILE D 556 86.39 -9.60 20.32
N PHE D 557 85.55 -8.58 20.42
CA PHE D 557 85.27 -7.94 21.71
C PHE D 557 84.87 -8.98 22.74
N GLN D 558 84.06 -9.94 22.34
CA GLN D 558 83.51 -10.92 23.27
C GLN D 558 84.58 -11.59 24.13
N ILE D 559 85.75 -11.86 23.54
CA ILE D 559 86.82 -12.60 24.23
C ILE D 559 87.85 -11.68 24.88
N ALA D 560 87.94 -10.43 24.43
CA ALA D 560 89.02 -9.52 24.88
C ALA D 560 89.19 -9.45 26.40
N ASP D 561 88.08 -9.51 27.14
CA ASP D 561 88.13 -9.51 28.62
C ASP D 561 89.01 -10.65 29.12
N ALA D 562 88.68 -11.86 28.69
CA ALA D 562 89.45 -13.03 29.08
C ALA D 562 90.93 -12.94 28.65
N MET D 563 91.19 -12.29 27.53
CA MET D 563 92.56 -12.15 27.06
C MET D 563 93.42 -11.36 28.04
N ALA D 564 92.82 -10.32 28.64
CA ALA D 564 93.47 -9.51 29.66
C ALA D 564 93.69 -10.31 30.93
N HIS D 565 92.69 -11.06 31.37
CA HIS D 565 92.82 -11.90 32.55
C HIS D 565 93.80 -13.05 32.37
N LEU D 566 93.74 -13.72 31.21
CA LEU D 566 94.34 -15.05 31.05
C LEU D 566 95.61 -15.12 30.20
N LEU D 567 95.96 -14.03 29.53
CA LEU D 567 97.21 -13.97 28.78
C LEU D 567 97.97 -12.68 29.12
N PRO D 568 97.94 -12.26 30.40
CA PRO D 568 98.58 -10.99 30.79
C PRO D 568 100.09 -10.93 30.52
N ASN D 569 100.76 -12.07 30.69
CA ASN D 569 102.22 -12.14 30.56
C ASN D 569 102.71 -12.08 29.11
N MET D 570 101.79 -11.95 28.16
CA MET D 570 102.18 -11.81 26.78
C MET D 570 102.92 -10.50 26.64
N PHE D 571 103.91 -10.49 25.77
CA PHE D 571 104.65 -9.28 25.42
C PHE D 571 103.75 -8.24 24.78
N SER D 572 102.90 -8.71 23.88
CA SER D 572 102.03 -7.80 23.12
C SER D 572 100.85 -8.59 22.52
N PHE D 573 99.76 -7.89 22.18
CA PHE D 573 98.69 -8.42 21.31
C PHE D 573 98.74 -7.67 19.97
N GLU D 574 98.95 -8.41 18.87
CA GLU D 574 98.83 -7.80 17.55
C GLU D 574 97.36 -7.83 17.21
N MET D 575 96.75 -6.64 17.14
CA MET D 575 95.31 -6.54 16.95
C MET D 575 94.87 -5.54 15.87
N TRP D 576 95.80 -4.83 15.26
CA TRP D 576 95.43 -3.80 14.31
C TRP D 576 96.38 -3.89 13.12
N GLY D 577 96.04 -3.18 12.06
CA GLY D 577 96.97 -2.94 10.95
C GLY D 577 96.88 -3.96 9.84
N GLY D 578 97.83 -3.87 8.90
CA GLY D 578 97.79 -4.68 7.71
C GLY D 578 96.51 -4.44 6.95
N ALA D 579 95.80 -5.51 6.61
CA ALA D 579 94.60 -5.40 5.80
C ALA D 579 93.32 -5.10 6.62
N THR D 580 93.34 -5.34 7.92
CA THR D 580 92.14 -5.16 8.75
C THR D 580 91.48 -3.82 8.55
N PHE D 581 92.29 -2.77 8.38
CA PHE D 581 91.78 -1.42 8.31
C PHE D 581 90.82 -1.28 7.15
N ASP D 582 91.30 -1.56 5.93
CA ASP D 582 90.49 -1.35 4.74
C ASP D 582 89.35 -2.37 4.64
N VAL D 583 89.56 -3.57 5.15
CA VAL D 583 88.53 -4.62 5.10
C VAL D 583 87.36 -4.35 6.02
N ALA D 584 87.63 -3.75 7.18
CA ALA D 584 86.56 -3.38 8.10
C ALA D 584 85.56 -2.46 7.42
N TYR D 585 86.06 -1.37 6.85
CA TYR D 585 85.21 -0.45 6.10
C TYR D 585 84.66 -1.12 4.84
N ARG D 586 85.51 -1.85 4.10
CA ARG D 586 85.12 -2.37 2.78
C ARG D 586 84.11 -3.51 2.82
N PHE D 587 84.37 -4.52 3.65
CA PHE D 587 83.59 -5.77 3.63
C PHE D 587 82.75 -6.01 4.89
N LEU D 588 83.08 -5.35 5.99
CA LEU D 588 82.37 -5.53 7.28
C LEU D 588 81.38 -4.44 7.60
N ASN D 589 81.63 -3.24 7.08
CA ASN D 589 80.92 -2.03 7.46
C ASN D 589 81.04 -1.76 8.96
N GLU D 590 82.27 -1.94 9.45
CA GLU D 590 82.62 -1.64 10.83
C GLU D 590 83.73 -0.57 10.81
N ASP D 591 83.82 0.19 11.90
CA ASP D 591 84.85 1.23 12.04
C ASP D 591 86.07 0.62 12.73
N PRO D 592 87.21 0.61 12.02
CA PRO D 592 88.40 0.06 12.67
C PRO D 592 88.78 0.83 13.92
N TRP D 593 88.57 2.15 13.87
CA TRP D 593 88.97 3.03 14.99
C TRP D 593 88.23 2.62 16.25
N VAL D 594 86.99 2.20 16.10
CA VAL D 594 86.21 1.70 17.23
C VAL D 594 86.85 0.44 17.78
N ARG D 595 87.06 -0.54 16.90
CA ARG D 595 87.66 -1.81 17.29
C ARG D 595 88.86 -1.56 18.22
N LEU D 596 89.76 -0.72 17.75
CA LEU D 596 90.94 -0.31 18.51
C LEU D 596 90.60 0.16 19.93
N GLU D 597 89.74 1.17 19.99
CA GLU D 597 89.52 1.88 21.24
C GLU D 597 88.73 1.05 22.22
N THR D 598 87.75 0.29 21.70
CA THR D 598 86.92 -0.58 22.53
C THR D 598 87.78 -1.61 23.22
N LEU D 599 88.71 -2.17 22.45
CA LEU D 599 89.65 -3.14 22.98
C LEU D 599 90.53 -2.49 24.02
N ARG D 600 91.08 -1.34 23.66
CA ARG D 600 92.00 -0.63 24.51
C ARG D 600 91.50 -0.57 25.96
N LYS D 601 90.21 -0.31 26.12
CA LYS D 601 89.57 -0.31 27.44
C LYS D 601 89.42 -1.70 28.04
N GLN D 602 89.01 -2.67 27.23
CA GLN D 602 88.85 -4.07 27.67
C GLN D 602 90.16 -4.72 28.12
N ILE D 603 91.26 -4.29 27.51
CA ILE D 603 92.57 -4.83 27.80
C ILE D 603 93.51 -3.65 28.08
N PRO D 604 93.60 -3.25 29.36
CA PRO D 604 94.48 -2.16 29.73
C PRO D 604 95.91 -2.62 29.96
N ASN D 605 96.04 -3.88 30.37
CA ASN D 605 97.28 -4.41 30.91
C ASN D 605 98.32 -4.72 29.85
N VAL D 606 97.93 -5.33 28.74
CA VAL D 606 98.89 -5.76 27.73
C VAL D 606 99.01 -4.73 26.62
N MET D 607 100.21 -4.63 26.06
CA MET D 607 100.48 -3.64 25.03
C MET D 607 99.87 -4.07 23.72
N PHE D 608 99.56 -3.08 22.88
CA PHE D 608 98.94 -3.29 21.58
C PHE D 608 99.96 -3.06 20.49
N GLN D 609 99.93 -3.92 19.48
CA GLN D 609 100.88 -3.85 18.39
C GLN D 609 100.15 -3.88 17.07
N MET D 610 100.68 -3.15 16.09
CA MET D 610 100.10 -3.18 14.75
C MET D 610 101.20 -3.33 13.73
N LEU D 611 100.80 -3.46 12.46
CA LEU D 611 101.74 -3.61 11.34
C LEU D 611 101.50 -2.51 10.32
N LEU D 612 102.57 -1.76 10.01
CA LEU D 612 102.48 -0.54 9.19
C LEU D 612 103.43 -0.61 7.99
N ARG D 613 102.89 -0.58 6.78
CA ARG D 613 103.73 -0.46 5.58
C ARG D 613 104.22 0.99 5.57
N GLY D 614 105.46 1.19 6.01
CA GLY D 614 106.00 2.53 6.24
C GLY D 614 105.57 3.55 5.20
N ALA D 615 105.92 3.28 3.95
CA ALA D 615 105.65 4.20 2.84
C ALA D 615 104.22 4.73 2.86
N ASN D 616 103.26 3.83 2.70
CA ASN D 616 101.85 4.24 2.57
C ASN D 616 100.95 3.80 3.73
N ALA D 617 101.55 3.64 4.91
CA ALA D 617 100.81 3.26 6.12
C ALA D 617 99.99 1.99 5.92
N VAL D 618 98.66 2.10 5.98
CA VAL D 618 97.76 1.00 5.64
C VAL D 618 97.05 1.25 4.31
N GLY D 619 97.48 2.26 3.58
CA GLY D 619 96.84 2.63 2.32
C GLY D 619 97.17 1.74 1.14
N TYR D 620 96.42 1.92 0.06
CA TYR D 620 96.57 1.16 -1.19
C TYR D 620 97.66 1.75 -2.10
N LYS D 621 97.87 3.07 -2.01
CA LYS D 621 98.88 3.76 -2.83
C LYS D 621 99.60 4.76 -1.97
N ASN D 622 100.49 5.53 -2.59
CA ASN D 622 101.34 6.44 -1.82
C ASN D 622 100.69 7.80 -1.55
N TYR D 623 101.06 8.39 -0.41
CA TYR D 623 100.46 9.64 0.07
C TYR D 623 101.52 10.63 0.47
N PRO D 624 101.13 11.89 0.67
CA PRO D 624 102.07 12.86 1.22
C PRO D 624 102.39 12.59 2.70
N ASP D 625 103.51 13.14 3.16
CA ASP D 625 104.09 12.76 4.46
C ASP D 625 103.26 13.18 5.68
N ASN D 626 102.49 14.26 5.53
CA ASN D 626 101.68 14.76 6.65
C ASN D 626 100.56 13.79 7.09
N VAL D 627 99.89 13.15 6.12
CA VAL D 627 98.84 12.15 6.42
C VAL D 627 99.41 10.98 7.22
N ILE D 628 100.62 10.56 6.86
CA ILE D 628 101.28 9.43 7.51
C ILE D 628 101.53 9.80 8.96
N ARG D 629 102.25 10.90 9.17
CA ARG D 629 102.52 11.42 10.51
C ARG D 629 101.22 11.62 11.29
N GLU D 630 100.19 12.13 10.60
CA GLU D 630 98.86 12.31 11.21
C GLU D 630 98.32 10.95 11.65
N PHE D 631 98.25 10.01 10.71
CA PHE D 631 97.75 8.66 10.97
C PHE D 631 98.38 8.06 12.22
N VAL D 632 99.71 8.03 12.24
CA VAL D 632 100.46 7.41 13.34
C VAL D 632 100.18 8.14 14.66
N LYS D 633 100.04 9.47 14.60
CA LYS D 633 99.72 10.26 15.79
C LYS D 633 98.40 9.78 16.40
N GLN D 634 97.36 9.74 15.57
CA GLN D 634 96.02 9.28 15.99
C GLN D 634 96.11 7.88 16.59
N SER D 635 96.73 6.96 15.86
CA SER D 635 96.86 5.55 16.27
C SER D 635 97.46 5.39 17.66
N ALA D 636 98.56 6.12 17.89
CA ALA D 636 99.23 6.13 19.19
C ALA D 636 98.29 6.66 20.28
N GLN D 637 97.57 7.73 19.96
CA GLN D 637 96.55 8.31 20.86
C GLN D 637 95.48 7.29 21.22
N SER D 638 95.00 6.59 20.19
CA SER D 638 93.87 5.67 20.31
C SER D 638 94.21 4.41 21.12
N GLY D 639 95.48 3.99 21.07
CA GLY D 639 95.94 2.85 21.86
C GLY D 639 97.09 1.98 21.37
N VAL D 640 97.63 2.28 20.18
CA VAL D 640 98.70 1.46 19.58
C VAL D 640 100.06 1.77 20.20
N ASP D 641 100.74 0.74 20.68
CA ASP D 641 101.97 0.88 21.48
C ASP D 641 103.25 0.46 20.79
N VAL D 642 103.14 -0.55 19.94
CA VAL D 642 104.30 -1.08 19.23
C VAL D 642 103.93 -1.08 17.75
N PHE D 643 104.84 -0.59 16.92
CA PHE D 643 104.57 -0.49 15.49
C PHE D 643 105.63 -1.26 14.72
N ARG D 644 105.28 -2.46 14.29
CA ARG D 644 106.11 -3.21 13.34
C ARG D 644 105.96 -2.47 12.00
N VAL D 645 107.07 -2.00 11.44
CA VAL D 645 107.03 -1.26 10.19
C VAL D 645 108.06 -1.84 9.19
N PHE D 646 107.64 -1.98 7.94
CA PHE D 646 108.49 -2.54 6.87
C PHE D 646 108.17 -1.84 5.57
N ASP D 647 109.06 -1.94 4.59
CA ASP D 647 108.75 -1.53 3.21
C ASP D 647 108.67 -2.76 2.33
N SER D 648 107.79 -2.71 1.32
CA SER D 648 107.53 -3.87 0.46
C SER D 648 108.72 -4.32 -0.37
N LEU D 649 109.68 -3.43 -0.60
CA LEU D 649 110.87 -3.76 -1.37
C LEU D 649 112.10 -3.99 -0.48
N ASN D 650 111.93 -3.84 0.84
CA ASN D 650 113.04 -3.86 1.80
C ASN D 650 114.06 -2.75 1.55
N TRP D 651 113.53 -1.58 1.17
CA TRP D 651 114.32 -0.40 0.83
C TRP D 651 114.01 0.72 1.88
N ILE D 652 115.04 1.14 2.62
CA ILE D 652 114.84 1.86 3.87
C ILE D 652 114.35 3.30 3.68
N LYS D 653 114.51 3.82 2.45
CA LYS D 653 114.06 5.17 2.05
C LYS D 653 112.61 5.37 2.42
N GLY D 654 111.79 4.40 2.05
CA GLY D 654 110.35 4.48 2.21
C GLY D 654 109.87 4.50 3.66
N MET D 655 110.59 3.81 4.54
CA MET D 655 110.21 3.68 5.95
C MET D 655 110.44 4.95 6.80
N GLU D 656 111.38 5.79 6.37
CA GLU D 656 111.84 6.92 7.21
C GLU D 656 110.73 7.77 7.83
N VAL D 657 109.79 8.20 7.00
CA VAL D 657 108.69 9.10 7.40
C VAL D 657 107.98 8.62 8.66
N SER D 658 107.57 7.36 8.60
CA SER D 658 106.67 6.78 9.60
C SER D 658 107.38 6.45 10.91
N ILE D 659 108.64 6.03 10.81
CA ILE D 659 109.41 5.62 11.99
C ILE D 659 109.59 6.78 12.94
N ASP D 660 109.89 7.95 12.36
CA ASP D 660 110.10 9.17 13.12
C ASP D 660 108.83 9.55 13.87
N ALA D 661 107.69 9.37 13.21
CA ALA D 661 106.38 9.64 13.80
C ALA D 661 106.18 8.86 15.09
N VAL D 662 106.67 7.62 15.12
CA VAL D 662 106.51 6.72 16.28
C VAL D 662 107.43 7.14 17.43
N ARG D 663 108.65 7.55 17.08
CA ARG D 663 109.57 8.13 18.06
C ARG D 663 108.94 9.43 18.59
N GLU D 664 108.40 10.24 17.67
CA GLU D 664 107.70 11.49 18.01
C GLU D 664 106.38 11.25 18.74
N ALA D 665 105.75 10.10 18.49
CA ALA D 665 104.62 9.63 19.29
C ALA D 665 105.07 9.19 20.68
N GLY D 666 106.35 8.89 20.81
CA GLY D 666 106.94 8.45 22.08
C GLY D 666 106.63 6.99 22.36
N LYS D 667 106.45 6.23 21.26
CA LYS D 667 106.07 4.82 21.32
C LYS D 667 107.10 3.96 20.66
N ILE D 668 106.92 2.64 20.79
CA ILE D 668 107.94 1.67 20.37
C ILE D 668 108.01 1.48 18.86
N VAL D 669 109.22 1.50 18.33
CA VAL D 669 109.45 1.20 16.92
C VAL D 669 110.05 -0.19 16.80
N GLU D 670 109.42 -1.05 16.00
CA GLU D 670 109.97 -2.35 15.59
C GLU D 670 110.17 -2.34 14.08
N ALA D 671 111.25 -1.67 13.65
CA ALA D 671 111.67 -1.74 12.26
C ALA D 671 111.96 -3.19 11.96
N ALA D 672 111.38 -3.70 10.87
CA ALA D 672 111.47 -5.12 10.57
C ALA D 672 111.92 -5.44 9.16
N ILE D 673 112.75 -6.48 9.08
CA ILE D 673 113.35 -6.89 7.84
C ILE D 673 112.56 -8.07 7.30
N CYS D 674 112.05 -7.89 6.09
CA CYS D 674 111.32 -8.93 5.40
C CYS D 674 112.30 -9.95 4.79
N TYR D 675 112.12 -11.24 5.07
CA TYR D 675 113.05 -12.31 4.61
C TYR D 675 112.63 -12.91 3.25
N THR D 676 113.59 -13.08 2.34
CA THR D 676 113.34 -13.71 1.02
C THR D 676 114.47 -14.72 0.74
N GLY D 677 114.45 -15.35 -0.45
CA GLY D 677 115.50 -16.26 -0.90
C GLY D 677 115.93 -17.34 0.08
N ASP D 678 117.19 -17.78 -0.03
CA ASP D 678 117.76 -18.75 0.92
C ASP D 678 119.16 -18.32 1.38
N ILE D 679 119.30 -18.05 2.68
CA ILE D 679 120.59 -17.72 3.27
C ILE D 679 121.56 -18.93 3.22
N ASP D 680 121.06 -20.14 3.49
CA ASP D 680 121.95 -21.32 3.49
C ASP D 680 122.42 -21.79 2.14
N ASP D 681 121.60 -21.56 1.12
CA ASP D 681 121.98 -21.86 -0.25
C ASP D 681 122.61 -20.63 -0.92
N ASP D 682 123.86 -20.78 -1.34
CA ASP D 682 124.66 -19.68 -1.87
C ASP D 682 124.56 -19.52 -3.40
N THR D 683 123.92 -20.49 -4.06
CA THR D 683 123.67 -20.40 -5.51
C THR D 683 123.12 -19.03 -5.90
N ARG D 684 122.20 -18.52 -5.08
CA ARG D 684 121.65 -17.17 -5.22
C ARG D 684 122.31 -16.30 -4.15
N THR D 685 123.20 -15.43 -4.60
CA THR D 685 124.09 -14.68 -3.71
C THR D 685 123.43 -13.42 -3.10
N LYS D 686 122.62 -12.73 -3.90
CA LYS D 686 122.10 -11.35 -3.62
C LYS D 686 121.67 -11.06 -2.17
N TYR D 687 120.99 -12.03 -1.54
CA TYR D 687 120.47 -11.86 -0.18
C TYR D 687 121.28 -12.72 0.79
N THR D 688 122.51 -12.31 0.98
CA THR D 688 123.49 -13.04 1.77
C THR D 688 123.28 -12.77 3.26
N ILE D 689 123.69 -13.72 4.10
CA ILE D 689 123.67 -13.50 5.56
C ILE D 689 124.34 -12.17 5.93
N ASP D 690 125.39 -11.78 5.20
CA ASP D 690 126.07 -10.44 5.39
C ASP D 690 125.05 -9.31 5.13
N TYR D 691 124.35 -9.38 3.99
CA TYR D 691 123.40 -8.35 3.57
C TYR D 691 122.29 -8.05 4.59
N TYR D 692 121.74 -9.08 5.24
CA TYR D 692 120.79 -8.90 6.35
C TYR D 692 121.47 -8.37 7.63
N LYS D 693 122.70 -8.81 7.87
CA LYS D 693 123.50 -8.27 8.98
C LYS D 693 123.77 -6.78 8.77
N ASP D 694 124.16 -6.41 7.55
CA ASP D 694 124.40 -5.01 7.19
C ASP D 694 123.16 -4.14 7.31
N MET D 695 122.09 -4.60 6.66
CA MET D 695 120.80 -3.91 6.66
C MET D 695 120.23 -3.65 8.09
N ALA D 696 120.48 -4.59 9.01
CA ALA D 696 120.10 -4.45 10.42
C ALA D 696 120.90 -3.35 11.15
N LYS D 697 122.17 -3.20 10.79
CA LYS D 697 122.99 -2.12 11.30
C LYS D 697 122.31 -0.78 10.98
N GLU D 698 121.97 -0.56 9.70
CA GLU D 698 121.42 0.77 9.30
C GLU D 698 120.10 1.10 9.93
N LEU D 699 119.33 0.06 10.30
CA LEU D 699 118.03 0.24 10.95
C LEU D 699 118.18 0.53 12.43
N VAL D 700 119.26 0.03 13.04
CA VAL D 700 119.64 0.43 14.40
C VAL D 700 120.15 1.88 14.38
N ALA D 701 120.89 2.22 13.30
CA ALA D 701 121.35 3.59 13.03
C ALA D 701 120.18 4.57 12.80
N GLN D 702 119.23 4.18 11.95
CA GLN D 702 117.99 4.96 11.75
C GLN D 702 117.14 4.97 13.03
N GLY D 703 117.47 4.09 13.97
CA GLY D 703 116.86 4.07 15.29
C GLY D 703 115.63 3.20 15.31
N THR D 704 115.69 2.14 16.12
CA THR D 704 114.54 1.27 16.35
C THR D 704 114.66 0.60 17.70
N HIS D 705 113.67 0.78 18.56
CA HIS D 705 113.67 0.18 19.90
C HIS D 705 113.86 -1.34 19.86
N ILE D 706 113.35 -1.97 18.80
CA ILE D 706 113.42 -3.42 18.58
C ILE D 706 113.60 -3.74 17.09
N LEU D 707 114.27 -4.85 16.78
CA LEU D 707 114.39 -5.31 15.40
C LEU D 707 113.63 -6.61 15.21
N GLY D 708 112.58 -6.55 14.40
CA GLY D 708 111.80 -7.73 14.05
C GLY D 708 112.15 -8.28 12.68
N ILE D 709 112.00 -9.59 12.53
CA ILE D 709 112.17 -10.22 11.21
C ILE D 709 110.83 -10.80 10.75
N LYS D 710 110.28 -10.21 9.68
CA LYS D 710 108.99 -10.62 9.13
C LYS D 710 109.22 -11.62 8.00
N ASP D 711 109.07 -12.90 8.32
CA ASP D 711 109.12 -13.97 7.32
C ASP D 711 107.71 -14.22 6.79
N MET D 712 107.29 -13.43 5.81
CA MET D 712 105.89 -13.43 5.39
C MET D 712 105.45 -14.68 4.63
N ALA D 713 106.39 -15.48 4.13
CA ALA D 713 106.01 -16.65 3.33
C ALA D 713 106.14 -17.97 4.09
N GLY D 714 107.03 -18.03 5.08
CA GLY D 714 107.36 -19.27 5.79
C GLY D 714 108.65 -19.90 5.29
N LEU D 715 109.50 -19.07 4.69
CA LEU D 715 110.70 -19.51 4.00
C LEU D 715 111.90 -19.78 4.94
N LEU D 716 111.86 -19.21 6.14
CA LEU D 716 112.97 -19.40 7.09
C LEU D 716 112.98 -20.82 7.61
N LYS D 717 113.79 -21.65 6.96
CA LYS D 717 114.00 -23.03 7.36
C LYS D 717 114.58 -23.02 8.76
N PRO D 718 114.30 -24.03 9.58
CA PRO D 718 114.76 -24.01 10.99
C PRO D 718 116.29 -23.93 11.17
N GLN D 719 117.06 -24.63 10.34
CA GLN D 719 118.52 -24.54 10.40
C GLN D 719 119.01 -23.10 10.12
N ALA D 720 118.44 -22.44 9.11
CA ALA D 720 118.77 -21.04 8.79
C ALA D 720 118.43 -20.07 9.94
N ALA D 721 117.37 -20.37 10.69
CA ALA D 721 116.95 -19.55 11.83
C ALA D 721 117.93 -19.60 12.98
N TYR D 722 118.46 -20.78 13.28
CA TYR D 722 119.49 -20.92 14.32
C TYR D 722 120.66 -20.02 13.98
N ARG D 723 121.10 -20.09 12.73
CA ARG D 723 122.22 -19.27 12.23
C ARG D 723 121.90 -17.78 12.31
N LEU D 724 120.72 -17.38 11.82
CA LEU D 724 120.38 -15.95 11.72
C LEU D 724 120.22 -15.20 13.03
N ILE D 725 119.60 -15.84 14.03
CA ILE D 725 119.43 -15.21 15.34
C ILE D 725 120.77 -15.05 16.04
N GLY D 726 121.53 -16.14 16.08
CA GLY D 726 122.88 -16.11 16.64
C GLY D 726 123.82 -15.10 15.97
N GLU D 727 123.71 -14.97 14.64
CA GLU D 727 124.55 -14.05 13.85
C GLU D 727 124.12 -12.59 13.97
N LEU D 728 122.83 -12.34 14.20
CA LEU D 728 122.32 -10.97 14.41
C LEU D 728 122.41 -10.52 15.86
N LYS D 729 122.30 -11.44 16.82
CA LYS D 729 122.58 -11.07 18.21
C LYS D 729 124.02 -10.62 18.39
N ASP D 730 124.92 -11.23 17.64
CA ASP D 730 126.32 -10.78 17.55
C ASP D 730 126.41 -9.41 16.89
N THR D 731 125.76 -9.26 15.74
CA THR D 731 125.87 -8.04 14.93
C THR D 731 125.34 -6.77 15.62
N VAL D 732 124.24 -6.90 16.38
CA VAL D 732 123.60 -5.72 17.00
C VAL D 732 123.05 -6.01 18.40
N ASP D 733 122.99 -4.96 19.23
CA ASP D 733 122.64 -5.10 20.67
C ASP D 733 121.10 -5.14 20.94
N VAL D 734 120.28 -4.67 20.00
CA VAL D 734 118.80 -4.65 20.15
C VAL D 734 118.16 -6.03 20.45
N PRO D 735 116.99 -6.05 21.13
CA PRO D 735 116.23 -7.30 21.20
C PRO D 735 115.64 -7.69 19.84
N ILE D 736 115.38 -8.98 19.62
CA ILE D 736 114.87 -9.47 18.34
C ILE D 736 113.51 -10.20 18.46
N HIS D 737 112.69 -9.98 17.43
CA HIS D 737 111.28 -10.35 17.38
C HIS D 737 111.01 -11.03 16.02
N LEU D 738 110.53 -12.27 16.03
CA LEU D 738 110.39 -13.04 14.78
C LEU D 738 108.95 -13.42 14.45
N HIS D 739 108.58 -13.17 13.20
CA HIS D 739 107.25 -13.44 12.65
C HIS D 739 107.46 -14.45 11.53
N THR D 740 106.84 -15.61 11.65
CA THR D 740 106.85 -16.59 10.55
C THR D 740 105.48 -17.21 10.35
N HIS D 741 105.30 -17.79 9.16
CA HIS D 741 104.07 -18.47 8.77
C HIS D 741 104.34 -19.97 8.62
N ASP D 742 103.43 -20.77 9.17
CA ASP D 742 103.59 -22.22 9.26
C ASP D 742 103.21 -22.98 7.98
N THR D 743 103.22 -22.30 6.83
CA THR D 743 102.82 -22.94 5.55
C THR D 743 103.61 -24.23 5.35
N SER D 744 104.91 -24.16 5.60
CA SER D 744 105.85 -25.28 5.38
C SER D 744 105.67 -26.51 6.30
N GLY D 745 105.12 -26.31 7.49
CA GLY D 745 105.06 -27.35 8.50
C GLY D 745 106.21 -27.23 9.49
N ASN D 746 107.15 -26.34 9.19
CA ASN D 746 108.35 -26.11 10.01
C ASN D 746 108.26 -24.83 10.84
N GLY D 747 107.04 -24.45 11.20
CA GLY D 747 106.82 -23.22 11.93
C GLY D 747 107.35 -23.31 13.35
N ILE D 748 106.87 -24.28 14.11
CA ILE D 748 107.28 -24.46 15.49
C ILE D 748 108.77 -24.77 15.57
N TYR D 749 109.29 -25.56 14.63
CA TYR D 749 110.71 -25.89 14.65
C TYR D 749 111.56 -24.64 14.37
N THR D 750 111.18 -23.84 13.37
CA THR D 750 111.89 -22.58 13.09
C THR D 750 111.95 -21.68 14.34
N TYR D 751 110.92 -21.70 15.19
CA TYR D 751 111.00 -20.96 16.48
C TYR D 751 111.95 -21.57 17.48
N ALA D 752 111.87 -22.89 17.65
CA ALA D 752 112.78 -23.59 18.54
C ALA D 752 114.25 -23.27 18.20
N ALA D 753 114.54 -23.16 16.91
CA ALA D 753 115.86 -22.72 16.43
C ALA D 753 116.19 -21.32 16.93
N ALA D 754 115.22 -20.41 16.79
CA ALA D 754 115.39 -19.06 17.27
C ALA D 754 115.59 -19.03 18.79
N VAL D 755 114.80 -19.79 19.54
CA VAL D 755 114.90 -19.83 21.02
C VAL D 755 116.24 -20.42 21.50
N SER D 756 116.72 -21.44 20.79
CA SER D 756 118.05 -21.98 21.03
C SER D 756 119.10 -20.90 20.77
N ALA D 757 118.98 -20.20 19.64
CA ALA D 757 119.86 -19.06 19.30
C ALA D 757 119.57 -17.78 20.09
N GLY D 758 118.60 -17.82 21.01
CA GLY D 758 118.41 -16.79 22.02
C GLY D 758 117.61 -15.55 21.63
N VAL D 759 116.64 -15.69 20.73
CA VAL D 759 115.82 -14.55 20.30
C VAL D 759 114.79 -14.21 21.38
N ASP D 760 114.41 -12.92 21.45
CA ASP D 760 113.61 -12.40 22.57
C ASP D 760 112.10 -12.63 22.44
N ILE D 761 111.53 -12.33 21.26
CA ILE D 761 110.06 -12.36 21.02
C ILE D 761 109.64 -13.06 19.73
N VAL D 762 108.56 -13.84 19.81
CA VAL D 762 108.00 -14.53 18.64
C VAL D 762 106.48 -14.43 18.56
N ASP D 763 105.96 -14.55 17.33
CA ASP D 763 104.52 -14.44 17.02
C ASP D 763 103.80 -15.78 16.97
N VAL D 764 102.79 -15.97 17.82
CA VAL D 764 101.98 -17.18 17.82
C VAL D 764 100.50 -16.83 17.88
N ALA D 765 99.65 -17.85 17.71
CA ALA D 765 98.21 -17.67 17.75
C ALA D 765 97.56 -18.84 18.46
N SER D 766 96.29 -18.69 18.84
CA SER D 766 95.60 -19.76 19.54
C SER D 766 95.57 -21.00 18.65
N SER D 767 95.76 -22.17 19.24
CA SER D 767 95.79 -23.42 18.49
C SER D 767 94.75 -23.40 17.36
N ALA D 768 93.50 -23.08 17.70
CA ALA D 768 92.40 -23.19 16.75
C ALA D 768 92.53 -22.25 15.57
N MET D 769 93.41 -21.27 15.66
CA MET D 769 93.66 -20.36 14.54
C MET D 769 95.11 -20.39 14.11
N SER D 770 95.83 -21.43 14.53
CA SER D 770 97.21 -21.61 14.15
C SER D 770 97.33 -22.56 12.98
N GLY D 771 98.54 -22.71 12.50
CA GLY D 771 98.83 -23.65 11.42
C GLY D 771 98.67 -23.07 10.02
N ALA D 772 98.98 -23.89 9.03
CA ALA D 772 98.77 -23.49 7.64
C ALA D 772 99.47 -22.17 7.38
N THR D 773 98.80 -21.25 6.71
CA THR D 773 99.34 -19.94 6.44
C THR D 773 99.32 -19.00 7.65
N SER D 774 98.94 -19.51 8.82
CA SER D 774 98.93 -18.72 10.06
C SER D 774 100.22 -18.89 10.83
N GLN D 775 100.29 -18.25 11.99
CA GLN D 775 101.40 -18.46 12.91
C GLN D 775 101.25 -19.80 13.62
N PRO D 776 102.34 -20.28 14.24
CA PRO D 776 102.32 -21.53 15.01
C PRO D 776 101.56 -21.42 16.32
N SER D 777 101.12 -22.54 16.86
CA SER D 777 100.31 -22.50 18.07
C SER D 777 101.09 -21.97 19.27
N MET D 778 100.50 -21.02 19.99
CA MET D 778 101.09 -20.55 21.23
C MET D 778 101.22 -21.71 22.19
N THR D 779 100.12 -22.43 22.37
CA THR D 779 100.06 -23.52 23.31
C THR D 779 100.94 -24.64 22.77
N GLY D 780 101.04 -24.74 21.44
CA GLY D 780 101.93 -25.70 20.80
C GLY D 780 103.38 -25.44 21.17
N LEU D 781 103.80 -24.18 21.06
CA LEU D 781 105.18 -23.78 21.36
C LEU D 781 105.54 -24.05 22.83
N TYR D 782 104.66 -23.64 23.74
CA TYR D 782 104.89 -23.83 25.17
C TYR D 782 105.20 -25.29 25.47
N TYR D 783 104.31 -26.18 25.02
CA TYR D 783 104.52 -27.61 25.24
C TYR D 783 105.73 -28.16 24.47
N GLY D 784 106.17 -27.44 23.44
CA GLY D 784 107.39 -27.76 22.70
C GLY D 784 108.66 -27.45 23.47
N LEU D 785 108.69 -26.28 24.13
CA LEU D 785 109.86 -25.80 24.89
C LEU D 785 109.81 -26.11 26.39
N VAL D 786 108.80 -26.87 26.81
CA VAL D 786 108.39 -26.94 28.23
C VAL D 786 109.48 -27.24 29.24
N ASN D 787 110.38 -28.18 28.95
CA ASN D 787 111.44 -28.51 29.91
C ASN D 787 112.85 -28.32 29.33
N GLY D 788 112.95 -27.54 28.26
CA GLY D 788 114.24 -27.21 27.67
C GLY D 788 115.01 -26.20 28.50
N ASN D 789 116.13 -25.74 27.95
CA ASN D 789 116.99 -24.77 28.63
C ASN D 789 116.24 -23.44 28.75
N ARG D 790 115.64 -23.03 27.63
CA ARG D 790 114.86 -21.79 27.57
C ARG D 790 113.38 -22.12 27.40
N GLN D 791 112.50 -21.28 27.94
CA GLN D 791 111.05 -21.53 27.91
C GLN D 791 110.23 -20.26 27.75
N THR D 792 108.91 -20.43 27.75
CA THR D 792 107.95 -19.30 27.71
C THR D 792 106.96 -19.52 28.83
N ASN D 793 106.75 -18.49 29.64
CA ASN D 793 105.88 -18.63 30.79
C ASN D 793 104.45 -18.17 30.45
N LEU D 794 103.61 -19.16 30.14
CA LEU D 794 102.19 -18.97 29.87
C LEU D 794 101.44 -20.14 30.49
N ASP D 795 100.35 -19.87 31.19
CA ASP D 795 99.51 -20.96 31.73
C ASP D 795 98.91 -21.73 30.57
N ALA D 796 99.35 -22.97 30.40
CA ALA D 796 98.87 -23.84 29.34
C ALA D 796 97.35 -23.88 29.35
N GLN D 797 96.78 -24.32 30.46
CA GLN D 797 95.34 -24.45 30.58
C GLN D 797 94.57 -23.19 30.18
N ASN D 798 95.10 -22.02 30.55
CA ASN D 798 94.48 -20.76 30.20
C ASN D 798 94.33 -20.66 28.69
N SER D 799 95.47 -20.77 28.00
CA SER D 799 95.52 -20.59 26.55
C SER D 799 94.54 -21.52 25.85
N GLN D 800 94.34 -22.70 26.43
CA GLN D 800 93.38 -23.69 25.94
C GLN D 800 91.94 -23.20 26.10
N ILE D 801 91.64 -22.59 27.25
CA ILE D 801 90.30 -22.07 27.48
C ILE D 801 89.98 -21.00 26.42
N ILE D 802 90.93 -20.09 26.19
CA ILE D 802 90.81 -19.11 25.10
C ILE D 802 90.58 -19.81 23.77
N ASN D 803 91.35 -20.85 23.52
CA ASN D 803 91.22 -21.63 22.29
C ASN D 803 89.82 -22.20 22.06
N HIS D 804 89.22 -22.71 23.13
CA HIS D 804 87.89 -23.31 23.06
C HIS D 804 86.88 -22.38 22.43
N TYR D 805 87.04 -21.10 22.73
CA TYR D 805 86.19 -20.07 22.16
C TYR D 805 86.41 -20.05 20.66
N TRP D 806 87.64 -19.74 20.27
CA TRP D 806 87.98 -19.66 18.87
C TRP D 806 87.66 -20.93 18.08
N GLU D 807 88.00 -22.10 18.63
CA GLU D 807 87.54 -23.38 18.07
C GLU D 807 86.11 -23.23 17.59
N ASP D 808 85.23 -22.84 18.51
CA ASP D 808 83.81 -22.72 18.23
C ASP D 808 83.48 -21.60 17.25
N VAL D 809 84.16 -20.47 17.36
CA VAL D 809 83.83 -19.29 16.55
C VAL D 809 84.19 -19.43 15.08
N ARG D 810 85.33 -20.06 14.81
CA ARG D 810 85.76 -20.22 13.43
C ARG D 810 84.67 -20.76 12.49
N HIS D 811 83.77 -21.58 13.01
CA HIS D 811 82.70 -22.14 12.20
C HIS D 811 81.81 -21.10 11.53
N TYR D 812 81.65 -19.97 12.19
CA TYR D 812 80.90 -18.86 11.61
C TYR D 812 81.46 -18.50 10.25
N TYR D 813 82.77 -18.68 10.09
CA TYR D 813 83.48 -18.19 8.93
C TYR D 813 83.86 -19.26 7.92
N LYS D 814 83.26 -20.46 8.01
CA LYS D 814 83.55 -21.53 7.05
C LYS D 814 83.52 -21.04 5.58
N ASP D 815 82.61 -20.15 5.23
CA ASP D 815 82.60 -19.52 3.90
C ASP D 815 83.92 -18.92 3.47
N PHE D 816 84.74 -18.52 4.42
CA PHE D 816 85.96 -17.85 4.10
C PHE D 816 87.17 -18.71 4.45
N ASP D 817 86.92 -19.94 4.88
CA ASP D 817 87.98 -20.82 5.33
C ASP D 817 88.42 -21.71 4.18
N ASN D 818 88.88 -21.06 3.11
CA ASN D 818 89.29 -21.75 1.90
C ASN D 818 90.74 -22.24 1.97
N ALA D 819 91.38 -22.08 3.13
CA ALA D 819 92.78 -22.46 3.30
C ALA D 819 92.97 -23.97 3.25
N LEU D 820 94.10 -24.41 2.68
CA LEU D 820 94.47 -25.84 2.63
C LEU D 820 95.02 -26.23 4.01
N ASN D 821 94.71 -27.45 4.47
CA ASN D 821 94.92 -27.84 5.87
C ASN D 821 95.98 -28.95 6.08
N SER D 822 96.98 -29.01 5.17
CA SER D 822 98.15 -29.89 5.28
C SER D 822 99.41 -29.14 4.85
N PRO D 823 100.61 -29.61 5.29
CA PRO D 823 101.85 -28.86 4.96
C PRO D 823 102.06 -28.73 3.46
N GLN D 824 101.98 -27.50 2.94
CA GLN D 824 102.24 -27.22 1.54
C GLN D 824 103.74 -26.88 1.36
N THR D 825 104.54 -27.91 1.09
CA THR D 825 106.01 -27.79 1.00
C THR D 825 106.48 -27.11 -0.28
N GLU D 826 105.59 -27.03 -1.27
CA GLU D 826 105.89 -26.40 -2.56
C GLU D 826 106.27 -24.93 -2.42
N VAL D 827 105.90 -24.34 -1.29
CA VAL D 827 106.10 -22.91 -1.02
C VAL D 827 107.51 -22.36 -1.26
N TYR D 828 108.53 -23.18 -1.02
CA TYR D 828 109.90 -22.73 -1.15
C TYR D 828 110.24 -22.41 -2.61
N ILE D 829 109.69 -23.18 -3.55
CA ILE D 829 109.91 -22.98 -4.98
C ILE D 829 109.31 -21.65 -5.47
N HIS D 830 108.00 -21.48 -5.27
CA HIS D 830 107.31 -20.30 -5.77
C HIS D 830 107.41 -19.10 -4.84
N GLU D 831 107.80 -19.34 -3.59
CA GLU D 831 108.11 -18.29 -2.63
C GLU D 831 106.92 -17.35 -2.31
N MET D 832 105.75 -17.61 -2.91
CA MET D 832 104.58 -16.71 -2.84
C MET D 832 104.20 -16.49 -1.33
N PRO D 833 103.32 -15.49 -1.03
CA PRO D 833 103.12 -15.11 0.38
C PRO D 833 102.53 -16.27 1.20
N ARG D 943 111.82 8.52 -2.75
CA ARG D 943 110.50 8.55 -2.07
C ARG D 943 109.43 9.47 -2.71
N PRO D 944 108.44 8.87 -3.40
CA PRO D 944 107.43 9.70 -4.08
C PRO D 944 106.50 10.51 -3.14
N GLY D 945 106.32 10.02 -1.91
CA GLY D 945 105.47 10.68 -0.91
C GLY D 945 105.88 12.11 -0.59
N ALA D 946 107.18 12.32 -0.42
CA ALA D 946 107.72 13.64 -0.13
C ALA D 946 107.51 14.62 -1.28
N LEU D 947 107.70 14.14 -2.52
CA LEU D 947 107.56 14.98 -3.72
C LEU D 947 106.09 15.38 -3.95
N MET D 948 105.17 14.48 -3.64
CA MET D 948 103.73 14.77 -3.69
C MET D 948 103.32 15.93 -2.78
N GLU D 949 102.41 16.77 -3.28
CA GLU D 949 101.92 17.92 -2.52
C GLU D 949 101.11 17.57 -1.25
N PRO D 950 101.40 18.23 -0.11
CA PRO D 950 100.62 17.82 1.07
C PRO D 950 99.13 18.08 0.95
N VAL D 951 98.35 17.34 1.73
CA VAL D 951 96.93 17.56 1.86
C VAL D 951 96.68 18.60 2.93
N ASN D 952 95.79 19.55 2.63
CA ASN D 952 95.30 20.50 3.60
C ASN D 952 94.08 19.87 4.25
N PHE D 953 94.19 19.58 5.54
CA PHE D 953 93.18 18.80 6.25
C PHE D 953 91.82 19.52 6.29
N VAL D 954 91.84 20.84 6.38
CA VAL D 954 90.62 21.64 6.58
C VAL D 954 89.80 21.76 5.30
N GLU D 955 90.46 21.96 4.15
CA GLU D 955 89.75 22.03 2.85
C GLU D 955 89.01 20.72 2.56
N VAL D 956 89.66 19.58 2.83
CA VAL D 956 89.03 18.25 2.66
C VAL D 956 88.04 17.98 3.84
N LYS D 957 88.40 18.34 5.08
CA LYS D 957 87.50 18.19 6.24
C LYS D 957 86.14 18.87 5.99
N ALA D 958 86.17 20.02 5.32
CA ALA D 958 84.95 20.71 4.93
C ALA D 958 84.30 20.04 3.72
N GLU D 959 85.11 19.59 2.76
CA GLU D 959 84.61 18.84 1.60
C GLU D 959 83.78 17.64 2.03
N LEU D 960 84.36 16.85 2.95
CA LEU D 960 83.71 15.68 3.53
C LEU D 960 82.42 16.07 4.28
N LYS D 961 82.51 17.05 5.18
CA LYS D 961 81.35 17.49 5.96
C LYS D 961 80.16 17.81 5.08
N GLU D 962 80.44 18.45 3.93
CA GLU D 962 79.45 18.72 2.87
C GLU D 962 78.99 17.46 2.19
N LYS D 963 79.95 16.58 1.92
CA LYS D 963 79.71 15.27 1.34
C LYS D 963 78.91 14.35 2.31
N MET D 964 79.39 14.25 3.55
CA MET D 964 78.71 13.48 4.60
C MET D 964 77.53 14.30 5.12
N GLY D 965 76.67 13.66 5.90
CA GLY D 965 75.52 14.35 6.49
C GLY D 965 75.88 15.43 7.50
N TYR D 966 77.02 15.30 8.17
CA TYR D 966 77.36 16.13 9.34
C TYR D 966 78.85 16.48 9.45
N GLU D 967 79.26 17.02 10.61
CA GLU D 967 80.65 17.40 10.88
C GLU D 967 81.48 16.17 11.33
N PRO D 968 82.58 15.87 10.63
CA PRO D 968 83.39 14.67 10.89
C PRO D 968 84.39 14.84 12.02
N THR D 969 84.82 13.72 12.61
CA THR D 969 85.88 13.73 13.62
C THR D 969 87.22 13.63 12.90
N GLU D 970 88.30 13.86 13.64
CA GLU D 970 89.67 13.85 13.09
C GLU D 970 89.96 12.53 12.39
N LYS D 971 89.57 11.44 13.05
CA LYS D 971 89.74 10.09 12.52
C LYS D 971 88.99 9.86 11.21
N ASP D 972 87.72 10.24 11.18
CA ASP D 972 86.89 10.09 9.96
C ASP D 972 87.60 10.68 8.75
N VAL D 973 88.31 11.79 8.99
CA VAL D 973 89.02 12.49 7.93
C VAL D 973 90.18 11.67 7.35
N ILE D 974 91.08 11.20 8.20
CA ILE D 974 92.26 10.46 7.73
C ILE D 974 91.79 9.27 6.91
N SER D 975 90.85 8.51 7.48
CA SER D 975 90.24 7.36 6.81
C SER D 975 89.77 7.74 5.40
N TYR D 976 89.04 8.86 5.28
CA TYR D 976 88.56 9.33 3.97
C TYR D 976 89.72 9.56 3.01
N ILE D 977 90.76 10.23 3.51
CA ILE D 977 91.97 10.52 2.72
C ILE D 977 92.60 9.22 2.19
N LEU D 978 92.74 8.24 3.08
CA LEU D 978 93.40 6.98 2.75
C LEU D 978 92.55 6.11 1.82
N TYR D 979 91.26 6.00 2.10
CA TYR D 979 90.35 5.21 1.28
C TYR D 979 89.06 5.99 0.97
N PRO D 980 89.11 6.91 -0.01
CA PRO D 980 87.98 7.80 -0.24
C PRO D 980 86.79 7.10 -0.87
N LYS D 981 87.03 6.32 -1.93
CA LYS D 981 85.94 5.61 -2.60
C LYS D 981 85.19 4.76 -1.59
N VAL D 982 85.91 3.99 -0.77
CA VAL D 982 85.28 3.07 0.18
C VAL D 982 84.63 3.78 1.36
N PHE D 983 85.23 4.88 1.82
CA PHE D 983 84.72 5.56 3.02
C PHE D 983 83.34 6.14 2.79
N LEU D 984 83.14 6.78 1.64
CA LEU D 984 81.83 7.26 1.24
C LEU D 984 80.87 6.07 1.09
N ASP D 985 81.32 5.03 0.37
CA ASP D 985 80.53 3.80 0.19
C ASP D 985 80.13 3.20 1.55
N TYR D 986 81.05 3.24 2.51
CA TYR D 986 80.78 2.79 3.87
C TYR D 986 79.74 3.66 4.54
N GLN D 987 79.91 4.98 4.42
CA GLN D 987 78.91 5.93 4.92
C GLN D 987 77.54 5.72 4.34
N GLU D 988 77.44 5.70 3.00
CA GLU D 988 76.18 5.49 2.30
C GLU D 988 75.51 4.22 2.79
N MET D 989 76.31 3.18 3.04
CA MET D 989 75.77 1.90 3.49
C MET D 989 75.35 1.94 4.96
N ILE D 990 76.08 2.67 5.80
CA ILE D 990 75.72 2.80 7.20
C ILE D 990 74.43 3.63 7.39
N ASN D 991 74.23 4.61 6.53
CA ASN D 991 72.98 5.40 6.54
C ASN D 991 71.79 4.52 6.18
N LYS D 992 71.98 3.66 5.19
CA LYS D 992 70.93 2.76 4.74
C LYS D 992 70.52 1.71 5.77
N TYR D 993 71.51 1.09 6.42
CA TYR D 993 71.27 -0.07 7.31
C TYR D 993 71.60 0.16 8.79
N GLY D 994 72.22 1.31 9.10
CA GLY D 994 72.60 1.60 10.48
C GLY D 994 73.84 0.84 10.89
N ASP D 995 74.18 0.90 12.18
CA ASP D 995 75.40 0.27 12.73
C ASP D 995 75.21 -1.24 12.80
N VAL D 996 75.73 -1.94 11.79
CA VAL D 996 75.62 -3.39 11.71
C VAL D 996 76.64 -4.09 12.60
N THR D 997 77.71 -3.39 12.96
CA THR D 997 78.73 -3.96 13.84
C THR D 997 78.10 -4.90 14.86
N VAL D 998 76.92 -4.51 15.37
CA VAL D 998 76.26 -5.20 16.47
C VAL D 998 75.67 -6.60 16.19
N LEU D 999 75.29 -6.90 14.95
CA LEU D 999 74.59 -8.17 14.69
C LEU D 999 75.50 -9.38 14.92
N ASP D 1000 74.94 -10.45 15.48
CA ASP D 1000 75.72 -11.67 15.62
C ASP D 1000 76.18 -12.05 14.23
N THR D 1001 77.38 -12.59 14.17
CA THR D 1001 77.99 -12.91 12.88
C THR D 1001 77.09 -13.74 11.95
N PRO D 1002 76.57 -14.88 12.42
CA PRO D 1002 75.73 -15.67 11.48
C PRO D 1002 74.62 -14.85 10.82
N THR D 1003 73.91 -14.07 11.62
CA THR D 1003 72.87 -13.21 11.09
C THR D 1003 73.44 -12.22 10.06
N PHE D 1004 74.63 -11.67 10.35
CA PHE D 1004 75.30 -10.72 9.44
C PHE D 1004 75.55 -11.31 8.06
N TYR D 1005 76.02 -12.57 8.02
CA TYR D 1005 76.36 -13.25 6.76
C TYR D 1005 75.22 -14.10 6.17
N LYS D 1006 74.31 -14.59 7.02
CA LYS D 1006 73.28 -15.51 6.56
C LYS D 1006 71.85 -15.01 6.71
N GLY D 1007 71.67 -13.83 7.30
CA GLY D 1007 70.33 -13.30 7.51
C GLY D 1007 69.56 -14.15 8.53
N MET D 1008 68.30 -14.45 8.23
CA MET D 1008 67.47 -15.21 9.15
C MET D 1008 66.76 -16.36 8.48
N ARG D 1009 66.59 -17.44 9.23
CA ARG D 1009 65.73 -18.55 8.85
C ARG D 1009 64.29 -18.19 9.13
N LEU D 1010 63.35 -18.86 8.47
CA LEU D 1010 61.91 -18.64 8.73
C LEU D 1010 61.49 -19.13 10.10
N GLY D 1011 60.77 -18.27 10.82
CA GLY D 1011 60.30 -18.60 12.17
C GLY D 1011 61.39 -18.48 13.22
N GLU D 1012 62.53 -17.97 12.80
CA GLU D 1012 63.64 -17.79 13.71
C GLU D 1012 63.39 -16.52 14.47
N THR D 1013 63.86 -16.47 15.71
CA THR D 1013 63.83 -15.26 16.51
C THR D 1013 65.22 -15.00 17.04
N ILE D 1014 65.63 -13.74 16.97
CA ILE D 1014 66.97 -13.35 17.40
C ILE D 1014 66.85 -12.08 18.21
N GLU D 1015 67.89 -11.80 18.99
CA GLU D 1015 67.95 -10.54 19.74
C GLU D 1015 69.19 -9.80 19.32
N VAL D 1016 69.12 -8.48 19.21
CA VAL D 1016 70.31 -7.71 18.86
C VAL D 1016 70.44 -6.56 19.86
N GLU D 1017 71.63 -6.42 20.45
CA GLU D 1017 71.89 -5.35 21.41
C GLU D 1017 72.51 -4.15 20.72
N LEU D 1018 71.69 -3.13 20.49
CA LEU D 1018 72.14 -1.91 19.84
C LEU D 1018 73.06 -1.06 20.72
N GLU D 1019 72.88 -1.18 22.03
CA GLU D 1019 73.53 -0.33 23.02
C GLU D 1019 73.29 -1.01 24.37
N LYS D 1020 73.95 -0.56 25.43
CA LYS D 1020 73.70 -1.15 26.74
C LYS D 1020 72.23 -1.02 27.10
N GLY D 1021 71.58 -2.17 27.31
CA GLY D 1021 70.17 -2.22 27.74
C GLY D 1021 69.10 -2.05 26.67
N LYS D 1022 69.51 -1.92 25.40
CA LYS D 1022 68.59 -1.73 24.29
C LYS D 1022 68.63 -2.91 23.32
N ILE D 1023 67.71 -3.84 23.52
CA ILE D 1023 67.69 -5.10 22.80
C ILE D 1023 66.47 -5.12 21.87
N LEU D 1024 66.66 -5.54 20.61
CA LEU D 1024 65.54 -5.74 19.70
C LEU D 1024 65.23 -7.21 19.61
N LEU D 1025 64.03 -7.61 20.01
CA LEU D 1025 63.59 -8.96 19.74
C LEU D 1025 63.10 -8.91 18.32
N ILE D 1026 63.61 -9.80 17.48
CA ILE D 1026 63.26 -9.84 16.06
C ILE D 1026 62.92 -11.27 15.64
N LYS D 1027 61.75 -11.43 15.04
CA LYS D 1027 61.34 -12.70 14.48
C LYS D 1027 60.95 -12.50 13.05
N LEU D 1028 61.31 -13.47 12.22
CA LEU D 1028 60.88 -13.50 10.84
C LEU D 1028 59.84 -14.59 10.73
N ASN D 1029 58.65 -14.19 10.28
CA ASN D 1029 57.51 -15.07 10.17
C ASN D 1029 57.40 -15.75 8.82
N SER D 1030 57.39 -14.91 7.78
CA SER D 1030 57.34 -15.38 6.42
C SER D 1030 57.83 -14.32 5.44
N ILE D 1031 58.04 -14.75 4.20
CA ILE D 1031 58.52 -13.88 3.13
C ILE D 1031 57.47 -13.78 2.01
N GLY D 1032 57.19 -12.55 1.62
CA GLY D 1032 56.18 -12.24 0.62
C GLY D 1032 56.55 -12.76 -0.74
N GLU D 1033 55.55 -12.84 -1.62
CA GLU D 1033 55.73 -13.32 -2.98
C GLU D 1033 56.14 -12.12 -3.84
N PRO D 1034 56.99 -12.35 -4.86
CA PRO D 1034 57.38 -11.18 -5.63
C PRO D 1034 56.22 -10.59 -6.43
N ILE D 1035 56.29 -9.29 -6.71
CA ILE D 1035 55.32 -8.63 -7.57
C ILE D 1035 55.95 -8.35 -8.94
N ALA D 1036 55.43 -7.37 -9.66
CA ALA D 1036 55.83 -7.09 -11.03
C ALA D 1036 57.31 -6.79 -11.14
N ASP D 1037 57.74 -5.76 -10.42
CA ASP D 1037 59.14 -5.31 -10.50
C ASP D 1037 60.10 -6.06 -9.54
N GLY D 1038 59.69 -7.24 -9.07
CA GLY D 1038 60.56 -8.11 -8.27
C GLY D 1038 60.52 -7.88 -6.76
N THR D 1039 60.03 -6.71 -6.34
CA THR D 1039 59.84 -6.40 -4.93
C THR D 1039 58.98 -7.43 -4.21
N ARG D 1040 59.36 -7.76 -2.98
CA ARG D 1040 58.51 -8.58 -2.11
C ARG D 1040 58.59 -8.13 -0.67
N VAL D 1041 57.46 -8.26 0.02
CA VAL D 1041 57.33 -7.82 1.39
C VAL D 1041 57.85 -8.92 2.29
N ILE D 1042 58.72 -8.57 3.24
CA ILE D 1042 59.17 -9.50 4.27
C ILE D 1042 58.38 -9.24 5.54
N TYR D 1043 57.89 -10.32 6.17
CA TYR D 1043 57.03 -10.22 7.37
C TYR D 1043 57.77 -10.51 8.68
N PHE D 1044 57.94 -9.45 9.46
CA PHE D 1044 58.69 -9.50 10.70
C PHE D 1044 57.81 -9.27 11.94
N GLU D 1045 58.40 -9.56 13.11
CA GLU D 1045 57.89 -9.07 14.40
C GLU D 1045 59.05 -8.41 15.13
N LEU D 1046 59.16 -7.09 14.99
CA LEU D 1046 60.15 -6.34 15.75
C LEU D 1046 59.53 -5.95 17.08
N ASN D 1047 60.02 -6.55 18.15
CA ASN D 1047 59.50 -6.29 19.48
C ASN D 1047 58.05 -6.77 19.62
N GLY D 1048 57.77 -7.97 19.09
CA GLY D 1048 56.41 -8.54 19.16
C GLY D 1048 55.40 -7.88 18.23
N GLN D 1049 55.66 -6.63 17.85
CA GLN D 1049 54.80 -5.89 16.95
C GLN D 1049 55.06 -6.25 15.52
N PRO D 1050 54.04 -6.69 14.78
CA PRO D 1050 54.35 -7.07 13.41
C PRO D 1050 54.79 -5.85 12.61
N ARG D 1051 55.77 -6.08 11.75
CA ARG D 1051 56.23 -5.09 10.81
C ARG D 1051 56.31 -5.72 9.47
N GLU D 1052 56.40 -4.88 8.46
CA GLU D 1052 56.47 -5.35 7.10
C GLU D 1052 57.38 -4.44 6.32
N ILE D 1053 58.36 -5.01 5.62
CA ILE D 1053 59.23 -4.23 4.75
C ILE D 1053 59.49 -4.89 3.43
N ASN D 1054 59.67 -4.03 2.44
CA ASN D 1054 59.91 -4.43 1.07
C ASN D 1054 61.39 -4.54 0.78
N ILE D 1055 61.77 -5.69 0.25
CA ILE D 1055 63.10 -5.91 -0.28
C ILE D 1055 62.95 -6.36 -1.72
N GLN D 1056 63.75 -5.76 -2.59
CA GLN D 1056 63.73 -6.10 -3.99
C GLN D 1056 64.53 -7.34 -4.29
N ASP D 1057 63.86 -8.36 -4.82
CA ASP D 1057 64.53 -9.59 -5.20
C ASP D 1057 65.38 -9.33 -6.44
N MET D 1058 66.50 -10.02 -6.56
CA MET D 1058 67.45 -9.77 -7.63
C MET D 1058 67.36 -10.79 -8.75
N ASN D 1059 67.08 -12.03 -8.38
CA ASN D 1059 66.68 -13.05 -9.34
C ASN D 1059 65.18 -12.91 -9.51
N VAL D 1060 64.70 -12.66 -10.72
CA VAL D 1060 63.27 -12.36 -10.91
C VAL D 1060 62.44 -13.61 -10.67
N MET E 1 -40.89 25.03 -56.51
CA MET E 1 -42.06 24.08 -56.42
C MET E 1 -43.22 24.51 -57.32
N ASN E 2 -43.87 23.56 -57.98
CA ASN E 2 -44.74 23.86 -59.14
C ASN E 2 -46.26 23.94 -58.90
N ARG E 3 -46.97 22.81 -58.93
CA ARG E 3 -48.43 22.84 -58.84
C ARG E 3 -49.02 22.51 -57.45
N ILE E 4 -48.18 22.02 -56.52
CA ILE E 4 -48.58 21.92 -55.08
C ILE E 4 -48.17 23.17 -54.31
N LYS E 5 -49.15 23.96 -53.92
CA LYS E 5 -48.93 25.17 -53.13
C LYS E 5 -49.20 24.90 -51.67
N LYS E 6 -50.06 23.92 -51.40
CA LYS E 6 -50.49 23.62 -50.05
C LYS E 6 -50.80 22.13 -49.92
N VAL E 7 -50.44 21.52 -48.80
CA VAL E 7 -50.62 20.07 -48.62
C VAL E 7 -51.23 19.70 -47.25
N LEU E 8 -52.12 18.71 -47.28
CA LEU E 8 -52.75 18.22 -46.08
C LEU E 8 -52.04 16.96 -45.62
N VAL E 9 -51.85 16.85 -44.32
CA VAL E 9 -51.11 15.73 -43.76
C VAL E 9 -52.08 14.85 -43.01
N ALA E 10 -52.59 13.83 -43.70
CA ALA E 10 -53.65 12.95 -43.21
C ALA E 10 -53.14 11.90 -42.24
N ASN E 11 -52.44 12.39 -41.22
CA ASN E 11 -51.83 11.55 -40.20
C ASN E 11 -51.54 12.37 -38.96
N ARG E 12 -51.01 11.68 -37.95
CA ARG E 12 -50.64 12.25 -36.68
C ARG E 12 -49.18 11.97 -36.39
N GLY E 13 -48.71 12.50 -35.26
CA GLY E 13 -47.46 12.07 -34.64
C GLY E 13 -46.22 12.17 -35.50
N GLU E 14 -45.16 11.50 -35.04
CA GLU E 14 -43.84 11.60 -35.67
C GLU E 14 -43.89 11.81 -37.16
N ILE E 15 -44.63 10.94 -37.84
CA ILE E 15 -44.67 10.94 -39.31
C ILE E 15 -45.31 12.18 -39.89
N ALA E 16 -46.38 12.63 -39.23
CA ALA E 16 -47.04 13.85 -39.63
C ALA E 16 -46.01 14.96 -39.64
N ILE E 17 -45.26 15.07 -38.56
CA ILE E 17 -44.31 16.17 -38.41
C ILE E 17 -43.25 16.14 -39.50
N ARG E 18 -42.69 14.97 -39.77
CA ARG E 18 -41.65 14.82 -40.80
C ARG E 18 -42.11 15.41 -42.13
N VAL E 19 -43.38 15.19 -42.46
CA VAL E 19 -43.94 15.68 -43.71
C VAL E 19 -44.00 17.19 -43.68
N MET E 20 -44.50 17.74 -42.58
CA MET E 20 -44.64 19.18 -42.43
C MET E 20 -43.28 19.82 -42.65
N ARG E 21 -42.27 19.21 -42.05
CA ARG E 21 -40.92 19.73 -42.15
C ARG E 21 -40.51 19.76 -43.60
N ALA E 22 -40.83 18.70 -44.33
CA ALA E 22 -40.48 18.62 -45.74
C ALA E 22 -41.13 19.74 -46.51
N CYS E 23 -42.43 19.96 -46.27
CA CYS E 23 -43.19 20.97 -47.01
C CYS E 23 -42.61 22.34 -46.77
N THR E 24 -42.47 22.68 -45.51
CA THR E 24 -41.96 23.97 -45.15
C THR E 24 -40.59 24.18 -45.79
N GLU E 25 -39.75 23.15 -45.79
CA GLU E 25 -38.44 23.24 -46.47
C GLU E 25 -38.64 23.58 -47.95
N LEU E 26 -39.79 23.19 -48.51
CA LEU E 26 -40.13 23.47 -49.93
C LEU E 26 -41.13 24.61 -50.13
N LYS E 27 -41.26 25.50 -49.14
CA LYS E 27 -42.13 26.64 -49.29
C LYS E 27 -43.60 26.22 -49.58
N ILE E 28 -44.00 25.05 -49.10
CA ILE E 28 -45.36 24.56 -49.25
C ILE E 28 -46.13 24.72 -47.95
N LYS E 29 -47.26 25.40 -47.97
CA LYS E 29 -48.11 25.51 -46.78
C LYS E 29 -48.63 24.13 -46.34
N THR E 30 -48.90 23.98 -45.05
CA THR E 30 -49.27 22.67 -44.50
C THR E 30 -50.55 22.76 -43.66
N VAL E 31 -51.32 21.69 -43.66
CA VAL E 31 -52.53 21.60 -42.83
C VAL E 31 -52.47 20.35 -42.06
N ALA E 32 -52.81 20.42 -40.78
CA ALA E 32 -52.79 19.24 -39.92
C ALA E 32 -54.20 18.83 -39.60
N ILE E 33 -54.36 17.59 -39.12
CA ILE E 33 -55.67 17.12 -38.68
C ILE E 33 -55.49 16.33 -37.39
N TYR E 34 -56.37 16.58 -36.42
CA TYR E 34 -56.24 15.95 -35.11
C TYR E 34 -57.54 15.41 -34.63
N SER E 35 -57.49 14.28 -33.95
CA SER E 35 -58.68 13.71 -33.33
C SER E 35 -58.95 14.42 -32.03
N GLN E 36 -60.10 14.13 -31.44
CA GLN E 36 -60.45 14.74 -30.17
C GLN E 36 -59.40 14.40 -29.11
N GLU E 37 -58.91 13.17 -29.10
CA GLU E 37 -57.91 12.74 -28.10
C GLU E 37 -56.54 13.33 -28.37
N ASP E 38 -56.38 13.97 -29.55
CA ASP E 38 -55.10 14.51 -30.02
C ASP E 38 -55.08 16.02 -30.11
N THR E 39 -56.02 16.67 -29.44
CA THR E 39 -56.01 18.14 -29.31
C THR E 39 -54.72 18.61 -28.68
N GLY E 40 -54.12 17.72 -27.89
CA GLY E 40 -52.84 17.96 -27.25
C GLY E 40 -51.59 17.66 -28.08
N SER E 41 -51.67 16.74 -29.05
CA SER E 41 -50.45 16.28 -29.74
C SER E 41 -49.77 17.41 -30.50
N PHE E 42 -48.45 17.53 -30.32
CA PHE E 42 -47.78 18.74 -30.78
C PHE E 42 -47.47 18.75 -32.27
N HIS E 43 -47.91 17.70 -32.96
CA HIS E 43 -47.93 17.69 -34.44
C HIS E 43 -48.94 18.68 -35.01
N ARG E 44 -50.03 18.89 -34.28
CA ARG E 44 -51.05 19.83 -34.71
C ARG E 44 -50.57 21.30 -34.59
N TYR E 45 -49.70 21.59 -33.66
CA TYR E 45 -49.19 22.93 -33.54
C TYR E 45 -48.05 23.19 -34.56
N LYS E 46 -47.46 22.13 -35.08
CA LYS E 46 -46.34 22.26 -36.03
C LYS E 46 -46.74 22.64 -37.45
N SER E 47 -48.04 22.63 -37.74
CA SER E 47 -48.52 22.98 -39.08
C SER E 47 -48.83 24.46 -39.20
N ASP E 48 -49.13 24.89 -40.43
CA ASP E 48 -49.59 26.27 -40.69
C ASP E 48 -51.08 26.45 -40.36
N GLU E 49 -51.85 25.36 -40.43
CA GLU E 49 -53.27 25.36 -40.03
C GLU E 49 -53.63 23.98 -39.50
N ALA E 50 -54.72 23.91 -38.75
CA ALA E 50 -55.18 22.62 -38.24
C ALA E 50 -56.67 22.57 -37.93
N TYR E 51 -57.25 21.40 -38.15
CA TYR E 51 -58.66 21.19 -37.92
C TYR E 51 -58.89 19.85 -37.22
N LEU E 52 -59.91 19.81 -36.35
CA LEU E 52 -60.35 18.54 -35.76
C LEU E 52 -60.92 17.70 -36.89
N VAL E 53 -60.80 16.38 -36.78
CA VAL E 53 -61.36 15.49 -37.79
C VAL E 53 -62.42 14.57 -37.19
N GLY E 54 -62.01 13.55 -36.45
CA GLY E 54 -62.90 12.44 -36.19
C GLY E 54 -63.82 12.77 -35.06
N ALA E 55 -64.86 13.53 -35.38
CA ALA E 55 -65.75 14.06 -34.37
C ALA E 55 -66.67 12.94 -33.86
N GLY E 56 -66.73 12.77 -32.55
CA GLY E 56 -67.53 11.72 -31.93
C GLY E 56 -67.05 10.31 -32.23
N LYS E 57 -66.03 10.18 -33.07
CA LYS E 57 -65.57 8.86 -33.51
C LYS E 57 -64.65 8.24 -32.46
N LYS E 58 -64.57 6.91 -32.45
CA LYS E 58 -63.60 6.22 -31.61
C LYS E 58 -62.21 6.65 -32.07
N PRO E 59 -61.24 6.73 -31.12
CA PRO E 59 -59.99 7.46 -31.40
C PRO E 59 -59.25 7.00 -32.64
N ILE E 60 -59.20 5.70 -32.89
CA ILE E 60 -58.50 5.17 -34.06
C ILE E 60 -59.29 5.46 -35.35
N ASP E 61 -60.60 5.26 -35.26
CA ASP E 61 -61.53 5.50 -36.38
C ASP E 61 -61.47 6.94 -36.91
N ALA E 62 -61.08 7.86 -36.04
CA ALA E 62 -61.11 9.28 -36.32
C ALA E 62 -60.23 9.69 -37.49
N TYR E 63 -59.07 9.05 -37.62
CA TYR E 63 -58.12 9.42 -38.67
C TYR E 63 -58.40 8.69 -39.96
N LEU E 64 -59.45 7.87 -39.93
CA LEU E 64 -59.90 7.13 -41.10
C LEU E 64 -61.22 7.63 -41.68
N ASP E 65 -61.77 8.71 -41.13
CA ASP E 65 -62.98 9.32 -41.69
C ASP E 65 -62.62 9.97 -43.03
N ILE E 66 -62.57 9.11 -44.03
CA ILE E 66 -62.11 9.48 -45.38
C ILE E 66 -62.86 10.73 -45.81
N GLU E 67 -64.18 10.62 -45.89
CA GLU E 67 -65.01 11.69 -46.43
C GLU E 67 -64.75 13.02 -45.73
N ASN E 68 -64.77 12.99 -44.40
CA ASN E 68 -64.48 14.18 -43.58
C ASN E 68 -63.18 14.84 -44.01
N ILE E 69 -62.13 14.04 -44.10
CA ILE E 69 -60.82 14.52 -44.51
C ILE E 69 -60.86 15.24 -45.87
N ILE E 70 -61.59 14.69 -46.84
CA ILE E 70 -61.66 15.34 -48.14
C ILE E 70 -62.38 16.70 -47.99
N GLU E 71 -63.50 16.73 -47.27
CA GLU E 71 -64.18 18.02 -47.06
C GLU E 71 -63.19 19.01 -46.45
N ILE E 72 -62.46 18.55 -45.43
CA ILE E 72 -61.43 19.39 -44.79
C ILE E 72 -60.39 19.78 -45.83
N ALA E 73 -59.99 18.83 -46.66
CA ALA E 73 -58.99 19.09 -47.69
C ALA E 73 -59.49 20.13 -48.70
N LYS E 74 -60.75 20.00 -49.12
CA LYS E 74 -61.35 20.93 -50.10
C LYS E 74 -61.54 22.32 -49.47
N GLU E 75 -62.08 22.38 -48.25
CA GLU E 75 -62.30 23.65 -47.55
C GLU E 75 -60.99 24.40 -47.27
N SER E 76 -59.93 23.64 -47.03
CA SER E 76 -58.59 24.21 -46.79
C SER E 76 -57.92 24.81 -48.02
N GLY E 77 -58.25 24.30 -49.20
CA GLY E 77 -57.59 24.71 -50.45
C GLY E 77 -56.39 23.83 -50.74
N ALA E 78 -56.34 22.68 -50.09
CA ALA E 78 -55.19 21.79 -50.18
C ALA E 78 -55.07 21.18 -51.55
N ASP E 79 -53.98 21.49 -52.23
CA ASP E 79 -53.70 20.94 -53.56
C ASP E 79 -53.43 19.43 -53.53
N ALA E 80 -52.97 18.92 -52.38
CA ALA E 80 -52.59 17.50 -52.27
C ALA E 80 -52.70 16.96 -50.84
N ILE E 81 -52.69 15.65 -50.71
CA ILE E 81 -52.79 15.00 -49.39
C ILE E 81 -51.73 13.93 -49.23
N HIS E 82 -51.01 13.99 -48.11
CA HIS E 82 -49.98 13.02 -47.76
C HIS E 82 -50.45 12.19 -46.58
N PRO E 83 -50.60 10.86 -46.77
CA PRO E 83 -51.25 10.04 -45.77
C PRO E 83 -50.28 9.41 -44.78
N GLY E 84 -49.00 9.66 -45.02
CA GLY E 84 -47.94 9.20 -44.15
C GLY E 84 -47.80 7.70 -44.24
N TYR E 85 -47.89 7.04 -43.08
CA TYR E 85 -47.87 5.59 -43.02
C TYR E 85 -48.86 5.12 -41.99
N GLY E 86 -49.34 3.88 -42.15
CA GLY E 86 -50.48 3.39 -41.37
C GLY E 86 -51.74 4.14 -41.75
N PHE E 87 -52.82 3.96 -40.98
CA PHE E 87 -54.09 4.65 -41.24
C PHE E 87 -54.51 4.52 -42.72
N LEU E 88 -54.66 5.63 -43.42
CA LEU E 88 -55.16 5.60 -44.80
C LEU E 88 -54.03 5.55 -45.85
N SER E 89 -52.81 5.27 -45.40
CA SER E 89 -51.65 5.21 -46.30
C SER E 89 -51.88 4.27 -47.47
N GLU E 90 -52.45 3.09 -47.18
CA GLU E 90 -52.64 2.02 -48.17
C GLU E 90 -54.11 1.84 -48.61
N ASN E 91 -55.04 2.53 -47.95
CA ASN E 91 -56.48 2.41 -48.26
C ASN E 91 -56.81 2.88 -49.68
N ILE E 92 -57.36 1.97 -50.48
CA ILE E 92 -57.68 2.24 -51.89
C ILE E 92 -58.78 3.28 -52.02
N GLU E 93 -59.90 3.06 -51.33
CA GLU E 93 -61.07 3.92 -51.46
C GLU E 93 -60.67 5.40 -51.36
N PHE E 94 -59.86 5.71 -50.37
CA PHE E 94 -59.30 7.05 -50.16
C PHE E 94 -58.44 7.48 -51.33
N ALA E 95 -57.49 6.62 -51.71
CA ALA E 95 -56.62 6.92 -52.85
C ALA E 95 -57.43 7.29 -54.10
N ARG E 96 -58.41 6.43 -54.44
CA ARG E 96 -59.36 6.68 -55.55
C ARG E 96 -60.06 8.03 -55.36
N ARG E 97 -60.62 8.20 -54.17
CA ARG E 97 -61.46 9.33 -53.82
C ARG E 97 -60.73 10.67 -53.99
N CYS E 98 -59.43 10.69 -53.74
CA CYS E 98 -58.60 11.88 -54.00
C CYS E 98 -58.63 12.22 -55.48
N GLU E 99 -58.35 11.21 -56.30
CA GLU E 99 -58.33 11.35 -57.76
C GLU E 99 -59.67 11.85 -58.27
N GLN E 100 -60.76 11.31 -57.72
CA GLN E 100 -62.14 11.77 -58.01
C GLN E 100 -62.29 13.28 -57.84
N GLU E 101 -61.84 13.78 -56.69
CA GLU E 101 -61.95 15.21 -56.38
C GLU E 101 -60.80 16.05 -56.94
N GLY E 102 -59.87 15.41 -57.64
CA GLY E 102 -58.74 16.13 -58.24
C GLY E 102 -57.68 16.58 -57.26
N ILE E 103 -57.78 16.12 -56.01
CA ILE E 103 -56.73 16.30 -55.03
C ILE E 103 -55.59 15.35 -55.37
N ILE E 104 -54.37 15.89 -55.48
CA ILE E 104 -53.19 15.05 -55.69
C ILE E 104 -52.97 14.20 -54.46
N PHE E 105 -52.64 12.93 -54.68
CA PHE E 105 -52.40 12.01 -53.59
C PHE E 105 -50.92 11.67 -53.63
N VAL E 106 -50.21 11.98 -52.55
CA VAL E 106 -48.75 11.74 -52.49
C VAL E 106 -48.47 10.28 -52.21
N GLY E 107 -48.19 9.55 -53.30
CA GLY E 107 -47.99 8.12 -53.27
C GLY E 107 -48.32 7.51 -54.62
N PRO E 108 -48.38 6.18 -54.69
CA PRO E 108 -48.61 5.55 -55.99
C PRO E 108 -50.06 5.71 -56.45
N LYS E 109 -50.34 5.37 -57.70
CA LYS E 109 -51.71 5.32 -58.22
C LYS E 109 -52.49 4.21 -57.49
N SER E 110 -53.81 4.38 -57.35
CA SER E 110 -54.64 3.40 -56.60
C SER E 110 -54.56 1.99 -57.19
N LYS E 111 -54.34 1.89 -58.51
CA LYS E 111 -54.08 0.60 -59.17
C LYS E 111 -52.91 -0.15 -58.50
N HIS E 112 -51.87 0.60 -58.12
CA HIS E 112 -50.72 0.04 -57.44
C HIS E 112 -51.09 -0.49 -56.06
N LEU E 113 -51.88 0.28 -55.30
CA LEU E 113 -52.32 -0.16 -53.97
C LEU E 113 -53.25 -1.38 -54.09
N ASP E 114 -54.03 -1.42 -55.17
CA ASP E 114 -54.96 -2.51 -55.45
C ASP E 114 -54.20 -3.82 -55.61
N MET E 115 -53.24 -3.81 -56.52
CA MET E 115 -52.43 -4.95 -56.85
C MET E 115 -51.65 -5.47 -55.61
N PHE E 116 -51.24 -4.57 -54.71
CA PHE E 116 -50.51 -4.98 -53.49
C PHE E 116 -51.36 -5.00 -52.24
N GLY E 117 -52.64 -4.65 -52.39
CA GLY E 117 -53.59 -4.64 -51.27
C GLY E 117 -53.51 -5.88 -50.39
N ASP E 118 -53.67 -7.05 -50.99
CA ASP E 118 -53.50 -8.32 -50.26
C ASP E 118 -52.10 -8.85 -50.52
N LYS E 119 -51.60 -9.65 -49.57
CA LYS E 119 -50.25 -10.22 -49.70
C LYS E 119 -50.19 -11.19 -50.87
N ILE E 120 -51.30 -11.88 -51.14
CA ILE E 120 -51.37 -12.88 -52.19
C ILE E 120 -51.26 -12.28 -53.59
N LYS E 121 -51.88 -11.12 -53.82
CA LYS E 121 -51.95 -10.53 -55.17
C LYS E 121 -50.61 -9.88 -55.52
N ALA E 122 -49.84 -9.56 -54.48
CA ALA E 122 -48.48 -9.09 -54.62
C ALA E 122 -47.53 -10.25 -54.93
N LYS E 123 -47.58 -11.30 -54.11
CA LYS E 123 -46.77 -12.48 -54.37
C LYS E 123 -47.04 -12.96 -55.78
N GLU E 124 -48.31 -12.90 -56.20
CA GLU E 124 -48.72 -13.16 -57.58
C GLU E 124 -47.98 -12.22 -58.53
N GLN E 125 -48.07 -10.93 -58.24
CA GLN E 125 -47.37 -9.89 -59.02
C GLN E 125 -45.85 -10.04 -59.04
N ALA E 126 -45.31 -10.67 -58.01
CA ALA E 126 -43.89 -10.94 -57.94
C ALA E 126 -43.45 -11.96 -59.00
N LEU E 127 -44.19 -13.04 -59.18
CA LEU E 127 -43.80 -14.04 -60.17
C LEU E 127 -43.89 -13.46 -61.58
N LEU E 128 -44.89 -12.60 -61.84
CA LEU E 128 -45.02 -11.96 -63.15
C LEU E 128 -43.80 -11.13 -63.50
N ALA E 129 -43.21 -10.51 -62.47
CA ALA E 129 -41.94 -9.80 -62.63
C ALA E 129 -40.76 -10.75 -62.79
N ASP E 130 -40.96 -12.02 -62.43
CA ASP E 130 -39.95 -13.05 -62.56
C ASP E 130 -38.80 -12.79 -61.58
N ILE E 131 -39.12 -12.95 -60.29
CA ILE E 131 -38.17 -12.79 -59.19
C ILE E 131 -38.43 -13.92 -58.19
N PRO E 132 -37.43 -14.24 -57.34
CA PRO E 132 -37.56 -15.35 -56.37
C PRO E 132 -38.70 -15.15 -55.39
N VAL E 133 -39.38 -16.24 -55.03
CA VAL E 133 -40.51 -16.19 -54.09
C VAL E 133 -40.46 -17.40 -53.16
N ILE E 134 -41.15 -17.32 -52.03
CA ILE E 134 -41.22 -18.44 -51.08
C ILE E 134 -42.20 -19.47 -51.66
N PRO E 135 -41.88 -20.78 -51.54
CA PRO E 135 -42.88 -21.74 -51.99
C PRO E 135 -44.07 -21.79 -51.02
N GLY E 136 -45.28 -21.62 -51.56
CA GLY E 136 -46.50 -21.69 -50.76
C GLY E 136 -47.71 -22.12 -51.57
N SER E 137 -48.87 -22.14 -50.91
CA SER E 137 -50.13 -22.47 -51.55
C SER E 137 -50.53 -21.42 -52.58
N ASN E 138 -50.98 -21.89 -53.75
CA ASN E 138 -51.40 -20.99 -54.83
C ASN E 138 -52.66 -20.16 -54.53
N GLY E 139 -53.45 -20.58 -53.54
CA GLY E 139 -54.53 -19.78 -52.96
C GLY E 139 -54.25 -19.57 -51.49
N PRO E 140 -55.31 -19.42 -50.67
CA PRO E 140 -55.14 -19.51 -49.22
C PRO E 140 -55.35 -20.93 -48.71
N ARG E 172 -48.46 -17.12 -37.83
CA ARG E 172 -48.04 -18.09 -36.83
C ARG E 172 -47.25 -19.29 -37.35
N VAL E 173 -46.41 -19.85 -36.49
CA VAL E 173 -45.34 -20.78 -36.88
C VAL E 173 -45.87 -22.20 -37.00
N VAL E 174 -45.28 -22.97 -37.93
CA VAL E 174 -45.70 -24.36 -38.20
C VAL E 174 -44.56 -25.35 -37.91
N GLU E 175 -44.89 -26.35 -37.10
CA GLU E 175 -43.93 -27.34 -36.59
C GLU E 175 -44.34 -28.80 -36.84
N SER E 176 -45.34 -28.95 -37.72
CA SER E 176 -45.84 -30.23 -38.28
C SER E 176 -46.94 -30.88 -37.41
N LYS E 177 -47.60 -31.92 -37.93
CA LYS E 177 -48.56 -32.80 -37.17
C LYS E 177 -49.72 -32.19 -36.28
N GLU E 178 -49.66 -32.48 -34.98
CA GLU E 178 -50.66 -32.04 -34.01
C GLU E 178 -50.65 -30.52 -33.77
N HIS E 179 -49.50 -29.89 -33.99
CA HIS E 179 -49.31 -28.44 -33.78
C HIS E 179 -50.17 -27.68 -34.76
N VAL E 180 -50.32 -28.27 -35.95
CA VAL E 180 -51.17 -27.74 -37.02
C VAL E 180 -52.54 -27.36 -36.48
N LYS E 181 -53.13 -28.25 -35.67
CA LYS E 181 -54.44 -28.01 -35.07
C LYS E 181 -54.48 -26.68 -34.31
N GLU E 182 -53.64 -26.57 -33.29
CA GLU E 182 -53.61 -25.41 -32.40
C GLU E 182 -53.40 -24.07 -33.10
N SER E 183 -52.59 -24.07 -34.16
CA SER E 183 -52.21 -22.83 -34.83
C SER E 183 -53.32 -22.25 -35.72
N PHE E 184 -53.97 -23.07 -36.55
CA PHE E 184 -54.98 -22.56 -37.49
C PHE E 184 -56.20 -21.93 -36.80
N GLU E 185 -56.83 -22.65 -35.87
CA GLU E 185 -58.09 -22.14 -35.27
C GLU E 185 -57.89 -20.74 -34.71
N ARG E 186 -56.72 -20.48 -34.12
CA ARG E 186 -56.43 -19.17 -33.55
C ARG E 186 -55.85 -18.19 -34.60
N ALA E 187 -55.07 -18.69 -35.56
CA ALA E 187 -54.53 -17.85 -36.65
C ALA E 187 -55.64 -17.21 -37.50
N SER E 188 -56.49 -18.05 -38.08
CA SER E 188 -57.62 -17.57 -38.91
C SER E 188 -58.64 -16.78 -38.10
N SER E 189 -58.81 -17.10 -36.80
CA SER E 189 -59.70 -16.32 -35.93
C SER E 189 -59.07 -14.97 -35.56
N GLU E 190 -57.77 -14.96 -35.27
CA GLU E 190 -57.04 -13.71 -35.06
C GLU E 190 -57.09 -12.83 -36.28
N ALA E 191 -56.97 -13.43 -37.47
CA ALA E 191 -57.07 -12.70 -38.73
C ALA E 191 -58.47 -12.13 -38.94
N LYS E 192 -59.50 -12.88 -38.53
CA LYS E 192 -60.89 -12.39 -38.55
C LYS E 192 -61.12 -11.30 -37.51
N ALA E 193 -60.54 -11.48 -36.32
CA ALA E 193 -60.63 -10.49 -35.24
C ALA E 193 -59.87 -9.21 -35.61
N ALA E 194 -58.66 -9.38 -36.16
CA ALA E 194 -57.81 -8.25 -36.56
C ALA E 194 -58.33 -7.56 -37.82
N PHE E 195 -58.61 -8.34 -38.86
CA PHE E 195 -59.08 -7.81 -40.15
C PHE E 195 -60.41 -8.46 -40.57
N GLY E 196 -60.97 -8.00 -41.68
CA GLY E 196 -62.23 -8.55 -42.20
C GLY E 196 -62.15 -10.03 -42.56
N ASN E 197 -61.09 -10.41 -43.27
CA ASN E 197 -60.96 -11.77 -43.82
C ASN E 197 -60.24 -12.75 -42.87
N ASP E 198 -60.61 -14.03 -42.99
CA ASP E 198 -59.93 -15.10 -42.27
C ASP E 198 -58.99 -15.82 -43.23
N GLU E 199 -58.96 -15.37 -44.49
CA GLU E 199 -58.14 -16.00 -45.52
C GLU E 199 -56.71 -16.06 -45.03
N VAL E 200 -56.12 -17.25 -45.09
CA VAL E 200 -54.79 -17.48 -44.54
C VAL E 200 -53.92 -18.14 -45.60
N TYR E 201 -52.70 -17.63 -45.78
CA TYR E 201 -51.77 -18.18 -46.76
C TYR E 201 -50.83 -19.13 -46.01
N VAL E 202 -50.36 -20.21 -46.64
CA VAL E 202 -49.32 -21.06 -46.06
C VAL E 202 -48.12 -21.15 -46.98
N GLU E 203 -46.93 -20.99 -46.39
CA GLU E 203 -45.66 -21.09 -47.12
C GLU E 203 -44.60 -21.86 -46.33
N LYS E 204 -43.54 -22.23 -47.06
CA LYS E 204 -42.43 -23.01 -46.50
C LYS E 204 -41.78 -22.21 -45.41
N CYS E 205 -41.76 -22.77 -44.21
CA CYS E 205 -41.10 -22.15 -43.08
C CYS E 205 -39.65 -21.93 -43.42
N VAL E 206 -39.03 -20.93 -42.80
CA VAL E 206 -37.65 -20.62 -43.09
C VAL E 206 -36.84 -20.59 -41.81
N MET E 207 -35.57 -20.96 -41.94
CA MET E 207 -34.69 -21.03 -40.78
C MET E 207 -33.72 -19.88 -40.77
N ASN E 208 -33.77 -19.12 -39.68
CA ASN E 208 -32.77 -18.10 -39.38
C ASN E 208 -32.48 -17.15 -40.53
N PRO E 209 -33.53 -16.52 -41.08
CA PRO E 209 -33.32 -15.63 -42.21
C PRO E 209 -32.90 -14.26 -41.74
N LYS E 210 -32.51 -13.43 -42.71
CA LYS E 210 -32.19 -12.04 -42.47
C LYS E 210 -33.27 -11.23 -43.21
N HIS E 211 -33.92 -10.33 -42.51
CA HIS E 211 -35.00 -9.52 -43.09
C HIS E 211 -34.37 -8.30 -43.76
N ILE E 212 -34.43 -8.22 -45.10
CA ILE E 212 -33.83 -7.12 -45.84
C ILE E 212 -34.85 -6.38 -46.71
N GLU E 213 -34.93 -5.05 -46.57
CA GLU E 213 -35.83 -4.21 -47.40
C GLU E 213 -35.03 -3.33 -48.35
N VAL E 214 -35.62 -2.94 -49.47
CA VAL E 214 -34.99 -2.03 -50.42
C VAL E 214 -35.91 -0.86 -50.66
N GLN E 215 -35.38 0.37 -50.59
CA GLN E 215 -36.21 1.55 -50.74
C GLN E 215 -36.19 1.90 -52.21
N ILE E 216 -37.36 2.24 -52.75
CA ILE E 216 -37.50 2.57 -54.17
C ILE E 216 -38.18 3.93 -54.35
N LEU E 217 -37.71 4.66 -55.36
CA LEU E 217 -38.32 5.93 -55.79
C LEU E 217 -38.54 5.89 -57.28
N GLY E 218 -39.76 6.16 -57.72
CA GLY E 218 -40.09 6.22 -59.14
C GLY E 218 -40.90 7.46 -59.47
N ASP E 219 -40.55 8.16 -60.55
CA ASP E 219 -41.32 9.34 -60.97
C ASP E 219 -42.45 8.99 -61.91
N THR E 220 -43.24 10.01 -62.23
CA THR E 220 -44.31 9.94 -63.22
C THR E 220 -43.82 9.71 -64.66
N HIS E 221 -42.50 9.83 -64.86
CA HIS E 221 -41.84 9.72 -66.17
C HIS E 221 -41.06 8.41 -66.33
N GLY E 222 -41.54 7.34 -65.69
CA GLY E 222 -40.96 6.00 -65.84
C GLY E 222 -39.50 5.81 -65.44
N ASN E 223 -38.96 6.72 -64.64
CA ASN E 223 -37.64 6.56 -64.08
C ASN E 223 -37.78 5.96 -62.69
N ILE E 224 -37.11 4.84 -62.46
CA ILE E 224 -37.13 4.19 -61.16
C ILE E 224 -35.71 3.96 -60.68
N VAL E 225 -35.53 4.14 -59.38
CA VAL E 225 -34.23 4.09 -58.73
C VAL E 225 -34.43 3.39 -57.40
N HIS E 226 -33.38 2.74 -56.91
CA HIS E 226 -33.39 2.18 -55.58
C HIS E 226 -32.35 2.89 -54.74
N LEU E 227 -32.62 2.97 -53.45
CA LEU E 227 -31.78 3.68 -52.48
C LEU E 227 -31.08 2.69 -51.53
N PHE E 228 -30.89 1.46 -52.00
CA PHE E 228 -30.23 0.41 -51.26
C PHE E 228 -31.08 -0.18 -50.13
N GLU E 229 -30.52 -1.20 -49.50
CA GLU E 229 -31.25 -1.99 -48.54
C GLU E 229 -31.27 -1.37 -47.15
N ARG E 230 -32.05 -2.00 -46.28
CA ARG E 230 -32.04 -1.79 -44.85
C ARG E 230 -32.19 -3.17 -44.21
N ASP E 231 -31.49 -3.38 -43.10
CA ASP E 231 -31.52 -4.65 -42.35
C ASP E 231 -32.40 -4.55 -41.10
N CYS E 232 -33.59 -5.13 -41.18
CA CYS E 232 -34.54 -5.12 -40.07
C CYS E 232 -34.64 -6.50 -39.42
N SER E 233 -33.54 -7.24 -39.46
CA SER E 233 -33.51 -8.59 -38.93
C SER E 233 -33.70 -8.62 -37.42
N ILE E 234 -33.33 -7.55 -36.71
CA ILE E 234 -33.51 -7.52 -35.27
C ILE E 234 -34.99 -7.35 -35.01
N GLN E 235 -35.63 -8.37 -34.45
CA GLN E 235 -37.05 -8.28 -34.16
C GLN E 235 -37.42 -9.05 -32.91
N ARG E 236 -38.49 -8.60 -32.24
CA ARG E 236 -39.03 -9.28 -31.06
C ARG E 236 -40.44 -9.82 -31.34
N ARG E 237 -40.57 -11.15 -31.34
CA ARG E 237 -41.84 -11.78 -31.67
C ARG E 237 -42.29 -11.30 -33.05
N HIS E 238 -41.32 -11.22 -33.97
CA HIS E 238 -41.56 -10.77 -35.34
C HIS E 238 -42.11 -9.34 -35.44
N GLN E 239 -41.60 -8.48 -34.57
CA GLN E 239 -41.93 -7.06 -34.55
C GLN E 239 -40.60 -6.30 -34.64
N LYS E 240 -40.44 -5.43 -35.64
CA LYS E 240 -39.17 -4.70 -35.83
C LYS E 240 -38.83 -3.89 -34.56
N VAL E 241 -37.55 -3.88 -34.20
CA VAL E 241 -37.12 -3.17 -32.98
C VAL E 241 -35.98 -2.20 -33.29
N VAL E 242 -34.91 -2.72 -33.86
CA VAL E 242 -33.78 -1.91 -34.29
C VAL E 242 -33.46 -2.19 -35.76
N GLU E 243 -33.38 -1.12 -36.52
CA GLU E 243 -33.25 -1.20 -37.95
C GLU E 243 -31.92 -0.56 -38.30
N VAL E 244 -31.24 -1.15 -39.26
CA VAL E 244 -29.88 -0.74 -39.62
C VAL E 244 -29.70 -0.72 -41.12
N ALA E 245 -28.94 0.24 -41.61
CA ALA E 245 -28.60 0.27 -43.01
C ALA E 245 -27.21 0.90 -43.21
N PRO E 246 -26.45 0.44 -44.23
CA PRO E 246 -26.85 -0.69 -45.08
C PRO E 246 -26.56 -1.96 -44.34
N CYS E 247 -26.96 -3.10 -44.90
CA CYS E 247 -26.65 -4.39 -44.28
C CYS E 247 -25.17 -4.75 -44.45
N ASN E 248 -24.49 -4.92 -43.33
CA ASN E 248 -23.02 -5.07 -43.33
C ASN E 248 -22.64 -6.46 -43.78
N ALA E 249 -23.49 -7.43 -43.44
CA ALA E 249 -23.12 -8.85 -43.52
C ALA E 249 -23.31 -9.50 -44.88
N ILE E 250 -23.82 -8.76 -45.86
CA ILE E 250 -23.96 -9.34 -47.20
C ILE E 250 -22.89 -8.80 -48.17
N THR E 251 -22.63 -9.58 -49.23
CA THR E 251 -21.66 -9.20 -50.25
C THR E 251 -22.32 -8.27 -51.25
N SER E 252 -21.56 -7.27 -51.67
CA SER E 252 -22.10 -6.25 -52.60
C SER E 252 -22.76 -6.89 -53.81
N GLU E 253 -22.10 -7.90 -54.38
CA GLU E 253 -22.68 -8.65 -55.48
C GLU E 253 -24.13 -9.05 -55.16
N LEU E 254 -24.34 -9.55 -53.95
CA LEU E 254 -25.65 -10.02 -53.52
C LEU E 254 -26.60 -8.83 -53.42
N ARG E 255 -26.18 -7.82 -52.67
CA ARG E 255 -27.00 -6.63 -52.43
C ARG E 255 -27.61 -6.20 -53.74
N ASN E 256 -26.74 -5.97 -54.72
CA ASN E 256 -27.16 -5.48 -56.02
C ASN E 256 -28.18 -6.39 -56.68
N ARG E 257 -27.98 -7.70 -56.55
CA ARG E 257 -28.92 -8.69 -57.06
C ARG E 257 -30.32 -8.42 -56.51
N ILE E 258 -30.39 -8.31 -55.19
CA ILE E 258 -31.67 -8.08 -54.50
C ILE E 258 -32.29 -6.78 -54.93
N CYS E 259 -31.49 -5.72 -54.87
CA CYS E 259 -31.96 -4.40 -55.22
C CYS E 259 -32.49 -4.43 -56.66
N ASP E 260 -31.67 -4.93 -57.58
CA ASP E 260 -32.05 -5.03 -59.00
C ASP E 260 -33.32 -5.84 -59.16
N ALA E 261 -33.50 -6.87 -58.32
CA ALA E 261 -34.73 -7.64 -58.29
C ALA E 261 -35.91 -6.74 -57.96
N ALA E 262 -35.74 -5.94 -56.91
CA ALA E 262 -36.76 -4.97 -56.51
C ALA E 262 -37.06 -3.99 -57.62
N VAL E 263 -35.99 -3.46 -58.22
CA VAL E 263 -36.17 -2.48 -59.31
C VAL E 263 -37.02 -3.10 -60.42
N LYS E 264 -36.62 -4.30 -60.86
CA LYS E 264 -37.27 -5.01 -61.98
C LYS E 264 -38.77 -5.12 -61.74
N LEU E 265 -39.12 -5.49 -60.51
CA LEU E 265 -40.51 -5.62 -60.08
C LEU E 265 -41.24 -4.28 -60.21
N MET E 266 -40.73 -3.26 -59.54
CA MET E 266 -41.39 -1.94 -59.55
C MET E 266 -41.41 -1.31 -60.95
N LYS E 267 -40.39 -1.61 -61.76
CA LYS E 267 -40.39 -1.19 -63.17
C LYS E 267 -41.51 -1.90 -63.90
N ASN E 268 -41.62 -3.21 -63.68
CA ASN E 268 -42.69 -4.05 -64.26
C ASN E 268 -44.11 -3.52 -64.00
N VAL E 269 -44.31 -2.87 -62.87
CA VAL E 269 -45.62 -2.31 -62.54
C VAL E 269 -45.76 -0.83 -62.91
N ASP E 270 -44.69 -0.24 -63.48
CA ASP E 270 -44.57 1.21 -63.74
C ASP E 270 -44.89 1.98 -62.45
N TYR E 271 -44.20 1.60 -61.38
CA TYR E 271 -44.48 2.13 -60.03
C TYR E 271 -44.09 3.60 -59.88
N ILE E 272 -44.99 4.37 -59.25
CA ILE E 272 -44.82 5.81 -59.09
C ILE E 272 -44.71 6.19 -57.60
N ASN E 273 -43.75 7.07 -57.32
CA ASN E 273 -43.45 7.60 -55.98
C ASN E 273 -42.58 6.65 -55.15
N ALA E 274 -42.70 6.72 -53.82
CA ALA E 274 -41.83 5.98 -52.93
C ALA E 274 -42.55 4.78 -52.35
N GLY E 275 -41.78 3.70 -52.21
CA GLY E 275 -42.29 2.45 -51.68
C GLY E 275 -41.15 1.53 -51.38
N THR E 276 -41.46 0.42 -50.71
CA THR E 276 -40.43 -0.50 -50.28
C THR E 276 -40.74 -1.95 -50.61
N VAL E 277 -39.71 -2.65 -51.10
CA VAL E 277 -39.80 -4.08 -51.40
C VAL E 277 -39.00 -4.82 -50.34
N GLU E 278 -39.69 -5.68 -49.60
CA GLU E 278 -39.06 -6.44 -48.55
C GLU E 278 -38.55 -7.75 -49.15
N PHE E 279 -37.45 -8.28 -48.60
CA PHE E 279 -36.93 -9.62 -48.95
C PHE E 279 -36.51 -10.40 -47.69
N LEU E 280 -36.60 -11.73 -47.73
CA LEU E 280 -35.94 -12.58 -46.74
C LEU E 280 -34.71 -13.18 -47.37
N VAL E 281 -33.65 -13.29 -46.60
CA VAL E 281 -32.37 -13.75 -47.15
C VAL E 281 -31.74 -14.85 -46.29
N GLU E 282 -31.42 -15.97 -46.93
CA GLU E 282 -30.66 -17.07 -46.32
C GLU E 282 -29.41 -17.30 -47.17
N GLY E 283 -28.25 -17.36 -46.50
CA GLY E 283 -26.99 -17.66 -47.18
C GLY E 283 -26.78 -16.75 -48.37
N ASP E 284 -26.88 -17.31 -49.59
CA ASP E 284 -26.78 -16.53 -50.83
C ASP E 284 -28.07 -16.58 -51.66
N ASP E 285 -29.15 -17.12 -51.08
CA ASP E 285 -30.45 -17.12 -51.74
C ASP E 285 -31.38 -16.14 -51.04
N PHE E 286 -32.06 -15.32 -51.84
CA PHE E 286 -33.04 -14.37 -51.31
C PHE E 286 -34.40 -14.62 -51.91
N TYR E 287 -35.43 -14.15 -51.22
CA TYR E 287 -36.81 -14.40 -51.61
C TYR E 287 -37.72 -13.23 -51.25
N PHE E 288 -38.58 -12.86 -52.20
CA PHE E 288 -39.61 -11.86 -51.96
C PHE E 288 -40.53 -12.26 -50.81
N ILE E 289 -41.04 -11.28 -50.06
CA ILE E 289 -42.03 -11.55 -48.99
C ILE E 289 -43.21 -10.57 -49.00
N GLU E 290 -42.95 -9.27 -49.22
CA GLU E 290 -44.04 -8.27 -49.18
C GLU E 290 -43.62 -7.01 -49.92
N VAL E 291 -44.59 -6.13 -50.18
CA VAL E 291 -44.33 -4.80 -50.77
C VAL E 291 -45.15 -3.71 -50.06
N ASN E 292 -44.45 -2.69 -49.57
CA ASN E 292 -45.08 -1.54 -48.91
C ASN E 292 -45.09 -0.33 -49.84
N PRO E 293 -46.29 0.08 -50.33
CA PRO E 293 -46.40 1.23 -51.23
C PRO E 293 -46.53 2.55 -50.47
N ARG E 294 -45.56 2.84 -49.62
CA ARG E 294 -45.58 4.01 -48.76
C ARG E 294 -44.21 4.30 -48.17
N VAL E 295 -44.14 5.41 -47.46
CA VAL E 295 -42.97 5.70 -46.65
C VAL E 295 -42.97 4.70 -45.55
N GLN E 296 -41.80 4.31 -45.08
CA GLN E 296 -41.76 3.48 -43.90
C GLN E 296 -41.19 4.22 -42.72
N VAL E 297 -41.42 3.68 -41.53
CA VAL E 297 -40.93 4.29 -40.31
C VAL E 297 -39.42 4.42 -40.38
N GLU E 298 -38.77 3.36 -40.85
CA GLU E 298 -37.31 3.27 -40.87
C GLU E 298 -36.66 3.91 -42.12
N HIS E 299 -37.35 4.82 -42.77
CA HIS E 299 -36.80 5.45 -43.99
C HIS E 299 -35.66 6.40 -43.68
N THR E 300 -35.62 6.88 -42.44
CA THR E 300 -34.57 7.77 -41.98
C THR E 300 -33.17 7.25 -42.33
N ILE E 301 -32.87 6.04 -41.89
CA ILE E 301 -31.53 5.50 -42.07
C ILE E 301 -31.08 5.47 -43.52
N THR E 302 -32.01 5.16 -44.43
CA THR E 302 -31.69 5.17 -45.85
C THR E 302 -31.37 6.60 -46.31
N GLU E 303 -32.19 7.56 -45.86
CA GLU E 303 -31.85 8.98 -46.05
C GLU E 303 -30.40 9.32 -45.63
N MET E 304 -29.94 8.71 -44.54
CA MET E 304 -28.68 9.07 -43.94
C MET E 304 -27.51 8.53 -44.70
N ILE E 305 -27.66 7.34 -45.28
CA ILE E 305 -26.55 6.73 -46.03
C ILE E 305 -26.50 7.16 -47.50
N THR E 306 -27.66 7.36 -48.10
CA THR E 306 -27.72 7.85 -49.47
C THR E 306 -27.46 9.34 -49.58
N GLY E 307 -27.99 10.09 -48.63
CA GLY E 307 -27.90 11.54 -48.66
C GLY E 307 -29.17 12.15 -49.24
N ILE E 308 -30.12 11.28 -49.60
CA ILE E 308 -31.30 11.74 -50.29
C ILE E 308 -32.48 11.93 -49.36
N ASP E 309 -33.02 13.14 -49.33
CA ASP E 309 -34.24 13.42 -48.59
C ASP E 309 -35.42 12.75 -49.31
N ILE E 310 -35.93 11.67 -48.72
CA ILE E 310 -36.99 10.88 -49.31
C ILE E 310 -38.32 11.63 -49.40
N VAL E 311 -38.71 12.23 -48.30
CA VAL E 311 -40.01 12.87 -48.22
C VAL E 311 -40.07 14.14 -49.08
N GLN E 312 -39.00 14.93 -49.10
CA GLN E 312 -38.90 16.01 -50.07
C GLN E 312 -39.11 15.43 -51.48
N SER E 313 -38.41 14.34 -51.78
CA SER E 313 -38.58 13.68 -53.09
C SER E 313 -40.03 13.25 -53.31
N GLN E 314 -40.64 12.58 -52.34
CA GLN E 314 -42.05 12.21 -52.46
C GLN E 314 -42.90 13.37 -52.96
N LEU E 315 -42.66 14.56 -52.41
CA LEU E 315 -43.43 15.76 -52.77
C LEU E 315 -43.13 16.25 -54.20
N PHE E 316 -41.86 16.19 -54.60
CA PHE E 316 -41.50 16.56 -55.95
C PHE E 316 -42.14 15.64 -56.95
N ILE E 317 -42.11 14.36 -56.65
CA ILE E 317 -42.69 13.34 -57.51
C ILE E 317 -44.19 13.50 -57.65
N ALA E 318 -44.87 13.79 -56.55
CA ALA E 318 -46.31 14.05 -56.62
C ALA E 318 -46.62 15.30 -57.42
N ASP E 319 -45.69 16.26 -57.41
CA ASP E 319 -45.79 17.40 -58.33
C ASP E 319 -45.35 17.04 -59.74
N GLY E 320 -44.77 15.85 -59.88
CA GLY E 320 -44.52 15.24 -61.17
C GLY E 320 -43.11 15.35 -61.71
N TYR E 321 -42.27 16.15 -61.07
CA TYR E 321 -40.91 16.36 -61.56
C TYR E 321 -40.24 15.00 -61.78
N ALA E 322 -39.25 14.99 -62.66
CA ALA E 322 -38.44 13.79 -62.89
C ALA E 322 -37.42 13.63 -61.78
N LEU E 323 -37.05 12.39 -61.50
CA LEU E 323 -36.13 12.10 -60.44
C LEU E 323 -34.86 12.90 -60.62
N HIS E 324 -34.41 13.02 -61.86
CA HIS E 324 -33.08 13.57 -62.11
C HIS E 324 -33.11 15.02 -62.52
N ASP E 325 -34.24 15.70 -62.29
CA ASP E 325 -34.31 17.16 -62.50
C ASP E 325 -33.25 17.88 -61.69
N GLN E 326 -33.00 19.14 -62.03
CA GLN E 326 -32.03 19.95 -61.31
C GLN E 326 -32.50 20.14 -59.86
N LEU E 327 -33.76 20.56 -59.71
CA LEU E 327 -34.33 20.88 -58.40
C LEU E 327 -34.39 19.67 -57.46
N VAL E 328 -34.80 18.52 -58.00
CA VAL E 328 -34.95 17.28 -57.23
C VAL E 328 -33.60 16.71 -56.88
N ALA E 329 -32.66 16.83 -57.80
CA ALA E 329 -31.26 16.52 -57.51
C ALA E 329 -31.00 15.09 -57.04
N ILE E 330 -31.75 14.14 -57.60
CA ILE E 330 -31.43 12.73 -57.39
C ILE E 330 -30.49 12.30 -58.50
N PRO E 331 -29.34 11.75 -58.15
CA PRO E 331 -28.42 11.38 -59.20
C PRO E 331 -28.85 10.10 -59.92
N LYS E 332 -28.27 9.89 -61.10
CA LYS E 332 -28.38 8.62 -61.83
C LYS E 332 -27.91 7.48 -60.93
N GLN E 333 -28.59 6.35 -61.04
CA GLN E 333 -28.32 5.18 -60.19
C GLN E 333 -26.85 4.86 -59.99
N GLU E 334 -26.09 4.92 -61.07
CA GLU E 334 -24.66 4.64 -61.04
C GLU E 334 -23.98 5.60 -60.06
N ASP E 335 -24.48 6.84 -60.04
CA ASP E 335 -23.99 7.91 -59.17
C ASP E 335 -24.51 7.88 -57.69
N ILE E 336 -25.48 7.00 -57.38
CA ILE E 336 -25.96 6.80 -55.98
C ILE E 336 -25.10 5.82 -55.19
N HIS E 337 -24.44 6.30 -54.13
CA HIS E 337 -23.53 5.46 -53.36
C HIS E 337 -23.91 5.47 -51.88
N ILE E 338 -23.22 4.64 -51.10
CA ILE E 338 -23.42 4.55 -49.67
C ILE E 338 -22.34 5.32 -48.95
N HIS E 339 -22.73 6.28 -48.12
CA HIS E 339 -21.79 6.86 -47.18
C HIS E 339 -22.15 6.27 -45.83
N GLY E 340 -21.18 5.64 -45.19
CA GLY E 340 -21.33 5.16 -43.82
C GLY E 340 -22.43 4.16 -43.58
N SER E 341 -22.84 4.06 -42.32
CA SER E 341 -24.03 3.28 -41.95
C SER E 341 -24.77 3.95 -40.80
N ALA E 342 -26.06 3.65 -40.71
CA ALA E 342 -26.89 4.32 -39.75
C ALA E 342 -27.82 3.34 -39.09
N ILE E 343 -28.00 3.53 -37.79
CA ILE E 343 -28.79 2.64 -36.96
C ILE E 343 -29.92 3.47 -36.44
N GLN E 344 -31.12 2.92 -36.46
CA GLN E 344 -32.26 3.61 -35.86
C GLN E 344 -32.91 2.77 -34.79
N SER E 345 -33.26 3.42 -33.69
CA SER E 345 -34.04 2.80 -32.62
C SER E 345 -35.13 3.74 -32.15
N ARG E 346 -36.28 3.17 -31.80
CA ARG E 346 -37.45 3.96 -31.44
C ARG E 346 -37.73 3.86 -29.97
N ILE E 347 -37.56 4.99 -29.29
CA ILE E 347 -37.82 5.05 -27.86
C ILE E 347 -39.32 5.08 -27.72
N THR E 348 -39.85 4.16 -26.94
CA THR E 348 -41.30 4.06 -26.69
C THR E 348 -41.56 3.93 -25.21
N THR E 349 -42.82 4.10 -24.84
CA THR E 349 -43.27 3.90 -23.45
C THR E 349 -43.55 2.44 -23.08
N GLU E 350 -43.32 1.49 -24.00
CA GLU E 350 -43.39 0.06 -23.63
C GLU E 350 -42.39 -0.20 -22.50
N ASP E 351 -42.86 -0.73 -21.37
CA ASP E 351 -42.00 -1.02 -20.21
C ASP E 351 -41.62 -2.49 -20.17
N PRO E 352 -40.32 -2.82 -20.22
CA PRO E 352 -40.01 -4.25 -20.37
C PRO E 352 -40.22 -5.10 -19.10
N LEU E 353 -40.19 -4.46 -17.94
CA LEU E 353 -40.53 -5.16 -16.69
C LEU E 353 -42.00 -5.54 -16.65
N ASN E 354 -42.86 -4.66 -17.16
CA ASN E 354 -44.29 -4.91 -17.25
C ASN E 354 -44.70 -5.60 -18.57
N ASN E 355 -43.82 -6.46 -19.09
CA ASN E 355 -44.02 -7.09 -20.38
C ASN E 355 -44.50 -6.11 -21.47
N PHE E 356 -43.80 -4.98 -21.58
CA PHE E 356 -43.91 -4.04 -22.71
C PHE E 356 -45.31 -3.46 -22.84
N MET E 357 -46.06 -3.44 -21.74
CA MET E 357 -47.34 -2.74 -21.73
C MET E 357 -46.99 -1.24 -21.83
N PRO E 358 -47.46 -0.57 -22.90
CA PRO E 358 -47.23 0.85 -23.04
C PRO E 358 -47.65 1.63 -21.80
N ASP E 359 -46.67 2.13 -21.04
CA ASP E 359 -46.98 2.95 -19.86
C ASP E 359 -47.69 4.21 -20.33
N THR E 360 -48.53 4.77 -19.48
CA THR E 360 -49.20 6.03 -19.78
C THR E 360 -48.87 7.06 -18.75
N GLY E 361 -49.28 8.29 -19.02
CA GLY E 361 -49.05 9.37 -18.08
C GLY E 361 -48.36 10.58 -18.65
N ARG E 362 -47.97 11.44 -17.74
CA ARG E 362 -47.36 12.70 -18.07
C ARG E 362 -45.85 12.54 -17.98
N VAL E 363 -45.18 13.15 -18.96
CA VAL E 363 -43.74 13.19 -19.03
C VAL E 363 -43.28 14.45 -18.31
N ASP E 364 -42.82 14.32 -17.07
CA ASP E 364 -42.46 15.51 -16.29
C ASP E 364 -41.11 16.06 -16.74
N THR E 365 -40.24 15.18 -17.21
CA THR E 365 -38.91 15.59 -17.71
C THR E 365 -38.54 14.84 -18.99
N TYR E 366 -38.24 15.59 -20.05
CA TYR E 366 -37.80 15.00 -21.30
C TYR E 366 -36.59 15.79 -21.77
N ARG E 367 -35.42 15.16 -21.69
CA ARG E 367 -34.19 15.79 -22.13
C ARG E 367 -33.55 14.98 -23.20
N SER E 368 -33.57 15.51 -24.42
CA SER E 368 -33.05 14.79 -25.58
C SER E 368 -31.57 15.01 -25.70
N THR E 369 -31.01 14.31 -26.66
CA THR E 369 -29.58 14.30 -26.89
C THR E 369 -29.33 14.94 -28.25
N GLY E 370 -28.07 15.07 -28.62
CA GLY E 370 -27.70 15.50 -29.97
C GLY E 370 -26.23 15.25 -30.24
N GLY E 371 -25.67 15.93 -31.23
CA GLY E 371 -24.23 15.89 -31.48
C GLY E 371 -23.97 15.37 -32.86
N PHE E 372 -22.71 15.06 -33.15
CA PHE E 372 -22.36 14.60 -34.49
C PHE E 372 -23.02 13.25 -34.72
N GLY E 373 -23.61 13.10 -35.89
CA GLY E 373 -24.13 11.82 -36.34
C GLY E 373 -25.38 11.38 -35.61
N VAL E 374 -26.09 12.35 -35.02
CA VAL E 374 -27.33 12.09 -34.32
C VAL E 374 -28.47 12.85 -34.94
N ARG E 375 -29.53 12.13 -35.21
CA ARG E 375 -30.73 12.70 -35.73
C ARG E 375 -31.85 12.28 -34.81
N LEU E 376 -32.78 13.19 -34.58
CA LEU E 376 -33.97 12.83 -33.85
C LEU E 376 -35.17 13.20 -34.64
N ASP E 377 -36.13 12.28 -34.71
CA ASP E 377 -37.44 12.58 -35.29
C ASP E 377 -38.44 12.45 -34.16
N ALA E 378 -38.96 13.60 -33.75
CA ALA E 378 -39.77 13.71 -32.57
C ALA E 378 -41.18 13.24 -32.89
N GLY E 379 -41.76 12.52 -31.96
CA GLY E 379 -43.16 12.07 -32.06
C GLY E 379 -43.97 12.82 -31.01
N ASN E 380 -44.49 12.09 -30.00
CA ASN E 380 -45.17 12.73 -28.86
C ASN E 380 -44.19 12.91 -27.70
N GLY E 381 -43.19 13.76 -27.93
CA GLY E 381 -42.02 13.84 -27.06
C GLY E 381 -41.57 15.25 -26.75
N PHE E 382 -42.33 15.92 -25.88
CA PHE E 382 -41.92 17.21 -25.31
C PHE E 382 -42.29 17.22 -23.82
N GLN E 383 -41.76 18.17 -23.05
CA GLN E 383 -41.83 18.11 -21.59
C GLN E 383 -43.26 17.97 -21.06
N GLY E 384 -44.13 18.86 -21.49
CA GLY E 384 -45.50 18.82 -21.01
C GLY E 384 -46.30 17.57 -21.32
N THR E 385 -46.08 16.96 -22.49
CA THR E 385 -47.03 16.01 -23.04
C THR E 385 -47.44 14.86 -22.10
N VAL E 386 -48.69 14.42 -22.28
CA VAL E 386 -49.22 13.23 -21.62
C VAL E 386 -49.38 12.17 -22.66
N VAL E 387 -48.95 10.95 -22.38
CA VAL E 387 -49.20 9.86 -23.34
C VAL E 387 -50.54 9.22 -23.04
N THR E 388 -51.37 9.14 -24.08
CA THR E 388 -52.65 8.47 -24.03
C THR E 388 -52.34 7.03 -24.39
N PRO E 389 -53.22 6.10 -24.01
CA PRO E 389 -53.06 4.72 -24.45
C PRO E 389 -53.72 4.43 -25.82
N PHE E 390 -54.47 5.39 -26.37
CA PHE E 390 -55.32 5.15 -27.55
C PHE E 390 -54.53 4.82 -28.82
N TYR E 391 -53.48 5.60 -29.05
CA TYR E 391 -52.58 5.46 -30.18
C TYR E 391 -51.29 4.75 -29.72
N ASP E 392 -50.36 4.53 -30.64
CA ASP E 392 -49.13 3.78 -30.33
C ASP E 392 -48.18 4.51 -29.35
N SER E 393 -47.19 3.77 -28.84
CA SER E 393 -46.39 4.18 -27.69
C SER E 393 -45.20 5.10 -27.99
N LEU E 394 -44.94 5.39 -29.25
CA LEU E 394 -43.69 6.06 -29.66
C LEU E 394 -43.50 7.54 -29.26
N LEU E 395 -42.42 7.79 -28.53
CA LEU E 395 -42.06 9.13 -28.12
C LEU E 395 -41.13 9.82 -29.10
N VAL E 396 -40.00 9.17 -29.40
CA VAL E 396 -39.00 9.73 -30.30
C VAL E 396 -38.18 8.67 -31.03
N LYS E 397 -37.89 8.93 -32.30
CA LYS E 397 -37.10 8.01 -33.12
C LYS E 397 -35.64 8.52 -33.09
N LEU E 398 -34.75 7.70 -32.57
CA LEU E 398 -33.34 8.07 -32.43
C LEU E 398 -32.48 7.30 -33.42
N CYS E 399 -31.90 8.02 -34.37
CA CYS E 399 -30.98 7.41 -35.31
C CYS E 399 -29.58 8.00 -35.15
N THR E 400 -28.56 7.17 -35.34
CA THR E 400 -27.20 7.66 -35.31
C THR E 400 -26.44 7.12 -36.49
N TRP E 401 -25.42 7.88 -36.92
CA TRP E 401 -24.69 7.54 -38.13
C TRP E 401 -23.21 7.48 -37.87
N GLY E 402 -22.51 6.66 -38.64
CA GLY E 402 -21.04 6.61 -38.60
C GLY E 402 -20.46 6.16 -39.92
N MET E 403 -19.19 6.46 -40.16
CA MET E 403 -18.47 5.94 -41.32
C MET E 403 -18.43 4.42 -41.32
N THR E 404 -18.28 3.83 -40.14
CA THR E 404 -18.33 2.39 -39.93
C THR E 404 -19.46 2.08 -38.97
N PHE E 405 -20.17 1.00 -39.21
CA PHE E 405 -21.28 0.60 -38.31
C PHE E 405 -20.82 0.51 -36.86
N GLU E 406 -19.56 0.11 -36.66
CA GLU E 406 -19.01 0.07 -35.32
C GLU E 406 -18.99 1.48 -34.72
N GLN E 407 -18.76 2.49 -35.56
CA GLN E 407 -18.74 3.89 -35.12
C GLN E 407 -20.13 4.34 -34.74
N ALA E 408 -21.11 3.95 -35.55
CA ALA E 408 -22.50 4.33 -35.32
C ALA E 408 -23.03 3.69 -34.04
N THR E 409 -22.72 2.40 -33.81
CA THR E 409 -23.16 1.70 -32.60
C THR E 409 -22.66 2.43 -31.37
N ARG E 410 -21.43 2.94 -31.42
CA ARG E 410 -20.92 3.73 -30.30
C ARG E 410 -21.80 4.95 -30.01
N LYS E 411 -22.15 5.68 -31.06
CA LYS E 411 -22.92 6.90 -30.89
C LYS E 411 -24.31 6.60 -30.40
N MET E 412 -24.87 5.51 -30.89
CA MET E 412 -26.14 5.07 -30.39
C MET E 412 -26.03 4.78 -28.92
N ARG E 413 -25.02 4.03 -28.52
CA ARG E 413 -24.89 3.71 -27.12
C ARG E 413 -25.00 5.00 -26.30
N ARG E 414 -24.05 5.90 -26.53
CA ARG E 414 -23.96 7.16 -25.77
C ARG E 414 -25.27 7.89 -25.70
N ASN E 415 -25.91 8.04 -26.85
CA ASN E 415 -27.20 8.71 -26.91
C ASN E 415 -28.27 8.10 -26.06
N LEU E 416 -28.37 6.77 -26.08
CA LEU E 416 -29.43 6.09 -25.34
C LEU E 416 -29.27 6.31 -23.85
N ILE E 417 -28.02 6.26 -23.40
CA ILE E 417 -27.71 6.56 -22.01
C ILE E 417 -28.04 8.04 -21.69
N GLU E 418 -27.65 8.94 -22.59
CA GLU E 418 -27.77 10.37 -22.36
C GLU E 418 -29.20 10.80 -22.19
N PHE E 419 -30.13 10.08 -22.81
CA PHE E 419 -31.55 10.43 -22.71
C PHE E 419 -32.06 10.43 -21.29
N ARG E 420 -32.76 11.49 -20.92
CA ARG E 420 -33.42 11.56 -19.62
C ARG E 420 -34.88 11.83 -19.86
N ILE E 421 -35.67 10.79 -19.67
CA ILE E 421 -37.11 10.87 -19.73
C ILE E 421 -37.70 10.39 -18.42
N ARG E 422 -38.50 11.22 -17.76
CA ARG E 422 -39.14 10.79 -16.51
C ARG E 422 -40.62 11.15 -16.46
N GLY E 423 -41.37 10.25 -15.83
CA GLY E 423 -42.82 10.34 -15.77
C GLY E 423 -43.42 9.07 -16.32
N VAL E 424 -42.69 8.39 -17.19
CA VAL E 424 -43.17 7.17 -17.78
C VAL E 424 -42.05 6.18 -18.00
N LYS E 425 -42.41 4.90 -17.98
CA LYS E 425 -41.44 3.85 -18.26
C LYS E 425 -41.13 3.89 -19.75
N THR E 426 -39.96 3.40 -20.13
CA THR E 426 -39.59 3.34 -21.55
C THR E 426 -38.87 2.05 -21.86
N ASN E 427 -38.60 1.85 -23.14
CA ASN E 427 -37.94 0.64 -23.57
C ASN E 427 -36.43 0.80 -23.68
N ILE E 428 -35.91 1.93 -23.20
CA ILE E 428 -34.51 2.26 -23.40
C ILE E 428 -33.62 1.17 -22.85
N PRO E 429 -33.84 0.78 -21.58
CA PRO E 429 -32.99 -0.28 -20.99
C PRO E 429 -32.97 -1.57 -21.79
N PHE E 430 -34.08 -1.87 -22.47
CA PHE E 430 -34.12 -2.99 -23.38
C PHE E 430 -33.22 -2.73 -24.58
N LEU E 431 -33.42 -1.61 -25.25
CA LEU E 431 -32.60 -1.25 -26.43
C LEU E 431 -31.09 -1.21 -26.08
N LEU E 432 -30.76 -0.69 -24.90
CA LEU E 432 -29.38 -0.70 -24.50
C LEU E 432 -28.83 -2.10 -24.50
N ASN E 433 -29.56 -3.05 -23.92
CA ASN E 433 -29.07 -4.42 -23.82
C ASN E 433 -28.85 -5.07 -25.18
N VAL E 434 -29.75 -4.81 -26.11
CA VAL E 434 -29.57 -5.29 -27.49
C VAL E 434 -28.40 -4.58 -28.19
N VAL E 435 -28.25 -3.28 -28.00
CA VAL E 435 -27.15 -2.58 -28.63
C VAL E 435 -25.82 -2.93 -27.99
N ARG E 436 -25.80 -3.17 -26.68
CA ARG E 436 -24.57 -3.61 -25.99
C ARG E 436 -24.16 -5.03 -26.37
N HIS E 437 -25.13 -5.87 -26.72
CA HIS E 437 -24.84 -7.26 -26.95
C HIS E 437 -23.81 -7.43 -28.07
N PRO E 438 -22.79 -8.27 -27.83
CA PRO E 438 -21.69 -8.43 -28.81
C PRO E 438 -22.11 -9.03 -30.16
N ASP E 439 -23.00 -10.01 -30.16
CA ASP E 439 -23.64 -10.49 -31.40
C ASP E 439 -24.33 -9.40 -32.24
N PHE E 440 -24.79 -8.32 -31.62
CA PHE E 440 -25.33 -7.19 -32.40
C PHE E 440 -24.21 -6.43 -33.07
N ALA E 441 -23.17 -6.11 -32.31
CA ALA E 441 -22.03 -5.38 -32.84
C ALA E 441 -21.33 -6.14 -33.97
N SER E 442 -21.40 -7.47 -33.93
CA SER E 442 -20.79 -8.30 -34.97
C SER E 442 -21.43 -7.99 -36.31
N GLY E 443 -22.75 -7.78 -36.29
CA GLY E 443 -23.50 -7.50 -37.52
C GLY E 443 -24.07 -8.75 -38.17
N ASN E 444 -23.73 -9.91 -37.62
CA ASN E 444 -24.35 -11.16 -38.01
C ASN E 444 -25.41 -11.52 -37.00
N TYR E 445 -26.65 -11.27 -37.38
CA TYR E 445 -27.81 -11.70 -36.59
C TYR E 445 -28.93 -12.07 -37.56
N ASN E 446 -29.97 -12.69 -37.03
CA ASN E 446 -31.13 -13.11 -37.81
C ASN E 446 -32.38 -12.87 -37.03
N THR E 447 -33.52 -13.01 -37.70
CA THR E 447 -34.83 -12.82 -37.07
C THR E 447 -34.93 -13.49 -35.71
N SER E 448 -34.32 -14.68 -35.64
CA SER E 448 -34.27 -15.44 -34.40
C SER E 448 -33.21 -14.94 -33.42
N PHE E 449 -32.60 -13.76 -33.61
CA PHE E 449 -31.56 -13.27 -32.67
C PHE E 449 -32.11 -12.89 -31.31
N ILE E 450 -33.23 -12.20 -31.30
CA ILE E 450 -33.96 -12.00 -30.07
C ILE E 450 -34.69 -13.31 -29.81
N ASP E 451 -35.21 -13.49 -28.61
CA ASP E 451 -35.93 -14.71 -28.24
C ASP E 451 -34.90 -15.80 -27.94
N THR E 452 -34.02 -16.07 -28.90
CA THR E 452 -32.90 -17.01 -28.70
C THR E 452 -32.00 -16.54 -27.59
N THR E 453 -31.88 -15.23 -27.42
CA THR E 453 -31.03 -14.65 -26.38
C THR E 453 -31.93 -14.07 -25.27
N PRO E 454 -31.99 -14.74 -24.11
CA PRO E 454 -32.81 -14.22 -23.02
C PRO E 454 -32.15 -13.11 -22.21
N GLU E 455 -30.81 -13.06 -22.21
CA GLU E 455 -30.10 -12.11 -21.32
C GLU E 455 -30.65 -10.71 -21.50
N LEU E 456 -30.94 -10.35 -22.74
CA LEU E 456 -31.42 -9.00 -23.08
C LEU E 456 -32.59 -8.57 -22.22
N PHE E 457 -33.38 -9.55 -21.78
CA PHE E 457 -34.55 -9.28 -20.94
C PHE E 457 -34.23 -9.16 -19.45
N LYS E 458 -33.00 -9.46 -19.06
CA LYS E 458 -32.50 -9.19 -17.72
C LYS E 458 -31.93 -7.78 -17.62
N PHE E 459 -32.50 -6.98 -16.72
CA PHE E 459 -32.10 -5.60 -16.60
C PHE E 459 -31.65 -5.46 -15.17
N PRO E 460 -30.33 -5.59 -14.92
CA PRO E 460 -29.81 -5.71 -13.56
C PRO E 460 -29.85 -4.43 -12.72
N HIS E 461 -30.44 -4.54 -11.51
CA HIS E 461 -30.40 -3.47 -10.52
C HIS E 461 -28.92 -3.29 -10.25
N ILE E 462 -28.48 -2.05 -10.05
CA ILE E 462 -27.05 -1.82 -9.81
C ILE E 462 -26.77 -1.77 -8.34
N ARG E 463 -26.00 -2.75 -7.89
CA ARG E 463 -25.36 -2.70 -6.61
C ARG E 463 -24.06 -1.92 -6.81
N ASP E 464 -23.84 -0.87 -6.04
CA ASP E 464 -22.65 -0.05 -6.21
C ASP E 464 -22.32 0.56 -4.87
N ARG E 465 -21.08 0.48 -4.32
CA ARG E 465 -20.70 1.24 -3.10
C ARG E 465 -20.84 2.68 -3.54
N GLY E 466 -21.77 3.48 -3.04
CA GLY E 466 -21.86 4.85 -3.61
C GLY E 466 -23.35 5.07 -3.65
N THR E 467 -24.04 4.26 -4.44
CA THR E 467 -25.51 4.34 -4.52
C THR E 467 -26.13 3.95 -3.19
N LYS E 468 -25.65 2.83 -2.65
CA LYS E 468 -26.11 2.32 -1.38
C LYS E 468 -25.91 3.32 -0.25
N THR E 469 -24.79 4.06 -0.32
CA THR E 469 -24.49 5.11 0.64
C THR E 469 -25.56 6.18 0.57
N LEU E 470 -25.97 6.51 -0.66
CA LEU E 470 -26.99 7.54 -0.85
C LEU E 470 -28.33 7.01 -0.38
N ARG E 471 -28.55 5.71 -0.55
CA ARG E 471 -29.79 5.12 -0.04
C ARG E 471 -29.91 5.34 1.45
N TYR E 472 -28.84 5.00 2.18
CA TYR E 472 -28.81 5.23 3.63
C TYR E 472 -29.06 6.70 3.92
N ILE E 473 -28.19 7.57 3.41
CA ILE E 473 -28.29 8.99 3.70
C ILE E 473 -29.70 9.54 3.41
N GLY E 474 -30.25 9.16 2.26
CA GLY E 474 -31.59 9.63 1.87
C GLY E 474 -32.67 9.11 2.80
N ASN E 475 -32.57 7.84 3.14
CA ASN E 475 -33.49 7.24 4.08
C ASN E 475 -33.60 7.98 5.41
N VAL E 476 -32.48 8.10 6.12
CA VAL E 476 -32.48 8.72 7.43
C VAL E 476 -32.91 10.17 7.33
N THR E 477 -32.72 10.76 6.15
CA THR E 477 -33.01 12.16 5.96
C THR E 477 -34.50 12.40 5.96
N VAL E 478 -35.26 11.40 5.51
CA VAL E 478 -36.70 11.52 5.43
C VAL E 478 -37.46 10.83 6.55
N ASN E 479 -37.05 9.62 6.86
CA ASN E 479 -37.72 8.81 7.89
C ASN E 479 -37.12 8.99 9.28
N GLY E 480 -35.86 9.43 9.33
CA GLY E 480 -35.20 9.63 10.60
C GLY E 480 -34.46 8.39 11.02
N PHE E 481 -33.59 8.57 12.00
CA PHE E 481 -32.88 7.46 12.60
C PHE E 481 -33.78 6.77 13.62
N PRO E 482 -33.79 5.44 13.64
CA PRO E 482 -34.63 4.72 14.57
C PRO E 482 -34.26 4.91 16.02
N GLY E 483 -35.25 5.19 16.85
CA GLY E 483 -35.06 5.26 18.29
C GLY E 483 -34.88 6.66 18.85
N ILE E 484 -34.84 7.66 17.97
CA ILE E 484 -34.62 9.02 18.43
C ILE E 484 -35.53 10.01 17.72
N LYS E 485 -35.92 11.07 18.40
CA LYS E 485 -36.78 12.07 17.78
C LYS E 485 -36.10 12.58 16.51
N HIS E 486 -36.84 12.53 15.40
CA HIS E 486 -36.39 13.07 14.13
C HIS E 486 -36.21 14.56 14.29
N ARG E 487 -34.98 15.03 14.14
CA ARG E 487 -34.66 16.43 14.33
C ARG E 487 -33.69 16.83 13.25
N ASP E 488 -33.58 18.14 13.02
CA ASP E 488 -32.64 18.66 12.02
C ASP E 488 -31.20 18.36 12.42
N LYS E 489 -30.36 18.14 11.42
CA LYS E 489 -28.94 17.94 11.65
C LYS E 489 -28.35 19.28 12.06
N PRO E 490 -27.76 19.34 13.24
CA PRO E 490 -27.19 20.61 13.71
C PRO E 490 -25.94 21.03 12.94
N VAL E 491 -25.33 22.13 13.36
CA VAL E 491 -24.02 22.50 12.85
C VAL E 491 -23.04 22.25 13.96
N TYR E 492 -22.66 20.99 14.11
CA TYR E 492 -21.70 20.62 15.12
C TYR E 492 -20.37 21.31 14.85
N ALA E 493 -19.72 21.73 15.92
CA ALA E 493 -18.38 22.31 15.83
C ALA E 493 -17.42 21.21 15.37
N GLU E 494 -16.38 21.60 14.65
CA GLU E 494 -15.40 20.64 14.22
C GLU E 494 -14.57 20.20 15.41
N PRO E 495 -14.43 18.89 15.61
CA PRO E 495 -13.70 18.48 16.79
C PRO E 495 -12.24 18.90 16.74
N ARG E 496 -11.70 19.34 17.88
CA ARG E 496 -10.31 19.70 18.01
C ARG E 496 -9.45 18.44 18.07
N LEU E 497 -8.70 18.22 16.99
CA LEU E 497 -7.76 17.10 16.90
C LEU E 497 -6.38 17.51 17.35
N PRO E 498 -5.67 16.63 18.07
CA PRO E 498 -4.31 16.97 18.43
C PRO E 498 -3.40 16.92 17.24
N LYS E 499 -2.50 17.90 17.13
CA LYS E 499 -1.46 17.86 16.12
C LYS E 499 -0.33 17.00 16.67
N ILE E 500 0.23 16.14 15.82
CA ILE E 500 1.45 15.39 16.16
C ILE E 500 2.55 15.83 15.19
N PRO E 501 3.79 16.04 15.70
CA PRO E 501 4.85 16.29 14.74
C PRO E 501 5.09 15.06 13.85
N TYR E 502 5.36 15.28 12.56
CA TYR E 502 5.54 14.17 11.60
C TYR E 502 6.65 13.22 12.02
N GLY E 503 6.34 11.93 12.00
CA GLY E 503 7.33 10.88 12.23
C GLY E 503 7.75 10.69 13.68
N SER E 504 7.11 11.38 14.61
CA SER E 504 7.55 11.36 15.99
C SER E 504 7.35 10.00 16.67
N GLN E 505 8.05 9.81 17.77
CA GLN E 505 7.57 9.08 18.96
C GLN E 505 6.98 7.66 18.78
N ILE E 506 5.84 7.41 19.42
CA ILE E 506 5.37 6.07 19.82
C ILE E 506 6.39 5.43 20.69
N SER E 507 6.66 6.14 21.77
CA SER E 507 7.47 5.63 22.85
C SER E 507 6.90 4.29 23.27
N PRO E 508 7.77 3.34 23.62
CA PRO E 508 7.24 2.02 23.80
C PRO E 508 6.32 1.97 24.99
N GLY E 509 5.35 1.09 24.89
CA GLY E 509 4.34 0.95 25.90
C GLY E 509 4.53 -0.30 26.72
N THR E 510 3.54 -0.54 27.53
CA THR E 510 3.36 -1.74 28.29
C THR E 510 3.26 -2.98 27.44
N LYS E 511 2.72 -2.86 26.23
CA LYS E 511 2.54 -4.02 25.34
C LYS E 511 3.85 -4.73 25.12
N GLN E 512 4.89 -3.95 24.82
CA GLN E 512 6.24 -4.47 24.68
C GLN E 512 6.60 -5.47 25.79
N ILE E 513 6.29 -5.11 27.03
CA ILE E 513 6.59 -5.95 28.19
C ILE E 513 5.80 -7.28 28.16
N LEU E 514 4.58 -7.28 27.63
CA LEU E 514 3.84 -8.53 27.43
C LEU E 514 4.45 -9.31 26.27
N ASP E 515 4.73 -8.60 25.17
CA ASP E 515 5.39 -9.20 24.02
C ASP E 515 6.70 -9.87 24.40
N ALA E 516 7.54 -9.12 25.12
CA ALA E 516 8.86 -9.61 25.56
C ALA E 516 8.78 -10.75 26.59
N LYS E 517 8.12 -10.49 27.72
CA LYS E 517 8.27 -11.31 28.92
C LYS E 517 6.98 -11.95 29.42
N GLY E 518 5.97 -12.05 28.55
CA GLY E 518 4.72 -12.72 28.89
C GLY E 518 3.96 -12.08 30.04
N PRO E 519 2.86 -12.72 30.48
CA PRO E 519 2.04 -12.20 31.56
C PRO E 519 2.82 -11.99 32.87
N GLU E 520 3.53 -13.03 33.33
CA GLU E 520 4.31 -12.95 34.58
C GLU E 520 5.26 -11.76 34.62
N GLY E 521 5.98 -11.55 33.52
CA GLY E 521 6.98 -10.48 33.41
C GLY E 521 6.37 -9.10 33.57
N VAL E 522 5.11 -8.99 33.16
CA VAL E 522 4.31 -7.75 33.34
C VAL E 522 3.93 -7.58 34.82
N VAL E 523 3.20 -8.56 35.36
CA VAL E 523 2.86 -8.62 36.79
C VAL E 523 4.05 -8.25 37.69
N ASP E 524 5.24 -8.67 37.29
CA ASP E 524 6.46 -8.28 38.00
C ASP E 524 6.66 -6.76 37.92
N TRP E 525 6.75 -6.23 36.70
CA TRP E 525 6.91 -4.79 36.48
C TRP E 525 5.84 -3.96 37.19
N VAL E 526 4.64 -4.52 37.24
CA VAL E 526 3.52 -3.93 37.97
C VAL E 526 3.93 -3.79 39.43
N LYS E 527 4.18 -4.92 40.09
CA LYS E 527 4.58 -4.97 41.51
C LYS E 527 5.72 -3.99 41.84
N LYS E 528 6.68 -3.91 40.92
CA LYS E 528 7.86 -3.04 41.02
C LYS E 528 7.56 -1.55 41.02
N GLN E 529 6.45 -1.17 40.40
CA GLN E 529 6.08 0.24 40.33
C GLN E 529 5.52 0.77 41.64
N GLU E 530 6.19 1.79 42.18
CA GLU E 530 5.78 2.46 43.42
C GLU E 530 4.47 3.23 43.20
N GLU E 531 4.38 3.89 42.05
CA GLU E 531 3.21 4.68 41.69
C GLU E 531 1.91 3.88 41.55
N VAL E 532 0.82 4.62 41.42
CA VAL E 532 -0.44 4.05 41.04
C VAL E 532 -0.59 4.05 39.49
N LEU E 533 -1.04 2.90 38.99
CA LEU E 533 -1.19 2.64 37.55
C LEU E 533 -2.64 2.85 37.08
N LEU E 534 -2.82 3.44 35.90
CA LEU E 534 -4.14 3.81 35.39
C LEU E 534 -4.52 3.06 34.15
N THR E 535 -5.81 2.70 34.09
CA THR E 535 -6.42 2.07 32.94
C THR E 535 -7.45 3.02 32.37
N ASP E 536 -7.37 3.34 31.08
CA ASP E 536 -8.31 4.28 30.46
C ASP E 536 -9.51 3.57 29.87
N THR E 537 -10.66 3.83 30.46
CA THR E 537 -11.94 3.27 30.02
C THR E 537 -12.72 4.23 29.11
N THR E 538 -12.07 5.26 28.60
CA THR E 538 -12.72 6.21 27.73
C THR E 538 -13.39 5.53 26.51
N LEU E 539 -12.85 4.43 26.02
CA LEU E 539 -13.45 3.75 24.83
C LEU E 539 -14.45 2.64 25.18
N ARG E 540 -14.83 2.55 26.46
CA ARG E 540 -15.81 1.58 26.95
C ARG E 540 -16.26 1.93 28.37
N ASP E 541 -17.43 1.47 28.76
CA ASP E 541 -17.99 1.79 30.08
C ASP E 541 -18.29 3.27 30.14
N ALA E 542 -17.25 4.09 30.00
CA ALA E 542 -17.44 5.52 30.02
C ALA E 542 -18.58 5.89 29.10
N HIS E 543 -18.49 5.42 27.85
CA HIS E 543 -19.54 5.71 26.88
C HIS E 543 -20.65 4.66 26.96
N GLN E 544 -20.33 3.47 27.47
CA GLN E 544 -21.37 2.51 27.74
C GLN E 544 -22.32 3.03 28.83
N SER E 545 -21.78 3.65 29.88
CA SER E 545 -22.60 4.18 30.95
C SER E 545 -23.34 5.43 30.49
N LEU E 546 -22.58 6.39 29.95
CA LEU E 546 -23.15 7.69 29.61
C LEU E 546 -24.04 7.68 28.38
N LEU E 547 -23.57 7.05 27.31
CA LEU E 547 -24.18 7.19 25.98
C LEU E 547 -24.73 5.91 25.35
N ALA E 548 -25.09 4.93 26.17
CA ALA E 548 -25.70 3.68 25.69
C ALA E 548 -24.79 2.95 24.74
N THR E 549 -23.49 3.05 24.97
CA THR E 549 -22.52 2.29 24.20
C THR E 549 -22.57 2.65 22.72
N ARG E 550 -23.11 3.82 22.41
CA ARG E 550 -23.36 4.21 21.03
C ARG E 550 -22.19 4.88 20.29
N VAL E 551 -21.08 5.11 20.97
CA VAL E 551 -19.94 5.73 20.33
C VAL E 551 -19.45 4.81 19.23
N ARG E 552 -19.23 5.42 18.07
CA ARG E 552 -18.95 4.69 16.84
C ARG E 552 -17.46 4.60 16.55
N SER E 553 -17.08 3.53 15.85
CA SER E 553 -15.69 3.28 15.54
C SER E 553 -15.06 4.46 14.84
N LYS E 554 -15.75 5.01 13.84
CA LYS E 554 -15.23 6.21 13.11
C LYS E 554 -14.64 7.25 14.05
N ASP E 555 -15.38 7.59 15.11
CA ASP E 555 -14.94 8.62 16.08
C ASP E 555 -13.82 8.13 16.97
N ILE E 556 -13.82 6.85 17.31
CA ILE E 556 -12.76 6.27 18.12
C ILE E 556 -11.41 6.26 17.37
N PHE E 557 -11.40 5.69 16.16
CA PHE E 557 -10.17 5.61 15.37
C PHE E 557 -9.48 6.96 15.26
N GLN E 558 -10.25 8.02 15.04
CA GLN E 558 -9.68 9.34 14.83
C GLN E 558 -8.68 9.79 15.89
N ILE E 559 -8.94 9.42 17.15
CA ILE E 559 -8.09 9.84 18.26
C ILE E 559 -7.03 8.81 18.64
N ALA E 560 -7.24 7.55 18.26
CA ALA E 560 -6.35 6.44 18.71
C ALA E 560 -4.84 6.71 18.53
N ASP E 561 -4.48 7.40 17.45
CA ASP E 561 -3.08 7.78 17.20
C ASP E 561 -2.53 8.59 18.37
N ALA E 562 -3.22 9.67 18.70
CA ALA E 562 -2.81 10.51 19.81
C ALA E 562 -2.77 9.76 21.14
N MET E 563 -3.65 8.79 21.31
CA MET E 563 -3.68 8.03 22.55
C MET E 563 -2.38 7.26 22.75
N ALA E 564 -1.84 6.73 21.66
CA ALA E 564 -0.56 6.03 21.67
C ALA E 564 0.58 6.99 21.97
N HIS E 565 0.56 8.15 21.33
CA HIS E 565 1.58 9.17 21.58
C HIS E 565 1.52 9.77 22.99
N LEU E 566 0.31 10.09 23.44
CA LEU E 566 0.12 10.99 24.58
C LEU E 566 -0.31 10.34 25.90
N LEU E 567 -0.65 9.06 25.86
CA LEU E 567 -0.99 8.31 27.05
C LEU E 567 -0.26 6.98 27.12
N PRO E 568 1.01 6.96 26.70
CA PRO E 568 1.74 5.70 26.61
C PRO E 568 1.90 4.99 27.96
N ASN E 569 2.07 5.79 29.01
CA ASN E 569 2.35 5.25 30.34
C ASN E 569 1.12 4.63 31.01
N MET E 570 -0.01 4.60 30.33
CA MET E 570 -1.18 3.93 30.85
C MET E 570 -0.83 2.45 31.00
N PHE E 571 -1.36 1.82 32.05
CA PHE E 571 -1.23 0.38 32.21
C PHE E 571 -1.94 -0.35 31.12
N SER E 572 -3.13 0.13 30.77
CA SER E 572 -3.96 -0.53 29.75
C SER E 572 -4.99 0.46 29.18
N PHE E 573 -5.50 0.17 27.98
CA PHE E 573 -6.71 0.82 27.44
C PHE E 573 -7.84 -0.22 27.43
N GLU E 574 -8.93 0.05 28.14
CA GLU E 574 -10.14 -0.79 28.03
C GLU E 574 -10.87 -0.30 26.81
N MET E 575 -10.93 -1.13 25.78
CA MET E 575 -11.52 -0.73 24.50
C MET E 575 -12.48 -1.74 23.89
N TRP E 576 -12.64 -2.89 24.52
CA TRP E 576 -13.52 -3.91 23.98
C TRP E 576 -14.37 -4.53 25.08
N GLY E 577 -15.36 -5.32 24.70
CA GLY E 577 -16.11 -6.15 25.61
C GLY E 577 -17.36 -5.50 26.18
N GLY E 578 -17.96 -6.17 27.15
CA GLY E 578 -19.21 -5.73 27.74
C GLY E 578 -20.25 -5.68 26.66
N ALA E 579 -20.94 -4.55 26.56
CA ALA E 579 -22.05 -4.42 25.60
C ALA E 579 -21.61 -3.97 24.21
N THR E 580 -20.40 -3.42 24.07
CA THR E 580 -19.93 -2.91 22.78
C THR E 580 -20.08 -3.91 21.65
N PHE E 581 -19.84 -5.18 21.96
CA PHE E 581 -19.88 -6.21 20.92
C PHE E 581 -21.24 -6.28 20.23
N ASP E 582 -22.28 -6.54 21.02
CA ASP E 582 -23.61 -6.73 20.45
C ASP E 582 -24.18 -5.43 19.90
N VAL E 583 -23.83 -4.31 20.50
CA VAL E 583 -24.35 -3.01 20.08
C VAL E 583 -23.79 -2.58 18.74
N ALA E 584 -22.53 -2.91 18.49
CA ALA E 584 -21.90 -2.55 17.24
C ALA E 584 -22.67 -3.16 16.09
N TYR E 585 -22.89 -4.47 16.16
CA TYR E 585 -23.70 -5.17 15.17
C TYR E 585 -25.15 -4.67 15.22
N ARG E 586 -25.73 -4.55 16.42
CA ARG E 586 -27.18 -4.31 16.55
C ARG E 586 -27.60 -2.91 16.13
N PHE E 587 -26.90 -1.90 16.63
CA PHE E 587 -27.37 -0.52 16.50
C PHE E 587 -26.49 0.34 15.60
N LEU E 588 -25.26 -0.09 15.37
CA LEU E 588 -24.29 0.72 14.66
C LEU E 588 -24.00 0.21 13.26
N ASN E 589 -24.23 -1.08 13.06
CA ASN E 589 -23.90 -1.78 11.82
C ASN E 589 -22.41 -1.68 11.51
N GLU E 590 -21.62 -1.86 12.57
CA GLU E 590 -20.17 -1.91 12.50
C GLU E 590 -19.72 -3.28 12.97
N ASP E 591 -18.56 -3.70 12.49
CA ASP E 591 -17.96 -4.97 12.93
C ASP E 591 -17.04 -4.70 14.14
N PRO E 592 -17.37 -5.29 15.30
CA PRO E 592 -16.53 -5.09 16.45
C PRO E 592 -15.12 -5.60 16.20
N TRP E 593 -15.01 -6.69 15.45
CA TRP E 593 -13.72 -7.28 15.20
C TRP E 593 -12.80 -6.29 14.50
N VAL E 594 -13.38 -5.50 13.61
CA VAL E 594 -12.61 -4.49 12.91
C VAL E 594 -12.09 -3.48 13.92
N ARG E 595 -13.03 -2.93 14.70
CA ARG E 595 -12.67 -1.93 15.70
C ARG E 595 -11.41 -2.35 16.45
N LEU E 596 -11.46 -3.58 16.95
CA LEU E 596 -10.33 -4.19 17.66
C LEU E 596 -9.03 -4.10 16.88
N GLU E 597 -9.06 -4.64 15.67
CA GLU E 597 -7.86 -4.85 14.88
C GLU E 597 -7.28 -3.56 14.34
N THR E 598 -8.16 -2.66 13.93
CA THR E 598 -7.75 -1.34 13.44
C THR E 598 -7.02 -0.57 14.53
N LEU E 599 -7.56 -0.63 15.75
CA LEU E 599 -6.95 0.03 16.89
C LEU E 599 -5.62 -0.61 17.17
N ARG E 600 -5.62 -1.94 17.20
CA ARG E 600 -4.42 -2.68 17.54
C ARG E 600 -3.20 -2.16 16.79
N LYS E 601 -3.39 -1.85 15.51
CA LYS E 601 -2.35 -1.26 14.65
C LYS E 601 -2.02 0.20 15.01
N GLN E 602 -3.06 0.99 15.23
CA GLN E 602 -2.89 2.39 15.64
C GLN E 602 -2.18 2.59 16.99
N ILE E 603 -2.37 1.64 17.89
CA ILE E 603 -1.82 1.71 19.23
C ILE E 603 -1.09 0.39 19.50
N PRO E 604 0.19 0.36 19.15
CA PRO E 604 0.98 -0.85 19.36
C PRO E 604 1.53 -0.92 20.77
N ASN E 605 1.75 0.26 21.35
CA ASN E 605 2.54 0.40 22.56
C ASN E 605 1.79 -0.01 23.82
N VAL E 606 0.53 0.38 23.95
CA VAL E 606 -0.22 0.12 25.18
C VAL E 606 -1.08 -1.14 25.06
N MET E 607 -1.22 -1.86 26.17
CA MET E 607 -1.95 -3.11 26.18
C MET E 607 -3.43 -2.84 26.09
N PHE E 608 -4.15 -3.82 25.55
CA PHE E 608 -5.60 -3.75 25.36
C PHE E 608 -6.30 -4.64 26.35
N GLN E 609 -7.40 -4.13 26.90
CA GLN E 609 -8.13 -4.85 27.93
C GLN E 609 -9.59 -4.90 27.54
N MET E 610 -10.24 -5.99 27.90
CA MET E 610 -11.67 -6.11 27.69
C MET E 610 -12.34 -6.71 28.92
N LEU E 611 -13.68 -6.76 28.88
CA LEU E 611 -14.47 -7.25 29.99
C LEU E 611 -15.33 -8.42 29.51
N LEU E 612 -15.22 -9.56 30.20
CA LEU E 612 -15.82 -10.81 29.77
C LEU E 612 -16.68 -11.44 30.85
N ARG E 613 -17.97 -11.56 30.62
CA ARG E 613 -18.86 -12.32 31.53
C ARG E 613 -18.50 -13.78 31.35
N GLY E 614 -17.69 -14.31 32.27
CA GLY E 614 -17.11 -15.64 32.12
C GLY E 614 -18.06 -16.65 31.53
N ALA E 615 -19.17 -16.88 32.23
CA ALA E 615 -20.15 -17.89 31.84
C ALA E 615 -20.48 -17.83 30.35
N ASN E 616 -21.04 -16.72 29.89
CA ASN E 616 -21.51 -16.58 28.50
C ASN E 616 -20.74 -15.56 27.66
N ALA E 617 -19.48 -15.35 27.99
CA ALA E 617 -18.63 -14.40 27.28
C ALA E 617 -19.25 -13.00 27.13
N VAL E 618 -19.54 -12.57 25.90
CA VAL E 618 -20.28 -11.34 25.66
C VAL E 618 -21.71 -11.65 25.18
N GLY E 619 -22.11 -12.91 25.27
CA GLY E 619 -23.41 -13.34 24.78
C GLY E 619 -24.58 -12.99 25.68
N TYR E 620 -25.79 -13.14 25.14
CA TYR E 620 -27.06 -12.92 25.85
C TYR E 620 -27.54 -14.17 26.59
N LYS E 621 -27.20 -15.34 26.07
CA LYS E 621 -27.71 -16.63 26.53
C LYS E 621 -26.47 -17.43 26.93
N ASN E 622 -26.65 -18.60 27.53
CA ASN E 622 -25.53 -19.51 27.78
C ASN E 622 -25.15 -20.33 26.54
N TYR E 623 -23.88 -20.70 26.48
CA TYR E 623 -23.32 -21.41 25.35
C TYR E 623 -22.46 -22.59 25.81
N PRO E 624 -22.22 -23.56 24.91
CA PRO E 624 -21.28 -24.64 25.22
C PRO E 624 -19.83 -24.15 25.32
N ASP E 625 -18.98 -24.95 25.96
CA ASP E 625 -17.65 -24.48 26.36
C ASP E 625 -16.68 -24.22 25.21
N ASN E 626 -16.88 -24.91 24.10
CA ASN E 626 -15.97 -24.77 22.94
C ASN E 626 -16.04 -23.37 22.30
N VAL E 627 -17.24 -22.82 22.19
CA VAL E 627 -17.42 -21.46 21.63
C VAL E 627 -16.70 -20.41 22.47
N ILE E 628 -16.76 -20.59 23.79
CA ILE E 628 -16.17 -19.67 24.73
C ILE E 628 -14.67 -19.69 24.50
N ARG E 629 -14.09 -20.89 24.60
CA ARG E 629 -12.66 -21.07 24.34
C ARG E 629 -12.26 -20.55 22.96
N GLU E 630 -13.11 -20.80 21.97
CA GLU E 630 -12.89 -20.31 20.61
C GLU E 630 -12.84 -18.79 20.65
N PHE E 631 -13.90 -18.19 21.19
CA PHE E 631 -14.01 -16.73 21.26
C PHE E 631 -12.73 -16.12 21.80
N VAL E 632 -12.33 -16.60 22.98
CA VAL E 632 -11.17 -16.03 23.68
C VAL E 632 -9.90 -16.19 22.85
N LYS E 633 -9.79 -17.33 22.18
CA LYS E 633 -8.63 -17.60 21.32
C LYS E 633 -8.52 -16.50 20.26
N GLN E 634 -9.62 -16.31 19.55
CA GLN E 634 -9.68 -15.29 18.51
C GLN E 634 -9.30 -13.93 19.06
N SER E 635 -9.98 -13.54 20.15
CA SER E 635 -9.80 -12.22 20.77
C SER E 635 -8.33 -11.93 21.10
N ALA E 636 -7.68 -12.92 21.69
CA ALA E 636 -6.27 -12.83 22.00
C ALA E 636 -5.43 -12.65 20.74
N GLN E 637 -5.77 -13.42 19.69
CA GLN E 637 -5.10 -13.31 18.38
C GLN E 637 -5.25 -11.91 17.81
N SER E 638 -6.48 -11.37 17.90
CA SER E 638 -6.84 -10.09 17.28
C SER E 638 -6.20 -8.89 17.96
N GLY E 639 -5.94 -9.01 19.27
CA GLY E 639 -5.23 -7.97 20.00
C GLY E 639 -5.51 -7.77 21.48
N VAL E 640 -6.44 -8.55 22.05
CA VAL E 640 -6.81 -8.40 23.47
C VAL E 640 -5.76 -9.03 24.40
N ASP E 641 -5.27 -8.24 25.36
CA ASP E 641 -4.15 -8.63 26.22
C ASP E 641 -4.51 -8.94 27.65
N VAL E 642 -5.52 -8.25 28.18
CA VAL E 642 -5.93 -8.40 29.56
C VAL E 642 -7.40 -8.64 29.54
N PHE E 643 -7.84 -9.62 30.31
CA PHE E 643 -9.24 -10.00 30.31
C PHE E 643 -9.77 -9.93 31.72
N ARG E 644 -10.48 -8.84 32.02
CA ARG E 644 -11.25 -8.75 33.26
C ARG E 644 -12.43 -9.70 33.09
N VAL E 645 -12.57 -10.69 33.96
CA VAL E 645 -13.66 -11.65 33.87
C VAL E 645 -14.39 -11.76 35.20
N PHE E 646 -15.70 -11.80 35.13
CA PHE E 646 -16.54 -11.82 36.32
C PHE E 646 -17.76 -12.70 36.02
N ASP E 647 -18.36 -13.26 37.07
CA ASP E 647 -19.68 -13.85 36.94
C ASP E 647 -20.64 -12.95 37.70
N SER E 648 -21.87 -12.84 37.19
CA SER E 648 -22.85 -11.92 37.76
C SER E 648 -23.25 -12.25 39.20
N LEU E 649 -23.05 -13.50 39.61
CA LEU E 649 -23.43 -13.91 40.96
C LEU E 649 -22.22 -14.09 41.87
N ASN E 650 -21.04 -13.83 41.34
CA ASN E 650 -19.76 -14.03 42.04
C ASN E 650 -19.54 -15.49 42.39
N TRP E 651 -19.95 -16.34 41.47
CA TRP E 651 -19.82 -17.79 41.59
C TRP E 651 -18.67 -18.20 40.71
N ILE E 652 -17.60 -18.67 41.32
CA ILE E 652 -16.36 -18.89 40.60
C ILE E 652 -16.47 -20.08 39.65
N LYS E 653 -17.48 -20.92 39.86
CA LYS E 653 -17.72 -22.07 38.98
C LYS E 653 -18.03 -21.66 37.53
N GLY E 654 -18.88 -20.65 37.35
CA GLY E 654 -19.23 -20.14 36.02
C GLY E 654 -18.05 -19.56 35.24
N MET E 655 -17.10 -18.97 35.98
CA MET E 655 -15.92 -18.34 35.37
C MET E 655 -14.88 -19.33 34.86
N GLU E 656 -14.87 -20.55 35.41
CA GLU E 656 -13.76 -21.51 35.19
C GLU E 656 -13.38 -21.70 33.72
N VAL E 657 -14.39 -21.92 32.87
CA VAL E 657 -14.17 -22.18 31.44
C VAL E 657 -13.26 -21.14 30.76
N SER E 658 -13.65 -19.88 30.95
CA SER E 658 -13.07 -18.77 30.21
C SER E 658 -11.68 -18.40 30.70
N ILE E 659 -11.46 -18.53 32.01
CA ILE E 659 -10.19 -18.16 32.64
C ILE E 659 -9.07 -19.02 32.09
N ASP E 660 -9.34 -20.31 31.96
CA ASP E 660 -8.36 -21.28 31.46
C ASP E 660 -7.98 -20.94 30.03
N ALA E 661 -8.96 -20.51 29.24
CA ALA E 661 -8.74 -20.09 27.86
C ALA E 661 -7.71 -18.96 27.74
N VAL E 662 -7.74 -18.06 28.71
CA VAL E 662 -6.82 -16.91 28.72
C VAL E 662 -5.40 -17.33 29.12
N ARG E 663 -5.30 -18.24 30.08
CA ARG E 663 -4.02 -18.85 30.45
C ARG E 663 -3.50 -19.61 29.22
N GLU E 664 -4.40 -20.37 28.57
CA GLU E 664 -4.11 -21.13 27.35
C GLU E 664 -3.83 -20.23 26.15
N ALA E 665 -4.42 -19.03 26.15
CA ALA E 665 -4.06 -17.97 25.20
C ALA E 665 -2.68 -17.37 25.51
N GLY E 666 -2.23 -17.57 26.76
CA GLY E 666 -0.94 -17.06 27.21
C GLY E 666 -1.00 -15.59 27.52
N LYS E 667 -2.18 -15.14 27.90
CA LYS E 667 -2.49 -13.72 28.10
C LYS E 667 -3.00 -13.52 29.53
N ILE E 668 -3.11 -12.25 29.93
CA ILE E 668 -3.34 -11.89 31.35
C ILE E 668 -4.76 -12.14 31.80
N VAL E 669 -4.91 -12.76 32.95
CA VAL E 669 -6.21 -12.95 33.57
C VAL E 669 -6.36 -11.98 34.73
N GLU E 670 -7.45 -11.22 34.71
CA GLU E 670 -7.86 -10.41 35.83
C GLU E 670 -9.22 -10.90 36.29
N ALA E 671 -9.22 -11.99 37.03
CA ALA E 671 -10.42 -12.46 37.74
C ALA E 671 -10.84 -11.36 38.69
N ALA E 672 -12.11 -11.00 38.61
CA ALA E 672 -12.57 -9.85 39.36
C ALA E 672 -13.81 -10.13 40.18
N ILE E 673 -13.81 -9.52 41.36
CA ILE E 673 -14.87 -9.72 42.30
C ILE E 673 -15.78 -8.52 42.20
N CYS E 674 -17.03 -8.82 41.91
CA CYS E 674 -18.06 -7.81 41.90
C CYS E 674 -18.46 -7.46 43.35
N TYR E 675 -18.45 -6.17 43.68
CA TYR E 675 -18.75 -5.69 45.03
C TYR E 675 -20.23 -5.34 45.24
N THR E 676 -20.82 -5.79 46.34
CA THR E 676 -22.21 -5.44 46.70
C THR E 676 -22.24 -5.07 48.19
N GLY E 677 -23.44 -4.76 48.72
CA GLY E 677 -23.66 -4.45 50.15
C GLY E 677 -22.70 -3.44 50.80
N ASP E 678 -22.51 -3.56 52.13
CA ASP E 678 -21.58 -2.71 52.88
C ASP E 678 -20.74 -3.50 53.91
N ILE E 679 -19.43 -3.50 53.72
CA ILE E 679 -18.53 -4.12 54.70
C ILE E 679 -18.48 -3.37 56.03
N ASP E 680 -18.45 -2.04 55.98
CA ASP E 680 -18.32 -1.22 57.19
C ASP E 680 -19.57 -1.21 58.05
N ASP E 681 -20.74 -1.40 57.44
CA ASP E 681 -21.96 -1.59 58.21
C ASP E 681 -22.10 -3.08 58.53
N ASP E 682 -22.17 -3.39 59.83
CA ASP E 682 -22.16 -4.79 60.32
C ASP E 682 -23.57 -5.38 60.50
N THR E 683 -24.61 -4.57 60.30
CA THR E 683 -25.99 -5.05 60.28
C THR E 683 -26.14 -6.29 59.40
N ARG E 684 -25.53 -6.23 58.22
CA ARG E 684 -25.69 -7.26 57.21
C ARG E 684 -24.61 -8.30 57.34
N THR E 685 -25.06 -9.55 57.49
CA THR E 685 -24.17 -10.66 57.75
C THR E 685 -23.48 -11.18 56.48
N LYS E 686 -24.22 -11.19 55.38
CA LYS E 686 -23.87 -11.95 54.15
C LYS E 686 -22.56 -11.61 53.41
N TYR E 687 -22.30 -10.33 53.13
CA TYR E 687 -21.10 -9.93 52.36
C TYR E 687 -20.10 -9.23 53.25
N THR E 688 -19.50 -10.03 54.12
CA THR E 688 -18.56 -9.55 55.11
C THR E 688 -17.19 -9.34 54.46
N ILE E 689 -16.40 -8.44 55.03
CA ILE E 689 -15.03 -8.28 54.62
C ILE E 689 -14.31 -9.62 54.52
N ASP E 690 -14.67 -10.55 55.41
CA ASP E 690 -14.14 -11.92 55.36
C ASP E 690 -14.45 -12.56 54.02
N TYR E 691 -15.73 -12.52 53.67
CA TYR E 691 -16.25 -13.14 52.45
C TYR E 691 -15.47 -12.75 51.17
N TYR E 692 -15.14 -11.47 51.04
CA TYR E 692 -14.28 -10.99 49.94
C TYR E 692 -12.84 -11.45 50.10
N LYS E 693 -12.35 -11.48 51.35
CA LYS E 693 -11.02 -12.02 51.63
C LYS E 693 -10.95 -13.48 51.20
N ASP E 694 -11.97 -14.27 51.58
CA ASP E 694 -12.05 -15.70 51.27
C ASP E 694 -12.12 -15.95 49.76
N MET E 695 -13.08 -15.29 49.12
CA MET E 695 -13.30 -15.37 47.66
C MET E 695 -12.03 -15.06 46.86
N ALA E 696 -11.25 -14.09 47.33
CA ALA E 696 -10.00 -13.69 46.67
C ALA E 696 -8.93 -14.78 46.74
N LYS E 697 -8.89 -15.50 47.85
CA LYS E 697 -7.98 -16.63 47.99
C LYS E 697 -8.29 -17.63 46.89
N GLU E 698 -9.55 -18.03 46.77
CA GLU E 698 -9.95 -19.11 45.84
C GLU E 698 -9.74 -18.73 44.37
N LEU E 699 -9.73 -17.43 44.07
CA LEU E 699 -9.44 -16.90 42.73
C LEU E 699 -7.94 -16.88 42.43
N VAL E 700 -7.12 -16.68 43.46
CA VAL E 700 -5.68 -16.84 43.33
C VAL E 700 -5.36 -18.32 43.14
N ALA E 701 -6.10 -19.17 43.87
CA ALA E 701 -6.01 -20.64 43.74
C ALA E 701 -6.42 -21.11 42.34
N GLN E 702 -7.54 -20.61 41.86
CA GLN E 702 -7.97 -20.86 40.48
C GLN E 702 -7.01 -20.24 39.47
N GLY E 703 -6.16 -19.33 39.93
CA GLY E 703 -5.10 -18.76 39.12
C GLY E 703 -5.56 -17.51 38.41
N THR E 704 -4.94 -16.39 38.75
CA THR E 704 -5.22 -15.11 38.10
C THR E 704 -4.03 -14.20 38.25
N HIS E 705 -3.50 -13.77 37.12
CA HIS E 705 -2.33 -12.88 37.14
C HIS E 705 -2.55 -11.63 38.00
N ILE E 706 -3.80 -11.16 38.04
CA ILE E 706 -4.20 -9.95 38.75
C ILE E 706 -5.59 -10.15 39.35
N LEU E 707 -5.86 -9.48 40.46
CA LEU E 707 -7.18 -9.47 41.02
C LEU E 707 -7.77 -8.09 40.95
N GLY E 708 -8.84 -7.96 40.19
CA GLY E 708 -9.57 -6.70 40.09
C GLY E 708 -10.86 -6.73 40.90
N ILE E 709 -11.28 -5.55 41.37
CA ILE E 709 -12.57 -5.41 42.04
C ILE E 709 -13.49 -4.51 41.23
N LYS E 710 -14.57 -5.10 40.71
CA LYS E 710 -15.52 -4.39 39.86
C LYS E 710 -16.63 -3.91 40.76
N ASP E 711 -16.56 -2.64 41.13
CA ASP E 711 -17.67 -1.97 41.83
C ASP E 711 -18.64 -1.36 40.81
N MET E 712 -19.57 -2.15 40.30
CA MET E 712 -20.36 -1.74 39.15
C MET E 712 -21.41 -0.66 39.47
N ALA E 713 -21.72 -0.44 40.74
CA ALA E 713 -22.76 0.52 41.09
C ALA E 713 -22.23 1.84 41.62
N GLY E 714 -21.03 1.82 42.21
CA GLY E 714 -20.46 2.98 42.91
C GLY E 714 -20.63 2.91 44.42
N LEU E 715 -20.82 1.68 44.91
CA LEU E 715 -21.15 1.42 46.31
C LEU E 715 -19.97 1.45 47.27
N LEU E 716 -18.76 1.29 46.76
CA LEU E 716 -17.57 1.30 47.61
C LEU E 716 -17.28 2.69 48.14
N LYS E 717 -17.80 2.94 49.34
CA LYS E 717 -17.60 4.20 50.05
C LYS E 717 -16.12 4.35 50.26
N PRO E 718 -15.60 5.58 50.31
CA PRO E 718 -14.14 5.75 50.42
C PRO E 718 -13.50 5.14 51.67
N GLN E 719 -14.16 5.26 52.81
CA GLN E 719 -13.65 4.64 54.03
C GLN E 719 -13.55 3.12 53.90
N ALA E 720 -14.56 2.49 53.32
CA ALA E 720 -14.53 1.04 53.06
C ALA E 720 -13.37 0.62 52.10
N ALA E 721 -13.04 1.48 51.16
CA ALA E 721 -11.97 1.22 50.20
C ALA E 721 -10.61 1.20 50.85
N TYR E 722 -10.35 2.13 51.75
CA TYR E 722 -9.09 2.12 52.50
C TYR E 722 -8.94 0.78 53.19
N ARG E 723 -10.00 0.34 53.85
CA ARG E 723 -9.97 -0.93 54.57
C ARG E 723 -9.76 -2.10 53.63
N LEU E 724 -10.51 -2.13 52.53
CA LEU E 724 -10.49 -3.30 51.66
C LEU E 724 -9.19 -3.54 50.93
N ILE E 725 -8.55 -2.49 50.47
CA ILE E 725 -7.27 -2.63 49.78
C ILE E 725 -6.19 -3.09 50.76
N GLY E 726 -6.09 -2.40 51.89
CA GLY E 726 -5.13 -2.76 52.93
C GLY E 726 -5.34 -4.18 53.42
N GLU E 727 -6.59 -4.61 53.54
CA GLU E 727 -6.91 -5.95 54.06
C GLU E 727 -6.68 -7.04 53.03
N LEU E 728 -6.81 -6.70 51.75
CA LEU E 728 -6.59 -7.66 50.67
C LEU E 728 -5.13 -7.73 50.27
N LYS E 729 -4.41 -6.63 50.37
CA LYS E 729 -2.98 -6.67 50.11
C LYS E 729 -2.29 -7.56 51.17
N ASP E 730 -2.84 -7.59 52.38
CA ASP E 730 -2.43 -8.54 53.42
C ASP E 730 -2.81 -9.96 53.06
N THR E 731 -4.06 -10.16 52.66
CA THR E 731 -4.60 -11.49 52.41
C THR E 731 -3.91 -12.23 51.25
N VAL E 732 -3.55 -11.51 50.19
CA VAL E 732 -2.99 -12.15 48.98
C VAL E 732 -1.91 -11.32 48.30
N ASP E 733 -1.01 -11.99 47.58
CA ASP E 733 0.18 -11.35 47.04
C ASP E 733 0.00 -10.60 45.73
N VAL E 734 -1.04 -11.00 44.99
CA VAL E 734 -1.31 -10.45 43.63
C VAL E 734 -1.46 -8.92 43.63
N PRO E 735 -1.21 -8.27 42.47
CA PRO E 735 -1.52 -6.84 42.36
C PRO E 735 -3.01 -6.64 42.28
N ILE E 736 -3.48 -5.45 42.65
CA ILE E 736 -4.92 -5.18 42.67
C ILE E 736 -5.31 -4.00 41.77
N HIS E 737 -6.49 -4.15 41.14
CA HIS E 737 -7.00 -3.29 40.08
C HIS E 737 -8.47 -2.97 40.44
N LEU E 738 -8.80 -1.69 40.58
CA LEU E 738 -10.14 -1.28 41.01
C LEU E 738 -10.95 -0.48 39.97
N HIS E 739 -12.19 -0.91 39.80
CA HIS E 739 -13.14 -0.31 38.86
C HIS E 739 -14.27 0.22 39.73
N THR E 740 -14.54 1.51 39.67
CA THR E 740 -15.71 2.07 40.31
C THR E 740 -16.42 3.09 39.43
N HIS E 741 -17.67 3.36 39.76
CA HIS E 741 -18.48 4.33 39.06
C HIS E 741 -18.76 5.52 39.98
N ASP E 742 -18.65 6.72 39.43
CA ASP E 742 -18.77 7.97 40.18
C ASP E 742 -20.22 8.43 40.41
N THR E 743 -21.19 7.52 40.36
CA THR E 743 -22.59 7.89 40.56
C THR E 743 -22.76 8.68 41.87
N SER E 744 -22.13 8.19 42.95
CA SER E 744 -22.23 8.76 44.30
C SER E 744 -21.63 10.16 44.50
N GLY E 745 -20.65 10.51 43.69
CA GLY E 745 -19.88 11.75 43.88
C GLY E 745 -18.58 11.47 44.62
N ASN E 746 -18.42 10.25 45.11
CA ASN E 746 -17.27 9.84 45.91
C ASN E 746 -16.30 8.98 45.11
N GLY E 747 -16.27 9.20 43.79
CA GLY E 747 -15.48 8.36 42.92
C GLY E 747 -14.01 8.61 43.15
N ILE E 748 -13.59 9.86 43.00
CA ILE E 748 -12.19 10.22 43.14
C ILE E 748 -11.71 9.97 44.55
N TYR E 749 -12.56 10.22 45.54
CA TYR E 749 -12.18 9.95 46.94
C TYR E 749 -11.99 8.44 47.19
N THR E 750 -12.91 7.61 46.71
CA THR E 750 -12.76 6.18 46.83
C THR E 750 -11.43 5.71 46.25
N TYR E 751 -10.94 6.34 45.19
CA TYR E 751 -9.62 6.00 44.62
C TYR E 751 -8.46 6.45 45.52
N ALA E 752 -8.55 7.67 46.03
CA ALA E 752 -7.53 8.18 46.96
C ALA E 752 -7.37 7.25 48.16
N ALA E 753 -8.48 6.70 48.64
CA ALA E 753 -8.46 5.68 49.70
C ALA E 753 -7.68 4.45 49.29
N ALA E 754 -7.95 3.97 48.09
CA ALA E 754 -7.23 2.85 47.53
C ALA E 754 -5.74 3.15 47.38
N VAL E 755 -5.40 4.33 46.87
CA VAL E 755 -3.99 4.71 46.66
C VAL E 755 -3.22 4.85 47.99
N SER E 756 -3.90 5.39 49.00
CA SER E 756 -3.37 5.43 50.36
C SER E 756 -3.13 4.00 50.84
N ALA E 757 -4.13 3.13 50.67
CA ALA E 757 -4.01 1.71 51.02
C ALA E 757 -3.14 0.88 50.05
N GLY E 758 -2.56 1.55 49.05
CA GLY E 758 -1.52 0.96 48.21
C GLY E 758 -1.93 0.05 47.04
N VAL E 759 -3.09 0.31 46.43
CA VAL E 759 -3.57 -0.51 45.30
C VAL E 759 -2.82 -0.13 44.03
N ASP E 760 -2.65 -1.11 43.14
CA ASP E 760 -1.76 -0.96 41.99
C ASP E 760 -2.36 -0.24 40.78
N ILE E 761 -3.59 -0.62 40.39
CA ILE E 761 -4.25 -0.10 39.17
C ILE E 761 -5.71 0.34 39.36
N VAL E 762 -6.08 1.47 38.74
CA VAL E 762 -7.45 1.99 38.80
C VAL E 762 -7.97 2.48 37.44
N ASP E 763 -9.30 2.44 37.30
CA ASP E 763 -9.97 2.81 36.04
C ASP E 763 -10.45 4.25 35.99
N VAL E 764 -9.99 5.01 35.01
CA VAL E 764 -10.41 6.39 34.83
C VAL E 764 -10.75 6.67 33.38
N ALA E 765 -11.30 7.85 33.12
CA ALA E 765 -11.64 8.24 31.76
C ALA E 765 -11.34 9.72 31.55
N SER E 766 -11.33 10.16 30.30
CA SER E 766 -11.05 11.59 30.02
C SER E 766 -12.11 12.46 30.71
N SER E 767 -11.68 13.58 31.28
CA SER E 767 -12.59 14.46 32.00
C SER E 767 -13.94 14.51 31.29
N ALA E 768 -13.93 14.80 30.00
CA ALA E 768 -15.18 15.08 29.28
C ALA E 768 -16.10 13.88 29.20
N MET E 769 -15.59 12.71 29.52
CA MET E 769 -16.40 11.53 29.58
C MET E 769 -16.39 10.88 30.96
N SER E 770 -15.96 11.64 31.96
CA SER E 770 -15.94 11.17 33.34
C SER E 770 -17.16 11.65 34.10
N GLY E 771 -17.30 11.19 35.32
CA GLY E 771 -18.38 11.61 36.20
C GLY E 771 -19.66 10.80 36.07
N ALA E 772 -20.64 11.14 36.89
CA ALA E 772 -21.94 10.50 36.84
C ALA E 772 -21.77 8.99 36.93
N THR E 773 -22.45 8.24 36.07
CA THR E 773 -22.32 6.80 36.04
C THR E 773 -21.02 6.29 35.35
N SER E 774 -20.12 7.22 35.00
CA SER E 774 -18.83 6.86 34.39
C SER E 774 -17.77 6.74 35.45
N GLN E 775 -16.55 6.44 35.00
CA GLN E 775 -15.40 6.44 35.88
C GLN E 775 -14.99 7.87 36.20
N PRO E 776 -14.16 8.05 37.24
CA PRO E 776 -13.63 9.37 37.61
C PRO E 776 -12.58 9.91 36.65
N SER E 777 -12.38 11.21 36.64
CA SER E 777 -11.49 11.83 35.66
C SER E 777 -10.08 11.40 35.85
N MET E 778 -9.42 10.97 34.76
CA MET E 778 -8.00 10.64 34.84
C MET E 778 -7.23 11.90 35.28
N THR E 779 -7.51 13.00 34.61
CA THR E 779 -6.82 14.27 34.84
C THR E 779 -7.25 14.79 36.20
N GLY E 780 -8.48 14.48 36.57
CA GLY E 780 -8.95 14.79 37.92
C GLY E 780 -8.14 14.09 39.01
N LEU E 781 -7.92 12.80 38.85
CA LEU E 781 -7.16 12.00 39.81
C LEU E 781 -5.75 12.50 39.94
N TYR E 782 -5.09 12.73 38.81
CA TYR E 782 -3.70 13.20 38.82
C TYR E 782 -3.53 14.45 39.66
N TYR E 783 -4.35 15.44 39.36
CA TYR E 783 -4.31 16.68 40.13
C TYR E 783 -4.74 16.48 41.59
N GLY E 784 -5.46 15.39 41.86
CA GLY E 784 -5.84 15.04 43.21
C GLY E 784 -4.69 14.50 44.03
N LEU E 785 -3.89 13.63 43.40
CA LEU E 785 -2.76 12.96 44.08
C LEU E 785 -1.42 13.63 43.85
N VAL E 786 -1.45 14.81 43.23
CA VAL E 786 -0.25 15.39 42.62
C VAL E 786 0.99 15.50 43.50
N ASN E 787 0.86 15.90 44.76
CA ASN E 787 2.06 16.06 45.60
C ASN E 787 2.02 15.18 46.83
N GLY E 788 1.16 14.17 46.81
CA GLY E 788 1.02 13.24 47.93
C GLY E 788 2.18 12.28 47.96
N ASN E 789 2.08 11.29 48.85
CA ASN E 789 3.12 10.30 49.00
C ASN E 789 3.19 9.43 47.77
N ARG E 790 2.02 9.01 47.32
CA ARG E 790 1.89 8.19 46.11
C ARG E 790 1.24 9.01 45.00
N GLN E 791 1.61 8.75 43.75
CA GLN E 791 1.09 9.52 42.62
C GLN E 791 0.87 8.68 41.37
N THR E 792 0.49 9.33 40.28
CA THR E 792 0.34 8.70 38.98
C THR E 792 1.21 9.38 37.96
N ASN E 793 1.71 8.57 37.04
CA ASN E 793 2.59 9.02 35.99
C ASN E 793 1.76 9.39 34.78
N LEU E 794 1.44 10.67 34.62
CA LEU E 794 0.71 11.12 33.44
C LEU E 794 0.84 12.61 33.15
N ASP E 795 1.20 12.96 31.91
CA ASP E 795 1.32 14.38 31.56
C ASP E 795 -0.07 14.97 31.61
N ALA E 796 -0.29 15.87 32.58
CA ALA E 796 -1.55 16.57 32.72
C ALA E 796 -1.99 17.19 31.40
N GLN E 797 -1.17 18.09 30.87
CA GLN E 797 -1.51 18.78 29.65
C GLN E 797 -1.92 17.84 28.52
N ASN E 798 -1.23 16.73 28.39
CA ASN E 798 -1.55 15.76 27.35
C ASN E 798 -2.97 15.31 27.47
N SER E 799 -3.31 14.80 28.65
CA SER E 799 -4.63 14.25 28.90
C SER E 799 -5.71 15.26 28.60
N GLN E 800 -5.41 16.54 28.82
CA GLN E 800 -6.32 17.65 28.51
C GLN E 800 -6.50 17.80 27.01
N ILE E 801 -5.43 17.69 26.25
CA ILE E 801 -5.54 17.79 24.79
C ILE E 801 -6.45 16.68 24.26
N ILE E 802 -6.24 15.45 24.73
CA ILE E 802 -7.14 14.33 24.43
C ILE E 802 -8.58 14.68 24.80
N ASN E 803 -8.75 15.23 25.99
CA ASN E 803 -10.07 15.65 26.45
C ASN E 803 -10.78 16.63 25.52
N HIS E 804 -10.04 17.61 25.01
CA HIS E 804 -10.59 18.63 24.11
C HIS E 804 -11.32 18.00 22.92
N TYR E 805 -10.78 16.90 22.44
CA TYR E 805 -11.40 16.15 21.36
C TYR E 805 -12.76 15.64 21.86
N TRP E 806 -12.73 14.81 22.89
CA TRP E 806 -13.93 14.22 23.44
C TRP E 806 -14.95 15.25 23.88
N GLU E 807 -14.52 16.32 24.57
CA GLU E 807 -15.40 17.50 24.84
C GLU E 807 -16.24 17.81 23.61
N ASP E 808 -15.57 18.04 22.49
CA ASP E 808 -16.25 18.36 21.26
C ASP E 808 -17.10 17.20 20.68
N VAL E 809 -16.60 15.97 20.76
CA VAL E 809 -17.26 14.84 20.10
C VAL E 809 -18.55 14.46 20.78
N ARG E 810 -18.58 14.51 22.10
CA ARG E 810 -19.77 14.10 22.83
C ARG E 810 -21.06 14.73 22.28
N HIS E 811 -20.97 15.96 21.77
CA HIS E 811 -22.15 16.62 21.28
C HIS E 811 -22.87 15.82 20.17
N TYR E 812 -22.12 15.05 19.40
CA TYR E 812 -22.70 14.22 18.35
C TYR E 812 -23.72 13.28 18.95
N TYR E 813 -23.52 12.91 20.21
CA TYR E 813 -24.35 11.92 20.84
C TYR E 813 -25.37 12.46 21.81
N LYS E 814 -25.66 13.76 21.78
CA LYS E 814 -26.66 14.37 22.71
C LYS E 814 -27.97 13.53 22.79
N ASP E 815 -28.42 13.00 21.67
CA ASP E 815 -29.57 12.10 21.67
C ASP E 815 -29.48 10.99 22.68
N PHE E 816 -28.28 10.60 23.03
CA PHE E 816 -28.12 9.43 23.83
C PHE E 816 -27.56 9.82 25.19
N ASP E 817 -27.43 11.12 25.42
CA ASP E 817 -26.82 11.61 26.65
C ASP E 817 -27.92 11.91 27.67
N ASN E 818 -28.70 10.87 28.00
CA ASN E 818 -29.83 10.98 28.91
C ASN E 818 -29.43 10.85 30.37
N ALA E 819 -28.13 10.78 30.64
CA ALA E 819 -27.62 10.62 32.00
C ALA E 819 -27.87 11.86 32.86
N LEU E 820 -28.13 11.62 34.15
CA LEU E 820 -28.33 12.68 35.14
C LEU E 820 -26.98 13.21 35.56
N ASN E 821 -26.89 14.52 35.77
CA ASN E 821 -25.61 15.21 35.85
C ASN E 821 -25.32 15.90 37.18
N SER E 822 -25.84 15.31 38.27
CA SER E 822 -25.51 15.69 39.67
C SER E 822 -25.36 14.44 40.53
N PRO E 823 -24.68 14.54 41.69
CA PRO E 823 -24.44 13.31 42.48
C PRO E 823 -25.75 12.69 42.94
N GLN E 824 -26.04 11.49 42.44
CA GLN E 824 -27.24 10.73 42.81
C GLN E 824 -26.89 9.82 44.00
N THR E 825 -27.07 10.36 45.22
CA THR E 825 -26.69 9.68 46.46
C THR E 825 -27.63 8.52 46.83
N GLU E 826 -28.81 8.51 46.22
CA GLU E 826 -29.83 7.50 46.48
C GLU E 826 -29.33 6.09 46.18
N VAL E 827 -28.27 6.00 45.37
CA VAL E 827 -27.69 4.75 44.89
C VAL E 827 -27.46 3.66 45.92
N TYR E 828 -27.08 4.08 47.11
CA TYR E 828 -26.71 3.14 48.18
C TYR E 828 -27.93 2.31 48.63
N ILE E 829 -29.09 2.95 48.67
CA ILE E 829 -30.33 2.28 49.06
C ILE E 829 -30.71 1.19 48.05
N HIS E 830 -30.88 1.57 46.79
CA HIS E 830 -31.32 0.63 45.74
C HIS E 830 -30.21 -0.24 45.11
N GLU E 831 -28.94 0.12 45.32
CA GLU E 831 -27.81 -0.73 44.87
C GLU E 831 -27.86 -1.12 43.38
N MET E 832 -28.54 -0.32 42.57
CA MET E 832 -28.79 -0.66 41.17
C MET E 832 -27.70 -0.01 40.32
N PRO E 833 -27.09 -0.77 39.39
CA PRO E 833 -26.07 -0.16 38.52
C PRO E 833 -26.62 0.98 37.67
N GLY E 834 -25.76 1.94 37.33
CA GLY E 834 -26.20 3.10 36.55
C GLY E 834 -27.01 2.78 35.31
N GLY E 835 -26.52 1.82 34.53
CA GLY E 835 -27.24 1.33 33.36
C GLY E 835 -28.67 0.91 33.69
N GLN E 836 -28.84 0.19 34.82
CA GLN E 836 -30.16 -0.35 35.24
C GLN E 836 -31.18 0.71 35.65
N TYR E 837 -30.74 1.74 36.36
CA TYR E 837 -31.62 2.86 36.73
C TYR E 837 -32.38 3.46 35.52
N THR E 838 -31.62 3.79 34.46
CA THR E 838 -32.20 4.35 33.23
C THR E 838 -32.99 3.31 32.43
N ASN E 839 -32.45 2.11 32.27
CA ASN E 839 -33.15 1.03 31.61
C ASN E 839 -34.45 0.58 32.27
N LEU E 840 -34.54 0.69 33.59
CA LEU E 840 -35.78 0.34 34.32
C LEU E 840 -36.78 1.51 34.41
N GLN E 841 -36.26 2.75 34.49
CA GLN E 841 -37.09 3.94 34.31
C GLN E 841 -37.89 3.80 33.00
N GLN E 842 -37.20 3.38 31.94
CA GLN E 842 -37.79 3.20 30.59
C GLN E 842 -38.97 2.23 30.59
N GLN E 843 -38.81 1.06 31.21
CA GLN E 843 -39.89 0.05 31.25
C GLN E 843 -41.11 0.57 32.00
N ALA E 844 -40.87 1.25 33.12
CA ALA E 844 -41.95 1.84 33.90
C ALA E 844 -42.71 2.90 33.09
N ILE E 845 -41.97 3.73 32.35
CA ILE E 845 -42.55 4.72 31.42
C ILE E 845 -43.29 4.00 30.29
N ALA E 846 -42.76 2.88 29.83
CA ALA E 846 -43.39 2.01 28.82
C ALA E 846 -44.75 1.47 29.27
N VAL E 847 -44.78 0.84 30.44
CA VAL E 847 -46.05 0.30 30.97
C VAL E 847 -46.85 1.37 31.75
N GLY E 848 -46.36 2.60 31.78
CA GLY E 848 -47.14 3.75 32.26
C GLY E 848 -47.20 3.82 33.76
N LEU E 849 -46.06 3.52 34.39
CA LEU E 849 -45.90 3.61 35.84
C LEU E 849 -44.93 4.75 36.18
N GLY E 850 -44.62 5.59 35.19
CA GLY E 850 -43.73 6.74 35.40
C GLY E 850 -44.20 7.64 36.53
N ASP E 851 -45.52 7.69 36.73
CA ASP E 851 -46.12 8.43 37.85
C ASP E 851 -45.83 7.74 39.19
N ARG E 852 -45.65 6.42 39.13
CA ARG E 852 -45.42 5.58 40.30
C ARG E 852 -43.96 5.14 40.44
N TRP E 853 -43.08 5.70 39.62
CA TRP E 853 -41.67 5.28 39.54
C TRP E 853 -41.03 5.02 40.91
N ASP E 854 -41.26 5.94 41.85
CA ASP E 854 -40.75 5.81 43.23
C ASP E 854 -41.17 4.50 43.92
N GLU E 855 -42.35 3.99 43.58
CA GLU E 855 -42.86 2.73 44.12
C GLU E 855 -42.07 1.51 43.59
N VAL E 856 -41.64 1.60 42.34
CA VAL E 856 -40.86 0.53 41.71
C VAL E 856 -39.49 0.43 42.38
N LYS E 857 -38.78 1.56 42.48
CA LYS E 857 -37.44 1.61 43.09
C LYS E 857 -37.39 0.90 44.44
N GLU E 858 -38.40 1.14 45.28
CA GLU E 858 -38.48 0.51 46.60
C GLU E 858 -38.75 -0.99 46.46
N MET E 859 -39.73 -1.35 45.62
CA MET E 859 -40.08 -2.76 45.41
C MET E 859 -38.88 -3.60 44.95
N TYR E 860 -38.09 -3.04 44.04
CA TYR E 860 -36.81 -3.63 43.60
C TYR E 860 -35.93 -4.03 44.78
N THR E 861 -35.74 -3.09 45.71
CA THR E 861 -34.94 -3.35 46.93
C THR E 861 -35.49 -4.53 47.73
N VAL E 862 -36.81 -4.67 47.76
CA VAL E 862 -37.48 -5.80 48.42
C VAL E 862 -37.15 -7.09 47.68
N VAL E 863 -37.19 -7.04 46.35
CA VAL E 863 -36.97 -8.22 45.49
C VAL E 863 -35.56 -8.79 45.68
N ASN E 864 -34.56 -7.92 45.78
CA ASN E 864 -33.23 -8.34 46.16
C ASN E 864 -33.27 -8.93 47.56
N GLN E 865 -34.01 -8.27 48.46
CA GLN E 865 -34.20 -8.75 49.84
C GLN E 865 -35.04 -10.04 49.93
N MET E 866 -35.83 -10.34 48.89
CA MET E 866 -36.57 -11.61 48.81
C MET E 866 -35.59 -12.76 48.61
N PHE E 867 -34.63 -12.57 47.71
CA PHE E 867 -33.57 -13.56 47.46
C PHE E 867 -32.40 -13.34 48.44
N GLY E 868 -32.71 -12.95 49.68
CA GLY E 868 -31.69 -12.53 50.64
C GLY E 868 -31.04 -11.23 50.20
N ASP E 869 -29.73 -11.27 49.99
CA ASP E 869 -29.00 -10.16 49.38
C ASP E 869 -28.20 -10.83 48.27
N ILE E 870 -28.41 -10.45 47.02
CA ILE E 870 -27.68 -11.08 45.90
C ILE E 870 -26.97 -10.05 45.04
N VAL E 871 -25.90 -10.46 44.38
CA VAL E 871 -25.10 -9.54 43.56
C VAL E 871 -25.91 -9.14 42.33
N LYS E 872 -26.35 -7.86 42.31
CA LYS E 872 -27.14 -7.32 41.19
C LYS E 872 -26.17 -6.74 40.16
N VAL E 873 -26.12 -7.38 39.01
CA VAL E 873 -25.32 -6.95 37.87
C VAL E 873 -25.76 -7.76 36.65
N THR E 874 -25.65 -7.16 35.47
CA THR E 874 -26.09 -7.84 34.24
C THR E 874 -25.47 -9.24 34.11
N PRO E 875 -26.30 -10.28 33.90
CA PRO E 875 -27.74 -10.34 33.66
C PRO E 875 -28.62 -10.56 34.89
N SER E 876 -27.99 -10.68 36.05
CA SER E 876 -28.75 -10.91 37.28
C SER E 876 -29.59 -9.70 37.67
N SER E 877 -29.07 -8.51 37.45
CA SER E 877 -29.79 -7.26 37.72
C SER E 877 -31.13 -7.29 37.01
N LYS E 878 -31.09 -7.60 35.70
CA LYS E 878 -32.30 -7.64 34.88
C LYS E 878 -33.40 -8.45 35.56
N VAL E 879 -33.03 -9.58 36.15
CA VAL E 879 -34.02 -10.50 36.73
C VAL E 879 -34.81 -9.89 37.89
N VAL E 880 -34.12 -9.14 38.75
CA VAL E 880 -34.78 -8.46 39.89
C VAL E 880 -35.81 -7.47 39.35
N GLY E 881 -35.35 -6.58 38.48
CA GLY E 881 -36.17 -5.51 37.90
C GLY E 881 -37.40 -6.03 37.18
N ASP E 882 -37.22 -7.12 36.44
CA ASP E 882 -38.32 -7.74 35.71
C ASP E 882 -39.47 -8.18 36.65
N LEU E 883 -39.14 -8.75 37.80
CA LEU E 883 -40.14 -9.15 38.81
C LEU E 883 -40.67 -7.97 39.62
N ALA E 884 -39.76 -7.11 40.09
CA ALA E 884 -40.16 -5.89 40.81
C ALA E 884 -41.30 -5.22 40.06
N LEU E 885 -41.09 -4.97 38.77
CA LEU E 885 -42.13 -4.39 37.91
C LEU E 885 -43.44 -5.16 37.92
N PHE E 886 -43.36 -6.49 37.97
CA PHE E 886 -44.55 -7.36 37.98
C PHE E 886 -45.33 -7.17 39.29
N MET E 887 -44.64 -7.27 40.42
CA MET E 887 -45.29 -7.09 41.73
C MET E 887 -45.99 -5.73 41.85
N VAL E 888 -45.26 -4.65 41.62
CA VAL E 888 -45.81 -3.27 41.65
C VAL E 888 -46.95 -3.07 40.65
N GLN E 889 -46.86 -3.74 39.49
CA GLN E 889 -47.93 -3.73 38.49
C GLN E 889 -49.21 -4.34 39.03
N ASN E 890 -49.09 -5.47 39.72
CA ASN E 890 -50.28 -6.18 40.23
C ASN E 890 -50.59 -5.91 41.72
N GLU E 891 -49.94 -4.89 42.30
CA GLU E 891 -50.15 -4.46 43.70
C GLU E 891 -49.96 -5.57 44.72
N LEU E 892 -48.96 -6.42 44.50
CA LEU E 892 -48.67 -7.55 45.40
C LEU E 892 -47.61 -7.17 46.41
N SER E 893 -47.96 -7.26 47.70
CA SER E 893 -46.97 -7.14 48.75
C SER E 893 -46.12 -8.40 48.75
N GLU E 894 -44.97 -8.35 49.43
CA GLU E 894 -44.09 -9.51 49.60
C GLU E 894 -44.83 -10.68 50.25
N GLU E 895 -45.80 -10.34 51.10
CA GLU E 895 -46.61 -11.33 51.81
C GLU E 895 -47.64 -11.95 50.85
N ASP E 896 -48.25 -11.10 50.03
CA ASP E 896 -49.22 -11.54 49.03
C ASP E 896 -48.65 -12.60 48.08
N VAL E 897 -47.36 -12.46 47.76
CA VAL E 897 -46.63 -13.34 46.83
C VAL E 897 -46.68 -14.81 47.20
N TYR E 898 -46.34 -15.11 48.46
CA TYR E 898 -46.26 -16.48 48.98
C TYR E 898 -47.68 -17.09 49.05
N GLU E 899 -48.61 -16.30 49.61
CA GLU E 899 -50.01 -16.71 49.82
C GLU E 899 -50.73 -17.09 48.52
N LYS E 900 -50.50 -16.32 47.45
CA LYS E 900 -51.09 -16.56 46.14
C LYS E 900 -50.13 -17.28 45.19
N GLY E 901 -49.01 -17.78 45.70
CA GLY E 901 -47.86 -18.18 44.87
C GLY E 901 -48.08 -19.19 43.76
N ASP E 902 -48.90 -20.21 44.01
CA ASP E 902 -49.16 -21.23 43.00
C ASP E 902 -49.87 -20.67 41.75
N THR E 903 -50.78 -19.71 41.95
CA THR E 903 -51.60 -19.17 40.85
C THR E 903 -50.80 -18.33 39.83
N ILE E 904 -49.84 -17.53 40.31
CA ILE E 904 -49.17 -16.53 39.49
C ILE E 904 -48.07 -17.17 38.64
N ASP E 905 -47.93 -16.70 37.40
CA ASP E 905 -46.84 -17.13 36.51
C ASP E 905 -45.78 -16.04 36.48
N PHE E 906 -44.59 -16.34 37.00
CA PHE E 906 -43.47 -15.41 36.94
C PHE E 906 -42.91 -15.38 35.52
N PRO E 907 -42.28 -14.26 35.14
CA PRO E 907 -41.64 -14.11 33.82
C PRO E 907 -40.60 -15.19 33.53
N ASP E 908 -40.62 -15.71 32.31
CA ASP E 908 -39.61 -16.66 31.81
C ASP E 908 -38.21 -16.44 32.40
N SER E 909 -37.74 -15.20 32.37
CA SER E 909 -36.39 -14.85 32.85
C SER E 909 -36.13 -15.18 34.32
N VAL E 910 -37.19 -15.16 35.13
CA VAL E 910 -37.11 -15.37 36.58
C VAL E 910 -37.10 -16.87 36.90
N ILE E 911 -37.81 -17.64 36.09
CA ILE E 911 -37.82 -19.09 36.21
C ILE E 911 -36.44 -19.63 35.80
N GLU E 912 -35.85 -19.02 34.77
CA GLU E 912 -34.48 -19.40 34.35
C GLU E 912 -33.47 -19.10 35.45
N PHE E 913 -33.78 -18.11 36.29
CA PHE E 913 -32.96 -17.82 37.46
C PHE E 913 -33.15 -18.93 38.49
N PHE E 914 -34.40 -19.24 38.80
CA PHE E 914 -34.72 -20.36 39.71
C PHE E 914 -34.37 -21.74 39.11
N MET E 915 -34.25 -21.82 37.78
CA MET E 915 -33.73 -23.02 37.11
C MET E 915 -32.25 -23.20 37.46
N GLY E 916 -31.51 -22.08 37.46
CA GLY E 916 -30.07 -22.08 37.68
C GLY E 916 -29.29 -21.80 36.41
N GLU E 917 -29.96 -21.20 35.42
CA GLU E 917 -29.36 -20.97 34.11
C GLU E 917 -28.38 -19.80 34.13
N ILE E 918 -28.66 -18.80 34.95
CA ILE E 918 -27.71 -17.71 35.22
C ILE E 918 -26.49 -18.19 35.98
N GLY E 919 -26.69 -19.18 36.85
CA GLY E 919 -25.63 -19.65 37.73
C GLY E 919 -26.14 -19.85 39.15
N GLN E 920 -25.23 -19.76 40.12
CA GLN E 920 -25.54 -20.04 41.52
C GLN E 920 -25.37 -18.83 42.45
N PRO E 921 -26.47 -18.38 43.07
CA PRO E 921 -26.39 -17.33 44.09
C PRO E 921 -25.56 -17.76 45.32
N TYR E 922 -24.62 -16.94 45.75
CA TYR E 922 -23.75 -17.28 46.89
C TYR E 922 -24.51 -17.82 48.10
N GLY E 923 -25.53 -17.10 48.55
CA GLY E 923 -26.34 -17.55 49.68
C GLY E 923 -27.13 -18.80 49.33
N GLY E 924 -27.45 -18.93 48.05
CA GLY E 924 -28.24 -20.03 47.52
C GLY E 924 -29.73 -19.72 47.64
N PHE E 925 -30.52 -20.28 46.74
CA PHE E 925 -31.95 -19.97 46.65
C PHE E 925 -32.69 -20.35 47.93
N PRO E 926 -33.64 -19.50 48.38
CA PRO E 926 -34.54 -19.95 49.45
C PRO E 926 -35.61 -20.86 48.89
N GLU E 927 -35.57 -22.14 49.28
CA GLU E 927 -36.21 -23.23 48.56
C GLU E 927 -37.72 -23.14 48.57
N LYS E 928 -38.27 -22.50 49.59
CA LYS E 928 -39.71 -22.42 49.74
C LYS E 928 -40.32 -21.47 48.68
N LEU E 929 -39.67 -20.33 48.42
CA LEU E 929 -40.09 -19.40 47.36
C LEU E 929 -39.86 -20.03 46.00
N GLN E 930 -38.62 -20.46 45.79
CA GLN E 930 -38.20 -21.25 44.63
C GLN E 930 -39.21 -22.31 44.23
N LYS E 931 -39.62 -23.12 45.22
CA LYS E 931 -40.60 -24.19 45.02
C LYS E 931 -41.84 -23.71 44.27
N LEU E 932 -42.38 -22.56 44.66
CA LEU E 932 -43.58 -21.99 44.02
C LEU E 932 -43.30 -21.54 42.57
N VAL E 933 -42.11 -21.00 42.32
CA VAL E 933 -41.77 -20.49 40.98
C VAL E 933 -41.57 -21.63 40.00
N LEU E 934 -41.06 -22.77 40.50
CA LEU E 934 -40.78 -23.93 39.65
C LEU E 934 -42.05 -24.72 39.28
N LYS E 935 -42.96 -24.90 40.24
CA LYS E 935 -44.23 -25.60 40.03
C LYS E 935 -44.00 -27.03 39.53
N GLY E 936 -42.96 -27.68 40.06
CA GLY E 936 -42.65 -29.06 39.70
C GLY E 936 -41.43 -29.26 38.83
N ARG E 937 -40.86 -28.16 38.32
CA ARG E 937 -39.62 -28.22 37.55
C ARG E 937 -38.41 -28.55 38.44
N THR E 938 -37.32 -29.00 37.83
CA THR E 938 -36.16 -29.51 38.57
C THR E 938 -34.90 -28.69 38.28
N PRO E 939 -34.30 -28.11 39.33
CA PRO E 939 -33.14 -27.24 39.13
C PRO E 939 -31.81 -27.99 38.97
N LEU E 940 -31.12 -27.75 37.86
CA LEU E 940 -29.75 -28.26 37.69
C LEU E 940 -28.85 -27.53 38.67
N THR E 941 -27.88 -28.26 39.23
CA THR E 941 -26.97 -27.71 40.25
C THR E 941 -25.58 -27.35 39.70
N ASP E 942 -25.42 -27.36 38.37
CA ASP E 942 -24.11 -27.17 37.71
C ASP E 942 -24.16 -26.15 36.57
N ARG E 943 -22.98 -25.65 36.20
CA ARG E 943 -22.76 -24.80 35.05
C ARG E 943 -23.57 -25.27 33.83
N PRO E 944 -24.51 -24.45 33.33
CA PRO E 944 -25.34 -24.90 32.19
C PRO E 944 -24.55 -25.10 30.91
N GLY E 945 -23.43 -24.41 30.78
CA GLY E 945 -22.59 -24.50 29.59
C GLY E 945 -22.05 -25.91 29.31
N ALA E 946 -21.60 -26.59 30.37
CA ALA E 946 -21.09 -27.95 30.26
C ALA E 946 -22.17 -28.94 29.84
N LEU E 947 -23.39 -28.78 30.38
CA LEU E 947 -24.50 -29.68 30.06
C LEU E 947 -24.97 -29.52 28.61
N MET E 948 -24.92 -28.28 28.11
CA MET E 948 -25.19 -28.00 26.69
C MET E 948 -24.25 -28.77 25.75
N GLU E 949 -24.82 -29.29 24.67
CA GLU E 949 -24.04 -30.05 23.71
C GLU E 949 -23.15 -29.12 22.88
N PRO E 950 -21.89 -29.51 22.62
CA PRO E 950 -21.07 -28.57 21.86
C PRO E 950 -21.57 -28.29 20.44
N VAL E 951 -21.17 -27.15 19.92
CA VAL E 951 -21.45 -26.76 18.54
C VAL E 951 -20.36 -27.30 17.65
N ASN E 952 -20.76 -27.86 16.52
CA ASN E 952 -19.84 -28.26 15.47
C ASN E 952 -19.67 -27.06 14.56
N PHE E 953 -18.47 -26.51 14.53
CA PHE E 953 -18.21 -25.25 13.84
C PHE E 953 -18.44 -25.32 12.34
N VAL E 954 -18.14 -26.46 11.75
CA VAL E 954 -18.18 -26.65 10.29
C VAL E 954 -19.63 -26.73 9.80
N GLU E 955 -20.47 -27.45 10.53
CA GLU E 955 -21.88 -27.57 10.22
C GLU E 955 -22.57 -26.18 10.16
N VAL E 956 -22.25 -25.35 11.14
CA VAL E 956 -22.71 -23.95 11.18
C VAL E 956 -22.01 -23.12 10.12
N LYS E 957 -20.68 -23.25 10.05
CA LYS E 957 -19.89 -22.48 9.10
C LYS E 957 -20.46 -22.61 7.69
N ALA E 958 -20.94 -23.80 7.37
CA ALA E 958 -21.60 -24.06 6.09
C ALA E 958 -23.02 -23.50 6.10
N GLU E 959 -23.73 -23.63 7.22
CA GLU E 959 -25.08 -23.07 7.36
C GLU E 959 -25.04 -21.57 7.07
N LEU E 960 -24.08 -20.89 7.68
CA LEU E 960 -23.88 -19.44 7.49
C LEU E 960 -23.54 -19.12 6.06
N LYS E 961 -22.56 -19.82 5.49
CA LYS E 961 -22.15 -19.60 4.11
C LYS E 961 -23.33 -19.62 3.15
N GLU E 962 -24.24 -20.57 3.38
CA GLU E 962 -25.50 -20.67 2.63
C GLU E 962 -26.44 -19.51 2.98
N LYS E 963 -26.48 -19.15 4.26
CA LYS E 963 -27.25 -17.99 4.77
C LYS E 963 -26.67 -16.67 4.25
N MET E 964 -25.36 -16.50 4.40
CA MET E 964 -24.68 -15.33 3.89
C MET E 964 -24.50 -15.48 2.38
N GLY E 965 -24.13 -14.41 1.71
CA GLY E 965 -23.87 -14.46 0.27
C GLY E 965 -22.70 -15.35 -0.11
N TYR E 966 -21.72 -15.50 0.78
CA TYR E 966 -20.43 -16.11 0.41
C TYR E 966 -19.79 -16.88 1.58
N GLU E 967 -18.49 -17.18 1.45
CA GLU E 967 -17.74 -17.97 2.43
C GLU E 967 -17.25 -17.08 3.59
N PRO E 968 -17.63 -17.42 4.85
CA PRO E 968 -17.36 -16.57 6.02
C PRO E 968 -15.98 -16.78 6.60
N THR E 969 -15.48 -15.79 7.33
CA THR E 969 -14.21 -15.92 8.04
C THR E 969 -14.49 -16.53 9.39
N GLU E 970 -13.43 -16.92 10.09
CA GLU E 970 -13.55 -17.60 11.39
C GLU E 970 -14.33 -16.73 12.37
N LYS E 971 -14.01 -15.44 12.37
CA LYS E 971 -14.66 -14.44 13.23
C LYS E 971 -16.16 -14.32 12.95
N ASP E 972 -16.51 -14.19 11.67
CA ASP E 972 -17.91 -14.07 11.27
C ASP E 972 -18.72 -15.18 11.92
N VAL E 973 -18.11 -16.36 11.98
CA VAL E 973 -18.78 -17.54 12.51
C VAL E 973 -19.12 -17.39 13.99
N ILE E 974 -18.13 -17.08 14.83
CA ILE E 974 -18.36 -17.02 16.29
C ILE E 974 -19.47 -16.02 16.54
N SER E 975 -19.33 -14.85 15.94
CA SER E 975 -20.32 -13.80 16.05
C SER E 975 -21.71 -14.35 15.76
N TYR E 976 -21.85 -15.09 14.65
CA TYR E 976 -23.16 -15.67 14.27
C TYR E 976 -23.69 -16.56 15.38
N ILE E 977 -22.81 -17.41 15.90
CA ILE E 977 -23.17 -18.33 16.96
C ILE E 977 -23.69 -17.57 18.19
N LEU E 978 -22.96 -16.53 18.57
CA LEU E 978 -23.28 -15.74 19.77
C LEU E 978 -24.53 -14.90 19.60
N TYR E 979 -24.66 -14.25 18.45
CA TYR E 979 -25.82 -13.43 18.16
C TYR E 979 -26.36 -13.72 16.76
N PRO E 980 -27.14 -14.80 16.61
CA PRO E 980 -27.55 -15.22 15.28
C PRO E 980 -28.59 -14.30 14.67
N LYS E 981 -29.64 -13.98 15.43
CA LYS E 981 -30.71 -13.12 14.91
C LYS E 981 -30.09 -11.84 14.42
N VAL E 982 -29.22 -11.22 15.23
CA VAL E 982 -28.68 -9.90 14.90
C VAL E 982 -27.66 -9.98 13.78
N PHE E 983 -26.88 -11.06 13.72
CA PHE E 983 -25.79 -11.14 12.75
C PHE E 983 -26.33 -11.19 11.32
N LEU E 984 -27.37 -11.98 11.10
CA LEU E 984 -28.02 -11.96 9.81
C LEU E 984 -28.62 -10.59 9.54
N ASP E 985 -29.34 -10.05 10.53
CA ASP E 985 -29.95 -8.72 10.41
C ASP E 985 -28.90 -7.68 10.05
N TYR E 986 -27.72 -7.81 10.64
CA TYR E 986 -26.58 -6.96 10.32
C TYR E 986 -26.11 -7.15 8.88
N GLN E 987 -25.96 -8.41 8.49
CA GLN E 987 -25.62 -8.77 7.11
C GLN E 987 -26.63 -8.16 6.11
N GLU E 988 -27.92 -8.44 6.32
CA GLU E 988 -28.99 -7.95 5.44
C GLU E 988 -28.89 -6.46 5.30
N MET E 989 -28.55 -5.79 6.40
CA MET E 989 -28.45 -4.33 6.40
C MET E 989 -27.20 -3.82 5.70
N ILE E 990 -26.09 -4.51 5.87
CA ILE E 990 -24.87 -4.11 5.20
C ILE E 990 -24.96 -4.32 3.68
N ASN E 991 -25.69 -5.35 3.25
CA ASN E 991 -25.92 -5.57 1.82
C ASN E 991 -26.72 -4.44 1.22
N LYS E 992 -27.73 -4.00 1.95
CA LYS E 992 -28.62 -2.92 1.52
C LYS E 992 -27.91 -1.56 1.40
N TYR E 993 -27.10 -1.20 2.41
CA TYR E 993 -26.49 0.13 2.52
C TYR E 993 -24.96 0.16 2.44
N GLY E 994 -24.32 -0.99 2.41
CA GLY E 994 -22.87 -1.05 2.33
C GLY E 994 -22.24 -0.77 3.67
N ASP E 995 -20.92 -0.61 3.69
CA ASP E 995 -20.19 -0.36 4.94
C ASP E 995 -20.39 1.09 5.40
N VAL E 996 -21.28 1.24 6.37
CA VAL E 996 -21.62 2.55 6.92
C VAL E 996 -20.60 3.02 7.95
N THR E 997 -19.85 2.08 8.54
CA THR E 997 -18.82 2.43 9.51
C THR E 997 -18.18 3.77 9.16
N VAL E 998 -17.98 4.01 7.86
CA VAL E 998 -17.25 5.19 7.36
C VAL E 998 -17.90 6.57 7.50
N LEU E 999 -19.22 6.66 7.57
CA LEU E 999 -19.87 7.98 7.56
C LEU E 999 -19.59 8.78 8.84
N ASP E 1000 -19.42 10.09 8.70
CA ASP E 1000 -19.26 10.92 9.90
C ASP E 1000 -20.49 10.73 10.74
N THR E 1001 -20.30 10.74 12.05
CA THR E 1001 -21.38 10.43 12.97
C THR E 1001 -22.66 11.25 12.76
N PRO E 1002 -22.57 12.58 12.74
CA PRO E 1002 -23.80 13.34 12.50
C PRO E 1002 -24.58 12.84 11.29
N THR E 1003 -23.90 12.64 10.18
CA THR E 1003 -24.57 12.14 8.98
C THR E 1003 -25.21 10.77 9.23
N PHE E 1004 -24.54 9.90 9.97
CA PHE E 1004 -25.02 8.58 10.29
C PHE E 1004 -26.36 8.64 11.04
N TYR E 1005 -26.48 9.56 11.99
CA TYR E 1005 -27.68 9.69 12.85
C TYR E 1005 -28.70 10.70 12.34
N LYS E 1006 -28.23 11.72 11.61
CA LYS E 1006 -29.11 12.80 11.19
C LYS E 1006 -29.28 12.96 9.66
N GLY E 1007 -28.58 12.15 8.88
CA GLY E 1007 -28.67 12.25 7.44
C GLY E 1007 -28.07 13.54 6.96
N MET E 1008 -28.75 14.20 6.03
CA MET E 1008 -28.24 15.46 5.45
C MET E 1008 -29.28 16.57 5.44
N ARG E 1009 -28.79 17.79 5.64
CA ARG E 1009 -29.58 18.99 5.46
C ARG E 1009 -29.64 19.30 3.98
N LEU E 1010 -30.65 20.07 3.56
CA LEU E 1010 -30.75 20.51 2.16
C LEU E 1010 -29.64 21.46 1.74
N GLY E 1011 -29.02 21.18 0.61
CA GLY E 1011 -27.95 22.01 0.09
C GLY E 1011 -26.64 21.76 0.78
N GLU E 1012 -26.62 20.77 1.65
CA GLU E 1012 -25.43 20.45 2.39
C GLU E 1012 -24.56 19.61 1.49
N THR E 1013 -23.26 19.72 1.67
CA THR E 1013 -22.33 18.89 0.97
C THR E 1013 -21.42 18.26 2.00
N ILE E 1014 -21.15 16.97 1.83
CA ILE E 1014 -20.28 16.24 2.75
C ILE E 1014 -19.31 15.38 1.96
N GLU E 1015 -18.23 14.95 2.60
CA GLU E 1015 -17.30 14.02 1.97
C GLU E 1015 -17.23 12.76 2.79
N VAL E 1016 -17.13 11.61 2.14
CA VAL E 1016 -17.00 10.36 2.90
C VAL E 1016 -15.83 9.57 2.35
N GLU E 1017 -14.94 9.11 3.24
CA GLU E 1017 -13.79 8.33 2.83
C GLU E 1017 -14.06 6.84 2.93
N LEU E 1018 -14.31 6.21 1.78
CA LEU E 1018 -14.61 4.77 1.74
C LEU E 1018 -13.39 3.89 2.01
N GLU E 1019 -12.21 4.43 1.70
CA GLU E 1019 -10.93 3.70 1.77
C GLU E 1019 -9.84 4.76 1.64
N LYS E 1020 -8.59 4.43 1.87
CA LYS E 1020 -7.52 5.42 1.74
C LYS E 1020 -7.54 5.99 0.32
N GLY E 1021 -7.71 7.32 0.23
CA GLY E 1021 -7.68 8.03 -1.05
C GLY E 1021 -8.95 8.01 -1.90
N LYS E 1022 -10.01 7.38 -1.40
CA LYS E 1022 -11.26 7.22 -2.15
C LYS E 1022 -12.38 7.99 -1.43
N ILE E 1023 -12.59 9.23 -1.86
CA ILE E 1023 -13.53 10.17 -1.21
C ILE E 1023 -14.76 10.43 -2.12
N LEU E 1024 -15.98 10.37 -1.55
CA LEU E 1024 -17.20 10.72 -2.29
C LEU E 1024 -17.59 12.11 -1.89
N LEU E 1025 -17.60 13.04 -2.84
CA LEU E 1025 -18.21 14.33 -2.58
C LEU E 1025 -19.70 14.11 -2.78
N ILE E 1026 -20.51 14.47 -1.79
CA ILE E 1026 -21.94 14.24 -1.83
C ILE E 1026 -22.69 15.50 -1.43
N LYS E 1027 -23.62 15.91 -2.29
CA LYS E 1027 -24.48 17.05 -1.99
C LYS E 1027 -25.91 16.65 -2.16
N LEU E 1028 -26.76 17.12 -1.27
CA LEU E 1028 -28.19 16.95 -1.38
C LEU E 1028 -28.77 18.28 -1.81
N ASN E 1029 -29.46 18.26 -2.95
CA ASN E 1029 -30.04 19.43 -3.54
C ASN E 1029 -31.46 19.69 -3.09
N SER E 1030 -32.30 18.68 -3.28
CA SER E 1030 -33.69 18.76 -2.88
C SER E 1030 -34.31 17.40 -2.77
N ILE E 1031 -35.50 17.39 -2.17
CA ILE E 1031 -36.23 16.13 -1.91
C ILE E 1031 -37.56 16.14 -2.66
N GLY E 1032 -37.80 15.04 -3.38
CA GLY E 1032 -38.98 14.88 -4.22
C GLY E 1032 -40.25 14.83 -3.40
N GLU E 1033 -41.37 15.02 -4.08
CA GLU E 1033 -42.69 15.01 -3.48
C GLU E 1033 -43.19 13.58 -3.48
N PRO E 1034 -43.97 13.18 -2.46
CA PRO E 1034 -44.37 11.78 -2.47
C PRO E 1034 -45.34 11.49 -3.61
N ILE E 1035 -45.38 10.23 -4.05
CA ILE E 1035 -46.35 9.78 -5.04
C ILE E 1035 -47.40 8.91 -4.33
N ALA E 1036 -48.05 8.02 -5.10
CA ALA E 1036 -49.20 7.25 -4.61
C ALA E 1036 -48.83 6.39 -3.41
N ASP E 1037 -47.86 5.52 -3.60
CA ASP E 1037 -47.45 4.59 -2.55
C ASP E 1037 -46.41 5.15 -1.56
N GLY E 1038 -46.29 6.48 -1.49
CA GLY E 1038 -45.44 7.13 -0.48
C GLY E 1038 -43.98 7.35 -0.91
N THR E 1039 -43.53 6.61 -1.92
CA THR E 1039 -42.20 6.80 -2.50
C THR E 1039 -41.94 8.23 -2.95
N ARG E 1040 -40.72 8.71 -2.70
CA ARG E 1040 -40.28 10.00 -3.25
C ARG E 1040 -38.80 9.96 -3.64
N VAL E 1041 -38.50 10.70 -4.69
CA VAL E 1041 -37.17 10.73 -5.27
C VAL E 1041 -36.36 11.76 -4.50
N ILE E 1042 -35.16 11.38 -4.06
CA ILE E 1042 -34.23 12.32 -3.44
C ILE E 1042 -33.20 12.74 -4.48
N TYR E 1043 -32.92 14.04 -4.55
CA TYR E 1043 -32.02 14.60 -5.57
C TYR E 1043 -30.61 14.92 -5.05
N PHE E 1044 -29.64 14.13 -5.49
CA PHE E 1044 -28.26 14.22 -5.03
C PHE E 1044 -27.29 14.67 -6.12
N GLU E 1045 -26.07 15.02 -5.70
CA GLU E 1045 -24.91 15.13 -6.58
C GLU E 1045 -23.79 14.31 -5.97
N LEU E 1046 -23.64 13.09 -6.43
CA LEU E 1046 -22.51 12.26 -6.05
C LEU E 1046 -21.35 12.52 -6.99
N ASN E 1047 -20.30 13.15 -6.48
CA ASN E 1047 -19.14 13.52 -7.29
C ASN E 1047 -19.48 14.55 -8.36
N GLY E 1048 -20.29 15.55 -7.98
CA GLY E 1048 -20.74 16.57 -8.92
C GLY E 1048 -21.82 16.13 -9.91
N GLN E 1049 -21.89 14.83 -10.17
CA GLN E 1049 -22.82 14.25 -11.15
C GLN E 1049 -24.15 14.06 -10.52
N PRO E 1050 -25.20 14.62 -11.11
CA PRO E 1050 -26.46 14.50 -10.40
C PRO E 1050 -26.88 13.06 -10.40
N ARG E 1051 -27.47 12.65 -9.29
CA ARG E 1051 -28.05 11.33 -9.17
C ARG E 1051 -29.44 11.49 -8.57
N GLU E 1052 -30.25 10.45 -8.68
CA GLU E 1052 -31.60 10.48 -8.15
C GLU E 1052 -31.92 9.11 -7.61
N ILE E 1053 -32.39 9.06 -6.36
CA ILE E 1053 -32.85 7.78 -5.78
C ILE E 1053 -34.15 7.89 -4.99
N ASN E 1054 -34.88 6.77 -5.02
CA ASN E 1054 -36.18 6.67 -4.41
C ASN E 1054 -36.08 6.13 -3.02
N ILE E 1055 -36.68 6.86 -2.08
CA ILE E 1055 -36.83 6.40 -0.71
C ILE E 1055 -38.29 6.47 -0.36
N GLN E 1056 -38.78 5.39 0.25
CA GLN E 1056 -40.15 5.32 0.65
C GLN E 1056 -40.43 6.04 1.95
N ASP E 1057 -41.30 7.05 1.91
CA ASP E 1057 -41.69 7.78 3.10
C ASP E 1057 -42.57 6.90 3.96
N MET E 1058 -42.47 7.05 5.28
CA MET E 1058 -43.17 6.16 6.21
C MET E 1058 -44.41 6.81 6.83
N ASN E 1059 -44.34 8.11 7.10
CA ASN E 1059 -45.54 8.86 7.48
C ASN E 1059 -46.31 9.23 6.19
N VAL E 1060 -47.15 8.30 5.73
CA VAL E 1060 -47.80 8.43 4.41
C VAL E 1060 -48.88 9.51 4.45
N MET F 1 -108.37 46.01 46.95
CA MET F 1 -108.19 47.30 46.20
C MET F 1 -109.42 47.66 45.37
N ASN F 2 -109.80 48.94 45.36
CA ASN F 2 -111.15 49.35 44.87
C ASN F 2 -111.29 49.89 43.43
N ARG F 3 -111.04 51.18 43.19
CA ARG F 3 -111.25 51.78 41.87
C ARG F 3 -110.02 51.89 40.98
N ILE F 4 -108.81 51.73 41.55
CA ILE F 4 -107.58 51.62 40.73
C ILE F 4 -107.27 50.17 40.43
N LYS F 5 -107.45 49.80 39.17
CA LYS F 5 -107.12 48.46 38.69
C LYS F 5 -105.72 48.45 38.03
N LYS F 6 -105.29 49.60 37.52
CA LYS F 6 -104.04 49.70 36.76
C LYS F 6 -103.47 51.09 36.93
N VAL F 7 -102.15 51.18 37.05
CA VAL F 7 -101.49 52.48 37.31
C VAL F 7 -100.25 52.73 36.45
N LEU F 8 -100.10 53.96 36.01
CA LEU F 8 -98.97 54.35 35.19
C LEU F 8 -97.96 55.02 36.08
N VAL F 9 -96.68 54.72 35.84
CA VAL F 9 -95.61 55.23 36.67
C VAL F 9 -94.82 56.23 35.85
N ALA F 10 -95.18 57.50 35.99
CA ALA F 10 -94.64 58.60 35.17
C ALA F 10 -93.26 59.05 35.64
N ASN F 11 -92.38 58.07 35.74
CA ASN F 11 -91.03 58.27 36.23
C ASN F 11 -90.15 57.10 35.79
N ARG F 12 -88.88 57.20 36.13
CA ARG F 12 -87.86 56.23 35.80
C ARG F 12 -87.15 55.80 37.07
N GLY F 13 -86.22 54.86 36.92
CA GLY F 13 -85.23 54.56 37.95
C GLY F 13 -85.78 54.12 39.28
N GLU F 14 -84.91 54.13 40.29
CA GLU F 14 -85.24 53.64 41.63
C GLU F 14 -86.69 53.87 42.03
N ILE F 15 -87.13 55.10 41.93
CA ILE F 15 -88.45 55.49 42.41
C ILE F 15 -89.56 54.84 41.62
N ALA F 16 -89.36 54.74 40.31
CA ALA F 16 -90.33 54.07 39.46
C ALA F 16 -90.51 52.67 39.97
N ILE F 17 -89.41 51.98 40.24
CA ILE F 17 -89.46 50.59 40.64
C ILE F 17 -90.22 50.43 41.96
N ARG F 18 -89.89 51.26 42.95
CA ARG F 18 -90.54 51.19 44.26
C ARG F 18 -92.06 51.22 44.11
N VAL F 19 -92.56 52.02 43.17
CA VAL F 19 -93.98 52.17 42.95
C VAL F 19 -94.53 50.87 42.41
N MET F 20 -93.84 50.33 41.42
CA MET F 20 -94.30 49.13 40.74
C MET F 20 -94.44 48.04 41.80
N ARG F 21 -93.45 48.00 42.68
CA ARG F 21 -93.44 47.00 43.72
C ARG F 21 -94.66 47.16 44.59
N ALA F 22 -94.98 48.40 44.92
CA ALA F 22 -96.15 48.67 45.72
C ALA F 22 -97.42 48.17 45.03
N CYS F 23 -97.56 48.48 43.75
CA CYS F 23 -98.77 48.11 43.01
C CYS F 23 -98.92 46.61 42.98
N THR F 24 -97.87 45.94 42.54
CA THR F 24 -97.91 44.50 42.43
C THR F 24 -98.25 43.87 43.78
N GLU F 25 -97.68 44.39 44.85
CA GLU F 25 -98.07 43.95 46.19
C GLU F 25 -99.59 44.12 46.42
N LEU F 26 -100.21 45.09 45.75
CA LEU F 26 -101.66 45.35 45.86
C LEU F 26 -102.48 44.84 44.66
N LYS F 27 -101.93 43.90 43.90
CA LYS F 27 -102.68 43.30 42.79
C LYS F 27 -103.09 44.34 41.74
N ILE F 28 -102.31 45.43 41.62
CA ILE F 28 -102.58 46.47 40.65
C ILE F 28 -101.65 46.37 39.49
N LYS F 29 -102.19 46.28 38.27
CA LYS F 29 -101.35 46.25 37.04
C LYS F 29 -100.53 47.55 36.90
N THR F 30 -99.35 47.46 36.28
CA THR F 30 -98.44 48.60 36.22
C THR F 30 -97.98 48.85 34.80
N VAL F 31 -97.74 50.12 34.48
CA VAL F 31 -97.31 50.50 33.14
C VAL F 31 -96.10 51.41 33.33
N ALA F 32 -95.04 51.17 32.58
CA ALA F 32 -93.81 51.96 32.70
C ALA F 32 -93.66 52.84 31.49
N ILE F 33 -92.83 53.87 31.61
CA ILE F 33 -92.52 54.75 30.47
C ILE F 33 -91.03 55.05 30.44
N TYR F 34 -90.43 54.99 29.26
CA TYR F 34 -88.99 55.12 29.14
C TYR F 34 -88.66 56.04 28.03
N SER F 35 -87.61 56.84 28.21
CA SER F 35 -87.11 57.67 27.14
C SER F 35 -86.23 56.85 26.21
N GLN F 36 -85.85 57.44 25.09
CA GLN F 36 -85.01 56.75 24.13
C GLN F 36 -83.70 56.32 24.78
N GLU F 37 -83.15 57.18 25.63
CA GLU F 37 -81.88 56.89 26.29
C GLU F 37 -82.03 55.85 27.41
N ASP F 38 -83.28 55.52 27.74
CA ASP F 38 -83.62 54.62 28.85
C ASP F 38 -84.24 53.30 28.40
N THR F 39 -84.08 52.98 27.12
CA THR F 39 -84.51 51.68 26.60
C THR F 39 -83.83 50.56 27.37
N GLY F 40 -82.67 50.89 27.93
CA GLY F 40 -81.90 49.96 28.75
C GLY F 40 -82.25 49.88 30.22
N SER F 41 -82.80 50.94 30.80
CA SER F 41 -82.99 50.99 32.25
C SER F 41 -83.95 49.91 32.73
N PHE F 42 -83.56 49.19 33.78
CA PHE F 42 -84.28 47.96 34.11
C PHE F 42 -85.57 48.19 34.87
N HIS F 43 -85.90 49.48 35.08
CA HIS F 43 -87.22 49.86 35.59
C HIS F 43 -88.32 49.56 34.56
N ARG F 44 -87.97 49.62 33.29
CA ARG F 44 -88.94 49.36 32.24
C ARG F 44 -89.27 47.88 32.14
N TYR F 45 -88.33 47.02 32.48
CA TYR F 45 -88.59 45.59 32.43
C TYR F 45 -89.34 45.12 33.68
N LYS F 46 -89.28 45.91 34.74
CA LYS F 46 -89.95 45.54 36.02
C LYS F 46 -91.48 45.80 36.03
N SER F 47 -92.04 46.43 34.98
CA SER F 47 -93.48 46.66 34.89
C SER F 47 -94.21 45.54 34.16
N ASP F 48 -95.54 45.61 34.17
CA ASP F 48 -96.37 44.67 33.41
C ASP F 48 -96.48 45.07 31.92
N GLU F 49 -96.33 46.37 31.64
CA GLU F 49 -96.27 46.89 30.26
C GLU F 49 -95.37 48.11 30.23
N ALA F 50 -94.90 48.46 29.04
CA ALA F 50 -94.06 49.64 28.90
C ALA F 50 -94.10 50.25 27.51
N TYR F 51 -93.98 51.57 27.47
CA TYR F 51 -93.99 52.31 26.22
C TYR F 51 -92.92 53.39 26.21
N LEU F 52 -92.32 53.65 25.04
CA LEU F 52 -91.42 54.78 24.88
C LEU F 52 -92.26 56.05 25.04
N VAL F 53 -91.66 57.12 25.55
CA VAL F 53 -92.37 58.36 25.69
C VAL F 53 -91.72 59.47 24.87
N GLY F 54 -90.59 60.00 25.31
CA GLY F 54 -90.13 61.30 24.83
C GLY F 54 -89.43 61.14 23.51
N ALA F 55 -90.23 61.00 22.45
CA ALA F 55 -89.69 60.67 21.14
C ALA F 55 -89.05 61.91 20.54
N GLY F 56 -87.80 61.75 20.08
CA GLY F 56 -87.04 62.87 19.53
C GLY F 56 -86.69 63.98 20.52
N LYS F 57 -87.17 63.86 21.76
CA LYS F 57 -86.99 64.91 22.75
C LYS F 57 -85.61 64.78 23.40
N LYS F 58 -85.11 65.90 23.91
CA LYS F 58 -83.89 65.88 24.72
C LYS F 58 -84.16 65.00 25.95
N PRO F 59 -83.12 64.28 26.44
CA PRO F 59 -83.37 63.19 27.39
C PRO F 59 -84.16 63.57 28.65
N ILE F 60 -83.89 64.73 29.23
CA ILE F 60 -84.64 65.13 30.43
C ILE F 60 -86.05 65.58 30.05
N ASP F 61 -86.17 66.30 28.93
CA ASP F 61 -87.46 66.77 28.43
C ASP F 61 -88.47 65.64 28.17
N ALA F 62 -87.92 64.45 27.90
CA ALA F 62 -88.71 63.29 27.50
C ALA F 62 -89.73 62.84 28.54
N TYR F 63 -89.36 62.93 29.82
CA TYR F 63 -90.24 62.46 30.90
C TYR F 63 -91.18 63.54 31.35
N LEU F 64 -91.10 64.69 30.68
CA LEU F 64 -92.00 65.81 30.96
C LEU F 64 -92.97 66.09 29.81
N ASP F 65 -92.98 65.25 28.78
CA ASP F 65 -93.98 65.38 27.72
C ASP F 65 -95.34 64.98 28.28
N ILE F 66 -95.92 65.94 28.98
CA ILE F 66 -97.18 65.76 29.71
C ILE F 66 -98.19 65.12 28.79
N GLU F 67 -98.49 65.81 27.70
CA GLU F 67 -99.55 65.39 26.78
C GLU F 67 -99.35 63.94 26.32
N ASN F 68 -98.14 63.65 25.85
CA ASN F 68 -97.78 62.29 25.42
C ASN F 68 -98.14 61.27 26.48
N ILE F 69 -97.68 61.53 27.70
CA ILE F 69 -97.96 60.66 28.82
C ILE F 69 -99.46 60.39 29.01
N ILE F 70 -100.30 61.41 28.89
CA ILE F 70 -101.74 61.19 29.04
C ILE F 70 -102.26 60.31 27.92
N GLU F 71 -101.84 60.57 26.69
CA GLU F 71 -102.27 59.69 25.58
C GLU F 71 -101.86 58.27 25.90
N ILE F 72 -100.62 58.08 26.34
CA ILE F 72 -100.12 56.76 26.75
C ILE F 72 -100.96 56.22 27.91
N ALA F 73 -101.29 57.08 28.86
CA ALA F 73 -102.12 56.68 30.00
C ALA F 73 -103.51 56.23 29.56
N LYS F 74 -104.10 56.98 28.63
CA LYS F 74 -105.44 56.70 28.11
C LYS F 74 -105.44 55.42 27.27
N GLU F 75 -104.48 55.28 26.36
CA GLU F 75 -104.36 54.08 25.51
C GLU F 75 -104.11 52.82 26.31
N SER F 76 -103.38 52.96 27.42
CA SER F 76 -103.07 51.85 28.33
C SER F 76 -104.27 51.35 29.13
N GLY F 77 -105.21 52.23 29.43
CA GLY F 77 -106.35 51.89 30.29
C GLY F 77 -106.04 52.22 31.74
N ALA F 78 -105.02 53.03 31.95
CA ALA F 78 -104.51 53.34 33.28
C ALA F 78 -105.51 54.16 34.08
N ASP F 79 -106.00 53.60 35.16
CA ASP F 79 -106.93 54.30 36.05
C ASP F 79 -106.29 55.49 36.75
N ALA F 80 -104.98 55.46 36.92
CA ALA F 80 -104.28 56.48 37.70
C ALA F 80 -102.80 56.62 37.31
N ILE F 81 -102.17 57.72 37.73
CA ILE F 81 -100.79 58.00 37.40
C ILE F 81 -100.02 58.44 38.61
N HIS F 82 -98.89 57.79 38.83
CA HIS F 82 -98.00 58.11 39.94
C HIS F 82 -96.74 58.75 39.38
N PRO F 83 -96.48 60.02 39.74
CA PRO F 83 -95.37 60.75 39.14
C PRO F 83 -94.04 60.64 39.88
N GLY F 84 -94.05 59.93 40.99
CA GLY F 84 -92.86 59.63 41.78
C GLY F 84 -92.37 60.89 42.44
N TYR F 85 -91.11 61.21 42.17
CA TYR F 85 -90.51 62.48 42.64
C TYR F 85 -89.63 63.06 41.56
N GLY F 86 -89.40 64.37 41.62
CA GLY F 86 -88.78 65.09 40.51
C GLY F 86 -89.67 65.05 39.29
N PHE F 87 -89.15 65.46 38.14
CA PHE F 87 -89.93 65.49 36.88
C PHE F 87 -91.29 66.16 37.10
N LEU F 88 -92.38 65.45 36.83
CA LEU F 88 -93.70 66.06 36.89
C LEU F 88 -94.38 65.90 38.24
N SER F 89 -93.61 65.51 39.26
CA SER F 89 -94.15 65.26 40.58
C SER F 89 -94.91 66.47 41.11
N GLU F 90 -94.34 67.64 40.89
CA GLU F 90 -94.90 68.90 41.42
C GLU F 90 -95.52 69.80 40.35
N ASN F 91 -95.38 69.45 39.08
CA ASN F 91 -95.93 70.24 37.96
C ASN F 91 -97.46 70.32 38.01
N ILE F 92 -97.97 71.55 38.11
CA ILE F 92 -99.41 71.79 38.23
C ILE F 92 -100.16 71.39 36.98
N GLU F 93 -99.68 71.88 35.83
CA GLU F 93 -100.37 71.67 34.55
C GLU F 93 -100.75 70.20 34.38
N PHE F 94 -99.78 69.33 34.65
CA PHE F 94 -99.95 67.86 34.62
C PHE F 94 -100.98 67.41 35.65
N ALA F 95 -100.80 67.85 36.88
CA ALA F 95 -101.75 67.50 37.94
C ALA F 95 -103.18 67.83 37.51
N ARG F 96 -103.38 69.05 37.08
CA ARG F 96 -104.66 69.51 36.60
C ARG F 96 -105.14 68.62 35.45
N ARG F 97 -104.26 68.42 34.49
CA ARG F 97 -104.57 67.74 33.25
C ARG F 97 -105.08 66.31 33.48
N CYS F 98 -104.59 65.69 34.54
CA CYS F 98 -105.07 64.37 34.96
C CYS F 98 -106.54 64.45 35.33
N GLU F 99 -106.85 65.41 36.19
CA GLU F 99 -108.21 65.64 36.68
C GLU F 99 -109.16 65.92 35.53
N GLN F 100 -108.70 66.73 34.57
CA GLN F 100 -109.43 67.01 33.34
C GLN F 100 -109.84 65.72 32.59
N GLU F 101 -108.90 64.79 32.42
CA GLU F 101 -109.17 63.53 31.73
C GLU F 101 -109.73 62.44 32.64
N GLY F 102 -109.94 62.76 33.91
CA GLY F 102 -110.51 61.81 34.87
C GLY F 102 -109.55 60.72 35.32
N ILE F 103 -108.27 60.84 34.94
CA ILE F 103 -107.22 59.98 35.46
C ILE F 103 -106.94 60.39 36.88
N ILE F 104 -106.96 59.44 37.81
CA ILE F 104 -106.61 59.71 39.19
C ILE F 104 -105.13 60.08 39.23
N PHE F 105 -104.79 61.08 40.03
CA PHE F 105 -103.41 61.48 40.19
C PHE F 105 -102.99 61.16 41.61
N VAL F 106 -101.97 60.32 41.75
CA VAL F 106 -101.52 59.87 43.09
C VAL F 106 -100.67 60.95 43.74
N GLY F 107 -101.33 61.72 44.59
CA GLY F 107 -100.72 62.88 45.24
C GLY F 107 -101.80 63.90 45.63
N PRO F 108 -101.38 65.09 46.04
CA PRO F 108 -102.36 66.06 46.48
C PRO F 108 -103.14 66.66 45.30
N LYS F 109 -104.20 67.38 45.62
CA LYS F 109 -104.96 68.13 44.62
C LYS F 109 -104.06 69.26 44.04
N SER F 110 -104.29 69.64 42.79
CA SER F 110 -103.46 70.67 42.14
C SER F 110 -103.47 72.02 42.87
N LYS F 111 -104.57 72.37 43.53
CA LYS F 111 -104.62 73.53 44.43
C LYS F 111 -103.49 73.50 45.47
N HIS F 112 -103.19 72.31 46.01
CA HIS F 112 -102.10 72.11 46.97
C HIS F 112 -100.73 72.39 46.35
N LEU F 113 -100.50 71.87 45.15
CA LEU F 113 -99.24 72.13 44.47
C LEU F 113 -99.10 73.60 44.09
N ASP F 114 -100.23 74.23 43.78
CA ASP F 114 -100.28 75.66 43.43
C ASP F 114 -99.78 76.49 44.59
N MET F 115 -100.39 76.30 45.76
CA MET F 115 -100.01 77.06 46.96
C MET F 115 -98.55 76.85 47.34
N PHE F 116 -98.03 75.65 47.13
CA PHE F 116 -96.63 75.36 47.48
C PHE F 116 -95.69 75.44 46.28
N GLY F 117 -96.23 75.71 45.09
CA GLY F 117 -95.42 75.84 43.86
C GLY F 117 -94.14 76.64 44.04
N ASP F 118 -94.28 77.89 44.50
CA ASP F 118 -93.14 78.72 44.82
C ASP F 118 -92.85 78.63 46.32
N LYS F 119 -91.59 78.86 46.68
CA LYS F 119 -91.18 78.82 48.09
C LYS F 119 -91.87 79.94 48.88
N ILE F 120 -92.09 81.07 48.21
CA ILE F 120 -92.69 82.25 48.85
C ILE F 120 -94.15 82.03 49.24
N LYS F 121 -94.92 81.36 48.40
CA LYS F 121 -96.38 81.23 48.60
C LYS F 121 -96.64 80.18 49.68
N ALA F 122 -95.65 79.33 49.90
CA ALA F 122 -95.65 78.37 51.01
C ALA F 122 -95.29 79.03 52.32
N LYS F 123 -94.16 79.76 52.35
CA LYS F 123 -93.78 80.53 53.57
C LYS F 123 -94.96 81.43 53.96
N GLU F 124 -95.63 82.01 52.96
CA GLU F 124 -96.88 82.75 53.15
C GLU F 124 -97.92 81.86 53.82
N GLN F 125 -98.17 80.70 53.21
CA GLN F 125 -99.11 79.70 53.73
C GLN F 125 -98.75 79.17 55.12
N ALA F 126 -97.47 79.26 55.45
CA ALA F 126 -97.01 78.88 56.76
C ALA F 126 -97.51 79.85 57.85
N LEU F 127 -97.43 81.17 57.62
CA LEU F 127 -97.91 82.13 58.64
C LEU F 127 -99.40 81.96 58.87
N LEU F 128 -100.16 81.73 57.80
CA LEU F 128 -101.60 81.56 57.91
C LEU F 128 -101.94 80.40 58.84
N ALA F 129 -101.13 79.35 58.80
CA ALA F 129 -101.25 78.23 59.71
C ALA F 129 -100.77 78.58 61.13
N ASP F 130 -100.03 79.69 61.25
CA ASP F 130 -99.56 80.19 62.54
C ASP F 130 -98.51 79.24 63.15
N ILE F 131 -97.37 79.18 62.48
CA ILE F 131 -96.23 78.35 62.89
C ILE F 131 -94.96 79.17 62.69
N PRO F 132 -93.86 78.81 63.36
CA PRO F 132 -92.61 79.57 63.28
C PRO F 132 -92.03 79.64 61.87
N VAL F 133 -91.47 80.79 61.51
CA VAL F 133 -90.89 81.00 60.18
C VAL F 133 -89.61 81.81 60.33
N ILE F 134 -88.75 81.75 59.30
CA ILE F 134 -87.50 82.51 59.29
C ILE F 134 -87.86 83.97 59.00
N PRO F 135 -87.17 84.92 59.68
CA PRO F 135 -87.44 86.30 59.32
C PRO F 135 -86.88 86.62 57.95
N GLY F 136 -87.73 87.13 57.06
CA GLY F 136 -87.34 87.43 55.68
C GLY F 136 -88.21 88.51 55.06
N SER F 137 -87.96 88.74 53.78
CA SER F 137 -88.75 89.70 53.00
C SER F 137 -90.21 89.27 52.83
N ASN F 138 -91.14 90.18 53.09
CA ASN F 138 -92.58 89.87 53.08
C ASN F 138 -93.13 89.59 51.68
N GLY F 139 -92.36 89.99 50.67
CA GLY F 139 -92.56 89.55 49.31
C GLY F 139 -91.23 89.02 48.77
N PRO F 140 -91.20 88.66 47.49
CA PRO F 140 -89.94 88.38 46.82
C PRO F 140 -89.09 89.63 46.71
N VAL F 141 -87.80 89.53 47.02
CA VAL F 141 -86.93 90.70 47.10
C VAL F 141 -86.57 91.16 45.68
N ALA F 142 -87.52 91.88 45.09
CA ALA F 142 -87.43 92.30 43.69
C ALA F 142 -86.31 93.32 43.48
N GLY F 143 -86.12 94.22 44.45
CA GLY F 143 -85.00 95.16 44.34
C GLY F 143 -83.67 94.46 44.56
N ILE F 144 -82.69 94.80 43.70
CA ILE F 144 -81.31 94.35 43.79
C ILE F 144 -80.55 95.25 44.77
N LYS F 145 -80.13 94.70 45.90
CA LYS F 145 -79.39 95.46 46.92
C LYS F 145 -80.37 96.31 47.76
N GLU F 146 -81.68 96.20 47.48
CA GLU F 146 -82.75 96.58 48.42
C GLU F 146 -82.54 95.76 49.70
N VAL F 147 -81.81 94.65 49.52
CA VAL F 147 -81.39 93.75 50.60
C VAL F 147 -80.59 94.48 51.66
N GLU F 148 -79.57 95.22 51.24
CA GLU F 148 -78.70 95.87 52.21
C GLU F 148 -79.52 96.63 53.24
N GLU F 149 -80.57 97.32 52.77
CA GLU F 149 -81.55 97.98 53.64
C GLU F 149 -82.28 96.94 54.51
N PHE F 150 -82.78 95.89 53.87
CA PHE F 150 -83.39 94.77 54.57
C PHE F 150 -82.33 94.03 55.40
N GLY F 151 -81.09 94.02 54.91
CA GLY F 151 -79.96 93.41 55.60
C GLY F 151 -79.48 94.23 56.78
N GLU F 152 -79.58 95.55 56.63
CA GLU F 152 -79.17 96.48 57.67
C GLU F 152 -80.03 96.27 58.89
N LYS F 153 -81.34 96.12 58.65
CA LYS F 153 -82.34 95.96 59.71
C LYS F 153 -82.20 94.66 60.55
N ASN F 154 -81.92 93.53 59.89
CA ASN F 154 -81.89 92.19 60.56
C ASN F 154 -80.54 91.56 60.98
N GLY F 155 -79.70 91.19 60.01
CA GLY F 155 -78.45 90.47 60.28
C GLY F 155 -77.19 90.82 59.51
N TYR F 156 -76.05 90.54 60.14
CA TYR F 156 -74.76 90.60 59.47
C TYR F 156 -74.72 89.58 58.34
N PRO F 157 -75.06 88.31 58.61
CA PRO F 157 -75.08 87.25 57.60
C PRO F 157 -76.47 87.01 57.01
N LEU F 158 -76.61 86.95 55.68
CA LEU F 158 -77.92 86.63 55.04
C LEU F 158 -77.82 85.60 53.90
N MET F 159 -78.88 84.80 53.71
CA MET F 159 -78.97 83.82 52.63
C MET F 159 -80.01 84.31 51.62
N ILE F 160 -79.73 84.12 50.34
CA ILE F 160 -80.65 84.45 49.27
C ILE F 160 -81.17 83.16 48.60
N LYS F 161 -82.49 83.08 48.37
CA LYS F 161 -83.15 81.89 47.85
C LYS F 161 -84.14 82.22 46.74
N ALA F 162 -84.28 81.34 45.76
CA ALA F 162 -85.27 81.52 44.68
C ALA F 162 -86.54 80.71 44.92
N SER F 163 -87.55 80.88 44.07
CA SER F 163 -88.61 79.88 43.97
C SER F 163 -88.02 78.56 43.46
N ARG F 172 -77.88 81.05 47.56
CA ARG F 172 -76.52 81.48 47.94
C ARG F 172 -76.40 82.34 49.23
N VAL F 173 -75.23 82.26 49.88
CA VAL F 173 -74.99 82.84 51.20
C VAL F 173 -74.24 84.17 51.18
N VAL F 174 -74.55 85.02 52.15
CA VAL F 174 -73.92 86.35 52.29
C VAL F 174 -73.46 86.65 53.74
N GLU F 175 -72.25 87.21 53.87
CA GLU F 175 -71.70 87.65 55.18
C GLU F 175 -71.81 89.16 55.32
N SER F 176 -72.62 89.75 54.43
CA SER F 176 -73.09 91.14 54.42
C SER F 176 -72.09 92.09 53.75
N LYS F 177 -72.42 93.38 53.77
CA LYS F 177 -71.51 94.41 53.30
C LYS F 177 -71.32 94.37 51.78
N GLU F 178 -70.06 94.28 51.33
CA GLU F 178 -69.71 94.24 49.93
C GLU F 178 -70.19 92.97 49.22
N HIS F 179 -70.36 91.88 49.98
CA HIS F 179 -70.61 90.56 49.39
C HIS F 179 -71.93 90.49 48.66
N VAL F 180 -72.87 91.34 49.11
CA VAL F 180 -74.22 91.39 48.57
C VAL F 180 -74.21 91.46 47.04
N LYS F 181 -73.35 92.33 46.49
CA LYS F 181 -73.24 92.49 45.04
C LYS F 181 -72.94 91.16 44.35
N GLU F 182 -71.82 90.53 44.73
CA GLU F 182 -71.35 89.29 44.09
C GLU F 182 -72.35 88.15 44.12
N SER F 183 -73.14 88.05 45.19
CA SER F 183 -74.07 86.95 45.39
C SER F 183 -75.34 87.03 44.52
N PHE F 184 -75.98 88.20 44.47
CA PHE F 184 -77.20 88.38 43.70
C PHE F 184 -77.02 88.10 42.19
N GLU F 185 -76.05 88.76 41.55
CA GLU F 185 -75.87 88.64 40.10
C GLU F 185 -75.80 87.17 39.67
N ARG F 186 -75.14 86.34 40.49
CA ARG F 186 -75.03 84.89 40.21
C ARG F 186 -76.22 84.08 40.72
N ALA F 187 -76.78 84.47 41.85
CA ALA F 187 -77.96 83.80 42.40
C ALA F 187 -79.14 83.86 41.46
N SER F 188 -79.55 85.07 41.10
CA SER F 188 -80.67 85.28 40.19
C SER F 188 -80.39 84.73 38.77
N SER F 189 -79.13 84.76 38.35
CA SER F 189 -78.76 84.19 37.05
C SER F 189 -78.78 82.66 37.11
N GLU F 190 -78.28 82.10 38.21
CA GLU F 190 -78.35 80.65 38.43
C GLU F 190 -79.81 80.21 38.45
N ALA F 191 -80.66 80.99 39.09
CA ALA F 191 -82.08 80.69 39.16
C ALA F 191 -82.73 80.77 37.78
N LYS F 192 -82.28 81.71 36.95
CA LYS F 192 -82.74 81.82 35.55
C LYS F 192 -82.20 80.68 34.70
N ALA F 193 -80.94 80.32 34.92
CA ALA F 193 -80.30 79.21 34.22
C ALA F 193 -80.94 77.88 34.62
N ALA F 194 -81.17 77.71 35.92
CA ALA F 194 -81.75 76.48 36.46
C ALA F 194 -83.25 76.39 36.15
N PHE F 195 -83.98 77.46 36.45
CA PHE F 195 -85.44 77.48 36.29
C PHE F 195 -85.84 78.64 35.38
N GLY F 196 -87.14 78.72 35.07
CA GLY F 196 -87.66 79.82 34.24
C GLY F 196 -87.45 81.20 34.86
N ASN F 197 -87.77 81.31 36.16
CA ASN F 197 -87.80 82.59 36.85
C ASN F 197 -86.47 82.97 37.51
N ASP F 198 -86.22 84.27 37.61
CA ASP F 198 -85.07 84.81 38.35
C ASP F 198 -85.53 85.33 39.68
N GLU F 199 -86.84 85.24 39.95
CA GLU F 199 -87.42 85.78 41.19
C GLU F 199 -86.67 85.19 42.37
N VAL F 200 -86.20 86.06 43.24
CA VAL F 200 -85.39 85.64 44.36
C VAL F 200 -85.91 86.26 45.65
N TYR F 201 -85.97 85.45 46.71
CA TYR F 201 -86.40 85.92 48.03
C TYR F 201 -85.22 85.85 49.04
N VAL F 202 -85.36 86.51 50.19
CA VAL F 202 -84.27 86.52 51.20
C VAL F 202 -84.74 86.40 52.63
N GLU F 203 -83.96 85.66 53.40
CA GLU F 203 -84.19 85.42 54.82
C GLU F 203 -82.90 85.51 55.64
N LYS F 204 -83.08 85.67 56.94
CA LYS F 204 -81.98 85.75 57.90
C LYS F 204 -81.14 84.49 57.79
N CYS F 205 -79.86 84.63 57.48
CA CYS F 205 -78.94 83.48 57.50
C CYS F 205 -78.99 82.87 58.88
N VAL F 206 -78.66 81.60 58.95
CA VAL F 206 -78.73 80.88 60.21
C VAL F 206 -77.39 80.21 60.49
N MET F 207 -77.09 80.02 61.77
CA MET F 207 -75.83 79.44 62.16
C MET F 207 -76.04 78.01 62.60
N ASN F 208 -75.33 77.11 61.94
CA ASN F 208 -75.20 75.72 62.39
C ASN F 208 -76.52 75.05 62.75
N PRO F 209 -77.51 75.12 61.83
CA PRO F 209 -78.79 74.51 62.09
C PRO F 209 -78.77 73.01 61.84
N LYS F 210 -79.85 72.36 62.24
CA LYS F 210 -80.08 70.96 61.99
C LYS F 210 -81.29 70.90 61.04
N HIS F 211 -81.14 70.21 59.92
CA HIS F 211 -82.21 70.11 58.91
C HIS F 211 -83.12 68.96 59.28
N ILE F 212 -84.37 69.26 59.67
CA ILE F 212 -85.32 68.21 60.12
C ILE F 212 -86.62 68.23 59.30
N GLU F 213 -87.00 67.07 58.76
CA GLU F 213 -88.23 66.95 57.97
C GLU F 213 -89.22 66.09 58.72
N VAL F 214 -90.52 66.29 58.44
CA VAL F 214 -91.57 65.45 59.02
C VAL F 214 -92.43 64.88 57.91
N GLN F 215 -92.68 63.57 57.94
CA GLN F 215 -93.43 62.93 56.87
C GLN F 215 -94.88 63.00 57.26
N ILE F 216 -95.74 63.34 56.32
CA ILE F 216 -97.18 63.46 56.57
C ILE F 216 -97.98 62.59 55.59
N LEU F 217 -99.07 62.02 56.10
CA LEU F 217 -100.06 61.30 55.30
C LEU F 217 -101.44 61.81 55.63
N GLY F 218 -102.20 62.20 54.61
CA GLY F 218 -103.58 62.63 54.82
C GLY F 218 -104.51 61.99 53.80
N ASP F 219 -105.68 61.52 54.26
CA ASP F 219 -106.66 60.91 53.33
C ASP F 219 -107.61 61.94 52.78
N THR F 220 -108.43 61.49 51.83
CA THR F 220 -109.53 62.26 51.27
C THR F 220 -110.64 62.62 52.28
N HIS F 221 -110.60 62.00 53.46
CA HIS F 221 -111.61 62.12 54.49
C HIS F 221 -111.14 62.99 55.67
N GLY F 222 -110.27 63.96 55.39
CA GLY F 222 -109.78 64.88 56.41
C GLY F 222 -109.03 64.32 57.63
N ASN F 223 -108.51 63.09 57.52
CA ASN F 223 -107.63 62.52 58.55
C ASN F 223 -106.20 62.75 58.15
N ILE F 224 -105.43 63.40 59.03
CA ILE F 224 -104.02 63.65 58.75
C ILE F 224 -103.22 63.07 59.92
N VAL F 225 -102.07 62.51 59.57
CA VAL F 225 -101.17 61.85 60.51
C VAL F 225 -99.75 62.23 60.11
N HIS F 226 -98.83 62.24 61.07
CA HIS F 226 -97.41 62.40 60.81
C HIS F 226 -96.69 61.12 61.19
N LEU F 227 -95.60 60.84 60.49
CA LEU F 227 -94.80 59.62 60.66
C LEU F 227 -93.43 59.94 61.26
N PHE F 228 -93.38 61.04 62.00
CA PHE F 228 -92.17 61.50 62.66
C PHE F 228 -91.13 62.11 61.73
N GLU F 229 -90.07 62.61 62.34
CA GLU F 229 -89.06 63.35 61.63
C GLU F 229 -88.03 62.46 60.91
N ARG F 230 -87.19 63.14 60.12
CA ARG F 230 -85.96 62.59 59.56
C ARG F 230 -84.91 63.69 59.67
N ASP F 231 -83.67 63.30 59.97
CA ASP F 231 -82.56 64.23 60.11
C ASP F 231 -81.65 64.21 58.87
N CYS F 232 -81.78 65.24 58.05
CA CYS F 232 -80.99 65.35 56.82
C CYS F 232 -79.91 66.42 56.95
N SER F 233 -79.43 66.61 58.17
CA SER F 233 -78.44 67.64 58.45
C SER F 233 -77.10 67.37 57.79
N ILE F 234 -76.78 66.11 57.49
CA ILE F 234 -75.54 65.80 56.78
C ILE F 234 -75.71 66.22 55.33
N GLN F 235 -75.00 67.26 54.90
CA GLN F 235 -75.10 67.72 53.52
C GLN F 235 -73.78 68.25 53.01
N ARG F 236 -73.58 68.14 51.70
CA ARG F 236 -72.38 68.68 51.03
C ARG F 236 -72.76 69.79 50.09
N ARG F 237 -72.30 71.00 50.39
CA ARG F 237 -72.63 72.19 49.62
C ARG F 237 -74.16 72.30 49.55
N HIS F 238 -74.80 72.05 50.69
CA HIS F 238 -76.25 72.09 50.83
C HIS F 238 -77.00 71.10 49.91
N GLN F 239 -76.41 69.91 49.76
CA GLN F 239 -77.01 68.81 49.01
C GLN F 239 -77.06 67.61 49.97
N LYS F 240 -78.24 67.03 50.18
CA LYS F 240 -78.39 65.90 51.11
C LYS F 240 -77.49 64.71 50.69
N VAL F 241 -76.86 64.07 51.66
CA VAL F 241 -75.92 62.98 51.39
C VAL F 241 -76.29 61.73 52.16
N VAL F 242 -76.37 61.88 53.49
CA VAL F 242 -76.80 60.80 54.38
C VAL F 242 -77.94 61.28 55.26
N GLU F 243 -79.01 60.51 55.24
CA GLU F 243 -80.25 60.88 55.89
C GLU F 243 -80.50 59.84 56.97
N VAL F 244 -80.99 60.30 58.10
CA VAL F 244 -81.15 59.48 59.29
C VAL F 244 -82.48 59.75 59.96
N ALA F 245 -83.09 58.70 60.48
CA ALA F 245 -84.29 58.88 61.27
C ALA F 245 -84.39 57.79 62.34
N PRO F 246 -84.97 58.13 63.51
CA PRO F 246 -85.43 59.47 63.83
C PRO F 246 -84.23 60.26 64.24
N CYS F 247 -84.40 61.57 64.47
CA CYS F 247 -83.30 62.40 64.96
C CYS F 247 -82.99 62.13 66.42
N ASN F 248 -81.77 61.69 66.67
CA ASN F 248 -81.36 61.21 67.95
C ASN F 248 -81.16 62.35 68.94
N ALA F 249 -80.70 63.48 68.42
CA ALA F 249 -80.19 64.57 69.23
C ALA F 249 -81.21 65.57 69.75
N ILE F 250 -82.49 65.40 69.41
CA ILE F 250 -83.51 66.29 69.95
C ILE F 250 -84.34 65.62 71.06
N THR F 251 -84.95 66.44 71.91
CA THR F 251 -85.81 65.96 72.99
C THR F 251 -87.20 65.68 72.48
N SER F 252 -87.78 64.58 72.95
CA SER F 252 -89.10 64.15 72.47
C SER F 252 -90.09 65.31 72.52
N GLU F 253 -90.09 66.04 73.63
CA GLU F 253 -90.95 67.20 73.76
C GLU F 253 -90.85 68.08 72.51
N LEU F 254 -89.62 68.32 72.07
CA LEU F 254 -89.35 69.18 70.90
C LEU F 254 -89.90 68.53 69.65
N ARG F 255 -89.50 67.27 69.43
CA ARG F 255 -89.91 66.54 68.23
C ARG F 255 -91.38 66.75 68.02
N ASN F 256 -92.16 66.43 69.05
CA ASN F 256 -93.62 66.50 68.97
C ASN F 256 -94.09 67.88 68.60
N ARG F 257 -93.45 68.90 69.16
CA ARG F 257 -93.77 70.28 68.86
C ARG F 257 -93.68 70.50 67.35
N ILE F 258 -92.53 70.13 66.78
CA ILE F 258 -92.28 70.29 65.36
C ILE F 258 -93.29 69.53 64.52
N CYS F 259 -93.46 68.26 64.86
CA CYS F 259 -94.38 67.40 64.12
C CYS F 259 -95.76 67.99 64.17
N ASP F 260 -96.23 68.31 65.38
CA ASP F 260 -97.54 68.92 65.58
C ASP F 260 -97.69 70.20 64.77
N ALA F 261 -96.59 70.95 64.66
CA ALA F 261 -96.56 72.16 63.84
C ALA F 261 -96.86 71.81 62.38
N ALA F 262 -96.16 70.78 61.90
CA ALA F 262 -96.36 70.29 60.55
C ALA F 262 -97.81 69.85 60.38
N VAL F 263 -98.34 69.09 61.33
CA VAL F 263 -99.70 68.57 61.21
C VAL F 263 -100.66 69.73 61.06
N LYS F 264 -100.52 70.71 61.97
CA LYS F 264 -101.40 71.88 62.00
C LYS F 264 -101.48 72.59 60.66
N LEU F 265 -100.30 72.78 60.06
CA LEU F 265 -100.19 73.36 58.73
C LEU F 265 -100.96 72.52 57.68
N MET F 266 -100.63 71.24 57.54
CA MET F 266 -101.25 70.40 56.53
C MET F 266 -102.74 70.20 56.78
N LYS F 267 -103.13 70.22 58.05
CA LYS F 267 -104.54 70.22 58.39
C LYS F 267 -105.19 71.50 57.90
N ASN F 268 -104.54 72.63 58.18
CA ASN F 268 -105.00 73.96 57.74
C ASN F 268 -105.27 74.05 56.22
N VAL F 269 -104.54 73.29 55.43
CA VAL F 269 -104.72 73.27 53.97
C VAL F 269 -105.63 72.14 53.48
N ASP F 270 -106.11 71.31 54.42
CA ASP F 270 -106.85 70.08 54.11
C ASP F 270 -106.05 69.21 53.15
N TYR F 271 -104.78 68.97 53.52
CA TYR F 271 -103.82 68.28 52.64
C TYR F 271 -104.12 66.81 52.45
N ILE F 272 -104.00 66.36 51.19
CA ILE F 272 -104.36 65.00 50.79
C ILE F 272 -103.14 64.26 50.28
N ASN F 273 -103.01 63.01 50.71
CA ASN F 273 -101.95 62.06 50.32
C ASN F 273 -100.68 62.29 51.11
N ALA F 274 -99.54 61.96 50.52
CA ALA F 274 -98.26 62.00 51.21
C ALA F 274 -97.47 63.22 50.79
N GLY F 275 -96.76 63.79 51.77
CA GLY F 275 -95.95 64.97 51.55
C GLY F 275 -95.07 65.20 52.76
N THR F 276 -94.14 66.14 52.63
CA THR F 276 -93.20 66.40 53.70
C THR F 276 -93.06 67.88 54.01
N VAL F 277 -92.99 68.18 55.31
CA VAL F 277 -92.75 69.52 55.81
C VAL F 277 -91.34 69.56 56.37
N GLU F 278 -90.51 70.43 55.81
CA GLU F 278 -89.12 70.56 56.23
C GLU F 278 -89.04 71.65 57.30
N PHE F 279 -88.11 71.50 58.24
CA PHE F 279 -87.84 72.51 59.28
C PHE F 279 -86.34 72.68 59.49
N LEU F 280 -85.93 73.89 59.87
CA LEU F 280 -84.57 74.09 60.39
C LEU F 280 -84.66 74.24 61.89
N VAL F 281 -83.68 73.68 62.59
CA VAL F 281 -83.71 73.67 64.05
C VAL F 281 -82.40 74.11 64.68
N GLU F 282 -82.51 75.10 65.56
CA GLU F 282 -81.39 75.61 66.35
C GLU F 282 -81.77 75.52 67.82
N GLY F 283 -80.89 74.93 68.63
CA GLY F 283 -81.11 74.82 70.07
C GLY F 283 -82.48 74.25 70.35
N ASP F 284 -83.39 75.07 70.88
CA ASP F 284 -84.77 74.65 71.14
C ASP F 284 -85.79 75.46 70.33
N ASP F 285 -85.32 76.24 69.36
CA ASP F 285 -86.20 76.95 68.44
C ASP F 285 -86.14 76.30 67.07
N PHE F 286 -87.31 76.06 66.49
CA PHE F 286 -87.38 75.53 65.15
C PHE F 286 -88.13 76.50 64.24
N TYR F 287 -87.89 76.38 62.94
CA TYR F 287 -88.47 77.27 61.96
C TYR F 287 -88.78 76.55 60.64
N PHE F 288 -89.98 76.83 60.09
CA PHE F 288 -90.36 76.33 58.76
C PHE F 288 -89.37 76.79 57.69
N ILE F 289 -89.17 75.97 56.65
CA ILE F 289 -88.36 76.37 55.46
C ILE F 289 -89.00 76.04 54.12
N GLU F 290 -89.57 74.85 53.97
CA GLU F 290 -90.13 74.43 52.69
C GLU F 290 -91.16 73.33 52.90
N VAL F 291 -91.93 73.06 51.84
CA VAL F 291 -92.88 71.94 51.83
C VAL F 291 -92.83 71.15 50.52
N ASN F 292 -92.63 69.85 50.64
CA ASN F 292 -92.60 68.96 49.48
C ASN F 292 -93.89 68.15 49.40
N PRO F 293 -94.75 68.44 48.41
CA PRO F 293 -95.99 67.69 48.22
C PRO F 293 -95.80 66.42 47.38
N ARG F 294 -94.91 65.55 47.85
CA ARG F 294 -94.59 64.32 47.14
C ARG F 294 -93.88 63.32 48.05
N VAL F 295 -93.66 62.13 47.52
CA VAL F 295 -92.78 61.16 48.17
C VAL F 295 -91.40 61.77 48.11
N GLN F 296 -90.58 61.53 49.11
CA GLN F 296 -89.21 61.92 48.99
C GLN F 296 -88.29 60.72 48.82
N VAL F 297 -87.08 60.99 48.38
CA VAL F 297 -86.09 59.94 48.19
C VAL F 297 -85.89 59.20 49.51
N GLU F 298 -85.78 59.95 50.60
CA GLU F 298 -85.42 59.41 51.91
C GLU F 298 -86.62 58.89 52.68
N HIS F 299 -87.71 58.56 52.00
CA HIS F 299 -88.93 58.09 52.69
C HIS F 299 -88.76 56.67 53.26
N THR F 300 -87.81 55.93 52.70
CA THR F 300 -87.48 54.63 53.20
C THR F 300 -87.30 54.61 54.72
N ILE F 301 -86.38 55.42 55.23
CA ILE F 301 -86.03 55.33 56.64
C ILE F 301 -87.25 55.51 57.54
N THR F 302 -88.16 56.39 57.15
CA THR F 302 -89.36 56.61 57.93
C THR F 302 -90.20 55.35 57.91
N GLU F 303 -90.33 54.74 56.73
CA GLU F 303 -90.96 53.40 56.62
C GLU F 303 -90.38 52.38 57.62
N MET F 304 -89.09 52.45 57.83
CA MET F 304 -88.40 51.47 58.62
C MET F 304 -88.61 51.64 60.11
N ILE F 305 -88.74 52.88 60.58
CA ILE F 305 -88.94 53.12 62.00
C ILE F 305 -90.41 53.09 62.41
N THR F 306 -91.29 53.55 61.51
CA THR F 306 -92.73 53.51 61.78
C THR F 306 -93.34 52.13 61.54
N GLY F 307 -92.87 51.46 60.52
CA GLY F 307 -93.43 50.17 60.14
C GLY F 307 -94.47 50.33 59.04
N ILE F 308 -94.69 51.56 58.62
CA ILE F 308 -95.74 51.86 57.66
C ILE F 308 -95.23 51.96 56.24
N ASP F 309 -95.77 51.13 55.35
CA ASP F 309 -95.44 51.22 53.92
C ASP F 309 -96.10 52.48 53.35
N ILE F 310 -95.28 53.48 53.06
CA ILE F 310 -95.77 54.76 52.60
C ILE F 310 -96.41 54.70 51.22
N VAL F 311 -95.73 54.06 50.29
CA VAL F 311 -96.18 54.07 48.93
C VAL F 311 -97.43 53.22 48.75
N GLN F 312 -97.50 52.09 49.42
CA GLN F 312 -98.76 51.36 49.46
C GLN F 312 -99.85 52.34 49.94
N SER F 313 -99.57 53.05 51.01
CA SER F 313 -100.55 53.99 51.58
C SER F 313 -100.91 55.03 50.53
N GLN F 314 -99.92 55.62 49.87
CA GLN F 314 -100.19 56.57 48.79
C GLN F 314 -101.25 56.05 47.83
N LEU F 315 -101.16 54.77 47.46
CA LEU F 315 -102.10 54.16 46.51
C LEU F 315 -103.49 53.97 47.10
N PHE F 316 -103.56 53.59 48.38
CA PHE F 316 -104.86 53.45 49.06
C PHE F 316 -105.57 54.78 49.17
N ILE F 317 -104.81 55.81 49.54
CA ILE F 317 -105.34 57.16 49.64
C ILE F 317 -105.85 57.68 48.29
N ALA F 318 -105.10 57.46 47.21
CA ALA F 318 -105.57 57.87 45.90
C ALA F 318 -106.80 57.10 45.49
N ASP F 319 -106.96 55.89 45.98
CA ASP F 319 -108.23 55.17 45.83
C ASP F 319 -109.28 55.63 46.84
N GLY F 320 -108.85 56.44 47.80
CA GLY F 320 -109.75 57.20 48.65
C GLY F 320 -110.00 56.63 50.02
N TYR F 321 -109.52 55.41 50.28
CA TYR F 321 -109.71 54.79 51.58
C TYR F 321 -109.25 55.76 52.68
N ALA F 322 -109.80 55.57 53.85
CA ALA F 322 -109.39 56.32 55.01
C ALA F 322 -108.13 55.73 55.59
N LEU F 323 -107.35 56.58 56.24
CA LEU F 323 -106.07 56.16 56.80
C LEU F 323 -106.25 54.98 57.71
N HIS F 324 -107.32 55.00 58.49
CA HIS F 324 -107.48 54.02 59.55
C HIS F 324 -108.43 52.89 59.18
N ASP F 325 -108.72 52.72 57.89
CA ASP F 325 -109.43 51.54 57.43
C ASP F 325 -108.73 50.26 57.83
N GLN F 326 -109.46 49.17 57.72
CA GLN F 326 -108.91 47.86 58.04
C GLN F 326 -107.77 47.53 57.07
N LEU F 327 -108.07 47.66 55.79
CA LEU F 327 -107.13 47.29 54.74
C LEU F 327 -105.82 48.12 54.75
N VAL F 328 -105.97 49.43 54.96
CA VAL F 328 -104.85 50.36 54.97
C VAL F 328 -104.03 50.19 56.23
N ALA F 329 -104.69 49.92 57.33
CA ALA F 329 -104.02 49.52 58.56
C ALA F 329 -102.99 50.52 59.05
N ILE F 330 -103.30 51.81 58.92
CA ILE F 330 -102.53 52.84 59.64
C ILE F 330 -103.17 53.13 60.98
N PRO F 331 -102.38 53.04 62.06
CA PRO F 331 -103.01 53.21 63.37
C PRO F 331 -103.28 54.67 63.67
N LYS F 332 -104.15 54.91 64.66
CA LYS F 332 -104.36 56.24 65.21
C LYS F 332 -103.02 56.78 65.68
N GLN F 333 -102.84 58.08 65.48
CA GLN F 333 -101.60 58.75 65.83
C GLN F 333 -100.98 58.35 67.16
N GLU F 334 -101.83 58.22 68.17
CA GLU F 334 -101.38 57.86 69.52
C GLU F 334 -100.69 56.51 69.45
N ASP F 335 -101.21 55.63 68.58
CA ASP F 335 -100.67 54.28 68.39
C ASP F 335 -99.46 54.16 67.43
N ILE F 336 -99.07 55.25 66.76
CA ILE F 336 -97.85 55.28 65.92
C ILE F 336 -96.60 55.56 66.73
N HIS F 337 -95.68 54.61 66.77
CA HIS F 337 -94.45 54.77 67.58
C HIS F 337 -93.19 54.57 66.73
N ILE F 338 -92.04 54.82 67.34
CA ILE F 338 -90.74 54.61 66.70
C ILE F 338 -90.13 53.30 67.15
N HIS F 339 -89.83 52.42 66.19
CA HIS F 339 -89.00 51.26 66.48
C HIS F 339 -87.63 51.61 65.90
N GLY F 340 -86.60 51.59 66.75
CA GLY F 340 -85.22 51.73 66.30
C GLY F 340 -84.89 53.01 65.56
N SER F 341 -83.79 52.97 64.81
CA SER F 341 -83.43 54.05 63.90
C SER F 341 -82.79 53.51 62.64
N ALA F 342 -82.90 54.28 61.58
CA ALA F 342 -82.46 53.82 60.29
C ALA F 342 -81.70 54.92 59.57
N ILE F 343 -80.64 54.51 58.91
CA ILE F 343 -79.75 55.42 58.22
C ILE F 343 -79.83 55.02 56.77
N GLN F 344 -79.93 56.01 55.89
CA GLN F 344 -79.88 55.74 54.45
C GLN F 344 -78.76 56.49 53.78
N SER F 345 -78.08 55.80 52.87
CA SER F 345 -77.06 56.39 52.03
C SER F 345 -77.23 55.91 50.60
N ARG F 346 -76.99 56.80 49.67
CA ARG F 346 -77.21 56.51 48.26
C ARG F 346 -75.88 56.32 47.56
N ILE F 347 -75.63 55.10 47.10
CA ILE F 347 -74.46 54.82 46.33
C ILE F 347 -74.70 55.41 44.93
N THR F 348 -73.76 56.26 44.48
CA THR F 348 -73.82 56.87 43.17
C THR F 348 -72.50 56.74 42.44
N THR F 349 -72.52 57.04 41.15
CA THR F 349 -71.30 57.06 40.32
C THR F 349 -70.50 58.36 40.43
N GLU F 350 -70.93 59.31 41.25
CA GLU F 350 -70.11 60.50 41.53
C GLU F 350 -68.78 60.04 42.08
N ASP F 351 -67.68 60.45 41.45
CA ASP F 351 -66.32 60.07 41.88
C ASP F 351 -65.71 61.20 42.69
N PRO F 352 -65.39 60.96 43.97
CA PRO F 352 -64.87 62.08 44.74
C PRO F 352 -63.45 62.59 44.36
N LEU F 353 -62.61 61.74 43.76
CA LEU F 353 -61.32 62.18 43.25
C LEU F 353 -61.48 63.13 42.08
N ASN F 354 -62.45 62.85 41.20
CA ASN F 354 -62.78 63.70 40.06
C ASN F 354 -63.82 64.79 40.41
N ASN F 355 -63.75 65.29 41.64
CA ASN F 355 -64.75 66.25 42.12
C ASN F 355 -66.21 65.85 41.79
N PHE F 356 -66.55 64.61 42.09
CA PHE F 356 -67.92 64.11 42.09
C PHE F 356 -68.58 64.25 40.71
N MET F 357 -67.77 64.26 39.66
CA MET F 357 -68.29 64.16 38.31
C MET F 357 -68.84 62.74 38.15
N PRO F 358 -70.14 62.63 37.85
CA PRO F 358 -70.71 61.31 37.67
C PRO F 358 -69.98 60.50 36.62
N ASP F 359 -69.24 59.47 37.04
CA ASP F 359 -68.56 58.59 36.09
C ASP F 359 -69.62 57.91 35.23
N THR F 360 -69.23 57.55 34.01
CA THR F 360 -70.11 56.79 33.15
C THR F 360 -69.51 55.47 32.75
N GLY F 361 -70.31 54.65 32.09
CA GLY F 361 -69.83 53.39 31.58
C GLY F 361 -70.66 52.19 31.94
N ARG F 362 -70.08 51.03 31.66
CA ARG F 362 -70.70 49.75 31.92
C ARG F 362 -70.21 49.21 33.25
N VAL F 363 -71.15 48.64 34.00
CA VAL F 363 -70.89 48.05 35.30
C VAL F 363 -70.61 46.58 35.01
N ASP F 364 -69.33 46.18 35.00
CA ASP F 364 -68.97 44.81 34.65
C ASP F 364 -69.28 43.86 35.84
N THR F 365 -69.17 44.38 37.07
CA THR F 365 -69.46 43.59 38.28
C THR F 365 -70.24 44.38 39.32
N TYR F 366 -71.40 43.88 39.71
CA TYR F 366 -72.21 44.52 40.74
C TYR F 366 -72.64 43.44 41.72
N ARG F 367 -72.06 43.48 42.92
CA ARG F 367 -72.41 42.53 43.95
C ARG F 367 -72.93 43.22 45.18
N SER F 368 -74.22 43.06 45.43
CA SER F 368 -74.88 43.76 46.52
C SER F 368 -74.73 42.97 47.80
N THR F 369 -75.22 43.58 48.86
CA THR F 369 -75.09 43.07 50.20
C THR F 369 -76.50 42.74 50.70
N GLY F 370 -76.59 42.17 51.89
CA GLY F 370 -77.88 41.98 52.54
C GLY F 370 -77.70 41.65 54.01
N GLY F 371 -78.73 41.05 54.61
CA GLY F 371 -78.60 40.54 55.99
C GLY F 371 -79.60 41.21 56.87
N PHE F 372 -79.44 41.03 58.18
CA PHE F 372 -80.40 41.64 59.10
C PHE F 372 -80.26 43.16 59.06
N GLY F 373 -81.40 43.84 59.00
CA GLY F 373 -81.46 45.29 59.10
C GLY F 373 -80.94 46.02 57.89
N VAL F 374 -80.94 45.34 56.75
CA VAL F 374 -80.49 45.92 55.50
C VAL F 374 -81.55 45.86 54.46
N ARG F 375 -81.78 47.01 53.85
CA ARG F 375 -82.74 47.14 52.79
C ARG F 375 -82.00 47.73 51.64
N LEU F 376 -82.34 47.28 50.46
CA LEU F 376 -81.81 47.92 49.26
C LEU F 376 -82.96 48.30 48.37
N ASP F 377 -82.93 49.53 47.87
CA ASP F 377 -83.85 49.97 46.84
C ASP F 377 -82.98 50.19 45.58
N ALA F 378 -83.15 49.30 44.62
CA ALA F 378 -82.32 49.27 43.43
C ALA F 378 -82.77 50.36 42.47
N GLY F 379 -81.79 51.01 41.84
CA GLY F 379 -82.03 52.01 40.83
C GLY F 379 -81.56 51.46 39.50
N ASN F 380 -80.51 52.06 38.94
CA ASN F 380 -79.84 51.53 37.75
C ASN F 380 -78.66 50.67 38.16
N GLY F 381 -78.95 49.56 38.82
CA GLY F 381 -77.94 48.75 39.50
C GLY F 381 -78.10 47.25 39.32
N PHE F 382 -77.74 46.77 38.12
CA PHE F 382 -77.61 45.33 37.86
C PHE F 382 -76.37 45.12 36.99
N GLN F 383 -75.91 43.87 36.87
CA GLN F 383 -74.58 43.61 36.30
C GLN F 383 -74.39 44.20 34.90
N GLY F 384 -75.32 43.90 34.00
CA GLY F 384 -75.20 44.39 32.64
C GLY F 384 -75.20 45.90 32.43
N THR F 385 -75.95 46.63 33.27
CA THR F 385 -76.30 48.02 32.95
C THR F 385 -75.13 48.93 32.60
N VAL F 386 -75.41 49.89 31.72
CA VAL F 386 -74.52 51.00 31.41
C VAL F 386 -75.08 52.27 32.00
N VAL F 387 -74.27 53.06 32.69
CA VAL F 387 -74.76 54.35 33.16
C VAL F 387 -74.56 55.42 32.08
N THR F 388 -75.65 56.11 31.75
CA THR F 388 -75.61 57.24 30.85
C THR F 388 -75.33 58.44 31.73
N PRO F 389 -74.84 59.56 31.16
CA PRO F 389 -74.67 60.78 31.95
C PRO F 389 -75.92 61.67 31.95
N PHE F 390 -76.93 61.31 31.16
CA PHE F 390 -78.08 62.20 30.93
C PHE F 390 -78.92 62.45 32.17
N TYR F 391 -79.19 61.37 32.89
CA TYR F 391 -79.99 61.37 34.12
C TYR F 391 -79.03 61.35 35.31
N ASP F 392 -79.59 61.31 36.51
CA ASP F 392 -78.78 61.34 37.72
C ASP F 392 -77.97 60.05 37.93
N SER F 393 -77.02 60.14 38.86
CA SER F 393 -75.95 59.16 39.00
C SER F 393 -76.28 57.91 39.83
N LEU F 394 -77.47 57.85 40.41
CA LEU F 394 -77.80 56.86 41.47
C LEU F 394 -77.93 55.41 41.01
N LEU F 395 -77.12 54.54 41.62
CA LEU F 395 -77.18 53.09 41.32
C LEU F 395 -78.06 52.34 42.28
N VAL F 396 -77.82 52.52 43.58
CA VAL F 396 -78.63 51.83 44.60
C VAL F 396 -78.70 52.58 45.94
N LYS F 397 -79.89 52.54 46.55
CA LYS F 397 -80.12 53.22 47.80
C LYS F 397 -79.93 52.18 48.92
N LEU F 398 -78.96 52.40 49.79
CA LEU F 398 -78.65 51.44 50.86
C LEU F 398 -79.06 52.00 52.21
N CYS F 399 -80.05 51.37 52.82
CA CYS F 399 -80.50 51.76 54.16
C CYS F 399 -80.26 50.61 55.12
N THR F 400 -79.87 50.94 56.34
CA THR F 400 -79.72 49.94 57.37
C THR F 400 -80.46 50.38 58.63
N TRP F 401 -80.92 49.40 59.41
CA TRP F 401 -81.70 49.69 60.62
C TRP F 401 -81.10 49.04 61.84
N GLY F 402 -81.32 49.65 62.99
CA GLY F 402 -80.92 49.08 64.27
C GLY F 402 -81.82 49.57 65.40
N MET F 403 -81.84 48.82 66.50
CA MET F 403 -82.56 49.25 67.69
C MET F 403 -82.00 50.57 68.20
N THR F 404 -80.69 50.71 68.10
CA THR F 404 -79.99 51.93 68.49
C THR F 404 -79.28 52.42 67.24
N PHE F 405 -79.27 53.73 67.05
CA PHE F 405 -78.53 54.33 65.92
C PHE F 405 -77.08 53.84 65.84
N GLU F 406 -76.48 53.59 67.01
CA GLU F 406 -75.12 53.07 67.07
C GLU F 406 -75.08 51.69 66.43
N GLN F 407 -76.14 50.93 66.60
CA GLN F 407 -76.25 49.60 65.98
C GLN F 407 -76.39 49.71 64.47
N ALA F 408 -77.21 50.67 64.02
CA ALA F 408 -77.45 50.87 62.59
C ALA F 408 -76.20 51.35 61.86
N THR F 409 -75.47 52.28 62.48
CA THR F 409 -74.20 52.75 61.93
C THR F 409 -73.24 51.60 61.68
N ARG F 410 -73.18 50.64 62.60
CA ARG F 410 -72.32 49.47 62.41
C ARG F 410 -72.71 48.71 61.15
N LYS F 411 -74.01 48.51 60.96
CA LYS F 411 -74.49 47.70 59.84
C LYS F 411 -74.27 48.43 58.54
N MET F 412 -74.44 49.76 58.58
CA MET F 412 -74.10 50.58 57.43
C MET F 412 -72.63 50.42 57.08
N ARG F 413 -71.75 50.57 58.07
CA ARG F 413 -70.34 50.41 57.81
C ARG F 413 -70.11 49.11 57.02
N ARG F 414 -70.44 47.97 57.63
CA ARG F 414 -70.20 46.65 57.05
C ARG F 414 -70.70 46.53 55.65
N ASN F 415 -71.93 46.96 55.45
CA ASN F 415 -72.54 46.92 54.11
C ASN F 415 -71.77 47.71 53.05
N LEU F 416 -71.32 48.92 53.39
CA LEU F 416 -70.64 49.77 52.44
C LEU F 416 -69.33 49.14 51.98
N ILE F 417 -68.62 48.54 52.93
CA ILE F 417 -67.42 47.79 52.62
C ILE F 417 -67.72 46.56 51.76
N GLU F 418 -68.79 45.84 52.12
CA GLU F 418 -69.16 44.59 51.46
C GLU F 418 -69.49 44.76 49.98
N PHE F 419 -69.98 45.95 49.61
CA PHE F 419 -70.35 46.21 48.22
C PHE F 419 -69.17 46.05 47.28
N ARG F 420 -69.39 45.32 46.18
CA ARG F 420 -68.41 45.21 45.11
C ARG F 420 -69.02 45.65 43.80
N ILE F 421 -68.64 46.84 43.36
CA ILE F 421 -69.09 47.41 42.10
C ILE F 421 -67.86 47.73 41.28
N ARG F 422 -67.76 47.16 40.08
CA ARG F 422 -66.64 47.49 39.19
C ARG F 422 -67.08 47.82 37.76
N GLY F 423 -66.37 48.78 37.16
CA GLY F 423 -66.70 49.32 35.85
C GLY F 423 -66.86 50.81 35.94
N VAL F 424 -67.23 51.32 37.12
CA VAL F 424 -67.40 52.76 37.30
C VAL F 424 -66.96 53.20 38.69
N LYS F 425 -66.55 54.45 38.80
CA LYS F 425 -66.21 55.00 40.10
C LYS F 425 -67.50 55.23 40.88
N THR F 426 -67.39 55.27 42.21
CA THR F 426 -68.56 55.52 43.05
C THR F 426 -68.20 56.41 44.22
N ASN F 427 -69.20 56.77 44.99
CA ASN F 427 -69.00 57.67 46.11
C ASN F 427 -68.83 56.93 47.40
N ILE F 428 -68.69 55.60 47.30
CA ILE F 428 -68.64 54.77 48.50
C ILE F 428 -67.55 55.25 49.46
N PRO F 429 -66.31 55.39 48.95
CA PRO F 429 -65.21 55.75 49.83
C PRO F 429 -65.46 57.06 50.54
N PHE F 430 -66.24 57.94 49.91
CA PHE F 430 -66.64 59.16 50.57
C PHE F 430 -67.58 58.83 51.71
N LEU F 431 -68.65 58.10 51.40
CA LEU F 431 -69.66 57.76 52.42
C LEU F 431 -69.03 57.01 53.59
N LEU F 432 -68.08 56.12 53.30
CA LEU F 432 -67.39 55.44 54.36
C LEU F 432 -66.73 56.42 55.31
N ASN F 433 -66.03 57.42 54.77
CA ASN F 433 -65.34 58.40 55.61
C ASN F 433 -66.28 59.20 56.50
N VAL F 434 -67.43 59.56 55.95
CA VAL F 434 -68.45 60.26 56.75
C VAL F 434 -69.10 59.35 57.80
N VAL F 435 -69.39 58.12 57.43
CA VAL F 435 -69.95 57.19 58.39
C VAL F 435 -68.93 56.77 59.47
N ARG F 436 -67.65 56.65 59.11
CA ARG F 436 -66.59 56.34 60.08
C ARG F 436 -66.35 57.48 61.05
N HIS F 437 -66.58 58.71 60.58
CA HIS F 437 -66.19 59.86 61.38
C HIS F 437 -66.90 59.85 62.72
N PRO F 438 -66.15 60.06 63.81
CA PRO F 438 -66.74 60.00 65.15
C PRO F 438 -67.83 61.02 65.46
N ASP F 439 -67.67 62.27 65.01
CA ASP F 439 -68.75 63.25 65.04
C ASP F 439 -70.05 62.82 64.39
N PHE F 440 -70.00 61.91 63.41
CA PHE F 440 -71.24 61.36 62.83
C PHE F 440 -71.88 60.36 63.79
N ALA F 441 -71.07 59.45 64.33
CA ALA F 441 -71.55 58.47 65.29
C ALA F 441 -72.14 59.11 66.56
N SER F 442 -71.64 60.29 66.93
CA SER F 442 -72.16 61.03 68.08
C SER F 442 -73.62 61.32 67.89
N GLY F 443 -73.98 61.69 66.66
CA GLY F 443 -75.34 62.08 66.35
C GLY F 443 -75.59 63.58 66.52
N ASN F 444 -74.59 64.30 67.03
CA ASN F 444 -74.64 65.75 67.06
C ASN F 444 -73.81 66.31 65.87
N TYR F 445 -74.51 66.71 64.81
CA TYR F 445 -73.91 67.36 63.64
C TYR F 445 -74.90 68.39 63.13
N ASN F 446 -74.43 69.23 62.23
CA ASN F 446 -75.24 70.29 61.63
C ASN F 446 -74.92 70.40 60.15
N THR F 447 -75.72 71.17 59.43
CA THR F 447 -75.51 71.42 58.01
C THR F 447 -74.06 71.72 57.67
N SER F 448 -73.42 72.47 58.55
CA SER F 448 -72.02 72.82 58.42
C SER F 448 -71.07 71.68 58.82
N PHE F 449 -71.54 70.44 59.02
CA PHE F 449 -70.65 69.35 59.46
C PHE F 449 -69.67 68.91 58.37
N ILE F 450 -70.19 68.78 57.16
CA ILE F 450 -69.32 68.62 56.01
C ILE F 450 -68.79 70.00 55.70
N ASP F 451 -67.74 70.07 54.89
CA ASP F 451 -67.11 71.34 54.53
C ASP F 451 -66.21 71.76 55.69
N THR F 452 -66.78 71.88 56.89
CA THR F 452 -66.00 72.17 58.11
C THR F 452 -64.96 71.10 58.38
N THR F 453 -65.26 69.86 57.98
CA THR F 453 -64.35 68.75 58.16
C THR F 453 -63.78 68.39 56.78
N PRO F 454 -62.51 68.75 56.50
CA PRO F 454 -61.91 68.35 55.24
C PRO F 454 -61.36 66.89 55.19
N GLU F 455 -61.09 66.27 56.33
CA GLU F 455 -60.49 64.91 56.33
C GLU F 455 -61.28 63.98 55.44
N LEU F 456 -62.60 64.08 55.51
CA LEU F 456 -63.51 63.18 54.79
C LEU F 456 -63.18 63.11 53.30
N PHE F 457 -62.59 64.18 52.77
CA PHE F 457 -62.18 64.24 51.37
C PHE F 457 -60.81 63.58 51.10
N LYS F 458 -60.05 63.23 52.15
CA LYS F 458 -58.81 62.43 51.99
C LYS F 458 -59.16 60.94 51.94
N PHE F 459 -58.77 60.24 50.88
CA PHE F 459 -59.12 58.82 50.76
C PHE F 459 -57.94 57.85 50.76
N PRO F 460 -58.09 56.68 51.42
CA PRO F 460 -57.03 55.68 51.39
C PRO F 460 -56.74 55.21 49.97
N HIS F 461 -55.47 55.09 49.61
CA HIS F 461 -55.10 54.55 48.31
C HIS F 461 -55.75 53.16 48.06
N ILE F 462 -56.22 52.92 46.84
CA ILE F 462 -56.86 51.65 46.54
C ILE F 462 -55.78 50.62 46.25
N ARG F 463 -55.83 49.55 47.01
CA ARG F 463 -55.08 48.36 46.70
C ARG F 463 -55.88 47.66 45.61
N ASP F 464 -55.24 47.30 44.52
CA ASP F 464 -55.93 46.57 43.47
C ASP F 464 -54.86 45.55 43.08
N ARG F 465 -54.45 44.81 44.10
CA ARG F 465 -53.36 43.86 44.00
C ARG F 465 -53.65 42.86 42.87
N GLY F 466 -54.91 42.46 42.81
CA GLY F 466 -55.41 41.48 41.86
C GLY F 466 -55.28 41.82 40.40
N THR F 467 -55.63 43.05 40.04
CA THR F 467 -55.58 43.50 38.64
C THR F 467 -54.13 43.57 38.15
N LYS F 468 -53.29 44.19 38.97
CA LYS F 468 -51.87 44.32 38.68
C LYS F 468 -51.16 42.98 38.50
N THR F 469 -51.60 41.99 39.28
CA THR F 469 -51.15 40.61 39.15
C THR F 469 -51.52 40.04 37.76
N LEU F 470 -52.72 40.32 37.30
CA LEU F 470 -53.14 39.88 35.99
C LEU F 470 -52.38 40.63 34.90
N ARG F 471 -52.07 41.90 35.16
CA ARG F 471 -51.26 42.67 34.19
C ARG F 471 -49.93 41.99 33.95
N TYR F 472 -49.22 41.67 35.03
CA TYR F 472 -47.97 40.93 34.92
C TYR F 472 -48.21 39.64 34.15
N ILE F 473 -49.08 38.76 34.66
CA ILE F 473 -49.32 37.44 34.06
C ILE F 473 -49.64 37.54 32.58
N GLY F 474 -50.51 38.47 32.23
CA GLY F 474 -50.89 38.70 30.85
C GLY F 474 -49.73 39.17 29.99
N ASN F 475 -48.98 40.12 30.53
CA ASN F 475 -47.80 40.62 29.85
C ASN F 475 -46.81 39.51 29.46
N VAL F 476 -46.28 38.78 30.44
CA VAL F 476 -45.24 37.77 30.15
C VAL F 476 -45.83 36.67 29.27
N THR F 477 -47.15 36.54 29.26
CA THR F 477 -47.79 35.50 28.48
C THR F 477 -47.72 35.81 27.00
N VAL F 478 -47.71 37.09 26.66
CA VAL F 478 -47.74 37.53 25.25
C VAL F 478 -46.40 38.06 24.77
N ASN F 479 -45.70 38.81 25.60
CA ASN F 479 -44.37 39.34 25.25
C ASN F 479 -43.20 38.48 25.70
N GLY F 480 -43.41 37.65 26.71
CA GLY F 480 -42.35 36.78 27.24
C GLY F 480 -41.59 37.45 28.35
N PHE F 481 -40.84 36.63 29.09
CA PHE F 481 -39.96 37.12 30.13
C PHE F 481 -38.69 37.65 29.49
N PRO F 482 -38.23 38.82 29.94
CA PRO F 482 -37.00 39.37 29.40
C PRO F 482 -35.75 38.52 29.65
N GLY F 483 -34.98 38.32 28.60
CA GLY F 483 -33.67 37.70 28.70
C GLY F 483 -33.66 36.22 28.37
N ILE F 484 -34.83 35.65 28.10
CA ILE F 484 -34.89 34.22 27.80
C ILE F 484 -35.83 33.94 26.64
N LYS F 485 -35.52 32.91 25.86
CA LYS F 485 -36.35 32.60 24.70
C LYS F 485 -37.77 32.39 25.18
N HIS F 486 -38.71 33.09 24.56
CA HIS F 486 -40.12 32.93 24.82
C HIS F 486 -40.48 31.50 24.45
N ARG F 487 -40.90 30.72 25.44
CA ARG F 487 -41.27 29.32 25.22
C ARG F 487 -42.52 29.03 26.00
N ASP F 488 -43.20 27.95 25.64
CA ASP F 488 -44.41 27.55 26.34
C ASP F 488 -44.09 27.17 27.78
N LYS F 489 -45.04 27.43 28.67
CA LYS F 489 -44.92 27.03 30.06
C LYS F 489 -45.06 25.52 30.12
N PRO F 490 -44.04 24.82 30.64
CA PRO F 490 -44.11 23.36 30.64
C PRO F 490 -45.12 22.85 31.64
N VAL F 491 -45.19 21.54 31.81
CA VAL F 491 -45.92 20.95 32.93
C VAL F 491 -44.89 20.43 33.93
N TYR F 492 -44.38 21.34 34.75
CA TYR F 492 -43.41 20.96 35.75
C TYR F 492 -44.05 20.00 36.73
N ALA F 493 -43.27 19.02 37.18
CA ALA F 493 -43.69 18.10 38.24
C ALA F 493 -43.87 18.89 39.54
N GLU F 494 -44.82 18.48 40.37
CA GLU F 494 -45.03 19.16 41.63
C GLU F 494 -43.88 18.82 42.57
N PRO F 495 -43.23 19.84 43.16
CA PRO F 495 -42.06 19.51 43.96
C PRO F 495 -42.44 18.69 45.17
N ARG F 496 -41.61 17.70 45.49
CA ARG F 496 -41.80 16.85 46.64
C ARG F 496 -41.43 17.62 47.88
N LEU F 497 -42.44 17.97 48.66
CA LEU F 497 -42.26 18.65 49.94
C LEU F 497 -42.18 17.64 51.08
N PRO F 498 -41.29 17.88 52.05
CA PRO F 498 -41.27 17.01 53.21
C PRO F 498 -42.51 17.23 54.07
N LYS F 499 -43.12 16.14 54.53
CA LYS F 499 -44.20 16.22 55.53
C LYS F 499 -43.55 16.35 56.91
N ILE F 500 -44.07 17.24 57.73
CA ILE F 500 -43.67 17.36 59.11
C ILE F 500 -44.91 17.08 59.96
N PRO F 501 -44.74 16.33 61.07
CA PRO F 501 -45.91 16.22 61.95
C PRO F 501 -46.21 17.58 62.57
N TYR F 502 -47.49 17.93 62.71
CA TYR F 502 -47.85 19.27 63.18
C TYR F 502 -47.32 19.58 64.58
N GLY F 503 -46.71 20.76 64.73
CA GLY F 503 -46.24 21.25 66.02
C GLY F 503 -44.95 20.61 66.54
N SER F 504 -44.35 19.74 65.74
CA SER F 504 -43.19 18.97 66.18
C SER F 504 -41.96 19.86 66.42
N GLN F 505 -41.02 19.31 67.20
CA GLN F 505 -39.59 19.61 67.14
C GLN F 505 -39.21 21.11 67.09
N ILE F 506 -38.39 21.49 66.11
CA ILE F 506 -37.49 22.65 66.19
C ILE F 506 -36.56 22.51 67.38
N SER F 507 -35.84 21.39 67.36
CA SER F 507 -34.76 21.13 68.31
C SER F 507 -33.81 22.31 68.25
N PRO F 508 -33.25 22.69 69.39
CA PRO F 508 -32.55 23.96 69.37
C PRO F 508 -31.32 23.88 68.50
N GLY F 509 -31.00 25.02 67.91
CA GLY F 509 -29.89 25.12 67.03
C GLY F 509 -28.71 25.82 67.65
N THR F 510 -27.73 26.06 66.81
CA THR F 510 -26.54 26.85 67.09
C THR F 510 -26.87 28.33 67.39
N LYS F 511 -27.98 28.84 66.87
CA LYS F 511 -28.40 30.21 67.18
C LYS F 511 -28.52 30.46 68.68
N GLN F 512 -29.23 29.55 69.36
CA GLN F 512 -29.37 29.61 70.80
C GLN F 512 -28.05 29.94 71.48
N ILE F 513 -26.98 29.28 71.06
CA ILE F 513 -25.66 29.46 71.66
C ILE F 513 -25.13 30.88 71.41
N LEU F 514 -25.46 31.48 70.27
CA LEU F 514 -25.09 32.88 70.05
C LEU F 514 -25.98 33.79 70.91
N ASP F 515 -27.28 33.50 70.90
CA ASP F 515 -28.24 34.23 71.72
C ASP F 515 -27.81 34.23 73.20
N ALA F 516 -27.49 33.04 73.70
CA ALA F 516 -27.13 32.86 75.10
C ALA F 516 -25.77 33.47 75.44
N LYS F 517 -24.74 33.04 74.74
CA LYS F 517 -23.35 33.26 75.18
C LYS F 517 -22.49 34.06 74.21
N GLY F 518 -23.13 34.80 73.31
CA GLY F 518 -22.42 35.68 72.38
C GLY F 518 -21.48 34.95 71.44
N PRO F 519 -20.68 35.71 70.67
CA PRO F 519 -19.74 35.13 69.72
C PRO F 519 -18.71 34.20 70.35
N GLU F 520 -18.03 34.67 71.40
CA GLU F 520 -16.99 33.88 72.09
C GLU F 520 -17.49 32.52 72.54
N GLY F 521 -18.68 32.50 73.13
CA GLY F 521 -19.29 31.27 73.66
C GLY F 521 -19.56 30.23 72.59
N VAL F 522 -19.81 30.71 71.37
CA VAL F 522 -19.98 29.86 70.19
C VAL F 522 -18.62 29.28 69.75
N VAL F 523 -17.68 30.16 69.43
CA VAL F 523 -16.30 29.78 69.14
C VAL F 523 -15.75 28.72 70.11
N ASP F 524 -16.13 28.82 71.39
CA ASP F 524 -15.78 27.80 72.36
C ASP F 524 -16.41 26.47 71.98
N TRP F 525 -17.74 26.45 71.87
CA TRP F 525 -18.49 25.23 71.50
C TRP F 525 -17.98 24.60 70.20
N VAL F 526 -17.58 25.47 69.27
CA VAL F 526 -16.94 25.05 68.02
C VAL F 526 -15.70 24.25 68.35
N LYS F 527 -14.72 24.90 69.00
CA LYS F 527 -13.45 24.27 69.37
C LYS F 527 -13.63 22.92 70.07
N LYS F 528 -14.65 22.85 70.93
CA LYS F 528 -15.00 21.63 71.68
C LYS F 528 -15.47 20.45 70.85
N GLN F 529 -16.05 20.73 69.69
CA GLN F 529 -16.59 19.67 68.84
C GLN F 529 -15.48 18.91 68.12
N GLU F 530 -15.44 17.60 68.36
CA GLU F 530 -14.44 16.74 67.72
C GLU F 530 -14.75 16.58 66.23
N GLU F 531 -16.04 16.46 65.90
CA GLU F 531 -16.49 16.32 64.52
C GLU F 531 -16.17 17.51 63.62
N VAL F 532 -16.40 17.30 62.33
CA VAL F 532 -16.38 18.36 61.36
C VAL F 532 -17.77 18.99 61.23
N LEU F 533 -17.79 20.33 61.23
CA LEU F 533 -19.02 21.12 61.21
C LEU F 533 -19.29 21.59 59.77
N LEU F 534 -20.56 21.56 59.38
CA LEU F 534 -20.98 21.92 58.01
C LEU F 534 -21.81 23.20 57.95
N THR F 535 -21.57 23.99 56.90
CA THR F 535 -22.33 25.15 56.59
C THR F 535 -23.07 24.87 55.27
N ASP F 536 -24.39 25.04 55.24
CA ASP F 536 -25.16 24.80 54.01
C ASP F 536 -25.27 26.08 53.14
N THR F 537 -24.66 26.03 51.96
CA THR F 537 -24.72 27.10 50.98
C THR F 537 -25.78 26.87 49.89
N THR F 538 -26.71 25.95 50.12
CA THR F 538 -27.76 25.68 49.17
C THR F 538 -28.55 26.93 48.81
N LEU F 539 -28.69 27.88 49.74
CA LEU F 539 -29.46 29.12 49.46
C LEU F 539 -28.63 30.29 48.91
N ARG F 540 -27.37 30.02 48.56
CA ARG F 540 -26.47 31.01 48.01
C ARG F 540 -25.22 30.34 47.45
N ASP F 541 -24.54 31.00 46.52
CA ASP F 541 -23.32 30.42 45.87
C ASP F 541 -23.74 29.22 45.05
N ALA F 542 -24.28 28.21 45.71
CA ALA F 542 -24.77 27.05 45.01
C ALA F 542 -25.60 27.47 43.83
N HIS F 543 -26.60 28.30 44.08
CA HIS F 543 -27.48 28.75 43.01
C HIS F 543 -26.89 29.99 42.37
N GLN F 544 -26.03 30.71 43.08
CA GLN F 544 -25.33 31.83 42.48
C GLN F 544 -24.39 31.32 41.39
N SER F 545 -23.72 30.21 41.66
CA SER F 545 -22.80 29.62 40.69
C SER F 545 -23.58 28.96 39.55
N LEU F 546 -24.51 28.07 39.90
CA LEU F 546 -25.19 27.26 38.89
C LEU F 546 -26.23 28.03 38.08
N LEU F 547 -27.07 28.82 38.76
CA LEU F 547 -28.29 29.40 38.18
C LEU F 547 -28.35 30.93 38.15
N ALA F 548 -27.20 31.58 38.13
CA ALA F 548 -27.13 33.05 38.02
C ALA F 548 -27.89 33.73 39.13
N THR F 549 -27.85 33.13 40.31
CA THR F 549 -28.42 33.74 41.51
C THR F 549 -29.90 34.00 41.35
N ARG F 550 -30.53 33.26 40.43
CA ARG F 550 -31.93 33.53 40.06
C ARG F 550 -32.98 32.83 40.91
N VAL F 551 -32.56 32.00 41.86
CA VAL F 551 -33.52 31.32 42.72
C VAL F 551 -34.29 32.35 43.52
N ARG F 552 -35.60 32.19 43.51
CA ARG F 552 -36.51 33.19 44.04
C ARG F 552 -36.92 32.86 45.48
N SER F 553 -37.25 33.90 46.23
CA SER F 553 -37.63 33.76 47.62
C SER F 553 -38.78 32.79 47.80
N LYS F 554 -39.81 32.94 46.97
CA LYS F 554 -40.94 32.02 47.01
C LYS F 554 -40.52 30.55 47.16
N ASP F 555 -39.59 30.10 46.34
CA ASP F 555 -39.13 28.71 46.37
C ASP F 555 -38.27 28.41 47.60
N ILE F 556 -37.51 29.39 48.06
CA ILE F 556 -36.69 29.21 49.23
C ILE F 556 -37.54 29.04 50.50
N PHE F 557 -38.46 29.98 50.73
CA PHE F 557 -39.32 29.94 51.91
C PHE F 557 -40.00 28.58 52.07
N GLN F 558 -40.49 28.02 50.97
CA GLN F 558 -41.22 26.76 51.01
C GLN F 558 -40.50 25.64 51.77
N ILE F 559 -39.18 25.57 51.66
CA ILE F 559 -38.40 24.50 52.28
C ILE F 559 -37.84 24.89 53.64
N ALA F 560 -37.71 26.18 53.91
CA ALA F 560 -37.03 26.66 55.12
C ALA F 560 -37.48 25.96 56.41
N ASP F 561 -38.78 25.66 56.51
CA ASP F 561 -39.33 24.98 57.68
C ASP F 561 -38.60 23.66 57.90
N ALA F 562 -38.60 22.84 56.86
CA ALA F 562 -37.92 21.56 56.93
C ALA F 562 -36.43 21.70 57.25
N MET F 563 -35.82 22.78 56.79
CA MET F 563 -34.40 22.97 57.02
C MET F 563 -34.11 23.12 58.52
N ALA F 564 -35.01 23.81 59.22
CA ALA F 564 -34.93 23.96 60.67
C ALA F 564 -35.15 22.63 61.39
N HIS F 565 -36.14 21.87 60.95
CA HIS F 565 -36.41 20.56 61.52
C HIS F 565 -35.31 19.52 61.23
N LEU F 566 -34.83 19.50 59.99
CA LEU F 566 -34.06 18.35 59.46
C LEU F 566 -32.56 18.57 59.30
N LEU F 567 -32.11 19.81 59.46
CA LEU F 567 -30.70 20.12 59.39
C LEU F 567 -30.26 20.99 60.56
N PRO F 568 -30.84 20.76 61.75
CA PRO F 568 -30.55 21.61 62.90
C PRO F 568 -29.08 21.63 63.32
N ASN F 569 -28.41 20.49 63.16
CA ASN F 569 -27.02 20.35 63.56
C ASN F 569 -26.01 21.01 62.62
N MET F 570 -26.49 21.72 61.60
CA MET F 570 -25.61 22.54 60.75
C MET F 570 -25.02 23.65 61.60
N PHE F 571 -23.75 23.97 61.36
CA PHE F 571 -23.10 25.11 62.00
C PHE F 571 -23.77 26.41 61.62
N SER F 572 -24.13 26.53 60.34
CA SER F 572 -24.71 27.76 59.83
C SER F 572 -25.42 27.48 58.49
N PHE F 573 -26.35 28.37 58.12
CA PHE F 573 -26.90 28.41 56.76
C PHE F 573 -26.41 29.68 56.10
N GLU F 574 -25.69 29.56 54.98
CA GLU F 574 -25.36 30.72 54.18
C GLU F 574 -26.56 30.99 53.32
N MET F 575 -27.23 32.12 53.58
CA MET F 575 -28.48 32.45 52.89
C MET F 575 -28.56 33.88 52.34
N TRP F 576 -27.55 34.69 52.60
CA TRP F 576 -27.59 36.09 52.17
C TRP F 576 -26.24 36.49 51.58
N GLY F 577 -26.21 37.65 50.94
CA GLY F 577 -24.95 38.28 50.57
C GLY F 577 -24.47 37.88 49.19
N GLY F 578 -23.24 38.30 48.89
CA GLY F 578 -22.71 38.17 47.54
C GLY F 578 -23.62 38.88 46.54
N ALA F 579 -24.02 38.19 45.49
CA ALA F 579 -24.79 38.81 44.43
C ALA F 579 -26.29 38.81 44.69
N THR F 580 -26.76 37.98 45.63
CA THR F 580 -28.21 37.86 45.86
C THR F 580 -28.90 39.19 46.07
N PHE F 581 -28.21 40.11 46.74
CA PHE F 581 -28.79 41.39 47.10
C PHE F 581 -29.23 42.16 45.87
N ASP F 582 -28.28 42.45 44.98
CA ASP F 582 -28.57 43.27 43.81
C ASP F 582 -29.46 42.55 42.79
N VAL F 583 -29.34 41.22 42.72
CA VAL F 583 -30.12 40.43 41.76
C VAL F 583 -31.59 40.35 42.15
N ALA F 584 -31.87 40.30 43.44
CA ALA F 584 -33.24 40.26 43.90
C ALA F 584 -33.99 41.49 43.40
N TYR F 585 -33.42 42.67 43.67
CA TYR F 585 -34.01 43.91 43.18
C TYR F 585 -33.94 43.97 41.65
N ARG F 586 -32.80 43.59 41.06
CA ARG F 586 -32.56 43.82 39.62
C ARG F 586 -33.36 42.91 38.70
N PHE F 587 -33.35 41.62 39.00
CA PHE F 587 -33.91 40.62 38.08
C PHE F 587 -35.16 39.90 38.59
N LEU F 588 -35.38 39.93 39.90
CA LEU F 588 -36.47 39.19 40.53
C LEU F 588 -37.64 40.07 41.01
N ASN F 589 -37.34 41.34 41.24
CA ASN F 589 -38.29 42.31 41.81
C ASN F 589 -38.78 41.86 43.17
N GLU F 590 -37.83 41.36 43.94
CA GLU F 590 -38.08 40.91 45.30
C GLU F 590 -37.21 41.76 46.22
N ASP F 591 -37.66 41.90 47.47
CA ASP F 591 -36.90 42.60 48.47
C ASP F 591 -36.00 41.59 49.19
N PRO F 592 -34.68 41.76 49.06
CA PRO F 592 -33.80 40.91 49.82
C PRO F 592 -34.05 40.98 51.33
N TRP F 593 -34.35 42.17 51.84
CA TRP F 593 -34.54 42.34 53.27
C TRP F 593 -35.67 41.46 53.77
N VAL F 594 -36.69 41.29 52.96
CA VAL F 594 -37.79 40.40 53.30
C VAL F 594 -37.29 38.97 53.42
N ARG F 595 -36.64 38.51 52.34
CA ARG F 595 -36.08 37.16 52.30
C ARG F 595 -35.41 36.83 53.62
N LEU F 596 -34.50 37.72 54.03
CA LEU F 596 -33.78 37.60 55.28
C LEU F 596 -34.70 37.38 56.48
N GLU F 597 -35.62 38.31 56.66
CA GLU F 597 -36.43 38.36 57.86
C GLU F 597 -37.46 37.22 57.92
N THR F 598 -38.03 36.90 56.77
CA THR F 598 -39.01 35.82 56.68
C THR F 598 -38.37 34.51 57.08
N LEU F 599 -37.16 34.30 56.59
CA LEU F 599 -36.41 33.10 56.92
C LEU F 599 -36.12 33.08 58.40
N ARG F 600 -35.62 34.21 58.87
CA ARG F 600 -35.20 34.33 60.25
C ARG F 600 -36.23 33.74 61.21
N LYS F 601 -37.51 34.00 60.93
CA LYS F 601 -38.64 33.45 61.70
C LYS F 601 -38.83 31.97 61.47
N GLN F 602 -38.77 31.55 60.21
CA GLN F 602 -38.93 30.13 59.84
C GLN F 602 -37.85 29.21 60.41
N ILE F 603 -36.64 29.77 60.58
CA ILE F 603 -35.52 29.03 61.08
C ILE F 603 -34.89 29.82 62.22
N PRO F 604 -35.36 29.53 63.45
CA PRO F 604 -34.86 30.24 64.61
C PRO F 604 -33.60 29.60 65.15
N ASN F 605 -33.50 28.29 64.91
CA ASN F 605 -32.53 27.44 65.60
C ASN F 605 -31.13 27.59 65.05
N VAL F 606 -30.98 27.64 63.72
CA VAL F 606 -29.65 27.65 63.13
C VAL F 606 -29.21 29.06 62.78
N MET F 607 -27.90 29.30 62.90
CA MET F 607 -27.37 30.63 62.67
C MET F 607 -27.37 30.94 61.19
N PHE F 608 -27.42 32.24 60.86
CA PHE F 608 -27.43 32.74 59.48
C PHE F 608 -26.09 33.35 59.17
N GLN F 609 -25.60 33.10 57.97
CA GLN F 609 -24.30 33.57 57.53
C GLN F 609 -24.42 34.25 56.19
N MET F 610 -23.63 35.29 55.98
CA MET F 610 -23.61 35.97 54.68
C MET F 610 -22.19 36.23 54.27
N LEU F 611 -22.02 36.75 53.06
CA LEU F 611 -20.72 37.05 52.50
C LEU F 611 -20.64 38.53 52.10
N LEU F 612 -19.63 39.21 52.63
CA LEU F 612 -19.53 40.65 52.53
C LEU F 612 -18.17 41.06 51.95
N ARG F 613 -18.18 41.72 50.80
CA ARG F 613 -16.96 42.32 50.27
C ARG F 613 -16.69 43.55 51.15
N GLY F 614 -15.76 43.39 52.10
CA GLY F 614 -15.50 44.41 53.11
C GLY F 614 -15.57 45.83 52.60
N ALA F 615 -14.71 46.15 51.66
CA ALA F 615 -14.61 47.50 51.11
C ALA F 615 -15.98 48.09 50.80
N ASN F 616 -16.70 47.50 49.85
CA ASN F 616 -17.96 48.08 49.34
C ASN F 616 -19.20 47.24 49.69
N ALA F 617 -19.12 46.49 50.78
CA ALA F 617 -20.23 45.64 51.24
C ALA F 617 -20.77 44.72 50.13
N VAL F 618 -22.02 44.92 49.71
CA VAL F 618 -22.56 44.19 48.57
C VAL F 618 -22.73 45.11 47.38
N GLY F 619 -22.16 46.31 47.46
CA GLY F 619 -22.29 47.30 46.40
C GLY F 619 -21.41 47.06 45.18
N TYR F 620 -21.73 47.80 44.11
CA TYR F 620 -20.95 47.78 42.85
C TYR F 620 -19.76 48.76 42.83
N LYS F 621 -19.91 49.85 43.58
CA LYS F 621 -18.96 50.97 43.58
C LYS F 621 -18.49 51.10 45.03
N ASN F 622 -17.50 51.96 45.28
CA ASN F 622 -17.08 52.24 46.66
C ASN F 622 -17.98 53.27 47.30
N TYR F 623 -18.09 53.18 48.62
CA TYR F 623 -18.98 54.03 49.40
C TYR F 623 -18.26 54.60 50.63
N PRO F 624 -18.80 55.68 51.22
CA PRO F 624 -18.25 56.18 52.47
C PRO F 624 -18.52 55.24 53.65
N ASP F 625 -17.75 55.40 54.73
CA ASP F 625 -17.72 54.40 55.82
C ASP F 625 -19.01 54.28 56.62
N ASN F 626 -19.78 55.37 56.69
CA ASN F 626 -21.02 55.36 57.46
C ASN F 626 -22.10 54.42 56.89
N VAL F 627 -22.25 54.39 55.56
CA VAL F 627 -23.21 53.48 54.90
C VAL F 627 -22.87 52.01 55.19
N ILE F 628 -21.58 51.70 55.20
CA ILE F 628 -21.11 50.33 55.43
C ILE F 628 -21.51 49.94 56.85
N ARG F 629 -21.07 50.73 57.83
CA ARG F 629 -21.45 50.51 59.23
C ARG F 629 -22.96 50.43 59.39
N GLU F 630 -23.67 51.31 58.70
CA GLU F 630 -25.13 51.31 58.73
C GLU F 630 -25.63 49.97 58.22
N PHE F 631 -25.20 49.61 57.01
CA PHE F 631 -25.63 48.36 56.39
C PHE F 631 -25.49 47.18 57.35
N VAL F 632 -24.28 47.00 57.88
CA VAL F 632 -23.99 45.87 58.75
C VAL F 632 -24.88 45.90 59.99
N LYS F 633 -25.11 47.10 60.52
CA LYS F 633 -25.95 47.25 61.69
C LYS F 633 -27.34 46.66 61.39
N GLN F 634 -27.93 47.13 60.29
CA GLN F 634 -29.25 46.67 59.87
C GLN F 634 -29.27 45.16 59.72
N SER F 635 -28.30 44.65 58.97
CA SER F 635 -28.20 43.22 58.68
C SER F 635 -28.20 42.35 59.94
N ALA F 636 -27.37 42.76 60.91
CA ALA F 636 -27.29 42.08 62.20
C ALA F 636 -28.64 42.11 62.91
N GLN F 637 -29.30 43.27 62.88
CA GLN F 637 -30.63 43.45 63.45
C GLN F 637 -31.64 42.50 62.81
N SER F 638 -31.59 42.42 61.48
CA SER F 638 -32.56 41.68 60.70
C SER F 638 -32.41 40.16 60.87
N GLY F 639 -31.19 39.70 61.15
CA GLY F 639 -30.97 38.27 61.40
C GLY F 639 -29.62 37.64 61.08
N VAL F 640 -28.69 38.41 60.50
CA VAL F 640 -27.38 37.88 60.08
C VAL F 640 -26.42 37.72 61.27
N ASP F 641 -25.89 36.52 61.43
CA ASP F 641 -25.12 36.15 62.61
C ASP F 641 -23.63 35.99 62.39
N VAL F 642 -23.26 35.52 61.21
CA VAL F 642 -21.87 35.27 60.88
C VAL F 642 -21.60 36.00 59.59
N PHE F 643 -20.49 36.73 59.54
CA PHE F 643 -20.17 37.54 58.39
C PHE F 643 -18.82 37.12 57.86
N ARG F 644 -18.82 36.32 56.80
CA ARG F 644 -17.61 36.04 56.05
C ARG F 644 -17.28 37.32 55.30
N VAL F 645 -16.10 37.89 55.55
CA VAL F 645 -15.71 39.14 54.87
C VAL F 645 -14.33 38.98 54.24
N PHE F 646 -14.21 39.48 53.03
CA PHE F 646 -12.98 39.35 52.26
C PHE F 646 -12.79 40.64 51.46
N ASP F 647 -11.54 40.96 51.12
CA ASP F 647 -11.26 41.96 50.10
C ASP F 647 -10.73 41.22 48.88
N SER F 648 -11.05 41.74 47.70
CA SER F 648 -10.71 41.08 46.44
C SER F 648 -9.21 40.96 46.20
N LEU F 649 -8.42 41.80 46.85
CA LEU F 649 -6.98 41.77 46.67
C LEU F 649 -6.25 41.15 47.85
N ASN F 650 -7.02 40.73 48.84
CA ASN F 650 -6.46 40.23 50.10
C ASN F 650 -5.65 41.30 50.85
N TRP F 651 -6.17 42.52 50.79
CA TRP F 651 -5.59 43.67 51.45
C TRP F 651 -6.43 43.95 52.66
N ILE F 652 -5.84 43.78 53.84
CA ILE F 652 -6.59 43.82 55.09
C ILE F 652 -7.07 45.25 55.40
N LYS F 653 -6.47 46.25 54.77
CA LYS F 653 -6.87 47.64 54.97
C LYS F 653 -8.31 47.91 54.52
N GLY F 654 -8.70 47.39 53.35
CA GLY F 654 -10.06 47.57 52.82
C GLY F 654 -11.13 46.94 53.68
N MET F 655 -10.77 45.85 54.35
CA MET F 655 -11.70 45.11 55.20
C MET F 655 -11.99 45.81 56.55
N GLU F 656 -11.07 46.66 57.00
CA GLU F 656 -11.12 47.21 58.38
C GLU F 656 -12.48 47.77 58.78
N VAL F 657 -13.03 48.63 57.94
CA VAL F 657 -14.29 49.33 58.23
C VAL F 657 -15.39 48.38 58.69
N SER F 658 -15.59 47.35 57.89
CA SER F 658 -16.75 46.45 58.02
C SER F 658 -16.60 45.47 59.18
N ILE F 659 -15.36 45.02 59.42
CA ILE F 659 -15.09 44.04 60.47
C ILE F 659 -15.45 44.60 61.84
N ASP F 660 -15.07 45.86 62.06
CA ASP F 660 -15.34 46.56 63.32
C ASP F 660 -16.83 46.66 63.56
N ALA F 661 -17.58 46.93 62.49
CA ALA F 661 -19.05 47.01 62.55
C ALA F 661 -19.67 45.73 63.09
N VAL F 662 -19.07 44.60 62.75
CA VAL F 662 -19.59 43.29 63.16
C VAL F 662 -19.27 43.03 64.64
N ARG F 663 -18.07 43.43 65.06
CA ARG F 663 -17.70 43.38 66.46
C ARG F 663 -18.63 44.33 67.22
N GLU F 664 -18.85 45.52 66.67
CA GLU F 664 -19.77 46.54 67.23
C GLU F 664 -21.24 46.11 67.14
N ALA F 665 -21.56 45.27 66.16
CA ALA F 665 -22.85 44.58 66.12
C ALA F 665 -22.94 43.47 67.18
N GLY F 666 -21.78 43.02 67.67
CA GLY F 666 -21.70 41.98 68.70
C GLY F 666 -21.91 40.60 68.11
N LYS F 667 -21.56 40.48 66.83
CA LYS F 667 -21.84 39.29 66.04
C LYS F 667 -20.51 38.74 65.50
N ILE F 668 -20.56 37.53 64.91
CA ILE F 668 -19.35 36.76 64.57
C ILE F 668 -18.66 37.28 63.33
N VAL F 669 -17.35 37.43 63.43
CA VAL F 669 -16.54 37.82 62.28
C VAL F 669 -15.78 36.61 61.79
N GLU F 670 -15.93 36.32 60.50
CA GLU F 670 -15.11 35.32 59.81
C GLU F 670 -14.33 36.04 58.72
N ALA F 671 -13.25 36.70 59.14
CA ALA F 671 -12.29 37.26 58.20
C ALA F 671 -11.74 36.11 57.41
N ALA F 672 -11.77 36.24 56.09
CA ALA F 672 -11.41 35.14 55.23
C ALA F 672 -10.36 35.50 54.20
N ILE F 673 -9.44 34.55 54.00
CA ILE F 673 -8.36 34.72 53.07
C ILE F 673 -8.69 34.00 51.76
N CYS F 674 -8.72 34.80 50.70
CA CYS F 674 -8.99 34.31 49.37
C CYS F 674 -7.73 33.62 48.87
N TYR F 675 -7.87 32.38 48.40
CA TYR F 675 -6.73 31.55 47.97
C TYR F 675 -6.45 31.67 46.46
N THR F 676 -5.17 31.84 46.10
CA THR F 676 -4.77 31.92 44.69
C THR F 676 -3.51 31.08 44.54
N GLY F 677 -2.94 31.04 43.33
CA GLY F 677 -1.70 30.28 43.02
C GLY F 677 -1.59 28.85 43.54
N ASP F 678 -0.36 28.37 43.76
CA ASP F 678 -0.10 27.03 44.28
C ASP F 678 1.02 27.02 45.34
N ILE F 679 0.66 26.65 46.56
CA ILE F 679 1.66 26.53 47.61
C ILE F 679 2.63 25.36 47.37
N ASP F 680 2.11 24.23 46.90
CA ASP F 680 2.92 23.02 46.73
C ASP F 680 3.90 23.13 45.57
N ASP F 681 3.56 23.93 44.56
CA ASP F 681 4.51 24.22 43.48
C ASP F 681 5.35 25.41 43.91
N ASP F 682 6.67 25.21 43.93
CA ASP F 682 7.63 26.19 44.46
C ASP F 682 8.18 27.16 43.41
N THR F 683 7.86 26.91 42.14
CA THR F 683 8.19 27.83 41.06
C THR F 683 7.84 29.26 41.41
N ARG F 684 6.64 29.44 41.97
CA ARG F 684 6.08 30.75 42.21
C ARG F 684 6.44 31.22 43.61
N THR F 685 7.07 32.39 43.66
CA THR F 685 7.59 32.95 44.90
C THR F 685 6.50 33.64 45.73
N LYS F 686 5.57 34.32 45.05
CA LYS F 686 4.65 35.31 45.64
C LYS F 686 3.64 34.86 46.71
N TYR F 687 2.90 33.77 46.47
CA TYR F 687 1.87 33.29 47.43
C TYR F 687 2.31 32.01 48.09
N THR F 688 3.30 32.16 48.96
CA THR F 688 3.93 31.06 49.65
C THR F 688 3.08 30.63 50.82
N ILE F 689 3.20 29.36 51.21
CA ILE F 689 2.57 28.89 52.44
C ILE F 689 2.86 29.82 53.63
N ASP F 690 4.05 30.41 53.65
CA ASP F 690 4.42 31.43 54.64
C ASP F 690 3.45 32.60 54.58
N TYR F 691 3.29 33.14 53.39
CA TYR F 691 2.44 34.32 53.15
C TYR F 691 1.01 34.19 53.71
N TYR F 692 0.40 33.03 53.54
CA TYR F 692 -0.91 32.74 54.13
C TYR F 692 -0.81 32.60 55.64
N LYS F 693 0.28 31.99 56.12
CA LYS F 693 0.52 31.86 57.56
C LYS F 693 0.65 33.24 58.20
N ASP F 694 1.44 34.12 57.54
CA ASP F 694 1.66 35.50 57.99
C ASP F 694 0.35 36.30 58.01
N MET F 695 -0.34 36.30 56.86
CA MET F 695 -1.61 37.02 56.68
C MET F 695 -2.67 36.62 57.72
N ALA F 696 -2.69 35.34 58.08
CA ALA F 696 -3.63 34.82 59.08
C ALA F 696 -3.34 35.36 60.49
N LYS F 697 -2.05 35.52 60.81
CA LYS F 697 -1.68 36.16 62.07
C LYS F 697 -2.30 37.54 62.15
N GLU F 698 -2.10 38.37 61.12
CA GLU F 698 -2.51 39.77 61.16
C GLU F 698 -4.04 39.95 61.22
N LEU F 699 -4.77 38.95 60.73
CA LEU F 699 -6.24 38.93 60.79
C LEU F 699 -6.75 38.47 62.15
N VAL F 700 -5.97 37.63 62.85
CA VAL F 700 -6.25 37.31 64.25
C VAL F 700 -5.94 38.55 65.11
N ALA F 701 -4.87 39.26 64.76
CA ALA F 701 -4.50 40.54 65.37
C ALA F 701 -5.58 41.61 65.16
N GLN F 702 -6.04 41.76 63.92
CA GLN F 702 -7.18 42.65 63.63
C GLN F 702 -8.46 42.17 64.29
N GLY F 703 -8.45 40.92 64.73
CA GLY F 703 -9.55 40.35 65.49
C GLY F 703 -10.54 39.70 64.56
N THR F 704 -10.70 38.39 64.71
CA THR F 704 -11.72 37.64 63.99
C THR F 704 -12.08 36.39 64.76
N HIS F 705 -13.35 36.25 65.10
CA HIS F 705 -13.80 35.09 65.86
C HIS F 705 -13.42 33.76 65.20
N ILE F 706 -13.40 33.76 63.86
CA ILE F 706 -13.10 32.58 63.04
C ILE F 706 -12.29 32.99 61.81
N LEU F 707 -11.44 32.09 61.33
CA LEU F 707 -10.72 32.34 60.10
C LEU F 707 -11.19 31.38 59.03
N GLY F 708 -11.81 31.93 57.99
CA GLY F 708 -12.25 31.14 56.84
C GLY F 708 -11.32 31.29 55.66
N ILE F 709 -11.23 30.24 54.84
CA ILE F 709 -10.46 30.31 53.59
C ILE F 709 -11.42 30.17 52.40
N LYS F 710 -11.54 31.24 51.62
CA LYS F 710 -12.45 31.29 50.47
C LYS F 710 -11.63 30.92 49.23
N ASP F 711 -11.74 29.67 48.81
CA ASP F 711 -11.16 29.20 47.55
C ASP F 711 -12.17 29.38 46.43
N MET F 712 -12.22 30.58 45.85
CA MET F 712 -13.29 30.94 44.94
C MET F 712 -13.26 30.23 43.59
N ALA F 713 -12.12 29.66 43.23
CA ALA F 713 -11.99 29.06 41.89
C ALA F 713 -12.03 27.55 41.89
N GLY F 714 -11.63 26.93 43.01
CA GLY F 714 -11.50 25.46 43.10
C GLY F 714 -10.06 25.03 42.93
N LEU F 715 -9.16 25.96 43.24
CA LEU F 715 -7.72 25.77 43.06
C LEU F 715 -7.01 24.96 44.16
N LEU F 716 -7.61 24.89 45.35
CA LEU F 716 -6.97 24.18 46.45
C LEU F 716 -7.00 22.67 46.19
N LYS F 717 -5.88 22.18 45.63
CA LYS F 717 -5.72 20.76 45.35
C LYS F 717 -5.78 20.05 46.69
N PRO F 718 -6.25 18.80 46.71
CA PRO F 718 -6.40 18.11 48.00
C PRO F 718 -5.10 17.94 48.81
N GLN F 719 -4.00 17.64 48.15
CA GLN F 719 -2.73 17.55 48.85
C GLN F 719 -2.32 18.87 49.52
N ALA F 720 -2.50 19.98 48.82
CA ALA F 720 -2.25 21.31 49.38
C ALA F 720 -3.14 21.65 50.58
N ALA F 721 -4.36 21.14 50.57
CA ALA F 721 -5.30 21.34 51.67
C ALA F 721 -4.88 20.63 52.96
N TYR F 722 -4.40 19.40 52.84
CA TYR F 722 -3.88 18.70 54.01
C TYR F 722 -2.79 19.54 54.66
N ARG F 723 -1.87 20.05 53.84
CA ARG F 723 -0.75 20.86 54.34
C ARG F 723 -1.23 22.17 54.95
N LEU F 724 -2.13 22.86 54.27
CA LEU F 724 -2.56 24.18 54.74
C LEU F 724 -3.35 24.22 56.04
N ILE F 725 -4.24 23.26 56.25
CA ILE F 725 -4.99 23.20 57.49
C ILE F 725 -4.08 22.86 58.67
N GLY F 726 -3.29 21.80 58.50
CA GLY F 726 -2.31 21.39 59.52
C GLY F 726 -1.33 22.49 59.87
N GLU F 727 -0.89 23.25 58.86
CA GLU F 727 0.09 24.31 59.06
C GLU F 727 -0.52 25.57 59.66
N LEU F 728 -1.80 25.81 59.41
CA LEU F 728 -2.50 26.96 59.98
C LEU F 728 -3.09 26.68 61.37
N LYS F 729 -3.49 25.43 61.63
CA LYS F 729 -3.89 25.06 62.98
C LYS F 729 -2.68 25.18 63.97
N ASP F 730 -1.47 24.93 63.47
CA ASP F 730 -0.23 25.22 64.19
C ASP F 730 -0.01 26.73 64.36
N THR F 731 -0.12 27.48 63.28
CA THR F 731 0.18 28.91 63.28
C THR F 731 -0.75 29.75 64.18
N VAL F 732 -2.03 29.41 64.24
CA VAL F 732 -3.00 30.22 65.01
C VAL F 732 -4.07 29.37 65.73
N ASP F 733 -4.61 29.89 66.84
CA ASP F 733 -5.49 29.12 67.73
C ASP F 733 -6.94 29.09 67.26
N VAL F 734 -7.35 30.04 66.42
CA VAL F 734 -8.74 30.16 65.92
C VAL F 734 -9.27 28.88 65.25
N PRO F 735 -10.60 28.68 65.25
CA PRO F 735 -11.17 27.63 64.40
C PRO F 735 -11.11 28.00 62.92
N ILE F 736 -11.12 26.99 62.05
CA ILE F 736 -11.01 27.24 60.61
C ILE F 736 -12.20 26.69 59.80
N HIS F 737 -12.56 27.46 58.77
CA HIS F 737 -13.79 27.30 57.98
C HIS F 737 -13.40 27.42 56.49
N LEU F 738 -13.69 26.37 55.70
CA LEU F 738 -13.21 26.30 54.30
C LEU F 738 -14.34 26.27 53.26
N HIS F 739 -14.18 27.14 52.25
CA HIS F 739 -15.13 27.30 51.14
C HIS F 739 -14.39 26.94 49.88
N THR F 740 -14.86 25.95 49.15
CA THR F 740 -14.25 25.61 47.86
C THR F 740 -15.34 25.32 46.84
N HIS F 741 -14.94 25.41 45.57
CA HIS F 741 -15.82 25.10 44.45
C HIS F 741 -15.33 23.83 43.74
N ASP F 742 -16.28 22.95 43.41
CA ASP F 742 -16.00 21.61 42.85
C ASP F 742 -15.73 21.61 41.33
N THR F 743 -15.35 22.76 40.76
CA THR F 743 -15.11 22.84 39.32
C THR F 743 -14.16 21.71 38.88
N SER F 744 -13.09 21.52 39.65
CA SER F 744 -12.00 20.58 39.34
C SER F 744 -12.39 19.11 39.38
N GLY F 745 -13.42 18.77 40.15
CA GLY F 745 -13.75 17.37 40.43
C GLY F 745 -13.13 16.87 41.72
N ASN F 746 -12.27 17.70 42.33
CA ASN F 746 -11.55 17.37 43.57
C ASN F 746 -12.13 18.06 44.79
N GLY F 747 -13.43 18.35 44.74
CA GLY F 747 -14.07 19.12 45.80
C GLY F 747 -14.17 18.33 47.07
N ILE F 748 -14.79 17.16 46.99
CA ILE F 748 -14.96 16.33 48.16
C ILE F 748 -13.61 15.88 48.69
N TYR F 749 -12.66 15.59 47.79
CA TYR F 749 -11.35 15.13 48.26
C TYR F 749 -10.63 16.26 49.00
N THR F 750 -10.66 17.46 48.44
CA THR F 750 -10.04 18.61 49.11
C THR F 750 -10.61 18.81 50.52
N TYR F 751 -11.89 18.50 50.72
CA TYR F 751 -12.47 18.52 52.09
C TYR F 751 -11.93 17.39 52.99
N ALA F 752 -11.87 16.16 52.46
CA ALA F 752 -11.34 15.03 53.22
C ALA F 752 -9.92 15.31 53.72
N ALA F 753 -9.14 16.00 52.90
CA ALA F 753 -7.80 16.47 53.29
C ALA F 753 -7.87 17.42 54.48
N ALA F 754 -8.79 18.36 54.41
CA ALA F 754 -9.00 19.30 55.50
C ALA F 754 -9.45 18.59 56.76
N VAL F 755 -10.38 17.65 56.64
CA VAL F 755 -10.88 16.91 57.83
C VAL F 755 -9.81 16.03 58.48
N SER F 756 -8.97 15.42 57.65
CA SER F 756 -7.81 14.70 58.12
C SER F 756 -6.90 15.67 58.87
N ALA F 757 -6.63 16.83 58.28
CA ALA F 757 -5.81 17.88 58.91
C ALA F 757 -6.55 18.66 60.01
N GLY F 758 -7.79 18.27 60.29
CA GLY F 758 -8.50 18.72 61.49
C GLY F 758 -9.21 20.07 61.45
N VAL F 759 -9.70 20.47 60.28
CA VAL F 759 -10.38 21.75 60.14
C VAL F 759 -11.80 21.65 60.71
N ASP F 760 -12.32 22.77 61.21
CA ASP F 760 -13.56 22.79 62.00
C ASP F 760 -14.85 22.83 61.17
N ILE F 761 -14.90 23.71 60.17
CA ILE F 761 -16.12 23.94 59.37
C ILE F 761 -15.89 24.00 57.84
N VAL F 762 -16.81 23.40 57.09
CA VAL F 762 -16.75 23.39 55.61
C VAL F 762 -18.11 23.67 54.94
N ASP F 763 -18.07 24.21 53.72
CA ASP F 763 -19.26 24.60 52.96
C ASP F 763 -19.72 23.51 51.99
N VAL F 764 -20.95 23.05 52.16
CA VAL F 764 -21.55 22.06 51.24
C VAL F 764 -22.96 22.48 50.86
N ALA F 765 -23.55 21.75 49.91
CA ALA F 765 -24.90 22.04 49.44
C ALA F 765 -25.63 20.75 49.16
N SER F 766 -26.94 20.83 49.00
CA SER F 766 -27.73 19.62 48.74
C SER F 766 -27.25 18.99 47.43
N SER F 767 -27.19 17.66 47.41
CA SER F 767 -26.71 16.92 46.24
C SER F 767 -27.21 17.57 44.95
N ALA F 768 -28.50 17.80 44.87
CA ALA F 768 -29.10 18.28 43.62
C ALA F 768 -28.60 19.67 43.20
N MET F 769 -27.98 20.40 44.09
CA MET F 769 -27.42 21.70 43.77
C MET F 769 -25.92 21.74 44.03
N SER F 770 -25.32 20.56 44.14
CA SER F 770 -23.87 20.44 44.32
C SER F 770 -23.18 20.19 42.99
N GLY F 771 -21.86 20.18 43.04
CA GLY F 771 -21.05 19.84 41.87
C GLY F 771 -20.69 21.03 40.99
N ALA F 772 -19.89 20.78 39.97
CA ALA F 772 -19.56 21.80 39.00
C ALA F 772 -19.00 22.99 39.72
N THR F 773 -19.46 24.19 39.36
CA THR F 773 -18.98 25.40 40.00
C THR F 773 -19.61 25.63 41.38
N SER F 774 -20.39 24.66 41.87
CA SER F 774 -21.02 24.75 43.20
C SER F 774 -20.14 24.08 44.24
N GLN F 775 -20.62 24.08 45.48
CA GLN F 775 -19.94 23.37 46.56
C GLN F 775 -20.19 21.86 46.41
N PRO F 776 -19.40 21.03 47.11
CA PRO F 776 -19.59 19.60 47.12
C PRO F 776 -20.82 19.15 47.89
N SER F 777 -21.32 17.94 47.59
CA SER F 777 -22.55 17.50 48.21
C SER F 777 -22.38 17.31 49.71
N MET F 778 -23.31 17.85 50.49
CA MET F 778 -23.34 17.60 51.93
C MET F 778 -23.48 16.11 52.18
N THR F 779 -24.46 15.50 51.52
CA THR F 779 -24.77 14.10 51.69
C THR F 779 -23.63 13.30 51.09
N GLY F 780 -23.00 13.84 50.07
CA GLY F 780 -21.82 13.22 49.49
C GLY F 780 -20.71 13.12 50.51
N LEU F 781 -20.44 14.23 51.21
CA LEU F 781 -19.34 14.28 52.18
C LEU F 781 -19.57 13.32 53.31
N TYR F 782 -20.79 13.32 53.83
CA TYR F 782 -21.14 12.46 54.95
C TYR F 782 -20.79 11.01 54.60
N TYR F 783 -21.29 10.55 53.46
CA TYR F 783 -21.04 9.17 53.01
C TYR F 783 -19.57 8.94 52.65
N GLY F 784 -18.85 10.02 52.39
CA GLY F 784 -17.41 9.97 52.20
C GLY F 784 -16.62 9.74 53.48
N LEU F 785 -17.00 10.44 54.56
CA LEU F 785 -16.31 10.37 55.86
C LEU F 785 -16.93 9.39 56.84
N VAL F 786 -17.91 8.63 56.38
CA VAL F 786 -18.85 7.93 57.27
C VAL F 786 -18.24 7.07 58.38
N ASN F 787 -17.19 6.30 58.09
CA ASN F 787 -16.60 5.45 59.12
C ASN F 787 -15.15 5.76 59.40
N GLY F 788 -14.71 6.95 59.00
CA GLY F 788 -13.33 7.39 59.21
C GLY F 788 -13.12 7.79 60.65
N ASN F 789 -11.95 8.33 60.92
CA ASN F 789 -11.62 8.76 62.26
C ASN F 789 -12.50 9.93 62.66
N ARG F 790 -12.63 10.90 61.75
CA ARG F 790 -13.44 12.08 61.96
C ARG F 790 -14.65 12.02 61.04
N GLN F 791 -15.76 12.59 61.48
CA GLN F 791 -17.03 12.51 60.73
C GLN F 791 -17.85 13.78 60.86
N THR F 792 -19.04 13.75 60.27
CA THR F 792 -19.99 14.84 60.35
C THR F 792 -21.29 14.34 60.91
N ASN F 793 -21.91 15.22 61.69
CA ASN F 793 -23.16 14.93 62.34
C ASN F 793 -24.31 15.36 61.42
N LEU F 794 -24.84 14.42 60.64
CA LEU F 794 -26.04 14.69 59.87
C LEU F 794 -26.83 13.43 59.51
N ASP F 795 -28.14 13.43 59.75
CA ASP F 795 -28.98 12.33 59.30
C ASP F 795 -28.98 12.27 57.77
N ALA F 796 -28.36 11.21 57.23
CA ALA F 796 -28.27 11.03 55.79
C ALA F 796 -29.65 11.15 55.17
N GLN F 797 -30.56 10.30 55.61
CA GLN F 797 -31.90 10.27 55.03
C GLN F 797 -32.57 11.65 55.02
N ASN F 798 -32.36 12.43 56.07
CA ASN F 798 -32.93 13.76 56.14
C ASN F 798 -32.48 14.58 54.97
N SER F 799 -31.16 14.70 54.82
CA SER F 799 -30.55 15.55 53.79
C SER F 799 -31.05 15.18 52.42
N GLN F 800 -31.34 13.88 52.23
CA GLN F 800 -31.90 13.36 50.99
C GLN F 800 -33.32 13.84 50.76
N ILE F 801 -34.11 13.86 51.82
CA ILE F 801 -35.48 14.34 51.70
C ILE F 801 -35.45 15.81 51.25
N ILE F 802 -34.60 16.61 51.89
CA ILE F 802 -34.39 18.00 51.46
C ILE F 802 -34.01 18.04 50.00
N ASN F 803 -33.09 17.18 49.62
CA ASN F 803 -32.60 17.12 48.24
C ASN F 803 -33.72 16.89 47.22
N HIS F 804 -34.64 15.99 47.57
CA HIS F 804 -35.73 15.62 46.68
C HIS F 804 -36.52 16.83 46.26
N TYR F 805 -36.64 17.80 47.17
CA TYR F 805 -37.30 19.05 46.87
C TYR F 805 -36.51 19.78 45.81
N TRP F 806 -35.28 20.11 46.15
CA TRP F 806 -34.40 20.79 45.21
C TRP F 806 -34.26 20.09 43.86
N GLU F 807 -34.03 18.77 43.86
CA GLU F 807 -34.07 18.00 42.63
C GLU F 807 -35.20 18.53 41.76
N ASP F 808 -36.40 18.53 42.32
CA ASP F 808 -37.60 18.88 41.57
C ASP F 808 -37.67 20.36 41.20
N VAL F 809 -37.21 21.21 42.09
CA VAL F 809 -37.31 22.66 41.88
C VAL F 809 -36.38 23.16 40.80
N ARG F 810 -35.16 22.65 40.74
CA ARG F 810 -34.18 23.14 39.77
C ARG F 810 -34.76 23.24 38.37
N HIS F 811 -35.70 22.37 38.02
CA HIS F 811 -36.25 22.34 36.67
C HIS F 811 -36.89 23.66 36.31
N TYR F 812 -37.42 24.37 37.30
CA TYR F 812 -38.02 25.68 37.08
C TYR F 812 -37.03 26.62 36.44
N TYR F 813 -35.76 26.42 36.73
CA TYR F 813 -34.71 27.33 36.32
C TYR F 813 -33.85 26.83 35.17
N LYS F 814 -34.29 25.81 34.43
CA LYS F 814 -33.52 25.29 33.28
C LYS F 814 -33.03 26.44 32.37
N ASP F 815 -33.84 27.47 32.15
CA ASP F 815 -33.42 28.66 31.40
C ASP F 815 -32.09 29.25 31.88
N PHE F 816 -31.75 29.04 33.12
CA PHE F 816 -30.58 29.66 33.68
C PHE F 816 -29.51 28.63 34.02
N ASP F 817 -29.76 27.36 33.65
CA ASP F 817 -28.88 26.27 34.05
C ASP F 817 -27.89 25.98 32.95
N ASN F 818 -27.14 27.00 32.61
CA ASN F 818 -26.22 26.93 31.49
C ASN F 818 -24.88 26.35 31.88
N ALA F 819 -24.76 25.87 33.11
CA ALA F 819 -23.48 25.34 33.64
C ALA F 819 -23.08 24.02 32.98
N LEU F 820 -21.77 23.85 32.78
CA LEU F 820 -21.20 22.63 32.19
C LEU F 820 -21.10 21.58 33.29
N ASN F 821 -21.36 20.33 32.92
CA ASN F 821 -21.66 19.28 33.90
C ASN F 821 -20.69 18.10 33.90
N SER F 822 -19.40 18.40 33.62
CA SER F 822 -18.27 17.46 33.77
C SER F 822 -17.04 18.17 34.33
N PRO F 823 -16.10 17.42 34.92
CA PRO F 823 -14.99 18.10 35.58
C PRO F 823 -14.16 18.92 34.60
N GLN F 824 -14.16 20.24 34.77
CA GLN F 824 -13.36 21.13 33.92
C GLN F 824 -11.97 21.38 34.59
N THR F 825 -11.01 20.53 34.26
CA THR F 825 -9.68 20.52 34.90
C THR F 825 -8.79 21.68 34.49
N GLU F 826 -9.14 22.33 33.38
CA GLU F 826 -8.36 23.43 32.82
C GLU F 826 -8.20 24.59 33.80
N VAL F 827 -9.08 24.62 34.81
CA VAL F 827 -9.19 25.73 35.79
C VAL F 827 -7.89 26.17 36.43
N TYR F 828 -6.98 25.23 36.63
CA TYR F 828 -5.72 25.51 37.32
C TYR F 828 -4.82 26.46 36.50
N ILE F 829 -4.85 26.31 35.18
CA ILE F 829 -4.09 27.20 34.28
C ILE F 829 -4.59 28.63 34.35
N HIS F 830 -5.87 28.82 34.03
CA HIS F 830 -6.45 30.17 33.96
C HIS F 830 -6.93 30.77 35.31
N GLU F 831 -7.04 29.95 36.35
CA GLU F 831 -7.33 30.47 37.69
C GLU F 831 -8.56 31.37 37.77
N MET F 832 -9.48 31.20 36.84
CA MET F 832 -10.64 32.08 36.72
C MET F 832 -11.81 31.49 37.52
N PRO F 833 -12.49 32.30 38.35
CA PRO F 833 -13.65 31.77 39.11
C PRO F 833 -14.78 31.34 38.20
N GLY F 834 -15.55 30.33 38.62
CA GLY F 834 -16.62 29.76 37.80
C GLY F 834 -17.53 30.81 37.19
N GLY F 835 -17.96 31.75 38.02
CA GLY F 835 -18.77 32.87 37.54
C GLY F 835 -18.13 33.62 36.37
N GLN F 836 -16.83 33.88 36.48
CA GLN F 836 -16.09 34.65 35.49
C GLN F 836 -15.96 33.94 34.13
N TYR F 837 -15.70 32.64 34.15
CA TYR F 837 -15.57 31.88 32.91
C TYR F 837 -16.78 32.10 32.00
N THR F 838 -17.98 31.94 32.57
CA THR F 838 -19.23 32.12 31.81
C THR F 838 -19.47 33.59 31.46
N ASN F 839 -19.29 34.48 32.43
CA ASN F 839 -19.46 35.91 32.19
C ASN F 839 -18.51 36.50 31.16
N LEU F 840 -17.32 35.94 31.03
CA LEU F 840 -16.35 36.40 30.04
C LEU F 840 -16.51 35.70 28.68
N GLN F 841 -16.91 34.45 28.69
CA GLN F 841 -17.34 33.78 27.45
C GLN F 841 -18.41 34.65 26.78
N GLN F 842 -19.37 35.17 27.57
CA GLN F 842 -20.47 36.01 27.08
C GLN F 842 -19.97 37.26 26.35
N GLN F 843 -19.00 37.97 26.93
CA GLN F 843 -18.48 39.21 26.32
C GLN F 843 -17.77 38.89 25.00
N ALA F 844 -17.01 37.81 24.97
CA ALA F 844 -16.33 37.39 23.74
C ALA F 844 -17.35 37.04 22.65
N ILE F 845 -18.42 36.36 23.02
CA ILE F 845 -19.55 36.05 22.12
C ILE F 845 -20.24 37.35 21.69
N ALA F 846 -20.36 38.31 22.61
CA ALA F 846 -20.91 39.65 22.33
C ALA F 846 -20.11 40.42 21.28
N VAL F 847 -18.81 40.53 21.48
CA VAL F 847 -17.96 41.23 20.50
C VAL F 847 -17.50 40.29 19.35
N GLY F 848 -17.96 39.03 19.36
CA GLY F 848 -17.80 38.13 18.21
C GLY F 848 -16.42 37.51 18.14
N LEU F 849 -15.89 37.12 19.29
CA LEU F 849 -14.60 36.44 19.39
C LEU F 849 -14.82 35.02 19.87
N GLY F 850 -16.07 34.58 19.86
CA GLY F 850 -16.41 33.21 20.27
C GLY F 850 -15.61 32.17 19.50
N ASP F 851 -15.27 32.50 18.25
CA ASP F 851 -14.43 31.64 17.41
C ASP F 851 -12.99 31.64 17.91
N ARG F 852 -12.60 32.72 18.57
CA ARG F 852 -11.25 32.92 19.10
C ARG F 852 -11.17 32.74 20.62
N TRP F 853 -12.25 32.26 21.23
CA TRP F 853 -12.36 32.17 22.69
C TRP F 853 -11.08 31.65 23.37
N ASP F 854 -10.49 30.60 22.81
CA ASP F 854 -9.25 30.01 23.34
C ASP F 854 -8.11 31.01 23.45
N GLU F 855 -8.07 31.97 22.53
CA GLU F 855 -7.05 33.01 22.53
C GLU F 855 -7.23 33.98 23.71
N VAL F 856 -8.47 34.23 24.08
CA VAL F 856 -8.78 35.13 25.22
C VAL F 856 -8.33 34.49 26.52
N LYS F 857 -8.74 33.25 26.75
CA LYS F 857 -8.37 32.51 27.96
C LYS F 857 -6.87 32.59 28.27
N GLU F 858 -6.04 32.43 27.25
CA GLU F 858 -4.59 32.50 27.43
C GLU F 858 -4.15 33.91 27.74
N MET F 859 -4.67 34.88 26.96
CA MET F 859 -4.31 36.30 27.14
C MET F 859 -4.61 36.77 28.55
N TYR F 860 -5.76 36.37 29.09
CA TYR F 860 -6.13 36.58 30.48
C TYR F 860 -5.01 36.17 31.44
N THR F 861 -4.49 34.96 31.27
CA THR F 861 -3.42 34.43 32.13
C THR F 861 -2.19 35.34 32.06
N VAL F 862 -1.94 35.91 30.89
CA VAL F 862 -0.84 36.86 30.71
C VAL F 862 -1.12 38.13 31.49
N VAL F 863 -2.37 38.60 31.44
CA VAL F 863 -2.77 39.86 32.07
C VAL F 863 -2.60 39.79 33.59
N ASN F 864 -2.95 38.66 34.18
CA ASN F 864 -2.64 38.43 35.59
C ASN F 864 -1.14 38.44 35.76
N GLN F 865 -0.42 37.81 34.83
CA GLN F 865 1.05 37.76 34.85
C GLN F 865 1.70 39.10 34.55
N MET F 866 0.95 40.02 33.92
CA MET F 866 1.41 41.40 33.71
C MET F 866 1.48 42.12 35.06
N PHE F 867 0.44 41.97 35.88
CA PHE F 867 0.41 42.55 37.22
C PHE F 867 1.07 41.59 38.22
N GLY F 868 2.13 40.90 37.80
CA GLY F 868 2.73 39.84 38.59
C GLY F 868 1.78 38.68 38.71
N ASP F 869 1.41 38.33 39.94
CA ASP F 869 0.37 37.34 40.20
C ASP F 869 -0.55 38.05 41.18
N ILE F 870 -1.81 38.27 40.83
CA ILE F 870 -2.74 38.96 41.74
C ILE F 870 -4.00 38.16 41.99
N VAL F 871 -4.63 38.39 43.13
CA VAL F 871 -5.84 37.63 43.51
C VAL F 871 -7.00 38.01 42.62
N LYS F 872 -7.40 37.08 41.74
CA LYS F 872 -8.49 37.31 40.81
C LYS F 872 -9.80 36.84 41.46
N VAL F 873 -10.66 37.81 41.71
CA VAL F 873 -11.98 37.59 42.29
C VAL F 873 -12.76 38.89 42.15
N THR F 874 -14.08 38.79 42.03
CA THR F 874 -14.92 39.98 41.87
C THR F 874 -14.64 41.02 42.98
N PRO F 875 -14.36 42.28 42.59
CA PRO F 875 -14.36 42.93 41.27
C PRO F 875 -13.00 42.95 40.56
N SER F 876 -11.97 42.40 41.19
CA SER F 876 -10.62 42.40 40.62
C SER F 876 -10.54 41.50 39.39
N SER F 877 -11.23 40.36 39.45
CA SER F 877 -11.32 39.45 38.30
C SER F 877 -11.80 40.20 37.06
N LYS F 878 -12.90 40.94 37.20
CA LYS F 878 -13.47 41.72 36.09
C LYS F 878 -12.41 42.55 35.38
N VAL F 879 -11.51 43.18 36.15
CA VAL F 879 -10.50 44.10 35.60
C VAL F 879 -9.52 43.39 34.67
N VAL F 880 -9.10 42.18 35.02
CA VAL F 880 -8.19 41.40 34.18
C VAL F 880 -8.89 41.10 32.84
N GLY F 881 -10.07 40.50 32.93
CA GLY F 881 -10.86 40.09 31.76
C GLY F 881 -11.16 41.22 30.82
N ASP F 882 -11.50 42.38 31.38
CA ASP F 882 -11.81 43.57 30.59
C ASP F 882 -10.63 43.98 29.69
N LEU F 883 -9.42 43.91 30.23
CA LEU F 883 -8.22 44.24 29.45
C LEU F 883 -7.81 43.10 28.53
N ALA F 884 -7.78 41.89 29.06
CA ALA F 884 -7.46 40.73 28.25
C ALA F 884 -8.23 40.82 26.94
N LEU F 885 -9.55 41.00 27.04
CA LEU F 885 -10.42 41.14 25.88
C LEU F 885 -10.02 42.30 24.96
N PHE F 886 -9.49 43.37 25.53
CA PHE F 886 -9.00 44.52 24.76
C PHE F 886 -7.75 44.15 23.96
N MET F 887 -6.76 43.58 24.63
CA MET F 887 -5.50 43.21 23.98
C MET F 887 -5.75 42.25 22.80
N VAL F 888 -6.43 41.13 23.06
CA VAL F 888 -6.80 40.14 22.03
C VAL F 888 -7.63 40.77 20.89
N GLN F 889 -8.48 41.73 21.24
CA GLN F 889 -9.28 42.46 20.26
C GLN F 889 -8.39 43.24 19.31
N ASN F 890 -7.38 43.91 19.85
CA ASN F 890 -6.52 44.79 19.04
C ASN F 890 -5.19 44.13 18.65
N GLU F 891 -5.10 42.81 18.85
CA GLU F 891 -3.94 42.00 18.47
C GLU F 891 -2.62 42.50 19.07
N LEU F 892 -2.67 42.95 20.32
CA LEU F 892 -1.50 43.46 21.00
C LEU F 892 -0.84 42.36 21.82
N SER F 893 0.43 42.08 21.54
CA SER F 893 1.24 41.23 22.42
C SER F 893 1.55 42.01 23.71
N GLU F 894 2.02 41.30 24.74
CA GLU F 894 2.46 41.92 26.00
C GLU F 894 3.59 42.94 25.76
N GLU F 895 4.39 42.67 24.73
CA GLU F 895 5.50 43.55 24.34
C GLU F 895 4.96 44.80 23.64
N ASP F 896 3.99 44.61 22.75
CA ASP F 896 3.33 45.70 22.01
C ASP F 896 2.72 46.75 22.97
N VAL F 897 2.20 46.28 24.11
CA VAL F 897 1.50 47.11 25.12
C VAL F 897 2.37 48.24 25.67
N TYR F 898 3.59 47.93 26.09
CA TYR F 898 4.52 48.91 26.69
C TYR F 898 5.00 49.92 25.63
N GLU F 899 5.40 49.37 24.48
CA GLU F 899 5.95 50.12 23.35
C GLU F 899 5.02 51.21 22.83
N LYS F 900 3.74 50.90 22.72
CA LYS F 900 2.75 51.87 22.24
C LYS F 900 1.96 52.51 23.39
N GLY F 901 2.37 52.22 24.62
CA GLY F 901 1.49 52.35 25.78
C GLY F 901 0.89 53.71 26.11
N ASP F 902 1.69 54.76 25.97
CA ASP F 902 1.22 56.11 26.28
C ASP F 902 0.07 56.54 25.35
N THR F 903 0.13 56.14 24.09
CA THR F 903 -0.85 56.58 23.08
C THR F 903 -2.27 56.02 23.28
N ILE F 904 -2.36 54.76 23.69
CA ILE F 904 -3.63 54.04 23.72
C ILE F 904 -4.41 54.39 24.98
N ASP F 905 -5.74 54.47 24.87
CA ASP F 905 -6.62 54.62 26.05
C ASP F 905 -7.08 53.25 26.58
N PHE F 906 -6.56 52.86 27.75
CA PHE F 906 -6.98 51.63 28.40
C PHE F 906 -8.39 51.83 28.98
N PRO F 907 -9.17 50.75 29.15
CA PRO F 907 -10.56 50.84 29.65
C PRO F 907 -10.68 51.51 31.03
N ASP F 908 -11.66 52.40 31.16
CA ASP F 908 -11.98 53.06 32.44
C ASP F 908 -11.73 52.17 33.66
N SER F 909 -12.24 50.95 33.62
CA SER F 909 -12.15 50.02 34.77
C SER F 909 -10.71 49.67 35.17
N VAL F 910 -9.79 49.71 34.21
CA VAL F 910 -8.39 49.35 34.42
C VAL F 910 -7.60 50.53 35.01
N ILE F 911 -7.99 51.74 34.61
CA ILE F 911 -7.41 52.96 35.16
C ILE F 911 -7.81 53.11 36.62
N GLU F 912 -9.06 52.75 36.92
CA GLU F 912 -9.55 52.76 38.32
C GLU F 912 -8.78 51.76 39.18
N PHE F 913 -8.28 50.70 38.53
CA PHE F 913 -7.43 49.75 39.22
C PHE F 913 -6.08 50.39 39.50
N PHE F 914 -5.50 50.98 38.46
CA PHE F 914 -4.24 51.69 38.58
C PHE F 914 -4.36 52.98 39.40
N MET F 915 -5.59 53.50 39.53
CA MET F 915 -5.88 54.61 40.44
C MET F 915 -5.72 54.13 41.89
N GLY F 916 -6.21 52.92 42.16
CA GLY F 916 -6.24 52.35 43.51
C GLY F 916 -7.64 52.32 44.09
N GLU F 917 -8.66 52.39 43.22
CA GLU F 917 -10.07 52.46 43.65
C GLU F 917 -10.59 51.10 44.13
N ILE F 918 -10.11 50.03 43.51
CA ILE F 918 -10.37 48.68 44.01
C ILE F 918 -9.68 48.39 45.34
N GLY F 919 -8.50 48.99 45.53
CA GLY F 919 -7.68 48.71 46.72
C GLY F 919 -6.22 48.54 46.34
N GLN F 920 -5.49 47.77 47.16
CA GLN F 920 -4.03 47.61 47.00
C GLN F 920 -3.59 46.17 46.72
N PRO F 921 -2.98 45.93 45.56
CA PRO F 921 -2.44 44.60 45.25
C PRO F 921 -1.28 44.23 46.18
N TYR F 922 -1.30 43.01 46.74
CA TYR F 922 -0.26 42.58 47.69
C TYR F 922 1.17 42.85 47.22
N GLY F 923 1.49 42.41 46.02
CA GLY F 923 2.81 42.67 45.43
C GLY F 923 3.03 44.16 45.17
N GLY F 924 1.93 44.86 44.89
CA GLY F 924 1.93 46.27 44.56
C GLY F 924 2.16 46.47 43.07
N PHE F 925 1.65 47.57 42.52
CA PHE F 925 1.68 47.82 41.08
C PHE F 925 3.10 47.91 40.52
N PRO F 926 3.35 47.34 39.33
CA PRO F 926 4.61 47.61 38.64
C PRO F 926 4.55 48.98 37.94
N GLU F 927 5.36 49.91 38.43
CA GLU F 927 5.16 51.33 38.23
C GLU F 927 5.34 51.74 36.77
N LYS F 928 6.12 50.98 36.02
CA LYS F 928 6.42 51.33 34.64
C LYS F 928 5.19 51.16 33.74
N LEU F 929 4.45 50.06 33.96
CA LEU F 929 3.20 49.81 33.22
C LEU F 929 2.16 50.81 33.67
N GLN F 930 1.95 50.84 34.99
CA GLN F 930 1.12 51.82 35.67
C GLN F 930 1.27 53.22 35.12
N LYS F 931 2.52 53.69 35.04
CA LYS F 931 2.85 55.02 34.53
C LYS F 931 2.16 55.33 33.20
N LEU F 932 2.20 54.37 32.27
CA LEU F 932 1.60 54.55 30.95
C LEU F 932 0.08 54.62 31.02
N VAL F 933 -0.52 53.83 31.92
CA VAL F 933 -1.98 53.79 32.03
C VAL F 933 -2.53 55.09 32.65
N LEU F 934 -1.75 55.69 33.55
CA LEU F 934 -2.17 56.91 34.25
C LEU F 934 -2.07 58.15 33.35
N LYS F 935 -0.97 58.26 32.59
CA LYS F 935 -0.73 59.39 31.69
C LYS F 935 -0.74 60.72 32.45
N GLY F 936 -0.18 60.72 33.66
CA GLY F 936 -0.07 61.92 34.47
C GLY F 936 -1.01 61.99 35.66
N ARG F 937 -1.94 61.05 35.77
CA ARG F 937 -2.83 60.97 36.94
C ARG F 937 -2.06 60.52 38.19
N THR F 938 -2.65 60.76 39.36
CA THR F 938 -1.95 60.52 40.64
C THR F 938 -2.68 59.49 41.50
N PRO F 939 -1.98 58.40 41.87
CA PRO F 939 -2.65 57.32 42.59
C PRO F 939 -2.73 57.56 44.09
N LEU F 940 -3.95 57.53 44.63
CA LEU F 940 -4.14 57.56 46.07
C LEU F 940 -3.63 56.26 46.66
N THR F 941 -3.02 56.35 47.85
CA THR F 941 -2.41 55.20 48.51
C THR F 941 -3.27 54.64 49.64
N ASP F 942 -4.53 55.08 49.74
CA ASP F 942 -5.42 54.72 50.86
C ASP F 942 -6.82 54.28 50.41
N ARG F 943 -7.52 53.58 51.32
CA ARG F 943 -8.93 53.17 51.18
C ARG F 943 -9.74 54.32 50.56
N PRO F 944 -10.36 54.11 49.39
CA PRO F 944 -11.14 55.20 48.78
C PRO F 944 -12.40 55.57 49.57
N GLY F 945 -12.90 54.64 50.36
CA GLY F 945 -14.08 54.89 51.22
C GLY F 945 -13.93 56.04 52.22
N ALA F 946 -12.78 56.10 52.89
CA ALA F 946 -12.48 57.17 53.84
C ALA F 946 -12.42 58.54 53.16
N LEU F 947 -11.82 58.61 51.98
CA LEU F 947 -11.68 59.87 51.27
C LEU F 947 -13.03 60.39 50.75
N MET F 948 -13.92 59.47 50.39
CA MET F 948 -15.31 59.79 50.06
C MET F 948 -16.00 60.56 51.19
N GLU F 949 -16.75 61.59 50.83
CA GLU F 949 -17.46 62.41 51.80
C GLU F 949 -18.68 61.61 52.32
N PRO F 950 -18.93 61.63 53.65
CA PRO F 950 -20.06 60.78 54.08
C PRO F 950 -21.39 61.22 53.52
N VAL F 951 -22.32 60.28 53.48
CA VAL F 951 -23.69 60.57 53.08
C VAL F 951 -24.48 61.00 54.30
N ASN F 952 -25.28 62.05 54.12
CA ASN F 952 -26.25 62.49 55.11
C ASN F 952 -27.54 61.73 54.82
N PHE F 953 -27.93 60.86 55.75
CA PHE F 953 -29.04 59.92 55.52
C PHE F 953 -30.37 60.64 55.33
N VAL F 954 -30.54 61.77 56.01
CA VAL F 954 -31.82 62.49 56.03
C VAL F 954 -32.06 63.23 54.72
N GLU F 955 -31.01 63.86 54.18
CA GLU F 955 -31.10 64.54 52.90
C GLU F 955 -31.55 63.59 51.78
N VAL F 956 -30.96 62.39 51.78
CA VAL F 956 -31.34 61.32 50.84
C VAL F 956 -32.72 60.77 51.20
N LYS F 957 -32.91 60.46 52.48
CA LYS F 957 -34.16 59.89 52.96
C LYS F 957 -35.34 60.70 52.46
N ALA F 958 -35.16 62.02 52.43
CA ALA F 958 -36.16 62.94 51.91
C ALA F 958 -36.16 62.91 50.39
N GLU F 959 -34.98 62.85 49.79
CA GLU F 959 -34.85 62.74 48.32
C GLU F 959 -35.66 61.55 47.82
N LEU F 960 -35.45 60.41 48.47
CA LEU F 960 -36.16 59.18 48.13
C LEU F 960 -37.66 59.31 48.34
N LYS F 961 -38.06 59.80 49.51
CA LYS F 961 -39.47 59.99 49.83
C LYS F 961 -40.21 60.76 48.74
N GLU F 962 -39.53 61.79 48.23
CA GLU F 962 -40.00 62.58 47.10
C GLU F 962 -39.93 61.81 45.77
N LYS F 963 -38.88 61.01 45.60
CA LYS F 963 -38.73 60.06 44.48
C LYS F 963 -39.75 58.91 44.53
N MET F 964 -39.85 58.26 45.69
CA MET F 964 -40.82 57.18 45.92
C MET F 964 -42.19 57.83 46.12
N GLY F 965 -43.22 57.01 46.10
CA GLY F 965 -44.58 57.49 46.34
C GLY F 965 -44.80 58.03 47.74
N TYR F 966 -44.05 57.52 48.72
CA TYR F 966 -44.36 57.76 50.14
C TYR F 966 -43.10 57.77 51.01
N GLU F 967 -43.28 57.63 52.33
CA GLU F 967 -42.19 57.69 53.30
C GLU F 967 -41.51 56.31 53.40
N PRO F 968 -40.18 56.26 53.17
CA PRO F 968 -39.43 55.01 53.17
C PRO F 968 -39.01 54.53 54.55
N THR F 969 -38.72 53.22 54.65
CA THR F 969 -38.17 52.65 55.90
C THR F 969 -36.67 52.77 55.86
N GLU F 970 -36.02 52.50 57.00
CA GLU F 970 -34.56 52.63 57.13
C GLU F 970 -33.85 51.78 56.09
N LYS F 971 -34.34 50.54 55.93
CA LYS F 971 -33.81 49.59 54.96
C LYS F 971 -33.92 50.08 53.51
N ASP F 972 -35.10 50.55 53.12
CA ASP F 972 -35.32 51.09 51.78
C ASP F 972 -34.25 52.12 51.41
N VAL F 973 -33.84 52.90 52.41
CA VAL F 973 -32.85 53.96 52.23
C VAL F 973 -31.49 53.37 51.85
N ILE F 974 -30.95 52.47 52.67
CA ILE F 974 -29.59 51.95 52.42
C ILE F 974 -29.55 51.38 51.03
N SER F 975 -30.53 50.53 50.74
CA SER F 975 -30.66 49.91 49.44
C SER F 975 -30.59 50.94 48.32
N TYR F 976 -31.33 52.04 48.45
CA TYR F 976 -31.29 53.11 47.46
C TYR F 976 -29.88 53.67 47.29
N ILE F 977 -29.22 53.91 48.42
CA ILE F 977 -27.86 54.45 48.41
C ILE F 977 -26.93 53.51 47.65
N LEU F 978 -27.02 52.21 47.95
CA LEU F 978 -26.13 51.20 47.37
C LEU F 978 -26.41 50.97 45.90
N TYR F 979 -27.69 50.87 45.55
CA TYR F 979 -28.09 50.64 44.16
C TYR F 979 -29.23 51.58 43.76
N PRO F 980 -28.89 52.85 43.44
CA PRO F 980 -29.94 53.84 43.21
C PRO F 980 -30.69 53.62 41.90
N LYS F 981 -29.95 53.40 40.81
CA LYS F 981 -30.58 53.20 39.50
C LYS F 981 -31.58 52.06 39.59
N VAL F 982 -31.15 50.94 40.18
CA VAL F 982 -32.01 49.75 40.23
C VAL F 982 -33.16 49.88 41.22
N PHE F 983 -32.93 50.58 42.34
CA PHE F 983 -33.95 50.64 43.39
C PHE F 983 -35.18 51.39 42.90
N LEU F 984 -34.98 52.50 42.21
CA LEU F 984 -36.11 53.20 41.60
C LEU F 984 -36.75 52.31 40.56
N ASP F 985 -35.93 51.70 39.70
CA ASP F 985 -36.43 50.80 38.64
C ASP F 985 -37.27 49.69 39.26
N TYR F 986 -36.82 49.20 40.41
CA TYR F 986 -37.56 48.21 41.19
C TYR F 986 -38.89 48.75 41.70
N GLN F 987 -38.84 49.95 42.27
CA GLN F 987 -40.03 50.67 42.72
C GLN F 987 -41.05 50.85 41.58
N GLU F 988 -40.60 51.43 40.46
CA GLU F 988 -41.47 51.67 39.29
C GLU F 988 -42.15 50.40 38.85
N MET F 989 -41.40 49.31 38.93
CA MET F 989 -41.94 48.02 38.51
C MET F 989 -42.92 47.44 39.51
N ILE F 990 -42.63 47.62 40.80
CA ILE F 990 -43.53 47.08 41.82
C ILE F 990 -44.85 47.87 41.89
N ASN F 991 -44.81 49.16 41.54
CA ASN F 991 -46.04 49.96 41.41
C ASN F 991 -46.92 49.46 40.27
N LYS F 992 -46.30 49.13 39.15
CA LYS F 992 -47.03 48.65 37.96
C LYS F 992 -47.69 47.28 38.18
N TYR F 993 -46.96 46.35 38.80
CA TYR F 993 -47.40 44.94 38.91
C TYR F 993 -47.65 44.43 40.34
N GLY F 994 -47.30 45.23 41.33
CA GLY F 994 -47.49 44.84 42.71
C GLY F 994 -46.42 43.88 43.14
N ASP F 995 -46.61 43.28 44.32
CA ASP F 995 -45.61 42.36 44.89
C ASP F 995 -45.65 41.00 44.19
N VAL F 996 -44.72 40.81 43.27
CA VAL F 996 -44.63 39.59 42.46
C VAL F 996 -43.95 38.47 43.20
N THR F 997 -43.18 38.81 44.23
CA THR F 997 -42.52 37.80 45.05
C THR F 997 -43.39 36.54 45.19
N VAL F 998 -44.69 36.75 45.33
CA VAL F 998 -45.62 35.67 45.62
C VAL F 998 -45.92 34.65 44.52
N LEU F 999 -45.76 35.02 43.25
CA LEU F 999 -46.17 34.07 42.18
C LEU F 999 -45.31 32.80 42.13
N ASP F 1000 -45.91 31.66 41.84
CA ASP F 1000 -45.12 30.46 41.65
C ASP F 1000 -44.13 30.75 40.55
N THR F 1001 -42.94 30.20 40.70
CA THR F 1001 -41.86 30.48 39.78
C THR F 1001 -42.25 30.29 38.31
N PRO F 1002 -42.78 29.12 37.94
CA PRO F 1002 -43.09 28.96 36.50
C PRO F 1002 -43.96 30.09 35.96
N THR F 1003 -44.99 30.44 36.71
CA THR F 1003 -45.85 31.53 36.29
C THR F 1003 -45.07 32.85 36.17
N PHE F 1004 -44.14 33.09 37.09
CA PHE F 1004 -43.30 34.30 37.09
C PHE F 1004 -42.48 34.42 35.81
N TYR F 1005 -41.90 33.31 35.36
CA TYR F 1005 -41.02 33.29 34.17
C TYR F 1005 -41.76 32.94 32.88
N LYS F 1006 -42.85 32.19 32.96
CA LYS F 1006 -43.53 31.71 31.74
C LYS F 1006 -44.98 32.18 31.56
N GLY F 1007 -45.51 32.92 32.53
CA GLY F 1007 -46.89 33.39 32.46
C GLY F 1007 -47.86 32.24 32.56
N MET F 1008 -48.87 32.21 31.71
CA MET F 1008 -49.90 31.17 31.76
C MET F 1008 -50.21 30.56 30.41
N ARG F 1009 -50.50 29.26 30.43
CA ARG F 1009 -51.01 28.56 29.27
C ARG F 1009 -52.50 28.82 29.15
N LEU F 1010 -53.05 28.63 27.96
CA LEU F 1010 -54.50 28.81 27.75
C LEU F 1010 -55.33 27.74 28.44
N GLY F 1011 -56.35 28.17 29.16
CA GLY F 1011 -57.23 27.26 29.88
C GLY F 1011 -56.61 26.78 31.17
N GLU F 1012 -55.46 27.33 31.51
CA GLU F 1012 -54.77 26.97 32.72
C GLU F 1012 -55.43 27.72 33.85
N THR F 1013 -55.43 27.10 35.02
CA THR F 1013 -55.87 27.77 36.24
C THR F 1013 -54.78 27.64 37.29
N ILE F 1014 -54.52 28.72 38.01
CA ILE F 1014 -53.50 28.74 39.03
C ILE F 1014 -54.05 29.43 40.26
N GLU F 1015 -53.39 29.23 41.39
CA GLU F 1015 -53.73 29.96 42.61
C GLU F 1015 -52.53 30.75 43.05
N VAL F 1016 -52.72 31.96 43.56
CA VAL F 1016 -51.58 32.71 44.10
C VAL F 1016 -51.90 33.22 45.49
N GLU F 1017 -50.99 32.98 46.41
CA GLU F 1017 -51.19 33.36 47.78
C GLU F 1017 -50.56 34.73 48.03
N LEU F 1018 -51.39 35.76 48.10
CA LEU F 1018 -50.92 37.12 48.38
C LEU F 1018 -50.42 37.33 49.81
N GLU F 1019 -50.96 36.52 50.73
CA GLU F 1019 -50.72 36.68 52.17
C GLU F 1019 -51.26 35.41 52.81
N LYS F 1020 -51.00 35.18 54.09
CA LYS F 1020 -51.57 34.00 54.76
C LYS F 1020 -53.10 34.02 54.62
N GLY F 1021 -53.65 32.97 53.97
CA GLY F 1021 -55.10 32.80 53.84
C GLY F 1021 -55.80 33.57 52.73
N LYS F 1022 -55.05 34.32 51.93
CA LYS F 1022 -55.60 35.15 50.86
C LYS F 1022 -55.14 34.65 49.49
N ILE F 1023 -55.97 33.84 48.85
CA ILE F 1023 -55.63 33.13 47.61
C ILE F 1023 -56.47 33.66 46.44
N LEU F 1024 -55.84 33.94 45.30
CA LEU F 1024 -56.56 34.29 44.06
C LEU F 1024 -56.64 33.08 43.18
N LEU F 1025 -57.84 32.61 42.88
CA LEU F 1025 -58.00 31.62 41.83
C LEU F 1025 -57.98 32.41 40.53
N ILE F 1026 -57.09 32.02 39.61
CA ILE F 1026 -56.93 32.70 38.33
C ILE F 1026 -56.94 31.70 37.19
N LYS F 1027 -57.79 31.95 36.21
CA LYS F 1027 -57.81 31.15 34.98
C LYS F 1027 -57.69 32.08 33.77
N LEU F 1028 -56.96 31.62 32.78
CA LEU F 1028 -56.86 32.31 31.53
C LEU F 1028 -57.68 31.50 30.56
N ASN F 1029 -58.71 32.15 29.97
CA ASN F 1029 -59.55 31.46 28.96
C ASN F 1029 -59.10 31.63 27.54
N SER F 1030 -58.89 32.87 27.10
CA SER F 1030 -58.42 33.14 25.73
C SER F 1030 -57.75 34.54 25.66
N ILE F 1031 -57.07 34.75 24.54
CA ILE F 1031 -56.31 35.98 24.31
C ILE F 1031 -56.88 36.70 23.10
N GLY F 1032 -57.10 38.00 23.30
CA GLY F 1032 -57.67 38.85 22.27
C GLY F 1032 -56.74 39.01 21.09
N GLU F 1033 -57.33 39.43 19.98
CA GLU F 1033 -56.61 39.67 18.74
C GLU F 1033 -56.06 41.09 18.77
N PRO F 1034 -54.89 41.33 18.17
CA PRO F 1034 -54.38 42.69 18.29
C PRO F 1034 -55.23 43.66 17.50
N ILE F 1035 -55.21 44.93 17.91
CA ILE F 1035 -55.87 45.99 17.16
C ILE F 1035 -54.81 46.85 16.41
N ALA F 1036 -55.16 48.08 16.07
CA ALA F 1036 -54.31 48.96 15.27
C ALA F 1036 -52.98 49.21 15.97
N ASP F 1037 -53.04 49.72 17.20
CA ASP F 1037 -51.83 50.06 17.97
C ASP F 1037 -51.15 48.86 18.68
N GLY F 1038 -51.52 47.64 18.32
CA GLY F 1038 -50.87 46.43 18.87
C GLY F 1038 -51.47 45.87 20.15
N THR F 1039 -52.21 46.72 20.88
CA THR F 1039 -52.96 46.31 22.07
C THR F 1039 -53.90 45.13 21.80
N ARG F 1040 -53.95 44.22 22.77
CA ARG F 1040 -54.94 43.16 22.74
C ARG F 1040 -55.44 42.85 24.15
N VAL F 1041 -56.71 42.49 24.22
CA VAL F 1041 -57.38 42.20 25.46
C VAL F 1041 -57.10 40.75 25.84
N ILE F 1042 -56.68 40.52 27.08
CA ILE F 1042 -56.52 39.15 27.60
C ILE F 1042 -57.74 38.82 28.45
N TYR F 1043 -58.29 37.61 28.25
CA TYR F 1043 -59.53 37.18 28.93
C TYR F 1043 -59.30 36.22 30.11
N PHE F 1044 -59.52 36.75 31.31
CA PHE F 1044 -59.26 36.04 32.57
C PHE F 1044 -60.53 35.73 33.36
N GLU F 1045 -60.37 34.88 34.36
CA GLU F 1045 -61.37 34.57 35.35
C GLU F 1045 -60.70 34.69 36.75
N LEU F 1046 -60.69 35.90 37.32
CA LEU F 1046 -60.12 36.12 38.64
C LEU F 1046 -61.19 35.84 39.67
N ASN F 1047 -61.03 34.76 40.43
CA ASN F 1047 -62.02 34.36 41.44
C ASN F 1047 -63.36 33.97 40.80
N GLY F 1048 -63.29 33.23 39.70
CA GLY F 1048 -64.50 32.80 39.01
C GLY F 1048 -65.23 33.89 38.23
N GLN F 1049 -64.99 35.15 38.60
CA GLN F 1049 -65.61 36.29 37.89
C GLN F 1049 -64.76 36.70 36.67
N PRO F 1050 -65.38 36.72 35.48
CA PRO F 1050 -64.57 37.06 34.33
C PRO F 1050 -64.04 38.49 34.42
N ARG F 1051 -62.81 38.67 33.97
CA ARG F 1051 -62.15 39.95 33.90
C ARG F 1051 -61.49 40.07 32.53
N GLU F 1052 -61.13 41.30 32.17
CA GLU F 1052 -60.52 41.56 30.87
C GLU F 1052 -59.50 42.67 31.04
N ILE F 1053 -58.28 42.45 30.56
CA ILE F 1053 -57.26 43.50 30.55
C ILE F 1053 -56.47 43.57 29.25
N ASN F 1054 -56.06 44.80 28.93
CA ASN F 1054 -55.26 45.12 27.73
C ASN F 1054 -53.79 45.03 28.02
N ILE F 1055 -53.11 44.26 27.18
CA ILE F 1055 -51.67 44.23 27.18
C ILE F 1055 -51.25 44.60 25.77
N GLN F 1056 -50.28 45.51 25.66
CA GLN F 1056 -49.79 45.84 24.30
C GLN F 1056 -48.70 44.87 23.80
N ASP F 1057 -49.00 44.24 22.67
CA ASP F 1057 -48.09 43.31 22.05
C ASP F 1057 -46.89 44.08 21.52
N MET F 1058 -45.73 43.46 21.52
CA MET F 1058 -44.48 44.14 21.17
C MET F 1058 -43.98 43.77 19.77
N ASN F 1059 -44.13 42.51 19.39
CA ASN F 1059 -43.89 42.07 18.02
C ASN F 1059 -45.20 42.33 17.30
N VAL F 1060 -45.17 43.19 16.27
CA VAL F 1060 -46.36 43.87 15.68
C VAL F 1060 -46.31 43.97 14.13
N MET G 1 -65.84 45.64 71.64
CA MET G 1 -65.92 44.18 71.95
C MET G 1 -64.59 43.63 72.50
N ASN G 2 -64.62 42.77 73.53
CA ASN G 2 -63.41 42.54 74.36
C ASN G 2 -62.33 41.48 74.00
N ARG G 3 -62.62 40.22 74.30
CA ARG G 3 -61.60 39.16 74.26
C ARG G 3 -61.58 38.31 72.98
N ILE G 4 -62.62 38.40 72.15
CA ILE G 4 -62.56 37.88 70.77
C ILE G 4 -62.10 39.00 69.78
N LYS G 5 -60.88 38.86 69.25
CA LYS G 5 -60.34 39.76 68.24
C LYS G 5 -60.52 39.16 66.83
N LYS G 6 -60.60 37.83 66.75
CA LYS G 6 -60.70 37.13 65.48
C LYS G 6 -61.46 35.82 65.64
N VAL G 7 -62.26 35.46 64.66
CA VAL G 7 -63.13 34.29 64.77
C VAL G 7 -63.14 33.43 63.53
N LEU G 8 -63.18 32.14 63.76
CA LEU G 8 -63.24 31.19 62.68
C LEU G 8 -64.67 30.73 62.50
N VAL G 9 -65.08 30.57 61.25
CA VAL G 9 -66.43 30.19 60.93
C VAL G 9 -66.42 28.78 60.36
N ALA G 10 -66.63 27.82 61.26
CA ALA G 10 -66.51 26.39 60.95
C ALA G 10 -67.73 25.85 60.20
N ASN G 11 -68.06 26.54 59.11
CA ASN G 11 -69.20 26.20 58.30
C ASN G 11 -69.05 26.82 56.90
N ARG G 12 -70.04 26.54 56.06
CA ARG G 12 -70.10 27.02 54.72
C ARG G 12 -71.40 27.75 54.47
N GLY G 13 -71.56 28.29 53.25
CA GLY G 13 -72.85 28.75 52.74
C GLY G 13 -73.52 29.83 53.54
N GLU G 14 -74.81 30.03 53.24
CA GLU G 14 -75.60 31.08 53.85
C GLU G 14 -75.20 31.41 55.30
N ILE G 15 -75.17 30.37 56.14
CA ILE G 15 -74.97 30.54 57.61
C ILE G 15 -73.59 31.07 57.90
N ALA G 16 -72.61 30.59 57.13
CA ALA G 16 -71.25 31.05 57.26
C ALA G 16 -71.22 32.55 57.04
N ILE G 17 -71.86 32.98 55.96
CA ILE G 17 -71.84 34.39 55.60
C ILE G 17 -72.46 35.26 56.69
N ARG G 18 -73.64 34.85 57.17
CA ARG G 18 -74.34 35.61 58.21
C ARG G 18 -73.41 35.91 59.39
N VAL G 19 -72.59 34.93 59.76
CA VAL G 19 -71.69 35.07 60.90
C VAL G 19 -70.62 36.10 60.58
N MET G 20 -70.07 36.00 59.39
CA MET G 20 -69.01 36.90 58.96
C MET G 20 -69.54 38.32 59.03
N ARG G 21 -70.78 38.49 58.56
CA ARG G 21 -71.40 39.79 58.57
C ARG G 21 -71.49 40.30 59.99
N ALA G 22 -71.87 39.43 60.92
CA ALA G 22 -71.96 39.82 62.29
C ALA G 22 -70.62 40.30 62.80
N CYS G 23 -69.58 39.53 62.52
CA CYS G 23 -68.24 39.82 63.07
C CYS G 23 -67.80 41.17 62.55
N THR G 24 -67.86 41.32 61.25
CA THR G 24 -67.39 42.54 60.63
C THR G 24 -68.16 43.73 61.22
N GLU G 25 -69.45 43.58 61.44
CA GLU G 25 -70.23 44.63 62.08
C GLU G 25 -69.64 44.94 63.45
N LEU G 26 -69.01 43.95 64.08
CA LEU G 26 -68.37 44.13 65.42
C LEU G 26 -66.84 44.26 65.38
N LYS G 27 -66.28 44.63 64.23
CA LYS G 27 -64.85 44.88 64.13
C LYS G 27 -64.01 43.64 64.44
N ILE G 28 -64.59 42.46 64.23
CA ILE G 28 -63.90 41.20 64.50
C ILE G 28 -63.43 40.60 63.21
N LYS G 29 -62.14 40.30 63.10
CA LYS G 29 -61.59 39.62 61.92
C LYS G 29 -62.25 38.24 61.75
N THR G 30 -62.34 37.78 60.52
CA THR G 30 -63.03 36.51 60.24
C THR G 30 -62.18 35.58 59.38
N VAL G 31 -62.34 34.28 59.59
CA VAL G 31 -61.58 33.31 58.85
C VAL G 31 -62.57 32.30 58.35
N ALA G 32 -62.48 31.93 57.08
CA ALA G 32 -63.41 30.97 56.48
C ALA G 32 -62.71 29.66 56.23
N ILE G 33 -63.49 28.61 56.00
CA ILE G 33 -62.93 27.31 55.66
C ILE G 33 -63.76 26.66 54.56
N TYR G 34 -63.09 26.08 53.59
CA TYR G 34 -63.80 25.54 52.42
C TYR G 34 -63.27 24.20 52.06
N SER G 35 -64.15 23.33 51.62
CA SER G 35 -63.74 22.03 51.15
C SER G 35 -63.26 22.16 49.72
N GLN G 36 -62.68 21.08 49.20
CA GLN G 36 -62.18 21.06 47.83
C GLN G 36 -63.31 21.38 46.86
N GLU G 37 -64.49 20.84 47.11
CA GLU G 37 -65.65 21.06 46.22
C GLU G 37 -66.24 22.47 46.38
N ASP G 38 -65.78 23.21 47.39
CA ASP G 38 -66.27 24.55 47.75
C ASP G 38 -65.26 25.67 47.54
N THR G 39 -64.23 25.40 46.75
CA THR G 39 -63.29 26.43 46.32
C THR G 39 -64.02 27.56 45.63
N GLY G 40 -65.17 27.21 45.03
CA GLY G 40 -66.03 28.16 44.33
C GLY G 40 -67.06 28.91 45.16
N SER G 41 -67.47 28.36 46.31
CA SER G 41 -68.56 28.97 47.09
C SER G 41 -68.19 30.34 47.63
N PHE G 42 -69.09 31.30 47.47
CA PHE G 42 -68.71 32.68 47.69
C PHE G 42 -68.62 33.09 49.12
N HIS G 43 -68.92 32.15 49.99
CA HIS G 43 -68.74 32.38 51.42
C HIS G 43 -67.27 32.49 51.76
N ARG G 44 -66.44 31.80 50.99
CA ARG G 44 -65.01 31.84 51.21
C ARG G 44 -64.38 33.19 50.81
N TYR G 45 -64.98 33.86 49.84
CA TYR G 45 -64.47 35.16 49.42
C TYR G 45 -64.99 36.28 50.34
N LYS G 46 -66.08 36.01 51.08
CA LYS G 46 -66.65 37.00 51.98
C LYS G 46 -65.89 37.17 53.32
N SER G 47 -64.89 36.33 53.60
CA SER G 47 -64.12 36.45 54.85
C SER G 47 -62.88 37.32 54.67
N ASP G 48 -62.21 37.59 55.78
CA ASP G 48 -60.92 38.31 55.76
C ASP G 48 -59.76 37.35 55.40
N GLU G 49 -59.92 36.06 55.69
CA GLU G 49 -58.95 35.02 55.31
C GLU G 49 -59.69 33.73 55.07
N ALA G 50 -59.05 32.82 54.35
CA ALA G 50 -59.65 31.51 54.13
C ALA G 50 -58.62 30.41 53.84
N TYR G 51 -58.95 29.19 54.28
CA TYR G 51 -58.10 28.04 54.09
C TYR G 51 -58.92 26.82 53.68
N LEU G 52 -58.35 25.97 52.84
CA LEU G 52 -58.96 24.68 52.52
C LEU G 52 -58.94 23.84 53.80
N VAL G 53 -59.92 22.96 53.97
CA VAL G 53 -59.96 22.11 55.14
C VAL G 53 -59.89 20.64 54.74
N GLY G 54 -60.98 20.08 54.23
CA GLY G 54 -61.12 18.63 54.18
C GLY G 54 -60.38 18.05 53.01
N ALA G 55 -59.06 17.93 53.17
CA ALA G 55 -58.19 17.56 52.08
C ALA G 55 -58.35 16.07 51.82
N GLY G 56 -58.60 15.71 50.57
CA GLY G 56 -58.80 14.31 50.19
C GLY G 56 -60.06 13.68 50.76
N LYS G 57 -60.78 14.40 51.61
CA LYS G 57 -61.94 13.85 52.30
C LYS G 57 -63.17 13.88 51.41
N LYS G 58 -64.12 12.99 51.66
CA LYS G 58 -65.43 13.01 51.01
C LYS G 58 -66.09 14.36 51.34
N PRO G 59 -66.88 14.92 50.40
CA PRO G 59 -67.24 16.35 50.52
C PRO G 59 -67.92 16.73 51.84
N ILE G 60 -68.80 15.87 52.34
CA ILE G 60 -69.48 16.19 53.60
C ILE G 60 -68.54 16.02 54.78
N ASP G 61 -67.74 14.96 54.73
CA ASP G 61 -66.75 14.65 55.77
C ASP G 61 -65.74 15.80 56.01
N ALA G 62 -65.53 16.60 54.96
CA ALA G 62 -64.51 17.64 54.93
C ALA G 62 -64.71 18.72 55.99
N TYR G 63 -65.96 19.08 56.25
CA TYR G 63 -66.27 20.15 57.23
C TYR G 63 -66.37 19.61 58.63
N LEU G 64 -66.16 18.30 58.77
CA LEU G 64 -66.18 17.63 60.06
C LEU G 64 -64.80 17.16 60.52
N ASP G 65 -63.75 17.47 59.76
CA ASP G 65 -62.39 17.17 60.19
C ASP G 65 -62.03 18.07 61.37
N ILE G 66 -62.50 17.66 62.54
CA ILE G 66 -62.40 18.42 63.76
C ILE G 66 -60.96 18.88 63.94
N GLU G 67 -60.05 17.90 64.03
CA GLU G 67 -58.65 18.17 64.35
C GLU G 67 -58.05 19.19 63.40
N ASN G 68 -58.24 18.95 62.10
CA ASN G 68 -57.77 19.89 61.07
C ASN G 68 -58.20 21.31 61.37
N ILE G 69 -59.50 21.47 61.62
CA ILE G 69 -60.07 22.78 61.90
C ILE G 69 -59.36 23.46 63.07
N ILE G 70 -59.05 22.71 64.14
CA ILE G 70 -58.37 23.34 65.28
C ILE G 70 -56.98 23.79 64.86
N GLU G 71 -56.27 22.94 64.14
CA GLU G 71 -54.94 23.33 63.65
C GLU G 71 -55.07 24.63 62.87
N ILE G 72 -56.04 24.66 61.95
CA ILE G 72 -56.33 25.86 61.17
C ILE G 72 -56.68 27.02 62.09
N ALA G 73 -57.49 26.74 63.11
CA ALA G 73 -57.88 27.76 64.07
C ALA G 73 -56.69 28.31 64.81
N LYS G 74 -55.79 27.41 65.24
CA LYS G 74 -54.60 27.78 66.00
C LYS G 74 -53.61 28.54 65.14
N GLU G 75 -53.34 28.05 63.93
CA GLU G 75 -52.43 28.72 62.97
C GLU G 75 -52.93 30.12 62.57
N SER G 76 -54.25 30.28 62.47
CA SER G 76 -54.88 31.54 62.11
C SER G 76 -54.79 32.62 63.20
N GLY G 77 -54.73 32.21 64.47
CA GLY G 77 -54.75 33.13 65.59
C GLY G 77 -56.17 33.38 66.06
N ALA G 78 -57.08 32.50 65.64
CA ALA G 78 -58.49 32.64 65.93
C ALA G 78 -58.79 32.48 67.42
N ASP G 79 -59.29 33.55 68.03
CA ASP G 79 -59.66 33.53 69.44
C ASP G 79 -60.87 32.62 69.72
N ALA G 80 -61.71 32.38 68.71
CA ALA G 80 -62.95 31.62 68.89
C ALA G 80 -63.42 30.97 67.60
N ILE G 81 -64.34 30.01 67.73
CA ILE G 81 -64.90 29.32 66.59
C ILE G 81 -66.41 29.27 66.65
N HIS G 82 -67.06 29.64 65.55
CA HIS G 82 -68.51 29.60 65.40
C HIS G 82 -68.89 28.52 64.42
N PRO G 83 -69.62 27.50 64.87
CA PRO G 83 -69.87 26.32 64.05
C PRO G 83 -71.13 26.40 63.22
N GLY G 84 -71.86 27.50 63.39
CA GLY G 84 -73.07 27.77 62.64
C GLY G 84 -74.17 26.80 63.03
N TYR G 85 -74.71 26.10 62.03
CA TYR G 85 -75.70 25.06 62.26
C TYR G 85 -75.44 23.89 61.33
N GLY G 86 -75.92 22.71 61.71
CA GLY G 86 -75.52 21.47 61.06
C GLY G 86 -74.03 21.20 61.28
N PHE G 87 -73.49 20.21 60.57
CA PHE G 87 -72.06 19.87 60.69
C PHE G 87 -71.65 19.71 62.16
N LEU G 88 -70.69 20.51 62.62
CA LEU G 88 -70.16 20.34 63.97
C LEU G 88 -70.87 21.24 65.01
N SER G 89 -72.01 21.81 64.63
CA SER G 89 -72.77 22.68 65.53
C SER G 89 -73.10 22.03 66.86
N GLU G 90 -73.50 20.76 66.81
CA GLU G 90 -73.94 20.01 67.99
C GLU G 90 -72.94 18.93 68.46
N ASN G 91 -71.88 18.67 67.68
CA ASN G 91 -70.85 17.66 68.00
C ASN G 91 -70.10 17.98 69.30
N ILE G 92 -70.20 17.06 70.25
CA ILE G 92 -69.61 17.19 71.58
C ILE G 92 -68.08 17.23 71.53
N GLU G 93 -67.50 16.24 70.87
CA GLU G 93 -66.06 16.06 70.83
C GLU G 93 -65.37 17.37 70.46
N PHE G 94 -65.89 18.01 69.42
CA PHE G 94 -65.41 19.31 68.95
C PHE G 94 -65.61 20.38 70.03
N ALA G 95 -66.82 20.47 70.56
CA ALA G 95 -67.10 21.45 71.61
C ALA G 95 -66.07 21.33 72.73
N ARG G 96 -65.88 20.11 73.24
CA ARG G 96 -64.89 19.82 74.28
C ARG G 96 -63.51 20.26 73.82
N ARG G 97 -63.16 19.81 72.63
CA ARG G 97 -61.84 19.99 72.07
C ARG G 97 -61.43 21.47 71.97
N CYS G 98 -62.41 22.34 71.73
CA CYS G 98 -62.17 23.78 71.74
C CYS G 98 -61.70 24.22 73.12
N GLU G 99 -62.46 23.80 74.13
CA GLU G 99 -62.17 24.13 75.51
C GLU G 99 -60.81 23.64 75.93
N GLN G 100 -60.47 22.42 75.49
CA GLN G 100 -59.14 21.83 75.70
C GLN G 100 -58.02 22.74 75.21
N GLU G 101 -58.17 23.28 74.00
CA GLU G 101 -57.17 24.19 73.41
C GLU G 101 -57.35 25.65 73.80
N GLY G 102 -58.36 25.95 74.61
CA GLY G 102 -58.62 27.32 75.06
C GLY G 102 -59.24 28.22 74.00
N ILE G 103 -59.63 27.64 72.87
CA ILE G 103 -60.37 28.36 71.85
C ILE G 103 -61.79 28.52 72.39
N ILE G 104 -62.30 29.76 72.39
CA ILE G 104 -63.70 30.01 72.76
C ILE G 104 -64.62 29.39 71.72
N PHE G 105 -65.68 28.75 72.19
CA PHE G 105 -66.62 28.09 71.31
C PHE G 105 -67.92 28.86 71.42
N VAL G 106 -68.38 29.39 70.30
CA VAL G 106 -69.62 30.19 70.27
C VAL G 106 -70.82 29.27 70.32
N GLY G 107 -71.35 29.13 71.52
CA GLY G 107 -72.48 28.25 71.79
C GLY G 107 -72.46 27.77 73.23
N PRO G 108 -73.28 26.77 73.56
CA PRO G 108 -73.37 26.40 74.96
C PRO G 108 -72.15 25.59 75.38
N LYS G 109 -72.01 25.35 76.68
CA LYS G 109 -70.98 24.44 77.22
C LYS G 109 -71.27 23.00 76.74
N SER G 110 -70.22 22.21 76.57
CA SER G 110 -70.37 20.84 76.02
C SER G 110 -71.30 19.96 76.88
N LYS G 111 -71.34 20.23 78.19
CA LYS G 111 -72.30 19.60 79.08
C LYS G 111 -73.75 19.76 78.57
N HIS G 112 -74.06 20.94 78.06
CA HIS G 112 -75.37 21.24 77.48
C HIS G 112 -75.66 20.39 76.24
N LEU G 113 -74.68 20.29 75.34
CA LEU G 113 -74.84 19.49 74.12
C LEU G 113 -74.95 18.00 74.49
N ASP G 114 -74.25 17.61 75.57
CA ASP G 114 -74.28 16.25 76.07
C ASP G 114 -75.69 15.86 76.49
N MET G 115 -76.28 16.67 77.37
CA MET G 115 -77.65 16.39 77.86
C MET G 115 -78.66 16.36 76.75
N PHE G 116 -78.48 17.19 75.74
CA PHE G 116 -79.45 17.23 74.63
C PHE G 116 -79.00 16.42 73.43
N GLY G 117 -77.81 15.81 73.51
CA GLY G 117 -77.27 15.00 72.43
C GLY G 117 -78.27 14.05 71.81
N ASP G 118 -78.85 13.19 72.64
CA ASP G 118 -79.91 12.27 72.20
C ASP G 118 -81.25 12.90 72.52
N LYS G 119 -82.27 12.54 71.74
CA LYS G 119 -83.63 13.04 71.98
C LYS G 119 -84.19 12.56 73.33
N ILE G 120 -83.81 11.35 73.73
CA ILE G 120 -84.29 10.75 74.99
C ILE G 120 -83.76 11.48 76.23
N LYS G 121 -82.50 11.93 76.22
CA LYS G 121 -81.88 12.51 77.40
C LYS G 121 -82.38 13.95 77.61
N ALA G 122 -82.87 14.54 76.51
CA ALA G 122 -83.54 15.83 76.56
C ALA G 122 -84.96 15.70 77.09
N LYS G 123 -85.75 14.79 76.50
CA LYS G 123 -87.10 14.53 76.99
C LYS G 123 -87.03 14.21 78.49
N GLU G 124 -85.99 13.46 78.89
CA GLU G 124 -85.69 13.20 80.31
C GLU G 124 -85.47 14.52 81.02
N GLN G 125 -84.57 15.34 80.48
CA GLN G 125 -84.27 16.67 81.03
C GLN G 125 -85.47 17.60 81.07
N ALA G 126 -86.44 17.34 80.20
CA ALA G 126 -87.67 18.11 80.18
C ALA G 126 -88.53 17.86 81.43
N LEU G 127 -88.69 16.60 81.83
CA LEU G 127 -89.52 16.32 82.99
C LEU G 127 -88.86 16.87 84.26
N LEU G 128 -87.54 16.82 84.35
CA LEU G 128 -86.82 17.39 85.51
C LEU G 128 -87.11 18.89 85.66
N ALA G 129 -87.27 19.58 84.54
CA ALA G 129 -87.68 20.98 84.55
C ALA G 129 -89.17 21.14 84.88
N ASP G 130 -89.92 20.04 84.78
CA ASP G 130 -91.35 20.02 85.12
C ASP G 130 -92.15 20.82 84.10
N ILE G 131 -92.20 20.30 82.88
CA ILE G 131 -92.92 20.91 81.77
C ILE G 131 -93.62 19.79 81.01
N PRO G 132 -94.66 20.12 80.23
CA PRO G 132 -95.44 19.10 79.50
C PRO G 132 -94.63 18.31 78.51
N VAL G 133 -94.91 17.01 78.39
CA VAL G 133 -94.17 16.12 77.46
C VAL G 133 -95.14 15.14 76.79
N ILE G 134 -94.74 14.58 75.66
CA ILE G 134 -95.58 13.61 74.93
C ILE G 134 -95.52 12.30 75.71
N PRO G 135 -96.66 11.56 75.81
CA PRO G 135 -96.57 10.27 76.46
C PRO G 135 -95.84 9.26 75.57
N GLY G 136 -94.78 8.66 76.09
CA GLY G 136 -93.95 7.73 75.34
C GLY G 136 -93.23 6.73 76.22
N SER G 137 -92.39 5.92 75.59
CA SER G 137 -91.63 4.89 76.30
C SER G 137 -90.62 5.49 77.28
N ASN G 138 -90.61 4.97 78.51
CA ASN G 138 -89.76 5.51 79.59
C ASN G 138 -88.26 5.26 79.40
N GLY G 139 -87.94 4.32 78.51
CA GLY G 139 -86.61 4.19 77.95
C GLY G 139 -86.72 4.19 76.43
N PRO G 140 -85.59 4.02 75.73
CA PRO G 140 -85.63 3.80 74.28
C PRO G 140 -86.28 2.46 73.96
N VAL G 141 -87.15 2.43 72.95
CA VAL G 141 -87.97 1.24 72.66
C VAL G 141 -87.28 0.11 71.86
N ALA G 142 -86.81 -0.94 72.54
CA ALA G 142 -86.13 -2.07 71.90
C ALA G 142 -87.04 -2.97 71.05
N GLY G 143 -88.21 -3.29 71.59
CA GLY G 143 -88.99 -4.49 71.20
C GLY G 143 -90.25 -4.32 70.36
N ILE G 144 -90.25 -4.89 69.15
CA ILE G 144 -91.46 -4.84 68.25
C ILE G 144 -92.80 -5.43 68.72
N LYS G 145 -92.68 -6.36 69.66
CA LYS G 145 -93.75 -6.73 70.53
C LYS G 145 -93.83 -5.79 71.74
N GLU G 146 -92.66 -5.32 72.21
CA GLU G 146 -92.55 -4.45 73.41
C GLU G 146 -93.29 -3.17 73.12
N VAL G 147 -93.14 -2.71 71.88
CA VAL G 147 -93.98 -1.65 71.36
C VAL G 147 -95.44 -2.10 71.30
N GLU G 148 -95.69 -3.27 70.73
CA GLU G 148 -97.05 -3.75 70.57
C GLU G 148 -97.79 -3.66 71.91
N GLU G 149 -97.09 -4.00 73.00
CA GLU G 149 -97.61 -3.81 74.37
C GLU G 149 -97.83 -2.32 74.69
N PHE G 150 -96.84 -1.50 74.39
CA PHE G 150 -96.99 -0.04 74.48
C PHE G 150 -98.01 0.48 73.46
N GLY G 151 -98.22 -0.29 72.38
CA GLY G 151 -99.20 0.03 71.32
C GLY G 151 -100.65 -0.09 71.77
N GLU G 152 -100.91 -1.01 72.71
CA GLU G 152 -102.25 -1.07 73.39
C GLU G 152 -102.74 0.19 74.17
N LYS G 153 -101.87 0.74 75.03
CA LYS G 153 -102.18 1.92 75.87
C LYS G 153 -102.46 3.23 75.12
N ASN G 154 -101.69 3.49 74.06
CA ASN G 154 -101.91 4.68 73.24
C ASN G 154 -103.01 4.51 72.20
N GLY G 155 -103.29 5.58 71.48
CA GLY G 155 -104.31 5.51 70.47
C GLY G 155 -103.73 4.82 69.28
N TYR G 156 -104.60 4.34 68.39
CA TYR G 156 -104.18 3.79 67.10
C TYR G 156 -103.20 4.74 66.39
N PRO G 157 -103.50 6.05 66.38
CA PRO G 157 -102.38 6.88 65.88
C PRO G 157 -101.11 6.79 66.80
N LEU G 158 -99.96 6.39 66.24
CA LEU G 158 -98.64 6.31 66.97
C LEU G 158 -97.43 6.57 66.05
N MET G 159 -96.43 7.31 66.53
CA MET G 159 -95.23 7.61 65.73
C MET G 159 -94.03 6.91 66.34
N ILE G 160 -93.17 6.32 65.50
CA ILE G 160 -91.91 5.74 65.95
C ILE G 160 -90.84 6.78 65.67
N LYS G 161 -90.00 7.03 66.68
CA LYS G 161 -89.05 8.12 66.65
C LYS G 161 -87.66 7.59 66.97
N ALA G 162 -86.68 7.97 66.16
CA ALA G 162 -85.29 7.71 66.51
C ALA G 162 -84.72 8.90 67.31
N SER G 163 -83.63 8.68 68.03
CA SER G 163 -83.26 9.59 69.11
C SER G 163 -82.61 10.87 68.58
N ARG G 172 -91.08 7.36 61.71
CA ARG G 172 -92.21 7.09 60.81
C ARG G 172 -93.51 6.79 61.58
N VAL G 173 -94.62 6.94 60.86
CA VAL G 173 -95.95 6.90 61.46
C VAL G 173 -96.53 5.49 61.42
N VAL G 174 -97.11 5.07 62.55
CA VAL G 174 -97.86 3.83 62.65
C VAL G 174 -99.30 4.19 62.93
N GLU G 175 -100.18 3.61 62.13
CA GLU G 175 -101.62 3.87 62.23
C GLU G 175 -102.36 2.71 62.91
N SER G 176 -101.60 1.75 63.45
CA SER G 176 -102.08 0.52 64.12
C SER G 176 -102.59 -0.51 63.07
N LYS G 177 -103.39 -1.50 63.47
CA LYS G 177 -103.98 -2.46 62.55
C LYS G 177 -102.95 -3.42 61.98
N GLU G 178 -101.91 -3.76 62.76
CA GLU G 178 -100.85 -4.68 62.24
C GLU G 178 -99.78 -3.94 61.38
N HIS G 179 -99.87 -2.60 61.27
CA HIS G 179 -98.87 -1.78 60.54
C HIS G 179 -97.53 -1.75 61.25
N VAL G 180 -97.55 -2.05 62.56
CA VAL G 180 -96.36 -1.95 63.41
C VAL G 180 -95.15 -2.67 62.79
N LYS G 181 -95.37 -3.88 62.30
CA LYS G 181 -94.30 -4.69 61.68
C LYS G 181 -93.62 -3.95 60.54
N GLU G 182 -94.41 -3.57 59.53
CA GLU G 182 -93.91 -2.92 58.33
C GLU G 182 -93.12 -1.62 58.59
N SER G 183 -93.53 -0.88 59.62
CA SER G 183 -92.92 0.42 59.90
C SER G 183 -91.54 0.34 60.54
N PHE G 184 -91.35 -0.53 61.54
CA PHE G 184 -89.99 -0.56 62.15
C PHE G 184 -88.93 -1.01 61.20
N GLU G 185 -89.13 -2.12 60.47
CA GLU G 185 -88.04 -2.66 59.65
C GLU G 185 -87.38 -1.57 58.80
N ARG G 186 -88.20 -0.67 58.26
CA ARG G 186 -87.68 0.47 57.49
C ARG G 186 -87.30 1.68 58.36
N ALA G 187 -88.06 1.92 59.45
CA ALA G 187 -87.74 3.01 60.39
C ALA G 187 -86.36 2.87 61.02
N SER G 188 -86.15 1.74 61.70
CA SER G 188 -84.86 1.45 62.35
C SER G 188 -83.70 1.31 61.34
N SER G 189 -84.00 0.83 60.14
CA SER G 189 -82.98 0.75 59.07
C SER G 189 -82.67 2.13 58.50
N GLU G 190 -83.71 2.94 58.28
CA GLU G 190 -83.54 4.35 57.89
C GLU G 190 -82.72 5.11 58.93
N ALA G 191 -83.01 4.86 60.21
CA ALA G 191 -82.27 5.48 61.31
C ALA G 191 -80.81 5.03 61.34
N LYS G 192 -80.54 3.75 61.02
CA LYS G 192 -79.17 3.23 60.89
C LYS G 192 -78.47 3.78 59.65
N ALA G 193 -79.21 3.89 58.55
CA ALA G 193 -78.71 4.48 57.31
C ALA G 193 -78.43 5.98 57.47
N ALA G 194 -79.37 6.69 58.09
CA ALA G 194 -79.25 8.14 58.33
C ALA G 194 -78.22 8.47 59.42
N PHE G 195 -78.34 7.81 60.57
CA PHE G 195 -77.45 8.05 61.72
C PHE G 195 -76.78 6.74 62.21
N GLY G 196 -75.90 6.86 63.19
CA GLY G 196 -75.19 5.70 63.73
C GLY G 196 -76.11 4.66 64.34
N ASN G 197 -77.07 5.14 65.16
CA ASN G 197 -77.94 4.27 65.95
C ASN G 197 -79.24 3.87 65.23
N ASP G 198 -79.75 2.69 65.58
CA ASP G 198 -81.05 2.23 65.10
C ASP G 198 -82.09 2.49 66.17
N VAL G 202 -90.43 5.88 70.78
CA VAL G 202 -91.88 5.65 70.62
C VAL G 202 -92.71 6.58 71.53
N GLU G 203 -93.59 7.36 70.90
CA GLU G 203 -94.54 8.25 71.59
C GLU G 203 -95.93 8.24 70.94
N LYS G 204 -96.89 8.75 71.71
CA LYS G 204 -98.28 8.88 71.26
C LYS G 204 -98.33 9.75 70.01
N CYS G 205 -98.82 9.20 68.90
CA CYS G 205 -99.02 10.04 67.70
C CYS G 205 -99.96 11.14 68.05
N VAL G 206 -99.90 12.19 67.26
CA VAL G 206 -100.71 13.36 67.52
C VAL G 206 -101.49 13.72 66.28
N MET G 207 -102.64 14.35 66.47
CA MET G 207 -103.49 14.73 65.36
C MET G 207 -103.38 16.21 65.10
N ASN G 208 -102.99 16.55 63.87
CA ASN G 208 -103.07 17.90 63.36
C ASN G 208 -102.50 18.97 64.30
N PRO G 209 -101.25 18.77 64.74
CA PRO G 209 -100.65 19.73 65.65
C PRO G 209 -100.08 20.93 64.92
N LYS G 210 -99.68 21.92 65.70
CA LYS G 210 -99.02 23.10 65.18
C LYS G 210 -97.60 23.05 65.76
N HIS G 211 -96.60 23.15 64.89
CA HIS G 211 -95.19 23.08 65.30
C HIS G 211 -94.74 24.48 65.73
N ILE G 212 -94.46 24.67 67.01
CA ILE G 212 -94.05 25.99 67.52
C ILE G 212 -92.70 25.93 68.23
N GLU G 213 -91.78 26.82 67.85
CA GLU G 213 -90.47 26.92 68.50
C GLU G 213 -90.34 28.22 69.25
N VAL G 214 -89.49 28.25 70.26
CA VAL G 214 -89.18 29.48 70.99
C VAL G 214 -87.70 29.72 70.98
N GLN G 215 -87.29 30.95 70.65
CA GLN G 215 -85.85 31.26 70.60
C GLN G 215 -85.42 31.75 71.97
N ILE G 216 -84.26 31.27 72.42
CA ILE G 216 -83.74 31.61 73.74
C ILE G 216 -82.30 32.12 73.67
N LEU G 217 -82.01 33.11 74.51
CA LEU G 217 -80.67 33.66 74.68
C LEU G 217 -80.33 33.70 76.15
N GLY G 218 -79.19 33.12 76.51
CA GLY G 218 -78.71 33.16 77.89
C GLY G 218 -77.24 33.52 77.97
N ASP G 219 -76.89 34.42 78.89
CA ASP G 219 -75.48 34.80 79.05
C ASP G 219 -74.77 33.92 80.05
N THR G 220 -73.46 34.16 80.15
CA THR G 220 -72.60 33.51 81.13
C THR G 220 -72.92 33.90 82.58
N HIS G 221 -73.75 34.91 82.76
CA HIS G 221 -74.11 35.48 84.07
C HIS G 221 -75.53 35.10 84.51
N GLY G 222 -76.00 33.92 84.10
CA GLY G 222 -77.30 33.39 84.52
C GLY G 222 -78.55 34.20 84.16
N ASN G 223 -78.43 35.10 83.18
CA ASN G 223 -79.60 35.82 82.64
C ASN G 223 -80.09 35.08 81.42
N ILE G 224 -81.36 34.69 81.43
CA ILE G 224 -81.96 34.04 80.28
C ILE G 224 -83.20 34.78 79.85
N VAL G 225 -83.39 34.84 78.54
CA VAL G 225 -84.46 35.59 77.91
C VAL G 225 -84.98 34.75 76.76
N HIS G 226 -86.25 34.92 76.42
CA HIS G 226 -86.83 34.33 75.24
C HIS G 226 -87.22 35.45 74.25
N LEU G 227 -87.17 35.13 72.97
CA LEU G 227 -87.43 36.07 71.89
C LEU G 227 -88.73 35.68 71.15
N PHE G 228 -89.61 35.00 71.86
CA PHE G 228 -90.92 34.60 71.35
C PHE G 228 -90.85 33.44 70.35
N GLU G 229 -92.03 33.01 69.94
CA GLU G 229 -92.15 31.81 69.15
C GLU G 229 -91.90 32.04 67.66
N ARG G 230 -91.88 30.91 66.94
CA ARG G 230 -91.95 30.85 65.49
C ARG G 230 -92.82 29.67 65.11
N ASP G 231 -93.62 29.83 64.06
CA ASP G 231 -94.57 28.80 63.61
C ASP G 231 -94.05 28.10 62.38
N CYS G 232 -93.56 26.88 62.57
CA CYS G 232 -93.00 26.09 61.47
C CYS G 232 -93.94 24.96 61.07
N SER G 233 -95.24 25.18 61.26
CA SER G 233 -96.24 24.16 61.02
C SER G 233 -96.33 23.79 59.55
N ILE G 234 -95.97 24.71 58.65
CA ILE G 234 -95.98 24.38 57.23
C ILE G 234 -94.81 23.46 56.96
N GLN G 235 -95.10 22.19 56.63
CA GLN G 235 -94.02 21.23 56.34
C GLN G 235 -94.43 20.24 55.27
N ARG G 236 -93.43 19.76 54.52
CA ARG G 236 -93.64 18.72 53.48
C ARG G 236 -92.94 17.44 53.88
N ARG G 237 -93.74 16.39 54.12
CA ARG G 237 -93.24 15.12 54.61
C ARG G 237 -92.40 15.37 55.85
N HIS G 238 -92.93 16.23 56.72
CA HIS G 238 -92.28 16.58 57.99
C HIS G 238 -90.90 17.22 57.80
N GLN G 239 -90.78 18.06 56.77
CA GLN G 239 -89.59 18.86 56.49
C GLN G 239 -90.05 20.33 56.40
N LYS G 240 -89.47 21.22 57.23
CA LYS G 240 -89.88 22.64 57.26
C LYS G 240 -89.75 23.28 55.87
N VAL G 241 -90.73 24.09 55.48
CA VAL G 241 -90.75 24.71 54.14
C VAL G 241 -90.88 26.22 54.23
N VAL G 242 -91.96 26.66 54.90
CA VAL G 242 -92.19 28.07 55.17
C VAL G 242 -92.39 28.28 56.67
N GLU G 243 -91.61 29.20 57.21
CA GLU G 243 -91.57 29.44 58.63
C GLU G 243 -92.07 30.89 58.83
N VAL G 244 -92.85 31.09 59.89
CA VAL G 244 -93.54 32.34 60.16
C VAL G 244 -93.45 32.68 61.63
N ALA G 245 -93.29 33.96 61.92
CA ALA G 245 -93.32 34.42 63.29
C ALA G 245 -93.87 35.85 63.37
N PRO G 246 -94.57 36.18 64.47
CA PRO G 246 -94.94 35.23 65.51
C PRO G 246 -96.12 34.40 65.01
N CYS G 247 -96.52 33.39 65.78
CA CYS G 247 -97.71 32.60 65.44
C CYS G 247 -99.00 33.36 65.67
N ASN G 248 -99.76 33.56 64.60
CA ASN G 248 -100.94 34.43 64.64
C ASN G 248 -102.08 33.77 65.36
N ALA G 249 -102.17 32.45 65.21
CA ALA G 249 -103.36 31.69 65.57
C ALA G 249 -103.46 31.28 67.03
N ILE G 250 -102.48 31.60 67.85
CA ILE G 250 -102.59 31.30 69.27
C ILE G 250 -102.88 32.55 70.11
N THR G 251 -103.43 32.33 71.30
CA THR G 251 -103.75 33.42 72.24
C THR G 251 -102.53 33.80 73.04
N SER G 252 -102.33 35.10 73.25
CA SER G 252 -101.14 35.61 73.95
C SER G 252 -100.93 34.88 75.27
N GLU G 253 -102.00 34.69 76.02
CA GLU G 253 -101.93 33.90 77.26
C GLU G 253 -101.19 32.58 77.03
N LEU G 254 -101.54 31.89 75.94
CA LEU G 254 -100.94 30.58 75.61
C LEU G 254 -99.47 30.76 75.26
N ARG G 255 -99.21 31.65 74.31
CA ARG G 255 -97.86 31.92 73.87
C ARG G 255 -96.97 32.00 75.09
N ASN G 256 -97.31 32.92 76.00
CA ASN G 256 -96.48 33.19 77.18
C ASN G 256 -96.25 31.95 78.02
N ARG G 257 -97.28 31.12 78.13
CA ARG G 257 -97.19 29.83 78.83
C ARG G 257 -96.08 28.98 78.24
N ILE G 258 -96.13 28.80 76.92
CA ILE G 258 -95.13 28.01 76.19
C ILE G 258 -93.73 28.59 76.33
N CYS G 259 -93.61 29.88 76.05
CA CYS G 259 -92.34 30.59 76.17
C CYS G 259 -91.78 30.45 77.59
N ASP G 260 -92.59 30.77 78.59
CA ASP G 260 -92.20 30.63 80.01
C ASP G 260 -91.79 29.19 80.35
N ALA G 261 -92.46 28.22 79.72
CA ALA G 261 -92.07 26.81 79.83
C ALA G 261 -90.64 26.58 79.34
N ALA G 262 -90.37 27.09 78.13
CA ALA G 262 -89.04 27.03 77.57
C ALA G 262 -88.04 27.71 78.49
N VAL G 263 -88.37 28.92 78.97
CA VAL G 263 -87.43 29.65 79.81
C VAL G 263 -87.07 28.83 81.03
N LYS G 264 -88.10 28.31 81.70
CA LYS G 264 -87.95 27.51 82.92
C LYS G 264 -86.98 26.35 82.72
N LEU G 265 -87.16 25.65 81.61
CA LEU G 265 -86.27 24.56 81.21
C LEU G 265 -84.81 25.02 81.07
N MET G 266 -84.57 26.01 80.21
CA MET G 266 -83.22 26.50 79.96
C MET G 266 -82.59 27.15 81.20
N LYS G 267 -83.42 27.75 82.04
CA LYS G 267 -82.95 28.28 83.33
C LYS G 267 -82.52 27.10 84.21
N ASN G 268 -83.36 26.06 84.25
CA ASN G 268 -83.06 24.83 84.99
C ASN G 268 -81.70 24.20 84.63
N VAL G 269 -81.27 24.35 83.39
CA VAL G 269 -79.98 23.79 82.93
C VAL G 269 -78.83 24.80 83.00
N ASP G 270 -79.13 26.03 83.44
CA ASP G 270 -78.20 27.16 83.40
C ASP G 270 -77.64 27.33 81.99
N TYR G 271 -78.54 27.37 81.01
CA TYR G 271 -78.17 27.36 79.57
C TYR G 271 -77.48 28.65 79.14
N ILE G 272 -76.42 28.49 78.35
CA ILE G 272 -75.59 29.60 77.90
C ILE G 272 -75.62 29.74 76.38
N ASN G 273 -75.75 31.01 75.94
CA ASN G 273 -75.78 31.40 74.53
C ASN G 273 -77.17 31.17 73.91
N ALA G 274 -77.20 30.92 72.61
CA ALA G 274 -78.46 30.88 71.88
C ALA G 274 -78.83 29.47 71.57
N GLY G 275 -80.12 29.21 71.64
CA GLY G 275 -80.69 27.89 71.37
C GLY G 275 -82.20 27.97 71.25
N THR G 276 -82.80 26.88 70.82
CA THR G 276 -84.23 26.86 70.58
C THR G 276 -84.92 25.66 71.20
N VAL G 277 -86.08 25.92 71.81
CA VAL G 277 -86.94 24.87 72.38
C VAL G 277 -88.14 24.74 71.49
N GLU G 278 -88.31 23.55 70.94
CA GLU G 278 -89.42 23.28 70.05
C GLU G 278 -90.60 22.79 70.92
N PHE G 279 -91.84 23.08 70.48
CA PHE G 279 -93.09 22.54 71.08
C PHE G 279 -94.11 22.10 70.00
N LEU G 280 -94.91 21.07 70.30
CA LEU G 280 -96.08 20.74 69.48
C LEU G 280 -97.30 21.27 70.23
N VAL G 281 -98.27 21.81 69.49
CA VAL G 281 -99.42 22.45 70.11
C VAL G 281 -100.73 21.99 69.48
N GLU G 282 -101.62 21.50 70.35
CA GLU G 282 -102.99 21.14 69.97
C GLU G 282 -103.97 21.91 70.85
N GLY G 283 -104.96 22.54 70.22
CA GLY G 283 -105.97 23.29 70.94
C GLY G 283 -105.33 24.25 71.92
N ASP G 284 -105.47 23.98 73.21
CA ASP G 284 -104.85 24.79 74.26
C ASP G 284 -103.83 24.00 75.08
N ASP G 285 -103.49 22.79 74.63
CA ASP G 285 -102.47 22.00 75.28
C ASP G 285 -101.23 21.99 74.41
N PHE G 286 -100.07 22.23 75.03
CA PHE G 286 -98.81 22.14 74.32
C PHE G 286 -97.91 21.09 74.96
N TYR G 287 -96.94 20.61 74.19
CA TYR G 287 -96.04 19.56 74.65
C TYR G 287 -94.63 19.66 74.04
N PHE G 288 -93.62 19.48 74.89
CA PHE G 288 -92.21 19.49 74.47
C PHE G 288 -91.93 18.42 73.41
N ILE G 289 -91.01 18.72 72.49
CA ILE G 289 -90.68 17.88 71.33
C ILE G 289 -89.19 17.63 71.23
N GLU G 290 -88.40 18.70 71.21
CA GLU G 290 -86.94 18.61 71.05
C GLU G 290 -86.29 19.92 71.50
N VAL G 291 -84.97 19.92 71.55
CA VAL G 291 -84.19 21.13 71.87
C VAL G 291 -82.96 21.26 70.96
N ASN G 292 -82.85 22.41 70.29
CA ASN G 292 -81.70 22.71 69.44
C ASN G 292 -80.77 23.71 70.12
N PRO G 293 -79.57 23.26 70.54
CA PRO G 293 -78.59 24.14 71.18
C PRO G 293 -77.70 24.88 70.16
N ARG G 294 -78.34 25.64 69.27
CA ARG G 294 -77.64 26.32 68.19
C ARG G 294 -78.52 27.41 67.56
N VAL G 295 -77.92 28.17 66.64
CA VAL G 295 -78.68 29.08 65.78
C VAL G 295 -79.48 28.20 64.84
N GLN G 296 -80.68 28.61 64.48
CA GLN G 296 -81.46 27.84 63.53
C GLN G 296 -81.56 28.61 62.22
N VAL G 297 -81.90 27.90 61.16
CA VAL G 297 -82.01 28.50 59.85
C VAL G 297 -83.00 29.66 59.90
N GLU G 298 -84.11 29.41 60.58
CA GLU G 298 -85.23 30.35 60.59
C GLU G 298 -85.11 31.44 61.67
N HIS G 299 -83.90 31.70 62.15
CA HIS G 299 -83.72 32.68 63.21
C HIS G 299 -83.97 34.11 62.72
N THR G 300 -83.86 34.31 61.41
CA THR G 300 -84.08 35.60 60.80
C THR G 300 -85.41 36.21 61.25
N ILE G 301 -86.52 35.49 61.05
CA ILE G 301 -87.84 36.04 61.33
C ILE G 301 -87.98 36.53 62.76
N THR G 302 -87.38 35.81 63.70
CA THR G 302 -87.41 36.24 65.09
C THR G 302 -86.62 37.54 65.24
N GLU G 303 -85.46 37.62 64.60
CA GLU G 303 -84.72 38.89 64.53
C GLU G 303 -85.60 40.06 64.05
N MET G 304 -86.47 39.77 63.09
CA MET G 304 -87.26 40.80 62.43
C MET G 304 -88.41 41.33 63.28
N ILE G 305 -89.01 40.47 64.09
CA ILE G 305 -90.11 40.88 64.97
C ILE G 305 -89.65 41.42 66.31
N THR G 306 -88.57 40.87 66.86
CA THR G 306 -88.02 41.37 68.12
C THR G 306 -87.19 42.64 67.93
N GLY G 307 -86.43 42.69 66.83
CA GLY G 307 -85.51 43.80 66.60
C GLY G 307 -84.10 43.47 67.06
N ILE G 308 -83.93 42.25 67.57
CA ILE G 308 -82.66 41.86 68.17
C ILE G 308 -81.79 41.03 67.23
N ASP G 309 -80.58 41.52 66.96
CA ASP G 309 -79.62 40.79 66.14
C ASP G 309 -79.13 39.63 66.98
N ILE G 310 -79.57 38.43 66.62
CA ILE G 310 -79.22 37.22 67.37
C ILE G 310 -77.73 36.89 67.30
N VAL G 311 -77.17 36.89 66.09
CA VAL G 311 -75.80 36.42 65.87
C VAL G 311 -74.79 37.40 66.45
N GLN G 312 -75.02 38.69 66.29
CA GLN G 312 -74.25 39.67 67.05
C GLN G 312 -74.30 39.29 68.54
N SER G 313 -75.50 39.03 69.06
CA SER G 313 -75.65 38.67 70.47
C SER G 313 -74.84 37.39 70.77
N GLN G 314 -74.99 36.35 69.96
CA GLN G 314 -74.18 35.15 70.14
C GLN G 314 -72.72 35.49 70.43
N LEU G 315 -72.17 36.43 69.66
CA LEU G 315 -70.74 36.79 69.77
C LEU G 315 -70.44 37.56 71.04
N PHE G 316 -71.36 38.42 71.45
CA PHE G 316 -71.21 39.15 72.71
C PHE G 316 -71.22 38.20 73.89
N ILE G 317 -72.14 37.24 73.85
CA ILE G 317 -72.28 36.22 74.89
C ILE G 317 -71.06 35.33 74.98
N ALA G 318 -70.51 34.91 73.85
CA ALA G 318 -69.25 34.15 73.84
C ALA G 318 -68.04 34.96 74.35
N ASP G 319 -68.09 36.27 74.17
CA ASP G 319 -67.15 37.14 74.85
C ASP G 319 -67.53 37.37 76.31
N GLY G 320 -68.74 36.95 76.68
CA GLY G 320 -69.16 36.87 78.07
C GLY G 320 -70.03 38.01 78.58
N TYR G 321 -70.20 39.06 77.79
CA TYR G 321 -70.97 40.22 78.23
C TYR G 321 -72.34 39.72 78.73
N ALA G 322 -72.95 40.51 79.59
CA ALA G 322 -74.31 40.25 80.04
C ALA G 322 -75.32 40.68 78.99
N LEU G 323 -76.46 40.01 78.96
CA LEU G 323 -77.49 40.27 77.98
C LEU G 323 -77.86 41.74 77.99
N HIS G 324 -77.92 42.31 79.18
CA HIS G 324 -78.47 43.65 79.33
C HIS G 324 -77.42 44.73 79.44
N ASP G 325 -76.17 44.41 79.08
CA ASP G 325 -75.13 45.43 78.99
C ASP G 325 -75.53 46.54 78.05
N GLN G 326 -74.81 47.65 78.14
CA GLN G 326 -75.05 48.80 77.26
C GLN G 326 -74.79 48.40 75.81
N LEU G 327 -73.61 47.82 75.56
CA LEU G 327 -73.18 47.49 74.20
C LEU G 327 -74.07 46.43 73.54
N VAL G 328 -74.46 45.42 74.30
CA VAL G 328 -75.28 44.32 73.79
C VAL G 328 -76.70 44.81 73.55
N ALA G 329 -77.18 45.69 74.43
CA ALA G 329 -78.46 46.35 74.22
C ALA G 329 -79.66 45.41 74.03
N ILE G 330 -79.68 44.29 74.76
CA ILE G 330 -80.90 43.50 74.85
C ILE G 330 -81.73 44.00 76.05
N PRO G 331 -83.00 44.33 75.82
CA PRO G 331 -83.77 44.86 76.92
C PRO G 331 -84.21 43.76 77.88
N LYS G 332 -84.59 44.19 79.08
CA LYS G 332 -85.25 43.30 80.02
C LYS G 332 -86.46 42.66 79.38
N GLN G 333 -86.71 41.38 79.70
CA GLN G 333 -87.81 40.62 79.13
C GLN G 333 -89.14 41.37 79.01
N GLU G 334 -89.49 42.12 80.06
CA GLU G 334 -90.73 42.89 80.11
C GLU G 334 -90.73 43.87 78.94
N ASP G 335 -89.55 44.41 78.64
CA ASP G 335 -89.36 45.38 77.56
C ASP G 335 -89.20 44.79 76.13
N ILE G 336 -89.11 43.46 76.00
CA ILE G 336 -89.09 42.79 74.69
C ILE G 336 -90.47 42.54 74.11
N HIS G 337 -90.79 43.16 72.98
CA HIS G 337 -92.13 43.06 72.39
C HIS G 337 -92.07 42.55 70.95
N ILE G 338 -93.23 42.30 70.37
CA ILE G 338 -93.33 41.94 68.97
C ILE G 338 -93.70 43.14 68.10
N HIS G 339 -92.87 43.45 67.10
CA HIS G 339 -93.28 44.40 66.06
C HIS G 339 -93.61 43.53 64.85
N GLY G 340 -94.83 43.64 64.35
CA GLY G 340 -95.23 43.00 63.09
C GLY G 340 -95.14 41.49 63.05
N SER G 341 -95.11 40.95 61.84
CA SER G 341 -94.81 39.55 61.64
C SER G 341 -93.98 39.36 60.39
N ALA G 342 -93.26 38.25 60.37
CA ALA G 342 -92.34 38.00 59.28
C ALA G 342 -92.42 36.57 58.82
N ILE G 343 -92.35 36.40 57.52
CA ILE G 343 -92.44 35.13 56.89
C ILE G 343 -91.12 34.88 56.22
N GLN G 344 -90.60 33.67 56.33
CA GLN G 344 -89.40 33.31 55.60
C GLN G 344 -89.64 32.11 54.73
N SER G 345 -89.09 32.18 53.52
CA SER G 345 -89.07 31.05 52.59
C SER G 345 -87.71 30.92 51.94
N ARG G 346 -87.29 29.69 51.73
CA ARG G 346 -85.96 29.40 51.24
C ARG G 346 -86.03 28.95 49.79
N ILE G 347 -85.49 29.77 48.90
CA ILE G 347 -85.42 29.42 47.50
C ILE G 347 -84.31 28.39 47.36
N THR G 348 -84.64 27.25 46.78
CA THR G 348 -83.69 26.17 46.56
C THR G 348 -83.79 25.68 45.13
N THR G 349 -82.79 24.89 44.76
CA THR G 349 -82.74 24.26 43.48
C THR G 349 -83.57 22.96 43.36
N GLU G 350 -84.26 22.57 44.42
CA GLU G 350 -85.20 21.44 44.34
C GLU G 350 -86.24 21.76 43.28
N ASP G 351 -86.39 20.90 42.28
CA ASP G 351 -87.36 21.08 41.21
C ASP G 351 -88.61 20.28 41.49
N PRO G 352 -89.78 20.93 41.63
CA PRO G 352 -90.95 20.13 42.00
C PRO G 352 -91.53 19.20 40.91
N LEU G 353 -91.27 19.50 39.64
CA LEU G 353 -91.64 18.59 38.55
C LEU G 353 -90.83 17.30 38.59
N ASN G 354 -89.55 17.42 38.92
CA ASN G 354 -88.65 16.27 39.09
C ASN G 354 -88.64 15.72 40.53
N ASN G 355 -89.79 15.78 41.19
CA ASN G 355 -89.90 15.37 42.59
C ASN G 355 -88.77 15.92 43.48
N PHE G 356 -88.53 17.22 43.37
CA PHE G 356 -87.66 17.98 44.27
C PHE G 356 -86.22 17.47 44.29
N MET G 357 -85.81 16.83 43.22
CA MET G 357 -84.41 16.46 43.05
C MET G 357 -83.67 17.78 42.87
N PRO G 358 -82.73 18.10 43.79
CA PRO G 358 -81.91 19.30 43.62
C PRO G 358 -81.25 19.38 42.26
N ASP G 359 -81.73 20.26 41.39
CA ASP G 359 -81.11 20.48 40.08
C ASP G 359 -79.68 20.97 40.30
N THR G 360 -78.81 20.68 39.35
CA THR G 360 -77.44 21.19 39.40
C THR G 360 -77.12 22.02 38.18
N GLY G 361 -75.96 22.66 38.23
CA GLY G 361 -75.53 23.44 37.08
C GLY G 361 -75.12 24.86 37.41
N ARG G 362 -74.95 25.62 36.35
CA ARG G 362 -74.52 27.00 36.44
C ARG G 362 -75.75 27.90 36.37
N VAL G 363 -75.70 28.94 37.21
CA VAL G 363 -76.74 29.95 37.28
C VAL G 363 -76.32 31.05 36.33
N ASP G 364 -76.91 31.08 35.14
CA ASP G 364 -76.49 32.09 34.14
C ASP G 364 -77.06 33.48 34.48
N THR G 365 -78.24 33.50 35.11
CA THR G 365 -78.88 34.76 35.49
C THR G 365 -79.50 34.68 36.88
N TYR G 366 -79.09 35.57 37.77
CA TYR G 366 -79.63 35.62 39.12
C TYR G 366 -79.93 37.07 39.41
N ARG G 367 -81.22 37.39 39.46
CA ARG G 367 -81.63 38.74 39.77
C ARG G 367 -82.54 38.75 40.97
N SER G 368 -82.01 39.30 42.07
CA SER G 368 -82.71 39.31 43.33
C SER G 368 -83.65 40.49 43.40
N THR G 369 -84.41 40.52 44.48
CA THR G 369 -85.43 41.50 44.70
C THR G 369 -85.03 42.31 45.93
N GLY G 370 -85.80 43.32 46.25
CA GLY G 370 -85.59 44.10 47.48
C GLY G 370 -86.80 44.96 47.79
N GLY G 371 -86.61 45.99 48.62
CA GLY G 371 -87.66 46.97 48.88
C GLY G 371 -88.02 46.98 50.35
N PHE G 372 -89.12 47.64 50.70
CA PHE G 372 -89.51 47.73 52.10
C PHE G 372 -89.92 46.34 52.60
N GLY G 373 -89.42 46.00 53.78
CA GLY G 373 -89.82 44.80 54.45
C GLY G 373 -89.30 43.53 53.82
N VAL G 374 -88.21 43.66 53.06
CA VAL G 374 -87.57 42.51 52.42
C VAL G 374 -86.15 42.38 52.90
N ARG G 375 -85.81 41.16 53.31
CA ARG G 375 -84.45 40.81 53.73
C ARG G 375 -84.06 39.63 52.92
N LEU G 376 -82.80 39.62 52.51
CA LEU G 376 -82.25 38.45 51.83
C LEU G 376 -81.01 38.03 52.56
N ASP G 377 -80.92 36.72 52.82
CA ASP G 377 -79.68 36.14 53.31
C ASP G 377 -79.18 35.19 52.22
N ALA G 378 -78.09 35.60 51.60
CA ALA G 378 -77.59 34.96 50.41
C ALA G 378 -76.84 33.73 50.82
N GLY G 379 -77.01 32.68 50.03
CA GLY G 379 -76.29 31.44 50.23
C GLY G 379 -75.35 31.27 49.06
N ASN G 380 -75.58 30.25 48.23
CA ASN G 380 -74.82 30.04 46.99
C ASN G 380 -75.56 30.68 45.83
N GLY G 381 -75.69 32.00 45.89
CA GLY G 381 -76.59 32.75 45.00
C GLY G 381 -76.01 34.03 44.42
N PHE G 382 -75.10 33.87 43.46
CA PHE G 382 -74.62 35.00 42.65
C PHE G 382 -74.52 34.53 41.19
N GLN G 383 -74.38 35.45 40.26
CA GLN G 383 -74.56 35.14 38.84
C GLN G 383 -73.67 34.00 38.37
N GLY G 384 -72.38 34.11 38.64
CA GLY G 384 -71.44 33.09 38.16
C GLY G 384 -71.62 31.68 38.71
N THR G 385 -72.05 31.57 39.96
CA THR G 385 -71.93 30.31 40.68
C THR G 385 -72.49 29.08 39.96
N VAL G 386 -71.85 27.94 40.23
CA VAL G 386 -72.34 26.62 39.83
C VAL G 386 -72.81 25.90 41.07
N VAL G 387 -73.97 25.28 41.03
CA VAL G 387 -74.40 24.45 42.16
C VAL G 387 -73.88 23.03 42.00
N THR G 388 -73.20 22.55 43.03
CA THR G 388 -72.75 21.16 43.11
C THR G 388 -73.89 20.41 43.76
N PRO G 389 -73.94 19.09 43.57
CA PRO G 389 -74.96 18.30 44.25
C PRO G 389 -74.53 17.84 45.64
N PHE G 390 -73.26 18.06 45.99
CA PHE G 390 -72.68 17.45 47.20
C PHE G 390 -73.31 17.97 48.49
N TYR G 391 -73.49 19.27 48.55
CA TYR G 391 -74.09 19.99 49.68
C TYR G 391 -75.54 20.31 49.37
N ASP G 392 -76.22 20.95 50.33
CA ASP G 392 -77.66 21.22 50.19
C ASP G 392 -77.98 22.24 49.09
N SER G 393 -79.27 22.31 48.74
CA SER G 393 -79.72 22.95 47.53
C SER G 393 -79.92 24.47 47.62
N LEU G 394 -79.75 25.05 48.81
CA LEU G 394 -80.21 26.42 49.09
C LEU G 394 -79.42 27.55 48.42
N LEU G 395 -80.14 28.36 47.65
CA LEU G 395 -79.56 29.52 46.94
C LEU G 395 -79.64 30.78 47.76
N VAL G 396 -80.87 31.12 48.17
CA VAL G 396 -81.10 32.35 48.96
C VAL G 396 -82.32 32.23 49.89
N LYS G 397 -82.19 32.80 51.07
CA LYS G 397 -83.27 32.84 52.02
C LYS G 397 -84.01 34.16 51.88
N LEU G 398 -85.29 34.10 51.56
CA LEU G 398 -86.09 35.30 51.36
C LEU G 398 -87.12 35.48 52.46
N CYS G 399 -86.94 36.52 53.26
CA CYS G 399 -87.87 36.83 54.32
C CYS G 399 -88.51 38.18 54.05
N THR G 400 -89.80 38.31 54.39
CA THR G 400 -90.49 39.58 54.26
C THR G 400 -91.23 39.88 55.53
N TRP G 401 -91.39 41.16 55.82
CA TRP G 401 -92.00 41.60 57.07
C TRP G 401 -93.14 42.55 56.82
N GLY G 402 -94.10 42.56 57.74
CA GLY G 402 -95.23 43.48 57.69
C GLY G 402 -95.79 43.73 59.07
N MET G 403 -96.50 44.85 59.24
CA MET G 403 -97.19 45.15 60.49
C MET G 403 -98.24 44.09 60.78
N THR G 404 -98.89 43.60 59.73
CA THR G 404 -99.83 42.50 59.82
C THR G 404 -99.33 41.38 58.94
N PHE G 405 -99.50 40.15 59.38
CA PHE G 405 -99.09 38.98 58.58
C PHE G 405 -99.69 39.05 57.16
N GLU G 406 -100.89 39.59 57.05
CA GLU G 406 -101.53 39.73 55.74
C GLU G 406 -100.71 40.67 54.88
N GLN G 407 -100.11 41.68 55.50
CA GLN G 407 -99.21 42.61 54.79
C GLN G 407 -97.93 41.92 54.34
N ALA G 408 -97.36 41.09 55.21
CA ALA G 408 -96.13 40.37 54.92
C ALA G 408 -96.34 39.35 53.79
N THR G 409 -97.44 38.63 53.84
CA THR G 409 -97.77 37.66 52.79
C THR G 409 -97.81 38.33 51.42
N ARG G 410 -98.35 39.55 51.35
CA ARG G 410 -98.36 40.29 50.08
C ARG G 410 -96.95 40.50 49.56
N LYS G 411 -96.05 40.92 50.46
CA LYS G 411 -94.69 41.27 50.07
C LYS G 411 -93.92 40.05 49.65
N MET G 412 -94.16 38.96 50.37
CA MET G 412 -93.62 37.69 49.96
C MET G 412 -94.10 37.32 48.56
N ARG G 413 -95.40 37.40 48.30
CA ARG G 413 -95.89 37.07 46.99
C ARG G 413 -95.06 37.82 45.94
N ARG G 414 -95.11 39.16 45.99
CA ARG G 414 -94.43 40.01 45.00
C ARG G 414 -93.00 39.64 44.78
N ASN G 415 -92.26 39.51 45.87
CA ASN G 415 -90.86 39.15 45.82
C ASN G 415 -90.62 37.84 45.09
N LEU G 416 -91.43 36.82 45.35
CA LEU G 416 -91.21 35.49 44.76
C LEU G 416 -91.38 35.53 43.27
N ILE G 417 -92.38 36.29 42.83
CA ILE G 417 -92.59 36.53 41.40
C ILE G 417 -91.44 37.32 40.79
N GLU G 418 -91.00 38.35 41.51
CA GLU G 418 -89.96 39.26 41.02
C GLU G 418 -88.62 38.58 40.76
N PHE G 419 -88.33 37.51 41.51
CA PHE G 419 -87.07 36.78 41.35
C PHE G 419 -86.90 36.26 39.95
N ARG G 420 -85.72 36.49 39.38
CA ARG G 420 -85.35 35.90 38.10
C ARG G 420 -84.07 35.12 38.26
N ILE G 421 -84.22 33.79 38.27
CA ILE G 421 -83.09 32.87 38.36
C ILE G 421 -83.15 31.93 37.16
N ARG G 422 -82.09 31.90 36.34
CA ARG G 422 -82.04 30.96 35.21
C ARG G 422 -80.73 30.22 35.11
N GLY G 423 -80.85 28.97 34.66
CA GLY G 423 -79.74 28.05 34.62
C GLY G 423 -80.08 26.80 35.40
N VAL G 424 -80.96 26.95 36.39
CA VAL G 424 -81.35 25.81 37.21
C VAL G 424 -82.82 25.89 37.60
N LYS G 425 -83.41 24.73 37.84
CA LYS G 425 -84.78 24.67 38.32
C LYS G 425 -84.79 25.12 39.79
N THR G 426 -85.93 25.63 40.24
CA THR G 426 -86.06 26.05 41.65
C THR G 426 -87.40 25.65 42.20
N ASN G 427 -87.57 25.89 43.49
CA ASN G 427 -88.81 25.54 44.16
C ASN G 427 -89.78 26.71 44.24
N ILE G 428 -89.47 27.79 43.55
CA ILE G 428 -90.27 28.99 43.64
C ILE G 428 -91.73 28.71 43.32
N PRO G 429 -92.01 28.09 42.16
CA PRO G 429 -93.42 27.84 41.78
C PRO G 429 -94.18 27.04 42.80
N PHE G 430 -93.46 26.19 43.54
CA PHE G 430 -94.07 25.49 44.66
C PHE G 430 -94.41 26.49 45.77
N LEU G 431 -93.42 27.25 46.22
CA LEU G 431 -93.63 28.21 47.30
C LEU G 431 -94.76 29.20 46.95
N LEU G 432 -94.81 29.61 45.69
CA LEU G 432 -95.88 30.52 45.27
C LEU G 432 -97.23 29.90 45.52
N ASN G 433 -97.39 28.63 45.16
CA ASN G 433 -98.67 27.96 45.35
C ASN G 433 -99.09 27.87 46.83
N VAL G 434 -98.12 27.58 47.69
CA VAL G 434 -98.39 27.53 49.12
C VAL G 434 -98.69 28.93 49.67
N VAL G 435 -97.97 29.93 49.22
CA VAL G 435 -98.20 31.28 49.69
C VAL G 435 -99.51 31.85 49.14
N ARG G 436 -99.85 31.50 47.90
CA ARG G 436 -101.14 31.91 47.32
C ARG G 436 -102.33 31.22 47.96
N HIS G 437 -102.12 30.00 48.46
CA HIS G 437 -103.23 29.24 48.98
C HIS G 437 -103.95 29.98 50.10
N PRO G 438 -105.28 30.05 50.03
CA PRO G 438 -106.05 30.82 51.01
C PRO G 438 -105.97 30.33 52.45
N ASP G 439 -105.97 29.03 52.66
CA ASP G 439 -105.66 28.45 53.97
C ASP G 439 -104.34 28.86 54.59
N PHE G 440 -103.36 29.23 53.76
CA PHE G 440 -102.10 29.76 54.31
C PHE G 440 -102.32 31.18 54.79
N ALA G 441 -102.98 31.99 53.98
CA ALA G 441 -103.27 33.37 54.35
C ALA G 441 -104.14 33.47 55.61
N SER G 442 -105.00 32.47 55.84
CA SER G 442 -105.85 32.44 57.02
C SER G 442 -104.99 32.41 58.29
N GLY G 443 -103.88 31.68 58.23
CA GLY G 443 -102.99 31.55 59.39
C GLY G 443 -103.32 30.35 60.26
N ASN G 444 -104.42 29.68 59.94
CA ASN G 444 -104.74 28.42 60.59
C ASN G 444 -104.35 27.29 59.67
N TYR G 445 -103.21 26.67 60.00
CA TYR G 445 -102.76 25.47 59.33
C TYR G 445 -102.06 24.58 60.37
N ASN G 446 -101.79 23.33 59.97
CA ASN G 446 -101.13 22.36 60.83
C ASN G 446 -100.14 21.55 60.01
N THR G 447 -99.33 20.77 60.70
CA THR G 447 -98.32 19.93 60.06
C THR G 447 -98.87 19.17 58.86
N SER G 448 -100.11 18.72 59.02
CA SER G 448 -100.80 18.02 57.97
C SER G 448 -101.34 18.93 56.87
N PHE G 449 -100.98 20.23 56.83
CA PHE G 449 -101.55 21.15 55.81
C PHE G 449 -101.06 20.85 54.39
N ILE G 450 -99.75 20.63 54.25
CA ILE G 450 -99.21 20.12 53.02
C ILE G 450 -99.60 18.62 53.04
N ASP G 451 -99.51 17.96 51.89
CA ASP G 451 -99.84 16.54 51.76
C ASP G 451 -101.37 16.43 51.66
N THR G 452 -102.07 16.96 52.66
CA THR G 452 -103.54 16.99 52.65
C THR G 452 -104.07 17.79 51.47
N THR G 453 -103.30 18.79 51.04
CA THR G 453 -103.67 19.62 49.90
C THR G 453 -102.80 19.28 48.71
N PRO G 454 -103.37 18.59 47.70
CA PRO G 454 -102.56 18.24 46.52
C PRO G 454 -102.43 19.36 45.49
N GLU G 455 -103.36 20.30 45.48
CA GLU G 455 -103.39 21.33 44.44
C GLU G 455 -102.02 22.00 44.34
N LEU G 456 -101.39 22.24 45.49
CA LEU G 456 -100.10 22.96 45.55
C LEU G 456 -99.06 22.34 44.62
N PHE G 457 -99.19 21.04 44.38
CA PHE G 457 -98.27 20.32 43.51
C PHE G 457 -98.62 20.42 42.02
N LYS G 458 -99.79 20.98 41.69
CA LYS G 458 -100.14 21.28 40.29
C LYS G 458 -99.61 22.66 39.92
N PHE G 459 -98.81 22.73 38.86
CA PHE G 459 -98.20 24.02 38.49
C PHE G 459 -98.67 24.58 37.16
N PRO G 460 -98.89 25.90 37.08
CA PRO G 460 -99.35 26.50 35.82
C PRO G 460 -98.35 26.22 34.71
N HIS G 461 -98.87 25.84 33.53
CA HIS G 461 -98.10 25.59 32.32
C HIS G 461 -97.74 26.90 31.66
N ILE G 462 -96.68 27.51 32.11
CA ILE G 462 -96.34 28.86 31.66
C ILE G 462 -95.44 28.79 30.43
N ARG G 463 -95.91 29.41 29.34
CA ARG G 463 -95.06 29.71 28.19
C ARG G 463 -94.36 31.05 28.48
N ASP G 464 -93.05 31.07 28.28
CA ASP G 464 -92.35 32.31 28.04
C ASP G 464 -92.20 32.57 26.55
N ARG G 465 -92.99 33.51 26.01
CA ARG G 465 -92.92 33.88 24.60
C ARG G 465 -91.48 34.23 24.25
N GLY G 466 -90.82 34.89 25.19
CA GLY G 466 -89.46 35.38 25.06
C GLY G 466 -88.39 34.38 24.73
N THR G 467 -88.39 33.26 25.46
CA THR G 467 -87.41 32.20 25.24
C THR G 467 -87.60 31.55 23.86
N LYS G 468 -88.86 31.21 23.57
CA LYS G 468 -89.24 30.60 22.31
C LYS G 468 -88.87 31.48 21.11
N THR G 469 -88.97 32.79 21.28
CA THR G 469 -88.52 33.78 20.28
C THR G 469 -87.02 33.69 20.03
N LEU G 470 -86.26 33.52 21.11
CA LEU G 470 -84.82 33.37 20.99
C LEU G 470 -84.46 32.03 20.36
N ARG G 471 -85.27 31.01 20.64
CA ARG G 471 -85.07 29.71 20.01
C ARG G 471 -85.15 29.84 18.50
N TYR G 472 -86.23 30.46 18.02
CA TYR G 472 -86.39 30.71 16.58
C TYR G 472 -85.17 31.48 16.07
N ILE G 473 -84.95 32.67 16.61
CA ILE G 473 -83.85 33.54 16.14
C ILE G 473 -82.51 32.81 16.11
N GLY G 474 -82.21 32.08 17.18
CA GLY G 474 -80.96 31.34 17.27
C GLY G 474 -80.88 30.25 16.22
N ASN G 475 -81.98 29.53 16.05
CA ASN G 475 -82.05 28.46 15.07
C ASN G 475 -81.70 28.94 13.67
N VAL G 476 -82.47 29.91 13.16
CA VAL G 476 -82.28 30.34 11.77
C VAL G 476 -80.91 31.00 11.63
N THR G 477 -80.33 31.45 12.74
CA THR G 477 -79.03 32.10 12.70
C THR G 477 -77.91 31.12 12.42
N VAL G 478 -78.09 29.88 12.85
CA VAL G 478 -77.06 28.83 12.69
C VAL G 478 -77.38 27.81 11.60
N ASN G 479 -78.64 27.40 11.49
CA ASN G 479 -79.06 26.45 10.45
C ASN G 479 -79.57 27.09 9.18
N GLY G 480 -80.04 28.33 9.28
CA GLY G 480 -80.61 29.03 8.15
C GLY G 480 -82.10 28.80 8.02
N PHE G 481 -82.73 29.65 7.23
CA PHE G 481 -84.13 29.50 6.92
C PHE G 481 -84.31 28.40 5.88
N PRO G 482 -85.33 27.55 6.04
CA PRO G 482 -85.52 26.46 5.09
C PRO G 482 -85.91 26.93 3.69
N GLY G 483 -85.23 26.38 2.68
CA GLY G 483 -85.59 26.60 1.30
C GLY G 483 -84.75 27.63 0.59
N ILE G 484 -83.85 28.29 1.32
CA ILE G 484 -83.07 29.36 0.73
C ILE G 484 -81.62 29.29 1.14
N LYS G 485 -80.71 29.71 0.25
CA LYS G 485 -79.30 29.68 0.57
C LYS G 485 -79.08 30.46 1.85
N HIS G 486 -78.42 29.81 2.81
CA HIS G 486 -77.99 30.46 4.05
C HIS G 486 -77.02 31.57 3.70
N ARG G 487 -77.40 32.80 3.99
CA ARG G 487 -76.58 33.95 3.68
C ARG G 487 -76.63 34.91 4.86
N ASP G 488 -75.67 35.82 4.92
CA ASP G 488 -75.65 36.81 6.01
C ASP G 488 -76.86 37.73 5.91
N LYS G 489 -77.34 38.20 7.07
CA LYS G 489 -78.43 39.16 7.12
C LYS G 489 -77.86 40.49 6.64
N PRO G 490 -78.43 41.03 5.55
CA PRO G 490 -77.89 42.28 5.02
C PRO G 490 -78.17 43.46 5.94
N VAL G 491 -77.79 44.65 5.49
CA VAL G 491 -78.21 45.88 6.15
C VAL G 491 -79.24 46.50 5.24
N TYR G 492 -80.48 46.01 5.33
CA TYR G 492 -81.56 46.55 4.52
C TYR G 492 -81.78 48.00 4.90
N ALA G 493 -82.07 48.81 3.90
CA ALA G 493 -82.43 50.21 4.12
C ALA G 493 -83.76 50.23 4.86
N GLU G 494 -83.94 51.25 5.69
CA GLU G 494 -85.19 51.39 6.40
C GLU G 494 -86.29 51.81 5.43
N PRO G 495 -87.41 51.08 5.43
CA PRO G 495 -88.41 51.40 4.42
C PRO G 495 -88.98 52.78 4.65
N ARG G 496 -89.20 53.52 3.56
CA ARG G 496 -89.78 54.85 3.61
C ARG G 496 -91.27 54.74 3.87
N LEU G 497 -91.66 55.14 5.08
CA LEU G 497 -93.06 55.17 5.47
C LEU G 497 -93.66 56.52 5.18
N PRO G 498 -94.92 56.54 4.72
CA PRO G 498 -95.58 57.83 4.58
C PRO G 498 -95.90 58.46 5.93
N LYS G 499 -95.64 59.77 6.05
CA LYS G 499 -96.10 60.56 7.19
C LYS G 499 -97.56 60.95 6.93
N ILE G 500 -98.40 60.90 7.97
CA ILE G 500 -99.77 61.39 7.88
C ILE G 500 -99.96 62.58 8.87
N PRO G 501 -100.65 63.67 8.42
CA PRO G 501 -100.98 64.73 9.39
C PRO G 501 -102.00 64.25 10.43
N TYR G 502 -101.90 64.75 11.66
CA TYR G 502 -102.77 64.33 12.74
C TYR G 502 -104.28 64.52 12.46
N GLY G 503 -105.07 63.46 12.66
CA GLY G 503 -106.53 63.53 12.58
C GLY G 503 -107.08 63.58 11.16
N SER G 504 -106.20 63.46 10.17
CA SER G 504 -106.58 63.79 8.82
C SER G 504 -107.58 62.83 8.20
N GLN G 505 -108.23 63.32 7.13
CA GLN G 505 -108.83 62.51 6.09
C GLN G 505 -109.71 61.40 6.67
N ILE G 506 -109.33 60.13 6.45
CA ILE G 506 -110.19 58.98 6.73
C ILE G 506 -111.42 59.11 5.84
N SER G 507 -111.26 59.72 4.66
CA SER G 507 -112.41 60.01 3.80
C SER G 507 -113.20 58.77 3.52
N PRO G 508 -114.54 58.86 3.50
CA PRO G 508 -115.25 57.60 3.42
C PRO G 508 -115.00 56.93 2.10
N GLY G 509 -115.01 55.62 2.14
CA GLY G 509 -114.70 54.82 0.99
C GLY G 509 -115.94 54.24 0.39
N THR G 510 -115.69 53.36 -0.57
CA THR G 510 -116.73 52.56 -1.19
C THR G 510 -117.41 51.61 -0.17
N LYS G 511 -116.72 51.21 0.90
CA LYS G 511 -117.32 50.30 1.91
C LYS G 511 -118.63 50.88 2.44
N GLN G 512 -118.57 52.16 2.81
CA GLN G 512 -119.76 52.88 3.23
C GLN G 512 -120.97 52.61 2.36
N ILE G 513 -120.78 52.65 1.05
CA ILE G 513 -121.85 52.42 0.08
C ILE G 513 -122.38 50.97 0.15
N LEU G 514 -121.53 50.00 0.46
CA LEU G 514 -122.01 48.64 0.71
C LEU G 514 -122.73 48.58 2.05
N ASP G 515 -122.12 49.17 3.07
CA ASP G 515 -122.73 49.25 4.41
C ASP G 515 -124.13 49.87 4.34
N ALA G 516 -124.23 51.02 3.66
CA ALA G 516 -125.47 51.76 3.54
C ALA G 516 -126.52 51.03 2.68
N LYS G 517 -126.17 50.73 1.43
CA LYS G 517 -127.15 50.41 0.40
C LYS G 517 -126.96 49.01 -0.22
N GLY G 518 -126.25 48.13 0.47
CA GLY G 518 -126.07 46.76 0.02
C GLY G 518 -125.37 46.63 -1.32
N PRO G 519 -125.31 45.40 -1.86
CA PRO G 519 -124.64 45.14 -3.13
C PRO G 519 -125.22 45.93 -4.31
N GLU G 520 -126.53 45.86 -4.48
CA GLU G 520 -127.19 46.58 -5.57
C GLU G 520 -126.90 48.06 -5.61
N GLY G 521 -126.94 48.71 -4.44
CA GLY G 521 -126.69 50.15 -4.33
C GLY G 521 -125.29 50.54 -4.76
N VAL G 522 -124.35 49.62 -4.60
CA VAL G 522 -122.97 49.78 -5.07
C VAL G 522 -122.93 49.67 -6.60
N VAL G 523 -123.35 48.52 -7.12
CA VAL G 523 -123.48 48.28 -8.57
C VAL G 523 -124.10 49.49 -9.29
N ASP G 524 -125.07 50.13 -8.65
CA ASP G 524 -125.66 51.37 -9.18
C ASP G 524 -124.60 52.47 -9.28
N TRP G 525 -123.99 52.81 -8.14
CA TRP G 525 -122.93 53.84 -8.08
C TRP G 525 -121.78 53.55 -9.06
N VAL G 526 -121.48 52.27 -9.24
CA VAL G 526 -120.53 51.80 -10.25
C VAL G 526 -120.97 52.28 -11.63
N LYS G 527 -122.13 51.78 -12.07
CA LYS G 527 -122.71 52.13 -13.38
C LYS G 527 -122.71 53.63 -13.67
N LYS G 528 -123.02 54.40 -12.63
CA LYS G 528 -123.04 55.87 -12.69
C LYS G 528 -121.73 56.56 -12.98
N GLN G 529 -120.62 55.92 -12.57
CA GLN G 529 -119.31 56.54 -12.75
C GLN G 529 -118.83 56.47 -14.21
N GLU G 530 -118.57 57.64 -14.80
CA GLU G 530 -118.07 57.75 -16.17
C GLU G 530 -116.65 57.21 -16.27
N GLU G 531 -115.84 57.53 -15.26
CA GLU G 531 -114.43 57.09 -15.19
C GLU G 531 -114.25 55.58 -15.14
N VAL G 532 -112.98 55.18 -15.29
CA VAL G 532 -112.57 53.81 -15.04
C VAL G 532 -112.17 53.63 -13.57
N LEU G 533 -112.67 52.54 -12.98
CA LEU G 533 -112.47 52.21 -11.56
C LEU G 533 -111.35 51.17 -11.40
N LEU G 534 -110.53 51.34 -10.35
CA LEU G 534 -109.36 50.50 -10.14
C LEU G 534 -109.46 49.65 -8.87
N THR G 535 -109.00 48.40 -8.98
CA THR G 535 -108.86 47.50 -7.83
C THR G 535 -107.37 47.23 -7.60
N ASP G 536 -106.88 47.45 -6.37
CA ASP G 536 -105.44 47.29 -6.07
C ASP G 536 -105.13 45.87 -5.59
N THR G 537 -104.35 45.16 -6.39
CA THR G 537 -103.92 43.79 -6.10
C THR G 537 -102.53 43.75 -5.48
N THR G 538 -102.01 44.88 -5.03
CA THR G 538 -100.70 44.92 -4.40
C THR G 538 -100.55 43.92 -3.25
N LEU G 539 -101.63 43.61 -2.53
CA LEU G 539 -101.55 42.68 -1.38
C LEU G 539 -101.85 41.23 -1.74
N ARG G 540 -101.98 40.94 -3.04
CA ARG G 540 -102.26 39.58 -3.55
C ARG G 540 -102.02 39.52 -5.05
N ASP G 541 -101.74 38.33 -5.57
CA ASP G 541 -101.43 38.15 -6.99
C ASP G 541 -100.12 38.84 -7.31
N ALA G 542 -100.07 40.16 -7.11
CA ALA G 542 -98.86 40.90 -7.34
C ALA G 542 -97.70 40.21 -6.68
N HIS G 543 -97.83 39.93 -5.40
CA HIS G 543 -96.75 39.27 -4.68
C HIS G 543 -96.90 37.76 -4.80
N GLN G 544 -98.11 37.30 -5.09
CA GLN G 544 -98.30 35.87 -5.36
C GLN G 544 -97.55 35.49 -6.63
N SER G 545 -97.64 36.33 -7.66
CA SER G 545 -96.96 36.07 -8.92
C SER G 545 -95.46 36.26 -8.74
N LEU G 546 -95.07 37.41 -8.22
CA LEU G 546 -93.64 37.78 -8.18
C LEU G 546 -92.83 37.05 -7.12
N LEU G 547 -93.37 36.99 -5.90
CA LEU G 547 -92.61 36.57 -4.72
C LEU G 547 -93.11 35.28 -4.04
N ALA G 548 -93.80 34.41 -4.77
CA ALA G 548 -94.29 33.16 -4.25
C ALA G 548 -95.23 33.36 -3.04
N THR G 549 -95.99 34.45 -3.06
CA THR G 549 -97.01 34.71 -2.04
C THR G 549 -96.41 34.86 -0.66
N ARG G 550 -95.11 35.16 -0.61
CA ARG G 550 -94.36 35.12 0.66
C ARG G 550 -94.40 36.39 1.48
N VAL G 551 -95.02 37.43 0.96
CA VAL G 551 -95.11 38.68 1.70
C VAL G 551 -95.88 38.43 2.98
N ARG G 552 -95.29 38.92 4.07
CA ARG G 552 -95.76 38.64 5.42
C ARG G 552 -96.68 39.72 5.95
N SER G 553 -97.57 39.33 6.84
CA SER G 553 -98.55 40.23 7.41
C SER G 553 -97.86 41.44 8.02
N LYS G 554 -96.83 41.20 8.82
CA LYS G 554 -96.09 42.31 9.46
C LYS G 554 -95.85 43.48 8.49
N ASP G 555 -95.36 43.16 7.30
CA ASP G 555 -95.04 44.19 6.29
C ASP G 555 -96.28 44.81 5.66
N ILE G 556 -97.32 44.01 5.51
CA ILE G 556 -98.58 44.51 4.97
C ILE G 556 -99.26 45.52 5.92
N PHE G 557 -99.45 45.12 7.18
CA PHE G 557 -100.08 45.99 8.17
C PHE G 557 -99.44 47.38 8.22
N GLN G 558 -98.12 47.43 8.17
CA GLN G 558 -97.40 48.70 8.27
C GLN G 558 -97.89 49.80 7.35
N ILE G 559 -98.29 49.42 6.13
CA ILE G 559 -98.71 50.39 5.11
C ILE G 559 -100.23 50.59 5.08
N ALA G 560 -100.99 49.63 5.59
CA ALA G 560 -102.45 49.65 5.45
C ALA G 560 -103.12 50.98 5.83
N ASP G 561 -102.59 51.65 6.86
CA ASP G 561 -103.10 52.97 7.28
C ASP G 561 -103.05 53.95 6.11
N ALA G 562 -101.88 54.12 5.53
CA ALA G 562 -101.71 55.01 4.38
C ALA G 562 -102.60 54.61 3.18
N MET G 563 -102.85 53.31 3.00
CA MET G 563 -103.68 52.83 1.87
C MET G 563 -105.11 53.39 2.02
N ALA G 564 -105.61 53.44 3.25
CA ALA G 564 -106.93 54.03 3.55
C ALA G 564 -106.94 55.53 3.32
N HIS G 565 -105.91 56.23 3.77
CA HIS G 565 -105.79 57.68 3.56
C HIS G 565 -105.59 58.05 2.11
N LEU G 566 -104.70 57.32 1.41
CA LEU G 566 -104.13 57.78 0.13
C LEU G 566 -104.64 57.10 -1.13
N LEU G 567 -105.40 56.02 -0.97
CA LEU G 567 -106.01 55.31 -2.09
C LEU G 567 -107.52 55.07 -1.85
N PRO G 568 -108.20 56.04 -1.20
CA PRO G 568 -109.61 55.81 -0.83
C PRO G 568 -110.54 55.58 -2.02
N ASN G 569 -110.23 56.24 -3.14
CA ASN G 569 -111.08 56.21 -4.33
C ASN G 569 -110.97 54.90 -5.10
N MET G 570 -110.18 53.95 -4.60
CA MET G 570 -110.10 52.62 -5.23
C MET G 570 -111.46 51.96 -5.08
N PHE G 571 -111.85 51.22 -6.12
CA PHE G 571 -113.08 50.41 -6.10
C PHE G 571 -113.00 49.35 -5.04
N SER G 572 -111.83 48.73 -4.93
CA SER G 572 -111.62 47.64 -3.98
C SER G 572 -110.11 47.42 -3.74
N PHE G 573 -109.79 46.78 -2.62
CA PHE G 573 -108.45 46.27 -2.38
C PHE G 573 -108.53 44.72 -2.38
N GLU G 574 -107.82 44.07 -3.31
CA GLU G 574 -107.72 42.61 -3.32
C GLU G 574 -106.63 42.27 -2.32
N MET G 575 -107.01 41.65 -1.21
CA MET G 575 -106.07 41.39 -0.11
C MET G 575 -106.11 39.97 0.46
N TRP G 576 -107.02 39.14 -0.04
CA TRP G 576 -107.18 37.81 0.51
C TRP G 576 -107.39 36.81 -0.63
N GLY G 577 -107.31 35.53 -0.29
CA GLY G 577 -107.70 34.47 -1.21
C GLY G 577 -106.58 33.95 -2.07
N GLY G 578 -106.95 33.10 -3.03
CA GLY G 578 -105.98 32.40 -3.87
C GLY G 578 -105.05 31.57 -2.99
N ALA G 579 -103.75 31.74 -3.17
CA ALA G 579 -102.78 30.93 -2.45
C ALA G 579 -102.42 31.48 -1.07
N THR G 580 -102.70 32.76 -0.80
CA THR G 580 -102.29 33.39 0.48
C THR G 580 -102.70 32.60 1.70
N PHE G 581 -103.89 32.00 1.62
CA PHE G 581 -104.45 31.29 2.76
C PHE G 581 -103.54 30.16 3.21
N ASP G 582 -103.28 29.23 2.30
CA ASP G 582 -102.50 28.04 2.66
C ASP G 582 -101.03 28.38 2.91
N VAL G 583 -100.49 29.39 2.23
CA VAL G 583 -99.09 29.78 2.37
C VAL G 583 -98.82 30.44 3.71
N ALA G 584 -99.77 31.21 4.21
CA ALA G 584 -99.61 31.85 5.49
C ALA G 584 -99.36 30.80 6.57
N TYR G 585 -100.25 29.81 6.64
CA TYR G 585 -100.08 28.70 7.57
C TYR G 585 -98.86 27.84 7.21
N ARG G 586 -98.69 27.54 5.92
CA ARG G 586 -97.64 26.59 5.49
C ARG G 586 -96.22 27.11 5.63
N PHE G 587 -95.96 28.32 5.13
CA PHE G 587 -94.59 28.83 4.99
C PHE G 587 -94.25 30.01 5.88
N LEU G 588 -95.27 30.69 6.38
CA LEU G 588 -95.08 31.90 7.14
C LEU G 588 -95.34 31.73 8.63
N ASN G 589 -96.14 30.73 8.97
CA ASN G 589 -96.61 30.49 10.32
C ASN G 589 -97.38 31.68 10.86
N GLU G 590 -98.23 32.22 10.00
CA GLU G 590 -99.12 33.34 10.32
C GLU G 590 -100.57 32.89 10.12
N ASP G 591 -101.50 33.53 10.82
CA ASP G 591 -102.91 33.23 10.70
C ASP G 591 -103.50 34.15 9.64
N PRO G 592 -104.00 33.57 8.55
CA PRO G 592 -104.63 34.42 7.53
C PRO G 592 -105.84 35.18 8.10
N TRP G 593 -106.59 34.54 8.99
CA TRP G 593 -107.79 35.16 9.53
C TRP G 593 -107.45 36.46 10.26
N VAL G 594 -106.30 36.47 10.92
CA VAL G 594 -105.82 37.67 11.58
C VAL G 594 -105.55 38.75 10.55
N ARG G 595 -104.72 38.42 9.56
CA ARG G 595 -104.39 39.34 8.49
C ARG G 595 -105.65 40.08 8.04
N LEU G 596 -106.68 39.32 7.70
CA LEU G 596 -107.98 39.84 7.27
C LEU G 596 -108.54 40.88 8.24
N GLU G 597 -108.69 40.46 9.48
CA GLU G 597 -109.42 41.23 10.49
C GLU G 597 -108.64 42.46 10.95
N THR G 598 -107.33 42.31 11.09
CA THR G 598 -106.47 43.43 11.44
C THR G 598 -106.55 44.54 10.39
N LEU G 599 -106.54 44.13 9.13
CA LEU G 599 -106.64 45.07 8.03
C LEU G 599 -107.98 45.74 8.07
N ARG G 600 -109.01 44.90 8.21
CA ARG G 600 -110.39 45.38 8.18
C ARG G 600 -110.58 46.62 9.04
N LYS G 601 -109.96 46.61 10.22
CA LYS G 601 -109.93 47.77 11.13
C LYS G 601 -109.08 48.93 10.60
N GLN G 602 -107.88 48.64 10.07
CA GLN G 602 -106.99 49.68 9.50
C GLN G 602 -107.57 50.40 8.31
N ILE G 603 -108.38 49.68 7.51
CA ILE G 603 -108.97 50.19 6.27
C ILE G 603 -110.47 49.97 6.35
N PRO G 604 -111.19 50.94 6.94
CA PRO G 604 -112.63 50.81 7.05
C PRO G 604 -113.33 51.26 5.78
N ASN G 605 -112.69 52.19 5.08
CA ASN G 605 -113.32 52.94 4.02
C ASN G 605 -113.46 52.15 2.72
N VAL G 606 -112.41 51.42 2.32
CA VAL G 606 -112.44 50.75 1.03
C VAL G 606 -112.87 49.31 1.18
N MET G 607 -113.57 48.80 0.17
CA MET G 607 -114.08 47.43 0.20
C MET G 607 -112.96 46.45 -0.01
N PHE G 608 -113.15 45.25 0.53
CA PHE G 608 -112.16 44.16 0.47
C PHE G 608 -112.64 43.11 -0.50
N GLN G 609 -111.71 42.58 -1.29
CA GLN G 609 -112.03 41.62 -2.32
C GLN G 609 -111.11 40.43 -2.19
N MET G 610 -111.64 39.25 -2.48
CA MET G 610 -110.84 38.02 -2.50
C MET G 610 -111.11 37.24 -3.75
N LEU G 611 -110.35 36.16 -3.93
CA LEU G 611 -110.49 35.28 -5.06
C LEU G 611 -110.76 33.87 -4.59
N LEU G 612 -111.86 33.29 -5.07
CA LEU G 612 -112.35 32.04 -4.56
C LEU G 612 -112.56 31.03 -5.69
N ARG G 613 -111.85 29.90 -5.64
CA ARG G 613 -112.12 28.79 -6.56
C ARG G 613 -113.42 28.15 -6.14
N GLY G 614 -114.51 28.50 -6.81
CA GLY G 614 -115.86 28.12 -6.39
C GLY G 614 -115.95 26.72 -5.83
N ALA G 615 -115.60 25.74 -6.66
CA ALA G 615 -115.69 24.32 -6.29
C ALA G 615 -115.12 24.03 -4.89
N ASN G 616 -113.82 24.25 -4.72
CA ASN G 616 -113.12 23.90 -3.45
C ASN G 616 -112.61 25.09 -2.64
N ALA G 617 -113.28 26.24 -2.80
CA ALA G 617 -112.91 27.46 -2.07
C ALA G 617 -111.42 27.82 -2.23
N VAL G 618 -110.66 27.82 -1.14
CA VAL G 618 -109.21 27.99 -1.20
C VAL G 618 -108.49 26.67 -0.91
N GLY G 619 -109.25 25.58 -0.89
CA GLY G 619 -108.67 24.27 -0.59
C GLY G 619 -107.91 23.62 -1.72
N TYR G 620 -107.17 22.56 -1.36
CA TYR G 620 -106.41 21.75 -2.31
C TYR G 620 -107.23 20.64 -2.95
N LYS G 621 -108.22 20.16 -2.21
CA LYS G 621 -109.03 18.99 -2.58
C LYS G 621 -110.46 19.46 -2.66
N ASN G 622 -111.37 18.61 -3.12
CA ASN G 622 -112.81 18.92 -3.05
C ASN G 622 -113.40 18.63 -1.67
N TYR G 623 -114.43 19.39 -1.32
CA TYR G 623 -115.04 19.33 0.00
C TYR G 623 -116.56 19.29 -0.12
N PRO G 624 -117.25 18.86 0.95
CA PRO G 624 -118.71 18.92 0.95
C PRO G 624 -119.25 20.36 1.02
N ASP G 625 -120.51 20.55 0.64
CA ASP G 625 -121.05 21.90 0.41
C ASP G 625 -121.18 22.76 1.66
N ASN G 626 -121.36 22.13 2.81
CA ASN G 626 -121.51 22.86 4.07
C ASN G 626 -120.27 23.65 4.48
N VAL G 627 -119.07 23.06 4.32
CA VAL G 627 -117.80 23.73 4.65
C VAL G 627 -117.61 24.98 3.80
N ILE G 628 -118.00 24.88 2.52
CA ILE G 628 -117.87 25.98 1.58
C ILE G 628 -118.76 27.11 2.07
N ARG G 629 -120.05 26.83 2.23
CA ARG G 629 -121.03 27.80 2.74
C ARG G 629 -120.56 28.37 4.09
N GLU G 630 -120.01 27.51 4.95
CA GLU G 630 -119.46 27.94 6.24
C GLU G 630 -118.32 28.92 6.02
N PHE G 631 -117.34 28.49 5.22
CA PHE G 631 -116.17 29.33 4.92
C PHE G 631 -116.60 30.72 4.51
N VAL G 632 -117.45 30.79 3.48
CA VAL G 632 -117.87 32.08 2.91
C VAL G 632 -118.58 32.92 3.96
N LYS G 633 -119.39 32.28 4.80
CA LYS G 633 -120.11 32.96 5.86
C LYS G 633 -119.11 33.68 6.78
N GLN G 634 -118.14 32.92 7.26
CA GLN G 634 -117.08 33.46 8.10
C GLN G 634 -116.37 34.63 7.44
N SER G 635 -115.91 34.41 6.21
CA SER G 635 -115.15 35.40 5.45
C SER G 635 -115.88 36.73 5.33
N ALA G 636 -117.17 36.65 5.00
CA ALA G 636 -118.05 37.83 4.92
C ALA G 636 -118.14 38.54 6.27
N GLN G 637 -118.30 37.73 7.34
CA GLN G 637 -118.31 38.22 8.73
C GLN G 637 -117.01 38.97 9.08
N SER G 638 -115.88 38.36 8.71
CA SER G 638 -114.55 38.86 9.05
C SER G 638 -114.16 40.13 8.30
N GLY G 639 -114.70 40.32 7.10
CA GLY G 639 -114.48 41.56 6.36
C GLY G 639 -114.51 41.55 4.85
N VAL G 640 -114.68 40.37 4.24
CA VAL G 640 -114.62 40.23 2.77
C VAL G 640 -115.93 40.69 2.11
N ASP G 641 -115.82 41.61 1.16
CA ASP G 641 -116.99 42.29 0.57
C ASP G 641 -117.32 41.89 -0.86
N VAL G 642 -116.28 41.58 -1.64
CA VAL G 642 -116.45 41.22 -3.03
C VAL G 642 -115.74 39.91 -3.24
N PHE G 643 -116.41 38.99 -3.91
CA PHE G 643 -115.86 37.66 -4.09
C PHE G 643 -115.78 37.36 -5.59
N ARG G 644 -114.58 37.50 -6.15
CA ARG G 644 -114.31 37.02 -7.51
C ARG G 644 -114.28 35.50 -7.41
N VAL G 645 -115.16 34.83 -8.14
CA VAL G 645 -115.22 33.38 -8.08
C VAL G 645 -115.16 32.81 -9.49
N PHE G 646 -114.37 31.74 -9.65
CA PHE G 646 -114.17 31.11 -10.94
C PHE G 646 -114.07 29.63 -10.72
N ASP G 647 -114.39 28.87 -11.75
CA ASP G 647 -114.03 27.47 -11.78
C ASP G 647 -112.94 27.31 -12.82
N SER G 648 -112.01 26.39 -12.56
CA SER G 648 -110.85 26.21 -13.41
C SER G 648 -111.16 25.75 -14.82
N LEU G 649 -112.33 25.13 -15.03
CA LEU G 649 -112.72 24.66 -16.36
C LEU G 649 -113.76 25.57 -17.02
N ASN G 650 -114.14 26.65 -16.33
CA ASN G 650 -115.21 27.54 -16.78
C ASN G 650 -116.57 26.84 -16.87
N TRP G 651 -116.80 25.96 -15.90
CA TRP G 651 -118.03 25.20 -15.78
C TRP G 651 -118.83 25.81 -14.65
N ILE G 652 -119.97 26.39 -14.98
CA ILE G 652 -120.74 27.16 -14.03
C ILE G 652 -121.36 26.29 -12.96
N LYS G 653 -121.45 24.98 -13.22
CA LYS G 653 -122.00 24.04 -12.24
C LYS G 653 -121.18 23.96 -10.95
N GLY G 654 -119.85 23.91 -11.06
CA GLY G 654 -118.93 23.88 -9.89
C GLY G 654 -119.00 25.12 -9.03
N MET G 655 -119.28 26.26 -9.65
CA MET G 655 -119.36 27.53 -8.94
C MET G 655 -120.64 27.72 -8.13
N GLU G 656 -121.71 27.02 -8.49
CA GLU G 656 -123.06 27.25 -7.95
C GLU G 656 -123.11 27.34 -6.42
N VAL G 657 -122.50 26.36 -5.74
CA VAL G 657 -122.51 26.28 -4.27
C VAL G 657 -122.09 27.61 -3.61
N SER G 658 -120.94 28.10 -4.03
CA SER G 658 -120.27 29.22 -3.36
C SER G 658 -120.93 30.56 -3.68
N ILE G 659 -121.44 30.71 -4.90
CA ILE G 659 -122.04 31.95 -5.37
C ILE G 659 -123.29 32.28 -4.55
N ASP G 660 -124.09 31.25 -4.28
CA ASP G 660 -125.30 31.38 -3.47
C ASP G 660 -124.96 31.85 -2.05
N ALA G 661 -123.87 31.30 -1.50
CA ALA G 661 -123.40 31.66 -0.16
C ALA G 661 -123.13 33.16 -0.04
N VAL G 662 -122.64 33.75 -1.13
CA VAL G 662 -122.29 35.18 -1.16
C VAL G 662 -123.55 36.06 -1.26
N ARG G 663 -124.52 35.60 -2.04
CA ARG G 663 -125.84 36.24 -2.09
C ARG G 663 -126.49 36.10 -0.71
N GLU G 664 -126.40 34.90 -0.12
CA GLU G 664 -126.91 34.62 1.23
C GLU G 664 -126.10 35.34 2.32
N ALA G 665 -124.83 35.61 2.05
CA ALA G 665 -124.01 36.50 2.89
C ALA G 665 -124.46 37.97 2.73
N GLY G 666 -125.14 38.25 1.63
CA GLY G 666 -125.65 39.59 1.33
C GLY G 666 -124.54 40.49 0.81
N LYS G 667 -123.56 39.85 0.18
CA LYS G 667 -122.32 40.50 -0.26
C LYS G 667 -122.17 40.32 -1.78
N ILE G 668 -121.21 41.04 -2.37
CA ILE G 668 -121.09 41.15 -3.84
C ILE G 668 -120.54 39.89 -4.49
N VAL G 669 -121.19 39.44 -5.55
CA VAL G 669 -120.67 38.34 -6.35
C VAL G 669 -120.08 38.88 -7.65
N GLU G 670 -118.81 38.54 -7.92
CA GLU G 670 -118.17 38.79 -9.21
C GLU G 670 -117.84 37.44 -9.83
N ALA G 671 -118.85 36.80 -10.41
CA ALA G 671 -118.64 35.60 -11.20
C ALA G 671 -117.75 36.00 -12.34
N ALA G 672 -116.69 35.23 -12.54
CA ALA G 672 -115.69 35.61 -13.51
C ALA G 672 -115.35 34.51 -14.50
N ILE G 673 -115.20 34.94 -15.75
CA ILE G 673 -114.92 34.04 -16.84
C ILE G 673 -113.42 34.07 -17.10
N CYS G 674 -112.83 32.89 -16.98
CA CYS G 674 -111.41 32.70 -17.24
C CYS G 674 -111.19 32.66 -18.76
N TYR G 675 -110.26 33.48 -19.26
CA TYR G 675 -110.02 33.63 -20.70
C TYR G 675 -108.92 32.68 -21.20
N THR G 676 -109.16 32.00 -22.32
CA THR G 676 -108.16 31.12 -22.94
C THR G 676 -108.16 31.40 -24.45
N GLY G 677 -107.33 30.67 -25.21
CA GLY G 677 -107.25 30.76 -26.68
C GLY G 677 -107.17 32.15 -27.28
N ASP G 678 -107.65 32.29 -28.52
CA ASP G 678 -107.69 33.60 -29.22
C ASP G 678 -109.04 33.80 -29.95
N ILE G 679 -109.80 34.82 -29.54
CA ILE G 679 -111.04 35.18 -30.22
C ILE G 679 -110.80 35.73 -31.63
N ASP G 680 -109.76 36.58 -31.78
CA ASP G 680 -109.47 37.22 -33.06
C ASP G 680 -108.89 36.25 -34.12
N ASP G 681 -108.20 35.20 -33.69
CA ASP G 681 -107.76 34.12 -34.58
C ASP G 681 -108.82 33.01 -34.62
N ASP G 682 -109.38 32.81 -35.81
CA ASP G 682 -110.55 31.96 -35.98
C ASP G 682 -110.23 30.48 -36.28
N THR G 683 -108.95 30.18 -36.51
CA THR G 683 -108.49 28.80 -36.74
C THR G 683 -109.10 27.83 -35.72
N ARG G 684 -109.12 28.27 -34.46
CA ARG G 684 -109.62 27.41 -33.39
C ARG G 684 -111.12 27.59 -33.26
N THR G 685 -111.84 26.48 -33.33
CA THR G 685 -113.30 26.48 -33.37
C THR G 685 -113.92 26.71 -31.97
N LYS G 686 -113.32 26.08 -30.95
CA LYS G 686 -113.93 25.92 -29.60
C LYS G 686 -114.28 27.19 -28.77
N TYR G 687 -113.35 28.14 -28.64
CA TYR G 687 -113.55 29.33 -27.77
C TYR G 687 -113.76 30.60 -28.58
N THR G 688 -114.95 30.71 -29.15
CA THR G 688 -115.34 31.83 -30.00
C THR G 688 -115.82 33.03 -29.17
N ILE G 689 -115.70 34.23 -29.73
CA ILE G 689 -116.29 35.43 -29.11
C ILE G 689 -117.76 35.21 -28.73
N ASP G 690 -118.49 34.42 -29.53
CA ASP G 690 -119.85 33.99 -29.21
C ASP G 690 -119.89 33.25 -27.86
N TYR G 691 -119.04 32.23 -27.74
CA TYR G 691 -118.94 31.37 -26.55
C TYR G 691 -118.82 32.14 -25.22
N TYR G 692 -117.99 33.17 -25.23
CA TYR G 692 -117.85 34.07 -24.07
C TYR G 692 -119.09 34.98 -23.89
N LYS G 693 -119.68 35.43 -25.00
CA LYS G 693 -120.94 36.17 -24.96
C LYS G 693 -122.06 35.31 -24.37
N ASP G 694 -122.16 34.07 -24.85
CA ASP G 694 -123.16 33.10 -24.35
C ASP G 694 -122.98 32.79 -22.86
N MET G 695 -121.76 32.41 -22.49
CA MET G 695 -121.42 32.08 -21.09
C MET G 695 -121.71 33.20 -20.12
N ALA G 696 -121.51 34.44 -20.56
CA ALA G 696 -121.80 35.63 -19.74
C ALA G 696 -123.29 35.80 -19.47
N LYS G 697 -124.12 35.47 -20.46
CA LYS G 697 -125.57 35.46 -20.28
C LYS G 697 -125.92 34.53 -19.12
N GLU G 698 -125.44 33.28 -19.18
CA GLU G 698 -125.82 32.24 -18.20
C GLU G 698 -125.35 32.56 -16.76
N LEU G 699 -124.29 33.36 -16.64
CA LEU G 699 -123.78 33.83 -15.34
C LEU G 699 -124.56 35.02 -14.79
N VAL G 700 -125.12 35.84 -15.68
CA VAL G 700 -126.08 36.87 -15.28
C VAL G 700 -127.37 36.19 -14.84
N ALA G 701 -127.75 35.12 -15.56
CA ALA G 701 -128.91 34.28 -15.21
C ALA G 701 -128.73 33.59 -13.86
N GLN G 702 -127.56 32.98 -13.65
CA GLN G 702 -127.20 32.42 -12.33
C GLN G 702 -127.09 33.50 -11.26
N GLY G 703 -126.99 34.75 -11.71
CA GLY G 703 -127.00 35.90 -10.81
C GLY G 703 -125.59 36.25 -10.40
N THR G 704 -125.17 37.46 -10.78
CA THR G 704 -123.89 37.99 -10.33
C THR G 704 -123.93 39.52 -10.38
N HIS G 705 -123.68 40.16 -9.25
CA HIS G 705 -123.72 41.63 -9.16
C HIS G 705 -122.78 42.28 -10.20
N ILE G 706 -121.67 41.60 -10.52
CA ILE G 706 -120.66 42.07 -11.47
C ILE G 706 -120.10 40.89 -12.27
N LEU G 707 -119.68 41.14 -13.52
CA LEU G 707 -119.01 40.13 -14.32
C LEU G 707 -117.57 40.52 -14.55
N GLY G 708 -116.65 39.74 -13.97
CA GLY G 708 -115.23 39.94 -14.15
C GLY G 708 -114.66 38.96 -15.17
N ILE G 709 -113.61 39.39 -15.88
CA ILE G 709 -112.88 38.50 -16.79
C ILE G 709 -111.45 38.29 -16.25
N LYS G 710 -111.16 37.06 -15.85
CA LYS G 710 -109.88 36.70 -15.28
C LYS G 710 -109.00 36.16 -16.39
N ASP G 711 -108.12 37.02 -16.91
CA ASP G 711 -107.10 36.61 -17.88
C ASP G 711 -105.84 36.20 -17.13
N MET G 712 -105.80 34.95 -16.68
CA MET G 712 -104.76 34.52 -15.75
C MET G 712 -103.37 34.38 -16.39
N ALA G 713 -103.28 34.34 -17.71
CA ALA G 713 -101.98 34.13 -18.36
C ALA G 713 -101.38 35.39 -18.97
N GLY G 714 -102.24 36.35 -19.36
CA GLY G 714 -101.81 37.54 -20.09
C GLY G 714 -102.07 37.41 -21.58
N LEU G 715 -103.02 36.53 -21.91
CA LEU G 715 -103.35 36.18 -23.30
C LEU G 715 -104.23 37.18 -24.05
N LEU G 716 -104.96 38.01 -23.32
CA LEU G 716 -105.86 38.97 -23.96
C LEU G 716 -105.04 40.07 -24.63
N LYS G 717 -104.80 39.87 -25.93
CA LYS G 717 -104.12 40.84 -26.78
C LYS G 717 -104.95 42.12 -26.74
N PRO G 718 -104.31 43.29 -26.85
CA PRO G 718 -105.07 44.55 -26.74
C PRO G 718 -106.19 44.73 -27.78
N GLN G 719 -105.96 44.32 -29.02
CA GLN G 719 -106.99 44.41 -30.04
C GLN G 719 -108.20 43.56 -29.67
N ALA G 720 -107.98 42.34 -29.19
CA ALA G 720 -109.07 41.45 -28.73
C ALA G 720 -109.87 42.04 -27.55
N ALA G 721 -109.19 42.80 -26.70
CA ALA G 721 -109.83 43.45 -25.55
C ALA G 721 -110.81 44.55 -25.95
N TYR G 722 -110.43 45.37 -26.93
CA TYR G 722 -111.35 46.40 -27.45
C TYR G 722 -112.62 45.73 -27.92
N ARG G 723 -112.48 44.64 -28.68
CA ARG G 723 -113.63 43.90 -29.20
C ARG G 723 -114.46 43.29 -28.07
N LEU G 724 -113.81 42.63 -27.11
CA LEU G 724 -114.53 41.88 -26.08
C LEU G 724 -115.34 42.75 -25.11
N ILE G 725 -114.81 43.90 -24.71
CA ILE G 725 -115.53 44.80 -23.81
C ILE G 725 -116.73 45.41 -24.50
N GLY G 726 -116.51 45.95 -25.69
CA GLY G 726 -117.58 46.50 -26.52
C GLY G 726 -118.67 45.49 -26.84
N GLU G 727 -118.28 44.25 -27.12
CA GLU G 727 -119.24 43.19 -27.48
C GLU G 727 -119.99 42.64 -26.28
N LEU G 728 -119.37 42.68 -25.09
CA LEU G 728 -120.05 42.23 -23.86
C LEU G 728 -120.88 43.32 -23.20
N LYS G 729 -120.47 44.59 -23.33
CA LYS G 729 -121.34 45.68 -22.85
C LYS G 729 -122.66 45.69 -23.62
N ASP G 730 -122.59 45.33 -24.90
CA ASP G 730 -123.78 45.12 -25.73
C ASP G 730 -124.58 43.91 -25.24
N THR G 731 -123.89 42.79 -25.03
CA THR G 731 -124.55 41.52 -24.70
C THR G 731 -125.28 41.53 -23.34
N VAL G 732 -124.71 42.21 -22.34
CA VAL G 732 -125.29 42.20 -20.97
C VAL G 732 -125.17 43.55 -20.26
N ASP G 733 -126.09 43.81 -19.33
CA ASP G 733 -126.19 45.12 -18.68
C ASP G 733 -125.24 45.33 -17.50
N VAL G 734 -124.75 44.24 -16.92
CA VAL G 734 -123.85 44.29 -15.75
C VAL G 734 -122.57 45.12 -15.96
N PRO G 735 -121.99 45.66 -14.87
CA PRO G 735 -120.66 46.28 -15.00
C PRO G 735 -119.59 45.22 -15.20
N ILE G 736 -118.47 45.61 -15.81
CA ILE G 736 -117.39 44.65 -16.11
C ILE G 736 -116.05 45.04 -15.45
N HIS G 737 -115.34 43.99 -15.03
CA HIS G 737 -114.14 44.07 -14.19
C HIS G 737 -113.07 43.14 -14.82
N LEU G 738 -111.91 43.69 -15.18
CA LEU G 738 -110.89 42.91 -15.90
C LEU G 738 -109.57 42.72 -15.14
N HIS G 739 -109.10 41.46 -15.11
CA HIS G 739 -107.88 41.04 -14.45
C HIS G 739 -106.98 40.51 -15.53
N THR G 740 -105.80 41.11 -15.69
CA THR G 740 -104.81 40.57 -16.62
C THR G 740 -103.42 40.62 -16.01
N HIS G 741 -102.53 39.81 -16.59
CA HIS G 741 -101.14 39.75 -16.18
C HIS G 741 -100.24 40.28 -17.29
N ASP G 742 -99.26 41.09 -16.89
CA ASP G 742 -98.38 41.83 -17.82
C ASP G 742 -97.22 40.98 -18.37
N THR G 743 -97.33 39.66 -18.35
CA THR G 743 -96.25 38.79 -18.82
C THR G 743 -95.82 39.20 -20.24
N SER G 744 -96.80 39.44 -21.09
CA SER G 744 -96.61 39.77 -22.51
C SER G 744 -95.91 41.12 -22.80
N GLY G 745 -96.04 42.08 -21.89
CA GLY G 745 -95.60 43.45 -22.13
C GLY G 745 -96.75 44.32 -22.62
N ASN G 746 -97.90 43.69 -22.91
CA ASN G 746 -99.10 44.37 -23.43
C ASN G 746 -100.17 44.54 -22.35
N GLY G 747 -99.74 44.65 -21.11
CA GLY G 747 -100.68 44.75 -20.00
C GLY G 747 -101.41 46.07 -20.01
N ILE G 748 -100.66 47.18 -19.98
CA ILE G 748 -101.25 48.51 -19.94
C ILE G 748 -102.04 48.78 -21.21
N TYR G 749 -101.53 48.31 -22.35
CA TYR G 749 -102.25 48.52 -23.59
C TYR G 749 -103.58 47.75 -23.58
N THR G 750 -103.56 46.50 -23.16
CA THR G 750 -104.80 45.72 -23.06
C THR G 750 -105.86 46.42 -22.19
N TYR G 751 -105.42 47.15 -21.16
CA TYR G 751 -106.35 47.96 -20.34
C TYR G 751 -106.87 49.20 -21.08
N ALA G 752 -105.98 49.93 -21.76
CA ALA G 752 -106.39 51.06 -22.58
C ALA G 752 -107.48 50.68 -23.61
N ALA G 753 -107.36 49.48 -24.19
CA ALA G 753 -108.37 48.92 -25.09
C ALA G 753 -109.70 48.76 -24.38
N ALA G 754 -109.65 48.20 -23.17
CA ALA G 754 -110.83 48.04 -22.37
C ALA G 754 -111.46 49.39 -22.01
N VAL G 755 -110.65 50.38 -21.62
CA VAL G 755 -111.15 51.71 -21.23
C VAL G 755 -111.77 52.45 -22.42
N SER G 756 -111.17 52.30 -23.59
CA SER G 756 -111.74 52.80 -24.83
C SER G 756 -113.10 52.13 -25.07
N ALA G 757 -113.15 50.80 -24.95
CA ALA G 757 -114.39 50.03 -25.08
C ALA G 757 -115.33 50.15 -23.86
N GLY G 758 -114.95 50.95 -22.87
CA GLY G 758 -115.85 51.37 -21.80
C GLY G 758 -116.07 50.43 -20.61
N VAL G 759 -115.05 49.64 -20.26
CA VAL G 759 -115.16 48.72 -19.12
C VAL G 759 -115.06 49.49 -17.80
N ASP G 760 -115.70 48.98 -16.76
CA ASP G 760 -115.88 49.70 -15.50
C ASP G 760 -114.69 49.63 -14.53
N ILE G 761 -114.15 48.42 -14.32
CA ILE G 761 -113.11 48.17 -13.30
C ILE G 761 -111.94 47.30 -13.79
N VAL G 762 -110.73 47.67 -13.38
CA VAL G 762 -109.51 46.93 -13.74
C VAL G 762 -108.54 46.74 -12.57
N ASP G 763 -107.72 45.68 -12.64
CA ASP G 763 -106.77 45.33 -11.59
C ASP G 763 -105.36 45.85 -11.84
N VAL G 764 -104.84 46.65 -10.93
CA VAL G 764 -103.47 47.17 -11.01
C VAL G 764 -102.76 47.01 -9.66
N ALA G 765 -101.47 47.30 -9.65
CA ALA G 765 -100.65 47.20 -8.44
C ALA G 765 -99.64 48.34 -8.40
N SER G 766 -99.04 48.58 -7.24
CA SER G 766 -98.06 49.66 -7.12
C SER G 766 -96.91 49.41 -8.08
N SER G 767 -96.42 50.48 -8.71
CA SER G 767 -95.34 50.36 -9.70
C SER G 767 -94.30 49.33 -9.25
N ALA G 768 -93.82 49.45 -8.02
CA ALA G 768 -92.71 48.61 -7.54
C ALA G 768 -93.07 47.13 -7.47
N MET G 769 -94.36 46.80 -7.54
CA MET G 769 -94.79 45.41 -7.56
C MET G 769 -95.60 45.09 -8.81
N SER G 770 -95.48 45.94 -9.82
CA SER G 770 -96.15 45.73 -11.12
C SER G 770 -95.21 45.09 -12.12
N GLY G 771 -95.75 44.76 -13.28
CA GLY G 771 -94.94 44.23 -14.38
C GLY G 771 -94.79 42.72 -14.35
N ALA G 772 -94.12 42.20 -15.37
CA ALA G 772 -93.83 40.79 -15.43
C ALA G 772 -95.13 40.01 -15.25
N THR G 773 -95.10 38.98 -14.41
CA THR G 773 -96.27 38.16 -14.19
C THR G 773 -97.28 38.83 -13.26
N SER G 774 -97.05 40.09 -12.89
CA SER G 774 -97.95 40.84 -12.02
C SER G 774 -98.93 41.62 -12.86
N GLN G 775 -99.79 42.37 -12.18
CA GLN G 775 -100.68 43.32 -12.85
C GLN G 775 -99.89 44.55 -13.29
N PRO G 776 -100.48 45.36 -14.19
CA PRO G 776 -99.84 46.60 -14.65
C PRO G 776 -99.84 47.70 -13.60
N SER G 777 -98.93 48.65 -13.73
CA SER G 777 -98.80 49.68 -12.71
C SER G 777 -100.06 50.53 -12.62
N MET G 778 -100.57 50.73 -11.40
CA MET G 778 -101.67 51.66 -11.18
C MET G 778 -101.24 53.05 -11.64
N THR G 779 -100.08 53.51 -11.18
CA THR G 779 -99.57 54.83 -11.48
C THR G 779 -99.20 54.88 -12.95
N GLY G 780 -98.79 53.74 -13.49
CA GLY G 780 -98.54 53.62 -14.92
C GLY G 780 -99.78 53.88 -15.74
N LEU G 781 -100.89 53.24 -15.37
CA LEU G 781 -102.16 53.38 -16.09
C LEU G 781 -102.66 54.81 -16.06
N TYR G 782 -102.63 55.42 -14.88
CA TYR G 782 -103.11 56.80 -14.72
C TYR G 782 -102.39 57.72 -15.71
N TYR G 783 -101.06 57.68 -15.71
CA TYR G 783 -100.26 58.50 -16.61
C TYR G 783 -100.45 58.10 -18.08
N GLY G 784 -100.92 56.88 -18.30
CA GLY G 784 -101.28 56.40 -19.64
C GLY G 784 -102.57 57.00 -20.17
N LEU G 785 -103.60 57.08 -19.31
CA LEU G 785 -104.93 57.60 -19.69
C LEU G 785 -105.14 59.08 -19.36
N VAL G 786 -104.08 59.76 -18.92
CA VAL G 786 -104.21 61.02 -18.19
C VAL G 786 -105.05 62.10 -18.86
N ASN G 787 -104.92 62.28 -20.17
CA ASN G 787 -105.68 63.34 -20.86
C ASN G 787 -106.57 62.80 -21.96
N GLY G 788 -106.85 61.50 -21.92
CA GLY G 788 -107.74 60.87 -22.88
C GLY G 788 -109.19 61.21 -22.59
N ASN G 789 -110.09 60.56 -23.33
CA ASN G 789 -111.51 60.78 -23.17
C ASN G 789 -111.96 60.26 -21.82
N ARG G 790 -111.51 59.07 -21.49
CA ARG G 790 -111.82 58.42 -20.23
C ARG G 790 -110.56 58.35 -19.37
N GLN G 791 -110.73 58.43 -18.05
CA GLN G 791 -109.59 58.45 -17.13
C GLN G 791 -109.85 57.69 -15.84
N THR G 792 -108.87 57.72 -14.94
CA THR G 792 -108.98 57.06 -13.65
C THR G 792 -108.50 58.06 -12.60
N ASN G 793 -109.31 58.26 -11.58
CA ASN G 793 -109.04 59.28 -10.57
C ASN G 793 -108.25 58.66 -9.44
N LEU G 794 -106.94 58.87 -9.48
CA LEU G 794 -106.04 58.62 -8.36
C LEU G 794 -105.02 59.73 -8.31
N ASP G 795 -104.73 60.24 -7.12
CA ASP G 795 -103.65 61.20 -6.95
C ASP G 795 -102.36 60.48 -7.30
N ALA G 796 -101.75 60.90 -8.42
CA ALA G 796 -100.49 60.33 -8.88
C ALA G 796 -99.47 60.31 -7.75
N GLN G 797 -99.16 61.48 -7.21
CA GLN G 797 -98.16 61.59 -6.17
C GLN G 797 -98.41 60.66 -4.99
N ASN G 798 -99.68 60.50 -4.60
CA ASN G 798 -100.03 59.59 -3.51
C ASN G 798 -99.54 58.19 -3.80
N SER G 799 -99.98 57.65 -4.94
CA SER G 799 -99.67 56.27 -5.34
C SER G 799 -98.17 56.04 -5.35
N GLN G 800 -97.41 57.08 -5.71
CA GLN G 800 -95.95 57.05 -5.70
C GLN G 800 -95.40 56.94 -4.27
N ILE G 801 -96.00 57.69 -3.34
CA ILE G 801 -95.55 57.61 -1.94
C ILE G 801 -95.74 56.20 -1.40
N ILE G 802 -96.91 55.61 -1.67
CA ILE G 802 -97.19 54.18 -1.36
C ILE G 802 -96.14 53.28 -2.02
N ASN G 803 -95.83 53.55 -3.28
CA ASN G 803 -94.80 52.81 -4.01
C ASN G 803 -93.42 52.82 -3.35
N HIS G 804 -93.02 53.99 -2.86
CA HIS G 804 -91.71 54.18 -2.22
C HIS G 804 -91.49 53.19 -1.10
N TYR G 805 -92.57 52.89 -0.39
CA TYR G 805 -92.53 51.89 0.67
C TYR G 805 -92.21 50.53 0.05
N TRP G 806 -93.11 50.06 -0.82
CA TRP G 806 -92.93 48.78 -1.49
C TRP G 806 -91.59 48.66 -2.24
N GLU G 807 -91.19 49.67 -3.01
CA GLU G 807 -89.82 49.71 -3.60
C GLU G 807 -88.81 49.22 -2.54
N ASP G 808 -88.83 49.83 -1.36
CA ASP G 808 -87.88 49.50 -0.28
C ASP G 808 -88.11 48.12 0.32
N VAL G 809 -89.37 47.73 0.48
CA VAL G 809 -89.70 46.46 1.15
C VAL G 809 -89.35 45.25 0.32
N ARG G 810 -89.58 45.31 -0.99
CA ARG G 810 -89.33 44.15 -1.87
C ARG G 810 -87.93 43.55 -1.63
N HIS G 811 -86.95 44.37 -1.26
CA HIS G 811 -85.60 43.89 -1.05
C HIS G 811 -85.53 42.78 0.02
N TYR G 812 -86.42 42.83 1.00
CA TYR G 812 -86.49 41.81 2.03
C TYR G 812 -86.68 40.45 1.40
N TYR G 813 -87.38 40.42 0.27
CA TYR G 813 -87.78 39.17 -0.36
C TYR G 813 -86.95 38.75 -1.58
N LYS G 814 -85.77 39.34 -1.79
CA LYS G 814 -84.93 39.01 -2.94
C LYS G 814 -84.76 37.49 -3.10
N ASP G 815 -84.64 36.77 -2.00
CA ASP G 815 -84.63 35.29 -2.03
C ASP G 815 -85.77 34.66 -2.82
N PHE G 816 -86.89 35.35 -2.94
CA PHE G 816 -88.06 34.80 -3.58
C PHE G 816 -88.39 35.53 -4.85
N ASP G 817 -87.52 36.45 -5.25
CA ASP G 817 -87.76 37.28 -6.43
C ASP G 817 -87.11 36.66 -7.67
N ASN G 818 -87.51 35.43 -7.96
CA ASN G 818 -86.93 34.65 -9.04
C ASN G 818 -87.58 34.93 -10.38
N ALA G 819 -88.49 35.91 -10.42
CA ALA G 819 -89.22 36.24 -11.65
C ALA G 819 -88.30 36.85 -12.71
N LEU G 820 -88.60 36.53 -13.97
CA LEU G 820 -87.88 37.08 -15.12
C LEU G 820 -88.37 38.49 -15.38
N ASN G 821 -87.46 39.37 -15.76
CA ASN G 821 -87.66 40.82 -15.70
C ASN G 821 -87.68 41.51 -17.07
N SER G 822 -88.08 40.78 -18.11
CA SER G 822 -88.29 41.32 -19.47
C SER G 822 -89.53 40.66 -20.11
N PRO G 823 -90.13 41.31 -21.14
CA PRO G 823 -91.36 40.76 -21.71
C PRO G 823 -91.14 39.36 -22.28
N GLN G 824 -91.79 38.35 -21.68
CA GLN G 824 -91.73 36.96 -22.15
C GLN G 824 -92.90 36.72 -23.13
N THR G 825 -92.65 36.98 -24.42
CA THR G 825 -93.68 36.92 -25.47
C THR G 825 -94.11 35.51 -25.83
N GLU G 826 -93.29 34.53 -25.45
CA GLU G 826 -93.54 33.12 -25.76
C GLU G 826 -94.87 32.65 -25.20
N VAL G 827 -95.39 33.39 -24.22
CA VAL G 827 -96.59 33.03 -23.45
C VAL G 827 -97.78 32.58 -24.29
N TYR G 828 -97.94 33.20 -25.45
CA TYR G 828 -99.11 32.96 -26.29
C TYR G 828 -99.13 31.52 -26.82
N ILE G 829 -97.94 30.99 -27.13
CA ILE G 829 -97.80 29.62 -27.61
C ILE G 829 -98.23 28.61 -26.53
N HIS G 830 -97.57 28.67 -25.37
CA HIS G 830 -97.82 27.70 -24.30
C HIS G 830 -99.02 28.02 -23.39
N GLU G 831 -99.55 29.25 -23.44
CA GLU G 831 -100.77 29.59 -22.70
C GLU G 831 -100.72 29.23 -21.20
N MET G 832 -99.52 29.17 -20.62
CA MET G 832 -99.32 28.72 -19.24
C MET G 832 -99.28 29.95 -18.30
N PRO G 833 -100.03 29.93 -17.19
CA PRO G 833 -100.02 31.06 -16.26
C PRO G 833 -98.65 31.31 -15.64
N GLY G 834 -98.35 32.55 -15.31
CA GLY G 834 -97.03 32.92 -14.76
C GLY G 834 -96.57 32.04 -13.61
N GLY G 835 -97.47 31.82 -12.65
CA GLY G 835 -97.21 30.90 -11.55
C GLY G 835 -96.75 29.53 -12.01
N GLN G 836 -97.41 28.99 -13.04
CA GLN G 836 -97.13 27.65 -13.56
C GLN G 836 -95.76 27.51 -14.24
N TYR G 837 -95.37 28.52 -15.02
CA TYR G 837 -94.07 28.51 -15.69
C TYR G 837 -92.94 28.25 -14.70
N THR G 838 -92.93 29.00 -13.60
CA THR G 838 -91.90 28.85 -12.56
C THR G 838 -92.06 27.55 -11.78
N ASN G 839 -93.29 27.23 -11.39
CA ASN G 839 -93.57 25.98 -10.66
C ASN G 839 -93.25 24.72 -11.44
N LEU G 840 -93.38 24.77 -12.76
CA LEU G 840 -93.09 23.63 -13.61
C LEU G 840 -91.61 23.57 -14.01
N GLN G 841 -90.98 24.73 -14.18
CA GLN G 841 -89.52 24.81 -14.33
C GLN G 841 -88.87 24.07 -13.15
N GLN G 842 -89.39 24.30 -11.96
CA GLN G 842 -88.89 23.69 -10.72
C GLN G 842 -88.94 22.15 -10.75
N GLN G 843 -90.06 21.59 -11.19
CA GLN G 843 -90.20 20.12 -11.26
C GLN G 843 -89.24 19.51 -12.29
N ALA G 844 -89.09 20.16 -13.43
CA ALA G 844 -88.13 19.72 -14.44
C ALA G 844 -86.69 19.74 -13.90
N ILE G 845 -86.36 20.80 -13.16
CA ILE G 845 -85.07 20.91 -12.48
C ILE G 845 -84.92 19.81 -11.42
N ALA G 846 -86.03 19.51 -10.74
CA ALA G 846 -86.10 18.43 -9.76
C ALA G 846 -85.80 17.06 -10.40
N VAL G 847 -86.49 16.77 -11.51
CA VAL G 847 -86.34 15.59 -12.40
C VAL G 847 -84.99 15.54 -13.09
N GLY G 848 -84.36 16.70 -13.19
CA GLY G 848 -83.11 16.86 -13.92
C GLY G 848 -83.33 16.92 -15.42
N LEU G 849 -84.40 17.61 -15.83
CA LEU G 849 -84.72 17.83 -17.23
C LEU G 849 -84.52 19.31 -17.55
N GLY G 850 -83.87 20.05 -16.63
CA GLY G 850 -83.57 21.47 -16.83
C GLY G 850 -82.82 21.72 -18.13
N ASP G 851 -82.01 20.75 -18.53
CA ASP G 851 -81.27 20.78 -19.79
C ASP G 851 -82.23 20.59 -20.99
N ARG G 852 -83.36 19.92 -20.76
CA ARG G 852 -84.41 19.64 -21.78
C ARG G 852 -85.65 20.52 -21.61
N TRP G 853 -85.58 21.52 -20.72
CA TRP G 853 -86.74 22.36 -20.38
C TRP G 853 -87.61 22.76 -21.59
N ASP G 854 -86.95 23.18 -22.68
CA ASP G 854 -87.64 23.56 -23.93
C ASP G 854 -88.54 22.46 -24.49
N GLU G 855 -88.14 21.20 -24.27
CA GLU G 855 -88.92 20.04 -24.73
C GLU G 855 -90.20 19.87 -23.93
N VAL G 856 -90.15 20.22 -22.65
CA VAL G 856 -91.32 20.12 -21.77
C VAL G 856 -92.37 21.13 -22.20
N LYS G 857 -91.95 22.39 -22.35
CA LYS G 857 -92.84 23.48 -22.75
C LYS G 857 -93.70 23.14 -23.98
N GLU G 858 -93.07 22.53 -24.99
CA GLU G 858 -93.79 22.11 -26.19
C GLU G 858 -94.74 20.94 -25.89
N MET G 859 -94.26 19.93 -25.17
CA MET G 859 -95.05 18.75 -24.82
C MET G 859 -96.33 19.14 -24.08
N TYR G 860 -96.19 20.08 -23.15
CA TYR G 860 -97.34 20.70 -22.45
C TYR G 860 -98.43 21.17 -23.42
N THR G 861 -98.04 21.94 -24.43
CA THR G 861 -98.99 22.45 -25.43
C THR G 861 -99.73 21.30 -26.14
N VAL G 862 -99.03 20.19 -26.35
CA VAL G 862 -99.63 18.98 -26.94
C VAL G 862 -100.66 18.40 -25.99
N VAL G 863 -100.31 18.37 -24.71
CA VAL G 863 -101.17 17.77 -23.67
C VAL G 863 -102.50 18.51 -23.55
N ASN G 864 -102.47 19.84 -23.63
CA ASN G 864 -103.70 20.61 -23.73
C ASN G 864 -104.41 20.24 -25.00
N GLN G 865 -103.64 20.09 -26.09
CA GLN G 865 -104.20 19.70 -27.38
C GLN G 865 -104.67 18.23 -27.42
N MET G 866 -104.18 17.40 -26.49
CA MET G 866 -104.66 16.01 -26.35
C MET G 866 -106.09 16.00 -25.79
N PHE G 867 -106.34 16.84 -24.78
CA PHE G 867 -107.70 17.02 -24.23
C PHE G 867 -108.46 18.12 -25.01
N GLY G 868 -108.26 18.16 -26.33
CA GLY G 868 -108.79 19.24 -27.16
C GLY G 868 -108.13 20.56 -26.85
N ASP G 869 -108.92 21.55 -26.45
CA ASP G 869 -108.40 22.81 -25.94
C ASP G 869 -109.15 23.02 -24.63
N ILE G 870 -108.44 23.07 -23.51
CA ILE G 870 -109.08 23.24 -22.20
C ILE G 870 -108.50 24.44 -21.44
N VAL G 871 -109.32 25.02 -20.57
CA VAL G 871 -108.92 26.18 -19.78
C VAL G 871 -107.84 25.76 -18.78
N LYS G 872 -106.61 26.20 -19.00
CA LYS G 872 -105.48 25.88 -18.12
C LYS G 872 -105.37 26.96 -17.02
N VAL G 873 -105.62 26.54 -15.79
CA VAL G 873 -105.53 27.40 -14.60
C VAL G 873 -105.61 26.50 -13.37
N THR G 874 -104.98 26.90 -12.28
CA THR G 874 -104.99 26.09 -11.06
C THR G 874 -106.40 25.70 -10.62
N PRO G 875 -106.66 24.39 -10.39
CA PRO G 875 -105.79 23.23 -10.38
C PRO G 875 -105.72 22.45 -11.70
N SER G 876 -106.43 22.90 -12.74
CA SER G 876 -106.44 22.22 -14.03
C SER G 876 -105.08 22.34 -14.71
N SER G 877 -104.43 23.50 -14.59
CA SER G 877 -103.09 23.71 -15.13
C SER G 877 -102.13 22.64 -14.63
N LYS G 878 -102.11 22.44 -13.31
CA LYS G 878 -101.26 21.42 -12.69
C LYS G 878 -101.39 20.07 -13.40
N VAL G 879 -102.61 19.68 -13.77
CA VAL G 879 -102.84 18.36 -14.37
C VAL G 879 -102.12 18.18 -15.71
N VAL G 880 -102.13 19.22 -16.53
CA VAL G 880 -101.48 19.18 -17.84
C VAL G 880 -99.98 18.96 -17.62
N GLY G 881 -99.39 19.86 -16.82
CA GLY G 881 -97.96 19.83 -16.53
C GLY G 881 -97.47 18.53 -15.95
N ASP G 882 -98.27 17.95 -15.04
CA ASP G 882 -97.93 16.68 -14.41
C ASP G 882 -97.75 15.56 -15.44
N LEU G 883 -98.62 15.51 -16.45
CA LEU G 883 -98.52 14.50 -17.51
C LEU G 883 -97.45 14.87 -18.54
N ALA G 884 -97.45 16.13 -18.98
CA ALA G 884 -96.44 16.60 -19.94
C ALA G 884 -95.09 16.11 -19.46
N LEU G 885 -94.77 16.40 -18.20
CA LEU G 885 -93.51 15.97 -17.58
C LEU G 885 -93.30 14.44 -17.61
N PHE G 886 -94.38 13.67 -17.53
CA PHE G 886 -94.31 12.20 -17.62
C PHE G 886 -93.95 11.74 -19.05
N MET G 887 -94.67 12.24 -20.04
CA MET G 887 -94.41 11.90 -21.45
C MET G 887 -92.96 12.20 -21.86
N VAL G 888 -92.54 13.45 -21.68
CA VAL G 888 -91.15 13.87 -21.96
C VAL G 888 -90.10 13.08 -21.17
N GLN G 889 -90.44 12.70 -19.93
CA GLN G 889 -89.58 11.84 -19.11
C GLN G 889 -89.38 10.47 -19.75
N ASN G 890 -90.46 9.86 -20.26
CA ASN G 890 -90.37 8.51 -20.85
C ASN G 890 -90.23 8.51 -22.39
N GLU G 891 -89.96 9.68 -22.96
CA GLU G 891 -89.73 9.85 -24.42
C GLU G 891 -90.90 9.36 -25.28
N LEU G 892 -92.12 9.60 -24.81
CA LEU G 892 -93.33 9.17 -25.52
C LEU G 892 -93.89 10.30 -26.37
N SER G 893 -93.97 10.08 -27.67
CA SER G 893 -94.71 10.98 -28.54
C SER G 893 -96.22 10.78 -28.28
N GLU G 894 -97.04 11.70 -28.76
CA GLU G 894 -98.51 11.56 -28.71
C GLU G 894 -99.00 10.29 -29.39
N GLU G 895 -98.25 9.86 -30.42
CA GLU G 895 -98.56 8.64 -31.18
C GLU G 895 -98.19 7.39 -30.36
N ASP G 896 -97.02 7.45 -29.71
CA ASP G 896 -96.51 6.37 -28.85
C ASP G 896 -97.49 6.01 -27.73
N VAL G 897 -98.17 7.02 -27.21
CA VAL G 897 -99.09 6.84 -26.05
C VAL G 897 -99.94 5.55 -26.04
N TYR G 898 -100.42 5.12 -27.19
CA TYR G 898 -101.29 3.98 -27.27
C TYR G 898 -100.54 2.76 -27.78
N PRO G 907 -101.25 8.65 -13.93
CA PRO G 907 -100.85 9.47 -12.79
C PRO G 907 -102.07 10.00 -12.04
N ASP G 908 -102.16 9.72 -10.74
CA ASP G 908 -103.38 10.00 -9.95
C ASP G 908 -104.15 11.27 -10.34
N SER G 909 -103.44 12.39 -10.39
CA SER G 909 -104.04 13.70 -10.66
C SER G 909 -104.71 13.78 -12.04
N VAL G 910 -104.24 12.98 -12.98
CA VAL G 910 -104.74 12.98 -14.36
C VAL G 910 -106.00 12.13 -14.50
N ILE G 911 -106.03 11.05 -13.73
CA ILE G 911 -107.18 10.17 -13.68
C ILE G 911 -108.34 10.92 -13.04
N GLU G 912 -108.02 11.70 -12.01
CA GLU G 912 -109.01 12.50 -11.31
C GLU G 912 -109.58 13.56 -12.26
N PHE G 913 -108.79 13.97 -13.25
CA PHE G 913 -109.26 14.91 -14.26
C PHE G 913 -110.22 14.19 -15.19
N PHE G 914 -109.79 13.03 -15.68
CA PHE G 914 -110.64 12.20 -16.53
C PHE G 914 -111.83 11.60 -15.76
N MET G 915 -111.72 11.52 -14.44
CA MET G 915 -112.84 11.16 -13.60
C MET G 915 -113.90 12.25 -13.65
N GLY G 916 -113.45 13.50 -13.56
CA GLY G 916 -114.32 14.67 -13.45
C GLY G 916 -114.28 15.31 -12.06
N GLU G 917 -113.22 15.06 -11.29
CA GLU G 917 -113.09 15.54 -9.90
C GLU G 917 -112.73 17.03 -9.84
N ILE G 918 -111.96 17.49 -10.81
CA ILE G 918 -111.74 18.94 -11.00
C ILE G 918 -113.05 19.63 -11.49
N GLY G 919 -113.88 18.90 -12.24
CA GLY G 919 -115.15 19.36 -12.78
C GLY G 919 -115.38 18.87 -14.20
N GLN G 920 -116.07 19.68 -15.00
CA GLN G 920 -116.42 19.32 -16.39
C GLN G 920 -115.76 20.24 -17.42
N PRO G 921 -114.90 19.68 -18.28
CA PRO G 921 -114.34 20.46 -19.40
C PRO G 921 -115.42 20.88 -20.39
N TYR G 922 -115.45 22.15 -20.79
CA TYR G 922 -116.47 22.67 -21.70
C TYR G 922 -116.72 21.78 -22.93
N GLY G 923 -115.65 21.44 -23.65
CA GLY G 923 -115.76 20.56 -24.81
C GLY G 923 -116.19 19.15 -24.42
N GLY G 924 -115.80 18.74 -23.22
CA GLY G 924 -116.09 17.39 -22.74
C GLY G 924 -115.38 16.32 -23.56
N PHE G 925 -114.05 16.40 -23.56
CA PHE G 925 -113.20 15.58 -24.42
C PHE G 925 -113.33 14.10 -24.09
N PRO G 926 -113.42 13.22 -25.12
CA PRO G 926 -113.41 11.77 -24.85
C PRO G 926 -112.01 11.16 -24.69
N GLU G 927 -111.80 10.43 -23.57
CA GLU G 927 -110.79 9.29 -23.47
C GLU G 927 -110.10 9.10 -22.10
N THR G 938 -116.38 4.78 -12.25
CA THR G 938 -115.64 5.42 -13.34
C THR G 938 -116.15 6.84 -13.73
N PRO G 939 -117.48 7.02 -13.99
CA PRO G 939 -117.94 8.36 -14.41
C PRO G 939 -118.17 9.33 -13.23
N LEU G 940 -117.48 10.47 -13.24
CA LEU G 940 -117.67 11.48 -12.18
C LEU G 940 -119.07 12.05 -12.28
N THR G 941 -119.51 12.29 -13.52
CA THR G 941 -120.92 12.56 -13.81
C THR G 941 -121.47 13.91 -13.27
N ASP G 942 -121.18 14.15 -12.00
CA ASP G 942 -121.66 15.34 -11.29
C ASP G 942 -120.58 15.96 -10.39
N ARG G 943 -120.79 17.24 -10.05
CA ARG G 943 -119.96 17.99 -9.10
C ARG G 943 -119.63 17.18 -7.86
N PRO G 944 -118.33 17.01 -7.55
CA PRO G 944 -117.98 16.18 -6.39
C PRO G 944 -118.45 16.79 -5.07
N GLY G 945 -118.58 18.11 -5.01
CA GLY G 945 -119.03 18.80 -3.80
C GLY G 945 -120.39 18.33 -3.30
N ALA G 946 -121.35 18.25 -4.21
CA ALA G 946 -122.71 17.81 -3.89
C ALA G 946 -122.77 16.35 -3.43
N LEU G 947 -122.00 15.48 -4.09
CA LEU G 947 -121.98 14.05 -3.77
C LEU G 947 -121.35 13.80 -2.39
N MET G 948 -120.35 14.62 -2.05
CA MET G 948 -119.73 14.59 -0.74
C MET G 948 -120.76 14.85 0.39
N GLU G 949 -120.62 14.06 1.44
CA GLU G 949 -121.45 14.06 2.62
C GLU G 949 -120.67 14.89 3.60
N PRO G 950 -121.39 15.69 4.42
CA PRO G 950 -120.73 16.48 5.46
C PRO G 950 -120.33 15.78 6.78
N VAL G 951 -119.16 16.15 7.29
CA VAL G 951 -118.72 15.72 8.63
C VAL G 951 -119.23 16.73 9.63
N ASN G 952 -119.80 16.25 10.72
CA ASN G 952 -120.35 17.19 11.70
C ASN G 952 -119.22 18.10 12.27
N PHE G 953 -119.50 19.40 12.35
CA PHE G 953 -118.52 20.39 12.83
C PHE G 953 -118.08 20.09 14.25
N VAL G 954 -119.00 19.54 15.05
CA VAL G 954 -118.76 19.33 16.49
C VAL G 954 -117.81 18.15 16.74
N GLU G 955 -117.98 17.07 15.99
CA GLU G 955 -117.11 15.89 16.09
C GLU G 955 -115.66 16.29 15.82
N VAL G 956 -115.47 17.09 14.77
CA VAL G 956 -114.16 17.63 14.44
C VAL G 956 -113.72 18.66 15.46
N LYS G 957 -114.62 19.59 15.78
CA LYS G 957 -114.31 20.69 16.74
C LYS G 957 -113.72 20.13 18.02
N ALA G 958 -114.25 18.98 18.43
CA ALA G 958 -113.74 18.25 19.60
C ALA G 958 -112.44 17.52 19.26
N GLU G 959 -112.37 16.93 18.07
CA GLU G 959 -111.16 16.27 17.59
C GLU G 959 -109.97 17.22 17.64
N LEU G 960 -110.18 18.41 17.11
CA LEU G 960 -109.18 19.46 17.11
C LEU G 960 -108.80 19.90 18.53
N LYS G 961 -109.81 20.20 19.34
CA LYS G 961 -109.59 20.63 20.74
C LYS G 961 -108.67 19.67 21.47
N GLU G 962 -108.88 18.38 21.24
CA GLU G 962 -108.03 17.30 21.75
C GLU G 962 -106.65 17.30 21.08
N LYS G 963 -106.63 17.56 19.77
CA LYS G 963 -105.36 17.73 19.02
C LYS G 963 -104.62 18.98 19.42
N MET G 964 -105.32 20.11 19.43
CA MET G 964 -104.74 21.38 19.83
C MET G 964 -104.63 21.37 21.35
N GLY G 965 -103.89 22.34 21.88
CA GLY G 965 -103.73 22.48 23.32
C GLY G 965 -105.02 22.81 24.06
N TYR G 966 -105.96 23.49 23.40
CA TYR G 966 -107.12 24.07 24.06
C TYR G 966 -108.36 24.11 23.15
N GLU G 967 -109.36 24.93 23.54
CA GLU G 967 -110.63 25.04 22.83
C GLU G 967 -110.48 26.00 21.64
N PRO G 968 -110.77 25.53 20.41
CA PRO G 968 -110.57 26.32 19.19
C PRO G 968 -111.69 27.29 18.90
N THR G 969 -111.39 28.32 18.11
CA THR G 969 -112.41 29.25 17.63
C THR G 969 -113.02 28.70 16.36
N GLU G 970 -114.13 29.30 15.93
CA GLU G 970 -114.88 28.81 14.77
C GLU G 970 -113.98 28.78 13.53
N LYS G 971 -113.19 29.84 13.38
CA LYS G 971 -112.23 29.96 12.28
C LYS G 971 -111.16 28.85 12.29
N ASP G 972 -110.55 28.62 13.45
CA ASP G 972 -109.54 27.58 13.60
C ASP G 972 -110.05 26.25 13.06
N VAL G 973 -111.33 25.99 13.26
CA VAL G 973 -111.94 24.72 12.84
C VAL G 973 -112.02 24.61 11.27
N ILE G 974 -112.55 25.62 10.58
CA ILE G 974 -112.67 25.53 9.10
C ILE G 974 -111.29 25.29 8.53
N SER G 975 -110.34 26.12 8.96
CA SER G 975 -108.95 26.00 8.53
C SER G 975 -108.44 24.57 8.66
N TYR G 976 -108.67 23.95 9.82
CA TYR G 976 -108.27 22.56 10.05
C TYR G 976 -108.90 21.62 9.01
N ILE G 977 -110.19 21.79 8.78
CA ILE G 977 -110.92 20.98 7.81
C ILE G 977 -110.28 21.11 6.43
N LEU G 978 -110.00 22.35 6.01
CA LEU G 978 -109.48 22.63 4.67
C LEU G 978 -108.05 22.15 4.50
N TYR G 979 -107.22 22.41 5.51
CA TYR G 979 -105.81 22.03 5.47
C TYR G 979 -105.39 21.37 6.79
N PRO G 980 -105.75 20.10 6.98
CA PRO G 980 -105.52 19.44 8.26
C PRO G 980 -104.06 19.17 8.54
N LYS G 981 -103.35 18.59 7.57
CA LYS G 981 -101.94 18.27 7.75
C LYS G 981 -101.18 19.52 8.16
N VAL G 982 -101.40 20.61 7.42
CA VAL G 982 -100.65 21.86 7.67
C VAL G 982 -101.07 22.58 8.95
N PHE G 983 -102.36 22.50 9.28
CA PHE G 983 -102.88 23.26 10.43
C PHE G 983 -102.27 22.74 11.74
N LEU G 984 -102.20 21.42 11.90
CA LEU G 984 -101.51 20.86 13.04
C LEU G 984 -100.05 21.22 12.99
N ASP G 985 -99.42 21.04 11.83
CA ASP G 985 -98.00 21.39 11.65
C ASP G 985 -97.76 22.84 12.05
N TYR G 986 -98.70 23.71 11.71
CA TYR G 986 -98.65 25.12 12.08
C TYR G 986 -98.76 25.30 13.59
N GLN G 987 -99.73 24.60 14.19
CA GLN G 987 -99.90 24.58 15.64
C GLN G 987 -98.63 24.10 16.35
N GLU G 988 -98.12 22.93 15.97
CA GLU G 988 -96.90 22.38 16.56
C GLU G 988 -95.73 23.37 16.49
N MET G 989 -95.65 24.10 15.37
CA MET G 989 -94.57 25.09 15.16
C MET G 989 -94.78 26.33 16.00
N ILE G 990 -96.04 26.76 16.14
CA ILE G 990 -96.33 27.94 16.96
C ILE G 990 -96.09 27.67 18.46
N ASN G 991 -96.33 26.43 18.90
CA ASN G 991 -96.05 26.04 20.28
C ASN G 991 -94.56 26.09 20.57
N LYS G 992 -93.78 25.63 19.60
CA LYS G 992 -92.31 25.60 19.73
C LYS G 992 -91.66 26.99 19.79
N TYR G 993 -92.11 27.89 18.91
CA TYR G 993 -91.48 29.21 18.73
C TYR G 993 -92.36 30.42 19.08
N GLY G 994 -93.63 30.19 19.36
CA GLY G 994 -94.55 31.27 19.68
C GLY G 994 -94.98 32.00 18.43
N ASP G 995 -95.69 33.10 18.62
CA ASP G 995 -96.24 33.87 17.51
C ASP G 995 -95.14 34.65 16.80
N VAL G 996 -94.68 34.11 15.67
CA VAL G 996 -93.60 34.70 14.90
C VAL G 996 -94.09 35.83 13.99
N THR G 997 -95.38 35.85 13.68
CA THR G 997 -95.96 36.94 12.88
C THR G 997 -95.27 38.26 13.15
N VAL G 998 -94.94 38.49 14.43
CA VAL G 998 -94.40 39.77 14.90
C VAL G 998 -92.97 40.17 14.47
N LEU G 999 -92.10 39.21 14.18
CA LEU G 999 -90.69 39.56 13.92
C LEU G 999 -90.53 40.34 12.62
N ASP G 1000 -89.63 41.31 12.60
CA ASP G 1000 -89.34 42.02 11.35
C ASP G 1000 -88.89 40.98 10.33
N THR G 1001 -89.29 41.19 9.09
CA THR G 1001 -89.07 40.21 8.04
C THR G 1001 -87.62 39.75 7.95
N PRO G 1002 -86.65 40.67 7.87
CA PRO G 1002 -85.26 40.20 7.75
C PRO G 1002 -84.88 39.24 8.87
N THR G 1003 -85.23 39.58 10.11
CA THR G 1003 -84.94 38.69 11.21
C THR G 1003 -85.64 37.33 11.05
N PHE G 1004 -86.88 37.33 10.56
CA PHE G 1004 -87.62 36.10 10.32
C PHE G 1004 -86.92 35.16 9.36
N TYR G 1005 -86.38 35.70 8.27
CA TYR G 1005 -85.71 34.91 7.22
C TYR G 1005 -84.21 34.74 7.45
N LYS G 1006 -83.58 35.69 8.11
CA LYS G 1006 -82.10 35.71 8.20
C LYS G 1006 -81.55 35.61 9.61
N GLY G 1007 -82.43 35.63 10.61
CA GLY G 1007 -81.99 35.56 11.99
C GLY G 1007 -81.28 36.83 12.40
N MET G 1008 -80.15 36.69 13.10
CA MET G 1008 -79.41 37.86 13.60
C MET G 1008 -77.93 37.81 13.30
N ARG G 1009 -77.37 38.97 13.05
CA ARG G 1009 -75.92 39.15 12.93
C ARG G 1009 -75.33 39.25 14.32
N LEU G 1010 -74.03 38.99 14.45
CA LEU G 1010 -73.35 39.10 15.73
C LEU G 1010 -73.23 40.54 16.20
N GLY G 1011 -73.58 40.76 17.46
CA GLY G 1011 -73.51 42.08 18.06
C GLY G 1011 -74.68 42.96 17.64
N GLU G 1012 -75.62 42.35 16.91
CA GLU G 1012 -76.78 43.07 16.44
C GLU G 1012 -77.74 43.15 17.60
N THR G 1013 -78.51 44.24 17.65
CA THR G 1013 -79.60 44.38 18.61
C THR G 1013 -80.88 44.72 17.87
N ILE G 1014 -81.97 44.07 18.24
CA ILE G 1014 -83.25 44.28 17.58
C ILE G 1014 -84.32 44.42 18.65
N GLU G 1015 -85.47 44.97 18.29
CA GLU G 1015 -86.62 45.04 19.18
C GLU G 1015 -87.76 44.31 18.54
N VAL G 1016 -88.56 43.59 19.32
CA VAL G 1016 -89.75 42.94 18.76
C VAL G 1016 -90.97 43.24 19.62
N GLU G 1017 -92.05 43.71 19.00
CA GLU G 1017 -93.28 44.04 19.72
C GLU G 1017 -94.22 42.85 19.70
N LEU G 1018 -94.29 42.14 20.82
CA LEU G 1018 -95.19 40.99 20.97
C LEU G 1018 -96.67 41.35 21.05
N GLU G 1019 -96.95 42.55 21.56
CA GLU G 1019 -98.30 43.00 21.87
C GLU G 1019 -98.19 44.51 22.11
N LYS G 1020 -99.31 45.23 22.20
CA LYS G 1020 -99.19 46.67 22.45
C LYS G 1020 -98.43 46.87 23.77
N GLY G 1021 -97.32 47.59 23.68
CA GLY G 1021 -96.53 47.99 24.85
C GLY G 1021 -95.57 46.97 25.41
N LYS G 1022 -95.47 45.82 24.76
CA LYS G 1022 -94.58 44.74 25.20
C LYS G 1022 -93.47 44.49 24.18
N ILE G 1023 -92.33 45.12 24.40
CA ILE G 1023 -91.22 45.10 23.47
C ILE G 1023 -90.08 44.32 24.08
N LEU G 1024 -89.47 43.41 23.32
CA LEU G 1024 -88.26 42.71 23.76
C LEU G 1024 -87.05 43.34 23.13
N LEU G 1025 -86.14 43.88 23.91
CA LEU G 1025 -84.85 44.28 23.39
C LEU G 1025 -84.05 43.00 23.36
N ILE G 1026 -83.48 42.69 22.20
CA ILE G 1026 -82.72 41.46 22.01
C ILE G 1026 -81.40 41.75 21.33
N LYS G 1027 -80.32 41.28 21.94
CA LYS G 1027 -79.00 41.38 21.34
C LYS G 1027 -78.37 40.00 21.30
N LEU G 1028 -77.66 39.72 20.22
CA LEU G 1028 -76.87 38.51 20.10
C LEU G 1028 -75.43 38.92 20.24
N ASN G 1029 -74.76 38.31 21.23
CA ASN G 1029 -73.38 38.60 21.55
C ASN G 1029 -72.39 37.72 20.84
N SER G 1030 -72.58 36.42 21.00
CA SER G 1030 -71.76 35.42 20.33
C SER G 1030 -72.43 34.06 20.29
N ILE G 1031 -71.84 33.16 19.49
CA ILE G 1031 -72.37 31.81 19.28
C ILE G 1031 -71.38 30.78 19.78
N GLY G 1032 -71.90 29.84 20.58
CA GLY G 1032 -71.11 28.80 21.19
C GLY G 1032 -70.54 27.82 20.18
N GLU G 1033 -69.53 27.07 20.63
CA GLU G 1033 -68.85 26.09 19.79
C GLU G 1033 -69.63 24.78 19.89
N PRO G 1034 -69.66 23.99 18.80
CA PRO G 1034 -70.46 22.77 18.92
C PRO G 1034 -69.82 21.77 19.88
N ILE G 1035 -70.64 20.92 20.48
CA ILE G 1035 -70.16 19.82 21.33
C ILE G 1035 -70.29 18.50 20.56
N ALA G 1036 -70.37 17.41 21.30
CA ALA G 1036 -70.34 16.07 20.72
C ALA G 1036 -71.49 15.86 19.74
N ASP G 1037 -72.71 16.01 20.22
CA ASP G 1037 -73.89 15.76 19.40
C ASP G 1037 -74.33 16.96 18.55
N GLY G 1038 -73.42 17.92 18.32
CA GLY G 1038 -73.70 19.05 17.42
C GLY G 1038 -74.34 20.28 18.07
N THR G 1039 -74.95 20.10 19.24
CA THR G 1039 -75.53 21.20 20.01
C THR G 1039 -74.51 22.30 20.31
N ARG G 1040 -74.96 23.55 20.22
CA ARG G 1040 -74.15 24.69 20.67
C ARG G 1040 -75.01 25.75 21.32
N VAL G 1041 -74.42 26.42 22.31
CA VAL G 1041 -75.10 27.43 23.09
C VAL G 1041 -75.00 28.76 22.35
N ILE G 1042 -76.13 29.44 22.20
CA ILE G 1042 -76.15 30.79 21.64
C ILE G 1042 -76.24 31.78 22.80
N TYR G 1043 -75.42 32.84 22.74
CA TYR G 1043 -75.35 33.85 23.81
C TYR G 1043 -76.09 35.15 23.50
N PHE G 1044 -77.20 35.35 24.22
CA PHE G 1044 -78.11 36.50 24.01
C PHE G 1044 -78.13 37.48 25.20
N GLU G 1045 -78.71 38.65 24.95
CA GLU G 1045 -79.17 39.57 25.99
C GLU G 1045 -80.63 39.92 25.72
N LEU G 1046 -81.55 39.18 26.35
CA LEU G 1046 -82.96 39.50 26.27
C LEU G 1046 -83.29 40.50 27.37
N ASN G 1047 -83.59 41.74 26.98
CA ASN G 1047 -83.89 42.80 27.94
C ASN G 1047 -82.66 43.15 28.78
N GLY G 1048 -81.49 43.22 28.15
CA GLY G 1048 -80.24 43.52 28.86
C GLY G 1048 -79.71 42.38 29.72
N GLN G 1049 -80.59 41.46 30.12
CA GLN G 1049 -80.24 40.32 30.95
C GLN G 1049 -79.64 39.24 30.09
N PRO G 1050 -78.42 38.80 30.40
CA PRO G 1050 -77.90 37.76 29.54
C PRO G 1050 -78.71 36.48 29.65
N ARG G 1051 -78.86 35.82 28.52
CA ARG G 1051 -79.52 34.54 28.45
C ARG G 1051 -78.65 33.62 27.60
N GLU G 1052 -78.92 32.33 27.69
CA GLU G 1052 -78.17 31.35 26.94
C GLU G 1052 -79.12 30.23 26.53
N ILE G 1053 -79.12 29.89 25.24
CA ILE G 1053 -79.92 28.76 24.76
C ILE G 1053 -79.18 27.90 23.77
N ASN G 1054 -79.55 26.63 23.81
CA ASN G 1054 -78.94 25.60 22.97
C ASN G 1054 -79.74 25.40 21.70
N ILE G 1055 -79.02 25.48 20.58
CA ILE G 1055 -79.57 25.13 19.29
C ILE G 1055 -78.68 24.07 18.68
N GLN G 1056 -79.31 23.04 18.15
CA GLN G 1056 -78.59 21.95 17.53
C GLN G 1056 -78.18 22.27 16.11
N ASP G 1057 -76.87 22.28 15.87
CA ASP G 1057 -76.35 22.52 14.54
C ASP G 1057 -76.67 21.31 13.65
N MET G 1058 -76.90 21.55 12.37
CA MET G 1058 -77.34 20.49 11.45
C MET G 1058 -76.22 19.99 10.54
N ASN G 1059 -75.37 20.92 10.09
CA ASN G 1059 -74.17 20.63 9.35
C ASN G 1059 -73.01 21.48 9.90
N VAL G 1060 -71.91 20.85 10.29
CA VAL G 1060 -70.69 21.60 10.63
C VAL G 1060 -70.16 22.26 9.36
N MET H 1 -9.78 1.64 -26.99
CA MET H 1 -9.02 2.82 -26.45
C MET H 1 -7.89 2.37 -25.53
N ASN H 2 -6.74 3.05 -25.62
CA ASN H 2 -5.50 2.50 -25.02
C ASN H 2 -5.06 3.04 -23.66
N ARG H 3 -4.34 4.16 -23.62
CA ARG H 3 -3.76 4.65 -22.35
C ARG H 3 -4.56 5.78 -21.66
N ILE H 4 -5.54 6.38 -22.33
CA ILE H 4 -6.50 7.30 -21.68
C ILE H 4 -7.73 6.55 -21.23
N LYS H 5 -7.88 6.41 -19.92
CA LYS H 5 -9.05 5.77 -19.31
C LYS H 5 -10.06 6.80 -18.84
N LYS H 6 -9.58 8.00 -18.53
CA LYS H 6 -10.41 9.06 -17.97
C LYS H 6 -9.86 10.42 -18.40
N VAL H 7 -10.74 11.36 -18.70
CA VAL H 7 -10.32 12.68 -19.22
C VAL H 7 -11.05 13.86 -18.59
N LEU H 8 -10.31 14.91 -18.35
CA LEU H 8 -10.85 16.10 -17.74
C LEU H 8 -11.12 17.10 -18.82
N VAL H 9 -12.24 17.80 -18.71
CA VAL H 9 -12.67 18.75 -19.72
C VAL H 9 -12.56 20.14 -19.14
N ALA H 10 -11.42 20.77 -19.40
CA ALA H 10 -11.05 22.06 -18.82
C ALA H 10 -11.74 23.24 -19.49
N ASN H 11 -13.05 23.14 -19.58
CA ASN H 11 -13.88 24.12 -20.25
C ASN H 11 -15.33 23.98 -19.78
N ARG H 12 -16.17 24.86 -20.32
CA ARG H 12 -17.58 24.94 -20.01
C ARG H 12 -18.40 24.84 -21.29
N GLY H 13 -19.71 24.80 -21.14
CA GLY H 13 -20.63 25.06 -22.24
C GLY H 13 -20.52 24.13 -23.42
N GLU H 14 -21.15 24.53 -24.53
CA GLU H 14 -21.27 23.70 -25.74
C GLU H 14 -20.07 22.81 -25.97
N ILE H 15 -18.89 23.43 -25.98
CA ILE H 15 -17.66 22.73 -26.32
C ILE H 15 -17.31 21.63 -25.31
N ALA H 16 -17.55 21.94 -24.04
CA ALA H 16 -17.31 20.98 -22.98
C ALA H 16 -18.13 19.75 -23.28
N ILE H 17 -19.40 19.96 -23.57
CA ILE H 17 -20.31 18.87 -23.76
C ILE H 17 -19.86 18.00 -24.95
N ARG H 18 -19.53 18.64 -26.08
CA ARG H 18 -19.12 17.91 -27.26
C ARG H 18 -17.99 16.91 -26.93
N VAL H 19 -17.08 17.34 -26.08
CA VAL H 19 -15.94 16.50 -25.69
C VAL H 19 -16.41 15.30 -24.88
N MET H 20 -17.29 15.57 -23.93
CA MET H 20 -17.83 14.53 -23.07
C MET H 20 -18.50 13.48 -23.93
N ARG H 21 -19.26 13.96 -24.90
CA ARG H 21 -19.94 13.07 -25.81
C ARG H 21 -18.92 12.20 -26.53
N ALA H 22 -17.83 12.81 -26.98
CA ALA H 22 -16.81 12.05 -27.63
C ALA H 22 -16.25 10.95 -26.74
N CYS H 23 -15.96 11.30 -25.49
CA CYS H 23 -15.32 10.37 -24.58
C CYS H 23 -16.23 9.20 -24.34
N THR H 24 -17.45 9.52 -23.96
CA THR H 24 -18.40 8.49 -23.65
C THR H 24 -18.54 7.54 -24.86
N GLU H 25 -18.59 8.10 -26.06
CA GLU H 25 -18.65 7.28 -27.25
C GLU H 25 -17.45 6.34 -27.30
N LEU H 26 -16.33 6.73 -26.70
CA LEU H 26 -15.10 5.90 -26.66
C LEU H 26 -14.85 5.21 -25.31
N LYS H 27 -15.90 5.07 -24.50
CA LYS H 27 -15.76 4.37 -23.22
C LYS H 27 -14.75 5.01 -22.28
N ILE H 28 -14.56 6.31 -22.42
CA ILE H 28 -13.67 7.06 -21.57
C ILE H 28 -14.48 7.82 -20.53
N LYS H 29 -14.17 7.61 -19.26
CA LYS H 29 -14.77 8.40 -18.18
C LYS H 29 -14.46 9.91 -18.34
N THR H 30 -15.36 10.77 -17.86
CA THR H 30 -15.21 12.20 -18.05
C THR H 30 -15.39 12.94 -16.73
N VAL H 31 -14.68 14.05 -16.60
CA VAL H 31 -14.75 14.86 -15.42
C VAL H 31 -14.98 16.29 -15.86
N ALA H 32 -15.93 16.98 -15.25
CA ALA H 32 -16.27 18.36 -15.63
C ALA H 32 -15.75 19.32 -14.58
N ILE H 33 -15.65 20.59 -14.95
CA ILE H 33 -15.27 21.62 -13.97
C ILE H 33 -16.13 22.87 -14.16
N TYR H 34 -16.61 23.44 -13.06
CA TYR H 34 -17.57 24.54 -13.15
C TYR H 34 -17.18 25.61 -12.19
N SER H 35 -17.37 26.85 -12.60
CA SER H 35 -17.14 28.00 -11.73
C SER H 35 -18.35 28.17 -10.84
N GLN H 36 -18.22 29.06 -9.87
CA GLN H 36 -19.31 29.30 -8.95
C GLN H 36 -20.54 29.77 -9.70
N GLU H 37 -20.34 30.61 -10.71
CA GLU H 37 -21.46 31.15 -11.48
C GLU H 37 -22.06 30.12 -12.43
N ASP H 38 -21.38 28.96 -12.56
CA ASP H 38 -21.76 27.88 -13.47
C ASP H 38 -22.22 26.60 -12.79
N THR H 39 -22.57 26.71 -11.51
CA THR H 39 -23.17 25.59 -10.77
C THR H 39 -24.42 25.12 -11.49
N GLY H 40 -25.03 26.05 -12.23
CA GLY H 40 -26.23 25.80 -13.00
C GLY H 40 -26.05 25.26 -14.40
N SER H 41 -24.89 25.50 -15.04
CA SER H 41 -24.71 25.13 -16.45
C SER H 41 -24.75 23.63 -16.69
N PHE H 42 -25.54 23.20 -17.67
CA PHE H 42 -25.91 21.77 -17.73
C PHE H 42 -24.80 20.92 -18.35
N HIS H 43 -23.67 21.55 -18.65
CA HIS H 43 -22.44 20.82 -19.02
C HIS H 43 -21.86 20.07 -17.85
N ARG H 44 -22.06 20.61 -16.66
CA ARG H 44 -21.59 19.95 -15.44
C ARG H 44 -22.40 18.68 -15.08
N TYR H 45 -23.67 18.65 -15.45
CA TYR H 45 -24.48 17.48 -15.20
C TYR H 45 -24.26 16.40 -16.28
N LYS H 46 -23.72 16.81 -17.43
CA LYS H 46 -23.44 15.83 -18.51
C LYS H 46 -22.20 14.95 -18.33
N SER H 47 -21.36 15.21 -17.33
CA SER H 47 -20.16 14.41 -17.10
C SER H 47 -20.42 13.27 -16.14
N ASP H 48 -19.43 12.41 -16.00
CA ASP H 48 -19.47 11.31 -15.02
C ASP H 48 -19.14 11.81 -13.62
N GLU H 49 -18.36 12.89 -13.53
CA GLU H 49 -18.04 13.56 -12.26
C GLU H 49 -17.88 15.04 -12.50
N ALA H 50 -18.01 15.83 -11.45
CA ALA H 50 -17.76 17.27 -11.57
C ALA H 50 -17.32 17.94 -10.28
N TYR H 51 -16.48 18.95 -10.43
CA TYR H 51 -15.97 19.69 -9.29
C TYR H 51 -15.98 21.17 -9.56
N LEU H 52 -16.24 21.98 -8.52
CA LEU H 52 -16.07 23.42 -8.63
C LEU H 52 -14.57 23.69 -8.84
N VAL H 53 -14.26 24.77 -9.57
CA VAL H 53 -12.87 25.16 -9.77
C VAL H 53 -12.54 26.54 -9.19
N GLY H 54 -13.00 27.61 -9.83
CA GLY H 54 -12.46 28.92 -9.56
C GLY H 54 -13.08 29.53 -8.32
N ALA H 55 -12.60 29.08 -7.16
CA ALA H 55 -13.21 29.44 -5.89
C ALA H 55 -12.81 30.86 -5.53
N GLY H 56 -13.81 31.68 -5.21
CA GLY H 56 -13.58 33.09 -4.91
C GLY H 56 -13.07 33.93 -6.07
N LYS H 57 -12.81 33.31 -7.22
CA LYS H 57 -12.25 34.00 -8.36
C LYS H 57 -13.33 34.73 -9.16
N LYS H 58 -12.93 35.79 -9.86
CA LYS H 58 -13.81 36.45 -10.82
C LYS H 58 -14.23 35.43 -11.90
N PRO H 59 -15.45 35.55 -12.43
CA PRO H 59 -16.04 34.43 -13.17
C PRO H 59 -15.20 33.93 -14.34
N ILE H 60 -14.60 34.84 -15.10
CA ILE H 60 -13.79 34.40 -16.25
C ILE H 60 -12.46 33.81 -15.76
N ASP H 61 -11.87 34.44 -14.73
CA ASP H 61 -10.61 33.99 -14.13
C ASP H 61 -10.67 32.55 -13.60
N ALA H 62 -11.88 32.13 -13.26
CA ALA H 62 -12.12 30.84 -12.62
C ALA H 62 -11.70 29.62 -13.46
N TYR H 63 -11.92 29.69 -14.77
CA TYR H 63 -11.58 28.58 -15.67
C TYR H 63 -10.15 28.64 -16.13
N LEU H 64 -9.42 29.63 -15.64
CA LEU H 64 -8.00 29.79 -15.93
C LEU H 64 -7.09 29.49 -14.74
N ASP H 65 -7.67 29.08 -13.61
CA ASP H 65 -6.86 28.70 -12.44
C ASP H 65 -6.13 27.39 -12.77
N ILE H 66 -5.03 27.55 -13.50
CA ILE H 66 -4.26 26.45 -14.04
C ILE H 66 -3.99 25.47 -12.93
N GLU H 67 -3.30 25.95 -11.91
CA GLU H 67 -2.82 25.09 -10.81
C GLU H 67 -3.96 24.28 -10.19
N ASN H 68 -5.05 24.97 -9.84
CA ASN H 68 -6.26 24.33 -9.31
C ASN H 68 -6.70 23.16 -10.18
N ILE H 69 -6.83 23.44 -11.47
CA ILE H 69 -7.25 22.43 -12.42
C ILE H 69 -6.35 21.18 -12.39
N ILE H 70 -5.04 21.36 -12.29
CA ILE H 70 -4.16 20.19 -12.22
C ILE H 70 -4.40 19.41 -10.94
N GLU H 71 -4.52 20.12 -9.81
CA GLU H 71 -4.81 19.40 -8.56
C GLU H 71 -6.10 18.60 -8.75
N ILE H 72 -7.11 19.25 -9.30
CA ILE H 72 -8.39 18.58 -9.60
C ILE H 72 -8.15 17.41 -10.54
N ALA H 73 -7.31 17.61 -11.55
CA ALA H 73 -6.99 16.56 -12.52
C ALA H 73 -6.31 15.39 -11.84
N LYS H 74 -5.36 15.71 -10.95
CA LYS H 74 -4.59 14.70 -10.25
C LYS H 74 -5.46 13.93 -9.23
N GLU H 75 -6.25 14.66 -8.44
CA GLU H 75 -7.16 14.05 -7.46
C GLU H 75 -8.24 13.17 -8.12
N SER H 76 -8.68 13.56 -9.32
CA SER H 76 -9.68 12.80 -10.10
C SER H 76 -9.16 11.47 -10.67
N GLY H 77 -7.87 11.40 -10.95
CA GLY H 77 -7.29 10.23 -11.61
C GLY H 77 -7.30 10.40 -13.12
N ALA H 78 -7.47 11.64 -13.56
CA ALA H 78 -7.58 11.95 -14.98
C ALA H 78 -6.27 11.72 -15.74
N ASP H 79 -6.30 10.80 -16.70
CA ASP H 79 -5.15 10.50 -17.52
C ASP H 79 -4.79 11.64 -18.47
N ALA H 80 -5.77 12.48 -18.81
CA ALA H 80 -5.55 13.55 -19.77
C ALA H 80 -6.52 14.72 -19.60
N ILE H 81 -6.20 15.85 -20.23
CA ILE H 81 -7.01 17.07 -20.13
C ILE H 81 -7.25 17.69 -21.48
N HIS H 82 -8.52 17.97 -21.76
CA HIS H 82 -8.96 18.58 -23.02
C HIS H 82 -9.43 19.98 -22.73
N PRO H 83 -8.76 20.98 -23.29
CA PRO H 83 -9.04 22.36 -22.92
C PRO H 83 -10.08 23.05 -23.79
N GLY H 84 -10.54 22.32 -24.81
CA GLY H 84 -11.61 22.77 -25.67
C GLY H 84 -11.12 23.90 -26.56
N TYR H 85 -11.81 25.03 -26.51
CA TYR H 85 -11.40 26.25 -27.19
C TYR H 85 -11.64 27.45 -26.32
N GLY H 86 -10.89 28.52 -26.58
CA GLY H 86 -10.86 29.68 -25.67
C GLY H 86 -10.22 29.27 -24.35
N PHE H 87 -10.29 30.16 -23.36
CA PHE H 87 -9.71 29.88 -22.03
C PHE H 87 -8.27 29.37 -22.15
N LEU H 88 -8.00 28.17 -21.65
CA LEU H 88 -6.62 27.69 -21.60
C LEU H 88 -6.24 26.86 -22.82
N SER H 89 -7.06 26.92 -23.87
CA SER H 89 -6.84 26.15 -25.10
C SER H 89 -5.46 26.40 -25.71
N GLU H 90 -5.04 27.66 -25.72
CA GLU H 90 -3.77 28.07 -26.31
C GLU H 90 -2.68 28.45 -25.29
N ASN H 91 -3.04 28.53 -24.00
CA ASN H 91 -2.11 28.94 -22.94
C ASN H 91 -0.92 27.96 -22.80
N ILE H 92 0.28 28.48 -23.00
CA ILE H 92 1.50 27.66 -22.97
C ILE H 92 1.77 27.10 -21.58
N GLU H 93 1.77 27.98 -20.58
CA GLU H 93 2.14 27.60 -19.21
C GLU H 93 1.40 26.32 -18.80
N PHE H 94 0.09 26.31 -19.06
CA PHE H 94 -0.77 25.14 -18.81
C PHE H 94 -0.32 23.94 -19.64
N ALA H 95 -0.16 24.15 -20.94
CA ALA H 95 0.28 23.06 -21.82
C ALA H 95 1.55 22.40 -21.26
N ARG H 96 2.55 23.23 -20.96
CA ARG H 96 3.81 22.73 -20.35
C ARG H 96 3.51 21.98 -19.07
N ARG H 97 2.74 22.65 -18.21
CA ARG H 97 2.47 22.18 -16.86
C ARG H 97 1.84 20.77 -16.84
N CYS H 98 1.04 20.47 -17.86
CA CYS H 98 0.47 19.13 -18.02
C CYS H 98 1.59 18.12 -18.19
N GLU H 99 2.48 18.45 -19.12
CA GLU H 99 3.60 17.59 -19.48
C GLU H 99 4.49 17.36 -18.26
N GLN H 100 4.70 18.42 -17.47
CA GLN H 100 5.43 18.35 -16.21
C GLN H 100 4.86 17.29 -15.25
N GLU H 101 3.53 17.29 -15.09
CA GLU H 101 2.85 16.32 -14.21
C GLU H 101 2.51 15.00 -14.88
N GLY H 102 2.87 14.86 -16.15
CA GLY H 102 2.62 13.62 -16.89
C GLY H 102 1.17 13.41 -17.30
N ILE H 103 0.35 14.44 -17.13
CA ILE H 103 -1.00 14.45 -17.65
C ILE H 103 -0.91 14.67 -19.15
N ILE H 104 -1.55 13.81 -19.93
CA ILE H 104 -1.63 14.01 -21.38
C ILE H 104 -2.46 15.24 -21.67
N PHE H 105 -1.99 16.05 -22.61
CA PHE H 105 -2.70 17.25 -23.00
C PHE H 105 -3.22 17.03 -24.41
N VAL H 106 -4.54 17.10 -24.57
CA VAL H 106 -5.17 16.86 -25.87
C VAL H 106 -5.04 18.11 -26.74
N GLY H 107 -4.03 18.06 -27.60
CA GLY H 107 -3.68 19.17 -28.48
C GLY H 107 -2.22 19.10 -28.87
N PRO H 108 -1.69 20.17 -29.50
CA PRO H 108 -0.32 20.10 -29.93
C PRO H 108 0.67 20.19 -28.77
N LYS H 109 1.95 19.94 -29.06
CA LYS H 109 3.05 20.16 -28.10
C LYS H 109 3.18 21.67 -27.80
N SER H 110 3.62 22.01 -26.58
CA SER H 110 3.69 23.43 -26.19
C SER H 110 4.58 24.27 -27.09
N LYS H 111 5.61 23.63 -27.68
CA LYS H 111 6.47 24.28 -28.68
C LYS H 111 5.62 24.85 -29.85
N HIS H 112 4.58 24.10 -30.24
CA HIS H 112 3.67 24.53 -31.29
C HIS H 112 2.87 25.76 -30.88
N LEU H 113 2.35 25.76 -29.65
CA LEU H 113 1.58 26.92 -29.17
C LEU H 113 2.51 28.12 -29.02
N ASP H 114 3.76 27.85 -28.67
CA ASP H 114 4.77 28.91 -28.51
C ASP H 114 4.98 29.64 -29.81
N MET H 115 5.29 28.88 -30.88
CA MET H 115 5.52 29.48 -32.20
C MET H 115 4.31 30.25 -32.71
N PHE H 116 3.10 29.78 -32.40
CA PHE H 116 1.89 30.45 -32.89
C PHE H 116 1.27 31.36 -31.84
N GLY H 117 1.86 31.40 -30.64
CA GLY H 117 1.37 32.24 -29.55
C GLY H 117 0.98 33.66 -29.98
N ASP H 118 1.93 34.36 -30.59
CA ASP H 118 1.66 35.68 -31.15
C ASP H 118 1.36 35.55 -32.63
N LYS H 119 0.59 36.48 -33.18
CA LYS H 119 0.26 36.48 -34.59
C LYS H 119 1.53 36.68 -35.44
N ILE H 120 2.46 37.47 -34.92
CA ILE H 120 3.71 37.81 -35.64
C ILE H 120 4.64 36.60 -35.82
N LYS H 121 4.75 35.75 -34.81
CA LYS H 121 5.72 34.64 -34.83
C LYS H 121 5.19 33.52 -35.72
N ALA H 122 3.87 33.53 -35.93
CA ALA H 122 3.21 32.63 -36.88
C ALA H 122 3.40 33.12 -38.30
N LYS H 123 3.07 34.39 -38.56
CA LYS H 123 3.31 34.97 -39.88
C LYS H 123 4.77 34.75 -40.26
N GLU H 124 5.66 34.89 -39.28
CA GLU H 124 7.09 34.56 -39.44
C GLU H 124 7.23 33.10 -39.85
N GLN H 125 6.62 32.21 -39.05
CA GLN H 125 6.62 30.77 -39.32
C GLN H 125 6.00 30.39 -40.66
N ALA H 126 5.11 31.25 -41.15
CA ALA H 126 4.51 31.05 -42.46
C ALA H 126 5.52 31.21 -43.60
N LEU H 127 6.36 32.25 -43.56
CA LEU H 127 7.34 32.37 -44.66
C LEU H 127 8.33 31.24 -44.65
N LEU H 128 8.74 30.78 -43.47
CA LEU H 128 9.68 29.66 -43.37
C LEU H 128 9.14 28.42 -44.08
N ALA H 129 7.83 28.24 -44.00
CA ALA H 129 7.16 27.19 -44.75
C ALA H 129 7.06 27.51 -46.25
N ASP H 130 7.26 28.77 -46.60
CA ASP H 130 7.25 29.21 -47.99
C ASP H 130 5.84 29.14 -48.57
N ILE H 131 4.97 30.00 -48.03
CA ILE H 131 3.58 30.09 -48.46
C ILE H 131 3.21 31.58 -48.53
N PRO H 132 2.14 31.92 -49.28
CA PRO H 132 1.75 33.33 -49.46
C PRO H 132 1.39 34.03 -48.16
N VAL H 133 1.74 35.30 -48.02
CA VAL H 133 1.46 36.11 -46.81
C VAL H 133 1.05 37.54 -47.19
N ILE H 134 0.40 38.25 -46.28
CA ILE H 134 0.01 39.64 -46.51
C ILE H 134 1.25 40.53 -46.39
N PRO H 135 1.38 41.55 -47.25
CA PRO H 135 2.51 42.46 -47.05
C PRO H 135 2.31 43.34 -45.83
N GLY H 136 3.28 43.31 -44.91
CA GLY H 136 3.18 44.05 -43.66
C GLY H 136 4.54 44.39 -43.08
N SER H 137 4.54 45.00 -41.89
CA SER H 137 5.76 45.33 -41.17
C SER H 137 6.53 44.08 -40.77
N ASN H 138 7.84 44.05 -41.07
CA ASN H 138 8.70 42.86 -40.84
C ASN H 138 8.92 42.55 -39.36
N GLY H 139 8.65 43.53 -38.50
CA GLY H 139 8.49 43.31 -37.07
C GLY H 139 7.18 43.95 -36.62
N PRO H 140 6.91 43.90 -35.30
CA PRO H 140 5.77 44.64 -34.74
C PRO H 140 6.06 46.14 -34.79
N VAL H 141 5.06 46.94 -35.15
CA VAL H 141 5.26 48.40 -35.33
C VAL H 141 5.18 49.18 -34.01
N ALA H 142 6.32 49.35 -33.33
CA ALA H 142 6.38 50.03 -32.03
C ALA H 142 6.06 51.52 -32.13
N GLY H 143 6.52 52.16 -33.18
CA GLY H 143 6.36 53.62 -33.29
C GLY H 143 4.95 54.01 -33.66
N ILE H 144 4.48 55.08 -33.02
CA ILE H 144 3.24 55.80 -33.36
C ILE H 144 3.51 56.65 -34.59
N LYS H 145 2.84 56.37 -35.71
CA LYS H 145 2.99 57.17 -36.94
C LYS H 145 4.27 56.76 -37.69
N GLU H 146 5.01 55.78 -37.15
CA GLU H 146 6.01 55.01 -37.89
C GLU H 146 5.29 54.41 -39.08
N VAL H 147 3.98 54.29 -38.93
CA VAL H 147 3.06 53.80 -39.94
C VAL H 147 3.12 54.64 -41.20
N GLU H 148 2.95 55.96 -41.06
CA GLU H 148 2.82 56.83 -42.22
C GLU H 148 4.02 56.61 -43.17
N GLU H 149 5.21 56.47 -42.60
CA GLU H 149 6.42 56.09 -43.35
C GLU H 149 6.29 54.71 -43.98
N PHE H 150 5.89 53.72 -43.16
CA PHE H 150 5.58 52.39 -43.67
C PHE H 150 4.33 52.44 -44.57
N GLY H 151 3.40 53.33 -44.24
CA GLY H 151 2.13 53.49 -44.97
C GLY H 151 2.26 54.14 -46.33
N GLU H 152 3.21 55.08 -46.44
CA GLU H 152 3.53 55.72 -47.72
C GLU H 152 4.13 54.64 -48.63
N LYS H 153 5.08 53.87 -48.10
CA LYS H 153 5.68 52.72 -48.80
C LYS H 153 4.69 51.57 -49.01
N ASN H 154 3.84 51.29 -48.00
CA ASN H 154 2.90 50.16 -48.06
C ASN H 154 1.68 50.58 -48.88
N LEU H 158 -5.35 50.54 -45.17
CA LEU H 158 -4.41 49.93 -44.20
C LEU H 158 -5.07 49.49 -42.87
N MET H 159 -4.80 48.24 -42.44
CA MET H 159 -5.38 47.71 -41.19
C MET H 159 -4.30 47.54 -40.14
N ILE H 160 -4.65 47.81 -38.88
CA ILE H 160 -3.75 47.62 -37.76
C ILE H 160 -4.24 46.45 -36.89
N LYS H 161 -3.32 45.56 -36.53
CA LYS H 161 -3.64 44.33 -35.81
C LYS H 161 -2.68 44.15 -34.67
N ALA H 162 -3.19 43.66 -33.55
CA ALA H 162 -2.39 43.42 -32.39
C ALA H 162 -2.43 41.94 -32.18
N SER H 163 -1.51 41.44 -31.36
CA SER H 163 -1.39 40.00 -31.19
C SER H 163 -2.59 39.47 -30.35
N LEU H 164 -3.58 38.84 -31.00
CA LEU H 164 -4.80 38.40 -30.29
C LEU H 164 -4.58 37.10 -29.52
N ARG H 172 -8.05 47.36 -35.94
CA ARG H 172 -8.82 48.42 -36.56
C ARG H 172 -8.31 48.86 -37.95
N VAL H 173 -9.24 49.40 -38.76
CA VAL H 173 -8.98 49.75 -40.17
C VAL H 173 -8.70 51.24 -40.42
N VAL H 174 -7.85 51.52 -41.40
CA VAL H 174 -7.46 52.89 -41.77
C VAL H 174 -7.45 53.15 -43.30
N GLU H 175 -7.97 54.32 -43.70
CA GLU H 175 -7.92 54.82 -45.11
C GLU H 175 -6.84 55.90 -45.30
N SER H 176 -5.98 56.05 -44.29
CA SER H 176 -4.76 56.89 -44.28
C SER H 176 -5.07 58.36 -43.92
N LYS H 177 -4.05 59.21 -44.01
CA LYS H 177 -4.20 60.64 -43.70
C LYS H 177 -4.43 60.89 -42.20
N GLU H 178 -5.48 61.65 -41.85
CA GLU H 178 -5.79 61.99 -40.46
C GLU H 178 -6.25 60.81 -39.62
N HIS H 179 -6.80 59.79 -40.27
CA HIS H 179 -7.43 58.65 -39.59
C HIS H 179 -6.39 57.89 -38.77
N VAL H 180 -5.16 57.88 -39.28
CA VAL H 180 -4.04 57.15 -38.68
C VAL H 180 -3.94 57.44 -37.19
N LYS H 181 -4.02 58.73 -36.84
CA LYS H 181 -3.96 59.16 -35.45
C LYS H 181 -5.04 58.47 -34.61
N GLU H 182 -6.30 58.67 -35.02
CA GLU H 182 -7.50 58.19 -34.32
C GLU H 182 -7.50 56.66 -34.07
N SER H 183 -6.95 55.90 -35.02
CA SER H 183 -6.98 54.43 -34.96
C SER H 183 -5.98 53.81 -33.98
N PHE H 184 -4.73 54.26 -34.00
CA PHE H 184 -3.72 53.69 -33.13
C PHE H 184 -3.99 53.86 -31.63
N GLU H 185 -4.24 55.10 -31.18
CA GLU H 185 -4.40 55.34 -29.74
C GLU H 185 -5.45 54.41 -29.15
N ARG H 186 -6.52 54.12 -29.91
CA ARG H 186 -7.58 53.22 -29.45
C ARG H 186 -7.27 51.74 -29.73
N ALA H 187 -6.60 51.46 -30.84
CA ALA H 187 -6.20 50.09 -31.17
C ALA H 187 -5.27 49.50 -30.10
N SER H 188 -4.14 50.17 -29.88
CA SER H 188 -3.18 49.71 -28.86
C SER H 188 -3.73 49.78 -27.43
N SER H 189 -4.63 50.72 -27.16
CA SER H 189 -5.30 50.80 -25.85
C SER H 189 -6.33 49.67 -25.69
N GLU H 190 -7.10 49.40 -26.75
CA GLU H 190 -8.02 48.25 -26.78
C GLU H 190 -7.27 46.96 -26.55
N ALA H 191 -6.11 46.84 -27.19
CA ALA H 191 -5.25 45.66 -27.03
C ALA H 191 -4.71 45.54 -25.60
N LYS H 192 -4.38 46.68 -24.97
CA LYS H 192 -3.99 46.71 -23.55
C LYS H 192 -5.16 46.41 -22.62
N ALA H 193 -6.34 46.96 -22.95
CA ALA H 193 -7.56 46.72 -22.19
C ALA H 193 -8.01 45.26 -22.30
N ALA H 194 -7.97 44.74 -23.53
CA ALA H 194 -8.37 43.36 -23.81
C ALA H 194 -7.32 42.36 -23.28
N PHE H 195 -6.05 42.58 -23.63
CA PHE H 195 -4.95 41.67 -23.26
C PHE H 195 -3.87 42.42 -22.50
N GLY H 196 -2.86 41.69 -22.03
CA GLY H 196 -1.71 42.29 -21.33
C GLY H 196 -0.93 43.28 -22.19
N ASN H 197 -0.65 42.88 -23.43
CA ASN H 197 0.24 43.64 -24.31
C ASN H 197 -0.49 44.68 -25.18
N ASP H 198 0.21 45.75 -25.51
CA ASP H 198 -0.28 46.77 -26.46
C ASP H 198 0.40 46.57 -27.81
N GLU H 199 1.28 45.58 -27.91
CA GLU H 199 2.07 45.37 -29.13
C GLU H 199 1.13 45.25 -30.32
N VAL H 200 1.39 46.04 -31.36
CA VAL H 200 0.52 46.11 -32.52
C VAL H 200 1.34 45.98 -33.82
N TYR H 201 0.84 45.19 -34.77
CA TYR H 201 1.44 45.01 -36.10
C TYR H 201 0.56 45.62 -37.18
N VAL H 202 1.10 45.82 -38.38
CA VAL H 202 0.31 46.34 -39.51
C VAL H 202 0.57 45.65 -40.83
N GLU H 203 -0.51 45.46 -41.58
CA GLU H 203 -0.49 44.86 -42.92
C GLU H 203 -1.37 45.63 -43.91
N LYS H 204 -1.13 45.36 -45.20
CA LYS H 204 -1.90 45.95 -46.29
C LYS H 204 -3.36 45.58 -46.13
N CYS H 205 -4.21 46.60 -46.02
CA CYS H 205 -5.65 46.34 -46.03
C CYS H 205 -6.01 45.61 -47.30
N VAL H 206 -7.12 44.91 -47.28
CA VAL H 206 -7.55 44.13 -48.42
C VAL H 206 -8.98 44.48 -48.78
N MET H 207 -9.32 44.32 -50.05
CA MET H 207 -10.65 44.66 -50.54
C MET H 207 -11.48 43.41 -50.78
N ASN H 208 -12.62 43.35 -50.09
CA ASN H 208 -13.65 42.35 -50.36
C ASN H 208 -13.12 40.91 -50.45
N PRO H 209 -12.37 40.48 -49.44
CA PRO H 209 -11.83 39.14 -49.45
C PRO H 209 -12.87 38.11 -49.02
N LYS H 210 -12.51 36.84 -49.18
CA LYS H 210 -13.30 35.72 -48.70
C LYS H 210 -12.47 35.05 -47.61
N HIS H 211 -13.06 34.86 -46.44
CA HIS H 211 -12.33 34.27 -45.29
C HIS H 211 -12.44 32.76 -45.38
N ILE H 212 -11.33 32.08 -45.63
CA ILE H 212 -11.34 30.62 -45.80
C ILE H 212 -10.39 29.93 -44.82
N GLU H 213 -10.89 28.93 -44.09
CA GLU H 213 -10.07 28.15 -43.16
C GLU H 213 -9.92 26.72 -43.65
N VAL H 214 -8.85 26.06 -43.26
CA VAL H 214 -8.65 24.64 -43.57
C VAL H 214 -8.42 23.88 -42.28
N GLN H 215 -9.13 22.76 -42.09
CA GLN H 215 -9.00 21.98 -40.88
C GLN H 215 -7.90 20.97 -41.11
N ILE H 216 -7.04 20.80 -40.11
CA ILE H 216 -5.90 19.88 -40.19
C ILE H 216 -5.88 18.92 -39.00
N LEU H 217 -5.48 17.67 -39.28
CA LEU H 217 -5.26 16.64 -38.27
C LEU H 217 -3.91 16.02 -38.50
N GLY H 218 -3.08 15.98 -37.46
CA GLY H 218 -1.78 15.31 -37.51
C GLY H 218 -1.51 14.42 -36.31
N ASP H 219 -1.01 13.20 -36.54
CA ASP H 219 -0.73 12.28 -35.42
C ASP H 219 0.66 12.46 -34.91
N THR H 220 0.94 11.74 -33.84
CA THR H 220 2.28 11.66 -33.24
C THR H 220 3.32 10.99 -34.15
N HIS H 221 2.86 10.37 -35.24
CA HIS H 221 3.69 9.59 -36.16
C HIS H 221 3.91 10.30 -37.50
N GLY H 222 3.94 11.63 -37.47
CA GLY H 222 4.24 12.45 -38.65
C GLY H 222 3.31 12.34 -39.85
N ASN H 223 2.09 11.82 -39.64
CA ASN H 223 1.07 11.80 -40.68
C ASN H 223 0.20 13.01 -40.50
N ILE H 224 0.07 13.82 -41.55
CA ILE H 224 -0.80 14.99 -41.51
C ILE H 224 -1.78 14.93 -42.67
N VAL H 225 -2.99 15.38 -42.39
CA VAL H 225 -4.08 15.34 -43.34
C VAL H 225 -4.86 16.64 -43.18
N HIS H 226 -5.52 17.08 -44.24
CA HIS H 226 -6.45 18.20 -44.21
C HIS H 226 -7.87 17.69 -44.51
N LEU H 227 -8.85 18.36 -43.92
CA LEU H 227 -10.26 17.98 -44.02
C LEU H 227 -11.02 19.02 -44.81
N PHE H 228 -10.30 19.72 -45.68
CA PHE H 228 -10.89 20.73 -46.55
C PHE H 228 -11.28 22.02 -45.83
N GLU H 229 -11.73 22.98 -46.63
CA GLU H 229 -11.93 24.31 -46.16
C GLU H 229 -13.28 24.51 -45.48
N ARG H 230 -13.43 25.70 -44.93
CA ARG H 230 -14.70 26.24 -44.46
C ARG H 230 -14.74 27.72 -44.81
N ASP H 231 -15.91 28.20 -45.20
CA ASP H 231 -16.09 29.60 -45.61
C ASP H 231 -16.76 30.41 -44.51
N CYS H 232 -15.97 31.23 -43.83
CA CYS H 232 -16.47 32.07 -42.74
C CYS H 232 -16.55 33.53 -43.16
N SER H 233 -16.78 33.76 -44.45
CA SER H 233 -16.78 35.09 -45.00
C SER H 233 -17.94 35.93 -44.46
N ILE H 234 -19.03 35.29 -44.06
CA ILE H 234 -20.16 36.04 -43.49
C ILE H 234 -19.74 36.50 -42.10
N GLN H 235 -19.56 37.81 -41.93
CA GLN H 235 -19.17 38.34 -40.61
C GLN H 235 -19.80 39.70 -40.33
N ARG H 236 -20.00 40.00 -39.04
CA ARG H 236 -20.51 41.30 -38.59
C ARG H 236 -19.45 42.03 -37.76
N ARG H 237 -18.98 43.16 -38.29
CA ARG H 237 -17.92 43.92 -37.65
C ARG H 237 -16.73 42.99 -37.43
N HIS H 238 -16.42 42.18 -38.45
CA HIS H 238 -15.29 41.24 -38.40
C HIS H 238 -15.46 40.18 -37.29
N GLN H 239 -16.70 39.75 -37.06
CA GLN H 239 -17.01 38.69 -36.11
C GLN H 239 -17.80 37.61 -36.86
N LYS H 240 -17.32 36.37 -36.85
CA LYS H 240 -18.00 35.28 -37.56
C LYS H 240 -19.45 35.16 -37.13
N VAL H 241 -20.36 34.95 -38.08
CA VAL H 241 -21.78 34.81 -37.76
C VAL H 241 -22.37 33.50 -38.31
N VAL H 242 -22.22 33.30 -39.62
CA VAL H 242 -22.62 32.07 -40.28
C VAL H 242 -21.47 31.47 -41.05
N GLU H 243 -21.21 30.21 -40.79
CA GLU H 243 -20.07 29.52 -41.33
C GLU H 243 -20.60 28.40 -42.21
N VAL H 244 -19.93 28.19 -43.34
CA VAL H 244 -20.39 27.26 -44.39
C VAL H 244 -19.22 26.47 -44.94
N ALA H 245 -19.47 25.20 -45.23
CA ALA H 245 -18.45 24.35 -45.84
C ALA H 245 -19.13 23.29 -46.72
N PRO H 246 -18.46 22.92 -47.83
CA PRO H 246 -17.23 23.54 -48.29
C PRO H 246 -17.57 24.84 -48.97
N CYS H 247 -16.55 25.62 -49.34
CA CYS H 247 -16.78 26.87 -50.06
C CYS H 247 -17.21 26.60 -51.50
N ASN H 248 -18.41 27.06 -51.85
CA ASN H 248 -19.00 26.74 -53.14
C ASN H 248 -18.35 27.53 -54.26
N ALA H 249 -17.93 28.75 -53.94
CA ALA H 249 -17.57 29.74 -54.95
C ALA H 249 -16.13 29.66 -55.47
N ILE H 250 -15.33 28.75 -54.94
CA ILE H 250 -13.96 28.62 -55.45
C ILE H 250 -13.80 27.36 -56.33
N THR H 251 -12.78 27.40 -57.19
CA THR H 251 -12.49 26.27 -58.08
C THR H 251 -11.67 25.23 -57.34
N SER H 252 -11.99 23.96 -57.58
CA SER H 252 -11.31 22.86 -56.91
C SER H 252 -9.79 23.02 -56.99
N GLU H 253 -9.29 23.34 -58.18
CA GLU H 253 -7.86 23.58 -58.35
C GLU H 253 -7.33 24.54 -57.27
N LEU H 254 -8.08 25.61 -57.02
CA LEU H 254 -7.69 26.62 -56.02
C LEU H 254 -7.74 26.02 -54.62
N ARG H 255 -8.89 25.45 -54.27
CA ARG H 255 -9.07 24.91 -52.92
C ARG H 255 -7.86 24.05 -52.59
N ASN H 256 -7.52 23.11 -53.47
CA ASN H 256 -6.41 22.19 -53.21
C ASN H 256 -5.10 22.93 -52.97
N ARG H 257 -4.90 24.00 -53.74
CA ARG H 257 -3.72 24.83 -53.57
C ARG H 257 -3.63 25.31 -52.14
N ILE H 258 -4.73 25.92 -51.68
CA ILE H 258 -4.81 26.50 -50.33
C ILE H 258 -4.58 25.42 -49.29
N CYS H 259 -5.33 24.33 -49.43
CA CYS H 259 -5.25 23.23 -48.49
C CYS H 259 -3.83 22.70 -48.44
N ASP H 260 -3.27 22.40 -49.61
CA ASP H 260 -1.89 21.92 -49.72
C ASP H 260 -0.90 22.90 -49.09
N ALA H 261 -1.19 24.20 -49.23
CA ALA H 261 -0.41 25.25 -48.56
C ALA H 261 -0.43 25.07 -47.05
N ALA H 262 -1.64 24.91 -46.52
CA ALA H 262 -1.82 24.63 -45.10
C ALA H 262 -1.06 23.37 -44.69
N VAL H 263 -1.22 22.29 -45.46
CA VAL H 263 -0.57 21.03 -45.11
C VAL H 263 0.93 21.24 -45.00
N LYS H 264 1.50 21.87 -46.03
CA LYS H 264 2.95 22.10 -46.13
C LYS H 264 3.48 22.79 -44.88
N LEU H 265 2.74 23.83 -44.47
CA LEU H 265 3.05 24.57 -43.26
C LEU H 265 3.05 23.66 -42.02
N MET H 266 1.94 22.99 -41.76
CA MET H 266 1.82 22.13 -40.57
C MET H 266 2.78 20.95 -40.61
N LYS H 267 3.08 20.46 -41.81
CA LYS H 267 4.09 19.43 -41.97
C LYS H 267 5.45 20.01 -41.58
N ASN H 268 5.74 21.22 -42.09
CA ASN H 268 6.98 21.95 -41.77
C ASN H 268 7.25 22.09 -40.26
N VAL H 269 6.18 22.19 -39.47
CA VAL H 269 6.32 22.32 -38.01
C VAL H 269 6.21 20.99 -37.27
N ASP H 270 5.99 19.90 -38.02
CA ASP H 270 5.70 18.57 -37.45
C ASP H 270 4.52 18.65 -36.50
N TYR H 271 3.44 19.27 -36.97
CA TYR H 271 2.28 19.59 -36.13
C TYR H 271 1.48 18.35 -35.69
N ILE H 272 1.10 18.33 -34.42
CA ILE H 272 0.42 17.21 -33.80
C ILE H 272 -0.98 17.61 -33.34
N ASN H 273 -1.93 16.71 -33.61
CA ASN H 273 -3.35 16.83 -33.24
C ASN H 273 -4.11 17.73 -34.21
N ALA H 274 -5.17 18.37 -33.73
CA ALA H 274 -6.06 19.11 -34.58
C ALA H 274 -5.81 20.59 -34.44
N GLY H 275 -5.92 21.28 -35.56
CA GLY H 275 -5.73 22.71 -35.63
C GLY H 275 -6.21 23.25 -36.96
N THR H 276 -6.26 24.57 -37.07
CA THR H 276 -6.79 25.19 -38.26
C THR H 276 -5.88 26.30 -38.78
N VAL H 277 -5.72 26.32 -40.10
CA VAL H 277 -4.98 27.37 -40.80
C VAL H 277 -5.98 28.23 -41.55
N GLU H 278 -6.00 29.49 -41.20
CA GLU H 278 -6.93 30.43 -41.82
C GLU H 278 -6.24 31.03 -43.05
N PHE H 279 -7.04 31.39 -44.07
CA PHE H 279 -6.55 32.15 -45.25
C PHE H 279 -7.53 33.26 -45.63
N LEU H 280 -7.02 34.37 -46.20
CA LEU H 280 -7.86 35.35 -46.90
C LEU H 280 -7.70 35.11 -48.41
N VAL H 281 -8.79 35.22 -49.17
CA VAL H 281 -8.77 34.90 -50.59
C VAL H 281 -9.42 35.98 -51.44
N GLU H 282 -8.67 36.48 -52.41
CA GLU H 282 -9.15 37.43 -53.42
C GLU H 282 -8.92 36.85 -54.82
N GLY H 283 -9.97 36.87 -55.65
CA GLY H 283 -9.88 36.37 -57.01
C GLY H 283 -9.28 34.97 -57.02
N ASP H 284 -8.04 34.86 -57.52
CA ASP H 284 -7.33 33.58 -57.55
C ASP H 284 -6.04 33.63 -56.72
N ASP H 285 -5.85 34.69 -55.95
CA ASP H 285 -4.72 34.79 -55.04
C ASP H 285 -5.19 34.63 -53.60
N PHE H 286 -4.49 33.80 -52.84
CA PHE H 286 -4.81 33.62 -51.44
C PHE H 286 -3.61 33.99 -50.58
N TYR H 287 -3.88 34.28 -49.32
CA TYR H 287 -2.82 34.68 -48.38
C TYR H 287 -3.10 34.24 -46.93
N PHE H 288 -2.05 33.73 -46.28
CA PHE H 288 -2.11 33.34 -44.88
C PHE H 288 -2.50 34.52 -44.00
N ILE H 289 -3.20 34.24 -42.90
CA ILE H 289 -3.58 35.30 -41.92
C ILE H 289 -3.34 34.87 -40.47
N GLU H 290 -3.71 33.65 -40.09
CA GLU H 290 -3.55 33.21 -38.72
C GLU H 290 -3.54 31.68 -38.64
N VAL H 291 -3.16 31.17 -37.46
CA VAL H 291 -3.22 29.74 -37.19
C VAL H 291 -3.80 29.45 -35.80
N ASN H 292 -4.84 28.63 -35.76
CA ASN H 292 -5.47 28.22 -34.51
C ASN H 292 -5.08 26.78 -34.16
N PRO H 293 -4.25 26.58 -33.12
CA PRO H 293 -3.83 25.24 -32.69
C PRO H 293 -4.84 24.58 -31.73
N ARG H 294 -6.09 24.47 -32.19
CA ARG H 294 -7.19 23.97 -31.37
C ARG H 294 -8.38 23.58 -32.21
N VAL H 295 -9.37 22.99 -31.55
CA VAL H 295 -10.67 22.77 -32.17
C VAL H 295 -11.27 24.13 -32.35
N GLN H 296 -12.06 24.30 -33.38
CA GLN H 296 -12.79 25.54 -33.50
C GLN H 296 -14.26 25.35 -33.33
N VAL H 297 -14.96 26.44 -33.10
CA VAL H 297 -16.40 26.39 -32.89
C VAL H 297 -17.07 25.76 -34.11
N GLU H 298 -16.63 26.16 -35.30
CA GLU H 298 -17.27 25.77 -36.55
C GLU H 298 -16.75 24.42 -37.09
N HIS H 299 -16.16 23.59 -36.24
CA HIS H 299 -15.60 22.32 -36.71
C HIS H 299 -16.70 21.34 -37.13
N THR H 300 -17.90 21.56 -36.63
CA THR H 300 -19.03 20.71 -36.94
C THR H 300 -19.18 20.51 -38.44
N ILE H 301 -19.31 21.61 -39.18
CA ILE H 301 -19.63 21.53 -40.61
C ILE H 301 -18.60 20.69 -41.36
N THR H 302 -17.34 20.80 -40.98
CA THR H 302 -16.31 19.99 -41.61
C THR H 302 -16.59 18.53 -41.31
N GLU H 303 -16.93 18.22 -40.05
CA GLU H 303 -17.33 16.87 -39.68
C GLU H 303 -18.44 16.33 -40.59
N MET H 304 -19.34 17.22 -40.97
CA MET H 304 -20.53 16.81 -41.69
C MET H 304 -20.26 16.51 -43.13
N ILE H 305 -19.32 17.24 -43.75
CA ILE H 305 -18.98 17.01 -45.17
C ILE H 305 -17.91 15.93 -45.37
N THR H 306 -16.96 15.82 -44.46
CA THR H 306 -15.96 14.77 -44.54
C THR H 306 -16.47 13.43 -44.04
N GLY H 307 -17.29 13.45 -43.00
CA GLY H 307 -17.74 12.23 -42.35
C GLY H 307 -16.88 11.86 -41.16
N ILE H 308 -15.87 12.68 -40.89
CA ILE H 308 -14.91 12.37 -39.86
C ILE H 308 -15.21 13.06 -38.53
N ASP H 309 -15.40 12.27 -37.48
CA ASP H 309 -15.56 12.81 -36.13
C ASP H 309 -14.21 13.36 -35.66
N ILE H 310 -14.11 14.69 -35.63
CA ILE H 310 -12.85 15.36 -35.30
C ILE H 310 -12.43 15.12 -33.85
N VAL H 311 -13.37 15.31 -32.92
CA VAL H 311 -13.06 15.26 -31.50
C VAL H 311 -12.73 13.85 -31.06
N GLN H 312 -13.47 12.86 -31.55
CA GLN H 312 -13.07 11.47 -31.35
C GLN H 312 -11.60 11.34 -31.82
N SER H 313 -11.30 11.86 -33.01
CA SER H 313 -9.95 11.77 -33.54
C SER H 313 -8.98 12.46 -32.59
N GLN H 314 -9.29 13.68 -32.16
CA GLN H 314 -8.42 14.36 -31.22
C GLN H 314 -7.99 13.42 -30.10
N LEU H 315 -8.93 12.65 -29.57
CA LEU H 315 -8.68 11.76 -28.42
C LEU H 315 -7.81 10.59 -28.78
N PHE H 316 -8.03 10.06 -29.98
CA PHE H 316 -7.19 8.96 -30.46
C PHE H 316 -5.76 9.41 -30.64
N ILE H 317 -5.60 10.60 -31.22
CA ILE H 317 -4.29 11.18 -31.45
C ILE H 317 -3.55 11.47 -30.16
N ALA H 318 -4.25 12.00 -29.16
CA ALA H 318 -3.63 12.19 -27.85
C ALA H 318 -3.25 10.87 -27.19
N ASP H 319 -3.99 9.80 -27.48
CA ASP H 319 -3.58 8.47 -27.08
C ASP H 319 -2.48 7.94 -27.99
N GLY H 320 -2.23 8.65 -29.09
CA GLY H 320 -1.06 8.44 -29.94
C GLY H 320 -1.27 7.62 -31.18
N TYR H 321 -2.44 7.02 -31.32
CA TYR H 321 -2.72 6.17 -32.45
C TYR H 321 -2.42 6.95 -33.76
N ALA H 322 -2.12 6.21 -34.81
CA ALA H 322 -1.91 6.81 -36.13
C ALA H 322 -3.23 7.16 -36.76
N LEU H 323 -3.21 8.18 -37.60
CA LEU H 323 -4.44 8.63 -38.25
C LEU H 323 -5.13 7.48 -38.97
N HIS H 324 -4.35 6.61 -39.60
CA HIS H 324 -4.92 5.62 -40.49
C HIS H 324 -5.03 4.25 -39.87
N ASP H 325 -4.93 4.18 -38.54
CA ASP H 325 -5.21 2.93 -37.82
C ASP H 325 -6.60 2.42 -38.12
N GLN H 326 -6.84 1.17 -37.77
CA GLN H 326 -8.15 0.55 -37.97
C GLN H 326 -9.20 1.27 -37.13
N LEU H 327 -8.91 1.41 -35.83
CA LEU H 327 -9.89 1.99 -34.87
C LEU H 327 -10.21 3.45 -35.19
N VAL H 328 -9.18 4.22 -35.56
CA VAL H 328 -9.34 5.65 -35.85
C VAL H 328 -10.08 5.84 -37.16
N ALA H 329 -9.79 4.98 -38.12
CA ALA H 329 -10.55 4.93 -39.37
C ALA H 329 -10.58 6.26 -40.15
N ILE H 330 -9.47 6.99 -40.14
CA ILE H 330 -9.31 8.10 -41.07
C ILE H 330 -8.67 7.60 -42.34
N PRO H 331 -9.30 7.85 -43.49
CA PRO H 331 -8.72 7.32 -44.69
C PRO H 331 -7.51 8.15 -45.15
N LYS H 332 -6.73 7.54 -46.03
CA LYS H 332 -5.65 8.21 -46.74
C LYS H 332 -6.22 9.44 -47.48
N GLN H 333 -5.45 10.52 -47.48
CA GLN H 333 -5.91 11.79 -48.06
C GLN H 333 -6.64 11.67 -49.39
N GLU H 334 -6.12 10.83 -50.27
CA GLU H 334 -6.69 10.63 -51.60
C GLU H 334 -8.12 10.14 -51.42
N ASP H 335 -8.33 9.32 -50.39
CA ASP H 335 -9.65 8.74 -50.07
C ASP H 335 -10.62 9.66 -49.30
N ILE H 336 -10.14 10.82 -48.84
CA ILE H 336 -11.02 11.82 -48.18
C ILE H 336 -11.75 12.71 -49.17
N HIS H 337 -13.08 12.64 -49.20
CA HIS H 337 -13.88 13.41 -50.16
C HIS H 337 -14.92 14.30 -49.47
N ILE H 338 -15.60 15.13 -50.24
CA ILE H 338 -16.68 15.96 -49.75
C ILE H 338 -18.03 15.35 -50.09
N HIS H 339 -18.86 15.11 -49.08
CA HIS H 339 -20.26 14.79 -49.34
C HIS H 339 -21.03 16.03 -48.96
N GLY H 340 -21.80 16.54 -49.91
CA GLY H 340 -22.71 17.66 -49.66
C GLY H 340 -22.06 18.95 -49.19
N SER H 341 -22.89 19.80 -48.58
CA SER H 341 -22.40 21.00 -47.89
C SER H 341 -23.24 21.27 -46.65
N ALA H 342 -22.63 21.96 -45.71
CA ALA H 342 -23.27 22.17 -44.42
C ALA H 342 -23.07 23.59 -43.97
N ILE H 343 -24.13 24.13 -43.38
CA ILE H 343 -24.17 25.49 -42.93
C ILE H 343 -24.37 25.42 -41.45
N GLN H 344 -23.63 26.24 -40.70
CA GLN H 344 -23.84 26.34 -39.27
C GLN H 344 -24.16 27.75 -38.87
N SER H 345 -25.13 27.89 -37.99
CA SER H 345 -25.45 29.16 -37.35
C SER H 345 -25.63 28.97 -35.85
N ARG H 346 -25.19 29.96 -35.08
CA ARG H 346 -25.21 29.88 -33.63
C ARG H 346 -26.30 30.76 -33.05
N ILE H 347 -27.30 30.13 -32.46
CA ILE H 347 -28.37 30.86 -31.81
C ILE H 347 -27.78 31.37 -30.51
N THR H 348 -27.89 32.68 -30.30
CA THR H 348 -27.41 33.34 -29.09
C THR H 348 -28.48 34.26 -28.51
N THR H 349 -28.24 34.72 -27.28
CA THR H 349 -29.13 35.67 -26.62
C THR H 349 -28.85 37.12 -27.00
N GLU H 350 -27.90 37.38 -27.90
CA GLU H 350 -27.71 38.74 -28.45
C GLU H 350 -29.01 39.19 -29.09
N ASP H 351 -29.55 40.32 -28.65
CA ASP H 351 -30.82 40.83 -29.17
C ASP H 351 -30.54 41.91 -30.19
N PRO H 352 -30.94 41.71 -31.45
CA PRO H 352 -30.57 42.74 -32.44
C PRO H 352 -31.28 44.11 -32.33
N LEU H 353 -32.47 44.16 -31.72
CA LEU H 353 -33.14 45.42 -31.41
C LEU H 353 -32.40 46.23 -30.35
N ASN H 354 -31.85 45.53 -29.36
CA ASN H 354 -31.00 46.15 -28.33
C ASN H 354 -29.50 46.17 -28.70
N ASN H 355 -29.21 46.35 -29.98
CA ASN H 355 -27.84 46.31 -30.48
C ASN H 355 -27.02 45.15 -29.92
N PHE H 356 -27.60 43.97 -29.99
CA PHE H 356 -26.91 42.70 -29.74
C PHE H 356 -26.33 42.62 -28.33
N MET H 357 -26.92 43.36 -27.40
CA MET H 357 -26.59 43.20 -26.00
C MET H 357 -27.14 41.83 -25.60
N PRO H 358 -26.23 40.90 -25.16
CA PRO H 358 -26.68 39.60 -24.70
C PRO H 358 -27.77 39.71 -23.63
N ASP H 359 -29.01 39.36 -23.98
CA ASP H 359 -30.10 39.36 -23.00
C ASP H 359 -29.78 38.32 -21.94
N THR H 360 -30.29 38.53 -20.73
CA THR H 360 -30.11 37.57 -19.65
C THR H 360 -31.43 37.12 -19.12
N GLY H 361 -31.37 36.12 -18.27
CA GLY H 361 -32.57 35.60 -17.64
C GLY H 361 -32.77 34.11 -17.76
N ARG H 362 -33.97 33.70 -17.39
CA ARG H 362 -34.36 32.30 -17.37
C ARG H 362 -35.11 31.98 -18.65
N VAL H 363 -34.79 30.81 -19.18
CA VAL H 363 -35.40 30.30 -20.38
C VAL H 363 -36.59 29.47 -19.95
N ASP H 364 -37.79 30.02 -20.03
CA ASP H 364 -38.96 29.29 -19.54
C ASP H 364 -39.34 28.19 -20.53
N THR H 365 -39.11 28.42 -21.82
CA THR H 365 -39.48 27.46 -22.86
C THR H 365 -38.40 27.35 -23.91
N TYR H 366 -37.89 26.16 -24.11
CA TYR H 366 -36.87 25.89 -25.11
C TYR H 366 -37.29 24.67 -25.90
N ARG H 367 -37.73 24.87 -27.14
CA ARG H 367 -38.18 23.76 -27.97
C ARG H 367 -37.37 23.70 -29.23
N SER H 368 -36.53 22.68 -29.31
CA SER H 368 -35.58 22.56 -30.40
C SER H 368 -36.24 21.86 -31.56
N THR H 369 -35.48 21.77 -32.63
CA THR H 369 -35.95 21.23 -33.88
C THR H 369 -35.15 19.95 -34.14
N GLY H 370 -35.48 19.25 -35.21
CA GLY H 370 -34.66 18.14 -35.69
C GLY H 370 -35.04 17.74 -37.09
N GLY H 371 -34.70 16.52 -37.48
CA GLY H 371 -35.13 15.98 -38.77
C GLY H 371 -33.92 15.64 -39.62
N PHE H 372 -34.15 15.35 -40.90
CA PHE H 372 -33.05 14.97 -41.77
C PHE H 372 -32.13 16.16 -41.94
N GLY H 373 -30.84 15.90 -41.82
CA GLY H 373 -29.82 16.88 -42.16
C GLY H 373 -29.74 18.00 -41.16
N VAL H 374 -30.21 17.73 -39.94
CA VAL H 374 -30.11 18.67 -38.85
C VAL H 374 -29.31 18.09 -37.70
N ARG H 375 -28.35 18.88 -37.26
CA ARG H 375 -27.55 18.55 -36.10
C ARG H 375 -27.70 19.71 -35.13
N LEU H 376 -27.75 19.39 -33.83
CA LEU H 376 -27.71 20.42 -32.83
C LEU H 376 -26.63 20.09 -31.84
N ASP H 377 -25.82 21.10 -31.52
CA ASP H 377 -24.84 20.99 -30.45
C ASP H 377 -25.27 21.98 -29.40
N ALA H 378 -25.75 21.42 -28.31
CA ALA H 378 -26.37 22.19 -27.27
C ALA H 378 -25.30 22.85 -26.44
N GLY H 379 -25.56 24.09 -26.05
CA GLY H 379 -24.68 24.84 -25.14
C GLY H 379 -25.36 25.02 -23.81
N ASN H 380 -25.69 26.27 -23.47
CA ASN H 380 -26.53 26.56 -22.32
C ASN H 380 -28.01 26.64 -22.72
N GLY H 381 -28.55 25.52 -23.18
CA GLY H 381 -29.85 25.48 -23.86
C GLY H 381 -30.75 24.34 -23.45
N PHE H 382 -31.28 24.44 -22.25
CA PHE H 382 -32.29 23.53 -21.78
C PHE H 382 -33.36 24.31 -21.04
N GLN H 383 -34.51 23.70 -20.78
CA GLN H 383 -35.68 24.48 -20.34
C GLN H 383 -35.40 25.28 -19.08
N GLY H 384 -34.90 24.63 -18.05
CA GLY H 384 -34.65 25.31 -16.78
C GLY H 384 -33.62 26.43 -16.80
N THR H 385 -32.59 26.32 -17.63
CA THR H 385 -31.39 27.14 -17.46
C THR H 385 -31.64 28.64 -17.40
N VAL H 386 -30.76 29.31 -16.65
CA VAL H 386 -30.70 30.77 -16.61
C VAL H 386 -29.42 31.22 -17.30
N VAL H 387 -29.50 32.21 -18.18
CA VAL H 387 -28.28 32.74 -18.77
C VAL H 387 -27.72 33.85 -17.88
N THR H 388 -26.45 33.71 -17.53
CA THR H 388 -25.73 34.75 -16.81
C THR H 388 -25.11 35.62 -17.86
N PRO H 389 -24.71 36.85 -17.51
CA PRO H 389 -24.03 37.70 -18.47
C PRO H 389 -22.52 37.51 -18.44
N PHE H 390 -22.01 36.72 -17.48
CA PHE H 390 -20.57 36.63 -17.21
C PHE H 390 -19.78 36.01 -18.37
N TYR H 391 -20.32 34.93 -18.91
CA TYR H 391 -19.76 34.17 -20.03
C TYR H 391 -20.50 34.52 -21.31
N ASP H 392 -20.11 33.91 -22.43
CA ASP H 392 -20.70 34.25 -23.74
C ASP H 392 -22.17 33.82 -23.89
N SER H 393 -22.81 34.36 -24.93
CA SER H 393 -24.27 34.36 -25.06
C SER H 393 -24.87 33.09 -25.66
N LEU H 394 -24.03 32.15 -26.09
CA LEU H 394 -24.48 31.03 -26.94
C LEU H 394 -25.37 29.98 -26.29
N LEU H 395 -26.56 29.78 -26.86
CA LEU H 395 -27.50 28.78 -26.40
C LEU H 395 -27.35 27.44 -27.09
N VAL H 396 -27.43 27.46 -28.43
CA VAL H 396 -27.31 26.24 -29.23
C VAL H 396 -26.73 26.50 -30.63
N LYS H 397 -25.89 25.58 -31.10
CA LYS H 397 -25.28 25.65 -32.42
C LYS H 397 -26.12 24.80 -33.37
N LEU H 398 -26.72 25.44 -34.37
CA LEU H 398 -27.61 24.75 -35.31
C LEU H 398 -26.97 24.61 -36.65
N CYS H 399 -26.67 23.38 -37.04
CA CYS H 399 -26.10 23.12 -38.35
C CYS H 399 -27.06 22.26 -39.18
N THR H 400 -27.12 22.53 -40.48
CA THR H 400 -27.92 21.72 -41.38
C THR H 400 -27.10 21.34 -42.58
N TRP H 401 -27.43 20.18 -43.15
CA TRP H 401 -26.64 19.62 -44.26
C TRP H 401 -27.53 19.28 -45.44
N GLY H 402 -26.94 19.35 -46.62
CA GLY H 402 -27.65 18.98 -47.84
C GLY H 402 -26.65 18.53 -48.90
N MET H 403 -27.15 17.77 -49.87
CA MET H 403 -26.33 17.37 -51.03
C MET H 403 -25.87 18.60 -51.81
N THR H 404 -26.74 19.59 -51.92
CA THR H 404 -26.40 20.88 -52.50
C THR H 404 -26.59 21.95 -51.44
N PHE H 405 -25.71 22.93 -51.43
CA PHE H 405 -25.83 24.06 -50.50
C PHE H 405 -27.22 24.69 -50.55
N GLU H 406 -27.83 24.70 -51.73
CA GLU H 406 -29.18 25.24 -51.88
C GLU H 406 -30.15 24.40 -51.06
N GLN H 407 -29.89 23.09 -50.99
CA GLN H 407 -30.71 22.18 -50.18
C GLN H 407 -30.54 22.44 -48.68
N ALA H 408 -29.29 22.67 -48.28
CA ALA H 408 -28.96 22.92 -46.88
C ALA H 408 -29.57 24.25 -46.40
N THR H 409 -29.48 25.29 -47.23
CA THR H 409 -30.06 26.59 -46.90
C THR H 409 -31.56 26.46 -46.63
N ARG H 410 -32.25 25.63 -47.41
CA ARG H 410 -33.67 25.39 -47.16
C ARG H 410 -33.91 24.83 -45.76
N LYS H 411 -33.09 23.84 -45.38
CA LYS H 411 -33.28 23.16 -44.10
C LYS H 411 -32.94 24.08 -42.95
N MET H 412 -31.91 24.89 -43.14
CA MET H 412 -31.60 25.92 -42.19
C MET H 412 -32.79 26.85 -42.00
N ARG H 413 -33.35 27.34 -43.10
CA ARG H 413 -34.48 28.24 -42.99
C ARG H 413 -35.51 27.61 -42.06
N ARG H 414 -36.04 26.45 -42.47
CA ARG H 414 -37.13 25.79 -41.74
C ARG H 414 -36.83 25.66 -40.26
N ASN H 415 -35.64 25.16 -39.96
CA ASN H 415 -35.23 24.97 -38.59
C ASN H 415 -35.25 26.25 -37.76
N LEU H 416 -34.75 27.35 -38.34
CA LEU H 416 -34.67 28.60 -37.58
C LEU H 416 -36.04 29.09 -37.20
N ILE H 417 -36.97 28.94 -38.14
CA ILE H 417 -38.36 29.29 -37.87
C ILE H 417 -38.98 28.37 -36.81
N GLU H 418 -38.69 27.06 -36.94
CA GLU H 418 -39.27 26.03 -36.07
C GLU H 418 -38.88 26.20 -34.59
N PHE H 419 -37.70 26.76 -34.34
CA PHE H 419 -37.27 27.00 -32.96
C PHE H 419 -38.26 27.83 -32.15
N ARG H 420 -38.58 27.37 -30.93
CA ARG H 420 -39.33 28.16 -29.97
C ARG H 420 -38.55 28.30 -28.66
N ILE H 421 -38.02 29.50 -28.44
CA ILE H 421 -37.29 29.83 -27.22
C ILE H 421 -37.95 31.02 -26.58
N ARG H 422 -38.36 30.91 -25.31
CA ARG H 422 -38.94 32.05 -24.61
C ARG H 422 -38.37 32.23 -23.23
N GLY H 423 -38.27 33.51 -22.85
CA GLY H 423 -37.66 33.91 -21.61
C GLY H 423 -36.54 34.88 -21.90
N VAL H 424 -35.96 34.79 -23.09
CA VAL H 424 -34.88 35.68 -23.48
C VAL H 424 -34.92 36.05 -24.97
N LYS H 425 -34.37 37.21 -25.31
CA LYS H 425 -34.25 37.63 -26.70
C LYS H 425 -33.17 36.79 -27.35
N THR H 426 -33.25 36.64 -28.67
CA THR H 426 -32.24 35.88 -29.40
C THR H 426 -31.89 36.54 -30.72
N ASN H 427 -30.90 35.99 -31.40
CA ASN H 427 -30.44 36.55 -32.67
C ASN H 427 -31.06 35.85 -33.87
N ILE H 428 -32.06 35.01 -33.62
CA ILE H 428 -32.68 34.25 -34.68
C ILE H 428 -33.16 35.16 -35.80
N PRO H 429 -33.98 36.18 -35.48
CA PRO H 429 -34.56 37.01 -36.54
C PRO H 429 -33.49 37.66 -37.39
N PHE H 430 -32.33 37.91 -36.79
CA PHE H 430 -31.19 38.39 -37.55
C PHE H 430 -30.72 37.31 -38.51
N LEU H 431 -30.44 36.12 -37.98
CA LEU H 431 -29.95 35.01 -38.81
C LEU H 431 -30.92 34.67 -39.93
N LEU H 432 -32.21 34.72 -39.64
CA LEU H 432 -33.20 34.50 -40.68
C LEU H 432 -33.00 35.47 -41.83
N ASN H 433 -32.83 36.74 -41.52
CA ASN H 433 -32.67 37.75 -42.57
C ASN H 433 -31.44 37.52 -43.44
N VAL H 434 -30.35 37.12 -42.81
CA VAL H 434 -29.14 36.80 -43.56
C VAL H 434 -29.30 35.52 -44.38
N VAL H 435 -29.95 34.52 -43.80
CA VAL H 435 -30.16 33.26 -44.55
C VAL H 435 -31.20 33.44 -45.67
N ARG H 436 -32.21 34.30 -45.46
CA ARG H 436 -33.19 34.61 -46.52
C ARG H 436 -32.61 35.45 -47.65
N HIS H 437 -31.61 36.26 -47.32
CA HIS H 437 -31.08 37.20 -48.32
C HIS H 437 -30.56 36.46 -49.55
N PRO H 438 -30.97 36.92 -50.74
CA PRO H 438 -30.61 36.22 -51.97
C PRO H 438 -29.10 36.17 -52.30
N ASP H 439 -28.37 37.25 -52.04
CA ASP H 439 -26.90 37.23 -52.08
C ASP H 439 -26.23 36.15 -51.22
N PHE H 440 -26.88 35.73 -50.13
CA PHE H 440 -26.36 34.61 -49.33
C PHE H 440 -26.58 33.29 -50.06
N ALA H 441 -27.80 33.08 -50.57
CA ALA H 441 -28.13 31.87 -51.32
C ALA H 441 -27.28 31.70 -52.60
N SER H 442 -26.84 32.82 -53.19
CA SER H 442 -25.97 32.79 -54.36
C SER H 442 -24.65 32.07 -54.03
N GLY H 443 -24.12 32.31 -52.83
CA GLY H 443 -22.86 31.71 -52.41
C GLY H 443 -21.67 32.60 -52.72
N ASN H 444 -21.91 33.71 -53.41
CA ASN H 444 -20.89 34.72 -53.60
C ASN H 444 -21.12 35.85 -52.64
N TYR H 445 -20.32 35.86 -51.58
CA TYR H 445 -20.30 36.96 -50.61
C TYR H 445 -18.86 37.14 -50.13
N ASN H 446 -18.64 38.24 -49.43
CA ASN H 446 -17.31 38.56 -48.88
C ASN H 446 -17.47 39.13 -47.49
N THR H 447 -16.34 39.29 -46.81
CA THR H 447 -16.32 39.86 -45.46
C THR H 447 -17.19 41.12 -45.34
N SER H 448 -17.16 41.92 -46.39
CA SER H 448 -17.94 43.13 -46.47
C SER H 448 -19.42 42.87 -46.81
N PHE H 449 -19.90 41.63 -46.80
CA PHE H 449 -21.32 41.38 -47.17
C PHE H 449 -22.32 41.91 -46.13
N ILE H 450 -22.04 41.67 -44.86
CA ILE H 450 -22.78 42.32 -43.78
C ILE H 450 -22.18 43.73 -43.72
N ASP H 451 -22.88 44.64 -43.06
CA ASP H 451 -22.46 46.05 -42.97
C ASP H 451 -22.85 46.76 -44.27
N THR H 452 -22.37 46.25 -45.41
CA THR H 452 -22.76 46.78 -46.73
C THR H 452 -24.27 46.67 -46.96
N THR H 453 -24.89 45.63 -46.39
CA THR H 453 -26.32 45.43 -46.55
C THR H 453 -27.01 45.78 -45.24
N PRO H 454 -27.74 46.91 -45.19
CA PRO H 454 -28.46 47.29 -43.97
C PRO H 454 -29.80 46.60 -43.77
N GLU H 455 -30.42 46.14 -44.85
CA GLU H 455 -31.78 45.57 -44.76
C GLU H 455 -31.83 44.51 -43.66
N LEU H 456 -30.78 43.69 -43.58
CA LEU H 456 -30.73 42.57 -42.63
C LEU H 456 -31.04 43.02 -41.21
N PHE H 457 -30.73 44.28 -40.90
CA PHE H 457 -30.99 44.84 -39.58
C PHE H 457 -32.44 45.33 -39.39
N LYS H 458 -33.23 45.37 -40.46
CA LYS H 458 -34.67 45.68 -40.34
C LYS H 458 -35.44 44.40 -40.07
N PHE H 459 -36.22 44.35 -38.99
CA PHE H 459 -36.94 43.12 -38.65
C PHE H 459 -38.47 43.22 -38.64
N PRO H 460 -39.16 42.17 -39.13
CA PRO H 460 -40.63 42.17 -39.11
C PRO H 460 -41.15 42.26 -37.68
N HIS H 461 -42.16 43.09 -37.46
CA HIS H 461 -42.80 43.16 -36.15
C HIS H 461 -43.26 41.76 -35.69
N ILE H 462 -43.11 41.44 -34.41
CA ILE H 462 -43.54 40.14 -33.90
C ILE H 462 -45.03 40.22 -33.65
N ARG H 463 -45.79 39.43 -34.41
CA ARG H 463 -47.19 39.16 -34.11
C ARG H 463 -47.09 37.95 -33.18
N ASP H 464 -47.08 38.20 -31.85
CA ASP H 464 -46.71 37.18 -30.82
C ASP H 464 -47.94 36.93 -29.96
N ARG H 465 -48.99 36.61 -30.71
CA ARG H 465 -50.34 36.78 -30.24
C ARG H 465 -50.64 35.94 -29.00
N GLY H 466 -50.15 34.71 -29.01
CA GLY H 466 -50.36 33.73 -27.97
C GLY H 466 -49.94 34.10 -26.54
N THR H 467 -48.73 34.61 -26.40
CA THR H 467 -48.19 34.95 -25.08
C THR H 467 -48.99 36.10 -24.50
N LYS H 468 -49.19 37.12 -25.34
CA LYS H 468 -49.91 38.33 -24.96
C LYS H 468 -51.32 37.97 -24.50
N THR H 469 -51.92 36.97 -25.14
CA THR H 469 -53.25 36.47 -24.78
C THR H 469 -53.22 35.90 -23.37
N LEU H 470 -52.16 35.17 -23.06
CA LEU H 470 -52.03 34.59 -21.73
C LEU H 470 -51.76 35.67 -20.71
N ARG H 471 -51.04 36.71 -21.12
CA ARG H 471 -50.76 37.84 -20.23
C ARG H 471 -52.10 38.45 -19.79
N TYR H 472 -52.98 38.73 -20.75
CA TYR H 472 -54.33 39.22 -20.44
C TYR H 472 -55.04 38.26 -19.50
N ILE H 473 -55.26 37.02 -19.97
CA ILE H 473 -56.02 36.03 -19.20
C ILE H 473 -55.47 35.90 -17.77
N GLY H 474 -54.15 35.83 -17.63
CA GLY H 474 -53.51 35.69 -16.32
C GLY H 474 -53.75 36.90 -15.46
N ASN H 475 -53.60 38.07 -16.06
CA ASN H 475 -53.84 39.33 -15.35
C ASN H 475 -55.24 39.42 -14.72
N VAL H 476 -56.28 39.32 -15.54
CA VAL H 476 -57.65 39.48 -15.03
C VAL H 476 -57.98 38.34 -14.06
N THR H 477 -57.25 37.23 -14.15
CA THR H 477 -57.50 36.09 -13.28
C THR H 477 -57.05 36.36 -11.86
N VAL H 478 -56.01 37.18 -11.70
CA VAL H 478 -55.45 37.49 -10.37
C VAL H 478 -55.81 38.87 -9.84
N ASN H 479 -55.84 39.88 -10.71
CA ASN H 479 -56.20 41.25 -10.31
C ASN H 479 -57.67 41.58 -10.52
N GLY H 480 -58.32 40.86 -11.43
CA GLY H 480 -59.72 41.10 -11.72
C GLY H 480 -59.87 42.09 -12.84
N PHE H 481 -61.07 42.13 -13.41
CA PHE H 481 -61.41 43.09 -14.44
C PHE H 481 -61.69 44.43 -13.76
N PRO H 482 -61.18 45.53 -14.35
CA PRO H 482 -61.39 46.84 -13.74
C PRO H 482 -62.85 47.28 -13.74
N GLY H 483 -63.29 47.76 -12.58
CA GLY H 483 -64.61 48.36 -12.47
C GLY H 483 -65.68 47.45 -11.90
N ILE H 484 -65.35 46.18 -11.67
CA ILE H 484 -66.35 45.23 -11.21
C ILE H 484 -65.80 44.36 -10.09
N LYS H 485 -66.67 43.96 -9.16
CA LYS H 485 -66.26 43.11 -8.06
C LYS H 485 -65.58 41.87 -8.64
N HIS H 486 -64.37 41.60 -8.19
CA HIS H 486 -63.63 40.39 -8.56
C HIS H 486 -64.39 39.19 -8.03
N ARG H 487 -64.88 38.37 -8.95
CA ARG H 487 -65.70 37.21 -8.58
C ARG H 487 -65.29 36.04 -9.43
N ASP H 488 -65.65 34.85 -9.00
CA ASP H 488 -65.32 33.65 -9.74
C ASP H 488 -66.04 33.63 -11.07
N LYS H 489 -65.41 33.03 -12.06
CA LYS H 489 -66.01 32.86 -13.36
C LYS H 489 -67.08 31.79 -13.20
N PRO H 490 -68.34 32.14 -13.49
CA PRO H 490 -69.42 31.16 -13.37
C PRO H 490 -69.35 30.06 -14.41
N VAL H 491 -70.36 29.20 -14.40
CA VAL H 491 -70.52 28.22 -15.48
C VAL H 491 -71.72 28.68 -16.27
N TYR H 492 -71.50 29.63 -17.15
CA TYR H 492 -72.58 30.13 -17.99
C TYR H 492 -73.10 29.02 -18.89
N ALA H 493 -74.41 28.99 -19.08
CA ALA H 493 -75.04 28.08 -20.03
C ALA H 493 -74.59 28.44 -21.45
N GLU H 494 -74.50 27.44 -22.32
CA GLU H 494 -74.14 27.70 -23.72
C GLU H 494 -75.31 28.43 -24.41
N PRO H 495 -75.04 29.58 -25.07
CA PRO H 495 -76.15 30.28 -25.69
C PRO H 495 -76.79 29.47 -26.80
N ARG H 496 -78.11 29.52 -26.88
CA ARG H 496 -78.87 28.84 -27.92
C ARG H 496 -78.75 29.60 -29.23
N LEU H 497 -78.02 29.01 -30.18
CA LEU H 497 -77.85 29.57 -31.50
C LEU H 497 -78.90 29.03 -32.48
N PRO H 498 -79.42 29.88 -33.37
CA PRO H 498 -80.35 29.35 -34.38
C PRO H 498 -79.61 28.52 -35.43
N LYS H 499 -80.18 27.37 -35.81
CA LYS H 499 -79.64 26.53 -36.88
C LYS H 499 -80.27 26.94 -38.23
N ILE H 500 -79.44 27.21 -39.25
CA ILE H 500 -79.92 27.59 -40.60
C ILE H 500 -79.27 26.65 -41.64
N PRO H 501 -80.07 26.00 -42.53
CA PRO H 501 -79.39 25.14 -43.52
C PRO H 501 -78.58 25.95 -44.54
N TYR H 502 -77.40 25.46 -44.93
CA TYR H 502 -76.50 26.21 -45.85
C TYR H 502 -77.19 26.47 -47.22
N GLY H 503 -77.04 27.69 -47.71
CA GLY H 503 -77.62 28.14 -48.98
C GLY H 503 -79.09 28.55 -48.90
N SER H 504 -79.68 28.44 -47.72
CA SER H 504 -81.06 28.86 -47.53
C SER H 504 -81.22 30.34 -47.70
N GLN H 505 -82.46 30.75 -47.87
CA GLN H 505 -82.92 32.11 -47.60
C GLN H 505 -81.99 33.18 -48.25
N ILE H 506 -81.42 34.08 -47.45
CA ILE H 506 -80.64 35.26 -47.90
C ILE H 506 -81.59 36.23 -48.63
N SER H 507 -82.90 36.19 -48.31
CA SER H 507 -83.94 36.94 -49.06
C SER H 507 -83.61 38.43 -49.07
N PRO H 508 -83.88 39.11 -50.19
CA PRO H 508 -83.33 40.45 -50.26
C PRO H 508 -83.98 41.37 -49.27
N GLY H 509 -83.19 42.33 -48.82
CA GLY H 509 -83.63 43.28 -47.84
C GLY H 509 -83.94 44.63 -48.42
N THR H 510 -84.20 45.55 -47.50
CA THR H 510 -84.36 46.95 -47.83
C THR H 510 -83.08 47.58 -48.39
N LYS H 511 -81.90 47.04 -48.06
CA LYS H 511 -80.62 47.58 -48.59
C LYS H 511 -80.64 47.64 -50.10
N GLN H 512 -81.05 46.53 -50.71
CA GLN H 512 -81.22 46.45 -52.17
C GLN H 512 -81.92 47.69 -52.75
N ILE H 513 -82.99 48.12 -52.10
CA ILE H 513 -83.77 49.29 -52.54
C ILE H 513 -82.95 50.59 -52.43
N LEU H 514 -82.07 50.69 -51.44
CA LEU H 514 -81.16 51.84 -51.39
C LEU H 514 -80.09 51.69 -52.47
N ASP H 515 -79.52 50.49 -52.59
CA ASP H 515 -78.53 50.19 -53.64
C ASP H 515 -79.08 50.51 -55.03
N ALA H 516 -80.28 50.02 -55.31
CA ALA H 516 -80.93 50.20 -56.60
C ALA H 516 -81.34 51.66 -56.87
N LYS H 517 -82.16 52.23 -55.98
CA LYS H 517 -82.91 53.45 -56.29
C LYS H 517 -82.62 54.62 -55.35
N GLY H 518 -81.49 54.58 -54.66
CA GLY H 518 -81.05 55.68 -53.79
C GLY H 518 -82.01 55.97 -52.65
N PRO H 519 -81.75 57.06 -51.91
CA PRO H 519 -82.59 57.43 -50.77
C PRO H 519 -84.06 57.70 -51.12
N GLU H 520 -84.29 58.54 -52.13
CA GLU H 520 -85.63 58.90 -52.60
C GLU H 520 -86.48 57.66 -52.92
N GLY H 521 -85.90 56.69 -53.63
CA GLY H 521 -86.60 55.45 -54.02
C GLY H 521 -87.06 54.60 -52.85
N VAL H 522 -86.30 54.68 -51.76
CA VAL H 522 -86.65 54.03 -50.50
C VAL H 522 -87.83 54.76 -49.85
N VAL H 523 -87.63 56.04 -49.53
CA VAL H 523 -88.70 56.93 -49.01
C VAL H 523 -90.04 56.74 -49.74
N ASP H 524 -89.97 56.53 -51.05
CA ASP H 524 -91.16 56.24 -51.86
C ASP H 524 -91.84 54.96 -51.40
N TRP H 525 -91.08 53.86 -51.46
CA TRP H 525 -91.58 52.55 -51.03
C TRP H 525 -92.09 52.56 -49.58
N VAL H 526 -91.42 53.35 -48.74
CA VAL H 526 -91.86 53.58 -47.36
C VAL H 526 -93.27 54.16 -47.37
N LYS H 527 -93.40 55.36 -47.93
CA LYS H 527 -94.69 56.09 -48.01
C LYS H 527 -95.81 55.27 -48.55
N LYS H 528 -95.49 54.39 -49.51
CA LYS H 528 -96.40 53.36 -49.95
C LYS H 528 -96.70 52.41 -48.78
N GLN H 529 -96.03 52.54 -47.63
CA GLN H 529 -96.14 51.52 -46.57
C GLN H 529 -97.45 51.64 -45.84
N GLU H 530 -98.33 50.67 -46.08
CA GLU H 530 -99.60 50.56 -45.36
C GLU H 530 -99.31 50.18 -43.90
N GLU H 531 -98.57 49.08 -43.75
CA GLU H 531 -98.15 48.59 -42.44
C GLU H 531 -97.25 49.54 -41.69
N VAL H 532 -97.02 49.19 -40.43
CA VAL H 532 -96.00 49.85 -39.61
C VAL H 532 -94.65 49.13 -39.77
N LEU H 533 -93.60 49.93 -39.96
CA LEU H 533 -92.23 49.44 -40.19
C LEU H 533 -91.42 49.49 -38.88
N LEU H 534 -90.63 48.45 -38.62
CA LEU H 534 -89.96 48.29 -37.32
C LEU H 534 -88.44 48.16 -37.40
N THR H 535 -87.70 49.04 -36.71
CA THR H 535 -86.22 49.03 -36.79
C THR H 535 -85.69 48.49 -35.46
N ASP H 536 -84.72 47.58 -35.57
CA ASP H 536 -84.23 46.83 -34.42
C ASP H 536 -83.01 47.49 -33.79
N THR H 537 -83.19 47.94 -32.55
CA THR H 537 -82.14 48.58 -31.76
C THR H 537 -81.47 47.60 -30.80
N THR H 538 -81.66 46.30 -31.00
CA THR H 538 -81.05 45.30 -30.14
C THR H 538 -79.51 45.45 -30.06
N LEU H 539 -78.86 45.94 -31.12
CA LEU H 539 -77.39 46.09 -31.10
C LEU H 539 -76.91 47.47 -30.64
N ARG H 540 -77.82 48.29 -30.14
CA ARG H 540 -77.52 49.64 -29.64
C ARG H 540 -78.69 50.20 -28.84
N ASP H 541 -78.42 51.13 -27.95
CA ASP H 541 -79.45 51.71 -27.07
C ASP H 541 -79.96 50.64 -26.13
N ALA H 542 -80.53 49.58 -26.70
CA ALA H 542 -81.03 48.48 -25.89
C ALA H 542 -79.98 48.08 -24.90
N HIS H 543 -78.78 47.81 -25.39
CA HIS H 543 -77.67 47.43 -24.51
C HIS H 543 -76.94 48.67 -24.01
N GLN H 544 -77.05 49.78 -24.72
CA GLN H 544 -76.52 51.05 -24.22
C GLN H 544 -77.27 51.46 -22.95
N SER H 545 -78.60 51.31 -22.96
CA SER H 545 -79.42 51.66 -21.81
C SER H 545 -79.22 50.66 -20.68
N LEU H 546 -79.41 49.39 -21.00
CA LEU H 546 -79.42 48.34 -19.98
C LEU H 546 -78.04 48.02 -19.41
N LEU H 547 -77.06 47.84 -20.29
CA LEU H 547 -75.77 47.23 -19.93
C LEU H 547 -74.54 48.14 -20.13
N ALA H 548 -74.75 49.46 -20.08
CA ALA H 548 -73.65 50.42 -20.21
C ALA H 548 -72.88 50.28 -21.51
N THR H 549 -73.60 49.91 -22.58
CA THR H 549 -73.00 49.80 -23.91
C THR H 549 -71.86 48.77 -23.97
N ARG H 550 -71.85 47.83 -23.04
CA ARG H 550 -70.72 46.94 -22.87
C ARG H 550 -70.76 45.69 -23.74
N VAL H 551 -71.84 45.49 -24.48
CA VAL H 551 -71.95 44.29 -25.29
C VAL H 551 -70.83 44.33 -26.32
N ARG H 552 -70.15 43.17 -26.43
CA ARG H 552 -68.94 43.03 -27.21
C ARG H 552 -69.21 42.50 -28.61
N SER H 553 -68.34 42.90 -29.55
CA SER H 553 -68.50 42.53 -30.93
C SER H 553 -68.60 41.02 -31.05
N LYS H 554 -67.70 40.31 -30.37
CA LYS H 554 -67.71 38.84 -30.42
C LYS H 554 -69.13 38.26 -30.33
N ASP H 555 -69.91 38.74 -29.35
CA ASP H 555 -71.28 38.24 -29.10
C ASP H 555 -72.27 38.74 -30.14
N ILE H 556 -72.05 39.94 -30.66
CA ILE H 556 -72.90 40.47 -31.74
C ILE H 556 -72.75 39.67 -33.04
N PHE H 557 -71.52 39.52 -33.51
CA PHE H 557 -71.26 38.82 -34.78
C PHE H 557 -71.94 37.47 -34.79
N GLN H 558 -71.88 36.75 -33.68
CA GLN H 558 -72.39 35.39 -33.62
C GLN H 558 -73.82 35.26 -34.16
N ILE H 559 -74.66 36.26 -33.88
CA ILE H 559 -76.09 36.21 -34.23
C ILE H 559 -76.40 36.88 -35.57
N ALA H 560 -75.52 37.78 -36.01
CA ALA H 560 -75.81 38.62 -37.20
C ALA H 560 -76.30 37.83 -38.43
N ASP H 561 -75.76 36.63 -38.64
CA ASP H 561 -76.20 35.76 -39.74
C ASP H 561 -77.71 35.51 -39.66
N ALA H 562 -78.15 35.02 -38.51
CA ALA H 562 -79.57 34.77 -38.29
C ALA H 562 -80.44 36.03 -38.43
N MET H 563 -79.88 37.19 -38.06
CA MET H 563 -80.63 38.44 -38.18
C MET H 563 -80.98 38.75 -39.65
N ALA H 564 -80.04 38.46 -40.54
CA ALA H 564 -80.25 38.61 -41.98
C ALA H 564 -81.29 37.62 -42.50
N HIS H 565 -81.19 36.37 -42.08
CA HIS H 565 -82.16 35.35 -42.48
C HIS H 565 -83.55 35.59 -41.92
N LEU H 566 -83.63 35.96 -40.63
CA LEU H 566 -84.87 35.86 -39.87
C LEU H 566 -85.58 37.18 -39.53
N LEU H 567 -84.93 38.30 -39.80
CA LEU H 567 -85.55 39.61 -39.63
C LEU H 567 -85.34 40.47 -40.89
N PRO H 568 -85.41 39.86 -42.09
CA PRO H 568 -85.13 40.61 -43.32
C PRO H 568 -86.08 41.79 -43.56
N ASN H 569 -87.34 41.62 -43.18
CA ASN H 569 -88.38 42.61 -43.45
C ASN H 569 -88.29 43.83 -42.55
N MET H 570 -87.29 43.87 -41.66
CA MET H 570 -87.10 45.04 -40.84
C MET H 570 -86.73 46.18 -41.75
N PHE H 571 -87.19 47.37 -41.37
CA PHE H 571 -86.83 48.61 -42.06
C PHE H 571 -85.34 48.90 -41.96
N SER H 572 -84.77 48.68 -40.78
CA SER H 572 -83.37 48.97 -40.53
C SER H 572 -82.88 48.20 -39.29
N PHE H 573 -81.57 48.01 -39.18
CA PHE H 573 -80.92 47.62 -37.91
C PHE H 573 -80.11 48.81 -37.38
N GLU H 574 -80.42 49.29 -36.19
CA GLU H 574 -79.58 50.28 -35.53
C GLU H 574 -78.46 49.52 -34.85
N MET H 575 -77.25 49.70 -35.35
CA MET H 575 -76.11 48.92 -34.88
C MET H 575 -74.85 49.73 -34.56
N TRP H 576 -74.86 51.03 -34.81
CA TRP H 576 -73.67 51.83 -34.63
C TRP H 576 -74.07 53.14 -33.96
N GLY H 577 -73.08 53.89 -33.51
CA GLY H 577 -73.28 55.28 -33.10
C GLY H 577 -73.59 55.43 -31.63
N GLY H 578 -73.93 56.67 -31.25
CA GLY H 578 -74.11 57.02 -29.85
C GLY H 578 -72.83 56.75 -29.08
N ALA H 579 -72.94 56.00 -27.98
CA ALA H 579 -71.80 55.78 -27.12
C ALA H 579 -70.93 54.58 -27.55
N THR H 580 -71.46 53.69 -28.38
CA THR H 580 -70.73 52.48 -28.77
C THR H 580 -69.32 52.77 -29.25
N PHE H 581 -69.17 53.86 -29.99
CA PHE H 581 -67.89 54.18 -30.63
C PHE H 581 -66.80 54.32 -29.58
N ASP H 582 -67.00 55.25 -28.65
CA ASP H 582 -65.97 55.54 -27.67
C ASP H 582 -65.79 54.41 -26.65
N VAL H 583 -66.87 53.70 -26.35
CA VAL H 583 -66.82 52.59 -25.38
C VAL H 583 -66.06 51.38 -25.91
N ALA H 584 -66.18 51.13 -27.21
CA ALA H 584 -65.45 50.03 -27.83
C ALA H 584 -63.94 50.20 -27.62
N TYR H 585 -63.43 51.36 -28.00
CA TYR H 585 -62.03 51.68 -27.76
C TYR H 585 -61.72 51.80 -26.26
N ARG H 586 -62.59 52.47 -25.51
CA ARG H 586 -62.29 52.79 -24.10
C ARG H 586 -62.34 51.59 -23.15
N PHE H 587 -63.42 50.80 -23.21
CA PHE H 587 -63.68 49.75 -22.22
C PHE H 587 -63.58 48.32 -22.76
N LEU H 588 -63.68 48.16 -24.09
CA LEU H 588 -63.67 46.82 -24.73
C LEU H 588 -62.34 46.47 -25.37
N ASN H 589 -61.60 47.49 -25.78
CA ASN H 589 -60.40 47.34 -26.61
C ASN H 589 -60.73 46.62 -27.91
N GLU H 590 -61.84 47.03 -28.50
CA GLU H 590 -62.28 46.55 -29.81
C GLU H 590 -62.36 47.77 -30.77
N ASP H 591 -62.23 47.50 -32.07
CA ASP H 591 -62.31 48.55 -33.09
C ASP H 591 -63.76 48.66 -33.58
N PRO H 592 -64.37 49.83 -33.35
CA PRO H 592 -65.74 49.96 -33.82
C PRO H 592 -65.85 49.80 -35.33
N TRP H 593 -64.83 50.28 -36.05
CA TRP H 593 -64.84 50.25 -37.51
C TRP H 593 -64.95 48.81 -37.99
N VAL H 594 -64.30 47.90 -37.27
CA VAL H 594 -64.39 46.48 -37.60
C VAL H 594 -65.82 46.00 -37.42
N ARG H 595 -66.36 46.23 -36.23
CA ARG H 595 -67.73 45.82 -35.91
C ARG H 595 -68.65 46.15 -37.08
N LEU H 596 -68.61 47.40 -37.51
CA LEU H 596 -69.39 47.89 -38.64
C LEU H 596 -69.23 47.02 -39.88
N GLU H 597 -67.98 46.87 -40.31
CA GLU H 597 -67.70 46.27 -41.61
C GLU H 597 -67.96 44.78 -41.61
N THR H 598 -67.63 44.13 -40.50
CA THR H 598 -67.83 42.68 -40.35
C THR H 598 -69.31 42.38 -40.47
N LEU H 599 -70.12 43.21 -39.81
CA LEU H 599 -71.56 43.05 -39.86
C LEU H 599 -72.03 43.27 -41.28
N ARG H 600 -71.56 44.36 -41.86
CA ARG H 600 -71.99 44.77 -43.19
C ARG H 600 -72.00 43.59 -44.16
N LYS H 601 -70.97 42.75 -44.09
CA LYS H 601 -70.88 41.52 -44.90
C LYS H 601 -71.86 40.45 -44.45
N GLN H 602 -71.97 40.24 -43.14
CA GLN H 602 -72.90 39.24 -42.56
C GLN H 602 -74.38 39.53 -42.84
N ILE H 603 -74.70 40.81 -42.96
CA ILE H 603 -76.05 41.26 -43.22
C ILE H 603 -76.03 42.22 -44.40
N PRO H 604 -76.19 41.68 -45.62
CA PRO H 604 -76.19 42.50 -46.81
C PRO H 604 -77.56 43.10 -47.08
N ASN H 605 -78.59 42.36 -46.66
CA ASN H 605 -79.96 42.61 -47.08
C ASN H 605 -80.61 43.81 -46.39
N VAL H 606 -80.42 43.95 -45.09
CA VAL H 606 -81.09 45.01 -44.35
C VAL H 606 -80.20 46.23 -44.18
N MET H 607 -80.81 47.40 -44.16
CA MET H 607 -80.07 48.65 -44.08
C MET H 607 -79.56 48.85 -42.68
N PHE H 608 -78.47 49.61 -42.57
CA PHE H 608 -77.82 49.91 -41.31
C PHE H 608 -78.10 51.34 -40.93
N GLN H 609 -78.35 51.56 -39.66
CA GLN H 609 -78.67 52.88 -39.14
C GLN H 609 -77.80 53.20 -37.94
N MET H 610 -77.44 54.46 -37.79
CA MET H 610 -76.69 54.89 -36.63
C MET H 610 -77.28 56.18 -36.08
N LEU H 611 -76.73 56.63 -34.95
CA LEU H 611 -77.19 57.86 -34.30
C LEU H 611 -76.01 58.83 -34.15
N LEU H 612 -76.18 60.04 -34.68
CA LEU H 612 -75.10 61.02 -34.78
C LEU H 612 -75.49 62.34 -34.12
N ARG H 613 -74.76 62.74 -33.07
CA ARG H 613 -74.92 64.08 -32.50
C ARG H 613 -74.33 65.05 -33.52
N GLY H 614 -75.19 65.68 -34.31
CA GLY H 614 -74.76 66.49 -35.44
C GLY H 614 -73.50 67.30 -35.17
N ALA H 615 -73.58 68.19 -34.18
CA ALA H 615 -72.48 69.10 -33.85
C ALA H 615 -71.13 68.39 -33.78
N ASN H 616 -71.00 67.46 -32.84
CA ASN H 616 -69.71 66.80 -32.60
C ASN H 616 -69.68 65.31 -32.96
N ALA H 617 -70.52 64.90 -33.91
CA ALA H 617 -70.59 63.51 -34.36
C ALA H 617 -70.78 62.53 -33.19
N VAL H 618 -69.79 61.68 -32.95
CA VAL H 618 -69.79 60.81 -31.77
C VAL H 618 -68.76 61.26 -30.74
N GLY H 619 -68.20 62.45 -30.94
CA GLY H 619 -67.15 62.97 -30.07
C GLY H 619 -67.65 63.51 -28.74
N TYR H 620 -66.69 63.76 -27.84
CA TYR H 620 -66.97 64.30 -26.50
C TYR H 620 -67.08 65.83 -26.48
N LYS H 621 -66.40 66.49 -27.42
CA LYS H 621 -66.42 67.97 -27.51
C LYS H 621 -66.52 68.35 -28.95
N ASN H 622 -66.48 69.66 -29.22
CA ASN H 622 -66.69 70.15 -30.57
C ASN H 622 -65.42 70.16 -31.43
N TYR H 623 -65.61 69.96 -32.73
CA TYR H 623 -64.50 69.84 -33.68
C TYR H 623 -64.71 70.73 -34.88
N PRO H 624 -63.66 70.91 -35.69
CA PRO H 624 -63.84 71.61 -36.95
C PRO H 624 -64.65 70.80 -37.98
N ASP H 625 -65.22 71.48 -38.96
CA ASP H 625 -66.23 70.90 -39.86
C ASP H 625 -65.70 69.79 -40.77
N ASN H 626 -64.42 69.85 -41.11
CA ASN H 626 -63.83 68.86 -42.02
C ASN H 626 -63.79 67.44 -41.44
N VAL H 627 -63.47 67.31 -40.14
CA VAL H 627 -63.46 65.99 -39.46
C VAL H 627 -64.85 65.35 -39.49
N ILE H 628 -65.87 66.19 -39.32
CA ILE H 628 -67.26 65.71 -39.29
C ILE H 628 -67.60 65.15 -40.65
N ARG H 629 -67.43 65.98 -41.67
CA ARG H 629 -67.65 65.57 -43.06
C ARG H 629 -66.81 64.34 -43.41
N GLU H 630 -65.57 64.31 -42.93
CA GLU H 630 -64.69 63.15 -43.12
C GLU H 630 -65.31 61.91 -42.46
N PHE H 631 -65.63 62.03 -41.17
CA PHE H 631 -66.23 60.93 -40.40
C PHE H 631 -67.42 60.32 -41.14
N VAL H 632 -68.37 61.16 -41.51
CA VAL H 632 -69.59 60.71 -42.16
C VAL H 632 -69.29 60.04 -43.51
N LYS H 633 -68.32 60.58 -44.24
CA LYS H 633 -67.90 60.01 -45.51
C LYS H 633 -67.45 58.55 -45.30
N GLN H 634 -66.51 58.36 -44.37
CA GLN H 634 -66.00 57.03 -44.03
C GLN H 634 -67.14 56.08 -43.65
N SER H 635 -67.98 56.54 -42.72
CA SER H 635 -69.10 55.74 -42.19
C SER H 635 -70.01 55.21 -43.30
N ALA H 636 -70.37 56.10 -44.21
CA ALA H 636 -71.20 55.75 -45.37
C ALA H 636 -70.48 54.70 -46.24
N GLN H 637 -69.19 54.91 -46.45
CA GLN H 637 -68.34 53.96 -47.20
C GLN H 637 -68.34 52.59 -46.54
N SER H 638 -68.18 52.59 -45.21
CA SER H 638 -68.03 51.37 -44.44
C SER H 638 -69.32 50.54 -44.36
N GLY H 639 -70.48 51.22 -44.42
CA GLY H 639 -71.77 50.50 -44.44
C GLY H 639 -73.01 51.18 -43.86
N VAL H 640 -72.87 52.39 -43.31
CA VAL H 640 -73.99 53.10 -42.66
C VAL H 640 -74.91 53.75 -43.68
N ASP H 641 -76.20 53.45 -43.60
CA ASP H 641 -77.19 53.81 -44.63
C ASP H 641 -78.17 54.89 -44.20
N VAL H 642 -78.53 54.89 -42.93
CA VAL H 642 -79.49 55.85 -42.39
C VAL H 642 -78.83 56.50 -41.21
N PHE H 643 -78.93 57.83 -41.13
CA PHE H 643 -78.27 58.56 -40.07
C PHE H 643 -79.31 59.38 -39.33
N ARG H 644 -79.73 58.88 -38.17
CA ARG H 644 -80.55 59.67 -37.25
C ARG H 644 -79.60 60.72 -36.65
N VAL H 645 -79.91 61.99 -36.84
CA VAL H 645 -79.04 63.07 -36.35
C VAL H 645 -79.88 64.07 -35.53
N PHE H 646 -79.32 64.52 -34.39
CA PHE H 646 -79.99 65.46 -33.49
C PHE H 646 -78.95 66.37 -32.87
N ASP H 647 -79.38 67.51 -32.34
CA ASP H 647 -78.51 68.34 -31.49
C ASP H 647 -79.02 68.28 -30.05
N SER H 648 -78.10 68.35 -29.09
CA SER H 648 -78.42 68.18 -27.67
C SER H 648 -79.33 69.27 -27.12
N LEU H 649 -79.36 70.43 -27.76
CA LEU H 649 -80.21 71.54 -27.30
C LEU H 649 -81.46 71.69 -28.18
N ASN H 650 -81.61 70.84 -29.19
CA ASN H 650 -82.68 70.96 -30.19
C ASN H 650 -82.60 72.26 -30.98
N TRP H 651 -81.36 72.68 -31.26
CA TRP H 651 -81.06 73.92 -31.95
C TRP H 651 -80.39 73.57 -33.34
N ILE H 652 -81.05 73.98 -34.42
CA ILE H 652 -80.77 73.41 -35.74
C ILE H 652 -79.45 73.86 -36.34
N LYS H 653 -78.88 74.95 -35.80
CA LYS H 653 -77.57 75.50 -36.21
C LYS H 653 -76.51 74.41 -36.19
N GLY H 654 -76.47 73.68 -35.09
CA GLY H 654 -75.43 72.68 -34.86
C GLY H 654 -75.48 71.49 -35.80
N MET H 655 -76.69 71.11 -36.24
CA MET H 655 -76.89 69.93 -37.10
C MET H 655 -76.46 70.13 -38.56
N GLU H 656 -76.45 71.39 -39.03
CA GLU H 656 -76.26 71.68 -40.47
C GLU H 656 -75.10 70.95 -41.14
N VAL H 657 -73.92 71.04 -40.52
CA VAL H 657 -72.68 70.48 -41.07
C VAL H 657 -72.84 69.03 -41.51
N SER H 658 -73.35 68.23 -40.58
CA SER H 658 -73.36 66.78 -40.72
C SER H 658 -74.44 66.30 -41.69
N ILE H 659 -75.58 67.00 -41.71
CA ILE H 659 -76.72 66.60 -42.54
C ILE H 659 -76.34 66.65 -44.00
N ASP H 660 -75.63 67.71 -44.37
CA ASP H 660 -75.19 67.93 -45.74
C ASP H 660 -74.25 66.81 -46.17
N ALA H 661 -73.38 66.39 -45.25
CA ALA H 661 -72.45 65.29 -45.50
C ALA H 661 -73.17 64.01 -45.91
N VAL H 662 -74.33 63.77 -45.32
CA VAL H 662 -75.12 62.56 -45.59
C VAL H 662 -75.82 62.65 -46.95
N ARG H 663 -76.32 63.84 -47.29
CA ARG H 663 -76.85 64.11 -48.62
C ARG H 663 -75.71 63.95 -49.63
N GLU H 664 -74.54 64.52 -49.29
CA GLU H 664 -73.34 64.42 -50.10
C GLU H 664 -72.76 62.99 -50.14
N ALA H 665 -72.99 62.23 -49.08
CA ALA H 665 -72.73 60.79 -49.07
C ALA H 665 -73.72 60.04 -49.97
N GLY H 666 -74.87 60.66 -50.25
CA GLY H 666 -75.92 60.08 -51.08
C GLY H 666 -76.72 59.06 -50.30
N LYS H 667 -76.80 59.26 -48.98
CA LYS H 667 -77.46 58.34 -48.05
C LYS H 667 -78.57 59.05 -47.32
N ILE H 668 -79.34 58.26 -46.56
CA ILE H 668 -80.58 58.74 -45.94
C ILE H 668 -80.34 59.63 -44.72
N VAL H 669 -81.03 60.76 -44.68
CA VAL H 669 -81.00 61.63 -43.50
C VAL H 669 -82.31 61.47 -42.74
N GLU H 670 -82.19 61.18 -41.44
CA GLU H 670 -83.31 61.20 -40.51
C GLU H 670 -83.04 62.26 -39.44
N ALA H 671 -83.23 63.52 -39.82
CA ALA H 671 -83.19 64.62 -38.87
C ALA H 671 -84.27 64.34 -37.83
N ALA H 672 -83.89 64.42 -36.56
CA ALA H 672 -84.81 64.02 -35.50
C ALA H 672 -84.94 65.04 -34.38
N ILE H 673 -86.19 65.16 -33.93
CA ILE H 673 -86.52 66.12 -32.90
C ILE H 673 -86.59 65.41 -31.57
N CYS H 674 -85.77 65.89 -30.64
CA CYS H 674 -85.76 65.36 -29.28
C CYS H 674 -86.96 65.93 -28.50
N TYR H 675 -87.75 65.05 -27.87
CA TYR H 675 -88.98 65.45 -27.14
C TYR H 675 -88.72 65.74 -25.65
N THR H 676 -89.27 66.83 -25.15
CA THR H 676 -89.15 67.19 -23.71
C THR H 676 -90.52 67.66 -23.20
N GLY H 677 -90.60 68.08 -21.92
CA GLY H 677 -91.82 68.64 -21.31
C GLY H 677 -93.11 67.84 -21.52
N ASP H 678 -94.24 68.54 -21.50
CA ASP H 678 -95.54 67.90 -21.77
C ASP H 678 -96.39 68.72 -22.75
N ILE H 679 -96.68 68.14 -23.91
CA ILE H 679 -97.54 68.76 -24.91
C ILE H 679 -98.98 68.89 -24.40
N ASP H 680 -99.50 67.87 -23.73
CA ASP H 680 -100.89 67.90 -23.24
C ASP H 680 -101.14 68.83 -22.09
N ASP H 681 -100.13 69.02 -21.24
CA ASP H 681 -100.22 69.96 -20.13
C ASP H 681 -99.68 71.33 -20.54
N ASP H 682 -100.56 72.34 -20.50
CA ASP H 682 -100.25 73.68 -21.00
C ASP H 682 -99.66 74.62 -19.93
N THR H 683 -99.66 74.18 -18.68
CA THR H 683 -99.04 74.93 -17.58
C THR H 683 -97.64 75.43 -17.97
N ARG H 684 -96.88 74.55 -18.63
CA ARG H 684 -95.57 74.88 -19.19
C ARG H 684 -95.75 75.04 -20.71
N THR H 685 -95.70 76.30 -21.16
CA THR H 685 -96.07 76.67 -22.52
C THR H 685 -94.96 76.41 -23.56
N LYS H 686 -93.70 76.68 -23.17
CA LYS H 686 -92.51 76.79 -24.07
C LYS H 686 -92.42 75.76 -25.20
N TYR H 687 -92.75 74.50 -24.90
CA TYR H 687 -92.66 73.41 -25.88
C TYR H 687 -94.05 72.97 -26.27
N THR H 688 -94.72 73.84 -27.03
CA THR H 688 -96.09 73.68 -27.45
C THR H 688 -96.18 72.76 -28.66
N ILE H 689 -97.32 72.09 -28.83
CA ILE H 689 -97.58 71.30 -30.04
C ILE H 689 -97.25 72.10 -31.31
N ASP H 690 -97.54 73.42 -31.29
CA ASP H 690 -97.18 74.34 -32.42
C ASP H 690 -95.65 74.33 -32.64
N TYR H 691 -94.89 74.53 -31.54
CA TYR H 691 -93.44 74.63 -31.60
C TYR H 691 -92.75 73.41 -32.23
N TYR H 692 -93.22 72.19 -31.94
CA TYR H 692 -92.74 70.97 -32.61
C TYR H 692 -93.21 70.88 -34.07
N LYS H 693 -94.43 71.35 -34.34
CA LYS H 693 -94.94 71.43 -35.71
C LYS H 693 -94.09 72.40 -36.53
N ASP H 694 -93.79 73.56 -35.95
CA ASP H 694 -92.93 74.57 -36.60
C ASP H 694 -91.52 74.06 -36.86
N MET H 695 -90.88 73.56 -35.81
CA MET H 695 -89.53 73.02 -35.87
C MET H 695 -89.35 71.89 -36.94
N ALA H 696 -90.39 71.08 -37.12
CA ALA H 696 -90.43 70.02 -38.16
C ALA H 696 -90.47 70.60 -39.58
N LYS H 697 -91.16 71.71 -39.75
CA LYS H 697 -91.16 72.44 -41.02
C LYS H 697 -89.72 72.79 -41.40
N GLU H 698 -88.98 73.43 -40.49
CA GLU H 698 -87.61 73.92 -40.84
C GLU H 698 -86.63 72.81 -41.13
N LEU H 699 -86.88 71.63 -40.58
CA LEU H 699 -86.04 70.45 -40.82
C LEU H 699 -86.35 69.77 -42.16
N VAL H 700 -87.61 69.89 -42.60
CA VAL H 700 -87.98 69.49 -43.97
C VAL H 700 -87.39 70.50 -44.96
N ALA H 701 -87.39 71.79 -44.57
CA ALA H 701 -86.74 72.88 -45.32
C ALA H 701 -85.22 72.68 -45.42
N GLN H 702 -84.57 72.40 -44.29
CA GLN H 702 -83.13 72.05 -44.26
C GLN H 702 -82.88 70.73 -45.00
N GLY H 703 -83.95 69.98 -45.26
CA GLY H 703 -83.89 68.77 -46.08
C GLY H 703 -83.61 67.56 -45.22
N THR H 704 -84.56 66.62 -45.21
CA THR H 704 -84.38 65.35 -44.54
C THR H 704 -85.28 64.29 -45.16
N HIS H 705 -84.69 63.20 -45.63
CA HIS H 705 -85.46 62.11 -46.27
C HIS H 705 -86.58 61.59 -45.36
N ILE H 706 -86.34 61.61 -44.04
CA ILE H 706 -87.28 61.14 -43.02
C ILE H 706 -87.20 62.04 -41.76
N LEU H 707 -88.31 62.16 -41.04
CA LEU H 707 -88.31 62.87 -39.77
C LEU H 707 -88.58 61.91 -38.63
N GLY H 708 -87.59 61.75 -37.77
CA GLY H 708 -87.72 60.92 -36.58
C GLY H 708 -87.94 61.74 -35.32
N ILE H 709 -88.63 61.15 -34.36
CA ILE H 709 -88.81 61.77 -33.05
C ILE H 709 -88.11 60.93 -31.99
N LYS H 710 -87.06 61.49 -31.40
CA LYS H 710 -86.26 60.80 -30.39
C LYS H 710 -86.77 61.20 -29.00
N ASP H 711 -87.59 60.34 -28.41
CA ASP H 711 -88.05 60.50 -27.03
C ASP H 711 -87.07 59.79 -26.10
N MET H 712 -85.99 60.47 -25.73
CA MET H 712 -84.88 59.81 -25.04
C MET H 712 -85.18 59.42 -23.59
N ALA H 713 -86.24 59.98 -22.99
CA ALA H 713 -86.51 59.69 -21.58
C ALA H 713 -87.68 58.73 -21.37
N GLY H 714 -88.61 58.67 -22.32
CA GLY H 714 -89.85 57.90 -22.18
C GLY H 714 -91.03 58.77 -21.78
N LEU H 715 -90.91 60.06 -22.08
CA LEU H 715 -91.88 61.09 -21.63
C LEU H 715 -93.15 61.16 -22.49
N LEU H 716 -93.09 60.66 -23.72
CA LEU H 716 -94.24 60.72 -24.62
C LEU H 716 -95.33 59.77 -24.15
N LYS H 717 -96.27 60.34 -23.39
CA LYS H 717 -97.42 59.61 -22.89
C LYS H 717 -98.21 59.15 -24.10
N PRO H 718 -98.90 58.00 -24.00
CA PRO H 718 -99.60 57.46 -25.19
C PRO H 718 -100.67 58.39 -25.80
N GLN H 719 -101.44 59.08 -24.96
CA GLN H 719 -102.43 60.04 -25.48
C GLN H 719 -101.76 61.17 -26.27
N ALA H 720 -100.64 61.70 -25.77
CA ALA H 720 -99.87 62.75 -26.48
C ALA H 720 -99.31 62.25 -27.84
N ALA H 721 -98.96 60.97 -27.91
CA ALA H 721 -98.45 60.36 -29.14
C ALA H 721 -99.49 60.27 -30.26
N TYR H 722 -100.72 59.90 -29.90
CA TYR H 722 -101.82 59.88 -30.87
C TYR H 722 -101.97 61.27 -31.49
N ARG H 723 -101.98 62.29 -30.64
CA ARG H 723 -102.09 63.67 -31.08
C ARG H 723 -100.91 64.09 -31.96
N LEU H 724 -99.70 63.79 -31.52
CA LEU H 724 -98.50 64.29 -32.22
C LEU H 724 -98.26 63.70 -33.60
N ILE H 725 -98.51 62.41 -33.79
CA ILE H 725 -98.34 61.78 -35.09
C ILE H 725 -99.37 62.29 -36.08
N GLY H 726 -100.63 62.28 -35.66
CA GLY H 726 -101.72 62.83 -36.47
C GLY H 726 -101.55 64.31 -36.83
N GLU H 727 -101.01 65.10 -35.90
CA GLU H 727 -100.79 66.55 -36.11
C GLU H 727 -99.55 66.85 -36.97
N LEU H 728 -98.54 65.97 -36.93
CA LEU H 728 -97.34 66.13 -37.79
C LEU H 728 -97.51 65.52 -39.16
N LYS H 729 -98.30 64.45 -39.29
CA LYS H 729 -98.62 63.94 -40.62
C LYS H 729 -99.40 64.97 -41.43
N ASP H 730 -100.23 65.76 -40.74
CA ASP H 730 -100.89 66.92 -41.33
C ASP H 730 -99.88 67.99 -41.71
N THR H 731 -99.00 68.33 -40.76
CA THR H 731 -98.08 69.45 -40.93
C THR H 731 -97.05 69.24 -42.06
N VAL H 732 -96.57 68.01 -42.25
CA VAL H 732 -95.51 67.75 -43.25
C VAL H 732 -95.69 66.40 -43.97
N ASP H 733 -95.19 66.32 -45.21
CA ASP H 733 -95.44 65.16 -46.10
C ASP H 733 -94.47 63.97 -45.85
N VAL H 734 -93.32 64.21 -45.20
CA VAL H 734 -92.31 63.15 -44.92
C VAL H 734 -92.84 61.94 -44.13
N PRO H 735 -92.21 60.75 -44.27
CA PRO H 735 -92.51 59.64 -43.36
C PRO H 735 -91.97 59.92 -41.96
N ILE H 736 -92.58 59.30 -40.94
CA ILE H 736 -92.19 59.52 -39.55
C ILE H 736 -91.74 58.24 -38.82
N HIS H 737 -90.74 58.44 -37.95
CA HIS H 737 -89.97 57.38 -37.31
C HIS H 737 -89.84 57.73 -35.81
N LEU H 738 -90.33 56.85 -34.93
CA LEU H 738 -90.39 57.18 -33.49
C LEU H 738 -89.53 56.27 -32.61
N HIS H 739 -88.77 56.91 -31.73
CA HIS H 739 -87.85 56.25 -30.79
C HIS H 739 -88.35 56.62 -29.41
N THR H 740 -88.71 55.62 -28.60
CA THR H 740 -89.06 55.86 -27.21
C THR H 740 -88.43 54.82 -26.29
N HIS H 741 -88.35 55.17 -25.01
CA HIS H 741 -87.82 54.29 -23.95
C HIS H 741 -88.95 53.89 -23.00
N ASP H 742 -88.99 52.60 -22.67
CA ASP H 742 -90.08 52.01 -21.90
C ASP H 742 -89.95 52.21 -20.38
N THR H 743 -89.20 53.21 -19.95
CA THR H 743 -88.98 53.45 -18.51
C THR H 743 -90.34 53.51 -17.77
N SER H 744 -91.29 54.24 -18.37
CA SER H 744 -92.61 54.49 -17.80
C SER H 744 -93.53 53.27 -17.66
N GLY H 745 -93.34 52.27 -18.52
CA GLY H 745 -94.27 51.15 -18.62
C GLY H 745 -95.28 51.34 -19.74
N ASN H 746 -95.26 52.54 -20.33
CA ASN H 746 -96.19 52.92 -21.40
C ASN H 746 -95.51 52.92 -22.77
N GLY H 747 -94.51 52.08 -22.93
CA GLY H 747 -93.75 52.04 -24.16
C GLY H 747 -94.57 51.49 -25.30
N ILE H 748 -95.08 50.26 -25.13
CA ILE H 748 -95.86 49.61 -26.17
C ILE H 748 -97.14 50.39 -26.46
N TYR H 749 -97.76 50.96 -25.43
CA TYR H 749 -98.99 51.73 -25.64
C TYR H 749 -98.68 53.01 -26.43
N THR H 750 -97.61 53.72 -26.08
CA THR H 750 -97.21 54.91 -26.83
C THR H 750 -97.02 54.60 -28.32
N TYR H 751 -96.54 53.40 -28.65
CA TYR H 751 -96.46 52.97 -30.07
C TYR H 751 -97.80 52.72 -30.71
N ALA H 752 -98.67 52.00 -30.00
CA ALA H 752 -100.00 51.72 -30.50
C ALA H 752 -100.73 53.02 -30.85
N ALA H 753 -100.51 54.06 -30.04
CA ALA H 753 -101.03 55.40 -30.32
C ALA H 753 -100.49 55.94 -31.63
N ALA H 754 -99.18 55.80 -31.82
CA ALA H 754 -98.54 56.22 -33.05
C ALA H 754 -99.07 55.44 -34.25
N VAL H 755 -99.22 54.12 -34.12
CA VAL H 755 -99.72 53.28 -35.22
C VAL H 755 -101.18 53.59 -35.59
N SER H 756 -101.98 53.87 -34.57
CA SER H 756 -103.35 54.36 -34.78
C SER H 756 -103.30 55.68 -35.55
N ALA H 757 -102.45 56.61 -35.10
CA ALA H 757 -102.25 57.90 -35.79
C ALA H 757 -101.41 57.80 -37.08
N GLY H 758 -101.01 56.59 -37.46
CA GLY H 758 -100.48 56.31 -38.78
C GLY H 758 -99.00 56.58 -39.04
N VAL H 759 -98.16 56.44 -38.01
CA VAL H 759 -96.72 56.68 -38.16
C VAL H 759 -96.06 55.50 -38.88
N ASP H 760 -94.98 55.78 -39.62
CA ASP H 760 -94.37 54.80 -40.55
C ASP H 760 -93.42 53.79 -39.90
N ILE H 761 -92.50 54.28 -39.05
CA ILE H 761 -91.43 53.46 -38.44
C ILE H 761 -91.23 53.66 -36.94
N VAL H 762 -91.00 52.56 -36.22
CA VAL H 762 -90.74 52.59 -34.77
C VAL H 762 -89.59 51.69 -34.34
N ASP H 763 -88.96 52.06 -33.21
CA ASP H 763 -87.79 51.35 -32.67
C ASP H 763 -88.14 50.31 -31.60
N VAL H 764 -87.78 49.06 -31.84
CA VAL H 764 -88.01 47.98 -30.86
C VAL H 764 -86.75 47.13 -30.71
N ALA H 765 -86.77 46.22 -29.75
CA ALA H 765 -85.64 45.33 -29.48
C ALA H 765 -86.15 43.95 -29.10
N SER H 766 -85.27 42.96 -29.13
CA SER H 766 -85.68 41.62 -28.80
C SER H 766 -86.22 41.59 -27.38
N SER H 767 -87.28 40.81 -27.16
CA SER H 767 -87.92 40.73 -25.85
C SER H 767 -86.85 40.73 -24.73
N ALA H 768 -85.86 39.86 -24.83
CA ALA H 768 -84.89 39.69 -23.75
C ALA H 768 -84.03 40.92 -23.48
N MET H 769 -84.04 41.88 -24.40
CA MET H 769 -83.32 43.12 -24.18
C MET H 769 -84.24 44.32 -24.23
N SER H 770 -85.54 44.06 -24.12
CA SER H 770 -86.54 45.13 -24.12
C SER H 770 -86.91 45.50 -22.71
N GLY H 771 -87.73 46.53 -22.60
CA GLY H 771 -88.25 46.95 -21.31
C GLY H 771 -87.37 47.95 -20.57
N ALA H 772 -87.85 48.40 -19.43
CA ALA H 772 -87.08 49.29 -18.58
C ALA H 772 -86.64 50.49 -19.38
N THR H 773 -85.37 50.86 -19.25
CA THR H 773 -84.82 51.97 -20.00
C THR H 773 -84.51 51.63 -21.48
N SER H 774 -84.89 50.44 -21.93
CA SER H 774 -84.72 50.02 -23.33
C SER H 774 -85.97 50.32 -24.15
N GLN H 775 -85.92 49.96 -25.42
CA GLN H 775 -87.08 50.02 -26.29
C GLN H 775 -88.06 48.91 -25.95
N PRO H 776 -89.31 49.01 -26.41
CA PRO H 776 -90.32 47.97 -26.22
C PRO H 776 -90.07 46.73 -27.07
N SER H 777 -90.65 45.61 -26.65
CA SER H 777 -90.38 44.35 -27.33
C SER H 777 -90.90 44.38 -28.77
N MET H 778 -90.08 43.97 -29.72
CA MET H 778 -90.51 43.81 -31.10
C MET H 778 -91.63 42.77 -31.16
N THR H 779 -91.38 41.63 -30.53
CA THR H 779 -92.31 40.53 -30.53
C THR H 779 -93.52 40.92 -29.69
N GLY H 780 -93.28 41.75 -28.67
CA GLY H 780 -94.36 42.32 -27.87
C GLY H 780 -95.31 43.16 -28.70
N LEU H 781 -94.75 44.07 -29.50
CA LEU H 781 -95.55 44.96 -30.36
C LEU H 781 -96.37 44.19 -31.39
N TYR H 782 -95.74 43.23 -32.07
CA TYR H 782 -96.43 42.43 -33.08
C TYR H 782 -97.67 41.78 -32.49
N TYR H 783 -97.52 41.09 -31.38
CA TYR H 783 -98.66 40.45 -30.71
C TYR H 783 -99.65 41.46 -30.14
N GLY H 784 -99.20 42.69 -29.94
CA GLY H 784 -100.07 43.80 -29.54
C GLY H 784 -100.97 44.30 -30.65
N LEU H 785 -100.41 44.43 -31.86
CA LEU H 785 -101.13 44.95 -33.04
C LEU H 785 -101.70 43.86 -33.95
N VAL H 786 -101.61 42.59 -33.52
CA VAL H 786 -101.74 41.43 -34.41
C VAL H 786 -103.00 41.38 -35.28
N ASN H 787 -104.17 41.73 -34.73
CA ASN H 787 -105.39 41.69 -35.54
C ASN H 787 -106.10 43.04 -35.62
N GLY H 788 -105.38 44.12 -35.34
CA GLY H 788 -105.91 45.46 -35.46
C GLY H 788 -106.02 45.90 -36.91
N ASN H 789 -106.37 47.18 -37.09
CA ASN H 789 -106.52 47.76 -38.43
C ASN H 789 -105.15 47.79 -39.11
N ARG H 790 -104.15 48.26 -38.38
CA ARG H 790 -102.77 48.35 -38.88
C ARG H 790 -101.90 47.33 -38.13
N GLN H 791 -100.88 46.80 -38.81
CA GLN H 791 -100.02 45.77 -38.23
C GLN H 791 -98.56 45.91 -38.65
N THR H 792 -97.73 44.96 -38.18
CA THR H 792 -96.32 44.87 -38.58
C THR H 792 -96.07 43.45 -38.99
N ASN H 793 -95.46 43.28 -40.16
CA ASN H 793 -95.26 41.95 -40.70
C ASN H 793 -93.87 41.42 -40.33
N LEU H 794 -93.83 40.62 -39.26
CA LEU H 794 -92.64 39.95 -38.79
C LEU H 794 -93.04 38.56 -38.31
N ASP H 795 -92.29 37.54 -38.70
CA ASP H 795 -92.57 36.19 -38.21
C ASP H 795 -92.32 36.16 -36.70
N ALA H 796 -93.41 36.00 -35.95
CA ALA H 796 -93.34 35.94 -34.50
C ALA H 796 -92.29 34.91 -34.07
N GLN H 797 -92.48 33.66 -34.47
CA GLN H 797 -91.59 32.59 -34.07
C GLN H 797 -90.12 32.91 -34.33
N ASN H 798 -89.85 33.53 -35.46
CA ASN H 798 -88.48 33.92 -35.78
C ASN H 798 -87.90 34.78 -34.69
N SER H 799 -88.58 35.90 -34.42
CA SER H 799 -88.09 36.90 -33.47
C SER H 799 -87.82 36.28 -32.11
N GLN H 800 -88.61 35.25 -31.77
CA GLN H 800 -88.43 34.49 -30.54
C GLN H 800 -87.15 33.68 -30.56
N ILE H 801 -86.85 33.05 -31.71
CA ILE H 801 -85.63 32.26 -31.82
C ILE H 801 -84.41 33.17 -31.60
N ILE H 802 -84.42 34.34 -32.24
CA ILE H 802 -83.39 35.38 -31.99
C ILE H 802 -83.33 35.72 -30.52
N ASN H 803 -84.48 35.90 -29.90
CA ASN H 803 -84.56 36.23 -28.48
C ASN H 803 -83.88 35.21 -27.59
N HIS H 804 -84.09 33.93 -27.91
CA HIS H 804 -83.51 32.84 -27.11
C HIS H 804 -82.02 32.97 -26.95
N TYR H 805 -81.38 33.46 -28.00
CA TYR H 805 -79.95 33.72 -27.97
C TYR H 805 -79.69 34.79 -26.92
N TRP H 806 -80.24 35.98 -27.16
CA TRP H 806 -80.04 37.09 -26.26
C TRP H 806 -80.44 36.77 -24.82
N GLU H 807 -81.59 36.12 -24.61
CA GLU H 807 -81.95 35.61 -23.27
C GLU H 807 -80.72 35.02 -22.60
N ASP H 808 -80.10 34.06 -23.29
CA ASP H 808 -78.93 33.37 -22.75
C ASP H 808 -77.68 34.25 -22.63
N VAL H 809 -77.46 35.14 -23.59
CA VAL H 809 -76.24 35.95 -23.61
C VAL H 809 -76.19 37.01 -22.52
N ARG H 810 -77.31 37.63 -22.24
CA ARG H 810 -77.34 38.70 -21.26
C ARG H 810 -76.65 38.32 -19.96
N HIS H 811 -76.71 37.04 -19.59
CA HIS H 811 -76.11 36.60 -18.33
C HIS H 811 -74.62 36.89 -18.22
N TYR H 812 -73.95 36.92 -19.37
CA TYR H 812 -72.54 37.26 -19.40
C TYR H 812 -72.33 38.62 -18.77
N TYR H 813 -73.33 39.48 -18.90
CA TYR H 813 -73.18 40.88 -18.54
C TYR H 813 -73.87 41.26 -17.22
N LYS H 814 -74.24 40.28 -16.40
CA LYS H 814 -74.90 40.57 -15.11
C LYS H 814 -74.16 41.66 -14.30
N ASP H 815 -72.84 41.67 -14.32
CA ASP H 815 -72.05 42.78 -13.74
C ASP H 815 -72.46 44.19 -14.17
N PHE H 816 -73.04 44.31 -15.34
CA PHE H 816 -73.39 45.60 -15.86
C PHE H 816 -74.89 45.79 -15.93
N ASP H 817 -75.64 44.81 -15.41
CA ASP H 817 -77.09 44.83 -15.51
C ASP H 817 -77.66 45.44 -14.23
N ASN H 818 -77.25 46.68 -13.96
CA ASN H 818 -77.67 47.40 -12.76
C ASN H 818 -79.03 48.09 -12.92
N ALA H 819 -79.70 47.87 -14.06
CA ALA H 819 -80.98 48.51 -14.33
C ALA H 819 -82.09 47.98 -13.41
N LEU H 820 -83.02 48.87 -13.04
CA LEU H 820 -84.21 48.49 -12.25
C LEU H 820 -85.23 47.83 -13.16
N ASN H 821 -85.92 46.82 -12.67
CA ASN H 821 -86.70 45.92 -13.52
C ASN H 821 -88.24 45.97 -13.28
N SER H 822 -88.72 47.15 -12.87
CA SER H 822 -90.17 47.45 -12.75
C SER H 822 -90.45 48.88 -13.25
N PRO H 823 -91.72 49.18 -13.64
CA PRO H 823 -92.00 50.51 -14.18
C PRO H 823 -91.66 51.63 -13.20
N GLN H 824 -90.66 52.44 -13.56
CA GLN H 824 -90.27 53.61 -12.76
C GLN H 824 -91.05 54.84 -13.24
N THR H 825 -92.23 55.07 -12.64
CA THR H 825 -93.16 56.14 -13.05
C THR H 825 -92.68 57.54 -12.65
N GLU H 826 -91.73 57.59 -11.72
CA GLU H 826 -91.19 58.85 -11.22
C GLU H 826 -90.53 59.67 -12.33
N VAL H 827 -90.18 59.01 -13.42
CA VAL H 827 -89.47 59.61 -14.55
C VAL H 827 -90.03 60.93 -15.09
N TYR H 828 -91.35 61.09 -15.05
CA TYR H 828 -92.00 62.26 -15.61
C TYR H 828 -91.60 63.52 -14.82
N ILE H 829 -91.47 63.37 -13.50
CA ILE H 829 -91.09 64.49 -12.61
C ILE H 829 -89.67 64.99 -12.90
N HIS H 830 -88.69 64.09 -12.78
CA HIS H 830 -87.29 64.48 -12.95
C HIS H 830 -86.84 64.51 -14.41
N GLU H 831 -87.62 63.89 -15.29
CA GLU H 831 -87.42 63.97 -16.73
C GLU H 831 -86.05 63.43 -17.21
N MET H 832 -85.23 62.90 -16.29
CA MET H 832 -83.83 62.50 -16.57
C MET H 832 -83.83 61.43 -17.72
N PRO H 833 -82.64 61.12 -18.31
CA PRO H 833 -82.66 60.30 -19.53
C PRO H 833 -83.22 58.91 -19.27
N ARG H 943 -72.44 78.50 -34.10
CA ARG H 943 -71.70 77.23 -34.24
C ARG H 943 -70.16 77.32 -34.03
N PRO H 944 -69.66 76.83 -32.89
CA PRO H 944 -68.23 76.96 -32.61
C PRO H 944 -67.31 76.14 -33.53
N GLY H 945 -67.83 75.04 -34.09
CA GLY H 945 -67.07 74.17 -34.99
C GLY H 945 -66.53 74.88 -36.22
N ALA H 946 -67.36 75.71 -36.84
CA ALA H 946 -66.95 76.48 -38.03
C ALA H 946 -65.84 77.48 -37.70
N LEU H 947 -65.95 78.17 -36.56
CA LEU H 947 -64.97 79.18 -36.14
C LEU H 947 -63.62 78.55 -35.80
N MET H 948 -63.64 77.36 -35.22
CA MET H 948 -62.42 76.58 -34.97
C MET H 948 -61.63 76.28 -36.24
N GLU H 949 -60.31 76.36 -36.13
CA GLU H 949 -59.43 76.09 -37.28
C GLU H 949 -59.43 74.62 -37.76
N PRO H 950 -59.53 74.39 -39.08
CA PRO H 950 -59.55 72.97 -39.49
C PRO H 950 -58.29 72.19 -39.13
N VAL H 951 -58.44 70.87 -39.05
CA VAL H 951 -57.32 69.97 -38.87
C VAL H 951 -56.76 69.62 -40.23
N ASN H 952 -55.43 69.66 -40.34
CA ASN H 952 -54.73 69.16 -41.51
C ASN H 952 -54.46 67.69 -41.26
N PHE H 953 -55.09 66.84 -42.08
CA PHE H 953 -55.07 65.40 -41.85
C PHE H 953 -53.66 64.81 -41.94
N VAL H 954 -52.84 65.35 -42.84
CA VAL H 954 -51.51 64.79 -43.13
C VAL H 954 -50.50 65.09 -42.00
N GLU H 955 -50.52 66.32 -41.46
CA GLU H 955 -49.61 66.69 -40.34
C GLU H 955 -49.86 65.80 -39.12
N VAL H 956 -51.15 65.54 -38.81
CA VAL H 956 -51.52 64.64 -37.70
C VAL H 956 -51.31 63.15 -38.13
N LYS H 957 -51.68 62.79 -39.37
CA LYS H 957 -51.46 61.43 -39.90
C LYS H 957 -50.00 60.98 -39.75
N ALA H 958 -49.09 61.92 -39.96
CA ALA H 958 -47.66 61.68 -39.75
C ALA H 958 -47.31 61.69 -38.26
N GLU H 959 -47.91 62.62 -37.51
CA GLU H 959 -47.72 62.67 -36.04
C GLU H 959 -48.05 61.33 -35.40
N LEU H 960 -49.22 60.80 -35.77
CA LEU H 960 -49.70 59.49 -35.29
C LEU H 960 -48.74 58.36 -35.73
N LYS H 961 -48.41 58.31 -37.02
CA LYS H 961 -47.52 57.26 -37.56
C LYS H 961 -46.23 57.17 -36.75
N GLU H 962 -45.70 58.33 -36.37
CA GLU H 962 -44.52 58.46 -35.49
C GLU H 962 -44.83 58.00 -34.07
N LYS H 963 -46.01 58.41 -33.61
CA LYS H 963 -46.54 58.03 -32.31
C LYS H 963 -46.85 56.51 -32.25
N MET H 964 -47.59 56.02 -33.23
CA MET H 964 -47.90 54.59 -33.35
C MET H 964 -46.68 53.87 -33.90
N GLY H 965 -46.71 52.54 -33.85
CA GLY H 965 -45.63 51.73 -34.39
C GLY H 965 -45.45 51.82 -35.90
N TYR H 966 -46.53 52.10 -36.63
CA TYR H 966 -46.55 51.95 -38.10
C TYR H 966 -47.40 53.02 -38.81
N GLU H 967 -47.66 52.83 -40.11
CA GLU H 967 -48.46 53.73 -40.92
C GLU H 967 -49.96 53.45 -40.73
N PRO H 968 -50.74 54.48 -40.33
CA PRO H 968 -52.17 54.32 -40.02
C PRO H 968 -53.07 54.34 -41.24
N THR H 969 -54.26 53.77 -41.11
CA THR H 969 -55.28 53.85 -42.17
C THR H 969 -56.08 55.12 -41.95
N GLU H 970 -56.91 55.45 -42.93
CA GLU H 970 -57.72 56.68 -42.91
C GLU H 970 -58.60 56.71 -41.65
N LYS H 971 -59.22 55.56 -41.37
CA LYS H 971 -60.09 55.39 -40.20
C LYS H 971 -59.34 55.61 -38.88
N ASP H 972 -58.18 54.97 -38.73
CA ASP H 972 -57.37 55.11 -37.52
C ASP H 972 -57.16 56.58 -37.18
N VAL H 973 -56.99 57.40 -38.23
CA VAL H 973 -56.74 58.82 -38.07
C VAL H 973 -57.94 59.55 -37.46
N ILE H 974 -59.12 59.42 -38.05
CA ILE H 974 -60.30 60.14 -37.58
C ILE H 974 -60.51 59.81 -36.11
N SER H 975 -60.51 58.51 -35.81
CA SER H 975 -60.65 58.01 -34.45
C SER H 975 -59.69 58.74 -33.50
N TYR H 976 -58.41 58.83 -33.89
CA TYR H 976 -57.40 59.54 -33.08
C TYR H 976 -57.81 60.98 -32.82
N ILE H 977 -58.24 61.65 -33.89
CA ILE H 977 -58.67 63.04 -33.81
C ILE H 977 -59.82 63.20 -32.80
N LEU H 978 -60.81 62.31 -32.90
CA LEU H 978 -62.01 62.38 -32.07
C LEU H 978 -61.72 62.02 -30.63
N TYR H 979 -60.95 60.95 -30.41
CA TYR H 979 -60.61 60.51 -29.07
C TYR H 979 -59.11 60.20 -28.97
N PRO H 980 -58.27 61.24 -28.82
CA PRO H 980 -56.83 61.04 -28.86
C PRO H 980 -56.28 60.34 -27.63
N LYS H 981 -56.67 60.79 -26.44
CA LYS H 981 -56.19 60.16 -25.20
C LYS H 981 -56.49 58.69 -25.23
N VAL H 982 -57.73 58.32 -25.57
CA VAL H 982 -58.14 56.91 -25.53
C VAL H 982 -57.54 56.08 -26.66
N PHE H 983 -57.36 56.68 -27.84
CA PHE H 983 -56.90 55.92 -29.00
C PHE H 983 -55.49 55.42 -28.79
N LEU H 984 -54.62 56.28 -28.27
CA LEU H 984 -53.26 55.87 -27.91
C LEU H 984 -53.33 54.81 -26.81
N ASP H 985 -54.13 55.08 -25.77
CA ASP H 985 -54.33 54.14 -24.68
C ASP H 985 -54.81 52.77 -25.20
N TYR H 986 -55.69 52.80 -26.18
CA TYR H 986 -56.18 51.59 -26.85
C TYR H 986 -55.04 50.89 -27.59
N GLN H 987 -54.28 51.66 -28.34
CA GLN H 987 -53.10 51.13 -29.03
C GLN H 987 -52.10 50.49 -28.08
N GLU H 988 -51.68 51.24 -27.06
CA GLU H 988 -50.73 50.75 -26.06
C GLU H 988 -51.22 49.44 -25.46
N MET H 989 -52.53 49.35 -25.24
CA MET H 989 -53.12 48.15 -24.63
C MET H 989 -53.20 47.00 -25.63
N ILE H 990 -53.47 47.29 -26.90
CA ILE H 990 -53.51 46.23 -27.92
C ILE H 990 -52.13 45.66 -28.20
N ASN H 991 -51.10 46.50 -28.11
CA ASN H 991 -49.71 46.03 -28.26
C ASN H 991 -49.34 45.08 -27.13
N LYS H 992 -49.76 45.42 -25.93
CA LYS H 992 -49.48 44.62 -24.74
C LYS H 992 -50.17 43.25 -24.75
N TYR H 993 -51.45 43.21 -25.12
CA TYR H 993 -52.30 42.01 -25.01
C TYR H 993 -52.79 41.43 -26.34
N GLY H 994 -52.57 42.15 -27.43
CA GLY H 994 -53.01 41.68 -28.74
C GLY H 994 -54.49 41.90 -28.93
N ASP H 995 -55.03 41.36 -30.02
CA ASP H 995 -56.46 41.54 -30.37
C ASP H 995 -57.33 40.69 -29.46
N VAL H 996 -57.88 41.34 -28.43
CA VAL H 996 -58.73 40.67 -27.45
C VAL H 996 -60.15 40.48 -27.97
N THR H 997 -60.55 41.27 -28.96
CA THR H 997 -61.89 41.14 -29.55
C THR H 997 -62.33 39.70 -29.57
N VAL H 998 -61.39 38.79 -29.85
CA VAL H 998 -61.68 37.36 -30.05
C VAL H 998 -62.09 36.53 -28.84
N LEU H 999 -61.68 36.90 -27.63
CA LEU H 999 -61.94 36.04 -26.46
C LEU H 999 -63.44 35.96 -26.16
N ASP H 1000 -63.90 34.78 -25.76
CA ASP H 1000 -65.28 34.65 -25.33
C ASP H 1000 -65.48 35.63 -24.19
N THR H 1001 -66.66 36.21 -24.15
CA THR H 1001 -66.94 37.24 -23.17
C THR H 1001 -66.61 36.86 -21.73
N PRO H 1002 -67.12 35.73 -21.22
CA PRO H 1002 -66.78 35.40 -19.83
C PRO H 1002 -65.27 35.45 -19.55
N THR H 1003 -64.49 34.85 -20.42
CA THR H 1003 -63.04 34.88 -20.24
C THR H 1003 -62.52 36.31 -20.23
N PHE H 1004 -63.08 37.15 -21.10
CA PHE H 1004 -62.69 38.57 -21.21
C PHE H 1004 -62.87 39.32 -19.89
N TYR H 1005 -64.01 39.09 -19.24
CA TYR H 1005 -64.34 39.77 -17.98
C TYR H 1005 -63.91 39.01 -16.71
N LYS H 1006 -63.82 37.67 -16.78
CA LYS H 1006 -63.59 36.87 -15.59
C LYS H 1006 -62.30 36.06 -15.61
N GLY H 1007 -61.57 36.11 -16.72
CA GLY H 1007 -60.33 35.35 -16.84
C GLY H 1007 -60.61 33.86 -16.85
N MET H 1008 -59.84 33.08 -16.10
CA MET H 1008 -59.99 31.63 -16.08
C MET H 1008 -60.06 31.05 -14.68
N ARG H 1009 -60.86 30.00 -14.55
CA ARG H 1009 -60.88 29.18 -13.34
C ARG H 1009 -59.71 28.20 -13.39
N LEU H 1010 -59.31 27.68 -12.23
CA LEU H 1010 -58.21 26.71 -12.16
C LEU H 1010 -58.60 25.39 -12.76
N GLY H 1011 -57.74 24.87 -13.62
CA GLY H 1011 -57.98 23.58 -14.28
C GLY H 1011 -58.95 23.70 -15.43
N GLU H 1012 -59.32 24.94 -15.75
CA GLU H 1012 -60.23 25.19 -16.84
C GLU H 1012 -59.43 25.13 -18.12
N THR H 1013 -60.08 24.70 -19.19
CA THR H 1013 -59.48 24.73 -20.51
C THR H 1013 -60.43 25.44 -21.44
N ILE H 1014 -59.88 26.32 -22.27
CA ILE H 1014 -60.68 27.09 -23.19
C ILE H 1014 -60.00 27.09 -24.55
N GLU H 1015 -60.74 27.40 -25.60
CA GLU H 1015 -60.18 27.56 -26.93
C GLU H 1015 -60.46 28.97 -27.40
N VAL H 1016 -59.52 29.57 -28.11
CA VAL H 1016 -59.75 30.90 -28.65
C VAL H 1016 -59.38 30.90 -30.14
N GLU H 1017 -60.27 31.38 -30.99
CA GLU H 1017 -60.03 31.43 -32.42
C GLU H 1017 -59.49 32.81 -32.81
N LEU H 1018 -58.19 32.87 -33.03
CA LEU H 1018 -57.53 34.11 -33.43
C LEU H 1018 -57.87 34.55 -34.87
N GLU H 1019 -58.19 33.58 -35.70
CA GLU H 1019 -58.36 33.78 -37.14
C GLU H 1019 -59.00 32.49 -37.66
N LYS H 1020 -59.48 32.46 -38.91
CA LYS H 1020 -60.05 31.23 -39.46
C LYS H 1020 -59.02 30.11 -39.39
N GLY H 1021 -59.37 29.05 -38.65
CA GLY H 1021 -58.52 27.85 -38.55
C GLY H 1021 -57.36 27.89 -37.58
N LYS H 1022 -57.21 28.98 -36.83
CA LYS H 1022 -56.12 29.15 -35.86
C LYS H 1022 -56.66 29.24 -34.44
N ILE H 1023 -56.67 28.09 -33.77
CA ILE H 1023 -57.28 27.96 -32.45
C ILE H 1023 -56.19 27.72 -31.41
N LEU H 1024 -56.25 28.42 -30.28
CA LEU H 1024 -55.33 28.16 -29.16
C LEU H 1024 -56.06 27.36 -28.12
N LEU H 1025 -55.58 26.15 -27.85
CA LEU H 1025 -56.08 25.42 -26.70
C LEU H 1025 -55.30 26.00 -25.53
N ILE H 1026 -56.02 26.45 -24.50
CA ILE H 1026 -55.41 27.06 -23.34
C ILE H 1026 -55.99 26.45 -22.06
N LYS H 1027 -55.10 25.99 -21.20
CA LYS H 1027 -55.49 25.49 -19.88
C LYS H 1027 -54.69 26.21 -18.83
N LEU H 1028 -55.35 26.51 -17.73
CA LEU H 1028 -54.69 27.07 -16.57
C LEU H 1028 -54.63 25.97 -15.53
N ASN H 1029 -53.42 25.65 -15.12
CA ASN H 1029 -53.16 24.58 -14.17
C ASN H 1029 -53.16 25.04 -12.73
N SER H 1030 -52.32 26.03 -12.47
CA SER H 1030 -52.22 26.62 -11.15
C SER H 1030 -51.59 28.00 -11.19
N ILE H 1031 -51.68 28.70 -10.07
CA ILE H 1031 -51.15 30.05 -9.95
C ILE H 1031 -50.05 30.09 -8.89
N GLY H 1032 -48.93 30.71 -9.28
CA GLY H 1032 -47.74 30.81 -8.44
C GLY H 1032 -47.97 31.66 -7.22
N GLU H 1033 -47.08 31.51 -6.25
CA GLU H 1033 -47.14 32.23 -4.99
C GLU H 1033 -46.42 33.57 -5.20
N PRO H 1034 -46.89 34.64 -4.53
CA PRO H 1034 -46.18 35.90 -4.79
C PRO H 1034 -44.77 35.89 -4.22
N ILE H 1035 -43.90 36.70 -4.83
CA ILE H 1035 -42.54 36.88 -4.32
C ILE H 1035 -42.43 38.27 -3.66
N ALA H 1036 -41.22 38.81 -3.58
CA ALA H 1036 -40.94 40.03 -2.84
C ALA H 1036 -41.77 41.20 -3.36
N ASP H 1037 -41.61 41.50 -4.63
CA ASP H 1037 -42.27 42.65 -5.25
C ASP H 1037 -43.70 42.35 -5.75
N GLY H 1038 -44.32 41.27 -5.27
CA GLY H 1038 -45.72 40.96 -5.58
C GLY H 1038 -45.95 40.11 -6.82
N THR H 1039 -44.96 40.06 -7.71
CA THR H 1039 -45.01 39.21 -8.91
C THR H 1039 -45.26 37.75 -8.56
N ARG H 1040 -46.09 37.09 -9.38
CA ARG H 1040 -46.25 35.65 -9.30
C ARG H 1040 -46.40 35.02 -10.68
N VAL H 1041 -45.88 33.81 -10.79
CA VAL H 1041 -45.88 33.06 -12.03
C VAL H 1041 -47.21 32.35 -12.18
N ILE H 1042 -47.85 32.49 -13.34
CA ILE H 1042 -49.07 31.74 -13.65
C ILE H 1042 -48.68 30.57 -14.53
N TYR H 1043 -49.22 29.40 -14.21
CA TYR H 1043 -48.88 28.15 -14.92
C TYR H 1043 -49.95 27.70 -15.93
N PHE H 1044 -49.60 27.81 -17.21
CA PHE H 1044 -50.51 27.52 -18.31
C PHE H 1044 -50.06 26.30 -19.13
N GLU H 1045 -50.98 25.83 -19.97
CA GLU H 1045 -50.66 24.94 -21.09
C GLU H 1045 -51.24 25.55 -22.35
N LEU H 1046 -50.43 26.30 -23.09
CA LEU H 1046 -50.84 26.81 -24.38
C LEU H 1046 -50.50 25.77 -25.43
N ASN H 1047 -51.54 25.16 -25.99
CA ASN H 1047 -51.37 24.12 -27.00
C ASN H 1047 -50.69 22.88 -26.39
N GLY H 1048 -51.14 22.48 -25.21
CA GLY H 1048 -50.58 21.30 -24.52
C GLY H 1048 -49.17 21.50 -23.98
N GLN H 1049 -48.44 22.47 -24.53
CA GLN H 1049 -47.10 22.78 -24.07
C GLN H 1049 -47.14 23.66 -22.87
N PRO H 1050 -46.52 23.24 -21.76
CA PRO H 1050 -46.58 24.11 -20.61
C PRO H 1050 -45.88 25.43 -20.87
N ARG H 1051 -46.48 26.49 -20.34
CA ARG H 1051 -45.91 27.81 -20.39
C ARG H 1051 -46.00 28.39 -19.03
N GLU H 1052 -45.24 29.45 -18.81
CA GLU H 1052 -45.23 30.12 -17.52
C GLU H 1052 -45.06 31.61 -17.76
N ILE H 1053 -45.93 32.41 -17.16
CA ILE H 1053 -45.80 33.86 -17.24
C ILE H 1053 -46.05 34.54 -15.92
N ASN H 1054 -45.35 35.65 -15.77
CA ASN H 1054 -45.41 36.46 -14.58
C ASN H 1054 -46.44 37.56 -14.69
N ILE H 1055 -47.32 37.62 -13.70
CA ILE H 1055 -48.25 38.70 -13.55
C ILE H 1055 -48.04 39.29 -12.18
N GLN H 1056 -47.98 40.61 -12.11
CA GLN H 1056 -47.80 41.31 -10.86
C GLN H 1056 -49.11 41.46 -10.09
N ASP H 1057 -49.16 40.88 -8.90
CA ASP H 1057 -50.33 40.99 -8.05
C ASP H 1057 -50.41 42.43 -7.53
N MET H 1058 -51.63 42.92 -7.33
CA MET H 1058 -51.84 44.32 -6.94
C MET H 1058 -52.13 44.46 -5.46
N ASN H 1059 -52.86 43.50 -4.91
CA ASN H 1059 -53.00 43.37 -3.46
C ASN H 1059 -51.79 42.57 -3.00
N VAL H 1060 -50.96 43.12 -2.11
CA VAL H 1060 -49.70 42.44 -1.76
C VAL H 1060 -49.98 41.18 -0.95
#